data_2MR3
#
_entry.id   2MR3
#
_entity_poly.entity_id   1
_entity_poly.type   'polypeptide(L)'
_entity_poly.pdbx_seq_one_letter_code
;MFNNHEIDTILSTLRMEADPSLHPLFEQFEKFYEEKLWFQLSESLTKFFDDAKSTPLRLRLYDNFVSKFYDKINQLSVVK
YLLASLKDSKDFDESLKYLDDLKAQFQELDSKKQRNNGSKDHGDGILLIDSEIARTYLLKNDLVKARDLLDDLEKTLDKK
DSIPLRITNSFYSTNSQYFKFKNDFNSFYYTSLLYLSTLEPSTSITLAERQQLAYDLSISALLGDKIYNFGELLHHPIME
TIVNDSNYDWLFQLLNALTVGDFDKFDSLIKVQISKIPILAQHESFLRQKICLMTLIETVFVKNIRMLSFEDISKATHLP
KDNVEHLVMRAISLGLLKGSIDQVNELVTISWVQPRIISGDQITKMKDRLVEWNDQVEKLGKKMEARGQSIWV
;
_entity_poly.pdbx_strand_id   A
#
# COMPACT_ATOMS: atom_id res chain seq x y z
N MET A 1 -11.50 -13.88 45.57
CA MET A 1 -10.31 -13.05 45.88
C MET A 1 -9.17 -13.37 44.90
N PHE A 2 -8.30 -12.37 44.62
CA PHE A 2 -7.16 -12.55 43.71
C PHE A 2 -6.02 -13.34 44.38
N ASN A 3 -5.90 -13.27 45.71
CA ASN A 3 -4.96 -14.06 46.50
C ASN A 3 -5.29 -15.55 46.36
N ASN A 4 -4.26 -16.41 46.40
CA ASN A 4 -4.37 -17.87 46.25
C ASN A 4 -5.29 -18.28 45.09
N HIS A 5 -5.18 -17.56 43.97
CA HIS A 5 -5.98 -17.72 42.77
C HIS A 5 -5.09 -17.29 41.58
N GLU A 6 -5.61 -17.42 40.36
CA GLU A 6 -4.89 -17.20 39.11
C GLU A 6 -4.07 -15.93 39.13
N ILE A 7 -4.65 -14.81 39.58
CA ILE A 7 -3.98 -13.52 39.45
C ILE A 7 -2.74 -13.45 40.35
N ASP A 8 -2.83 -13.93 41.60
CA ASP A 8 -1.66 -13.99 42.48
C ASP A 8 -0.61 -14.95 41.92
N THR A 9 -1.06 -16.08 41.38
CA THR A 9 -0.19 -17.07 40.76
C THR A 9 0.55 -16.47 39.56
N ILE A 10 -0.14 -15.66 38.73
CA ILE A 10 0.40 -15.06 37.53
C ILE A 10 1.40 -13.99 37.94
N LEU A 11 1.06 -13.08 38.86
CA LEU A 11 1.99 -12.04 39.28
C LEU A 11 3.25 -12.67 39.87
N SER A 12 3.08 -13.67 40.73
CA SER A 12 4.21 -14.36 41.36
C SER A 12 5.09 -15.02 40.29
N THR A 13 4.52 -15.87 39.43
CA THR A 13 5.32 -16.62 38.48
C THR A 13 5.99 -15.68 37.49
N LEU A 14 5.25 -14.74 36.90
CA LEU A 14 5.80 -13.89 35.87
C LEU A 14 6.89 -13.01 36.45
N ARG A 15 6.78 -12.54 37.71
CA ARG A 15 7.89 -11.82 38.35
C ARG A 15 9.13 -12.72 38.50
N MET A 16 9.00 -14.03 38.74
CA MET A 16 10.17 -14.92 38.79
C MET A 16 10.77 -15.15 37.40
N GLU A 17 9.91 -15.32 36.40
CA GLU A 17 10.31 -15.59 35.01
C GLU A 17 10.95 -14.35 34.37
N ALA A 18 10.51 -13.16 34.78
CA ALA A 18 10.93 -11.86 34.33
C ALA A 18 12.37 -11.53 34.70
N ASP A 19 12.94 -10.64 33.89
CA ASP A 19 14.22 -9.99 34.15
C ASP A 19 14.03 -9.03 35.34
N PRO A 20 14.99 -8.92 36.29
CA PRO A 20 14.91 -8.00 37.43
C PRO A 20 14.51 -6.56 37.09
N SER A 21 14.89 -6.07 35.89
CA SER A 21 14.59 -4.71 35.44
C SER A 21 13.08 -4.43 35.37
N LEU A 22 12.25 -5.48 35.25
CA LEU A 22 10.81 -5.38 35.03
C LEU A 22 10.04 -5.30 36.36
N HIS A 23 10.67 -5.72 37.48
CA HIS A 23 10.00 -5.84 38.77
C HIS A 23 9.26 -4.56 39.20
N PRO A 24 9.87 -3.35 39.17
CA PRO A 24 9.19 -2.17 39.68
C PRO A 24 7.99 -1.75 38.83
N LEU A 25 8.04 -1.94 37.50
CA LEU A 25 6.94 -1.63 36.60
C LEU A 25 5.70 -2.45 36.96
N PHE A 26 5.88 -3.73 37.26
CA PHE A 26 4.77 -4.63 37.54
C PHE A 26 4.08 -4.33 38.88
N GLU A 27 4.61 -3.45 39.73
CA GLU A 27 3.89 -3.00 40.92
C GLU A 27 2.66 -2.19 40.50
N GLN A 28 2.80 -1.33 39.50
CA GLN A 28 1.69 -0.52 38.99
C GLN A 28 0.67 -1.42 38.29
N PHE A 29 1.16 -2.42 37.55
CA PHE A 29 0.33 -3.39 36.87
C PHE A 29 -0.56 -4.13 37.88
N GLU A 30 0.04 -4.66 38.97
CA GLU A 30 -0.70 -5.33 40.04
C GLU A 30 -1.76 -4.39 40.61
N LYS A 31 -1.34 -3.18 40.98
CA LYS A 31 -2.19 -2.21 41.64
C LYS A 31 -3.39 -1.88 40.77
N PHE A 32 -3.17 -1.42 39.54
CA PHE A 32 -4.27 -0.99 38.68
C PHE A 32 -5.21 -2.14 38.33
N TYR A 33 -4.74 -3.39 38.21
CA TYR A 33 -5.66 -4.51 38.06
C TYR A 33 -6.54 -4.66 39.31
N GLU A 34 -5.94 -4.62 40.51
CA GLU A 34 -6.69 -4.77 41.76
C GLU A 34 -7.71 -3.64 41.93
N GLU A 35 -7.35 -2.41 41.50
CA GLU A 35 -8.20 -1.23 41.52
C GLU A 35 -9.28 -1.25 40.43
N LYS A 36 -9.28 -2.26 39.54
CA LYS A 36 -10.19 -2.38 38.39
C LYS A 36 -10.00 -1.21 37.41
N LEU A 37 -8.77 -0.70 37.28
CA LEU A 37 -8.40 0.40 36.38
C LEU A 37 -7.72 -0.21 35.16
N TRP A 38 -8.47 -1.00 34.40
CA TRP A 38 -8.03 -1.68 33.17
C TRP A 38 -7.23 -0.77 32.23
N PHE A 39 -7.56 0.51 32.17
CA PHE A 39 -6.90 1.45 31.27
C PHE A 39 -5.51 1.81 31.79
N GLN A 40 -5.35 2.11 33.09
CA GLN A 40 -4.03 2.43 33.68
C GLN A 40 -3.14 1.19 33.71
N LEU A 41 -3.77 0.04 33.94
CA LEU A 41 -3.18 -1.26 33.81
C LEU A 41 -2.64 -1.44 32.39
N SER A 42 -3.40 -1.07 31.36
CA SER A 42 -2.94 -1.12 29.98
C SER A 42 -1.79 -0.15 29.73
N GLU A 43 -1.72 1.03 30.34
CA GLU A 43 -0.54 1.91 30.17
C GLU A 43 0.69 1.19 30.73
N SER A 44 0.53 0.60 31.92
CA SER A 44 1.61 -0.15 32.57
C SER A 44 2.07 -1.32 31.69
N LEU A 45 1.12 -2.05 31.10
CA LEU A 45 1.39 -3.17 30.21
C LEU A 45 1.99 -2.69 28.88
N THR A 46 1.63 -1.51 28.40
CA THR A 46 2.22 -0.89 27.22
C THR A 46 3.68 -0.53 27.49
N LYS A 47 3.99 0.01 28.68
CA LYS A 47 5.38 0.30 29.05
C LYS A 47 6.22 -0.97 29.11
N PHE A 48 5.61 -2.13 29.42
CA PHE A 48 6.30 -3.41 29.34
C PHE A 48 6.50 -3.79 27.86
N PHE A 49 5.43 -3.75 27.06
CA PHE A 49 5.43 -4.05 25.63
C PHE A 49 6.48 -3.23 24.85
N ASP A 50 6.77 -2.01 25.29
CA ASP A 50 7.73 -1.10 24.67
C ASP A 50 9.17 -1.64 24.63
N ASP A 51 9.49 -2.72 25.35
CA ASP A 51 10.83 -3.30 25.42
C ASP A 51 10.77 -4.79 25.08
N ALA A 52 11.78 -5.30 24.36
CA ALA A 52 11.89 -6.72 24.03
C ALA A 52 12.07 -7.60 25.28
N LYS A 53 12.54 -7.04 26.40
CA LYS A 53 12.78 -7.73 27.67
C LYS A 53 11.61 -8.66 27.97
N SER A 54 11.88 -9.97 28.09
CA SER A 54 10.93 -10.97 28.56
C SER A 54 9.60 -11.00 27.76
N THR A 55 9.62 -10.65 26.47
CA THR A 55 8.41 -10.61 25.63
C THR A 55 7.48 -11.83 25.77
N PRO A 56 7.96 -13.09 25.74
CA PRO A 56 7.13 -14.29 25.95
C PRO A 56 6.20 -14.29 27.16
N LEU A 57 6.49 -13.54 28.25
CA LEU A 57 5.57 -13.47 29.40
C LEU A 57 4.19 -13.00 28.94
N ARG A 58 4.13 -12.13 27.92
CA ARG A 58 2.90 -11.52 27.44
C ARG A 58 1.95 -12.56 26.82
N LEU A 59 2.42 -13.77 26.48
CA LEU A 59 1.55 -14.81 25.93
C LEU A 59 0.66 -15.36 27.04
N ARG A 60 1.25 -15.70 28.20
CA ARG A 60 0.49 -16.13 29.37
C ARG A 60 -0.38 -14.98 29.86
N LEU A 61 0.18 -13.76 29.84
CA LEU A 61 -0.52 -12.54 30.23
C LEU A 61 -1.79 -12.41 29.39
N TYR A 62 -1.71 -12.50 28.06
CA TYR A 62 -2.87 -12.47 27.19
C TYR A 62 -3.85 -13.57 27.56
N ASP A 63 -3.38 -14.83 27.57
CA ASP A 63 -4.23 -16.01 27.69
C ASP A 63 -4.98 -16.13 29.01
N ASN A 64 -4.38 -15.63 30.09
CA ASN A 64 -4.87 -15.89 31.44
C ASN A 64 -5.10 -14.63 32.27
N PHE A 65 -4.83 -13.44 31.75
CA PHE A 65 -4.95 -12.18 32.49
C PHE A 65 -5.71 -11.16 31.63
N VAL A 66 -5.20 -10.74 30.46
CA VAL A 66 -5.87 -9.75 29.59
C VAL A 66 -7.24 -10.27 29.17
N SER A 67 -7.38 -11.58 28.90
CA SER A 67 -8.65 -12.19 28.51
C SER A 67 -9.78 -12.01 29.55
N LYS A 68 -9.49 -11.58 30.79
CA LYS A 68 -10.51 -11.32 31.80
C LYS A 68 -11.16 -9.94 31.63
N PHE A 69 -10.55 -9.01 30.90
CA PHE A 69 -11.03 -7.62 30.78
C PHE A 69 -10.81 -7.04 29.37
N TYR A 70 -10.38 -7.82 28.39
CA TYR A 70 -10.20 -7.38 27.01
C TYR A 70 -11.45 -6.76 26.38
N ASP A 71 -12.63 -7.03 26.93
CA ASP A 71 -13.90 -6.46 26.54
C ASP A 71 -13.94 -4.93 26.70
N LYS A 72 -13.15 -4.38 27.65
CA LYS A 72 -13.19 -2.96 27.98
C LYS A 72 -12.08 -2.22 27.25
N ILE A 73 -10.86 -2.76 27.28
CA ILE A 73 -9.69 -2.09 26.74
C ILE A 73 -9.64 -2.13 25.21
N ASN A 74 -8.90 -1.19 24.63
CA ASN A 74 -8.77 -0.98 23.20
C ASN A 74 -8.30 -2.27 22.51
N GLN A 75 -8.99 -2.66 21.44
CA GLN A 75 -8.79 -3.92 20.75
C GLN A 75 -7.37 -4.04 20.21
N LEU A 76 -6.80 -2.95 19.68
CA LEU A 76 -5.44 -2.96 19.15
C LEU A 76 -4.43 -3.03 20.28
N SER A 77 -4.67 -2.39 21.43
CA SER A 77 -3.81 -2.56 22.60
C SER A 77 -3.77 -4.03 23.01
N VAL A 78 -4.93 -4.68 23.08
CA VAL A 78 -5.02 -6.08 23.40
C VAL A 78 -4.23 -6.91 22.40
N VAL A 79 -4.54 -6.79 21.11
CA VAL A 79 -3.87 -7.63 20.15
C VAL A 79 -2.38 -7.31 20.12
N LYS A 80 -1.92 -6.07 20.33
CA LYS A 80 -0.49 -5.77 20.34
C LYS A 80 0.25 -6.58 21.40
N TYR A 81 -0.33 -6.84 22.57
CA TYR A 81 0.40 -7.59 23.59
C TYR A 81 0.55 -9.06 23.17
N LEU A 82 -0.50 -9.63 22.57
CA LEU A 82 -0.45 -10.99 22.04
C LEU A 82 0.49 -11.06 20.85
N LEU A 83 0.44 -10.06 19.96
CA LEU A 83 1.25 -10.00 18.76
C LEU A 83 2.72 -10.10 19.14
N ALA A 84 3.20 -9.33 20.12
CA ALA A 84 4.63 -9.40 20.39
C ALA A 84 5.04 -10.77 20.90
N SER A 85 4.26 -11.37 21.79
CA SER A 85 4.61 -12.66 22.35
C SER A 85 4.45 -13.79 21.33
N LEU A 86 3.46 -13.70 20.45
CA LEU A 86 3.19 -14.76 19.48
C LEU A 86 4.07 -14.61 18.24
N LYS A 87 4.54 -13.39 17.91
CA LYS A 87 5.56 -13.21 16.88
C LYS A 87 6.88 -13.81 17.33
N ASP A 88 7.21 -13.77 18.63
CA ASP A 88 8.46 -14.35 19.13
C ASP A 88 8.55 -15.86 18.85
N SER A 89 7.41 -16.54 18.78
CA SER A 89 7.32 -17.96 18.44
C SER A 89 7.74 -18.28 17.00
N LYS A 90 7.88 -17.27 16.12
CA LYS A 90 8.17 -17.43 14.68
C LYS A 90 7.28 -18.51 14.05
N ASP A 91 5.97 -18.40 14.27
CA ASP A 91 4.97 -19.34 13.77
C ASP A 91 3.86 -18.56 13.07
N PHE A 92 3.24 -19.16 12.05
CA PHE A 92 2.32 -18.50 11.13
C PHE A 92 0.98 -19.25 11.03
N ASP A 93 0.65 -20.10 12.01
CA ASP A 93 -0.60 -20.86 12.02
C ASP A 93 -1.26 -20.80 13.39
N GLU A 94 -0.49 -20.91 14.48
CA GLU A 94 -1.00 -20.63 15.81
C GLU A 94 -1.43 -19.16 15.85
N SER A 95 -0.62 -18.28 15.28
CA SER A 95 -0.93 -16.87 15.08
C SER A 95 -2.26 -16.66 14.35
N LEU A 96 -2.57 -17.50 13.35
CA LEU A 96 -3.84 -17.45 12.63
C LEU A 96 -4.98 -17.82 13.57
N LYS A 97 -4.91 -18.98 14.23
CA LYS A 97 -5.98 -19.40 15.13
C LYS A 97 -6.15 -18.41 16.28
N TYR A 98 -5.08 -17.84 16.82
CA TYR A 98 -5.18 -16.89 17.91
C TYR A 98 -5.84 -15.60 17.43
N LEU A 99 -5.45 -15.05 16.27
CA LEU A 99 -6.03 -13.78 15.84
C LEU A 99 -7.48 -14.00 15.42
N ASP A 100 -7.80 -15.15 14.82
CA ASP A 100 -9.16 -15.46 14.44
C ASP A 100 -10.05 -15.65 15.68
N ASP A 101 -9.58 -16.39 16.69
CA ASP A 101 -10.36 -16.62 17.91
C ASP A 101 -10.55 -15.33 18.69
N LEU A 102 -9.48 -14.53 18.81
CA LEU A 102 -9.55 -13.23 19.46
C LEU A 102 -10.54 -12.33 18.72
N LYS A 103 -10.42 -12.24 17.39
CA LYS A 103 -11.30 -11.38 16.61
C LYS A 103 -12.74 -11.84 16.81
N ALA A 104 -13.01 -13.15 16.74
CA ALA A 104 -14.34 -13.70 16.89
C ALA A 104 -14.92 -13.42 18.28
N GLN A 105 -14.11 -13.43 19.34
CA GLN A 105 -14.56 -13.04 20.67
C GLN A 105 -15.07 -11.59 20.62
N PHE A 106 -14.31 -10.65 20.04
CA PHE A 106 -14.79 -9.28 19.93
C PHE A 106 -16.05 -9.18 19.06
N GLN A 107 -16.21 -10.03 18.05
CA GLN A 107 -17.43 -10.07 17.22
C GLN A 107 -18.68 -10.47 18.00
N GLU A 108 -18.58 -11.05 19.22
CA GLU A 108 -19.75 -11.43 20.02
C GLU A 108 -19.82 -10.68 21.35
N LEU A 109 -18.68 -10.26 21.89
CA LEU A 109 -18.57 -9.40 23.06
C LEU A 109 -19.11 -7.99 22.80
N ASP A 110 -19.16 -7.56 21.54
CA ASP A 110 -19.62 -6.22 21.15
C ASP A 110 -20.77 -6.32 20.13
N SER A 111 -21.72 -5.38 20.29
CA SER A 111 -22.80 -5.08 19.36
C SER A 111 -23.02 -3.56 19.28
N LYS A 112 -22.93 -2.85 20.42
CA LYS A 112 -23.02 -1.39 20.52
C LYS A 112 -21.99 -0.89 21.55
N LYS A 113 -20.82 -1.52 21.65
CA LYS A 113 -19.80 -1.25 22.67
C LYS A 113 -18.51 -0.82 21.98
N GLN A 114 -17.71 0.01 22.65
CA GLN A 114 -16.52 0.66 22.07
C GLN A 114 -16.83 1.40 20.76
N ARG A 115 -18.10 1.82 20.54
CA ARG A 115 -18.53 2.55 19.35
C ARG A 115 -18.48 4.04 19.66
N ASN A 116 -18.40 4.89 18.62
CA ASN A 116 -18.43 6.34 18.75
C ASN A 116 -19.62 6.83 19.58
N ASN A 117 -20.83 6.28 19.36
CA ASN A 117 -22.04 6.71 20.06
C ASN A 117 -23.03 5.54 20.23
N GLY A 118 -22.53 4.36 20.58
CA GLY A 118 -23.32 3.12 20.59
C GLY A 118 -23.96 2.87 19.23
N SER A 119 -23.22 3.17 18.16
CA SER A 119 -23.68 3.26 16.78
C SER A 119 -23.10 2.14 15.90
N LYS A 120 -23.54 2.08 14.64
CA LYS A 120 -22.96 1.24 13.59
C LYS A 120 -21.66 1.89 13.09
N ASP A 121 -20.79 2.24 14.03
CA ASP A 121 -19.48 2.82 13.81
C ASP A 121 -18.59 1.87 13.00
N HIS A 122 -17.48 2.38 12.46
CA HIS A 122 -16.46 1.55 11.85
C HIS A 122 -15.91 0.59 12.92
N GLY A 123 -15.66 -0.66 12.55
CA GLY A 123 -15.02 -1.66 13.40
C GLY A 123 -13.51 -1.44 13.46
N ASP A 124 -13.08 -0.21 13.75
CA ASP A 124 -11.71 0.31 13.69
C ASP A 124 -10.81 -0.28 14.79
N GLY A 125 -10.67 -1.60 14.75
CA GLY A 125 -9.87 -2.44 15.62
C GLY A 125 -9.84 -3.81 14.95
N ILE A 126 -10.91 -4.59 15.07
CA ILE A 126 -10.99 -5.90 14.41
C ILE A 126 -10.97 -5.85 12.89
N LEU A 127 -11.32 -4.73 12.23
CA LEU A 127 -11.10 -4.59 10.80
C LEU A 127 -9.60 -4.65 10.47
N LEU A 128 -8.72 -4.21 11.38
CA LEU A 128 -7.27 -4.27 11.16
C LEU A 128 -6.73 -5.62 11.60
N ILE A 129 -7.34 -6.24 12.62
CA ILE A 129 -6.98 -7.60 13.05
C ILE A 129 -7.33 -8.58 11.91
N ASP A 130 -8.39 -8.31 11.14
CA ASP A 130 -8.70 -9.08 9.92
C ASP A 130 -7.56 -8.98 8.90
N SER A 131 -6.99 -7.78 8.72
CA SER A 131 -5.78 -7.63 7.92
C SER A 131 -4.64 -8.44 8.52
N GLU A 132 -4.47 -8.47 9.85
CA GLU A 132 -3.40 -9.22 10.49
C GLU A 132 -3.54 -10.74 10.26
N ILE A 133 -4.76 -11.26 10.23
CA ILE A 133 -5.02 -12.63 9.80
C ILE A 133 -4.56 -12.78 8.34
N ALA A 134 -4.89 -11.83 7.46
CA ALA A 134 -4.51 -11.90 6.05
C ALA A 134 -2.97 -11.86 5.89
N ARG A 135 -2.25 -10.98 6.60
CA ARG A 135 -0.78 -10.96 6.59
C ARG A 135 -0.24 -12.32 7.02
N THR A 136 -0.81 -12.90 8.08
CA THR A 136 -0.40 -14.20 8.58
C THR A 136 -0.65 -15.29 7.52
N TYR A 137 -1.76 -15.22 6.79
CA TYR A 137 -2.03 -16.16 5.70
C TYR A 137 -0.98 -16.04 4.60
N LEU A 138 -0.74 -14.81 4.12
CA LEU A 138 0.24 -14.54 3.06
C LEU A 138 1.66 -14.90 3.49
N LEU A 139 1.93 -14.93 4.80
CA LEU A 139 3.19 -15.42 5.37
C LEU A 139 3.22 -16.96 5.37
N LYS A 140 2.93 -17.55 4.21
CA LYS A 140 3.02 -18.97 3.89
C LYS A 140 2.28 -19.87 4.90
N ASN A 141 1.09 -19.45 5.38
CA ASN A 141 0.25 -20.36 6.17
C ASN A 141 -0.16 -21.55 5.28
N ASP A 142 -0.70 -21.23 4.10
CA ASP A 142 -0.98 -22.14 3.00
C ASP A 142 -1.13 -21.22 1.78
N LEU A 143 -0.31 -21.44 0.75
CA LEU A 143 -0.22 -20.48 -0.35
C LEU A 143 -1.51 -20.43 -1.17
N VAL A 144 -2.21 -21.55 -1.34
CA VAL A 144 -3.42 -21.59 -2.16
C VAL A 144 -4.53 -20.85 -1.44
N LYS A 145 -4.75 -21.16 -0.15
CA LYS A 145 -5.75 -20.45 0.65
C LYS A 145 -5.39 -18.97 0.75
N ALA A 146 -4.11 -18.63 0.94
CA ALA A 146 -3.69 -17.25 1.03
C ALA A 146 -4.01 -16.50 -0.27
N ARG A 147 -3.70 -17.08 -1.43
CA ARG A 147 -3.95 -16.40 -2.72
C ARG A 147 -5.46 -16.25 -2.95
N ASP A 148 -6.25 -17.26 -2.62
CA ASP A 148 -7.70 -17.19 -2.74
C ASP A 148 -8.29 -16.12 -1.82
N LEU A 149 -7.80 -16.03 -0.58
CA LEU A 149 -8.25 -15.03 0.37
C LEU A 149 -7.81 -13.63 -0.06
N LEU A 150 -6.62 -13.51 -0.66
CA LEU A 150 -6.15 -12.23 -1.19
C LEU A 150 -7.10 -11.73 -2.28
N ASP A 151 -7.48 -12.62 -3.20
CA ASP A 151 -8.40 -12.28 -4.28
C ASP A 151 -9.77 -11.87 -3.75
N ASP A 152 -10.29 -12.62 -2.77
CA ASP A 152 -11.58 -12.31 -2.14
C ASP A 152 -11.53 -10.98 -1.39
N LEU A 153 -10.43 -10.69 -0.68
CA LEU A 153 -10.28 -9.45 0.07
C LEU A 153 -10.07 -8.27 -0.88
N GLU A 154 -9.39 -8.46 -2.02
CA GLU A 154 -9.29 -7.42 -3.04
C GLU A 154 -10.70 -7.08 -3.55
N LYS A 155 -11.53 -8.10 -3.83
CA LYS A 155 -12.93 -7.92 -4.19
C LYS A 155 -13.78 -7.33 -3.05
N THR A 156 -13.23 -7.22 -1.84
CA THR A 156 -13.89 -6.59 -0.69
C THR A 156 -13.39 -5.16 -0.47
N LEU A 157 -12.35 -4.68 -1.17
CA LEU A 157 -11.92 -3.28 -1.17
C LEU A 157 -12.88 -2.46 -2.05
N ASP A 158 -14.14 -2.36 -1.64
CA ASP A 158 -15.19 -1.61 -2.31
C ASP A 158 -16.22 -1.19 -1.25
N LYS A 159 -17.13 -0.26 -1.56
CA LYS A 159 -18.15 0.28 -0.65
C LYS A 159 -19.24 -0.74 -0.25
N LYS A 160 -18.98 -2.04 -0.40
CA LYS A 160 -19.86 -3.13 0.04
C LYS A 160 -20.07 -3.06 1.56
N ASP A 161 -19.13 -2.47 2.29
CA ASP A 161 -19.24 -2.13 3.70
C ASP A 161 -18.52 -0.79 3.90
N SER A 162 -18.77 -0.12 5.02
CA SER A 162 -18.24 1.19 5.40
C SER A 162 -16.75 1.11 5.81
N ILE A 163 -15.91 0.46 5.01
CA ILE A 163 -14.49 0.29 5.27
C ILE A 163 -13.81 1.68 5.39
N PRO A 164 -13.13 2.00 6.51
CA PRO A 164 -12.29 3.18 6.60
C PRO A 164 -10.98 3.00 5.81
N LEU A 165 -10.19 4.07 5.68
CA LEU A 165 -8.88 4.02 5.04
C LEU A 165 -7.95 3.02 5.74
N ARG A 166 -8.01 2.89 7.07
CA ARG A 166 -7.01 2.09 7.80
C ARG A 166 -7.03 0.62 7.42
N ILE A 167 -8.20 0.01 7.23
CA ILE A 167 -8.26 -1.39 6.79
C ILE A 167 -7.68 -1.51 5.38
N THR A 168 -7.98 -0.56 4.49
CA THR A 168 -7.46 -0.63 3.13
C THR A 168 -5.94 -0.47 3.14
N ASN A 169 -5.41 0.51 3.87
CA ASN A 169 -3.97 0.70 4.03
C ASN A 169 -3.33 -0.55 4.66
N SER A 170 -3.99 -1.23 5.59
CA SER A 170 -3.46 -2.44 6.21
C SER A 170 -3.44 -3.60 5.21
N PHE A 171 -4.50 -3.77 4.41
CA PHE A 171 -4.54 -4.81 3.38
C PHE A 171 -3.61 -4.47 2.22
N TYR A 172 -3.30 -3.19 1.99
CA TYR A 172 -2.35 -2.76 0.99
C TYR A 172 -0.95 -3.32 1.32
N SER A 173 -0.60 -3.44 2.61
CA SER A 173 0.61 -4.14 3.02
C SER A 173 0.56 -5.59 2.55
N THR A 174 -0.56 -6.27 2.74
CA THR A 174 -0.77 -7.65 2.34
C THR A 174 -0.69 -7.83 0.82
N ASN A 175 -1.12 -6.82 0.05
CA ASN A 175 -0.96 -6.82 -1.41
C ASN A 175 0.51 -6.65 -1.76
N SER A 176 1.21 -5.74 -1.07
CA SER A 176 2.63 -5.52 -1.24
C SER A 176 3.46 -6.76 -0.84
N GLN A 177 2.93 -7.60 0.05
CA GLN A 177 3.49 -8.89 0.46
C GLN A 177 3.41 -9.93 -0.67
N TYR A 178 2.70 -9.64 -1.77
CA TYR A 178 2.42 -10.58 -2.86
C TYR A 178 2.85 -10.02 -4.22
N PHE A 179 2.82 -8.70 -4.43
CA PHE A 179 3.14 -8.06 -5.70
C PHE A 179 3.83 -6.72 -5.39
N LYS A 180 4.81 -6.31 -6.21
CA LYS A 180 5.53 -5.05 -6.02
C LYS A 180 5.76 -4.40 -7.38
N PHE A 181 6.09 -3.11 -7.36
CA PHE A 181 6.50 -2.34 -8.53
C PHE A 181 7.64 -3.01 -9.30
N LYS A 182 8.57 -3.68 -8.59
CA LYS A 182 9.67 -4.42 -9.19
C LYS A 182 9.14 -5.50 -10.15
N ASN A 183 8.00 -6.12 -9.84
CA ASN A 183 7.41 -7.13 -10.72
C ASN A 183 6.71 -6.45 -11.90
N ASP A 184 5.88 -5.43 -11.66
CA ASP A 184 5.32 -4.58 -12.72
C ASP A 184 4.88 -3.24 -12.15
N PHE A 185 5.38 -2.15 -12.71
CA PHE A 185 5.10 -0.79 -12.26
C PHE A 185 3.72 -0.29 -12.67
N ASN A 186 3.20 -0.72 -13.83
CA ASN A 186 1.88 -0.28 -14.31
C ASN A 186 0.83 -0.81 -13.36
N SER A 187 0.98 -2.09 -12.99
CA SER A 187 0.19 -2.74 -11.96
C SER A 187 0.29 -1.99 -10.64
N PHE A 188 1.50 -1.58 -10.22
CA PHE A 188 1.67 -0.91 -8.94
C PHE A 188 1.09 0.50 -8.96
N TYR A 189 1.15 1.20 -10.10
CA TYR A 189 0.46 2.46 -10.32
C TYR A 189 -1.03 2.26 -10.13
N TYR A 190 -1.63 1.24 -10.77
CA TYR A 190 -3.07 0.99 -10.63
C TYR A 190 -3.43 0.61 -9.18
N THR A 191 -2.57 -0.16 -8.52
CA THR A 191 -2.72 -0.50 -7.10
C THR A 191 -2.72 0.80 -6.27
N SER A 192 -1.81 1.74 -6.57
CA SER A 192 -1.76 3.04 -5.91
C SER A 192 -3.01 3.87 -6.18
N LEU A 193 -3.63 3.79 -7.37
CA LEU A 193 -4.90 4.47 -7.64
C LEU A 193 -6.01 3.98 -6.70
N LEU A 194 -5.99 2.70 -6.27
CA LEU A 194 -6.92 2.20 -5.27
C LEU A 194 -6.80 3.04 -4.00
N TYR A 195 -5.58 3.20 -3.48
CA TYR A 195 -5.32 3.93 -2.26
C TYR A 195 -5.79 5.39 -2.37
N LEU A 196 -5.75 5.99 -3.57
CA LEU A 196 -6.23 7.35 -3.75
C LEU A 196 -7.73 7.41 -3.51
N SER A 197 -8.47 6.39 -3.96
CA SER A 197 -9.92 6.36 -3.81
C SER A 197 -10.33 6.32 -2.34
N THR A 198 -9.52 5.70 -1.48
CA THR A 198 -9.74 5.65 -0.05
C THR A 198 -9.26 6.90 0.69
N LEU A 199 -8.40 7.73 0.07
CA LEU A 199 -7.86 8.90 0.73
C LEU A 199 -8.99 9.90 0.97
N GLU A 200 -9.12 10.33 2.22
CA GLU A 200 -10.01 11.38 2.71
C GLU A 200 -9.42 11.84 4.05
N PRO A 201 -9.76 13.04 4.56
CA PRO A 201 -9.33 13.52 5.87
C PRO A 201 -9.52 12.45 6.97
N SER A 202 -8.41 11.90 7.45
CA SER A 202 -8.36 10.80 8.39
C SER A 202 -7.11 10.99 9.25
N THR A 203 -7.16 10.60 10.52
CA THR A 203 -6.01 10.65 11.43
C THR A 203 -4.84 9.76 10.95
N SER A 204 -5.13 8.81 10.06
CA SER A 204 -4.20 7.85 9.50
C SER A 204 -3.08 8.50 8.68
N ILE A 205 -3.33 9.65 8.05
CA ILE A 205 -2.45 10.27 7.07
C ILE A 205 -2.30 11.77 7.34
N THR A 206 -1.38 12.39 6.60
CA THR A 206 -1.00 13.80 6.71
C THR A 206 -0.84 14.36 5.29
N LEU A 207 -0.49 15.64 5.16
CA LEU A 207 -0.10 16.18 3.85
C LEU A 207 1.22 15.54 3.40
N ALA A 208 2.14 15.21 4.33
CA ALA A 208 3.39 14.55 3.99
C ALA A 208 3.12 13.14 3.43
N GLU A 209 2.19 12.39 4.01
CA GLU A 209 1.82 11.09 3.48
C GLU A 209 1.26 11.23 2.06
N ARG A 210 0.45 12.25 1.79
CA ARG A 210 -0.01 12.53 0.43
C ARG A 210 1.18 12.82 -0.49
N GLN A 211 2.17 13.61 -0.06
CA GLN A 211 3.35 13.90 -0.87
C GLN A 211 4.08 12.60 -1.23
N GLN A 212 4.29 11.70 -0.27
CA GLN A 212 4.92 10.41 -0.52
C GLN A 212 4.09 9.56 -1.48
N LEU A 213 2.76 9.52 -1.32
CA LEU A 213 1.87 8.75 -2.21
C LEU A 213 1.95 9.30 -3.64
N ALA A 214 1.88 10.63 -3.81
CA ALA A 214 2.02 11.29 -5.11
C ALA A 214 3.37 10.93 -5.76
N TYR A 215 4.49 11.06 -5.01
CA TYR A 215 5.82 10.74 -5.51
C TYR A 215 5.94 9.26 -5.92
N ASP A 216 5.46 8.32 -5.10
CA ASP A 216 5.58 6.90 -5.40
C ASP A 216 4.72 6.49 -6.61
N LEU A 217 3.53 7.08 -6.71
CA LEU A 217 2.65 6.97 -7.86
C LEU A 217 3.33 7.53 -9.11
N SER A 218 4.07 8.64 -8.98
CA SER A 218 4.81 9.25 -10.06
C SER A 218 5.92 8.36 -10.59
N ILE A 219 6.71 7.73 -9.70
CA ILE A 219 7.71 6.74 -10.11
C ILE A 219 7.00 5.58 -10.83
N SER A 220 5.88 5.09 -10.29
CA SER A 220 5.15 3.99 -10.87
C SER A 220 4.62 4.32 -12.28
N ALA A 221 4.16 5.55 -12.53
CA ALA A 221 3.76 5.99 -13.87
C ALA A 221 4.97 6.13 -14.79
N LEU A 222 6.02 6.83 -14.33
CA LEU A 222 7.21 7.12 -15.13
C LEU A 222 7.80 5.83 -15.71
N LEU A 223 7.91 4.81 -14.87
CA LEU A 223 8.56 3.55 -15.20
C LEU A 223 7.55 2.50 -15.70
N GLY A 224 6.28 2.89 -15.84
CA GLY A 224 5.20 2.03 -16.30
C GLY A 224 5.32 1.79 -17.79
N ASP A 225 5.89 0.64 -18.17
CA ASP A 225 6.18 0.19 -19.54
C ASP A 225 5.03 0.36 -20.55
N LYS A 226 3.77 0.44 -20.07
CA LYS A 226 2.58 0.46 -20.91
C LYS A 226 1.67 1.66 -20.59
N ILE A 227 1.96 2.43 -19.54
CA ILE A 227 1.29 3.70 -19.29
C ILE A 227 1.74 4.67 -20.40
N TYR A 228 0.85 5.59 -20.81
CA TYR A 228 1.22 6.70 -21.70
C TYR A 228 0.65 8.02 -21.19
N ASN A 229 -0.62 8.02 -20.79
CA ASN A 229 -1.34 9.17 -20.26
C ASN A 229 -0.80 9.55 -18.88
N PHE A 230 0.28 10.33 -18.85
CA PHE A 230 0.78 10.95 -17.63
C PHE A 230 -0.05 12.20 -17.27
N GLY A 231 -0.85 12.73 -18.19
CA GLY A 231 -1.54 14.00 -18.01
C GLY A 231 -2.60 13.92 -16.92
N GLU A 232 -3.41 12.85 -16.92
CA GLU A 232 -4.46 12.68 -15.92
C GLU A 232 -3.84 12.58 -14.51
N LEU A 233 -2.69 11.90 -14.38
CA LEU A 233 -1.93 11.87 -13.13
C LEU A 233 -1.49 13.28 -12.77
N LEU A 234 -0.74 13.94 -13.67
CA LEU A 234 -0.06 15.20 -13.39
C LEU A 234 -1.05 16.31 -13.02
N HIS A 235 -2.29 16.23 -13.51
CA HIS A 235 -3.36 17.17 -13.21
C HIS A 235 -4.13 16.81 -11.91
N HIS A 236 -4.03 15.58 -11.41
CA HIS A 236 -4.84 15.10 -10.29
C HIS A 236 -4.53 15.90 -9.01
N PRO A 237 -5.52 16.30 -8.20
CA PRO A 237 -5.31 17.11 -6.98
C PRO A 237 -4.26 16.57 -6.01
N ILE A 238 -4.06 15.25 -5.92
CA ILE A 238 -3.05 14.67 -5.03
C ILE A 238 -1.65 15.19 -5.40
N MET A 239 -1.37 15.38 -6.69
CA MET A 239 -0.13 15.94 -7.20
C MET A 239 0.03 17.44 -6.92
N GLU A 240 -0.93 18.11 -6.25
CA GLU A 240 -0.71 19.48 -5.78
C GLU A 240 0.05 19.49 -4.46
N THR A 241 0.00 18.40 -3.68
CA THR A 241 0.62 18.36 -2.36
C THR A 241 2.15 18.46 -2.47
N ILE A 242 2.75 17.81 -3.48
CA ILE A 242 4.19 17.80 -3.72
C ILE A 242 4.73 19.17 -4.11
N VAL A 243 3.87 20.06 -4.62
CA VAL A 243 4.24 21.42 -5.00
C VAL A 243 4.54 22.25 -3.72
N ASN A 244 4.25 21.70 -2.54
CA ASN A 244 4.47 22.32 -1.23
C ASN A 244 5.63 21.60 -0.52
N ASP A 245 6.58 21.06 -1.30
CA ASP A 245 7.84 20.47 -0.81
C ASP A 245 8.91 20.59 -1.89
N SER A 246 8.58 20.21 -3.13
CA SER A 246 9.38 20.41 -4.32
C SER A 246 10.81 19.83 -4.25
N ASN A 247 11.11 18.87 -3.36
CA ASN A 247 12.41 18.18 -3.33
C ASN A 247 12.67 17.44 -4.64
N TYR A 248 11.59 17.00 -5.31
CA TYR A 248 11.63 16.19 -6.52
C TYR A 248 11.10 17.00 -7.71
N ASP A 249 11.17 18.34 -7.67
CA ASP A 249 10.66 19.22 -8.74
C ASP A 249 11.18 18.82 -10.12
N TRP A 250 12.42 18.35 -10.20
CA TRP A 250 13.06 17.86 -11.40
C TRP A 250 12.35 16.63 -11.98
N LEU A 251 11.86 15.71 -11.13
CA LEU A 251 11.06 14.57 -11.59
C LEU A 251 9.77 15.09 -12.20
N PHE A 252 9.10 16.01 -11.53
CA PHE A 252 7.80 16.46 -12.00
C PHE A 252 7.92 17.28 -13.29
N GLN A 253 9.04 17.96 -13.51
CA GLN A 253 9.32 18.65 -14.77
C GLN A 253 9.76 17.67 -15.86
N LEU A 254 10.50 16.61 -15.54
CA LEU A 254 10.77 15.52 -16.48
C LEU A 254 9.45 14.88 -16.91
N LEU A 255 8.56 14.59 -15.96
CA LEU A 255 7.22 14.10 -16.21
C LEU A 255 6.43 15.07 -17.08
N ASN A 256 6.47 16.37 -16.77
CA ASN A 256 5.78 17.39 -17.55
C ASN A 256 6.25 17.38 -19.00
N ALA A 257 7.57 17.36 -19.24
CA ALA A 257 8.11 17.27 -20.59
C ALA A 257 7.62 15.99 -21.29
N LEU A 258 7.63 14.87 -20.58
CA LEU A 258 7.09 13.58 -21.02
C LEU A 258 5.56 13.56 -21.17
N THR A 259 4.86 14.60 -20.73
CA THR A 259 3.41 14.75 -20.86
C THR A 259 3.08 15.61 -22.10
N VAL A 260 4.05 16.36 -22.65
CA VAL A 260 3.80 17.33 -23.74
C VAL A 260 4.71 17.12 -24.95
N GLY A 261 5.69 16.20 -24.87
CA GLY A 261 6.62 15.93 -25.95
C GLY A 261 7.70 17.02 -26.06
N ASP A 262 8.07 17.67 -24.95
CA ASP A 262 9.13 18.68 -24.96
C ASP A 262 10.49 17.97 -24.91
N PHE A 263 10.95 17.52 -26.08
CA PHE A 263 12.22 16.81 -26.23
C PHE A 263 13.40 17.56 -25.62
N ASP A 264 13.40 18.88 -25.68
CA ASP A 264 14.55 19.66 -25.23
C ASP A 264 14.62 19.71 -23.70
N LYS A 265 13.49 19.96 -23.03
CA LYS A 265 13.44 19.88 -21.58
C LYS A 265 13.69 18.45 -21.12
N PHE A 266 13.07 17.48 -21.78
CA PHE A 266 13.28 16.06 -21.50
C PHE A 266 14.77 15.76 -21.55
N ASP A 267 15.44 16.06 -22.66
CA ASP A 267 16.87 15.79 -22.83
C ASP A 267 17.71 16.46 -21.74
N SER A 268 17.37 17.70 -21.37
CA SER A 268 18.08 18.44 -20.34
C SER A 268 17.96 17.79 -18.96
N LEU A 269 16.79 17.27 -18.58
CA LEU A 269 16.64 16.55 -17.31
C LEU A 269 17.30 15.17 -17.41
N ILE A 270 17.12 14.48 -18.55
CA ILE A 270 17.64 13.15 -18.82
C ILE A 270 19.18 13.14 -18.68
N LYS A 271 19.86 14.19 -19.16
CA LYS A 271 21.31 14.34 -19.07
C LYS A 271 21.85 14.38 -17.63
N VAL A 272 21.00 14.48 -16.60
CA VAL A 272 21.44 14.73 -15.24
C VAL A 272 20.79 13.73 -14.26
N GLN A 273 19.45 13.74 -14.15
CA GLN A 273 18.78 13.00 -13.08
C GLN A 273 18.79 11.50 -13.31
N ILE A 274 18.87 11.04 -14.56
CA ILE A 274 18.99 9.63 -14.87
C ILE A 274 20.32 9.11 -14.32
N SER A 275 21.42 9.80 -14.60
CA SER A 275 22.76 9.36 -14.21
C SER A 275 22.89 9.25 -12.68
N LYS A 276 22.18 10.12 -11.93
CA LYS A 276 22.19 10.09 -10.47
C LYS A 276 21.39 8.93 -9.87
N ILE A 277 20.50 8.26 -10.61
CA ILE A 277 19.55 7.31 -10.03
C ILE A 277 19.51 6.00 -10.85
N PRO A 278 19.92 4.85 -10.28
CA PRO A 278 20.04 3.59 -11.02
C PRO A 278 18.70 3.01 -11.48
N ILE A 279 17.62 3.15 -10.69
CA ILE A 279 16.30 2.67 -11.11
C ILE A 279 15.85 3.42 -12.37
N LEU A 280 16.04 4.74 -12.41
CA LEU A 280 15.65 5.52 -13.57
C LEU A 280 16.55 5.16 -14.77
N ALA A 281 17.86 4.99 -14.55
CA ALA A 281 18.79 4.60 -15.61
C ALA A 281 18.40 3.28 -16.27
N GLN A 282 17.91 2.31 -15.50
CA GLN A 282 17.45 1.02 -16.03
C GLN A 282 16.29 1.18 -17.03
N HIS A 283 15.52 2.28 -16.96
CA HIS A 283 14.39 2.56 -17.83
C HIS A 283 14.66 3.66 -18.86
N GLU A 284 15.87 4.19 -18.98
CA GLU A 284 16.16 5.34 -19.85
C GLU A 284 15.66 5.11 -21.29
N SER A 285 15.92 3.92 -21.84
CA SER A 285 15.52 3.59 -23.20
C SER A 285 13.99 3.39 -23.33
N PHE A 286 13.28 3.13 -22.23
CA PHE A 286 11.82 3.16 -22.26
C PHE A 286 11.36 4.61 -22.25
N LEU A 287 11.95 5.50 -21.44
CA LEU A 287 11.49 6.89 -21.33
C LEU A 287 11.59 7.60 -22.68
N ARG A 288 12.70 7.40 -23.41
CA ARG A 288 12.88 7.99 -24.75
C ARG A 288 11.87 7.42 -25.75
N GLN A 289 11.41 6.19 -25.55
CA GLN A 289 10.30 5.66 -26.31
C GLN A 289 9.00 6.34 -25.90
N LYS A 290 8.73 6.48 -24.60
CA LYS A 290 7.50 7.04 -24.05
C LYS A 290 7.26 8.45 -24.57
N ILE A 291 8.29 9.29 -24.65
CA ILE A 291 8.11 10.64 -25.19
C ILE A 291 7.70 10.58 -26.66
N CYS A 292 8.32 9.70 -27.47
CA CYS A 292 8.01 9.58 -28.88
C CYS A 292 6.58 9.07 -29.08
N LEU A 293 6.21 8.00 -28.34
CA LEU A 293 4.87 7.43 -28.34
C LEU A 293 3.88 8.58 -28.05
N MET A 294 4.04 9.29 -26.93
CA MET A 294 3.05 10.26 -26.49
C MET A 294 2.98 11.47 -27.41
N THR A 295 4.11 11.91 -27.99
CA THR A 295 4.12 13.01 -28.95
C THR A 295 3.20 12.66 -30.12
N LEU A 296 3.31 11.44 -30.65
CA LEU A 296 2.48 11.03 -31.76
C LEU A 296 1.03 10.89 -31.34
N ILE A 297 0.76 10.32 -30.16
CA ILE A 297 -0.61 10.11 -29.71
C ILE A 297 -1.30 11.47 -29.55
N GLU A 298 -0.62 12.47 -29.00
CA GLU A 298 -1.17 13.82 -28.91
C GLU A 298 -1.45 14.38 -30.30
N THR A 299 -0.51 14.22 -31.24
CA THR A 299 -0.67 14.64 -32.63
C THR A 299 -1.90 13.97 -33.26
N VAL A 300 -2.05 12.66 -33.09
CA VAL A 300 -3.18 11.90 -33.61
C VAL A 300 -4.48 12.40 -33.00
N PHE A 301 -4.53 12.62 -31.69
CA PHE A 301 -5.74 13.01 -30.98
C PHE A 301 -6.15 14.43 -31.38
N VAL A 302 -5.24 15.41 -31.25
CA VAL A 302 -5.52 16.82 -31.47
C VAL A 302 -5.85 17.06 -32.95
N LYS A 303 -5.11 16.45 -33.88
CA LYS A 303 -5.28 16.66 -35.32
C LYS A 303 -6.26 15.65 -35.93
N ASN A 304 -6.91 14.81 -35.11
CA ASN A 304 -7.85 13.74 -35.49
C ASN A 304 -7.41 12.97 -36.74
N ILE A 305 -6.18 12.45 -36.70
CA ILE A 305 -5.48 11.86 -37.84
C ILE A 305 -6.09 10.52 -38.21
N ARG A 306 -6.01 10.18 -39.50
CA ARG A 306 -6.32 8.85 -40.03
C ARG A 306 -5.25 8.34 -41.01
N MET A 307 -4.32 9.18 -41.47
CA MET A 307 -3.21 8.76 -42.32
C MET A 307 -1.99 9.61 -41.96
N LEU A 308 -0.82 8.99 -41.85
CA LEU A 308 0.45 9.64 -41.55
C LEU A 308 1.56 8.97 -42.35
N SER A 309 2.75 9.57 -42.42
CA SER A 309 3.85 9.11 -43.26
C SER A 309 5.11 9.01 -42.43
N PHE A 310 6.00 8.06 -42.76
CA PHE A 310 7.17 7.76 -41.94
C PHE A 310 8.07 9.00 -41.80
N GLU A 311 8.17 9.84 -42.83
CA GLU A 311 8.99 11.04 -42.74
C GLU A 311 8.41 12.02 -41.72
N ASP A 312 7.09 12.18 -41.67
CA ASP A 312 6.46 13.14 -40.78
C ASP A 312 6.51 12.63 -39.33
N ILE A 313 6.33 11.32 -39.14
CA ILE A 313 6.56 10.65 -37.86
C ILE A 313 8.03 10.84 -37.45
N SER A 314 8.99 10.78 -38.39
CA SER A 314 10.41 10.95 -38.09
C SER A 314 10.65 12.35 -37.50
N LYS A 315 9.99 13.40 -38.02
CA LYS A 315 10.09 14.74 -37.44
C LYS A 315 9.64 14.73 -35.98
N ALA A 316 8.51 14.06 -35.72
CA ALA A 316 7.81 14.08 -34.44
C ALA A 316 8.46 13.16 -33.39
N THR A 317 9.52 12.42 -33.72
CA THR A 317 10.13 11.43 -32.83
C THR A 317 11.65 11.54 -32.79
N HIS A 318 12.25 12.09 -33.86
CA HIS A 318 13.69 12.13 -34.10
C HIS A 318 14.27 10.71 -34.24
N LEU A 319 13.44 9.75 -34.68
CA LEU A 319 13.84 8.39 -35.00
C LEU A 319 13.91 8.28 -36.52
N PRO A 320 14.93 7.62 -37.10
CA PRO A 320 15.12 7.60 -38.55
C PRO A 320 14.01 6.82 -39.23
N LYS A 321 13.71 7.16 -40.50
CA LYS A 321 12.69 6.47 -41.30
C LYS A 321 12.89 4.95 -41.30
N ASP A 322 14.14 4.52 -41.15
CA ASP A 322 14.56 3.12 -41.21
C ASP A 322 14.08 2.29 -40.00
N ASN A 323 13.65 2.94 -38.91
CA ASN A 323 13.21 2.27 -37.69
C ASN A 323 11.94 2.88 -37.10
N VAL A 324 11.47 4.02 -37.64
CA VAL A 324 10.40 4.80 -37.02
C VAL A 324 9.08 4.01 -36.89
N GLU A 325 8.82 3.03 -37.75
CA GLU A 325 7.60 2.25 -37.67
C GLU A 325 7.58 1.37 -36.41
N HIS A 326 8.73 0.95 -35.90
CA HIS A 326 8.78 0.12 -34.70
C HIS A 326 8.24 0.87 -33.49
N LEU A 327 8.35 2.21 -33.48
CA LEU A 327 7.82 3.03 -32.41
C LEU A 327 6.30 2.99 -32.41
N VAL A 328 5.65 3.25 -33.54
CA VAL A 328 4.20 3.21 -33.60
C VAL A 328 3.69 1.76 -33.47
N MET A 329 4.47 0.75 -33.88
CA MET A 329 4.11 -0.64 -33.61
C MET A 329 4.08 -0.94 -32.11
N ARG A 330 4.93 -0.30 -31.29
CA ARG A 330 4.80 -0.38 -29.84
C ARG A 330 3.45 0.20 -29.43
N ALA A 331 3.04 1.36 -29.96
CA ALA A 331 1.75 1.96 -29.62
C ALA A 331 0.59 1.00 -29.97
N ILE A 332 0.64 0.35 -31.13
CA ILE A 332 -0.37 -0.64 -31.52
C ILE A 332 -0.35 -1.80 -30.51
N SER A 333 0.85 -2.23 -30.09
CA SER A 333 1.01 -3.30 -29.10
C SER A 333 0.48 -2.89 -27.72
N LEU A 334 0.57 -1.60 -27.34
CA LEU A 334 -0.05 -1.07 -26.13
C LEU A 334 -1.58 -1.10 -26.21
N GLY A 335 -2.15 -1.23 -27.42
CA GLY A 335 -3.59 -1.31 -27.63
C GLY A 335 -4.29 0.05 -27.58
N LEU A 336 -3.53 1.15 -27.49
CA LEU A 336 -4.08 2.50 -27.40
C LEU A 336 -4.59 3.03 -28.75
N LEU A 337 -4.43 2.30 -29.85
CA LEU A 337 -5.05 2.60 -31.14
C LEU A 337 -5.33 1.29 -31.88
N LYS A 338 -6.10 1.38 -32.97
CA LYS A 338 -6.54 0.25 -33.79
C LYS A 338 -6.00 0.38 -35.24
N GLY A 339 -5.05 1.29 -35.46
CA GLY A 339 -4.45 1.52 -36.77
C GLY A 339 -3.55 0.36 -37.20
N SER A 340 -3.06 0.44 -38.43
CA SER A 340 -2.13 -0.52 -39.03
C SER A 340 -1.09 0.23 -39.86
N ILE A 341 0.13 -0.31 -39.90
CA ILE A 341 1.24 0.25 -40.67
C ILE A 341 1.06 -0.19 -42.12
N ASP A 342 1.51 0.63 -43.07
CA ASP A 342 1.47 0.38 -44.51
C ASP A 342 2.89 0.56 -45.04
N GLN A 343 3.77 -0.32 -44.54
CA GLN A 343 5.22 -0.27 -44.71
C GLN A 343 5.64 -0.20 -46.17
N VAL A 344 4.87 -0.82 -47.07
CA VAL A 344 5.11 -0.82 -48.52
C VAL A 344 5.21 0.62 -49.05
N ASN A 345 4.38 1.53 -48.53
CA ASN A 345 4.30 2.90 -49.00
C ASN A 345 5.00 3.86 -48.03
N GLU A 346 5.60 3.35 -46.95
CA GLU A 346 6.12 4.12 -45.83
C GLU A 346 5.03 5.05 -45.24
N LEU A 347 3.81 4.51 -45.11
CA LEU A 347 2.64 5.21 -44.58
C LEU A 347 2.08 4.43 -43.39
N VAL A 348 1.12 5.04 -42.69
CA VAL A 348 0.36 4.42 -41.63
C VAL A 348 -1.10 4.80 -41.84
N THR A 349 -2.01 3.84 -41.64
CA THR A 349 -3.45 4.07 -41.59
C THR A 349 -3.80 4.03 -40.11
N ILE A 350 -3.85 5.20 -39.48
CA ILE A 350 -4.15 5.36 -38.07
C ILE A 350 -5.68 5.25 -37.92
N SER A 351 -6.15 4.60 -36.85
CA SER A 351 -7.58 4.44 -36.57
C SER A 351 -7.77 4.41 -35.06
N TRP A 352 -8.68 5.24 -34.54
CA TRP A 352 -9.03 5.39 -33.12
C TRP A 352 -7.85 5.82 -32.25
N VAL A 353 -8.13 6.21 -31.01
CA VAL A 353 -7.15 6.44 -29.97
C VAL A 353 -7.84 6.36 -28.61
N GLN A 354 -7.18 5.70 -27.66
CA GLN A 354 -7.52 5.65 -26.24
C GLN A 354 -7.07 6.98 -25.61
N PRO A 355 -7.97 7.87 -25.13
CA PRO A 355 -7.55 9.17 -24.61
C PRO A 355 -6.92 9.16 -23.22
N ARG A 356 -7.20 8.14 -22.39
CA ARG A 356 -6.84 8.11 -20.97
C ARG A 356 -6.21 6.77 -20.60
N MET A 1 -4.89 -6.97 45.69
CA MET A 1 -4.55 -8.42 45.68
C MET A 1 -4.50 -8.93 44.24
N PHE A 2 -3.86 -10.09 44.03
CA PHE A 2 -3.79 -10.81 42.75
C PHE A 2 -3.99 -12.29 43.06
N ASN A 3 -4.60 -13.05 42.15
CA ASN A 3 -4.78 -14.50 42.34
C ASN A 3 -3.41 -15.19 42.24
N ASN A 4 -2.99 -15.86 43.31
CA ASN A 4 -1.77 -16.68 43.36
C ASN A 4 -1.68 -17.65 42.18
N HIS A 5 -2.81 -18.26 41.81
CA HIS A 5 -2.86 -19.31 40.81
C HIS A 5 -2.83 -18.74 39.38
N GLU A 6 -2.99 -17.42 39.19
CA GLU A 6 -3.16 -16.82 37.86
C GLU A 6 -2.32 -15.56 37.73
N ILE A 7 -2.85 -14.38 38.06
CA ILE A 7 -2.17 -13.13 37.73
C ILE A 7 -0.85 -12.98 38.49
N ASP A 8 -0.78 -13.37 39.76
CA ASP A 8 0.48 -13.30 40.51
C ASP A 8 1.50 -14.27 39.92
N THR A 9 1.02 -15.46 39.53
CA THR A 9 1.77 -16.49 38.83
C THR A 9 2.36 -15.92 37.52
N ILE A 10 1.53 -15.22 36.72
CA ILE A 10 1.92 -14.67 35.43
C ILE A 10 3.00 -13.63 35.67
N LEU A 11 2.74 -12.61 36.50
CA LEU A 11 3.66 -11.51 36.67
C LEU A 11 4.99 -11.99 37.25
N SER A 12 4.96 -12.91 38.20
CA SER A 12 6.18 -13.44 38.79
C SER A 12 6.99 -14.21 37.75
N THR A 13 6.36 -15.13 37.01
CA THR A 13 7.07 -15.91 36.01
C THR A 13 7.62 -14.99 34.92
N LEU A 14 6.80 -14.07 34.41
CA LEU A 14 7.20 -13.23 33.30
C LEU A 14 8.33 -12.30 33.72
N ARG A 15 8.41 -11.82 34.97
CA ARG A 15 9.61 -11.11 35.43
C ARG A 15 10.85 -11.98 35.31
N MET A 16 10.78 -13.28 35.67
CA MET A 16 11.95 -14.16 35.60
C MET A 16 12.35 -14.45 34.15
N GLU A 17 11.36 -14.63 33.28
CA GLU A 17 11.55 -14.93 31.86
C GLU A 17 12.07 -13.69 31.10
N ALA A 18 11.75 -12.49 31.59
CA ALA A 18 12.07 -11.20 31.00
C ALA A 18 13.52 -10.78 31.25
N ASP A 19 13.98 -9.91 30.36
CA ASP A 19 15.24 -9.17 30.50
C ASP A 19 15.06 -8.16 31.66
N PRO A 20 16.05 -7.96 32.55
CA PRO A 20 15.95 -7.04 33.68
C PRO A 20 15.45 -5.63 33.36
N SER A 21 15.72 -5.11 32.16
CA SER A 21 15.32 -3.77 31.74
C SER A 21 13.80 -3.57 31.79
N LEU A 22 13.03 -4.67 31.69
CA LEU A 22 11.58 -4.64 31.59
C LEU A 22 10.90 -4.62 32.95
N HIS A 23 11.63 -4.88 34.05
CA HIS A 23 11.03 -4.99 35.38
C HIS A 23 10.20 -3.75 35.75
N PRO A 24 10.70 -2.49 35.64
CA PRO A 24 9.88 -1.33 36.00
C PRO A 24 8.67 -1.18 35.09
N LEU A 25 8.80 -1.46 33.78
CA LEU A 25 7.70 -1.43 32.84
C LEU A 25 6.60 -2.41 33.25
N PHE A 26 6.95 -3.60 33.72
CA PHE A 26 5.94 -4.55 34.18
C PHE A 26 5.42 -4.20 35.57
N GLU A 27 6.19 -3.56 36.45
CA GLU A 27 5.72 -3.16 37.78
C GLU A 27 4.61 -2.11 37.67
N GLN A 28 4.75 -1.11 36.80
CA GLN A 28 3.68 -0.14 36.58
C GLN A 28 2.46 -0.83 35.97
N PHE A 29 2.67 -1.73 35.00
CA PHE A 29 1.60 -2.50 34.36
C PHE A 29 0.83 -3.33 35.40
N GLU A 30 1.53 -4.02 36.29
CA GLU A 30 0.97 -4.80 37.39
C GLU A 30 0.06 -3.93 38.26
N LYS A 31 0.56 -2.77 38.68
CA LYS A 31 -0.16 -1.85 39.53
C LYS A 31 -1.39 -1.30 38.78
N PHE A 32 -1.27 -1.00 37.49
CA PHE A 32 -2.38 -0.50 36.69
C PHE A 32 -3.44 -1.58 36.44
N TYR A 33 -3.07 -2.87 36.35
CA TYR A 33 -4.05 -3.95 36.28
C TYR A 33 -4.85 -3.98 37.59
N GLU A 34 -4.18 -3.85 38.74
CA GLU A 34 -4.83 -3.88 40.05
C GLU A 34 -5.86 -2.74 40.15
N GLU A 35 -5.53 -1.55 39.62
CA GLU A 35 -6.43 -0.39 39.58
C GLU A 35 -7.45 -0.46 38.43
N LYS A 36 -7.47 -1.55 37.65
CA LYS A 36 -8.41 -1.78 36.54
C LYS A 36 -8.30 -0.69 35.47
N LEU A 37 -7.09 -0.39 35.01
CA LEU A 37 -6.79 0.75 34.14
C LEU A 37 -6.37 0.27 32.75
N TRP A 38 -7.16 -0.65 32.17
CA TRP A 38 -6.88 -1.32 30.89
C TRP A 38 -6.32 -0.38 29.83
N PHE A 39 -6.95 0.79 29.63
CA PHE A 39 -6.62 1.71 28.55
C PHE A 39 -5.22 2.29 28.68
N GLN A 40 -4.71 2.40 29.92
CA GLN A 40 -3.41 2.99 30.21
C GLN A 40 -2.37 1.87 30.37
N LEU A 41 -2.79 0.73 30.93
CA LEU A 41 -2.02 -0.51 30.96
C LEU A 41 -1.62 -0.92 29.54
N SER A 42 -2.52 -0.72 28.57
CA SER A 42 -2.28 -1.01 27.17
C SER A 42 -1.06 -0.26 26.62
N GLU A 43 -0.77 0.94 27.12
CA GLU A 43 0.37 1.73 26.67
C GLU A 43 1.66 1.06 27.14
N SER A 44 1.66 0.57 28.39
CA SER A 44 2.81 -0.17 28.90
C SER A 44 3.03 -1.45 28.08
N LEU A 45 1.95 -2.16 27.77
CA LEU A 45 2.00 -3.40 27.00
C LEU A 45 2.45 -3.15 25.55
N THR A 46 2.09 -2.00 24.97
CA THR A 46 2.55 -1.57 23.66
C THR A 46 4.05 -1.23 23.72
N LYS A 47 4.48 -0.43 24.71
CA LYS A 47 5.89 -0.07 24.90
C LYS A 47 6.76 -1.32 25.04
N PHE A 48 6.20 -2.41 25.58
CA PHE A 48 6.90 -3.68 25.70
C PHE A 48 7.39 -4.18 24.34
N PHE A 49 6.53 -4.20 23.31
CA PHE A 49 6.95 -4.66 21.99
C PHE A 49 7.72 -3.57 21.22
N ASP A 50 7.61 -2.30 21.60
CA ASP A 50 8.43 -1.24 21.02
C ASP A 50 9.89 -1.36 21.49
N ASP A 51 10.10 -1.64 22.78
CA ASP A 51 11.43 -1.86 23.37
C ASP A 51 11.96 -3.25 22.98
N ALA A 52 11.06 -4.21 22.71
CA ALA A 52 11.33 -5.53 22.14
C ALA A 52 12.41 -6.36 22.85
N LYS A 53 12.65 -6.12 24.16
CA LYS A 53 13.69 -6.86 24.90
C LYS A 53 13.29 -8.34 25.02
N SER A 54 12.00 -8.61 25.21
CA SER A 54 11.42 -9.93 25.49
C SER A 54 10.02 -9.98 24.87
N THR A 55 9.92 -9.70 23.56
CA THR A 55 8.67 -9.69 22.81
C THR A 55 7.86 -10.99 22.99
N PRO A 56 8.44 -12.21 22.89
CA PRO A 56 7.70 -13.47 23.02
C PRO A 56 6.86 -13.66 24.29
N LEU A 57 7.12 -12.90 25.38
CA LEU A 57 6.27 -12.99 26.58
C LEU A 57 4.81 -12.62 26.26
N ARG A 58 4.56 -11.87 25.17
CA ARG A 58 3.22 -11.51 24.73
C ARG A 58 2.37 -12.75 24.43
N LEU A 59 2.96 -13.92 24.12
CA LEU A 59 2.21 -15.16 23.91
C LEU A 59 1.38 -15.48 25.16
N ARG A 60 2.05 -15.63 26.31
CA ARG A 60 1.39 -15.97 27.57
C ARG A 60 0.51 -14.82 28.03
N LEU A 61 0.97 -13.58 27.82
CA LEU A 61 0.26 -12.39 28.24
C LEU A 61 -1.09 -12.32 27.52
N TYR A 62 -1.12 -12.49 26.18
CA TYR A 62 -2.38 -12.56 25.45
C TYR A 62 -3.24 -13.72 25.97
N ASP A 63 -2.68 -14.93 26.03
CA ASP A 63 -3.43 -16.14 26.28
C ASP A 63 -4.07 -16.22 27.67
N ASN A 64 -3.50 -15.55 28.69
CA ASN A 64 -3.92 -15.75 30.09
C ASN A 64 -4.25 -14.44 30.81
N PHE A 65 -3.92 -13.29 30.24
CA PHE A 65 -3.99 -12.02 30.94
C PHE A 65 -4.84 -11.03 30.15
N VAL A 66 -4.53 -10.73 28.87
CA VAL A 66 -5.37 -9.82 28.06
C VAL A 66 -6.76 -10.45 27.89
N SER A 67 -6.86 -11.78 27.86
CA SER A 67 -8.11 -12.52 27.81
C SER A 67 -9.05 -12.17 28.98
N LYS A 68 -8.53 -11.76 30.15
CA LYS A 68 -9.34 -11.37 31.30
C LYS A 68 -10.11 -10.07 31.05
N PHE A 69 -9.77 -9.31 30.02
CA PHE A 69 -10.39 -8.03 29.67
C PHE A 69 -10.56 -7.94 28.14
N TYR A 70 -11.00 -9.06 27.53
CA TYR A 70 -11.44 -9.11 26.14
C TYR A 70 -12.42 -7.96 25.86
N ASP A 71 -12.20 -7.27 24.73
CA ASP A 71 -13.03 -6.18 24.19
C ASP A 71 -13.20 -4.96 25.12
N LYS A 72 -12.60 -4.95 26.31
CA LYS A 72 -12.53 -3.76 27.17
C LYS A 72 -11.54 -2.73 26.59
N ILE A 73 -10.75 -3.13 25.59
CA ILE A 73 -9.76 -2.33 24.90
C ILE A 73 -9.88 -2.61 23.40
N ASN A 74 -9.33 -1.69 22.60
CA ASN A 74 -9.34 -1.72 21.14
C ASN A 74 -8.89 -3.08 20.61
N GLN A 75 -9.71 -3.69 19.74
CA GLN A 75 -9.52 -5.05 19.27
C GLN A 75 -8.17 -5.19 18.55
N LEU A 76 -7.80 -4.21 17.72
CA LEU A 76 -6.48 -4.20 17.08
C LEU A 76 -5.39 -4.15 18.14
N SER A 77 -5.46 -3.36 19.21
CA SER A 77 -4.44 -3.37 20.26
C SER A 77 -4.29 -4.77 20.84
N VAL A 78 -5.41 -5.42 21.15
CA VAL A 78 -5.41 -6.76 21.72
C VAL A 78 -4.74 -7.75 20.76
N VAL A 79 -5.15 -7.77 19.50
CA VAL A 79 -4.62 -8.72 18.53
C VAL A 79 -3.17 -8.34 18.18
N LYS A 80 -2.80 -7.05 18.19
CA LYS A 80 -1.43 -6.58 17.98
C LYS A 80 -0.48 -7.10 19.04
N TYR A 81 -0.94 -7.39 20.26
CA TYR A 81 -0.06 -8.03 21.24
C TYR A 81 0.35 -9.40 20.71
N LEU A 82 -0.58 -10.20 20.19
CA LEU A 82 -0.23 -11.48 19.59
C LEU A 82 0.61 -11.29 18.32
N LEU A 83 0.32 -10.25 17.50
CA LEU A 83 1.13 -9.96 16.30
C LEU A 83 2.60 -9.82 16.67
N ALA A 84 2.96 -9.20 17.80
CA ALA A 84 4.36 -8.93 18.12
C ALA A 84 5.16 -10.23 18.32
N SER A 85 4.59 -11.22 19.01
CA SER A 85 5.25 -12.52 19.15
C SER A 85 5.26 -13.28 17.82
N LEU A 86 4.19 -13.17 17.02
CA LEU A 86 4.09 -13.83 15.72
C LEU A 86 5.09 -13.25 14.72
N LYS A 87 5.34 -11.94 14.80
CA LYS A 87 6.33 -11.21 14.02
C LYS A 87 7.73 -11.77 14.29
N ASP A 88 8.03 -12.11 15.55
CA ASP A 88 9.34 -12.66 15.93
C ASP A 88 9.43 -14.16 15.65
N SER A 89 8.30 -14.87 15.64
CA SER A 89 8.24 -16.28 15.29
C SER A 89 8.77 -16.50 13.87
N LYS A 90 9.46 -17.62 13.64
CA LYS A 90 10.18 -17.90 12.39
C LYS A 90 9.24 -18.47 11.31
N ASP A 91 7.96 -18.15 11.37
CA ASP A 91 6.90 -18.67 10.50
C ASP A 91 5.72 -17.70 10.51
N PHE A 92 4.84 -17.78 9.50
CA PHE A 92 3.64 -16.98 9.36
C PHE A 92 2.39 -17.82 9.11
N ASP A 93 2.51 -19.14 8.87
CA ASP A 93 1.35 -20.01 8.72
C ASP A 93 0.62 -20.17 10.06
N GLU A 94 1.37 -20.33 11.16
CA GLU A 94 0.82 -20.28 12.50
C GLU A 94 0.18 -18.92 12.75
N SER A 95 0.80 -17.83 12.32
CA SER A 95 0.29 -16.48 12.49
C SER A 95 -1.08 -16.30 11.83
N LEU A 96 -1.29 -16.90 10.66
CA LEU A 96 -2.59 -16.94 9.99
C LEU A 96 -3.61 -17.62 10.87
N LYS A 97 -3.31 -18.83 11.36
CA LYS A 97 -4.23 -19.58 12.22
C LYS A 97 -4.54 -18.79 13.49
N TYR A 98 -3.52 -18.19 14.11
CA TYR A 98 -3.69 -17.40 15.32
C TYR A 98 -4.57 -16.18 15.06
N LEU A 99 -4.35 -15.42 13.97
CA LEU A 99 -5.17 -14.24 13.71
C LEU A 99 -6.59 -14.67 13.39
N ASP A 100 -6.77 -15.77 12.67
CA ASP A 100 -8.12 -16.24 12.32
C ASP A 100 -8.88 -16.68 13.58
N ASP A 101 -8.21 -17.40 14.49
CA ASP A 101 -8.82 -17.84 15.74
C ASP A 101 -9.16 -16.65 16.63
N LEU A 102 -8.24 -15.70 16.79
CA LEU A 102 -8.46 -14.53 17.63
C LEU A 102 -9.55 -13.64 17.01
N LYS A 103 -9.56 -13.49 15.68
CA LYS A 103 -10.64 -12.77 15.02
C LYS A 103 -11.97 -13.46 15.31
N ALA A 104 -12.03 -14.79 15.24
CA ALA A 104 -13.25 -15.54 15.52
C ALA A 104 -13.70 -15.35 16.98
N GLN A 105 -12.79 -15.27 17.95
CA GLN A 105 -13.14 -14.95 19.33
C GLN A 105 -13.86 -13.61 19.39
N PHE A 106 -13.34 -12.58 18.71
CA PHE A 106 -13.99 -11.27 18.65
C PHE A 106 -15.32 -11.32 17.88
N GLN A 107 -15.48 -12.20 16.88
CA GLN A 107 -16.76 -12.37 16.20
C GLN A 107 -17.85 -12.87 17.16
N GLU A 108 -17.51 -13.67 18.17
CA GLU A 108 -18.47 -14.08 19.19
C GLU A 108 -18.85 -12.91 20.11
N LEU A 109 -17.97 -11.92 20.27
CA LEU A 109 -18.18 -10.72 21.07
C LEU A 109 -18.94 -9.66 20.23
N ASP A 110 -20.00 -10.10 19.56
CA ASP A 110 -20.92 -9.29 18.78
C ASP A 110 -21.61 -8.22 19.65
N SER A 111 -22.16 -7.19 19.00
CA SER A 111 -22.85 -6.04 19.58
C SER A 111 -24.17 -5.83 18.83
N LYS A 112 -24.91 -6.92 18.59
CA LYS A 112 -26.15 -6.97 17.81
C LYS A 112 -25.95 -6.37 16.41
N LYS A 113 -24.82 -6.69 15.77
CA LYS A 113 -24.36 -6.18 14.48
C LYS A 113 -24.77 -4.72 14.26
N GLN A 114 -25.73 -4.45 13.38
CA GLN A 114 -26.22 -3.11 13.05
C GLN A 114 -27.14 -2.57 14.16
N ARG A 115 -26.63 -2.47 15.39
CA ARG A 115 -27.36 -1.84 16.49
C ARG A 115 -27.72 -0.38 16.16
N ASN A 116 -28.73 0.15 16.86
CA ASN A 116 -29.35 1.44 16.54
C ASN A 116 -28.35 2.60 16.49
N ASN A 117 -27.32 2.60 17.33
CA ASN A 117 -26.28 3.62 17.34
C ASN A 117 -24.95 3.00 17.74
N GLY A 118 -23.83 3.59 17.29
CA GLY A 118 -22.50 3.01 17.42
C GLY A 118 -22.41 1.64 16.77
N SER A 119 -23.11 1.47 15.65
CA SER A 119 -23.25 0.21 14.92
C SER A 119 -21.90 -0.40 14.56
N LYS A 120 -20.87 0.43 14.34
CA LYS A 120 -19.53 -0.03 13.98
C LYS A 120 -18.90 -0.93 15.04
N ASP A 121 -19.31 -0.79 16.30
CA ASP A 121 -18.68 -1.46 17.45
C ASP A 121 -18.61 -2.98 17.29
N HIS A 122 -19.57 -3.59 16.58
CA HIS A 122 -19.62 -5.03 16.40
C HIS A 122 -18.42 -5.59 15.62
N GLY A 123 -17.71 -4.77 14.83
CA GLY A 123 -16.71 -5.29 13.90
C GLY A 123 -15.64 -4.32 13.42
N ASP A 124 -15.63 -3.07 13.91
CA ASP A 124 -14.70 -2.04 13.44
C ASP A 124 -13.22 -2.47 13.51
N GLY A 125 -12.84 -3.23 14.53
CA GLY A 125 -11.46 -3.68 14.70
C GLY A 125 -11.20 -4.95 13.89
N ILE A 126 -12.06 -5.97 14.01
CA ILE A 126 -11.89 -7.21 13.26
C ILE A 126 -11.96 -7.03 11.74
N LEU A 127 -12.57 -5.97 11.23
CA LEU A 127 -12.49 -5.62 9.81
C LEU A 127 -11.04 -5.43 9.38
N LEU A 128 -10.23 -4.75 10.20
CA LEU A 128 -8.82 -4.53 9.91
C LEU A 128 -8.00 -5.78 10.21
N ILE A 129 -8.39 -6.58 11.21
CA ILE A 129 -7.73 -7.85 11.46
C ILE A 129 -7.93 -8.77 10.25
N ASP A 130 -9.04 -8.66 9.50
CA ASP A 130 -9.21 -9.44 8.27
C ASP A 130 -8.18 -9.06 7.21
N SER A 131 -7.86 -7.77 7.10
CA SER A 131 -6.76 -7.31 6.26
C SER A 131 -5.42 -7.81 6.81
N GLU A 132 -5.23 -7.87 8.13
CA GLU A 132 -4.02 -8.41 8.74
C GLU A 132 -3.84 -9.90 8.43
N ILE A 133 -4.94 -10.68 8.37
CA ILE A 133 -4.91 -12.06 7.88
C ILE A 133 -4.43 -12.04 6.43
N ALA A 134 -4.99 -11.20 5.55
CA ALA A 134 -4.57 -11.15 4.16
C ALA A 134 -3.09 -10.77 4.02
N ARG A 135 -2.60 -9.79 4.78
CA ARG A 135 -1.18 -9.43 4.77
C ARG A 135 -0.33 -10.59 5.23
N THR A 136 -0.74 -11.31 6.27
CA THR A 136 -0.03 -12.48 6.77
C THR A 136 -0.01 -13.58 5.70
N TYR A 137 -1.11 -13.77 4.96
CA TYR A 137 -1.18 -14.75 3.88
C TYR A 137 -0.19 -14.37 2.78
N LEU A 138 -0.21 -13.11 2.34
CA LEU A 138 0.67 -12.63 1.26
C LEU A 138 2.13 -12.65 1.68
N LEU A 139 2.44 -12.50 2.97
CA LEU A 139 3.80 -12.62 3.51
C LEU A 139 4.34 -14.05 3.37
N LYS A 140 3.49 -15.04 3.13
CA LYS A 140 3.83 -16.45 2.89
C LYS A 140 2.95 -16.94 1.72
N ASN A 141 2.92 -16.15 0.65
CA ASN A 141 1.98 -16.28 -0.46
C ASN A 141 1.95 -17.69 -1.07
N ASP A 142 0.76 -18.07 -1.55
CA ASP A 142 0.47 -19.24 -2.36
C ASP A 142 -0.70 -18.80 -3.23
N LEU A 143 -0.36 -18.03 -4.27
CA LEU A 143 -1.26 -17.27 -5.14
C LEU A 143 -2.62 -17.92 -5.41
N VAL A 144 -2.66 -19.18 -5.83
CA VAL A 144 -3.92 -19.78 -6.26
C VAL A 144 -4.91 -20.00 -5.11
N LYS A 145 -4.43 -20.13 -3.87
CA LYS A 145 -5.31 -20.16 -2.69
C LYS A 145 -5.46 -18.76 -2.12
N ALA A 146 -4.40 -17.94 -2.18
CA ALA A 146 -4.47 -16.55 -1.76
C ALA A 146 -5.54 -15.78 -2.54
N ARG A 147 -5.79 -16.12 -3.81
CA ARG A 147 -6.79 -15.42 -4.61
C ARG A 147 -8.16 -15.50 -3.96
N ASP A 148 -8.55 -16.61 -3.34
CA ASP A 148 -9.88 -16.73 -2.74
C ASP A 148 -10.04 -15.73 -1.57
N LEU A 149 -8.99 -15.59 -0.77
CA LEU A 149 -8.96 -14.64 0.34
C LEU A 149 -8.96 -13.21 -0.20
N LEU A 150 -8.11 -12.91 -1.19
CA LEU A 150 -8.01 -11.57 -1.75
C LEU A 150 -9.28 -11.19 -2.51
N ASP A 151 -10.02 -12.13 -3.08
CA ASP A 151 -11.29 -11.87 -3.74
C ASP A 151 -12.34 -11.44 -2.71
N ASP A 152 -12.36 -12.07 -1.53
CA ASP A 152 -13.25 -11.66 -0.44
C ASP A 152 -12.80 -10.34 0.18
N LEU A 153 -11.49 -10.08 0.21
CA LEU A 153 -10.96 -8.80 0.66
C LEU A 153 -11.33 -7.69 -0.32
N GLU A 154 -11.32 -7.96 -1.62
CA GLU A 154 -11.80 -7.03 -2.65
C GLU A 154 -13.29 -6.76 -2.45
N LYS A 155 -14.09 -7.77 -2.12
CA LYS A 155 -15.50 -7.56 -1.76
C LYS A 155 -15.64 -6.72 -0.49
N THR A 156 -14.65 -6.70 0.41
CA THR A 156 -14.65 -5.80 1.57
C THR A 156 -14.42 -4.34 1.14
N LEU A 157 -13.74 -4.09 0.01
CA LEU A 157 -13.55 -2.75 -0.54
C LEU A 157 -14.79 -2.35 -1.36
N ASP A 158 -15.33 -3.28 -2.15
CA ASP A 158 -16.44 -3.01 -3.06
C ASP A 158 -17.80 -2.96 -2.36
N LYS A 159 -18.00 -3.75 -1.30
CA LYS A 159 -19.31 -3.96 -0.69
C LYS A 159 -19.15 -4.24 0.82
N LYS A 160 -19.81 -5.28 1.36
CA LYS A 160 -19.96 -5.58 2.78
C LYS A 160 -20.60 -4.42 3.55
N ASP A 161 -20.66 -4.53 4.88
CA ASP A 161 -21.42 -3.66 5.77
C ASP A 161 -21.07 -2.18 5.62
N SER A 162 -19.78 -1.85 5.57
CA SER A 162 -19.30 -0.47 5.57
C SER A 162 -17.87 -0.42 5.01
N ILE A 163 -17.43 0.78 4.63
CA ILE A 163 -16.13 1.03 4.00
C ILE A 163 -15.45 2.25 4.65
N PRO A 164 -15.13 2.20 5.96
CA PRO A 164 -14.45 3.29 6.64
C PRO A 164 -13.06 3.56 6.04
N LEU A 165 -12.53 4.76 6.26
CA LEU A 165 -11.23 5.20 5.74
C LEU A 165 -10.10 4.25 6.17
N ARG A 166 -10.18 3.69 7.38
CA ARG A 166 -9.12 2.84 7.89
C ARG A 166 -9.07 1.52 7.11
N ILE A 167 -10.20 0.82 6.95
CA ILE A 167 -10.19 -0.42 6.16
C ILE A 167 -9.82 -0.07 4.72
N THR A 168 -10.29 1.07 4.19
CA THR A 168 -10.06 1.40 2.80
C THR A 168 -8.58 1.63 2.51
N ASN A 169 -7.85 2.43 3.32
CA ASN A 169 -6.43 2.64 3.04
C ASN A 169 -5.60 1.44 3.48
N SER A 170 -6.07 0.62 4.43
CA SER A 170 -5.37 -0.61 4.80
C SER A 170 -5.53 -1.71 3.75
N PHE A 171 -6.67 -1.77 3.05
CA PHE A 171 -6.82 -2.64 1.89
C PHE A 171 -5.75 -2.28 0.88
N TYR A 172 -5.60 -0.98 0.59
CA TYR A 172 -4.65 -0.55 -0.41
C TYR A 172 -3.20 -0.67 0.07
N SER A 173 -2.95 -0.64 1.38
CA SER A 173 -1.65 -0.98 1.94
C SER A 173 -1.37 -2.48 1.77
N THR A 174 -2.40 -3.32 1.85
CA THR A 174 -2.31 -4.75 1.52
C THR A 174 -2.10 -4.93 0.01
N ASN A 175 -2.68 -4.07 -0.84
CA ASN A 175 -2.46 -4.13 -2.29
C ASN A 175 -0.99 -3.91 -2.65
N SER A 176 -0.21 -3.19 -1.85
CA SER A 176 1.23 -3.07 -2.03
C SER A 176 1.95 -4.43 -1.97
N GLN A 177 1.33 -5.48 -1.39
CA GLN A 177 1.84 -6.84 -1.35
C GLN A 177 1.22 -7.73 -2.44
N TYR A 178 0.39 -7.18 -3.35
CA TYR A 178 -0.42 -7.96 -4.28
C TYR A 178 -0.45 -7.39 -5.72
N PHE A 179 -0.15 -6.11 -5.92
CA PHE A 179 -0.22 -5.44 -7.23
C PHE A 179 0.79 -5.97 -8.27
N LYS A 180 1.72 -6.85 -7.88
CA LYS A 180 2.85 -7.30 -8.68
C LYS A 180 2.41 -8.28 -9.78
N PHE A 181 1.62 -7.79 -10.73
CA PHE A 181 1.26 -8.50 -11.96
C PHE A 181 2.53 -8.64 -12.83
N LYS A 182 2.40 -9.31 -13.99
CA LYS A 182 3.53 -9.64 -14.88
C LYS A 182 4.39 -8.40 -15.18
N ASN A 183 3.75 -7.27 -15.50
CA ASN A 183 4.39 -5.96 -15.60
C ASN A 183 3.28 -4.93 -15.45
N ASP A 184 3.19 -4.24 -14.32
CA ASP A 184 2.25 -3.15 -14.15
C ASP A 184 2.62 -2.23 -12.97
N PHE A 185 2.41 -0.93 -13.15
CA PHE A 185 2.50 0.08 -12.10
C PHE A 185 1.24 0.96 -12.09
N ASN A 186 0.37 0.86 -13.09
CA ASN A 186 -0.88 1.62 -13.16
C ASN A 186 -1.77 1.32 -11.96
N SER A 187 -1.72 0.08 -11.45
CA SER A 187 -2.41 -0.33 -10.24
C SER A 187 -1.98 0.52 -9.04
N PHE A 188 -0.71 0.91 -8.94
CA PHE A 188 -0.23 1.72 -7.83
C PHE A 188 -0.73 3.16 -7.95
N TYR A 189 -0.79 3.69 -9.16
CA TYR A 189 -1.35 5.00 -9.42
C TYR A 189 -2.84 5.00 -9.06
N TYR A 190 -3.59 4.01 -9.51
CA TYR A 190 -5.01 3.88 -9.19
C TYR A 190 -5.24 3.66 -7.70
N THR A 191 -4.36 2.90 -7.03
CA THR A 191 -4.38 2.73 -5.59
C THR A 191 -4.35 4.09 -4.91
N SER A 192 -3.39 4.94 -5.26
CA SER A 192 -3.26 6.23 -4.62
C SER A 192 -4.43 7.15 -5.01
N LEU A 193 -4.96 7.05 -6.24
CA LEU A 193 -6.16 7.80 -6.62
C LEU A 193 -7.38 7.37 -5.81
N LEU A 194 -7.58 6.08 -5.51
CA LEU A 194 -8.75 5.68 -4.72
C LEU A 194 -8.62 6.29 -3.33
N TYR A 195 -7.44 6.20 -2.72
CA TYR A 195 -7.19 6.77 -1.41
C TYR A 195 -7.42 8.30 -1.41
N LEU A 196 -7.08 8.98 -2.51
CA LEU A 196 -7.32 10.42 -2.66
C LEU A 196 -8.81 10.74 -2.82
N SER A 197 -9.54 9.86 -3.50
CA SER A 197 -10.98 9.97 -3.70
C SER A 197 -11.71 9.76 -2.35
N THR A 198 -11.15 8.91 -1.49
CA THR A 198 -11.62 8.52 -0.18
C THR A 198 -11.14 9.59 0.82
N LEU A 199 -11.59 10.83 0.63
CA LEU A 199 -11.23 12.01 1.43
C LEU A 199 -9.72 12.02 1.77
N GLU A 200 -9.35 12.44 2.99
CA GLU A 200 -8.00 12.30 3.51
C GLU A 200 -8.11 12.22 5.05
N PRO A 201 -7.14 11.60 5.75
CA PRO A 201 -7.09 11.55 7.22
C PRO A 201 -7.12 12.91 7.94
N SER A 202 -7.03 14.02 7.21
CA SER A 202 -7.23 15.38 7.70
C SER A 202 -6.36 15.69 8.93
N THR A 203 -6.94 15.85 10.11
CA THR A 203 -6.23 16.24 11.33
C THR A 203 -5.14 15.22 11.73
N SER A 204 -5.22 13.97 11.28
CA SER A 204 -4.23 12.94 11.59
C SER A 204 -2.91 13.13 10.82
N ILE A 205 -2.86 13.99 9.79
CA ILE A 205 -1.73 14.13 8.89
C ILE A 205 -1.37 15.63 8.71
N THR A 206 -0.37 15.90 7.88
CA THR A 206 0.27 17.20 7.71
C THR A 206 0.40 17.53 6.21
N LEU A 207 0.86 18.74 5.89
CA LEU A 207 1.23 19.07 4.52
C LEU A 207 2.37 18.17 4.02
N ALA A 208 3.29 17.74 4.90
CA ALA A 208 4.36 16.83 4.51
C ALA A 208 3.78 15.47 4.08
N GLU A 209 2.76 14.98 4.78
CA GLU A 209 2.08 13.74 4.38
C GLU A 209 1.33 13.93 3.06
N ARG A 210 0.69 15.08 2.84
CA ARG A 210 0.09 15.39 1.53
C ARG A 210 1.15 15.36 0.44
N GLN A 211 2.30 16.02 0.67
CA GLN A 211 3.41 16.02 -0.29
C GLN A 211 3.84 14.59 -0.60
N GLN A 212 3.98 13.72 0.41
CA GLN A 212 4.34 12.33 0.18
C GLN A 212 3.30 11.59 -0.65
N LEU A 213 1.99 11.81 -0.44
CA LEU A 213 0.95 11.13 -1.20
C LEU A 213 0.93 11.61 -2.65
N ALA A 214 1.10 12.92 -2.90
CA ALA A 214 1.26 13.47 -4.25
C ALA A 214 2.53 12.93 -4.91
N TYR A 215 3.64 12.84 -4.18
CA TYR A 215 4.92 12.33 -4.68
C TYR A 215 4.78 10.86 -5.07
N ASP A 216 4.15 10.05 -4.23
CA ASP A 216 3.90 8.63 -4.49
C ASP A 216 3.03 8.43 -5.74
N LEU A 217 1.95 9.20 -5.85
CA LEU A 217 1.08 9.23 -7.01
C LEU A 217 1.88 9.59 -8.27
N SER A 218 2.74 10.61 -8.17
CA SER A 218 3.58 11.07 -9.26
C SER A 218 4.58 10.00 -9.69
N ILE A 219 5.29 9.36 -8.75
CA ILE A 219 6.23 8.28 -9.03
C ILE A 219 5.47 7.14 -9.72
N SER A 220 4.26 6.80 -9.26
CA SER A 220 3.47 5.74 -9.86
C SER A 220 3.16 6.04 -11.33
N ALA A 221 2.86 7.29 -11.69
CA ALA A 221 2.65 7.67 -13.08
C ALA A 221 3.97 7.79 -13.87
N LEU A 222 5.06 8.16 -13.20
CA LEU A 222 6.37 8.30 -13.84
C LEU A 222 6.88 6.93 -14.30
N LEU A 223 6.77 5.91 -13.42
CA LEU A 223 7.02 4.52 -13.79
C LEU A 223 5.97 4.09 -14.80
N GLY A 224 4.70 4.31 -14.45
CA GLY A 224 3.47 4.23 -15.22
C GLY A 224 3.57 3.59 -16.59
N ASP A 225 3.84 2.29 -16.62
CA ASP A 225 3.97 1.49 -17.84
C ASP A 225 2.65 1.39 -18.62
N LYS A 226 1.52 1.52 -17.93
CA LYS A 226 0.18 1.49 -18.52
C LYS A 226 -0.50 2.87 -18.46
N ILE A 227 0.18 3.91 -17.98
CA ILE A 227 -0.34 5.27 -17.86
C ILE A 227 0.01 6.00 -19.15
N TYR A 228 -1.00 6.53 -19.85
CA TYR A 228 -0.84 7.31 -21.07
C TYR A 228 -1.67 8.59 -21.07
N ASN A 229 -2.60 8.75 -20.13
CA ASN A 229 -3.29 10.00 -19.86
C ASN A 229 -2.58 10.62 -18.65
N PHE A 230 -2.75 11.93 -18.47
CA PHE A 230 -1.99 12.73 -17.51
C PHE A 230 -2.88 13.77 -16.82
N GLY A 231 -4.07 14.08 -17.34
CA GLY A 231 -4.88 15.19 -16.81
C GLY A 231 -5.25 14.96 -15.35
N GLU A 232 -5.66 13.74 -15.02
CA GLU A 232 -6.08 13.34 -13.67
C GLU A 232 -4.92 13.37 -12.65
N LEU A 233 -3.67 13.50 -13.14
CA LEU A 233 -2.48 13.71 -12.31
C LEU A 233 -2.14 15.20 -12.30
N LEU A 234 -1.84 15.80 -13.46
CA LEU A 234 -1.29 17.16 -13.55
C LEU A 234 -2.28 18.19 -13.00
N HIS A 235 -3.60 17.96 -13.13
CA HIS A 235 -4.65 18.87 -12.69
C HIS A 235 -4.99 18.69 -11.19
N HIS A 236 -4.54 17.60 -10.56
CA HIS A 236 -4.99 17.22 -9.22
C HIS A 236 -4.49 18.27 -8.19
N PRO A 237 -5.37 18.90 -7.38
CA PRO A 237 -4.96 19.96 -6.45
C PRO A 237 -4.06 19.47 -5.32
N ILE A 238 -4.01 18.16 -5.03
CA ILE A 238 -3.07 17.60 -4.07
C ILE A 238 -1.62 17.86 -4.53
N MET A 239 -1.38 17.94 -5.84
CA MET A 239 -0.08 18.25 -6.43
C MET A 239 0.38 19.67 -6.13
N GLU A 240 -0.53 20.57 -5.73
CA GLU A 240 -0.19 21.96 -5.46
C GLU A 240 0.72 22.07 -4.22
N THR A 241 0.88 20.97 -3.47
CA THR A 241 1.76 20.87 -2.34
C THR A 241 3.22 20.63 -2.75
N ILE A 242 3.51 20.11 -3.96
CA ILE A 242 4.86 19.66 -4.33
C ILE A 242 5.47 20.57 -5.41
N VAL A 243 4.65 21.23 -6.21
CA VAL A 243 5.13 22.21 -7.16
C VAL A 243 5.87 23.32 -6.40
N ASN A 244 6.96 23.83 -6.97
CA ASN A 244 7.89 24.82 -6.40
C ASN A 244 8.57 24.41 -5.08
N ASP A 245 8.25 23.27 -4.48
CA ASP A 245 8.92 22.80 -3.27
C ASP A 245 10.37 22.43 -3.61
N SER A 246 11.32 23.00 -2.86
CA SER A 246 12.75 22.91 -3.13
C SER A 246 13.33 21.48 -3.19
N ASN A 247 12.58 20.45 -2.73
CA ASN A 247 13.03 19.06 -2.69
C ASN A 247 12.07 18.09 -3.39
N TYR A 248 10.99 18.58 -4.02
CA TYR A 248 10.05 17.74 -4.78
C TYR A 248 9.73 18.31 -6.17
N ASP A 249 9.96 19.61 -6.43
CA ASP A 249 9.58 20.22 -7.70
C ASP A 249 10.32 19.61 -8.90
N TRP A 250 11.54 19.11 -8.69
CA TRP A 250 12.30 18.41 -9.71
C TRP A 250 11.52 17.20 -10.25
N LEU A 251 10.75 16.51 -9.39
CA LEU A 251 10.00 15.33 -9.78
C LEU A 251 8.77 15.74 -10.59
N PHE A 252 8.16 16.88 -10.24
CA PHE A 252 7.11 17.47 -11.05
C PHE A 252 7.65 17.90 -12.42
N GLN A 253 8.85 18.46 -12.49
CA GLN A 253 9.47 18.79 -13.76
C GLN A 253 9.73 17.52 -14.57
N LEU A 254 10.14 16.42 -13.93
CA LEU A 254 10.37 15.16 -14.62
C LEU A 254 9.05 14.63 -15.19
N LEU A 255 8.00 14.54 -14.37
CA LEU A 255 6.68 14.07 -14.81
C LEU A 255 6.08 14.98 -15.88
N ASN A 256 6.28 16.30 -15.78
CA ASN A 256 5.88 17.25 -16.81
C ASN A 256 6.61 16.94 -18.12
N ALA A 257 7.94 16.87 -18.08
CA ALA A 257 8.77 16.62 -19.27
C ALA A 257 8.38 15.31 -19.95
N LEU A 258 8.20 14.25 -19.17
CA LEU A 258 7.81 12.93 -19.65
C LEU A 258 6.43 12.98 -20.29
N THR A 259 5.49 13.77 -19.73
CA THR A 259 4.15 13.89 -20.26
C THR A 259 4.19 14.56 -21.64
N VAL A 260 4.89 15.69 -21.75
CA VAL A 260 4.87 16.50 -22.97
C VAL A 260 5.85 15.97 -24.03
N GLY A 261 6.72 15.01 -23.68
CA GLY A 261 7.72 14.46 -24.57
C GLY A 261 8.92 15.39 -24.74
N ASP A 262 9.21 16.24 -23.74
CA ASP A 262 10.39 17.10 -23.74
C ASP A 262 11.60 16.25 -23.34
N PHE A 263 12.11 15.52 -24.33
CA PHE A 263 13.23 14.60 -24.17
C PHE A 263 14.46 15.27 -23.56
N ASP A 264 14.69 16.55 -23.85
CA ASP A 264 15.86 17.29 -23.37
C ASP A 264 15.74 17.62 -21.88
N LYS A 265 14.58 18.12 -21.43
CA LYS A 265 14.33 18.33 -20.00
C LYS A 265 14.36 17.00 -19.27
N PHE A 266 13.68 15.98 -19.82
CA PHE A 266 13.66 14.64 -19.28
C PHE A 266 15.11 14.16 -19.10
N ASP A 267 15.91 14.16 -20.16
CA ASP A 267 17.30 13.70 -20.13
C ASP A 267 18.14 14.45 -19.10
N SER A 268 17.94 15.76 -18.97
CA SER A 268 18.66 16.58 -18.01
C SER A 268 18.40 16.14 -16.57
N LEU A 269 17.15 15.83 -16.22
CA LEU A 269 16.83 15.38 -14.87
C LEU A 269 17.25 13.92 -14.71
N ILE A 270 17.05 13.09 -15.73
CA ILE A 270 17.42 11.69 -15.74
C ILE A 270 18.92 11.53 -15.44
N LYS A 271 19.76 12.40 -16.00
CA LYS A 271 21.22 12.42 -15.78
C LYS A 271 21.63 12.62 -14.32
N VAL A 272 20.71 12.93 -13.40
CA VAL A 272 21.03 13.26 -12.01
C VAL A 272 20.11 12.48 -11.07
N GLN A 273 18.80 12.58 -11.26
CA GLN A 273 17.81 12.07 -10.32
C GLN A 273 17.72 10.55 -10.34
N ILE A 274 18.05 9.90 -11.46
CA ILE A 274 18.15 8.45 -11.50
C ILE A 274 19.21 7.98 -10.50
N SER A 275 20.41 8.55 -10.59
CA SER A 275 21.55 8.09 -9.80
C SER A 275 21.31 8.24 -8.30
N LYS A 276 20.53 9.26 -7.90
CA LYS A 276 20.24 9.55 -6.51
C LYS A 276 19.23 8.59 -5.87
N ILE A 277 18.45 7.80 -6.63
CA ILE A 277 17.33 7.05 -6.07
C ILE A 277 17.31 5.63 -6.68
N PRO A 278 17.37 4.55 -5.86
CA PRO A 278 17.54 3.20 -6.37
C PRO A 278 16.31 2.65 -7.11
N ILE A 279 15.09 3.06 -6.74
CA ILE A 279 13.90 2.67 -7.50
C ILE A 279 13.97 3.25 -8.91
N LEU A 280 14.39 4.51 -9.07
CA LEU A 280 14.52 5.12 -10.38
C LEU A 280 15.60 4.40 -11.19
N ALA A 281 16.74 4.09 -10.56
CA ALA A 281 17.84 3.36 -11.20
C ALA A 281 17.39 2.02 -11.78
N GLN A 282 16.43 1.34 -11.14
CA GLN A 282 15.91 0.06 -11.62
C GLN A 282 15.07 0.19 -12.89
N HIS A 283 14.51 1.37 -13.20
CA HIS A 283 13.54 1.55 -14.29
C HIS A 283 13.95 2.56 -15.36
N GLU A 284 15.11 3.24 -15.24
CA GLU A 284 15.60 4.23 -16.20
C GLU A 284 15.44 3.75 -17.65
N SER A 285 15.92 2.53 -17.93
CA SER A 285 15.94 1.96 -19.26
C SER A 285 14.54 1.62 -19.81
N PHE A 286 13.49 1.70 -18.98
CA PHE A 286 12.11 1.61 -19.41
C PHE A 286 11.53 3.02 -19.58
N LEU A 287 11.78 3.98 -18.67
CA LEU A 287 11.28 5.35 -18.79
C LEU A 287 11.67 5.97 -20.13
N ARG A 288 12.90 5.71 -20.61
CA ARG A 288 13.37 6.19 -21.91
C ARG A 288 12.49 5.71 -23.08
N GLN A 289 11.87 4.54 -22.95
CA GLN A 289 10.88 4.06 -23.90
C GLN A 289 9.51 4.65 -23.60
N LYS A 290 9.11 4.71 -22.32
CA LYS A 290 7.78 5.18 -21.92
C LYS A 290 7.52 6.60 -22.44
N ILE A 291 8.51 7.49 -22.40
CA ILE A 291 8.38 8.83 -22.98
C ILE A 291 8.08 8.76 -24.48
N CYS A 292 8.75 7.89 -25.23
CA CYS A 292 8.58 7.80 -26.68
C CYS A 292 7.22 7.16 -27.01
N LEU A 293 6.87 6.07 -26.32
CA LEU A 293 5.56 5.41 -26.41
C LEU A 293 4.49 6.48 -26.21
N MET A 294 4.55 7.23 -25.09
CA MET A 294 3.51 8.16 -24.72
C MET A 294 3.47 9.40 -25.60
N THR A 295 4.60 9.84 -26.16
CA THR A 295 4.61 10.99 -27.07
C THR A 295 3.76 10.63 -28.30
N LEU A 296 3.95 9.44 -28.85
CA LEU A 296 3.15 9.00 -29.98
C LEU A 296 1.70 8.82 -29.59
N ILE A 297 1.42 8.17 -28.45
CA ILE A 297 0.06 7.85 -28.04
C ILE A 297 -0.71 9.15 -27.81
N GLU A 298 -0.10 10.17 -27.20
CA GLU A 298 -0.69 11.49 -27.05
C GLU A 298 -1.00 12.07 -28.43
N THR A 299 -0.03 12.03 -29.36
CA THR A 299 -0.20 12.59 -30.69
C THR A 299 -1.38 11.93 -31.41
N VAL A 300 -1.42 10.60 -31.44
CA VAL A 300 -2.44 9.82 -32.12
C VAL A 300 -3.81 10.11 -31.50
N PHE A 301 -3.92 10.15 -30.17
CA PHE A 301 -5.19 10.30 -29.49
C PHE A 301 -5.70 11.74 -29.61
N VAL A 302 -4.89 12.73 -29.23
CA VAL A 302 -5.30 14.13 -29.15
C VAL A 302 -5.56 14.68 -30.56
N LYS A 303 -4.62 14.47 -31.49
CA LYS A 303 -4.72 15.00 -32.84
C LYS A 303 -5.60 14.12 -33.75
N ASN A 304 -6.12 13.00 -33.23
CA ASN A 304 -6.87 11.97 -33.95
C ASN A 304 -6.20 11.58 -35.27
N ILE A 305 -5.11 10.81 -35.19
CA ILE A 305 -4.31 10.40 -36.34
C ILE A 305 -4.23 8.87 -36.32
N ARG A 306 -5.23 8.21 -36.89
CA ARG A 306 -5.30 6.75 -36.94
C ARG A 306 -4.18 6.11 -37.78
N MET A 307 -3.58 6.82 -38.74
CA MET A 307 -2.60 6.24 -39.65
C MET A 307 -1.41 7.18 -39.76
N LEU A 308 -0.19 6.66 -39.60
CA LEU A 308 1.05 7.43 -39.57
C LEU A 308 2.14 6.65 -40.32
N SER A 309 3.18 7.36 -40.74
CA SER A 309 4.35 6.77 -41.38
C SER A 309 5.43 6.54 -40.33
N PHE A 310 6.35 5.61 -40.59
CA PHE A 310 7.55 5.43 -39.77
C PHE A 310 8.31 6.76 -39.71
N GLU A 311 8.34 7.52 -40.81
CA GLU A 311 9.03 8.80 -40.87
C GLU A 311 8.49 9.76 -39.81
N ASP A 312 7.17 9.96 -39.77
CA ASP A 312 6.60 10.96 -38.88
C ASP A 312 6.59 10.48 -37.43
N ILE A 313 6.45 9.17 -37.19
CA ILE A 313 6.66 8.61 -35.86
C ILE A 313 8.12 8.84 -35.46
N SER A 314 9.10 8.68 -36.36
CA SER A 314 10.51 8.95 -36.05
C SER A 314 10.72 10.43 -35.73
N LYS A 315 10.02 11.35 -36.39
CA LYS A 315 10.06 12.77 -36.05
C LYS A 315 9.60 12.97 -34.60
N ALA A 316 8.49 12.33 -34.23
CA ALA A 316 7.85 12.51 -32.94
C ALA A 316 8.64 11.86 -31.80
N THR A 317 9.15 10.65 -32.02
CA THR A 317 9.80 9.83 -31.00
C THR A 317 11.29 10.18 -30.87
N HIS A 318 11.87 10.72 -31.94
CA HIS A 318 13.30 10.95 -32.12
C HIS A 318 14.09 9.62 -32.12
N LEU A 319 13.47 8.53 -32.60
CA LEU A 319 14.11 7.25 -32.85
C LEU A 319 14.25 7.08 -34.36
N PRO A 320 15.32 6.43 -34.87
CA PRO A 320 15.53 6.30 -36.31
C PRO A 320 14.49 5.36 -36.93
N LYS A 321 14.23 5.50 -38.23
CA LYS A 321 13.17 4.75 -38.91
C LYS A 321 13.42 3.24 -38.83
N ASP A 322 14.67 2.81 -38.68
CA ASP A 322 15.05 1.40 -38.59
C ASP A 322 14.71 0.78 -37.23
N ASN A 323 14.43 1.60 -36.22
CA ASN A 323 14.20 1.16 -34.84
C ASN A 323 12.78 1.48 -34.39
N VAL A 324 12.12 2.45 -35.02
CA VAL A 324 10.85 3.00 -34.54
C VAL A 324 9.74 1.95 -34.53
N GLU A 325 9.81 0.93 -35.40
CA GLU A 325 8.87 -0.18 -35.38
C GLU A 325 8.90 -0.90 -34.02
N HIS A 326 10.08 -1.07 -33.42
CA HIS A 326 10.21 -1.75 -32.14
C HIS A 326 9.58 -0.94 -31.00
N LEU A 327 9.48 0.39 -31.14
CA LEU A 327 8.81 1.23 -30.17
C LEU A 327 7.31 0.98 -30.26
N VAL A 328 6.73 1.12 -31.45
CA VAL A 328 5.28 1.06 -31.58
C VAL A 328 4.75 -0.37 -31.38
N MET A 329 5.52 -1.39 -31.75
CA MET A 329 5.13 -2.77 -31.53
C MET A 329 5.07 -3.08 -30.04
N ARG A 330 5.92 -2.44 -29.22
CA ARG A 330 5.81 -2.55 -27.76
C ARG A 330 4.50 -1.95 -27.29
N ALA A 331 4.06 -0.81 -27.86
CA ALA A 331 2.79 -0.21 -27.47
C ALA A 331 1.62 -1.18 -27.70
N ILE A 332 1.61 -1.87 -28.84
CA ILE A 332 0.62 -2.89 -29.14
C ILE A 332 0.76 -4.06 -28.16
N SER A 333 1.98 -4.48 -27.87
CA SER A 333 2.27 -5.62 -26.99
C SER A 333 1.82 -5.35 -25.55
N LEU A 334 1.94 -4.10 -25.07
CA LEU A 334 1.43 -3.68 -23.77
C LEU A 334 -0.11 -3.61 -23.74
N GLY A 335 -0.79 -3.81 -24.87
CA GLY A 335 -2.24 -3.86 -24.96
C GLY A 335 -2.90 -2.48 -24.88
N LEU A 336 -2.14 -1.42 -25.18
CA LEU A 336 -2.56 -0.04 -24.95
C LEU A 336 -3.50 0.46 -26.04
N LEU A 337 -3.48 -0.15 -27.21
CA LEU A 337 -4.15 0.35 -28.39
C LEU A 337 -4.39 -0.81 -29.33
N LYS A 338 -5.55 -0.81 -29.98
CA LYS A 338 -5.83 -1.73 -31.06
C LYS A 338 -5.16 -1.10 -32.27
N GLY A 339 -4.23 -1.81 -32.90
CA GLY A 339 -3.57 -1.33 -34.11
C GLY A 339 -2.74 -2.44 -34.73
N SER A 340 -2.16 -2.13 -35.89
CA SER A 340 -1.35 -3.04 -36.69
C SER A 340 -0.21 -2.23 -37.31
N ILE A 341 0.91 -2.90 -37.57
CA ILE A 341 2.08 -2.34 -38.23
C ILE A 341 2.00 -2.79 -39.68
N ASP A 342 2.41 -1.91 -40.61
CA ASP A 342 2.41 -2.14 -42.04
C ASP A 342 3.81 -1.81 -42.57
N GLN A 343 4.79 -2.50 -41.99
CA GLN A 343 6.22 -2.34 -42.23
C GLN A 343 6.59 -2.45 -43.70
N VAL A 344 5.82 -3.21 -44.49
CA VAL A 344 5.97 -3.33 -45.94
C VAL A 344 5.95 -1.94 -46.59
N ASN A 345 5.08 -1.05 -46.11
CA ASN A 345 4.92 0.30 -46.64
C ASN A 345 5.58 1.34 -45.71
N GLU A 346 6.22 0.88 -44.63
CA GLU A 346 6.73 1.71 -43.54
C GLU A 346 5.62 2.61 -42.96
N LEU A 347 4.44 2.02 -42.72
CA LEU A 347 3.27 2.69 -42.16
C LEU A 347 2.81 1.97 -40.89
N VAL A 348 1.94 2.61 -40.13
CA VAL A 348 1.30 2.08 -38.93
C VAL A 348 -0.17 2.53 -38.98
N THR A 349 -1.08 1.66 -38.53
CA THR A 349 -2.52 1.91 -38.54
C THR A 349 -3.07 1.51 -37.16
N ILE A 350 -3.33 2.51 -36.33
CA ILE A 350 -4.04 2.38 -35.06
C ILE A 350 -5.55 2.35 -35.40
N SER A 351 -6.37 1.92 -34.44
CA SER A 351 -7.83 1.97 -34.53
C SER A 351 -8.47 2.50 -33.23
N TRP A 352 -7.95 2.18 -32.04
CA TRP A 352 -8.50 2.58 -30.75
C TRP A 352 -7.36 2.64 -29.74
N VAL A 353 -7.51 3.42 -28.67
CA VAL A 353 -6.49 3.64 -27.65
C VAL A 353 -7.18 3.62 -26.27
N GLN A 354 -6.48 3.06 -25.27
CA GLN A 354 -6.88 3.01 -23.87
C GLN A 354 -7.22 4.44 -23.36
N PRO A 355 -8.27 4.61 -22.53
CA PRO A 355 -8.74 5.92 -22.09
C PRO A 355 -7.83 6.61 -21.06
N ARG A 356 -6.98 5.85 -20.37
CA ARG A 356 -6.05 6.35 -19.35
C ARG A 356 -4.65 5.86 -19.65
N MET A 1 -4.44 -6.76 48.37
CA MET A 1 -5.74 -7.30 47.91
C MET A 1 -5.99 -6.89 46.45
N PHE A 2 -6.76 -7.71 45.71
CA PHE A 2 -7.15 -7.46 44.32
C PHE A 2 -8.61 -7.89 44.13
N ASN A 3 -9.18 -7.56 42.97
CA ASN A 3 -10.51 -7.96 42.52
C ASN A 3 -10.73 -9.48 42.61
N ASN A 4 -9.68 -10.29 42.38
CA ASN A 4 -9.72 -11.74 42.51
C ASN A 4 -8.32 -12.20 42.95
N HIS A 5 -8.23 -13.19 43.84
CA HIS A 5 -6.96 -13.75 44.30
C HIS A 5 -6.13 -14.36 43.15
N GLU A 6 -6.77 -14.72 42.04
CA GLU A 6 -6.08 -15.11 40.81
C GLU A 6 -5.08 -14.05 40.37
N ILE A 7 -5.35 -12.77 40.64
CA ILE A 7 -4.49 -11.68 40.22
C ILE A 7 -3.27 -11.59 41.15
N ASP A 8 -3.44 -11.81 42.46
CA ASP A 8 -2.29 -11.91 43.38
C ASP A 8 -1.37 -13.05 42.93
N THR A 9 -1.97 -14.18 42.57
CA THR A 9 -1.31 -15.31 41.96
C THR A 9 -0.53 -14.88 40.71
N ILE A 10 -1.16 -14.21 39.75
CA ILE A 10 -0.53 -13.97 38.46
C ILE A 10 0.56 -12.91 38.59
N LEU A 11 0.38 -11.86 39.40
CA LEU A 11 1.41 -10.85 39.60
C LEU A 11 2.64 -11.49 40.25
N SER A 12 2.43 -12.35 41.24
CA SER A 12 3.52 -13.07 41.89
C SER A 12 4.25 -13.97 40.89
N THR A 13 3.50 -14.69 40.05
CA THR A 13 4.10 -15.58 39.07
C THR A 13 4.88 -14.77 38.03
N LEU A 14 4.30 -13.70 37.51
CA LEU A 14 4.96 -12.87 36.52
C LEU A 14 6.24 -12.27 37.10
N ARG A 15 6.25 -11.86 38.37
CA ARG A 15 7.48 -11.39 39.02
C ARG A 15 8.54 -12.48 39.10
N MET A 16 8.21 -13.72 39.48
CA MET A 16 9.23 -14.78 39.54
C MET A 16 9.74 -15.17 38.15
N GLU A 17 8.89 -15.10 37.11
CA GLU A 17 9.25 -15.46 35.75
C GLU A 17 10.05 -14.35 35.06
N ALA A 18 9.70 -13.08 35.32
CA ALA A 18 10.27 -11.89 34.69
C ALA A 18 11.72 -11.62 35.12
N ASP A 19 12.34 -10.76 34.32
CA ASP A 19 13.63 -10.15 34.59
C ASP A 19 13.36 -8.92 35.46
N PRO A 20 14.16 -8.63 36.51
CA PRO A 20 13.98 -7.45 37.36
C PRO A 20 13.77 -6.13 36.60
N SER A 21 14.35 -5.98 35.40
CA SER A 21 14.21 -4.80 34.56
C SER A 21 12.74 -4.51 34.21
N LEU A 22 11.88 -5.53 34.18
CA LEU A 22 10.46 -5.38 33.84
C LEU A 22 9.62 -4.97 35.06
N HIS A 23 10.15 -5.13 36.28
CA HIS A 23 9.36 -4.97 37.49
C HIS A 23 8.81 -3.55 37.72
N PRO A 24 9.55 -2.45 37.51
CA PRO A 24 9.03 -1.09 37.68
C PRO A 24 7.87 -0.76 36.73
N LEU A 25 7.91 -1.31 35.50
CA LEU A 25 6.82 -1.17 34.56
C LEU A 25 5.61 -1.95 35.07
N PHE A 26 5.83 -3.14 35.63
CA PHE A 26 4.75 -3.90 36.24
C PHE A 26 4.18 -3.24 37.50
N GLU A 27 4.91 -2.36 38.21
CA GLU A 27 4.34 -1.64 39.35
C GLU A 27 3.19 -0.72 38.89
N GLN A 28 3.36 -0.05 37.75
CA GLN A 28 2.36 0.88 37.22
C GLN A 28 1.14 0.09 36.76
N PHE A 29 1.37 -1.00 36.03
CA PHE A 29 0.36 -1.96 35.61
C PHE A 29 -0.42 -2.50 36.81
N GLU A 30 0.27 -2.90 37.88
CA GLU A 30 -0.32 -3.45 39.09
C GLU A 30 -1.25 -2.41 39.70
N LYS A 31 -0.75 -1.19 39.91
CA LYS A 31 -1.51 -0.09 40.50
C LYS A 31 -2.78 0.13 39.68
N PHE A 32 -2.65 0.20 38.35
CA PHE A 32 -3.79 0.50 37.49
C PHE A 32 -4.84 -0.60 37.54
N TYR A 33 -4.49 -1.90 37.54
CA TYR A 33 -5.52 -2.92 37.72
C TYR A 33 -6.12 -2.83 39.12
N GLU A 34 -5.30 -2.64 40.16
CA GLU A 34 -5.72 -2.64 41.56
C GLU A 34 -6.82 -1.60 41.82
N GLU A 35 -6.79 -0.47 41.10
CA GLU A 35 -7.75 0.63 41.27
C GLU A 35 -8.60 0.84 40.00
N LYS A 36 -8.69 -0.19 39.14
CA LYS A 36 -9.62 -0.26 38.00
C LYS A 36 -9.40 0.86 36.96
N LEU A 37 -8.15 1.26 36.73
CA LEU A 37 -7.76 2.18 35.66
C LEU A 37 -7.42 1.38 34.41
N TRP A 38 -8.38 0.61 33.88
CA TRP A 38 -8.23 -0.17 32.64
C TRP A 38 -7.52 0.62 31.53
N PHE A 39 -7.89 1.90 31.38
CA PHE A 39 -7.44 2.78 30.31
C PHE A 39 -5.99 3.28 30.47
N GLN A 40 -5.32 2.91 31.57
CA GLN A 40 -3.90 3.16 31.81
C GLN A 40 -3.15 1.83 31.92
N LEU A 41 -3.82 0.80 32.44
CA LEU A 41 -3.36 -0.58 32.43
C LEU A 41 -3.06 -1.03 31.00
N SER A 42 -3.90 -0.66 30.03
CA SER A 42 -3.72 -0.94 28.61
C SER A 42 -2.41 -0.36 28.08
N GLU A 43 -2.05 0.84 28.55
CA GLU A 43 -0.89 1.57 28.06
C GLU A 43 0.36 0.96 28.67
N SER A 44 0.26 0.53 29.93
CA SER A 44 1.34 -0.20 30.60
C SER A 44 1.64 -1.51 29.85
N LEU A 45 0.61 -2.28 29.46
CA LEU A 45 0.78 -3.45 28.61
C LEU A 45 1.34 -3.08 27.24
N THR A 46 0.94 -1.95 26.65
CA THR A 46 1.49 -1.50 25.38
C THR A 46 3.00 -1.22 25.52
N LYS A 47 3.40 -0.50 26.58
CA LYS A 47 4.79 -0.16 26.88
C LYS A 47 5.62 -1.40 27.21
N PHE A 48 4.99 -2.53 27.57
CA PHE A 48 5.71 -3.73 27.98
C PHE A 48 6.74 -4.16 26.92
N PHE A 49 6.40 -4.03 25.64
CA PHE A 49 7.25 -4.44 24.52
C PHE A 49 8.39 -3.44 24.22
N ASP A 50 8.73 -2.54 25.15
CA ASP A 50 9.88 -1.65 25.04
C ASP A 50 11.19 -2.42 24.82
N ASP A 51 11.24 -3.69 25.23
CA ASP A 51 12.31 -4.63 24.92
C ASP A 51 11.67 -6.02 24.73
N ALA A 52 12.28 -6.87 23.90
CA ALA A 52 11.77 -8.21 23.63
C ALA A 52 11.76 -9.12 24.87
N LYS A 53 12.49 -8.78 25.95
CA LYS A 53 12.48 -9.53 27.22
C LYS A 53 11.06 -9.82 27.68
N SER A 54 10.18 -8.83 27.55
CA SER A 54 8.82 -8.87 28.03
C SER A 54 7.88 -9.61 27.07
N THR A 55 8.20 -9.64 25.78
CA THR A 55 7.34 -10.09 24.71
C THR A 55 6.83 -11.55 24.87
N PRO A 56 7.64 -12.63 24.77
CA PRO A 56 7.17 -13.97 25.12
C PRO A 56 6.73 -14.11 26.57
N LEU A 57 7.38 -13.37 27.49
CA LEU A 57 7.17 -13.50 28.93
C LEU A 57 5.71 -13.22 29.28
N ARG A 58 5.12 -12.20 28.66
CA ARG A 58 3.71 -11.82 28.82
C ARG A 58 2.73 -12.95 28.47
N LEU A 59 3.13 -13.92 27.64
CA LEU A 59 2.19 -14.90 27.09
C LEU A 59 1.50 -15.74 28.17
N ARG A 60 2.12 -15.95 29.34
CA ARG A 60 1.45 -16.63 30.46
C ARG A 60 0.30 -15.79 31.01
N LEU A 61 0.52 -14.47 31.16
CA LEU A 61 -0.38 -13.55 31.83
C LEU A 61 -1.73 -13.50 31.11
N TYR A 62 -1.67 -13.41 29.78
CA TYR A 62 -2.79 -13.12 28.90
C TYR A 62 -4.06 -13.95 29.19
N ASP A 63 -3.89 -15.26 29.31
CA ASP A 63 -5.00 -16.22 29.36
C ASP A 63 -5.93 -16.01 30.55
N ASN A 64 -5.42 -15.41 31.63
CA ASN A 64 -6.10 -15.32 32.91
C ASN A 64 -5.97 -13.90 33.48
N PHE A 65 -5.93 -12.89 32.60
CA PHE A 65 -5.82 -11.51 33.03
C PHE A 65 -6.54 -10.61 32.02
N VAL A 66 -5.99 -10.40 30.81
CA VAL A 66 -6.60 -9.52 29.81
C VAL A 66 -7.98 -10.06 29.41
N SER A 67 -8.15 -11.39 29.43
CA SER A 67 -9.40 -12.09 29.25
C SER A 67 -10.54 -11.56 30.14
N LYS A 68 -10.22 -11.10 31.36
CA LYS A 68 -11.21 -10.61 32.32
C LYS A 68 -11.71 -9.21 31.96
N PHE A 69 -11.09 -8.50 31.01
CA PHE A 69 -11.46 -7.15 30.61
C PHE A 69 -11.35 -6.97 29.08
N TYR A 70 -11.57 -8.04 28.31
CA TYR A 70 -11.73 -7.94 26.86
C TYR A 70 -12.87 -6.97 26.56
N ASP A 71 -12.74 -6.20 25.47
CA ASP A 71 -13.67 -5.16 24.99
C ASP A 71 -13.89 -3.97 25.95
N LYS A 72 -13.55 -4.10 27.24
CA LYS A 72 -13.51 -2.98 28.20
C LYS A 72 -12.46 -1.96 27.75
N ILE A 73 -11.44 -2.42 27.02
CA ILE A 73 -10.45 -1.63 26.31
C ILE A 73 -10.44 -2.09 24.85
N ASN A 74 -9.82 -1.27 23.99
CA ASN A 74 -9.79 -1.45 22.54
C ASN A 74 -9.34 -2.87 22.17
N GLN A 75 -10.14 -3.58 21.37
CA GLN A 75 -9.86 -4.98 21.01
C GLN A 75 -8.56 -5.09 20.21
N LEU A 76 -8.24 -4.11 19.35
CA LEU A 76 -6.95 -4.12 18.66
C LEU A 76 -5.81 -4.06 19.68
N SER A 77 -5.94 -3.35 20.80
CA SER A 77 -4.93 -3.41 21.86
C SER A 77 -4.86 -4.82 22.45
N VAL A 78 -6.00 -5.43 22.80
CA VAL A 78 -5.96 -6.73 23.47
C VAL A 78 -5.35 -7.80 22.57
N VAL A 79 -5.64 -7.80 21.26
CA VAL A 79 -5.01 -8.76 20.36
C VAL A 79 -3.61 -8.28 19.99
N LYS A 80 -3.30 -6.98 19.93
CA LYS A 80 -1.93 -6.51 19.67
C LYS A 80 -0.97 -7.04 20.72
N TYR A 81 -1.41 -7.21 21.98
CA TYR A 81 -0.53 -7.81 22.97
C TYR A 81 -0.16 -9.24 22.54
N LEU A 82 -1.14 -10.01 22.07
CA LEU A 82 -0.94 -11.36 21.55
C LEU A 82 -0.09 -11.34 20.28
N LEU A 83 -0.29 -10.35 19.39
CA LEU A 83 0.51 -10.19 18.19
C LEU A 83 1.98 -10.11 18.58
N ALA A 84 2.38 -9.29 19.57
CA ALA A 84 3.79 -9.14 19.88
C ALA A 84 4.40 -10.50 20.27
N SER A 85 3.76 -11.22 21.19
CA SER A 85 4.29 -12.49 21.65
C SER A 85 4.37 -13.52 20.51
N LEU A 86 3.37 -13.57 19.61
CA LEU A 86 3.41 -14.52 18.50
C LEU A 86 4.40 -14.08 17.41
N LYS A 87 4.58 -12.77 17.18
CA LYS A 87 5.55 -12.27 16.21
C LYS A 87 6.97 -12.65 16.64
N ASP A 88 7.25 -12.77 17.94
CA ASP A 88 8.59 -13.16 18.38
C ASP A 88 8.87 -14.65 18.19
N SER A 89 7.84 -15.49 18.06
CA SER A 89 8.01 -16.91 17.78
C SER A 89 8.74 -17.11 16.44
N LYS A 90 9.50 -18.20 16.33
CA LYS A 90 10.36 -18.48 15.17
C LYS A 90 9.57 -19.21 14.07
N ASP A 91 8.26 -18.97 14.03
CA ASP A 91 7.27 -19.63 13.18
C ASP A 91 6.05 -18.69 13.10
N PHE A 92 5.18 -18.90 12.10
CA PHE A 92 3.93 -18.14 11.94
C PHE A 92 2.71 -19.05 11.76
N ASP A 93 2.87 -20.38 11.67
CA ASP A 93 1.73 -21.29 11.56
C ASP A 93 0.99 -21.39 12.90
N GLU A 94 1.72 -21.37 14.02
CA GLU A 94 1.10 -21.24 15.34
C GLU A 94 0.42 -19.87 15.44
N SER A 95 1.08 -18.81 14.97
CA SER A 95 0.54 -17.46 15.02
C SER A 95 -0.78 -17.34 14.26
N LEU A 96 -0.91 -18.02 13.12
CA LEU A 96 -2.14 -18.11 12.37
C LEU A 96 -3.26 -18.65 13.25
N LYS A 97 -3.05 -19.81 13.89
CA LYS A 97 -4.08 -20.40 14.72
C LYS A 97 -4.39 -19.51 15.92
N TYR A 98 -3.37 -18.92 16.56
CA TYR A 98 -3.59 -18.03 17.68
C TYR A 98 -4.41 -16.81 17.29
N LEU A 99 -4.18 -16.18 16.14
CA LEU A 99 -4.82 -14.89 15.89
C LEU A 99 -6.14 -15.14 15.19
N ASP A 100 -6.32 -16.28 14.51
CA ASP A 100 -7.61 -16.70 14.01
C ASP A 100 -8.51 -17.10 15.18
N ASP A 101 -7.98 -17.77 16.22
CA ASP A 101 -8.79 -18.17 17.37
C ASP A 101 -9.24 -16.95 18.17
N LEU A 102 -8.32 -16.00 18.41
CA LEU A 102 -8.65 -14.79 19.15
C LEU A 102 -9.64 -13.94 18.35
N LYS A 103 -9.45 -13.81 17.02
CA LYS A 103 -10.43 -13.14 16.17
C LYS A 103 -11.77 -13.86 16.25
N ALA A 104 -11.82 -15.20 16.18
CA ALA A 104 -13.06 -15.94 16.18
C ALA A 104 -13.85 -15.67 17.47
N GLN A 105 -13.20 -15.62 18.62
CA GLN A 105 -13.86 -15.29 19.88
C GLN A 105 -14.53 -13.91 19.80
N PHE A 106 -13.89 -12.93 19.16
CA PHE A 106 -14.52 -11.64 18.95
C PHE A 106 -15.59 -11.68 17.86
N GLN A 107 -15.47 -12.52 16.82
CA GLN A 107 -16.53 -12.72 15.83
C GLN A 107 -17.79 -13.31 16.49
N GLU A 108 -17.64 -14.15 17.51
CA GLU A 108 -18.77 -14.76 18.21
C GLU A 108 -19.53 -13.68 18.95
N LEU A 109 -18.82 -12.82 19.70
CA LEU A 109 -19.41 -11.67 20.37
C LEU A 109 -20.03 -10.72 19.34
N ASP A 110 -19.33 -10.47 18.25
CA ASP A 110 -19.76 -9.56 17.20
C ASP A 110 -21.00 -10.05 16.47
N SER A 111 -21.23 -11.36 16.42
CA SER A 111 -22.45 -11.95 15.88
C SER A 111 -23.55 -11.92 16.95
N LYS A 112 -23.23 -12.22 18.21
CA LYS A 112 -24.22 -12.30 19.30
C LYS A 112 -24.91 -10.97 19.53
N LYS A 113 -24.20 -9.84 19.37
CA LYS A 113 -24.78 -8.50 19.54
C LYS A 113 -25.72 -8.08 18.41
N GLN A 114 -25.98 -8.93 17.41
CA GLN A 114 -26.82 -8.66 16.24
C GLN A 114 -27.54 -9.95 15.86
N ARG A 115 -28.06 -10.02 14.62
CA ARG A 115 -28.58 -11.25 14.02
C ARG A 115 -27.52 -12.34 14.16
N ASN A 116 -27.84 -13.43 14.88
CA ASN A 116 -26.86 -14.46 15.26
C ASN A 116 -26.37 -15.31 14.07
N ASN A 117 -26.98 -15.17 12.89
CA ASN A 117 -26.60 -15.86 11.66
C ASN A 117 -26.83 -14.90 10.50
N GLY A 118 -26.06 -15.03 9.42
CA GLY A 118 -26.03 -14.05 8.34
C GLY A 118 -25.56 -12.67 8.83
N SER A 119 -24.76 -12.64 9.90
CA SER A 119 -24.28 -11.44 10.57
C SER A 119 -23.49 -10.55 9.59
N LYS A 120 -23.58 -9.23 9.78
CA LYS A 120 -22.93 -8.26 8.91
C LYS A 120 -21.41 -8.42 8.93
N ASP A 121 -20.76 -8.09 7.81
CA ASP A 121 -19.29 -8.05 7.70
C ASP A 121 -18.71 -6.71 8.20
N HIS A 122 -19.57 -5.76 8.57
CA HIS A 122 -19.19 -4.43 9.07
C HIS A 122 -18.20 -4.58 10.23
N GLY A 123 -17.02 -3.96 10.11
CA GLY A 123 -16.03 -3.94 11.18
C GLY A 123 -14.76 -3.22 10.73
N ASP A 124 -13.81 -3.09 11.65
CA ASP A 124 -12.48 -2.52 11.40
C ASP A 124 -11.44 -3.16 12.31
N GLY A 125 -11.72 -3.30 13.62
CA GLY A 125 -10.75 -3.81 14.58
C GLY A 125 -10.35 -5.25 14.28
N ILE A 126 -11.33 -6.17 14.31
CA ILE A 126 -11.10 -7.55 13.90
C ILE A 126 -10.79 -7.67 12.41
N LEU A 127 -11.14 -6.68 11.57
CA LEU A 127 -10.78 -6.72 10.16
C LEU A 127 -9.30 -6.39 9.95
N LEU A 128 -8.68 -5.64 10.86
CA LEU A 128 -7.23 -5.42 10.87
C LEU A 128 -6.50 -6.64 11.44
N ILE A 129 -7.07 -7.31 12.45
CA ILE A 129 -6.56 -8.61 12.91
C ILE A 129 -6.62 -9.57 11.71
N ASP A 130 -7.73 -9.57 10.97
CA ASP A 130 -7.92 -10.38 9.78
C ASP A 130 -6.91 -10.04 8.69
N SER A 131 -6.45 -8.80 8.59
CA SER A 131 -5.45 -8.38 7.62
C SER A 131 -4.09 -9.01 7.93
N GLU A 132 -3.69 -9.11 9.20
CA GLU A 132 -2.45 -9.79 9.55
C GLU A 132 -2.60 -11.29 9.34
N ILE A 133 -3.77 -11.86 9.63
CA ILE A 133 -4.07 -13.24 9.29
C ILE A 133 -4.02 -13.42 7.75
N ALA A 134 -4.46 -12.44 6.97
CA ALA A 134 -4.41 -12.49 5.53
C ALA A 134 -2.97 -12.52 5.05
N ARG A 135 -2.08 -11.69 5.59
CA ARG A 135 -0.65 -11.80 5.29
C ARG A 135 -0.15 -13.19 5.65
N THR A 136 -0.54 -13.73 6.79
CA THR A 136 -0.03 -15.01 7.26
C THR A 136 -0.48 -16.15 6.32
N TYR A 137 -1.73 -16.16 5.84
CA TYR A 137 -2.18 -17.11 4.83
C TYR A 137 -1.44 -16.88 3.51
N LEU A 138 -1.36 -15.63 3.05
CA LEU A 138 -0.78 -15.24 1.77
C LEU A 138 0.71 -15.61 1.70
N LEU A 139 1.41 -15.58 2.84
CA LEU A 139 2.82 -15.96 2.95
C LEU A 139 3.05 -17.44 2.63
N LYS A 140 2.06 -18.33 2.85
CA LYS A 140 2.23 -19.75 2.57
C LYS A 140 2.40 -19.99 1.07
N ASN A 141 3.15 -21.03 0.71
CA ASN A 141 3.55 -21.31 -0.67
C ASN A 141 2.37 -21.74 -1.54
N ASP A 142 1.33 -22.35 -0.94
CA ASP A 142 0.21 -22.93 -1.67
C ASP A 142 -0.51 -21.88 -2.53
N LEU A 143 -0.46 -22.07 -3.85
CA LEU A 143 -0.93 -21.08 -4.82
C LEU A 143 -2.44 -20.90 -4.75
N VAL A 144 -3.22 -21.97 -4.66
CA VAL A 144 -4.67 -21.85 -4.69
C VAL A 144 -5.19 -21.24 -3.39
N LYS A 145 -4.59 -21.55 -2.23
CA LYS A 145 -4.93 -20.88 -0.99
C LYS A 145 -4.57 -19.40 -1.08
N ALA A 146 -3.40 -19.05 -1.63
CA ALA A 146 -3.01 -17.65 -1.77
C ALA A 146 -3.98 -16.91 -2.69
N ARG A 147 -4.36 -17.49 -3.82
CA ARG A 147 -5.33 -16.88 -4.75
C ARG A 147 -6.68 -16.72 -4.07
N ASP A 148 -7.16 -17.74 -3.36
CA ASP A 148 -8.46 -17.68 -2.68
C ASP A 148 -8.46 -16.59 -1.61
N LEU A 149 -7.36 -16.46 -0.86
CA LEU A 149 -7.20 -15.41 0.14
C LEU A 149 -7.26 -14.03 -0.54
N LEU A 150 -6.47 -13.84 -1.59
CA LEU A 150 -6.37 -12.56 -2.29
C LEU A 150 -7.75 -12.21 -2.88
N ASP A 151 -8.47 -13.18 -3.43
CA ASP A 151 -9.82 -12.99 -3.96
C ASP A 151 -10.80 -12.53 -2.88
N ASP A 152 -10.75 -13.12 -1.68
CA ASP A 152 -11.62 -12.71 -0.58
C ASP A 152 -11.31 -11.28 -0.13
N LEU A 153 -10.02 -10.91 -0.12
CA LEU A 153 -9.58 -9.55 0.18
C LEU A 153 -10.01 -8.59 -0.92
N GLU A 154 -9.98 -9.00 -2.19
CA GLU A 154 -10.47 -8.20 -3.30
C GLU A 154 -11.95 -7.93 -3.13
N LYS A 155 -12.76 -8.94 -2.76
CA LYS A 155 -14.19 -8.72 -2.56
C LYS A 155 -14.45 -7.89 -1.31
N THR A 156 -13.59 -7.96 -0.29
CA THR A 156 -13.63 -7.06 0.86
C THR A 156 -13.43 -5.61 0.42
N LEU A 157 -12.49 -5.33 -0.48
CA LEU A 157 -12.32 -4.01 -1.07
C LEU A 157 -13.54 -3.62 -1.91
N ASP A 158 -13.99 -4.52 -2.79
CA ASP A 158 -14.97 -4.21 -3.82
C ASP A 158 -16.39 -3.98 -3.29
N LYS A 159 -16.92 -4.85 -2.42
CA LYS A 159 -18.35 -4.80 -2.06
C LYS A 159 -18.74 -5.45 -0.72
N LYS A 160 -17.96 -6.39 -0.18
CA LYS A 160 -18.40 -7.19 0.97
C LYS A 160 -18.66 -6.33 2.20
N ASP A 161 -17.92 -5.22 2.35
CA ASP A 161 -18.20 -4.19 3.35
C ASP A 161 -17.77 -2.83 2.80
N SER A 162 -18.38 -1.76 3.29
CA SER A 162 -18.04 -0.36 3.00
C SER A 162 -16.81 0.04 3.81
N ILE A 163 -15.70 -0.67 3.61
CA ILE A 163 -14.49 -0.59 4.44
C ILE A 163 -13.97 0.87 4.57
N PRO A 164 -13.55 1.31 5.78
CA PRO A 164 -12.92 2.61 5.99
C PRO A 164 -11.47 2.66 5.50
N LEU A 165 -10.84 3.84 5.59
CA LEU A 165 -9.53 4.11 5.01
C LEU A 165 -8.45 3.16 5.51
N ARG A 166 -8.41 2.85 6.81
CA ARG A 166 -7.31 2.08 7.39
C ARG A 166 -7.25 0.68 6.81
N ILE A 167 -8.36 -0.04 6.77
CA ILE A 167 -8.42 -1.35 6.12
C ILE A 167 -8.23 -1.20 4.60
N THR A 168 -8.69 -0.10 3.98
CA THR A 168 -8.46 0.10 2.55
C THR A 168 -6.96 0.16 2.23
N ASN A 169 -6.16 0.85 3.05
CA ASN A 169 -4.70 0.82 2.92
C ASN A 169 -4.14 -0.56 3.28
N SER A 170 -4.67 -1.18 4.34
CA SER A 170 -4.19 -2.49 4.78
C SER A 170 -4.42 -3.57 3.70
N PHE A 171 -5.48 -3.47 2.89
CA PHE A 171 -5.71 -4.39 1.78
C PHE A 171 -4.51 -4.38 0.84
N TYR A 172 -4.03 -3.20 0.44
CA TYR A 172 -2.94 -3.16 -0.52
C TYR A 172 -1.60 -3.54 0.12
N SER A 173 -1.49 -3.60 1.45
CA SER A 173 -0.32 -4.19 2.09
C SER A 173 -0.30 -5.70 1.80
N THR A 174 -1.45 -6.38 1.77
CA THR A 174 -1.51 -7.77 1.33
C THR A 174 -1.21 -7.85 -0.17
N ASN A 175 -1.76 -6.94 -0.99
CA ASN A 175 -1.53 -6.95 -2.44
C ASN A 175 -0.04 -6.83 -2.78
N SER A 176 0.67 -5.92 -2.11
CA SER A 176 2.09 -5.67 -2.35
C SER A 176 2.98 -6.77 -1.74
N GLN A 177 2.48 -7.54 -0.76
CA GLN A 177 3.19 -8.71 -0.25
C GLN A 177 3.14 -9.86 -1.28
N TYR A 178 2.11 -9.91 -2.14
CA TYR A 178 2.03 -10.88 -3.22
C TYR A 178 2.97 -10.51 -4.38
N PHE A 179 2.97 -11.32 -5.44
CA PHE A 179 3.86 -11.26 -6.60
C PHE A 179 5.33 -11.50 -6.20
N LYS A 180 6.24 -11.56 -7.19
CA LYS A 180 7.67 -11.72 -6.94
C LYS A 180 8.19 -10.53 -6.13
N PHE A 181 7.74 -9.31 -6.45
CA PHE A 181 7.97 -8.10 -5.69
C PHE A 181 6.87 -7.06 -5.98
N LYS A 182 6.41 -6.99 -7.23
CA LYS A 182 5.37 -6.09 -7.71
C LYS A 182 4.80 -6.72 -8.99
N ASN A 183 3.53 -6.49 -9.33
CA ASN A 183 2.99 -6.93 -10.62
C ASN A 183 3.62 -6.10 -11.74
N ASP A 184 3.44 -4.78 -11.66
CA ASP A 184 4.08 -3.76 -12.46
C ASP A 184 3.84 -2.42 -11.74
N PHE A 185 4.57 -1.37 -12.07
CA PHE A 185 4.32 -0.07 -11.49
C PHE A 185 2.97 0.53 -11.89
N ASN A 186 2.42 0.24 -13.08
CA ASN A 186 1.11 0.80 -13.47
C ASN A 186 0.00 0.31 -12.53
N SER A 187 0.13 -0.92 -12.05
CA SER A 187 -0.71 -1.49 -11.02
C SER A 187 -0.59 -0.71 -9.70
N PHE A 188 0.64 -0.36 -9.32
CA PHE A 188 0.91 0.39 -8.10
C PHE A 188 0.35 1.81 -8.19
N TYR A 189 0.45 2.42 -9.37
CA TYR A 189 -0.15 3.73 -9.68
C TYR A 189 -1.66 3.66 -9.48
N TYR A 190 -2.33 2.65 -10.06
CA TYR A 190 -3.77 2.51 -9.89
C TYR A 190 -4.15 2.28 -8.42
N THR A 191 -3.39 1.44 -7.72
CA THR A 191 -3.65 1.14 -6.32
C THR A 191 -3.41 2.38 -5.43
N SER A 192 -2.52 3.29 -5.85
CA SER A 192 -2.33 4.57 -5.19
C SER A 192 -3.51 5.51 -5.50
N LEU A 193 -3.95 5.60 -6.76
CA LEU A 193 -5.12 6.42 -7.14
C LEU A 193 -6.37 5.97 -6.38
N LEU A 194 -6.54 4.67 -6.13
CA LEU A 194 -7.63 4.14 -5.33
C LEU A 194 -7.64 4.80 -3.96
N TYR A 195 -6.49 4.82 -3.28
CA TYR A 195 -6.42 5.40 -1.94
C TYR A 195 -6.65 6.91 -1.99
N LEU A 196 -6.16 7.58 -3.03
CA LEU A 196 -6.36 9.02 -3.19
C LEU A 196 -7.82 9.35 -3.49
N SER A 197 -8.53 8.45 -4.18
CA SER A 197 -9.95 8.57 -4.44
C SER A 197 -10.77 8.34 -3.16
N THR A 198 -10.31 7.45 -2.29
CA THR A 198 -10.91 7.13 -1.02
C THR A 198 -10.68 8.29 -0.02
N LEU A 199 -9.52 8.94 -0.09
CA LEU A 199 -9.11 10.04 0.79
C LEU A 199 -9.97 11.29 0.60
N GLU A 200 -9.80 12.21 1.54
CA GLU A 200 -10.41 13.54 1.62
C GLU A 200 -9.32 14.48 2.16
N PRO A 201 -9.52 15.81 2.18
CA PRO A 201 -8.64 16.77 2.86
C PRO A 201 -8.41 16.51 4.37
N SER A 202 -9.18 15.61 4.98
CA SER A 202 -9.16 15.27 6.39
C SER A 202 -7.77 14.85 6.88
N THR A 203 -7.53 14.99 8.19
CA THR A 203 -6.27 14.69 8.86
C THR A 203 -6.01 13.18 9.03
N SER A 204 -6.66 12.33 8.22
CA SER A 204 -6.48 10.88 8.21
C SER A 204 -5.00 10.50 8.05
N ILE A 205 -4.26 11.27 7.26
CA ILE A 205 -2.82 11.27 7.11
C ILE A 205 -2.42 12.75 6.91
N THR A 206 -1.12 13.05 7.05
CA THR A 206 -0.60 14.41 7.06
C THR A 206 -0.37 14.95 5.65
N LEU A 207 0.08 16.21 5.53
CA LEU A 207 0.54 16.75 4.25
C LEU A 207 1.84 16.04 3.85
N ALA A 208 2.70 15.67 4.81
CA ALA A 208 3.94 14.94 4.51
C ALA A 208 3.63 13.57 3.90
N GLU A 209 2.61 12.87 4.41
CA GLU A 209 2.15 11.61 3.83
C GLU A 209 1.60 11.86 2.42
N ARG A 210 0.85 12.95 2.18
CA ARG A 210 0.40 13.29 0.83
C ARG A 210 1.58 13.55 -0.10
N GLN A 211 2.64 14.25 0.35
CA GLN A 211 3.82 14.48 -0.47
C GLN A 211 4.44 13.16 -0.88
N GLN A 212 4.63 12.23 0.07
CA GLN A 212 5.21 10.93 -0.22
C GLN A 212 4.29 10.11 -1.14
N LEU A 213 2.97 10.16 -0.96
CA LEU A 213 2.02 9.49 -1.84
C LEU A 213 2.10 10.07 -3.25
N ALA A 214 2.18 11.41 -3.41
CA ALA A 214 2.33 12.06 -4.71
C ALA A 214 3.63 11.63 -5.39
N TYR A 215 4.74 11.58 -4.65
CA TYR A 215 6.03 11.17 -5.20
C TYR A 215 5.96 9.71 -5.65
N ASP A 216 5.47 8.81 -4.79
CA ASP A 216 5.41 7.38 -5.10
C ASP A 216 4.45 7.09 -6.26
N LEU A 217 3.32 7.80 -6.31
CA LEU A 217 2.38 7.79 -7.44
C LEU A 217 3.11 8.22 -8.72
N SER A 218 3.91 9.29 -8.65
CA SER A 218 4.62 9.81 -9.81
C SER A 218 5.66 8.82 -10.32
N ILE A 219 6.44 8.18 -9.44
CA ILE A 219 7.36 7.12 -9.85
C ILE A 219 6.57 5.97 -10.47
N SER A 220 5.44 5.58 -9.87
CA SER A 220 4.63 4.48 -10.35
C SER A 220 4.04 4.77 -11.74
N ALA A 221 3.66 6.02 -12.03
CA ALA A 221 3.26 6.43 -13.37
C ALA A 221 4.48 6.35 -14.31
N LEU A 222 5.56 7.04 -13.94
CA LEU A 222 6.76 7.21 -14.76
C LEU A 222 7.30 5.87 -15.25
N LEU A 223 7.29 4.86 -14.38
CA LEU A 223 7.86 3.54 -14.65
C LEU A 223 6.80 2.51 -15.05
N GLY A 224 5.53 2.91 -15.14
CA GLY A 224 4.43 2.02 -15.51
C GLY A 224 4.56 1.57 -16.96
N ASP A 225 4.35 0.27 -17.20
CA ASP A 225 4.46 -0.34 -18.53
C ASP A 225 3.35 0.11 -19.48
N LYS A 226 2.21 0.57 -18.93
CA LYS A 226 0.97 0.80 -19.69
C LYS A 226 0.43 2.23 -19.61
N ILE A 227 1.16 3.19 -19.02
CA ILE A 227 0.64 4.56 -18.85
C ILE A 227 1.25 5.47 -19.92
N TYR A 228 0.40 6.12 -20.70
CA TYR A 228 0.75 6.96 -21.84
C TYR A 228 -0.06 8.26 -21.83
N ASN A 229 -0.46 8.71 -20.62
CA ASN A 229 -1.16 9.98 -20.41
C ASN A 229 -0.72 10.59 -19.08
N PHE A 230 0.59 10.85 -18.93
CA PHE A 230 1.13 11.55 -17.77
C PHE A 230 0.55 12.96 -17.58
N GLY A 231 -0.19 13.50 -18.57
CA GLY A 231 -0.95 14.72 -18.39
C GLY A 231 -1.90 14.63 -17.19
N GLU A 232 -2.52 13.47 -16.96
CA GLU A 232 -3.41 13.26 -15.83
C GLU A 232 -2.63 13.39 -14.51
N LEU A 233 -1.47 12.71 -14.41
CA LEU A 233 -0.59 12.78 -13.26
C LEU A 233 -0.17 14.23 -13.00
N LEU A 234 0.31 14.91 -14.04
CA LEU A 234 0.88 16.25 -13.95
C LEU A 234 -0.18 17.26 -13.55
N HIS A 235 -1.43 17.06 -13.97
CA HIS A 235 -2.55 17.92 -13.62
C HIS A 235 -3.02 17.67 -12.18
N HIS A 236 -2.96 16.43 -11.70
CA HIS A 236 -3.55 16.00 -10.44
C HIS A 236 -3.11 16.88 -9.25
N PRO A 237 -4.02 17.62 -8.59
CA PRO A 237 -3.70 18.53 -7.48
C PRO A 237 -2.88 17.92 -6.34
N ILE A 238 -2.90 16.59 -6.17
CA ILE A 238 -2.12 15.94 -5.11
C ILE A 238 -0.63 16.30 -5.24
N MET A 239 -0.08 16.44 -6.46
CA MET A 239 1.33 16.77 -6.62
C MET A 239 1.63 18.24 -6.40
N GLU A 240 0.63 19.12 -6.22
CA GLU A 240 0.91 20.52 -5.89
C GLU A 240 1.65 20.62 -4.55
N THR A 241 1.52 19.59 -3.71
CA THR A 241 2.23 19.43 -2.45
C THR A 241 3.75 19.29 -2.63
N ILE A 242 4.26 18.92 -3.82
CA ILE A 242 5.67 18.58 -4.02
C ILE A 242 6.34 19.47 -5.06
N VAL A 243 5.63 19.85 -6.13
CA VAL A 243 6.23 20.62 -7.24
C VAL A 243 6.76 21.98 -6.77
N ASN A 244 6.25 22.49 -5.65
CA ASN A 244 6.64 23.75 -5.03
C ASN A 244 8.04 23.68 -4.37
N ASP A 245 8.69 22.52 -4.29
CA ASP A 245 9.95 22.35 -3.55
C ASP A 245 11.04 21.81 -4.48
N SER A 246 12.21 22.45 -4.46
CA SER A 246 13.38 22.06 -5.23
C SER A 246 13.76 20.58 -5.07
N ASN A 247 13.49 19.96 -3.90
CA ASN A 247 13.80 18.55 -3.67
C ASN A 247 12.97 17.60 -4.54
N TYR A 248 11.89 18.09 -5.19
CA TYR A 248 11.08 17.32 -6.12
C TYR A 248 10.96 18.01 -7.48
N ASP A 249 11.32 19.30 -7.60
CA ASP A 249 11.17 20.06 -8.84
C ASP A 249 11.93 19.45 -10.02
N TRP A 250 13.07 18.80 -9.75
CA TRP A 250 13.83 18.10 -10.77
C TRP A 250 12.99 16.97 -11.39
N LEU A 251 12.25 16.21 -10.56
CA LEU A 251 11.35 15.18 -11.05
C LEU A 251 10.20 15.84 -11.79
N PHE A 252 9.65 16.92 -11.25
CA PHE A 252 8.55 17.62 -11.91
C PHE A 252 8.93 18.06 -13.32
N GLN A 253 10.15 18.60 -13.50
CA GLN A 253 10.64 18.98 -14.81
C GLN A 253 10.81 17.76 -15.72
N LEU A 254 11.31 16.63 -15.21
CA LEU A 254 11.43 15.40 -16.00
C LEU A 254 10.05 14.94 -16.46
N LEU A 255 9.09 14.84 -15.52
CA LEU A 255 7.72 14.42 -15.78
C LEU A 255 7.08 15.36 -16.80
N ASN A 256 7.20 16.67 -16.60
CA ASN A 256 6.67 17.70 -17.47
C ASN A 256 7.23 17.53 -18.88
N ALA A 257 8.56 17.46 -19.03
CA ALA A 257 9.20 17.32 -20.32
C ALA A 257 8.72 16.08 -21.06
N LEU A 258 8.65 14.95 -20.36
CA LEU A 258 8.17 13.69 -20.90
C LEU A 258 6.70 13.80 -21.31
N THR A 259 5.89 14.54 -20.55
CA THR A 259 4.46 14.71 -20.83
C THR A 259 4.29 15.49 -22.13
N VAL A 260 5.01 16.59 -22.30
CA VAL A 260 4.83 17.49 -23.45
C VAL A 260 5.63 17.02 -24.68
N GLY A 261 6.48 16.00 -24.54
CA GLY A 261 7.36 15.53 -25.61
C GLY A 261 8.51 16.51 -25.85
N ASP A 262 9.00 17.18 -24.80
CA ASP A 262 10.21 17.99 -24.87
C ASP A 262 11.40 17.05 -24.66
N PHE A 263 11.76 16.33 -25.72
CA PHE A 263 12.88 15.40 -25.73
C PHE A 263 14.18 16.08 -25.31
N ASP A 264 14.33 17.38 -25.56
CA ASP A 264 15.58 18.07 -25.31
C ASP A 264 15.77 18.33 -23.81
N LYS A 265 14.72 18.79 -23.11
CA LYS A 265 14.75 18.91 -21.65
C LYS A 265 14.80 17.54 -21.01
N PHE A 266 14.03 16.57 -21.52
CA PHE A 266 14.04 15.20 -21.02
C PHE A 266 15.47 14.65 -21.09
N ASP A 267 16.13 14.76 -22.24
CA ASP A 267 17.51 14.32 -22.43
C ASP A 267 18.46 15.06 -21.52
N SER A 268 18.31 16.38 -21.38
CA SER A 268 19.21 17.18 -20.57
C SER A 268 19.12 16.82 -19.08
N LEU A 269 17.95 16.44 -18.59
CA LEU A 269 17.85 15.87 -17.25
C LEU A 269 18.43 14.46 -17.23
N ILE A 270 18.23 13.65 -18.26
CA ILE A 270 18.88 12.34 -18.40
C ILE A 270 20.42 12.45 -18.45
N LYS A 271 20.99 13.58 -18.85
CA LYS A 271 22.43 13.79 -18.76
C LYS A 271 22.93 13.83 -17.30
N VAL A 272 22.05 13.93 -16.29
CA VAL A 272 22.45 14.18 -14.90
C VAL A 272 21.63 13.37 -13.89
N GLN A 273 20.29 13.48 -13.91
CA GLN A 273 19.42 12.95 -12.87
C GLN A 273 19.42 11.42 -12.81
N ILE A 274 19.44 10.73 -13.95
CA ILE A 274 19.53 9.28 -13.92
C ILE A 274 20.83 8.84 -13.28
N SER A 275 21.96 9.47 -13.59
CA SER A 275 23.23 9.10 -12.99
C SER A 275 23.19 9.27 -11.46
N LYS A 276 22.42 10.24 -10.97
CA LYS A 276 22.21 10.47 -9.53
C LYS A 276 21.17 9.51 -8.93
N ILE A 277 20.25 8.93 -9.71
CA ILE A 277 19.10 8.18 -9.21
C ILE A 277 19.03 6.82 -9.92
N PRO A 278 19.40 5.71 -9.26
CA PRO A 278 19.53 4.40 -9.87
C PRO A 278 18.20 3.88 -10.45
N ILE A 279 17.10 4.00 -9.70
CA ILE A 279 15.78 3.50 -10.10
C ILE A 279 15.37 4.09 -11.46
N LEU A 280 15.61 5.37 -11.71
CA LEU A 280 15.25 5.96 -12.98
C LEU A 280 16.21 5.48 -14.07
N ALA A 281 17.51 5.39 -13.76
CA ALA A 281 18.52 4.96 -14.74
C ALA A 281 18.30 3.53 -15.20
N GLN A 282 17.79 2.65 -14.31
CA GLN A 282 17.43 1.28 -14.64
C GLN A 282 16.41 1.22 -15.81
N HIS A 283 15.63 2.28 -16.02
CA HIS A 283 14.60 2.38 -17.04
C HIS A 283 14.97 3.33 -18.19
N GLU A 284 16.19 3.87 -18.24
CA GLU A 284 16.61 4.84 -19.27
C GLU A 284 16.23 4.38 -20.68
N SER A 285 16.55 3.13 -21.02
CA SER A 285 16.34 2.61 -22.36
C SER A 285 14.87 2.34 -22.69
N PHE A 286 13.99 2.29 -21.68
CA PHE A 286 12.55 2.27 -21.89
C PHE A 286 12.07 3.70 -22.05
N LEU A 287 12.35 4.58 -21.09
CA LEU A 287 11.84 5.95 -21.04
C LEU A 287 12.15 6.72 -22.32
N ARG A 288 13.35 6.53 -22.89
CA ARG A 288 13.81 7.24 -24.08
C ARG A 288 12.95 7.02 -25.32
N GLN A 289 12.20 5.92 -25.38
CA GLN A 289 11.20 5.68 -26.42
C GLN A 289 9.78 5.70 -25.87
N LYS A 290 9.57 5.54 -24.56
CA LYS A 290 8.27 5.76 -23.93
C LYS A 290 7.81 7.19 -24.17
N ILE A 291 8.73 8.17 -24.15
CA ILE A 291 8.45 9.54 -24.53
C ILE A 291 7.97 9.63 -25.99
N CYS A 292 8.55 8.86 -26.90
CA CYS A 292 8.20 8.89 -28.32
C CYS A 292 6.83 8.25 -28.55
N LEU A 293 6.61 7.06 -27.96
CA LEU A 293 5.33 6.36 -27.95
C LEU A 293 4.29 7.34 -27.43
N MET A 294 4.50 7.93 -26.25
CA MET A 294 3.51 8.78 -25.60
C MET A 294 3.25 10.07 -26.37
N THR A 295 4.26 10.66 -27.00
CA THR A 295 4.05 11.87 -27.79
C THR A 295 3.04 11.55 -28.90
N LEU A 296 3.21 10.40 -29.56
CA LEU A 296 2.29 9.95 -30.57
C LEU A 296 0.91 9.66 -29.94
N ILE A 297 0.85 8.97 -28.78
CA ILE A 297 -0.42 8.63 -28.13
C ILE A 297 -1.20 9.91 -27.83
N GLU A 298 -0.56 10.90 -27.20
CA GLU A 298 -1.23 12.12 -26.79
C GLU A 298 -1.74 12.86 -28.02
N THR A 299 -0.93 12.96 -29.08
CA THR A 299 -1.35 13.57 -30.33
C THR A 299 -2.58 12.86 -30.90
N VAL A 300 -2.55 11.54 -30.99
CA VAL A 300 -3.65 10.77 -31.54
C VAL A 300 -4.91 10.91 -30.68
N PHE A 301 -4.78 10.91 -29.35
CA PHE A 301 -5.91 11.01 -28.43
C PHE A 301 -6.50 12.41 -28.44
N VAL A 302 -5.70 13.44 -28.18
CA VAL A 302 -6.17 14.82 -28.04
C VAL A 302 -6.73 15.32 -29.38
N LYS A 303 -6.06 15.02 -30.50
CA LYS A 303 -6.49 15.47 -31.82
C LYS A 303 -7.47 14.48 -32.47
N ASN A 304 -7.90 13.44 -31.73
CA ASN A 304 -8.82 12.36 -32.14
C ASN A 304 -8.55 11.86 -33.57
N ILE A 305 -7.30 11.49 -33.82
CA ILE A 305 -6.78 11.17 -35.16
C ILE A 305 -7.32 9.82 -35.61
N ARG A 306 -7.44 9.64 -36.93
CA ARG A 306 -7.72 8.36 -37.58
C ARG A 306 -6.76 8.07 -38.74
N MET A 307 -6.00 9.05 -39.24
CA MET A 307 -4.93 8.82 -40.21
C MET A 307 -3.83 9.84 -39.96
N LEU A 308 -2.57 9.40 -40.07
CA LEU A 308 -1.38 10.18 -39.79
C LEU A 308 -0.28 9.77 -40.79
N SER A 309 0.83 10.50 -40.86
CA SER A 309 1.83 10.31 -41.91
C SER A 309 3.19 10.05 -41.27
N PHE A 310 4.02 9.23 -41.92
CA PHE A 310 5.37 8.91 -41.45
C PHE A 310 6.20 10.18 -41.25
N GLU A 311 6.05 11.15 -42.15
CA GLU A 311 6.75 12.42 -42.07
C GLU A 311 6.40 13.14 -40.78
N ASP A 312 5.11 13.23 -40.44
CA ASP A 312 4.68 13.92 -39.23
C ASP A 312 5.10 13.16 -37.98
N ILE A 313 5.02 11.83 -37.99
CA ILE A 313 5.48 11.00 -36.87
C ILE A 313 6.99 11.17 -36.71
N SER A 314 7.76 11.33 -37.78
CA SER A 314 9.19 11.58 -37.72
C SER A 314 9.42 12.90 -36.97
N LYS A 315 8.62 13.94 -37.23
CA LYS A 315 8.72 15.19 -36.46
C LYS A 315 8.37 14.97 -34.99
N ALA A 316 7.35 14.15 -34.72
CA ALA A 316 6.79 13.90 -33.40
C ALA A 316 7.64 12.94 -32.56
N THR A 317 8.77 12.44 -33.06
CA THR A 317 9.61 11.45 -32.37
C THR A 317 11.11 11.73 -32.55
N HIS A 318 11.46 12.48 -33.60
CA HIS A 318 12.82 12.69 -34.09
C HIS A 318 13.52 11.38 -34.48
N LEU A 319 12.72 10.34 -34.79
CA LEU A 319 13.20 9.11 -35.38
C LEU A 319 13.12 9.32 -36.90
N PRO A 320 14.06 8.81 -37.70
CA PRO A 320 13.97 8.93 -39.14
C PRO A 320 12.76 8.13 -39.62
N LYS A 321 12.15 8.54 -40.74
CA LYS A 321 11.02 7.82 -41.35
C LYS A 321 11.33 6.34 -41.56
N ASP A 322 12.60 6.01 -41.79
CA ASP A 322 13.08 4.64 -41.98
C ASP A 322 12.92 3.76 -40.73
N ASN A 323 12.78 4.36 -39.54
CA ASN A 323 12.69 3.67 -38.26
C ASN A 323 11.33 3.89 -37.58
N VAL A 324 10.59 4.91 -37.99
CA VAL A 324 9.30 5.32 -37.41
C VAL A 324 8.36 4.12 -37.22
N GLU A 325 8.30 3.20 -38.18
CA GLU A 325 7.37 2.07 -38.11
C GLU A 325 7.59 1.25 -36.84
N HIS A 326 8.84 1.07 -36.40
CA HIS A 326 9.16 0.21 -35.26
C HIS A 326 8.67 0.84 -33.95
N LEU A 327 8.55 2.17 -33.89
CA LEU A 327 8.04 2.84 -32.71
C LEU A 327 6.53 2.63 -32.66
N VAL A 328 5.80 2.99 -33.72
CA VAL A 328 4.35 2.92 -33.67
C VAL A 328 3.84 1.48 -33.70
N MET A 329 4.56 0.54 -34.33
CA MET A 329 4.19 -0.87 -34.29
C MET A 329 4.30 -1.41 -32.86
N ARG A 330 5.25 -0.93 -32.06
CA ARG A 330 5.29 -1.27 -30.64
C ARG A 330 4.09 -0.69 -29.92
N ALA A 331 3.65 0.53 -30.25
CA ALA A 331 2.46 1.09 -29.65
C ALA A 331 1.22 0.19 -29.90
N ILE A 332 1.10 -0.35 -31.11
CA ILE A 332 0.05 -1.32 -31.44
C ILE A 332 0.27 -2.61 -30.65
N SER A 333 1.53 -3.09 -30.59
CA SER A 333 1.88 -4.36 -29.94
C SER A 333 1.56 -4.33 -28.44
N LEU A 334 1.80 -3.21 -27.77
CA LEU A 334 1.50 -3.02 -26.36
C LEU A 334 -0.01 -2.87 -26.12
N GLY A 335 -0.84 -2.83 -27.18
CA GLY A 335 -2.28 -2.75 -27.09
C GLY A 335 -2.77 -1.33 -26.75
N LEU A 336 -1.94 -0.30 -26.97
CA LEU A 336 -2.27 1.08 -26.60
C LEU A 336 -3.30 1.66 -27.55
N LEU A 337 -3.39 1.13 -28.77
CA LEU A 337 -4.19 1.70 -29.83
C LEU A 337 -4.47 0.60 -30.83
N LYS A 338 -5.70 0.58 -31.35
CA LYS A 338 -6.08 -0.31 -32.43
C LYS A 338 -5.77 0.47 -33.69
N GLY A 339 -4.86 -0.02 -34.51
CA GLY A 339 -4.51 0.63 -35.76
C GLY A 339 -3.72 -0.30 -36.66
N SER A 340 -3.36 0.21 -37.84
CA SER A 340 -2.58 -0.47 -38.85
C SER A 340 -1.59 0.51 -39.46
N ILE A 341 -0.46 -0.01 -39.95
CA ILE A 341 0.59 0.75 -40.59
C ILE A 341 0.38 0.59 -42.09
N ASP A 342 0.59 1.68 -42.85
CA ASP A 342 0.39 1.75 -44.30
C ASP A 342 1.63 2.41 -44.90
N GLN A 343 2.78 1.85 -44.52
CA GLN A 343 4.11 2.33 -44.89
C GLN A 343 4.31 2.42 -46.41
N VAL A 344 3.62 1.58 -47.18
CA VAL A 344 3.57 1.63 -48.64
C VAL A 344 3.18 3.03 -49.11
N ASN A 345 2.26 3.67 -48.40
CA ASN A 345 1.72 4.99 -48.73
C ASN A 345 2.29 6.06 -47.79
N GLU A 346 3.28 5.72 -46.95
CA GLU A 346 3.88 6.56 -45.93
C GLU A 346 2.84 7.05 -44.89
N LEU A 347 1.86 6.20 -44.57
CA LEU A 347 0.73 6.54 -43.71
C LEU A 347 0.59 5.55 -42.55
N VAL A 348 -0.21 5.91 -41.56
CA VAL A 348 -0.65 5.08 -40.44
C VAL A 348 -2.14 5.38 -40.25
N THR A 349 -2.92 4.39 -39.83
CA THR A 349 -4.37 4.46 -39.76
C THR A 349 -4.81 3.88 -38.42
N ILE A 350 -5.04 4.75 -37.44
CA ILE A 350 -5.54 4.39 -36.11
C ILE A 350 -7.08 4.34 -36.15
N SER A 351 -7.69 3.56 -35.25
CA SER A 351 -9.13 3.46 -35.07
C SER A 351 -9.59 3.59 -33.61
N TRP A 352 -8.72 3.37 -32.62
CA TRP A 352 -9.00 3.58 -31.20
C TRP A 352 -7.67 3.81 -30.49
N VAL A 353 -7.67 4.49 -29.35
CA VAL A 353 -6.48 4.72 -28.53
C VAL A 353 -6.89 4.76 -27.05
N GLN A 354 -6.01 4.26 -26.19
CA GLN A 354 -6.19 4.17 -24.75
C GLN A 354 -6.34 5.58 -24.15
N PRO A 355 -7.27 5.81 -23.20
CA PRO A 355 -7.47 7.12 -22.57
C PRO A 355 -6.42 7.49 -21.53
N ARG A 356 -5.60 6.54 -21.12
CA ARG A 356 -4.59 6.66 -20.07
C ARG A 356 -3.26 6.12 -20.58
N MET A 1 -9.94 -15.21 36.53
CA MET A 1 -9.78 -13.98 37.34
C MET A 1 -8.28 -13.69 37.55
N PHE A 2 -7.93 -12.42 37.81
CA PHE A 2 -6.54 -12.01 38.05
C PHE A 2 -5.95 -12.65 39.31
N ASN A 3 -6.80 -13.00 40.29
CA ASN A 3 -6.44 -13.60 41.59
C ASN A 3 -5.39 -12.77 42.36
N ASN A 4 -5.17 -11.50 41.96
CA ASN A 4 -4.09 -10.62 42.41
C ASN A 4 -2.70 -11.29 42.31
N HIS A 5 -2.53 -12.31 41.46
CA HIS A 5 -1.33 -13.13 41.42
C HIS A 5 -1.01 -13.69 40.03
N GLU A 6 -1.99 -13.97 39.17
CA GLU A 6 -1.70 -14.71 37.93
C GLU A 6 -0.84 -13.85 36.99
N ILE A 7 -1.13 -12.55 36.93
CA ILE A 7 -0.35 -11.62 36.14
C ILE A 7 1.01 -11.36 36.79
N ASP A 8 1.10 -11.31 38.12
CA ASP A 8 2.39 -11.14 38.80
C ASP A 8 3.32 -12.31 38.44
N THR A 9 2.75 -13.52 38.41
CA THR A 9 3.37 -14.74 37.92
C THR A 9 3.85 -14.57 36.48
N ILE A 10 2.97 -14.25 35.53
CA ILE A 10 3.33 -14.29 34.12
C ILE A 10 4.36 -13.20 33.82
N LEU A 11 4.13 -11.98 34.31
CA LEU A 11 4.94 -10.84 33.97
C LEU A 11 6.35 -11.01 34.52
N SER A 12 6.47 -11.49 35.75
CA SER A 12 7.76 -11.77 36.35
C SER A 12 8.47 -12.90 35.62
N THR A 13 7.77 -13.97 35.20
CA THR A 13 8.43 -15.03 34.48
C THR A 13 8.97 -14.51 33.15
N LEU A 14 8.12 -13.81 32.37
CA LEU A 14 8.56 -13.23 31.10
C LEU A 14 9.76 -12.33 31.33
N ARG A 15 9.73 -11.48 32.38
CA ARG A 15 10.85 -10.61 32.75
C ARG A 15 12.11 -11.37 33.17
N MET A 16 12.06 -12.65 33.52
CA MET A 16 13.28 -13.43 33.78
C MET A 16 13.86 -14.00 32.49
N GLU A 17 13.00 -14.39 31.54
CA GLU A 17 13.42 -15.06 30.31
C GLU A 17 13.72 -14.07 29.17
N ALA A 18 13.16 -12.87 29.29
CA ALA A 18 13.40 -11.70 28.47
C ALA A 18 14.87 -11.26 28.48
N ASP A 19 15.21 -10.46 27.47
CA ASP A 19 16.49 -9.74 27.39
C ASP A 19 16.43 -8.48 28.28
N PRO A 20 17.45 -8.19 29.10
CA PRO A 20 17.49 -7.02 29.98
C PRO A 20 17.09 -5.69 29.34
N SER A 21 17.38 -5.48 28.05
CA SER A 21 17.07 -4.24 27.35
C SER A 21 15.56 -3.92 27.35
N LEU A 22 14.72 -4.95 27.46
CA LEU A 22 13.27 -4.84 27.38
C LEU A 22 12.66 -4.52 28.75
N HIS A 23 13.39 -4.76 29.85
CA HIS A 23 12.83 -4.69 31.19
C HIS A 23 12.32 -3.30 31.59
N PRO A 24 12.95 -2.16 31.22
CA PRO A 24 12.44 -0.82 31.55
C PRO A 24 11.00 -0.55 31.10
N LEU A 25 10.51 -1.22 30.06
CA LEU A 25 9.13 -1.04 29.63
C LEU A 25 8.19 -1.71 30.63
N PHE A 26 8.59 -2.85 31.19
CA PHE A 26 7.75 -3.56 32.16
C PHE A 26 7.72 -2.87 33.53
N GLU A 27 8.70 -2.03 33.86
CA GLU A 27 8.63 -1.18 35.04
C GLU A 27 7.49 -0.15 34.93
N GLN A 28 7.01 0.14 33.72
CA GLN A 28 5.88 1.03 33.47
C GLN A 28 4.61 0.20 33.31
N PHE A 29 4.69 -0.90 32.55
CA PHE A 29 3.58 -1.79 32.26
C PHE A 29 2.97 -2.34 33.56
N GLU A 30 3.81 -2.76 34.52
CA GLU A 30 3.34 -3.41 35.74
C GLU A 30 2.44 -2.48 36.55
N LYS A 31 2.92 -1.27 36.89
CA LYS A 31 2.14 -0.40 37.77
C LYS A 31 0.89 0.11 37.07
N PHE A 32 0.96 0.36 35.77
CA PHE A 32 -0.23 0.76 35.02
C PHE A 32 -1.27 -0.37 35.03
N TYR A 33 -0.88 -1.63 34.92
CA TYR A 33 -1.81 -2.75 35.08
C TYR A 33 -2.40 -2.76 36.49
N GLU A 34 -1.57 -2.54 37.52
CA GLU A 34 -2.04 -2.55 38.91
C GLU A 34 -3.07 -1.44 39.14
N GLU A 35 -2.88 -0.28 38.50
CA GLU A 35 -3.79 0.87 38.54
C GLU A 35 -4.96 0.72 37.55
N LYS A 36 -5.11 -0.45 36.92
CA LYS A 36 -6.05 -0.77 35.83
C LYS A 36 -6.09 0.33 34.76
N LEU A 37 -4.95 0.95 34.50
CA LEU A 37 -4.79 2.14 33.68
C LEU A 37 -4.65 1.80 32.21
N TRP A 38 -5.53 0.92 31.73
CA TRP A 38 -5.56 0.32 30.40
C TRP A 38 -5.21 1.33 29.29
N PHE A 39 -5.78 2.54 29.38
CA PHE A 39 -5.73 3.58 28.37
C PHE A 39 -4.32 4.16 28.13
N GLN A 40 -3.36 3.89 29.02
CA GLN A 40 -1.94 4.21 28.81
C GLN A 40 -1.03 3.00 29.05
N LEU A 41 -1.54 1.91 29.64
CA LEU A 41 -0.84 0.62 29.70
C LEU A 41 -0.46 0.21 28.27
N SER A 42 -1.32 0.55 27.31
CA SER A 42 -1.11 0.44 25.87
C SER A 42 0.17 1.12 25.39
N GLU A 43 0.53 2.32 25.88
CA GLU A 43 1.70 3.01 25.33
C GLU A 43 3.00 2.40 25.86
N SER A 44 3.01 1.88 27.08
CA SER A 44 4.13 1.09 27.59
C SER A 44 4.27 -0.20 26.77
N LEU A 45 3.14 -0.85 26.47
CA LEU A 45 3.13 -2.06 25.64
C LEU A 45 3.66 -1.73 24.23
N THR A 46 3.24 -0.61 23.66
CA THR A 46 3.69 -0.16 22.36
C THR A 46 5.21 0.04 22.36
N LYS A 47 5.80 0.64 23.40
CA LYS A 47 7.26 0.76 23.46
C LYS A 47 7.94 -0.62 23.50
N PHE A 48 7.34 -1.60 24.20
CA PHE A 48 7.85 -2.96 24.23
C PHE A 48 7.77 -3.65 22.85
N PHE A 49 6.96 -3.14 21.92
CA PHE A 49 6.93 -3.61 20.52
C PHE A 49 7.85 -2.78 19.63
N ASP A 50 7.97 -1.48 19.85
CA ASP A 50 8.87 -0.61 19.09
C ASP A 50 10.32 -1.04 19.32
N ASP A 51 10.65 -1.35 20.57
CA ASP A 51 11.92 -1.94 20.97
C ASP A 51 11.87 -3.46 20.73
N ALA A 52 11.74 -3.84 19.46
CA ALA A 52 11.46 -5.18 18.94
C ALA A 52 12.55 -6.25 19.20
N LYS A 53 13.26 -6.23 20.35
CA LYS A 53 14.37 -7.16 20.61
C LYS A 53 13.91 -8.62 20.55
N SER A 54 12.70 -8.90 21.05
CA SER A 54 12.20 -10.25 21.28
C SER A 54 10.68 -10.22 21.15
N THR A 55 10.14 -10.30 19.93
CA THR A 55 8.70 -10.25 19.72
C THR A 55 8.05 -11.57 20.19
N PRO A 56 8.26 -12.74 19.55
CA PRO A 56 7.56 -13.99 19.88
C PRO A 56 7.70 -14.44 21.33
N LEU A 57 8.78 -14.02 22.01
CA LEU A 57 9.02 -14.15 23.45
C LEU A 57 7.74 -13.90 24.26
N ARG A 58 6.97 -12.88 23.91
CA ARG A 58 5.80 -12.45 24.68
C ARG A 58 4.52 -13.22 24.35
N LEU A 59 4.50 -14.12 23.36
CA LEU A 59 3.26 -14.71 22.88
C LEU A 59 2.51 -15.46 23.98
N ARG A 60 3.24 -16.10 24.91
CA ARG A 60 2.64 -16.75 26.09
C ARG A 60 2.02 -15.73 27.05
N LEU A 61 2.63 -14.56 27.23
CA LEU A 61 2.02 -13.46 27.99
C LEU A 61 0.75 -13.03 27.28
N TYR A 62 0.83 -12.78 25.97
CA TYR A 62 -0.26 -12.20 25.20
C TYR A 62 -1.56 -12.97 25.39
N ASP A 63 -1.47 -14.30 25.31
CA ASP A 63 -2.61 -15.23 25.44
C ASP A 63 -3.39 -15.07 26.75
N ASN A 64 -2.74 -14.60 27.81
CA ASN A 64 -3.28 -14.59 29.17
C ASN A 64 -2.94 -13.27 29.89
N PHE A 65 -2.92 -12.16 29.15
CA PHE A 65 -2.66 -10.84 29.71
C PHE A 65 -3.47 -9.82 28.92
N VAL A 66 -3.12 -9.56 27.66
CA VAL A 66 -3.82 -8.57 26.82
C VAL A 66 -5.28 -9.02 26.68
N SER A 67 -5.53 -10.32 26.57
CA SER A 67 -6.85 -10.94 26.54
C SER A 67 -7.77 -10.54 27.71
N LYS A 68 -7.24 -10.04 28.83
CA LYS A 68 -8.05 -9.69 30.01
C LYS A 68 -8.59 -8.25 29.94
N PHE A 69 -8.09 -7.42 29.03
CA PHE A 69 -8.53 -6.02 28.88
C PHE A 69 -8.55 -5.57 27.41
N TYR A 70 -8.38 -6.49 26.47
CA TYR A 70 -8.31 -6.25 25.03
C TYR A 70 -9.34 -5.24 24.53
N ASP A 71 -10.63 -5.43 24.84
CA ASP A 71 -11.70 -4.57 24.31
C ASP A 71 -11.83 -3.23 25.05
N LYS A 72 -11.09 -3.01 26.15
CA LYS A 72 -11.08 -1.73 26.87
C LYS A 72 -10.35 -0.65 26.07
N ILE A 73 -9.55 -1.03 25.07
CA ILE A 73 -8.73 -0.12 24.27
C ILE A 73 -8.88 -0.47 22.79
N ASN A 74 -8.21 0.30 21.92
CA ASN A 74 -8.29 0.17 20.47
C ASN A 74 -7.95 -1.25 20.03
N GLN A 75 -8.91 -1.93 19.40
CA GLN A 75 -8.79 -3.31 18.95
C GLN A 75 -7.59 -3.48 18.00
N LEU A 76 -7.32 -2.51 17.13
CA LEU A 76 -6.19 -2.61 16.22
C LEU A 76 -4.87 -2.58 16.99
N SER A 77 -4.76 -1.87 18.11
CA SER A 77 -3.58 -1.95 18.98
C SER A 77 -3.43 -3.36 19.53
N VAL A 78 -4.48 -3.88 20.17
CA VAL A 78 -4.37 -5.16 20.85
C VAL A 78 -4.16 -6.32 19.89
N VAL A 79 -4.61 -6.25 18.63
CA VAL A 79 -4.31 -7.30 17.66
C VAL A 79 -3.02 -6.97 16.91
N LYS A 80 -2.59 -5.71 16.74
CA LYS A 80 -1.26 -5.38 16.20
C LYS A 80 -0.16 -6.04 17.04
N TYR A 81 -0.35 -6.14 18.36
CA TYR A 81 0.59 -6.83 19.22
C TYR A 81 0.72 -8.32 18.85
N LEU A 82 -0.39 -8.97 18.49
CA LEU A 82 -0.37 -10.34 17.98
C LEU A 82 0.26 -10.38 16.58
N LEU A 83 -0.08 -9.42 15.71
CA LEU A 83 0.47 -9.34 14.35
C LEU A 83 1.99 -9.26 14.42
N ALA A 84 2.59 -8.39 15.25
CA ALA A 84 4.05 -8.24 15.28
C ALA A 84 4.72 -9.53 15.73
N SER A 85 4.13 -10.23 16.70
CA SER A 85 4.69 -11.46 17.21
C SER A 85 4.63 -12.54 16.12
N LEU A 86 3.54 -12.63 15.37
CA LEU A 86 3.39 -13.62 14.31
C LEU A 86 4.20 -13.24 13.07
N LYS A 87 4.40 -11.95 12.83
CA LYS A 87 5.25 -11.43 11.75
C LYS A 87 6.70 -11.86 11.99
N ASP A 88 7.18 -11.80 13.23
CA ASP A 88 8.56 -12.19 13.51
C ASP A 88 8.70 -13.71 13.60
N SER A 89 7.65 -14.41 14.02
CA SER A 89 7.59 -15.87 13.98
C SER A 89 7.74 -16.38 12.54
N LYS A 90 8.35 -17.56 12.38
CA LYS A 90 8.56 -18.20 11.08
C LYS A 90 7.32 -19.00 10.69
N ASP A 91 6.19 -18.31 10.53
CA ASP A 91 4.88 -18.93 10.29
C ASP A 91 4.11 -18.19 9.19
N PHE A 92 3.20 -18.92 8.52
CA PHE A 92 2.28 -18.40 7.51
C PHE A 92 0.89 -19.05 7.63
N ASP A 93 0.60 -19.85 8.66
CA ASP A 93 -0.63 -20.65 8.75
C ASP A 93 -1.22 -20.72 10.15
N GLU A 94 -0.40 -20.80 11.21
CA GLU A 94 -0.92 -20.67 12.57
C GLU A 94 -1.56 -19.29 12.74
N SER A 95 -0.97 -18.28 12.10
CA SER A 95 -1.49 -16.94 11.94
C SER A 95 -2.95 -16.91 11.47
N LEU A 96 -3.37 -17.88 10.67
CA LEU A 96 -4.72 -17.88 10.14
C LEU A 96 -5.75 -18.38 11.14
N LYS A 97 -5.32 -19.19 12.11
CA LYS A 97 -6.19 -19.54 13.22
C LYS A 97 -6.09 -18.45 14.27
N TYR A 98 -4.90 -17.94 14.56
CA TYR A 98 -4.70 -16.91 15.56
C TYR A 98 -5.48 -15.64 15.25
N LEU A 99 -5.39 -15.09 14.03
CA LEU A 99 -6.02 -13.80 13.79
C LEU A 99 -7.52 -14.00 13.69
N ASP A 100 -8.00 -15.17 13.22
CA ASP A 100 -9.44 -15.38 13.15
C ASP A 100 -10.02 -15.62 14.53
N ASP A 101 -9.30 -16.31 15.42
CA ASP A 101 -9.74 -16.56 16.79
C ASP A 101 -9.79 -15.25 17.57
N LEU A 102 -8.76 -14.40 17.44
CA LEU A 102 -8.73 -13.12 18.13
C LEU A 102 -9.86 -12.23 17.59
N LYS A 103 -10.09 -12.21 16.26
CA LYS A 103 -11.20 -11.40 15.76
C LYS A 103 -12.53 -11.95 16.29
N ALA A 104 -12.72 -13.27 16.33
CA ALA A 104 -13.96 -13.89 16.76
C ALA A 104 -14.25 -13.59 18.22
N GLN A 105 -13.24 -13.45 19.08
CA GLN A 105 -13.44 -13.04 20.47
C GLN A 105 -14.18 -11.69 20.54
N PHE A 106 -13.88 -10.74 19.64
CA PHE A 106 -14.62 -9.48 19.55
C PHE A 106 -16.04 -9.65 19.01
N GLN A 107 -16.44 -10.81 18.49
CA GLN A 107 -17.83 -11.12 18.15
C GLN A 107 -18.52 -11.87 19.29
N GLU A 108 -17.77 -12.65 20.09
CA GLU A 108 -18.27 -13.37 21.25
C GLU A 108 -18.63 -12.40 22.38
N LEU A 109 -18.03 -11.20 22.38
CA LEU A 109 -18.39 -10.07 23.23
C LEU A 109 -19.70 -9.44 22.72
N ASP A 110 -20.77 -10.23 22.73
CA ASP A 110 -22.15 -9.82 22.44
C ASP A 110 -22.72 -8.92 23.58
N SER A 111 -21.85 -8.30 24.38
CA SER A 111 -22.15 -7.61 25.61
C SER A 111 -23.06 -6.39 25.42
N LYS A 112 -22.87 -5.64 24.32
CA LYS A 112 -23.53 -4.36 24.09
C LYS A 112 -23.30 -4.03 22.61
N LYS A 113 -24.23 -3.29 22.01
CA LYS A 113 -24.20 -2.97 20.58
C LYS A 113 -23.44 -1.66 20.29
N GLN A 114 -22.74 -1.12 21.28
CA GLN A 114 -22.01 0.15 21.17
C GLN A 114 -20.71 0.09 21.99
N ARG A 115 -20.09 -1.11 22.08
CA ARG A 115 -18.78 -1.30 22.73
C ARG A 115 -17.72 -0.37 22.15
N ASN A 116 -17.75 -0.25 20.82
CA ASN A 116 -16.99 0.67 19.99
C ASN A 116 -17.96 1.16 18.92
N ASN A 117 -18.65 0.18 18.31
CA ASN A 117 -19.79 0.29 17.43
C ASN A 117 -20.53 -1.05 17.61
N GLY A 118 -21.43 -1.43 16.71
CA GLY A 118 -22.01 -2.78 16.67
C GLY A 118 -21.01 -3.78 16.09
N SER A 119 -19.73 -3.60 16.41
CA SER A 119 -18.57 -4.30 15.88
C SER A 119 -18.71 -5.81 15.91
N LYS A 120 -19.45 -6.34 16.89
CA LYS A 120 -19.69 -7.79 17.04
C LYS A 120 -20.39 -8.41 15.83
N ASP A 121 -21.11 -7.64 15.02
CA ASP A 121 -21.86 -8.14 13.86
C ASP A 121 -21.60 -7.31 12.61
N HIS A 122 -21.41 -5.99 12.75
CA HIS A 122 -21.09 -5.10 11.64
C HIS A 122 -19.63 -5.28 11.19
N GLY A 123 -18.77 -5.84 12.05
CA GLY A 123 -17.35 -6.06 11.77
C GLY A 123 -16.53 -4.77 11.81
N ASP A 124 -17.11 -3.63 12.17
CA ASP A 124 -16.43 -2.33 12.20
C ASP A 124 -15.30 -2.34 13.22
N GLY A 125 -14.08 -2.56 12.74
CA GLY A 125 -12.85 -2.70 13.52
C GLY A 125 -12.18 -4.00 13.12
N ILE A 126 -12.82 -5.13 13.46
CA ILE A 126 -12.31 -6.47 13.17
C ILE A 126 -12.22 -6.79 11.66
N LEU A 127 -12.88 -6.01 10.80
CA LEU A 127 -12.71 -6.06 9.35
C LEU A 127 -11.24 -5.93 8.95
N LEU A 128 -10.44 -5.16 9.69
CA LEU A 128 -9.00 -5.05 9.40
C LEU A 128 -8.32 -6.40 9.64
N ILE A 129 -8.62 -7.06 10.77
CA ILE A 129 -8.04 -8.36 11.10
C ILE A 129 -8.45 -9.37 10.01
N ASP A 130 -9.70 -9.31 9.55
CA ASP A 130 -10.20 -10.19 8.50
C ASP A 130 -9.51 -9.92 7.16
N SER A 131 -9.19 -8.66 6.88
CA SER A 131 -8.41 -8.27 5.71
C SER A 131 -6.98 -8.81 5.82
N GLU A 132 -6.37 -8.75 7.02
CA GLU A 132 -5.03 -9.29 7.26
C GLU A 132 -5.04 -10.82 7.14
N ILE A 133 -6.13 -11.50 7.52
CA ILE A 133 -6.33 -12.92 7.27
C ILE A 133 -6.34 -13.18 5.76
N ALA A 134 -7.12 -12.42 4.98
CA ALA A 134 -7.14 -12.57 3.53
C ALA A 134 -5.73 -12.37 2.96
N ARG A 135 -5.07 -11.27 3.33
CA ARG A 135 -3.71 -10.97 2.91
C ARG A 135 -2.73 -12.09 3.26
N THR A 136 -2.93 -12.76 4.38
CA THR A 136 -2.11 -13.89 4.78
C THR A 136 -2.45 -15.13 3.93
N TYR A 137 -3.71 -15.36 3.52
CA TYR A 137 -4.02 -16.41 2.54
C TYR A 137 -3.32 -16.10 1.20
N LEU A 138 -3.29 -14.83 0.75
CA LEU A 138 -2.54 -14.45 -0.45
C LEU A 138 -1.06 -14.77 -0.27
N LEU A 139 -0.49 -14.43 0.89
CA LEU A 139 0.93 -14.67 1.20
C LEU A 139 1.24 -16.18 1.22
N LYS A 140 0.31 -16.99 1.75
CA LYS A 140 0.34 -18.45 1.73
C LYS A 140 0.17 -19.02 0.31
N ASN A 141 -0.17 -18.18 -0.68
CA ASN A 141 -0.58 -18.57 -2.03
C ASN A 141 -1.72 -19.59 -2.01
N ASP A 142 -2.62 -19.46 -1.02
CA ASP A 142 -3.84 -20.24 -0.88
C ASP A 142 -4.92 -19.57 -1.73
N LEU A 143 -4.63 -19.45 -3.02
CA LEU A 143 -5.37 -18.64 -3.98
C LEU A 143 -6.87 -18.93 -3.99
N VAL A 144 -7.30 -20.17 -3.81
CA VAL A 144 -8.72 -20.52 -3.85
C VAL A 144 -9.47 -19.88 -2.68
N LYS A 145 -8.99 -20.05 -1.44
CA LYS A 145 -9.66 -19.45 -0.28
C LYS A 145 -9.41 -17.95 -0.24
N ALA A 146 -8.27 -17.47 -0.75
CA ALA A 146 -8.05 -16.06 -0.93
C ALA A 146 -9.12 -15.45 -1.84
N ARG A 147 -9.38 -16.03 -3.02
CA ARG A 147 -10.36 -15.51 -3.96
C ARG A 147 -11.74 -15.48 -3.30
N ASP A 148 -12.11 -16.54 -2.58
CA ASP A 148 -13.41 -16.59 -1.90
C ASP A 148 -13.53 -15.50 -0.84
N LEU A 149 -12.49 -15.26 -0.04
CA LEU A 149 -12.56 -14.25 1.01
C LEU A 149 -12.45 -12.84 0.43
N LEU A 150 -11.69 -12.64 -0.65
CA LEU A 150 -11.62 -11.38 -1.37
C LEU A 150 -12.99 -11.04 -1.95
N ASP A 151 -13.75 -12.02 -2.46
CA ASP A 151 -15.08 -11.77 -3.01
C ASP A 151 -16.03 -11.24 -1.94
N ASP A 152 -15.91 -11.72 -0.69
CA ASP A 152 -16.70 -11.22 0.42
C ASP A 152 -16.22 -9.81 0.84
N LEU A 153 -14.91 -9.61 0.92
CA LEU A 153 -14.32 -8.30 1.24
C LEU A 153 -14.71 -7.23 0.20
N GLU A 154 -14.93 -7.63 -1.06
CA GLU A 154 -15.35 -6.72 -2.10
C GLU A 154 -16.74 -6.13 -1.79
N LYS A 155 -17.61 -6.83 -1.05
CA LYS A 155 -18.90 -6.27 -0.65
C LYS A 155 -18.70 -5.04 0.24
N THR A 156 -17.66 -5.05 1.09
CA THR A 156 -17.32 -3.93 1.95
C THR A 156 -16.83 -2.72 1.14
N LEU A 157 -16.46 -2.90 -0.15
CA LEU A 157 -16.07 -1.81 -1.03
C LEU A 157 -17.29 -1.07 -1.61
N ASP A 158 -18.51 -1.59 -1.43
CA ASP A 158 -19.73 -0.96 -1.94
C ASP A 158 -19.91 0.43 -1.30
N LYS A 159 -20.32 1.43 -2.09
CA LYS A 159 -20.46 2.81 -1.64
C LYS A 159 -21.40 2.95 -0.43
N LYS A 160 -22.42 2.10 -0.29
CA LYS A 160 -23.38 2.18 0.81
C LYS A 160 -22.85 1.55 2.09
N ASP A 161 -21.77 0.77 2.03
CA ASP A 161 -21.13 0.20 3.22
C ASP A 161 -20.45 1.33 4.03
N SER A 162 -20.12 1.08 5.29
CA SER A 162 -19.30 1.95 6.11
C SER A 162 -17.92 2.21 5.48
N ILE A 163 -17.43 1.29 4.63
CA ILE A 163 -16.16 1.32 3.90
C ILE A 163 -15.00 1.93 4.73
N PRO A 164 -14.65 1.33 5.90
CA PRO A 164 -13.63 1.90 6.77
C PRO A 164 -12.27 2.00 6.07
N LEU A 165 -11.47 3.00 6.46
CA LEU A 165 -10.25 3.35 5.73
C LEU A 165 -9.22 2.22 5.78
N ARG A 166 -8.97 1.64 6.97
CA ARG A 166 -7.88 0.68 7.12
C ARG A 166 -8.15 -0.60 6.36
N ILE A 167 -9.38 -1.13 6.41
CA ILE A 167 -9.75 -2.29 5.59
C ILE A 167 -9.67 -1.92 4.11
N THR A 168 -10.09 -0.72 3.70
CA THR A 168 -10.13 -0.41 2.26
C THR A 168 -8.70 -0.27 1.71
N ASN A 169 -7.78 0.35 2.47
CA ASN A 169 -6.36 0.36 2.12
C ASN A 169 -5.81 -1.05 2.10
N SER A 170 -6.12 -1.88 3.09
CA SER A 170 -5.62 -3.24 3.15
C SER A 170 -6.13 -4.07 1.97
N PHE A 171 -7.37 -3.85 1.52
CA PHE A 171 -7.95 -4.57 0.39
C PHE A 171 -7.14 -4.30 -0.86
N TYR A 172 -6.79 -3.04 -1.17
CA TYR A 172 -6.00 -2.78 -2.37
C TYR A 172 -4.51 -3.02 -2.14
N SER A 173 -4.02 -2.97 -0.90
CA SER A 173 -2.66 -3.43 -0.60
C SER A 173 -2.57 -4.93 -0.91
N THR A 174 -3.66 -5.68 -0.66
CA THR A 174 -3.75 -7.09 -1.01
C THR A 174 -3.83 -7.26 -2.54
N ASN A 175 -4.48 -6.35 -3.28
CA ASN A 175 -4.40 -6.33 -4.75
C ASN A 175 -2.93 -6.18 -5.18
N SER A 176 -2.19 -5.27 -4.57
CA SER A 176 -0.75 -5.10 -4.80
C SER A 176 0.10 -6.25 -4.25
N GLN A 177 -0.51 -7.31 -3.68
CA GLN A 177 0.14 -8.50 -3.14
C GLN A 177 -0.50 -9.77 -3.73
N TYR A 178 -1.35 -9.65 -4.77
CA TYR A 178 -2.17 -10.74 -5.27
C TYR A 178 -1.31 -11.86 -5.89
N PHE A 179 -0.19 -11.49 -6.49
CA PHE A 179 0.77 -12.36 -7.16
C PHE A 179 2.14 -11.67 -7.18
N LYS A 180 3.15 -12.34 -7.73
CA LYS A 180 4.53 -11.82 -7.81
C LYS A 180 5.09 -11.83 -9.24
N PHE A 181 4.66 -12.79 -10.07
CA PHE A 181 5.26 -13.07 -11.38
C PHE A 181 5.39 -11.86 -12.31
N LYS A 182 4.44 -10.91 -12.26
CA LYS A 182 4.51 -9.64 -12.99
C LYS A 182 3.93 -8.52 -12.11
N ASN A 183 4.15 -8.61 -10.80
CA ASN A 183 3.75 -7.56 -9.86
C ASN A 183 4.59 -6.31 -10.18
N ASP A 184 3.96 -5.16 -10.36
CA ASP A 184 4.61 -3.91 -10.73
C ASP A 184 3.84 -2.72 -10.16
N PHE A 185 4.47 -1.55 -10.14
CA PHE A 185 3.96 -0.36 -9.47
C PHE A 185 2.64 0.17 -10.04
N ASN A 186 2.20 -0.23 -11.24
CA ASN A 186 0.86 0.13 -11.72
C ASN A 186 -0.22 -0.31 -10.72
N SER A 187 -0.02 -1.45 -10.06
CA SER A 187 -0.89 -1.92 -9.00
C SER A 187 -0.88 -0.96 -7.81
N PHE A 188 0.29 -0.52 -7.36
CA PHE A 188 0.40 0.33 -6.19
C PHE A 188 -0.13 1.74 -6.47
N TYR A 189 0.06 2.22 -7.70
CA TYR A 189 -0.53 3.45 -8.21
C TYR A 189 -2.05 3.35 -8.16
N TYR A 190 -2.65 2.29 -8.70
CA TYR A 190 -4.11 2.17 -8.69
C TYR A 190 -4.63 2.01 -7.27
N THR A 191 -3.92 1.26 -6.44
CA THR A 191 -4.20 1.08 -5.01
C THR A 191 -4.21 2.43 -4.30
N SER A 192 -3.24 3.30 -4.58
CA SER A 192 -3.19 4.63 -4.00
C SER A 192 -4.39 5.44 -4.47
N LEU A 193 -4.70 5.45 -5.77
CA LEU A 193 -5.84 6.20 -6.30
C LEU A 193 -7.17 5.71 -5.71
N LEU A 194 -7.33 4.39 -5.51
CA LEU A 194 -8.52 3.81 -4.87
C LEU A 194 -8.63 4.32 -3.44
N TYR A 195 -7.54 4.25 -2.67
CA TYR A 195 -7.58 4.74 -1.29
C TYR A 195 -7.83 6.24 -1.25
N LEU A 196 -7.30 7.02 -2.19
CA LEU A 196 -7.53 8.47 -2.22
C LEU A 196 -8.98 8.78 -2.60
N SER A 197 -9.59 7.96 -3.46
CA SER A 197 -11.00 8.06 -3.80
C SER A 197 -11.89 7.76 -2.59
N THR A 198 -11.44 6.86 -1.72
CA THR A 198 -12.10 6.48 -0.48
C THR A 198 -11.91 7.58 0.58
N LEU A 199 -10.71 8.20 0.64
CA LEU A 199 -10.30 9.18 1.64
C LEU A 199 -11.14 10.47 1.55
N GLU A 200 -11.11 11.24 2.63
CA GLU A 200 -11.77 12.53 2.80
C GLU A 200 -10.75 13.45 3.51
N PRO A 201 -10.91 14.78 3.50
CA PRO A 201 -9.96 15.71 4.13
C PRO A 201 -9.94 15.66 5.68
N SER A 202 -10.72 14.75 6.29
CA SER A 202 -10.86 14.58 7.73
C SER A 202 -9.51 14.36 8.42
N THR A 203 -9.40 14.83 9.66
CA THR A 203 -8.21 14.70 10.51
C THR A 203 -7.90 13.25 10.92
N SER A 204 -8.74 12.29 10.53
CA SER A 204 -8.53 10.85 10.70
C SER A 204 -7.19 10.38 10.09
N ILE A 205 -6.67 11.12 9.11
CA ILE A 205 -5.34 10.97 8.52
C ILE A 205 -4.73 12.37 8.56
N THR A 206 -3.40 12.44 8.57
CA THR A 206 -2.65 13.68 8.72
C THR A 206 -2.29 14.28 7.35
N LEU A 207 -1.83 15.54 7.34
CA LEU A 207 -1.26 16.12 6.12
C LEU A 207 0.04 15.39 5.76
N ALA A 208 0.84 14.97 6.76
CA ALA A 208 2.09 14.27 6.52
C ALA A 208 1.86 12.95 5.78
N GLU A 209 0.84 12.18 6.20
CA GLU A 209 0.47 10.95 5.51
C GLU A 209 0.02 11.24 4.07
N ARG A 210 -0.75 12.32 3.86
CA ARG A 210 -1.15 12.72 2.51
C ARG A 210 0.06 13.11 1.67
N GLN A 211 1.07 13.80 2.23
CA GLN A 211 2.30 14.10 1.50
C GLN A 211 2.97 12.80 1.05
N GLN A 212 3.08 11.81 1.93
CA GLN A 212 3.70 10.54 1.59
C GLN A 212 2.88 9.80 0.54
N LEU A 213 1.55 9.86 0.58
CA LEU A 213 0.70 9.26 -0.44
C LEU A 213 0.90 9.95 -1.80
N ALA A 214 0.92 11.28 -1.85
CA ALA A 214 1.19 12.03 -3.09
C ALA A 214 2.56 11.63 -3.67
N TYR A 215 3.58 11.56 -2.82
CA TYR A 215 4.93 11.18 -3.21
C TYR A 215 4.96 9.74 -3.76
N ASP A 216 4.43 8.78 -3.02
CA ASP A 216 4.51 7.36 -3.38
C ASP A 216 3.70 7.05 -4.64
N LEU A 217 2.54 7.70 -4.79
CA LEU A 217 1.74 7.69 -6.01
C LEU A 217 2.56 8.22 -7.19
N SER A 218 3.30 9.31 -6.99
CA SER A 218 4.11 9.92 -8.02
C SER A 218 5.32 9.06 -8.40
N ILE A 219 6.00 8.41 -7.44
CA ILE A 219 7.05 7.45 -7.75
C ILE A 219 6.43 6.30 -8.54
N SER A 220 5.27 5.79 -8.12
CA SER A 220 4.60 4.71 -8.82
C SER A 220 4.26 5.11 -10.26
N ALA A 221 3.86 6.37 -10.51
CA ALA A 221 3.61 6.88 -11.86
C ALA A 221 4.84 6.84 -12.76
N LEU A 222 6.05 7.04 -12.21
CA LEU A 222 7.28 6.94 -12.98
C LEU A 222 7.62 5.49 -13.32
N LEU A 223 7.30 4.56 -12.42
CA LEU A 223 7.79 3.17 -12.52
C LEU A 223 6.78 2.18 -13.09
N GLY A 224 5.47 2.48 -13.06
CA GLY A 224 4.44 1.51 -13.41
C GLY A 224 4.45 1.16 -14.90
N ASP A 225 4.26 -0.12 -15.20
CA ASP A 225 4.41 -0.71 -16.53
C ASP A 225 3.28 -0.34 -17.50
N LYS A 226 2.15 0.15 -16.98
CA LYS A 226 0.92 0.42 -17.73
C LYS A 226 0.44 1.86 -17.55
N ILE A 227 1.20 2.73 -16.89
CA ILE A 227 0.76 4.08 -16.58
C ILE A 227 0.94 4.94 -17.82
N TYR A 228 -0.14 5.12 -18.58
CA TYR A 228 -0.18 5.87 -19.84
C TYR A 228 -1.33 6.88 -19.88
N ASN A 229 -2.03 7.10 -18.76
CA ASN A 229 -3.19 7.99 -18.66
C ASN A 229 -3.11 8.96 -17.48
N PHE A 230 -2.05 8.88 -16.67
CA PHE A 230 -1.75 9.62 -15.44
C PHE A 230 -2.87 9.76 -14.39
N GLY A 231 -4.08 9.26 -14.61
CA GLY A 231 -5.15 9.15 -13.60
C GLY A 231 -5.49 10.47 -12.93
N GLU A 232 -5.41 11.59 -13.68
CA GLU A 232 -5.64 12.96 -13.19
C GLU A 232 -4.69 13.39 -12.07
N LEU A 233 -3.64 12.60 -11.77
CA LEU A 233 -2.66 12.83 -10.70
C LEU A 233 -2.16 14.27 -10.71
N LEU A 234 -1.69 14.76 -11.87
CA LEU A 234 -1.10 16.08 -12.04
C LEU A 234 -2.08 17.23 -11.72
N HIS A 235 -3.37 16.94 -11.58
CA HIS A 235 -4.43 17.92 -11.36
C HIS A 235 -5.22 17.61 -10.07
N HIS A 236 -4.90 16.52 -9.37
CA HIS A 236 -5.62 16.10 -8.17
C HIS A 236 -5.11 16.91 -6.97
N PRO A 237 -5.99 17.58 -6.19
CA PRO A 237 -5.60 18.42 -5.04
C PRO A 237 -4.68 17.76 -4.01
N ILE A 238 -4.62 16.43 -3.93
CA ILE A 238 -3.69 15.73 -3.05
C ILE A 238 -2.24 16.22 -3.28
N MET A 239 -1.88 16.49 -4.54
CA MET A 239 -0.56 16.97 -4.91
C MET A 239 -0.25 18.34 -4.32
N GLU A 240 -1.24 19.17 -3.97
CA GLU A 240 -0.96 20.50 -3.44
C GLU A 240 -0.24 20.39 -2.11
N THR A 241 -0.42 19.27 -1.40
CA THR A 241 0.29 19.01 -0.15
C THR A 241 1.81 18.95 -0.37
N ILE A 242 2.32 18.75 -1.60
CA ILE A 242 3.75 18.58 -1.87
C ILE A 242 4.26 19.56 -2.91
N VAL A 243 3.43 20.01 -3.85
CA VAL A 243 3.86 21.01 -4.82
C VAL A 243 3.85 22.40 -4.17
N ASN A 244 2.88 22.67 -3.29
CA ASN A 244 2.73 23.98 -2.66
C ASN A 244 3.70 24.10 -1.48
N ASP A 245 3.94 22.98 -0.79
CA ASP A 245 4.99 22.84 0.24
C ASP A 245 6.39 22.72 -0.39
N SER A 246 6.45 22.58 -1.72
CA SER A 246 7.64 22.48 -2.57
C SER A 246 8.56 21.26 -2.32
N ASN A 247 8.39 20.51 -1.23
CA ASN A 247 9.34 19.48 -0.78
C ASN A 247 9.61 18.39 -1.83
N TYR A 248 8.63 18.07 -2.67
CA TYR A 248 8.74 17.06 -3.72
C TYR A 248 8.32 17.66 -5.08
N ASP A 249 8.32 18.98 -5.25
CA ASP A 249 7.87 19.63 -6.48
C ASP A 249 8.72 19.22 -7.70
N TRP A 250 10.00 18.88 -7.47
CA TRP A 250 10.88 18.34 -8.49
C TRP A 250 10.35 17.01 -9.05
N LEU A 251 9.74 16.15 -8.22
CA LEU A 251 9.15 14.90 -8.67
C LEU A 251 7.91 15.18 -9.51
N PHE A 252 7.09 16.15 -9.10
CA PHE A 252 5.95 16.58 -9.90
C PHE A 252 6.42 17.06 -11.26
N GLN A 253 7.44 17.92 -11.31
CA GLN A 253 7.95 18.43 -12.58
C GLN A 253 8.51 17.31 -13.45
N LEU A 254 9.21 16.33 -12.87
CA LEU A 254 9.71 15.18 -13.61
C LEU A 254 8.55 14.38 -14.20
N LEU A 255 7.56 14.02 -13.38
CA LEU A 255 6.47 13.16 -13.82
C LEU A 255 5.57 13.91 -14.81
N ASN A 256 5.40 15.23 -14.62
CA ASN A 256 4.71 16.11 -15.55
C ASN A 256 5.39 16.07 -16.91
N ALA A 257 6.70 16.35 -16.96
CA ALA A 257 7.47 16.36 -18.19
C ALA A 257 7.34 15.04 -18.94
N LEU A 258 7.47 13.93 -18.20
CA LEU A 258 7.33 12.58 -18.72
C LEU A 258 5.94 12.34 -19.31
N THR A 259 4.89 12.84 -18.65
CA THR A 259 3.51 12.65 -19.08
C THR A 259 3.26 13.41 -20.39
N VAL A 260 3.73 14.66 -20.49
CA VAL A 260 3.44 15.51 -21.64
C VAL A 260 4.41 15.26 -22.81
N GLY A 261 5.49 14.49 -22.59
CA GLY A 261 6.50 14.22 -23.59
C GLY A 261 7.44 15.40 -23.79
N ASP A 262 7.66 16.21 -22.75
CA ASP A 262 8.65 17.30 -22.79
C ASP A 262 10.00 16.69 -22.46
N PHE A 263 10.66 16.12 -23.46
CA PHE A 263 11.96 15.48 -23.33
C PHE A 263 13.00 16.40 -22.73
N ASP A 264 12.91 17.71 -22.96
CA ASP A 264 13.95 18.62 -22.55
C ASP A 264 13.85 18.89 -21.05
N LYS A 265 12.64 19.15 -20.54
CA LYS A 265 12.41 19.27 -19.10
C LYS A 265 12.65 17.93 -18.42
N PHE A 266 12.21 16.82 -19.03
CA PHE A 266 12.44 15.48 -18.52
C PHE A 266 13.94 15.28 -18.34
N ASP A 267 14.74 15.48 -19.39
CA ASP A 267 16.19 15.33 -19.34
C ASP A 267 16.82 16.22 -18.27
N SER A 268 16.34 17.46 -18.13
CA SER A 268 16.85 18.39 -17.13
C SER A 268 16.59 17.91 -15.69
N LEU A 269 15.44 17.29 -15.41
CA LEU A 269 15.17 16.73 -14.09
C LEU A 269 15.93 15.42 -13.92
N ILE A 270 15.98 14.58 -14.96
CA ILE A 270 16.65 13.29 -14.98
C ILE A 270 18.13 13.46 -14.61
N LYS A 271 18.79 14.50 -15.16
CA LYS A 271 20.20 14.83 -14.87
C LYS A 271 20.49 15.10 -13.39
N VAL A 272 19.48 15.19 -12.53
CA VAL A 272 19.65 15.45 -11.11
C VAL A 272 18.94 14.37 -10.31
N GLN A 273 17.62 14.21 -10.47
CA GLN A 273 16.81 13.37 -9.59
C GLN A 273 17.11 11.88 -9.73
N ILE A 274 17.63 11.42 -10.86
CA ILE A 274 18.11 10.05 -10.96
C ILE A 274 19.25 9.84 -9.96
N SER A 275 20.22 10.76 -9.90
CA SER A 275 21.36 10.65 -9.01
C SER A 275 20.94 10.76 -7.53
N LYS A 276 19.90 11.58 -7.25
CA LYS A 276 19.43 11.82 -5.88
C LYS A 276 18.84 10.57 -5.21
N ILE A 277 18.31 9.60 -5.98
CA ILE A 277 17.53 8.50 -5.41
C ILE A 277 17.95 7.17 -6.05
N PRO A 278 18.39 6.16 -5.27
CA PRO A 278 18.95 4.93 -5.83
C PRO A 278 17.91 4.05 -6.53
N ILE A 279 16.63 4.09 -6.14
CA ILE A 279 15.58 3.41 -6.89
C ILE A 279 15.49 3.99 -8.30
N LEU A 280 15.52 5.32 -8.44
CA LEU A 280 15.45 5.94 -9.76
C LEU A 280 16.69 5.58 -10.57
N ALA A 281 17.88 5.54 -9.96
CA ALA A 281 19.11 5.14 -10.63
C ALA A 281 19.00 3.74 -11.23
N GLN A 282 18.30 2.82 -10.56
CA GLN A 282 18.08 1.47 -11.07
C GLN A 282 17.09 1.47 -12.26
N HIS A 283 16.03 2.27 -12.18
CA HIS A 283 14.92 2.23 -13.14
C HIS A 283 15.05 3.22 -14.30
N GLU A 284 16.08 4.08 -14.34
CA GLU A 284 16.28 5.15 -15.32
C GLU A 284 16.02 4.69 -16.76
N SER A 285 16.55 3.52 -17.14
CA SER A 285 16.45 3.02 -18.50
C SER A 285 15.02 2.63 -18.89
N PHE A 286 14.11 2.43 -17.93
CA PHE A 286 12.69 2.26 -18.23
C PHE A 286 12.07 3.62 -18.52
N LEU A 287 12.30 4.64 -17.67
CA LEU A 287 11.70 5.97 -17.81
C LEU A 287 11.98 6.55 -19.20
N ARG A 288 13.23 6.44 -19.67
CA ARG A 288 13.65 7.02 -20.95
C ARG A 288 12.95 6.38 -22.14
N GLN A 289 12.53 5.11 -22.01
CA GLN A 289 11.67 4.47 -22.99
C GLN A 289 10.20 4.86 -22.76
N LYS A 290 9.75 4.88 -21.51
CA LYS A 290 8.35 5.13 -21.15
C LYS A 290 7.89 6.48 -21.72
N ILE A 291 8.72 7.52 -21.65
CA ILE A 291 8.39 8.81 -22.23
C ILE A 291 8.16 8.69 -23.75
N CYS A 292 8.98 7.93 -24.48
CA CYS A 292 8.83 7.80 -25.93
C CYS A 292 7.58 7.00 -26.27
N LEU A 293 7.38 5.86 -25.60
CA LEU A 293 6.19 5.01 -25.73
C LEU A 293 4.95 5.89 -25.50
N MET A 294 4.95 6.67 -24.42
CA MET A 294 3.80 7.46 -24.00
C MET A 294 3.57 8.68 -24.87
N THR A 295 4.61 9.31 -25.41
CA THR A 295 4.45 10.50 -26.24
C THR A 295 3.68 10.11 -27.49
N LEU A 296 4.00 8.96 -28.10
CA LEU A 296 3.26 8.48 -29.23
C LEU A 296 1.81 8.19 -28.83
N ILE A 297 1.56 7.52 -27.70
CA ILE A 297 0.21 7.21 -27.24
C ILE A 297 -0.58 8.50 -27.06
N GLU A 298 0.00 9.54 -26.46
CA GLU A 298 -0.65 10.82 -26.25
C GLU A 298 -1.03 11.43 -27.60
N THR A 299 -0.11 11.41 -28.57
CA THR A 299 -0.35 11.87 -29.93
C THR A 299 -1.50 11.10 -30.57
N VAL A 300 -1.44 9.77 -30.56
CA VAL A 300 -2.42 8.90 -31.19
C VAL A 300 -3.81 9.13 -30.57
N PHE A 301 -3.88 9.26 -29.24
CA PHE A 301 -5.13 9.47 -28.52
C PHE A 301 -5.75 10.82 -28.89
N VAL A 302 -5.00 11.91 -28.73
CA VAL A 302 -5.51 13.26 -28.90
C VAL A 302 -5.81 13.52 -30.38
N LYS A 303 -4.95 13.08 -31.30
CA LYS A 303 -5.04 13.40 -32.71
C LYS A 303 -5.82 12.33 -33.50
N ASN A 304 -6.42 11.35 -32.81
CA ASN A 304 -7.20 10.23 -33.37
C ASN A 304 -6.51 9.61 -34.59
N ILE A 305 -5.24 9.24 -34.43
CA ILE A 305 -4.39 8.72 -35.48
C ILE A 305 -4.79 7.27 -35.76
N ARG A 306 -4.67 6.87 -37.03
CA ARG A 306 -4.80 5.47 -37.44
C ARG A 306 -3.58 5.00 -38.25
N MET A 307 -2.82 5.91 -38.86
CA MET A 307 -1.53 5.59 -39.47
C MET A 307 -0.60 6.79 -39.33
N LEU A 308 0.71 6.55 -39.19
CA LEU A 308 1.71 7.60 -38.94
C LEU A 308 3.06 7.16 -39.50
N SER A 309 3.88 8.11 -39.94
CA SER A 309 5.13 7.81 -40.62
C SER A 309 6.24 7.66 -39.60
N PHE A 310 7.29 6.89 -39.94
CA PHE A 310 8.47 6.76 -39.08
C PHE A 310 9.05 8.14 -38.76
N GLU A 311 9.08 9.06 -39.73
CA GLU A 311 9.59 10.40 -39.51
C GLU A 311 8.83 11.15 -38.42
N ASP A 312 7.51 11.01 -38.38
CA ASP A 312 6.72 11.73 -37.37
C ASP A 312 6.81 11.05 -36.00
N ILE A 313 6.92 9.72 -35.96
CA ILE A 313 7.24 9.01 -34.72
C ILE A 313 8.64 9.46 -34.26
N SER A 314 9.60 9.65 -35.17
CA SER A 314 10.92 10.18 -34.82
C SER A 314 10.81 11.59 -34.24
N LYS A 315 9.94 12.45 -34.78
CA LYS A 315 9.66 13.75 -34.14
C LYS A 315 9.13 13.56 -32.71
N ALA A 316 8.29 12.55 -32.52
CA ALA A 316 7.61 12.25 -31.26
C ALA A 316 8.46 11.44 -30.27
N THR A 317 9.73 11.13 -30.57
CA THR A 317 10.57 10.25 -29.72
C THR A 317 12.05 10.68 -29.70
N HIS A 318 12.46 11.49 -30.68
CA HIS A 318 13.82 11.88 -31.02
C HIS A 318 14.76 10.69 -31.26
N LEU A 319 14.20 9.52 -31.59
CA LEU A 319 14.95 8.36 -32.07
C LEU A 319 15.12 8.53 -33.58
N PRO A 320 16.23 8.07 -34.18
CA PRO A 320 16.43 8.19 -35.62
C PRO A 320 15.44 7.28 -36.36
N LYS A 321 15.05 7.68 -37.57
CA LYS A 321 14.08 6.95 -38.38
C LYS A 321 14.48 5.48 -38.61
N ASP A 322 15.78 5.19 -38.59
CA ASP A 322 16.32 3.86 -38.84
C ASP A 322 16.11 2.89 -37.67
N ASN A 323 15.80 3.41 -36.47
CA ASN A 323 15.68 2.60 -35.25
C ASN A 323 14.33 2.79 -34.57
N VAL A 324 13.58 3.85 -34.93
CA VAL A 324 12.35 4.22 -34.23
C VAL A 324 11.30 3.10 -34.23
N GLU A 325 11.31 2.23 -35.25
CA GLU A 325 10.38 1.11 -35.34
C GLU A 325 10.48 0.19 -34.10
N HIS A 326 11.68 0.01 -33.53
CA HIS A 326 11.87 -0.89 -32.40
C HIS A 326 11.14 -0.39 -31.15
N LEU A 327 11.02 0.93 -30.97
CA LEU A 327 10.33 1.52 -29.85
C LEU A 327 8.84 1.19 -29.95
N VAL A 328 8.24 1.37 -31.12
CA VAL A 328 6.81 1.11 -31.26
C VAL A 328 6.54 -0.39 -31.31
N MET A 329 7.47 -1.22 -31.81
CA MET A 329 7.35 -2.67 -31.70
C MET A 329 7.35 -3.09 -30.23
N ARG A 330 8.16 -2.45 -29.38
CA ARG A 330 8.08 -2.66 -27.94
C ARG A 330 6.72 -2.25 -27.42
N ALA A 331 6.14 -1.12 -27.87
CA ALA A 331 4.80 -0.71 -27.47
C ALA A 331 3.77 -1.80 -27.79
N ILE A 332 3.85 -2.40 -28.98
CA ILE A 332 2.95 -3.47 -29.38
C ILE A 332 3.18 -4.71 -28.50
N SER A 333 4.44 -5.01 -28.18
CA SER A 333 4.84 -6.16 -27.37
C SER A 333 4.40 -6.03 -25.91
N LEU A 334 4.45 -4.81 -25.33
CA LEU A 334 3.92 -4.52 -24.00
C LEU A 334 2.38 -4.52 -24.01
N GLY A 335 1.74 -4.65 -25.17
CA GLY A 335 0.29 -4.67 -25.29
C GLY A 335 -0.32 -3.28 -25.06
N LEU A 336 0.44 -2.21 -25.32
CA LEU A 336 -0.07 -0.85 -25.15
C LEU A 336 -1.04 -0.49 -26.26
N LEU A 337 -0.79 -1.02 -27.47
CA LEU A 337 -1.47 -0.64 -28.68
C LEU A 337 -1.31 -1.80 -29.64
N LYS A 338 -2.33 -2.08 -30.44
CA LYS A 338 -2.25 -3.11 -31.47
C LYS A 338 -2.11 -2.36 -32.78
N GLY A 339 -0.99 -2.58 -33.43
CA GLY A 339 -0.68 -2.02 -34.72
C GLY A 339 0.18 -2.96 -35.54
N SER A 340 0.57 -2.50 -36.73
CA SER A 340 1.39 -3.19 -37.70
C SER A 340 2.35 -2.17 -38.30
N ILE A 341 3.53 -2.62 -38.70
CA ILE A 341 4.62 -1.77 -39.14
C ILE A 341 4.79 -2.04 -40.63
N ASP A 342 4.43 -1.08 -41.47
CA ASP A 342 4.57 -1.14 -42.92
C ASP A 342 5.98 -0.66 -43.27
N GLN A 343 6.96 -1.44 -42.81
CA GLN A 343 8.38 -1.14 -42.83
C GLN A 343 8.87 -0.71 -44.23
N VAL A 344 8.36 -1.36 -45.28
CA VAL A 344 8.71 -1.08 -46.67
C VAL A 344 8.48 0.39 -47.01
N ASN A 345 7.40 0.99 -46.47
CA ASN A 345 7.01 2.36 -46.77
C ASN A 345 7.42 3.31 -45.64
N GLU A 346 8.09 2.81 -44.59
CA GLU A 346 8.39 3.53 -43.35
C GLU A 346 7.12 4.13 -42.73
N LEU A 347 6.05 3.33 -42.70
CA LEU A 347 4.74 3.69 -42.16
C LEU A 347 4.39 2.75 -41.01
N VAL A 348 3.44 3.18 -40.16
CA VAL A 348 2.83 2.36 -39.12
C VAL A 348 1.32 2.54 -39.27
N THR A 349 0.57 1.50 -38.91
CA THR A 349 -0.87 1.54 -38.77
C THR A 349 -1.17 1.08 -37.34
N ILE A 350 -1.91 1.88 -36.58
CA ILE A 350 -2.39 1.55 -35.23
C ILE A 350 -3.90 1.37 -35.33
N SER A 351 -4.46 0.38 -34.61
CA SER A 351 -5.89 0.08 -34.66
C SER A 351 -6.53 -0.15 -33.27
N TRP A 352 -5.76 -0.16 -32.19
CA TRP A 352 -6.27 -0.16 -30.82
C TRP A 352 -5.19 0.44 -29.93
N VAL A 353 -5.57 1.03 -28.80
CA VAL A 353 -4.66 1.53 -27.78
C VAL A 353 -5.33 1.37 -26.42
N GLN A 354 -4.51 1.24 -25.37
CA GLN A 354 -4.91 1.00 -23.99
C GLN A 354 -5.98 2.01 -23.54
N PRO A 355 -7.03 1.58 -22.81
CA PRO A 355 -7.98 2.49 -22.16
C PRO A 355 -7.27 3.56 -21.32
N ARG A 356 -7.88 4.74 -21.22
CA ARG A 356 -7.35 5.90 -20.52
C ARG A 356 -8.46 6.56 -19.73
N MET A 1 -10.73 -11.35 44.38
CA MET A 1 -9.60 -10.43 44.08
C MET A 1 -8.37 -11.22 43.60
N PHE A 2 -7.59 -10.65 42.68
CA PHE A 2 -6.45 -11.33 42.05
C PHE A 2 -5.12 -10.63 42.30
N ASN A 3 -5.13 -9.38 42.81
CA ASN A 3 -3.95 -8.52 42.95
C ASN A 3 -2.84 -9.16 43.78
N ASN A 4 -3.19 -10.09 44.68
CA ASN A 4 -2.29 -10.74 45.63
C ASN A 4 -2.29 -12.27 45.47
N HIS A 5 -2.97 -12.83 44.48
CA HIS A 5 -3.16 -14.27 44.32
C HIS A 5 -2.56 -14.79 43.00
N GLU A 6 -2.48 -13.94 41.97
CA GLU A 6 -1.83 -14.30 40.70
C GLU A 6 -1.18 -13.08 40.06
N ILE A 7 -1.81 -11.91 40.14
CA ILE A 7 -1.29 -10.73 39.47
C ILE A 7 0.10 -10.38 39.99
N ASP A 8 0.35 -10.50 41.30
CA ASP A 8 1.65 -10.20 41.89
C ASP A 8 2.75 -11.11 41.35
N THR A 9 2.50 -12.42 41.25
CA THR A 9 3.49 -13.36 40.77
C THR A 9 3.70 -13.20 39.26
N ILE A 10 2.63 -12.90 38.50
CA ILE A 10 2.71 -12.64 37.07
C ILE A 10 3.57 -11.39 36.86
N LEU A 11 3.29 -10.30 37.58
CA LEU A 11 4.05 -9.06 37.48
C LEU A 11 5.53 -9.33 37.73
N SER A 12 5.80 -10.04 38.82
CA SER A 12 7.16 -10.32 39.27
C SER A 12 7.90 -11.23 38.29
N THR A 13 7.22 -12.18 37.65
CA THR A 13 7.85 -13.03 36.65
C THR A 13 8.11 -12.24 35.37
N LEU A 14 7.12 -11.49 34.88
CA LEU A 14 7.25 -10.65 33.71
C LEU A 14 8.43 -9.69 33.88
N ARG A 15 8.53 -9.00 35.01
CA ARG A 15 9.58 -8.01 35.21
C ARG A 15 10.95 -8.65 35.47
N MET A 16 11.04 -9.91 35.95
CA MET A 16 12.35 -10.55 36.10
C MET A 16 12.90 -10.96 34.74
N GLU A 17 12.02 -11.32 33.81
CA GLU A 17 12.32 -11.72 32.46
C GLU A 17 12.55 -10.49 31.57
N ALA A 18 11.94 -9.35 31.90
CA ALA A 18 11.99 -8.11 31.14
C ALA A 18 13.41 -7.56 31.00
N ASP A 19 13.65 -6.98 29.82
CA ASP A 19 14.85 -6.22 29.45
C ASP A 19 15.04 -4.98 30.36
N PRO A 20 16.28 -4.57 30.68
CA PRO A 20 16.54 -3.44 31.58
C PRO A 20 15.85 -2.11 31.23
N SER A 21 15.63 -1.80 29.95
CA SER A 21 15.00 -0.56 29.52
C SER A 21 13.48 -0.72 29.41
N LEU A 22 13.00 -1.94 29.15
CA LEU A 22 11.60 -2.32 29.21
C LEU A 22 11.08 -2.27 30.67
N HIS A 23 11.94 -2.59 31.63
CA HIS A 23 11.61 -2.78 33.03
C HIS A 23 10.93 -1.59 33.75
N PRO A 24 11.46 -0.34 33.74
CA PRO A 24 10.94 0.73 34.59
C PRO A 24 9.51 1.18 34.25
N LEU A 25 9.06 0.98 33.01
CA LEU A 25 7.67 1.18 32.63
C LEU A 25 6.76 0.21 33.39
N PHE A 26 7.21 -1.02 33.62
CA PHE A 26 6.34 -2.06 34.15
C PHE A 26 6.11 -1.93 35.65
N GLU A 27 7.00 -1.22 36.36
CA GLU A 27 6.79 -0.83 37.74
C GLU A 27 5.56 0.10 37.87
N GLN A 28 5.18 0.76 36.77
CA GLN A 28 4.02 1.65 36.72
C GLN A 28 2.79 0.86 36.23
N PHE A 29 2.97 -0.03 35.24
CA PHE A 29 1.91 -0.95 34.78
C PHE A 29 1.32 -1.70 35.97
N GLU A 30 2.18 -2.22 36.87
CA GLU A 30 1.76 -2.85 38.12
C GLU A 30 0.67 -2.04 38.84
N LYS A 31 0.95 -0.77 39.17
CA LYS A 31 0.01 0.01 39.98
C LYS A 31 -1.22 0.40 39.20
N PHE A 32 -1.12 0.56 37.89
CA PHE A 32 -2.29 0.88 37.06
C PHE A 32 -3.28 -0.28 37.07
N TYR A 33 -2.82 -1.54 37.11
CA TYR A 33 -3.74 -2.65 37.31
C TYR A 33 -4.28 -2.61 38.74
N GLU A 34 -3.41 -2.47 39.74
CA GLU A 34 -3.82 -2.65 41.14
C GLU A 34 -4.83 -1.58 41.58
N GLU A 35 -4.71 -0.33 41.08
CA GLU A 35 -5.66 0.74 41.33
C GLU A 35 -6.81 0.75 40.28
N LYS A 36 -6.87 -0.26 39.41
CA LYS A 36 -7.97 -0.54 38.49
C LYS A 36 -8.17 0.57 37.44
N LEU A 37 -7.08 1.10 36.88
CA LEU A 37 -7.12 2.11 35.81
C LEU A 37 -6.84 1.44 34.47
N TRP A 38 -7.66 0.44 34.07
CA TRP A 38 -7.53 -0.25 32.78
C TRP A 38 -7.23 0.70 31.61
N PHE A 39 -7.93 1.84 31.56
CA PHE A 39 -7.85 2.77 30.42
C PHE A 39 -6.51 3.52 30.36
N GLN A 40 -5.72 3.52 31.44
CA GLN A 40 -4.35 4.01 31.45
C GLN A 40 -3.37 2.84 31.28
N LEU A 41 -3.71 1.68 31.86
CA LEU A 41 -2.95 0.44 31.76
C LEU A 41 -2.71 0.03 30.29
N SER A 42 -3.69 0.26 29.41
CA SER A 42 -3.58 0.00 27.99
C SER A 42 -2.56 0.93 27.31
N GLU A 43 -2.40 2.16 27.80
CA GLU A 43 -1.41 3.11 27.29
C GLU A 43 -0.04 2.65 27.75
N SER A 44 0.08 2.20 29.00
CA SER A 44 1.30 1.59 29.50
C SER A 44 1.72 0.42 28.59
N LEU A 45 0.79 -0.47 28.25
CA LEU A 45 1.08 -1.57 27.32
C LEU A 45 1.36 -1.10 25.90
N THR A 46 0.87 0.07 25.50
CA THR A 46 1.21 0.65 24.21
C THR A 46 2.65 1.17 24.22
N LYS A 47 3.14 1.83 25.29
CA LYS A 47 4.56 2.16 25.39
C LYS A 47 5.40 0.88 25.42
N PHE A 48 4.93 -0.15 26.12
CA PHE A 48 5.57 -1.46 26.21
C PHE A 48 5.67 -2.08 24.80
N PHE A 49 4.67 -1.88 23.94
CA PHE A 49 4.62 -2.38 22.56
C PHE A 49 5.55 -1.57 21.67
N ASP A 50 5.57 -0.24 21.83
CA ASP A 50 6.44 0.65 21.05
C ASP A 50 7.91 0.35 21.29
N ASP A 51 8.27 -0.02 22.54
CA ASP A 51 9.62 -0.45 22.90
C ASP A 51 9.99 -1.82 22.32
N ALA A 52 8.99 -2.57 21.82
CA ALA A 52 9.03 -3.88 21.16
C ALA A 52 9.61 -5.06 21.97
N LYS A 53 10.48 -4.83 22.94
CA LYS A 53 11.09 -5.87 23.77
C LYS A 53 10.06 -6.73 24.52
N SER A 54 8.83 -6.24 24.69
CA SER A 54 7.74 -6.98 25.34
C SER A 54 7.32 -8.23 24.57
N THR A 55 7.54 -8.26 23.25
CA THR A 55 7.03 -9.25 22.30
C THR A 55 6.83 -10.68 22.88
N PRO A 56 7.88 -11.39 23.34
CA PRO A 56 7.71 -12.75 23.81
C PRO A 56 7.01 -12.83 25.17
N LEU A 57 7.40 -11.99 26.14
CA LEU A 57 6.89 -12.09 27.51
C LEU A 57 5.38 -11.79 27.61
N ARG A 58 4.81 -11.12 26.61
CA ARG A 58 3.38 -10.88 26.49
C ARG A 58 2.52 -12.16 26.46
N LEU A 59 3.06 -13.33 26.10
CA LEU A 59 2.23 -14.53 26.02
C LEU A 59 1.61 -14.85 27.39
N ARG A 60 2.30 -14.58 28.51
CA ARG A 60 1.70 -14.73 29.84
C ARG A 60 0.58 -13.73 30.05
N LEU A 61 0.79 -12.48 29.63
CA LEU A 61 -0.20 -11.41 29.79
C LEU A 61 -1.48 -11.78 29.05
N TYR A 62 -1.36 -12.15 27.78
CA TYR A 62 -2.50 -12.46 26.94
C TYR A 62 -3.33 -13.60 27.53
N ASP A 63 -2.67 -14.64 28.05
CA ASP A 63 -3.33 -15.87 28.46
C ASP A 63 -4.33 -15.67 29.61
N ASN A 64 -4.05 -14.77 30.55
CA ASN A 64 -4.83 -14.66 31.78
C ASN A 64 -4.81 -13.29 32.45
N PHE A 65 -3.85 -12.41 32.15
CA PHE A 65 -3.78 -11.09 32.77
C PHE A 65 -4.70 -10.12 32.03
N VAL A 66 -4.53 -9.95 30.71
CA VAL A 66 -5.33 -9.04 29.91
C VAL A 66 -6.78 -9.54 29.87
N SER A 67 -6.99 -10.85 29.98
CA SER A 67 -8.31 -11.48 30.11
C SER A 67 -9.15 -10.90 31.26
N LYS A 68 -8.52 -10.32 32.30
CA LYS A 68 -9.24 -9.69 33.42
C LYS A 68 -9.98 -8.42 32.97
N PHE A 69 -9.55 -7.77 31.88
CA PHE A 69 -10.06 -6.47 31.45
C PHE A 69 -10.24 -6.39 29.92
N TYR A 70 -10.23 -7.52 29.20
CA TYR A 70 -10.37 -7.57 27.75
C TYR A 70 -11.71 -7.01 27.20
N ASP A 71 -12.69 -6.79 28.08
CA ASP A 71 -13.99 -6.19 27.77
C ASP A 71 -14.05 -4.70 28.16
N LYS A 72 -13.02 -4.18 28.84
CA LYS A 72 -13.03 -2.85 29.47
C LYS A 72 -12.14 -1.84 28.76
N ILE A 73 -11.40 -2.24 27.73
CA ILE A 73 -10.52 -1.39 26.94
C ILE A 73 -10.67 -1.76 25.47
N ASN A 74 -10.06 -0.96 24.59
CA ASN A 74 -10.09 -1.15 23.13
C ASN A 74 -9.60 -2.55 22.76
N GLN A 75 -10.46 -3.36 22.13
CA GLN A 75 -10.12 -4.72 21.74
C GLN A 75 -8.97 -4.75 20.72
N LEU A 76 -8.84 -3.76 19.83
CA LEU A 76 -7.69 -3.73 18.92
C LEU A 76 -6.39 -3.60 19.71
N SER A 77 -6.37 -2.97 20.89
CA SER A 77 -5.22 -2.99 21.78
C SER A 77 -4.99 -4.39 22.34
N VAL A 78 -6.01 -5.08 22.84
CA VAL A 78 -5.80 -6.40 23.44
C VAL A 78 -5.32 -7.41 22.40
N VAL A 79 -5.78 -7.27 21.15
CA VAL A 79 -5.35 -8.11 20.04
C VAL A 79 -3.96 -7.67 19.56
N LYS A 80 -3.65 -6.36 19.52
CA LYS A 80 -2.31 -5.84 19.21
C LYS A 80 -1.24 -6.47 20.09
N TYR A 81 -1.55 -6.70 21.37
CA TYR A 81 -0.60 -7.31 22.28
C TYR A 81 -0.25 -8.74 21.82
N LEU A 82 -1.24 -9.56 21.45
CA LEU A 82 -0.98 -10.91 20.93
C LEU A 82 -0.28 -10.84 19.58
N LEU A 83 -0.67 -9.87 18.74
CA LEU A 83 -0.10 -9.66 17.41
C LEU A 83 1.41 -9.39 17.50
N ALA A 84 1.93 -8.79 18.58
CA ALA A 84 3.38 -8.70 18.77
C ALA A 84 3.98 -10.08 18.90
N SER A 85 3.55 -10.84 19.91
CA SER A 85 4.11 -12.15 20.21
C SER A 85 4.13 -13.06 18.98
N LEU A 86 3.06 -13.05 18.20
CA LEU A 86 2.95 -13.90 17.02
C LEU A 86 3.91 -13.50 15.90
N LYS A 87 4.50 -12.30 15.90
CA LYS A 87 5.59 -12.01 14.97
C LYS A 87 6.85 -12.81 15.35
N ASP A 88 7.02 -13.18 16.62
CA ASP A 88 8.20 -13.92 17.08
C ASP A 88 7.96 -15.42 17.17
N SER A 89 6.71 -15.86 17.38
CA SER A 89 6.34 -17.27 17.40
C SER A 89 6.94 -17.99 16.19
N LYS A 90 7.61 -19.12 16.44
CA LYS A 90 8.39 -19.86 15.45
C LYS A 90 7.46 -20.78 14.63
N ASP A 91 6.20 -20.39 14.48
CA ASP A 91 5.13 -21.10 13.79
C ASP A 91 4.08 -20.06 13.42
N PHE A 92 3.36 -20.27 12.31
CA PHE A 92 2.40 -19.30 11.78
C PHE A 92 1.05 -19.96 11.44
N ASP A 93 0.87 -21.24 11.75
CA ASP A 93 -0.43 -21.92 11.68
C ASP A 93 -1.19 -21.63 12.97
N GLU A 94 -0.51 -21.66 14.11
CA GLU A 94 -1.06 -21.28 15.40
C GLU A 94 -1.59 -19.84 15.34
N SER A 95 -0.92 -18.95 14.61
CA SER A 95 -1.35 -17.57 14.43
C SER A 95 -2.76 -17.45 13.89
N LEU A 96 -3.15 -18.32 12.95
CA LEU A 96 -4.49 -18.24 12.38
C LEU A 96 -5.51 -18.66 13.42
N LYS A 97 -5.23 -19.72 14.18
CA LYS A 97 -6.12 -20.21 15.21
C LYS A 97 -6.26 -19.18 16.32
N TYR A 98 -5.15 -18.57 16.74
CA TYR A 98 -5.16 -17.56 17.78
C TYR A 98 -5.94 -16.33 17.35
N LEU A 99 -5.68 -15.80 16.14
CA LEU A 99 -6.36 -14.59 15.71
C LEU A 99 -7.83 -14.91 15.45
N ASP A 100 -8.16 -16.10 14.96
CA ASP A 100 -9.55 -16.44 14.71
C ASP A 100 -10.30 -16.60 16.02
N ASP A 101 -9.71 -17.27 17.02
CA ASP A 101 -10.37 -17.50 18.31
C ASP A 101 -10.51 -16.19 19.07
N LEU A 102 -9.47 -15.35 19.05
CA LEU A 102 -9.51 -14.07 19.74
C LEU A 102 -10.48 -13.12 19.04
N LYS A 103 -10.58 -13.16 17.70
CA LYS A 103 -11.63 -12.41 17.02
C LYS A 103 -12.99 -12.92 17.48
N ALA A 104 -13.18 -14.25 17.52
CA ALA A 104 -14.47 -14.86 17.85
C ALA A 104 -14.95 -14.42 19.23
N GLN A 105 -14.06 -14.27 20.22
CA GLN A 105 -14.44 -13.73 21.52
C GLN A 105 -15.11 -12.36 21.41
N PHE A 106 -14.60 -11.48 20.55
CA PHE A 106 -15.15 -10.13 20.39
C PHE A 106 -16.34 -10.12 19.45
N GLN A 107 -16.41 -11.06 18.51
CA GLN A 107 -17.59 -11.29 17.71
C GLN A 107 -18.76 -11.75 18.59
N GLU A 108 -18.47 -12.53 19.64
CA GLU A 108 -19.46 -13.02 20.57
C GLU A 108 -19.85 -11.91 21.54
N LEU A 109 -18.87 -11.25 22.17
CA LEU A 109 -19.13 -10.15 23.10
C LEU A 109 -19.91 -9.04 22.42
N ASP A 110 -19.69 -8.81 21.12
CA ASP A 110 -20.49 -7.87 20.33
C ASP A 110 -21.96 -8.26 20.36
N SER A 111 -22.30 -9.46 19.91
CA SER A 111 -23.68 -9.91 19.89
C SER A 111 -24.28 -9.99 21.31
N LYS A 112 -23.51 -10.46 22.29
CA LYS A 112 -24.01 -10.75 23.63
C LYS A 112 -24.29 -9.48 24.43
N LYS A 113 -23.39 -8.48 24.41
CA LYS A 113 -23.53 -7.31 25.29
C LYS A 113 -23.13 -6.00 24.64
N GLN A 114 -22.08 -5.97 23.82
CA GLN A 114 -21.63 -4.74 23.16
C GLN A 114 -22.68 -4.23 22.14
N ARG A 115 -23.68 -5.06 21.82
CA ARG A 115 -24.90 -4.76 21.07
C ARG A 115 -25.54 -3.44 21.46
N ASN A 116 -25.42 -3.03 22.73
CA ASN A 116 -25.87 -1.72 23.21
C ASN A 116 -25.38 -0.56 22.33
N ASN A 117 -24.17 -0.67 21.77
CA ASN A 117 -23.63 0.26 20.76
C ASN A 117 -23.47 -0.42 19.39
N GLY A 118 -23.46 -1.75 19.34
CA GLY A 118 -23.51 -2.53 18.10
C GLY A 118 -24.67 -2.11 17.21
N SER A 119 -25.87 -1.97 17.78
CA SER A 119 -27.06 -1.54 17.06
C SER A 119 -27.07 -0.03 16.74
N LYS A 120 -25.98 0.71 17.00
CA LYS A 120 -25.92 2.16 16.84
C LYS A 120 -24.75 2.60 15.98
N ASP A 121 -23.59 1.92 16.04
CA ASP A 121 -22.37 2.42 15.40
C ASP A 121 -21.44 1.33 14.85
N HIS A 122 -21.37 0.14 15.46
CA HIS A 122 -20.36 -0.85 15.07
C HIS A 122 -20.57 -1.29 13.61
N GLY A 123 -19.54 -1.11 12.79
CA GLY A 123 -19.49 -1.57 11.40
C GLY A 123 -18.04 -1.77 10.91
N ASP A 124 -17.07 -1.67 11.82
CA ASP A 124 -15.64 -1.90 11.61
C ASP A 124 -15.03 -2.18 12.99
N GLY A 125 -13.88 -2.84 13.04
CA GLY A 125 -13.20 -3.21 14.27
C GLY A 125 -12.51 -4.55 14.05
N ILE A 126 -13.17 -5.66 14.42
CA ILE A 126 -12.64 -7.01 14.24
C ILE A 126 -12.35 -7.37 12.77
N LEU A 127 -12.85 -6.61 11.80
CA LEU A 127 -12.43 -6.75 10.40
C LEU A 127 -10.91 -6.60 10.24
N LEU A 128 -10.24 -5.84 11.10
CA LEU A 128 -8.79 -5.76 11.09
C LEU A 128 -8.16 -7.07 11.54
N ILE A 129 -8.74 -7.79 12.49
CA ILE A 129 -8.21 -9.08 12.92
C ILE A 129 -8.40 -10.08 11.78
N ASP A 130 -9.54 -10.05 11.10
CA ASP A 130 -9.75 -10.87 9.90
C ASP A 130 -8.70 -10.54 8.83
N SER A 131 -8.33 -9.27 8.70
CA SER A 131 -7.26 -8.86 7.81
C SER A 131 -5.89 -9.35 8.29
N GLU A 132 -5.64 -9.53 9.58
CA GLU A 132 -4.39 -10.10 10.10
C GLU A 132 -4.35 -11.61 9.88
N ILE A 133 -5.48 -12.32 9.99
CA ILE A 133 -5.56 -13.72 9.60
C ILE A 133 -5.20 -13.79 8.11
N ALA A 134 -5.77 -12.91 7.28
CA ALA A 134 -5.50 -12.88 5.86
C ALA A 134 -4.04 -12.57 5.54
N ARG A 135 -3.48 -11.55 6.19
CA ARG A 135 -2.08 -11.18 6.03
C ARG A 135 -1.20 -12.36 6.40
N THR A 136 -1.53 -13.12 7.43
CA THR A 136 -0.76 -14.30 7.78
C THR A 136 -0.90 -15.37 6.70
N TYR A 137 -2.12 -15.74 6.26
CA TYR A 137 -2.28 -16.80 5.27
C TYR A 137 -1.81 -16.41 3.87
N LEU A 138 -1.56 -15.13 3.60
CA LEU A 138 -0.91 -14.69 2.38
C LEU A 138 0.60 -14.75 2.55
N LEU A 139 1.15 -14.17 3.62
CA LEU A 139 2.58 -13.98 3.78
C LEU A 139 3.32 -15.26 4.16
N LYS A 140 2.70 -16.14 4.95
CA LYS A 140 3.36 -17.30 5.58
C LYS A 140 2.72 -18.59 5.08
N ASN A 141 2.63 -18.75 3.76
CA ASN A 141 1.93 -19.84 3.08
C ASN A 141 2.65 -20.12 1.75
N ASP A 142 2.36 -21.27 1.13
CA ASP A 142 2.79 -21.59 -0.23
C ASP A 142 2.27 -20.52 -1.19
N LEU A 143 3.12 -20.05 -2.10
CA LEU A 143 2.81 -18.88 -2.93
C LEU A 143 1.61 -19.12 -3.86
N VAL A 144 1.40 -20.34 -4.35
CA VAL A 144 0.32 -20.65 -5.29
C VAL A 144 -0.99 -20.75 -4.49
N LYS A 145 -0.99 -21.44 -3.34
CA LYS A 145 -2.17 -21.44 -2.46
C LYS A 145 -2.49 -20.02 -2.03
N ALA A 146 -1.48 -19.23 -1.67
CA ALA A 146 -1.64 -17.84 -1.27
C ALA A 146 -2.24 -17.02 -2.41
N ARG A 147 -1.80 -17.21 -3.66
CA ARG A 147 -2.36 -16.50 -4.82
C ARG A 147 -3.85 -16.82 -4.96
N ASP A 148 -4.23 -18.10 -4.91
CA ASP A 148 -5.62 -18.50 -5.07
C ASP A 148 -6.49 -17.92 -3.95
N LEU A 149 -5.97 -17.93 -2.72
CA LEU A 149 -6.68 -17.41 -1.56
C LEU A 149 -6.79 -15.88 -1.61
N LEU A 150 -5.74 -15.20 -2.08
CA LEU A 150 -5.73 -13.76 -2.27
C LEU A 150 -6.73 -13.36 -3.35
N ASP A 151 -6.89 -14.14 -4.42
CA ASP A 151 -7.85 -13.83 -5.48
C ASP A 151 -9.28 -13.83 -4.96
N ASP A 152 -9.64 -14.80 -4.11
CA ASP A 152 -10.98 -14.83 -3.50
C ASP A 152 -11.19 -13.61 -2.60
N LEU A 153 -10.17 -13.25 -1.81
CA LEU A 153 -10.22 -12.09 -0.94
C LEU A 153 -10.28 -10.78 -1.77
N GLU A 154 -9.60 -10.72 -2.91
CA GLU A 154 -9.64 -9.59 -3.82
C GLU A 154 -11.06 -9.38 -4.34
N LYS A 155 -11.73 -10.46 -4.77
CA LYS A 155 -13.11 -10.34 -5.26
C LYS A 155 -14.06 -10.01 -4.10
N THR A 156 -13.71 -10.34 -2.86
CA THR A 156 -14.45 -9.92 -1.68
C THR A 156 -14.24 -8.40 -1.42
N LEU A 157 -13.09 -7.82 -1.79
CA LEU A 157 -12.81 -6.39 -1.72
C LEU A 157 -13.53 -5.69 -2.89
N ASP A 158 -14.84 -5.50 -2.72
CA ASP A 158 -15.72 -4.81 -3.66
C ASP A 158 -16.81 -4.09 -2.85
N LYS A 159 -17.52 -3.14 -3.46
CA LYS A 159 -18.43 -2.23 -2.76
C LYS A 159 -19.57 -2.95 -2.03
N LYS A 160 -19.86 -4.22 -2.34
CA LYS A 160 -20.78 -5.06 -1.58
C LYS A 160 -20.36 -5.14 -0.10
N ASP A 161 -19.06 -5.12 0.19
CA ASP A 161 -18.50 -5.15 1.55
C ASP A 161 -18.53 -3.77 2.22
N SER A 162 -18.98 -2.73 1.50
CA SER A 162 -18.96 -1.32 1.88
C SER A 162 -17.55 -0.74 2.07
N ILE A 163 -16.50 -1.52 1.76
CA ILE A 163 -15.07 -1.16 1.79
C ILE A 163 -14.68 -0.13 2.88
N PRO A 164 -14.89 -0.44 4.19
CA PRO A 164 -14.40 0.43 5.26
C PRO A 164 -12.89 0.65 5.12
N LEU A 165 -12.43 1.86 5.42
CA LEU A 165 -11.06 2.30 5.16
C LEU A 165 -10.01 1.38 5.80
N ARG A 166 -10.21 0.98 7.07
CA ARG A 166 -9.16 0.30 7.80
C ARG A 166 -8.94 -1.13 7.26
N ILE A 167 -10.00 -1.89 7.01
CA ILE A 167 -9.85 -3.16 6.29
C ILE A 167 -9.31 -2.92 4.89
N THR A 168 -9.73 -1.86 4.18
CA THR A 168 -9.30 -1.69 2.79
C THR A 168 -7.80 -1.43 2.71
N ASN A 169 -7.24 -0.59 3.58
CA ASN A 169 -5.78 -0.40 3.62
C ASN A 169 -5.07 -1.70 4.01
N SER A 170 -5.68 -2.52 4.85
CA SER A 170 -5.10 -3.79 5.26
C SER A 170 -5.13 -4.81 4.11
N PHE A 171 -6.20 -4.83 3.31
CA PHE A 171 -6.25 -5.66 2.12
C PHE A 171 -5.14 -5.23 1.18
N TYR A 172 -5.01 -3.94 0.87
CA TYR A 172 -4.03 -3.52 -0.11
C TYR A 172 -2.59 -3.63 0.41
N SER A 173 -2.38 -3.57 1.72
CA SER A 173 -1.09 -3.90 2.31
C SER A 173 -0.81 -5.41 2.12
N THR A 174 -1.83 -6.27 2.25
CA THR A 174 -1.71 -7.70 2.00
C THR A 174 -1.48 -7.97 0.51
N ASN A 175 -2.14 -7.24 -0.40
CA ASN A 175 -1.93 -7.33 -1.84
C ASN A 175 -0.48 -6.95 -2.18
N SER A 176 0.03 -5.88 -1.57
CA SER A 176 1.41 -5.45 -1.73
C SER A 176 2.38 -6.55 -1.28
N GLN A 177 2.09 -7.23 -0.17
CA GLN A 177 2.90 -8.33 0.37
C GLN A 177 2.90 -9.58 -0.52
N TYR A 178 2.11 -9.64 -1.60
CA TYR A 178 2.24 -10.70 -2.59
C TYR A 178 3.56 -10.53 -3.37
N PHE A 179 4.12 -9.31 -3.39
CA PHE A 179 5.41 -8.91 -3.96
C PHE A 179 5.68 -9.25 -5.43
N LYS A 180 4.76 -9.91 -6.15
CA LYS A 180 4.91 -10.19 -7.58
C LYS A 180 4.86 -8.92 -8.44
N PHE A 181 4.28 -7.83 -7.91
CA PHE A 181 3.94 -6.60 -8.64
C PHE A 181 5.16 -5.73 -9.02
N LYS A 182 6.07 -6.29 -9.82
CA LYS A 182 7.17 -5.58 -10.48
C LYS A 182 7.17 -5.92 -11.98
N ASN A 183 6.48 -6.99 -12.39
CA ASN A 183 6.22 -7.28 -13.80
C ASN A 183 5.35 -6.18 -14.43
N ASP A 184 4.55 -5.51 -13.60
CA ASP A 184 3.73 -4.35 -13.92
C ASP A 184 3.56 -3.56 -12.62
N PHE A 185 3.28 -2.25 -12.75
CA PHE A 185 2.95 -1.36 -11.64
C PHE A 185 1.64 -0.59 -11.90
N ASN A 186 0.98 -0.74 -13.05
CA ASN A 186 -0.37 -0.20 -13.25
C ASN A 186 -1.34 -0.82 -12.24
N SER A 187 -1.12 -2.09 -11.89
CA SER A 187 -1.86 -2.77 -10.85
C SER A 187 -1.64 -2.09 -9.49
N PHE A 188 -0.39 -1.70 -9.19
CA PHE A 188 -0.04 -1.00 -7.95
C PHE A 188 -0.62 0.42 -7.93
N TYR A 189 -0.66 1.08 -9.10
CA TYR A 189 -1.27 2.39 -9.29
C TYR A 189 -2.76 2.31 -8.95
N TYR A 190 -3.51 1.35 -9.50
CA TYR A 190 -4.94 1.25 -9.19
C TYR A 190 -5.17 0.78 -7.75
N THR A 191 -4.29 -0.06 -7.19
CA THR A 191 -4.30 -0.39 -5.77
C THR A 191 -4.23 0.91 -4.94
N SER A 192 -3.28 1.79 -5.27
CA SER A 192 -3.09 3.04 -4.57
C SER A 192 -4.33 3.91 -4.73
N LEU A 193 -4.88 4.03 -5.95
CA LEU A 193 -6.08 4.84 -6.18
C LEU A 193 -7.26 4.32 -5.37
N LEU A 194 -7.45 3.00 -5.19
CA LEU A 194 -8.56 2.51 -4.38
C LEU A 194 -8.37 2.96 -2.93
N TYR A 195 -7.18 2.79 -2.38
CA TYR A 195 -6.91 3.21 -1.01
C TYR A 195 -7.07 4.74 -0.84
N LEU A 196 -6.66 5.53 -1.83
CA LEU A 196 -6.82 6.98 -1.79
C LEU A 196 -8.31 7.34 -1.86
N SER A 197 -9.11 6.54 -2.56
CA SER A 197 -10.55 6.72 -2.65
C SER A 197 -11.24 6.45 -1.31
N THR A 198 -10.76 5.48 -0.52
CA THR A 198 -11.29 5.23 0.81
C THR A 198 -10.84 6.29 1.82
N LEU A 199 -9.68 6.92 1.60
CA LEU A 199 -9.07 7.83 2.57
C LEU A 199 -9.91 9.10 2.79
N GLU A 200 -9.64 9.78 3.91
CA GLU A 200 -10.35 10.94 4.41
C GLU A 200 -9.32 11.86 5.09
N PRO A 201 -9.67 13.11 5.48
CA PRO A 201 -8.82 13.98 6.28
C PRO A 201 -8.37 13.43 7.64
N SER A 202 -8.91 12.28 8.08
CA SER A 202 -8.69 11.66 9.38
C SER A 202 -7.20 11.44 9.69
N THR A 203 -6.87 11.41 10.98
CA THR A 203 -5.52 11.29 11.52
C THR A 203 -4.88 9.91 11.33
N SER A 204 -5.54 8.99 10.61
CA SER A 204 -5.01 7.69 10.21
C SER A 204 -3.65 7.81 9.49
N ILE A 205 -3.43 8.92 8.78
CA ILE A 205 -2.23 9.27 8.06
C ILE A 205 -1.96 10.78 8.29
N THR A 206 -0.86 11.28 7.74
CA THR A 206 -0.37 12.65 7.91
C THR A 206 -0.07 13.24 6.52
N LEU A 207 0.33 14.52 6.46
CA LEU A 207 0.83 15.10 5.22
C LEU A 207 2.09 14.34 4.75
N ALA A 208 2.95 13.90 5.66
CA ALA A 208 4.14 13.13 5.30
C ALA A 208 3.76 11.80 4.67
N GLU A 209 2.75 11.11 5.22
CA GLU A 209 2.25 9.87 4.62
C GLU A 209 1.60 10.18 3.27
N ARG A 210 0.84 11.27 3.12
CA ARG A 210 0.31 11.67 1.82
C ARG A 210 1.43 11.93 0.81
N GLN A 211 2.52 12.58 1.20
CA GLN A 211 3.65 12.79 0.31
C GLN A 211 4.20 11.43 -0.18
N GLN A 212 4.40 10.47 0.74
CA GLN A 212 4.88 9.16 0.39
C GLN A 212 3.89 8.41 -0.51
N LEU A 213 2.58 8.54 -0.27
CA LEU A 213 1.55 7.90 -1.11
C LEU A 213 1.54 8.52 -2.51
N ALA A 214 1.64 9.85 -2.64
CA ALA A 214 1.72 10.53 -3.93
C ALA A 214 2.98 10.08 -4.67
N TYR A 215 4.11 9.97 -3.98
CA TYR A 215 5.37 9.51 -4.57
C TYR A 215 5.23 8.06 -5.06
N ASP A 216 4.69 7.16 -4.23
CA ASP A 216 4.55 5.75 -4.59
C ASP A 216 3.56 5.56 -5.76
N LEU A 217 2.47 6.33 -5.76
CA LEU A 217 1.53 6.43 -6.86
C LEU A 217 2.25 6.90 -8.13
N SER A 218 3.14 7.89 -8.01
CA SER A 218 3.90 8.43 -9.13
C SER A 218 4.87 7.40 -9.70
N ILE A 219 5.61 6.66 -8.86
CA ILE A 219 6.48 5.59 -9.33
C ILE A 219 5.61 4.53 -10.03
N SER A 220 4.43 4.21 -9.49
CA SER A 220 3.53 3.25 -10.10
C SER A 220 3.06 3.74 -11.48
N ALA A 221 2.76 5.05 -11.63
CA ALA A 221 2.42 5.65 -12.91
C ALA A 221 3.62 5.60 -13.88
N LEU A 222 4.81 5.92 -13.39
CA LEU A 222 6.04 6.01 -14.19
C LEU A 222 6.43 4.64 -14.78
N LEU A 223 6.12 3.54 -14.07
CA LEU A 223 6.61 2.21 -14.40
C LEU A 223 5.49 1.25 -14.83
N GLY A 224 4.22 1.65 -14.73
CA GLY A 224 3.09 0.79 -15.05
C GLY A 224 2.97 0.59 -16.56
N ASP A 225 2.72 -0.65 -16.99
CA ASP A 225 2.78 -1.04 -18.39
C ASP A 225 1.65 -0.41 -19.21
N LYS A 226 0.51 -0.10 -18.57
CA LYS A 226 -0.70 0.39 -19.21
C LYS A 226 -0.96 1.86 -18.89
N ILE A 227 -0.04 2.55 -18.21
CA ILE A 227 -0.20 3.96 -17.89
C ILE A 227 0.23 4.73 -19.15
N TYR A 228 -0.70 5.47 -19.76
CA TYR A 228 -0.49 6.15 -21.04
C TYR A 228 -0.95 7.62 -20.96
N ASN A 229 -1.18 8.13 -19.76
CA ASN A 229 -1.63 9.49 -19.49
C ASN A 229 -1.08 9.90 -18.13
N PHE A 230 -0.85 11.20 -17.94
CA PHE A 230 -0.26 11.75 -16.72
C PHE A 230 -0.90 13.07 -16.29
N GLY A 231 -1.65 13.76 -17.16
CA GLY A 231 -2.27 15.03 -16.80
C GLY A 231 -3.28 14.85 -15.67
N GLU A 232 -4.14 13.82 -15.77
CA GLU A 232 -5.13 13.51 -14.75
C GLU A 232 -4.45 13.12 -13.43
N LEU A 233 -3.35 12.38 -13.52
CA LEU A 233 -2.55 11.98 -12.36
C LEU A 233 -1.99 13.23 -11.68
N LEU A 234 -1.31 14.11 -12.42
CA LEU A 234 -0.74 15.34 -11.86
C LEU A 234 -1.82 16.25 -11.29
N HIS A 235 -3.03 16.27 -11.88
CA HIS A 235 -4.14 17.08 -11.42
C HIS A 235 -4.70 16.58 -10.08
N HIS A 236 -4.52 15.30 -9.73
CA HIS A 236 -5.08 14.71 -8.52
C HIS A 236 -4.51 15.44 -7.29
N PRO A 237 -5.35 16.00 -6.38
CA PRO A 237 -4.91 16.88 -5.30
C PRO A 237 -4.07 16.18 -4.23
N ILE A 238 -3.91 14.86 -4.26
CA ILE A 238 -2.95 14.19 -3.39
C ILE A 238 -1.52 14.69 -3.72
N MET A 239 -1.26 14.97 -5.01
CA MET A 239 0.07 15.26 -5.52
C MET A 239 0.61 16.61 -5.08
N GLU A 240 -0.24 17.60 -4.74
CA GLU A 240 0.27 18.95 -4.50
C GLU A 240 1.26 18.96 -3.32
N THR A 241 1.09 17.98 -2.44
CA THR A 241 1.92 17.78 -1.27
C THR A 241 3.40 17.56 -1.64
N ILE A 242 3.68 16.94 -2.81
CA ILE A 242 5.04 16.70 -3.28
C ILE A 242 5.45 17.72 -4.34
N VAL A 243 4.49 18.23 -5.13
CA VAL A 243 4.73 19.25 -6.15
C VAL A 243 5.39 20.46 -5.51
N ASN A 244 4.97 20.82 -4.28
CA ASN A 244 5.40 22.02 -3.60
C ASN A 244 6.58 21.78 -2.66
N ASP A 245 7.29 20.64 -2.79
CA ASP A 245 8.36 20.23 -1.87
C ASP A 245 9.58 19.80 -2.68
N SER A 246 10.70 20.51 -2.48
CA SER A 246 11.96 20.32 -3.19
C SER A 246 12.49 18.88 -3.13
N ASN A 247 12.12 18.09 -2.10
CA ASN A 247 12.53 16.69 -1.99
C ASN A 247 12.02 15.83 -3.16
N TYR A 248 10.96 16.27 -3.84
CA TYR A 248 10.27 15.52 -4.87
C TYR A 248 10.13 16.35 -6.17
N ASP A 249 10.69 17.56 -6.23
CA ASP A 249 10.53 18.44 -7.38
C ASP A 249 11.11 17.82 -8.66
N TRP A 250 12.19 17.05 -8.53
CA TRP A 250 12.77 16.29 -9.63
C TRP A 250 11.75 15.29 -10.19
N LEU A 251 11.02 14.58 -9.31
CA LEU A 251 10.02 13.60 -9.72
C LEU A 251 8.90 14.32 -10.44
N PHE A 252 8.44 15.45 -9.91
CA PHE A 252 7.41 16.25 -10.55
C PHE A 252 7.84 16.68 -11.94
N GLN A 253 9.07 17.19 -12.08
CA GLN A 253 9.59 17.60 -13.38
C GLN A 253 9.72 16.42 -14.33
N LEU A 254 10.12 15.23 -13.85
CA LEU A 254 10.21 14.04 -14.69
C LEU A 254 8.82 13.66 -15.22
N LEU A 255 7.80 13.64 -14.35
CA LEU A 255 6.43 13.37 -14.76
C LEU A 255 5.96 14.42 -15.76
N ASN A 256 6.18 15.70 -15.46
CA ASN A 256 5.76 16.81 -16.30
C ASN A 256 6.37 16.67 -17.69
N ALA A 257 7.68 16.40 -17.79
CA ALA A 257 8.35 16.19 -19.07
C ALA A 257 7.74 15.02 -19.83
N LEU A 258 7.47 13.91 -19.15
CA LEU A 258 6.80 12.74 -19.73
C LEU A 258 5.37 13.05 -20.16
N THR A 259 4.67 13.96 -19.48
CA THR A 259 3.31 14.37 -19.81
C THR A 259 3.29 15.09 -21.17
N VAL A 260 4.35 15.81 -21.53
CA VAL A 260 4.36 16.71 -22.68
C VAL A 260 5.32 16.24 -23.79
N GLY A 261 6.14 15.21 -23.54
CA GLY A 261 7.13 14.72 -24.48
C GLY A 261 8.34 15.65 -24.57
N ASP A 262 8.69 16.34 -23.47
CA ASP A 262 9.88 17.20 -23.42
C ASP A 262 11.11 16.30 -23.25
N PHE A 263 11.57 15.74 -24.37
CA PHE A 263 12.73 14.87 -24.46
C PHE A 263 13.98 15.48 -23.83
N ASP A 264 14.14 16.79 -23.88
CA ASP A 264 15.35 17.46 -23.38
C ASP A 264 15.34 17.53 -21.86
N LYS A 265 14.22 17.95 -21.24
CA LYS A 265 14.06 17.87 -19.79
C LYS A 265 14.16 16.44 -19.33
N PHE A 266 13.45 15.53 -20.01
CA PHE A 266 13.44 14.12 -19.70
C PHE A 266 14.88 13.61 -19.69
N ASP A 267 15.64 13.78 -20.79
CA ASP A 267 17.01 13.29 -20.90
C ASP A 267 17.90 13.89 -19.82
N SER A 268 17.78 15.19 -19.53
CA SER A 268 18.59 15.85 -18.52
C SER A 268 18.33 15.30 -17.12
N LEU A 269 17.09 14.91 -16.78
CA LEU A 269 16.80 14.31 -15.49
C LEU A 269 17.20 12.84 -15.51
N ILE A 270 16.95 12.12 -16.59
CA ILE A 270 17.28 10.72 -16.76
C ILE A 270 18.78 10.50 -16.55
N LYS A 271 19.63 11.41 -17.04
CA LYS A 271 21.08 11.39 -16.84
C LYS A 271 21.52 11.44 -15.38
N VAL A 272 20.62 11.69 -14.42
CA VAL A 272 20.96 11.88 -13.01
C VAL A 272 20.06 10.98 -12.14
N GLN A 273 18.73 11.09 -12.28
CA GLN A 273 17.79 10.46 -11.38
C GLN A 273 17.74 8.95 -11.55
N ILE A 274 18.05 8.42 -12.75
CA ILE A 274 18.20 6.99 -12.95
C ILE A 274 19.33 6.49 -12.07
N SER A 275 20.51 7.10 -12.16
CA SER A 275 21.72 6.63 -11.49
C SER A 275 21.55 6.63 -9.97
N LYS A 276 20.78 7.59 -9.43
CA LYS A 276 20.56 7.72 -7.99
C LYS A 276 19.63 6.66 -7.41
N ILE A 277 18.84 5.93 -8.21
CA ILE A 277 17.77 5.08 -7.67
C ILE A 277 17.79 3.72 -8.39
N PRO A 278 17.99 2.59 -7.68
CA PRO A 278 18.22 1.28 -8.30
C PRO A 278 17.00 0.73 -9.03
N ILE A 279 15.78 1.00 -8.56
CA ILE A 279 14.57 0.61 -9.30
C ILE A 279 14.54 1.32 -10.66
N LEU A 280 14.82 2.63 -10.70
CA LEU A 280 14.81 3.37 -11.96
C LEU A 280 15.90 2.83 -12.89
N ALA A 281 17.08 2.50 -12.37
CA ALA A 281 18.15 1.91 -13.16
C ALA A 281 17.73 0.60 -13.84
N GLN A 282 16.88 -0.20 -13.19
CA GLN A 282 16.38 -1.44 -13.77
C GLN A 282 15.38 -1.18 -14.91
N HIS A 283 14.59 -0.10 -14.83
CA HIS A 283 13.49 0.17 -15.75
C HIS A 283 13.82 1.19 -16.85
N GLU A 284 14.99 1.85 -16.80
CA GLU A 284 15.40 2.96 -17.67
C GLU A 284 15.00 2.74 -19.15
N SER A 285 15.30 1.55 -19.68
CA SER A 285 15.10 1.22 -21.08
C SER A 285 13.63 1.34 -21.52
N PHE A 286 12.67 1.13 -20.62
CA PHE A 286 11.26 1.23 -20.93
C PHE A 286 10.86 2.70 -21.07
N LEU A 287 11.32 3.57 -20.16
CA LEU A 287 10.92 4.97 -20.10
C LEU A 287 11.24 5.67 -21.42
N ARG A 288 12.42 5.40 -22.00
CA ARG A 288 12.87 6.00 -23.26
C ARG A 288 11.89 5.72 -24.41
N GLN A 289 11.23 4.56 -24.39
CA GLN A 289 10.29 4.18 -25.42
C GLN A 289 8.90 4.67 -25.06
N LYS A 290 8.51 4.61 -23.79
CA LYS A 290 7.20 5.07 -23.36
C LYS A 290 7.02 6.56 -23.64
N ILE A 291 8.06 7.38 -23.45
CA ILE A 291 8.00 8.78 -23.84
C ILE A 291 7.78 8.89 -25.35
N CYS A 292 8.47 8.11 -26.18
CA CYS A 292 8.36 8.22 -27.63
C CYS A 292 6.95 7.82 -28.09
N LEU A 293 6.46 6.69 -27.58
CA LEU A 293 5.12 6.17 -27.83
C LEU A 293 4.11 7.27 -27.51
N MET A 294 4.12 7.76 -26.26
CA MET A 294 3.13 8.73 -25.78
C MET A 294 3.29 10.10 -26.45
N THR A 295 4.50 10.50 -26.86
CA THR A 295 4.70 11.78 -27.52
C THR A 295 3.91 11.80 -28.82
N LEU A 296 3.88 10.69 -29.57
CA LEU A 296 3.14 10.61 -30.80
C LEU A 296 1.65 10.79 -30.50
N ILE A 297 1.10 10.07 -29.51
CA ILE A 297 -0.34 10.10 -29.25
C ILE A 297 -0.75 11.51 -28.81
N GLU A 298 0.09 12.15 -27.99
CA GLU A 298 -0.13 13.47 -27.43
C GLU A 298 -0.11 14.50 -28.55
N THR A 299 0.89 14.43 -29.44
CA THR A 299 0.98 15.28 -30.63
C THR A 299 -0.27 15.12 -31.48
N VAL A 300 -0.68 13.90 -31.80
CA VAL A 300 -1.81 13.67 -32.67
C VAL A 300 -3.10 14.21 -32.04
N PHE A 301 -3.31 13.96 -30.75
CA PHE A 301 -4.52 14.39 -30.05
C PHE A 301 -4.59 15.91 -29.96
N VAL A 302 -3.54 16.55 -29.44
CA VAL A 302 -3.52 18.00 -29.19
C VAL A 302 -3.61 18.75 -30.53
N LYS A 303 -2.85 18.31 -31.54
CA LYS A 303 -2.77 19.01 -32.82
C LYS A 303 -3.89 18.59 -33.78
N ASN A 304 -4.79 17.68 -33.37
CA ASN A 304 -5.87 17.10 -34.18
C ASN A 304 -5.37 16.66 -35.57
N ILE A 305 -4.24 15.95 -35.58
CA ILE A 305 -3.59 15.45 -36.79
C ILE A 305 -4.39 14.25 -37.31
N ARG A 306 -4.31 14.03 -38.62
CA ARG A 306 -4.84 12.83 -39.28
C ARG A 306 -3.82 12.19 -40.23
N MET A 307 -2.78 12.91 -40.65
CA MET A 307 -1.70 12.37 -41.48
C MET A 307 -0.39 13.03 -41.03
N LEU A 308 0.69 12.25 -40.97
CA LEU A 308 1.99 12.63 -40.41
C LEU A 308 3.11 11.98 -41.25
N SER A 309 4.37 12.34 -41.02
CA SER A 309 5.49 11.87 -41.83
C SER A 309 6.57 11.28 -40.93
N PHE A 310 7.31 10.29 -41.45
CA PHE A 310 8.41 9.67 -40.70
C PHE A 310 9.43 10.73 -40.31
N GLU A 311 9.66 11.73 -41.17
CA GLU A 311 10.63 12.79 -40.96
C GLU A 311 10.25 13.70 -39.79
N ASP A 312 8.96 13.84 -39.48
CA ASP A 312 8.51 14.62 -38.33
C ASP A 312 8.54 13.77 -37.06
N ILE A 313 8.07 12.52 -37.14
CA ILE A 313 8.10 11.60 -36.01
C ILE A 313 9.57 11.34 -35.60
N SER A 314 10.51 11.34 -36.55
CA SER A 314 11.93 11.25 -36.28
C SER A 314 12.36 12.38 -35.32
N LYS A 315 11.82 13.60 -35.48
CA LYS A 315 12.10 14.71 -34.55
C LYS A 315 11.50 14.41 -33.18
N ALA A 316 10.27 13.91 -33.17
CA ALA A 316 9.47 13.68 -31.97
C ALA A 316 10.00 12.52 -31.11
N THR A 317 10.91 11.70 -31.63
CA THR A 317 11.35 10.46 -30.98
C THR A 317 12.88 10.35 -30.94
N HIS A 318 13.57 11.08 -31.81
CA HIS A 318 15.00 10.98 -32.10
C HIS A 318 15.41 9.57 -32.56
N LEU A 319 14.46 8.83 -33.15
CA LEU A 319 14.73 7.57 -33.84
C LEU A 319 14.95 7.94 -35.30
N PRO A 320 15.86 7.26 -36.04
CA PRO A 320 16.08 7.57 -37.44
C PRO A 320 14.83 7.21 -38.24
N LYS A 321 14.62 7.90 -39.36
CA LYS A 321 13.50 7.65 -40.28
C LYS A 321 13.40 6.18 -40.69
N ASP A 322 14.53 5.48 -40.71
CA ASP A 322 14.60 4.08 -41.11
C ASP A 322 14.07 3.10 -40.07
N ASN A 323 13.89 3.55 -38.81
CA ASN A 323 13.44 2.71 -37.70
C ASN A 323 12.18 3.26 -37.05
N VAL A 324 11.89 4.56 -37.21
CA VAL A 324 10.84 5.23 -36.45
C VAL A 324 9.46 4.62 -36.68
N GLU A 325 9.21 4.02 -37.86
CA GLU A 325 7.94 3.39 -38.14
C GLU A 325 7.64 2.25 -37.14
N HIS A 326 8.67 1.54 -36.67
CA HIS A 326 8.48 0.40 -35.77
C HIS A 326 7.96 0.87 -34.41
N LEU A 327 8.33 2.07 -33.96
CA LEU A 327 7.87 2.64 -32.72
C LEU A 327 6.36 2.89 -32.82
N VAL A 328 5.90 3.53 -33.90
CA VAL A 328 4.49 3.84 -34.03
C VAL A 328 3.67 2.59 -34.38
N MET A 329 4.25 1.60 -35.08
CA MET A 329 3.61 0.29 -35.26
C MET A 329 3.43 -0.38 -33.90
N ARG A 330 4.41 -0.28 -33.00
CA ARG A 330 4.26 -0.76 -31.63
C ARG A 330 3.11 -0.03 -30.96
N ALA A 331 2.99 1.30 -31.10
CA ALA A 331 1.88 2.03 -30.49
C ALA A 331 0.53 1.51 -30.98
N ILE A 332 0.37 1.28 -32.28
CA ILE A 332 -0.85 0.70 -32.85
C ILE A 332 -1.08 -0.68 -32.24
N SER A 333 -0.02 -1.48 -32.08
CA SER A 333 -0.08 -2.83 -31.52
C SER A 333 -0.46 -2.81 -30.03
N LEU A 334 -0.07 -1.78 -29.26
CA LEU A 334 -0.52 -1.57 -27.88
C LEU A 334 -2.00 -1.23 -27.82
N GLY A 335 -2.63 -0.89 -28.96
CA GLY A 335 -4.00 -0.41 -29.02
C GLY A 335 -4.10 1.05 -28.60
N LEU A 336 -2.98 1.79 -28.58
CA LEU A 336 -2.97 3.20 -28.18
C LEU A 336 -3.78 4.06 -29.12
N LEU A 337 -3.80 3.71 -30.41
CA LEU A 337 -4.35 4.55 -31.45
C LEU A 337 -4.67 3.66 -32.63
N LYS A 338 -5.67 4.07 -33.41
CA LYS A 338 -6.09 3.37 -34.61
C LYS A 338 -5.50 4.14 -35.76
N GLY A 339 -4.63 3.51 -36.54
CA GLY A 339 -4.09 4.08 -37.75
C GLY A 339 -3.38 3.04 -38.60
N SER A 340 -2.72 3.52 -39.66
CA SER A 340 -2.00 2.72 -40.63
C SER A 340 -0.75 3.49 -41.07
N ILE A 341 0.23 2.78 -41.63
CA ILE A 341 1.53 3.30 -42.01
C ILE A 341 1.57 3.26 -43.54
N ASP A 342 1.56 4.43 -44.17
CA ASP A 342 1.65 4.59 -45.62
C ASP A 342 3.13 4.55 -46.02
N GLN A 343 3.73 3.38 -45.80
CA GLN A 343 5.15 3.11 -45.90
C GLN A 343 5.76 3.57 -47.23
N VAL A 344 5.00 3.44 -48.32
CA VAL A 344 5.42 3.81 -49.68
C VAL A 344 5.90 5.26 -49.73
N ASN A 345 5.25 6.15 -48.97
CA ASN A 345 5.50 7.58 -49.01
C ASN A 345 6.26 8.06 -47.76
N GLU A 346 6.64 7.14 -46.87
CA GLU A 346 7.17 7.44 -45.54
C GLU A 346 6.19 8.33 -44.76
N LEU A 347 4.89 8.01 -44.85
CA LEU A 347 3.81 8.74 -44.20
C LEU A 347 3.04 7.80 -43.27
N VAL A 348 2.18 8.38 -42.44
CA VAL A 348 1.37 7.71 -41.44
C VAL A 348 -0.01 8.36 -41.50
N THR A 349 -1.08 7.59 -41.27
CA THR A 349 -2.44 8.07 -41.25
C THR A 349 -3.10 7.52 -39.97
N ILE A 350 -3.37 8.39 -39.01
CA ILE A 350 -3.99 8.04 -37.72
C ILE A 350 -5.43 8.54 -37.73
N SER A 351 -6.34 7.87 -37.02
CA SER A 351 -7.76 8.23 -37.00
C SER A 351 -8.43 8.21 -35.62
N TRP A 352 -7.83 7.61 -34.59
CA TRP A 352 -8.34 7.71 -33.22
C TRP A 352 -7.20 7.44 -32.24
N VAL A 353 -7.34 7.90 -30.99
CA VAL A 353 -6.39 7.69 -29.89
C VAL A 353 -7.23 7.27 -28.68
N GLN A 354 -6.81 6.20 -28.01
CA GLN A 354 -7.59 5.52 -26.96
C GLN A 354 -7.44 6.18 -25.57
N PRO A 355 -6.23 6.47 -25.04
CA PRO A 355 -6.08 7.05 -23.70
C PRO A 355 -6.84 8.36 -23.47
N ARG A 356 -7.11 8.64 -22.18
CA ARG A 356 -7.65 9.92 -21.73
C ARG A 356 -6.75 11.07 -22.17
N MET A 1 -6.52 -6.09 46.05
CA MET A 1 -7.22 -6.82 44.98
C MET A 1 -6.40 -8.02 44.47
N PHE A 2 -5.28 -7.77 43.79
CA PHE A 2 -4.51 -8.77 43.07
C PHE A 2 -4.16 -9.99 43.94
N ASN A 3 -3.85 -9.79 45.22
CA ASN A 3 -3.41 -10.84 46.13
C ASN A 3 -4.50 -11.88 46.40
N ASN A 4 -5.78 -11.46 46.41
CA ASN A 4 -6.91 -12.37 46.55
C ASN A 4 -7.11 -13.18 45.26
N HIS A 5 -6.99 -12.52 44.11
CA HIS A 5 -7.32 -13.08 42.81
C HIS A 5 -6.25 -14.09 42.35
N GLU A 6 -6.55 -14.82 41.27
CA GLU A 6 -5.57 -15.69 40.60
C GLU A 6 -4.37 -14.88 40.07
N ILE A 7 -4.53 -13.57 39.92
CA ILE A 7 -3.50 -12.66 39.47
C ILE A 7 -2.26 -12.73 40.38
N ASP A 8 -2.43 -12.98 41.68
CA ASP A 8 -1.31 -13.21 42.60
C ASP A 8 -0.41 -14.34 42.11
N THR A 9 -1.06 -15.46 41.74
CA THR A 9 -0.42 -16.64 41.19
C THR A 9 0.26 -16.28 39.86
N ILE A 10 -0.39 -15.51 38.99
CA ILE A 10 0.16 -15.13 37.70
C ILE A 10 1.43 -14.30 37.91
N LEU A 11 1.38 -13.29 38.79
CA LEU A 11 2.48 -12.36 38.99
C LEU A 11 3.71 -13.13 39.46
N SER A 12 3.54 -13.91 40.52
CA SER A 12 4.64 -14.66 41.11
C SER A 12 5.11 -15.78 40.19
N THR A 13 4.22 -16.43 39.41
CA THR A 13 4.68 -17.40 38.42
C THR A 13 5.57 -16.71 37.40
N LEU A 14 5.18 -15.55 36.87
CA LEU A 14 6.03 -14.86 35.90
C LEU A 14 7.36 -14.51 36.54
N ARG A 15 7.40 -14.08 37.81
CA ARG A 15 8.66 -13.84 38.50
C ARG A 15 9.51 -15.11 38.66
N MET A 16 8.94 -16.32 38.62
CA MET A 16 9.70 -17.57 38.61
C MET A 16 10.14 -17.95 37.20
N GLU A 17 9.26 -17.79 36.21
CA GLU A 17 9.51 -18.08 34.80
C GLU A 17 10.58 -17.14 34.22
N ALA A 18 10.69 -15.94 34.79
CA ALA A 18 11.51 -14.83 34.34
C ALA A 18 13.02 -15.08 34.43
N ASP A 19 13.74 -14.08 33.94
CA ASP A 19 15.18 -13.86 33.98
C ASP A 19 15.34 -12.41 34.49
N PRO A 20 16.44 -12.04 35.17
CA PRO A 20 16.57 -10.75 35.87
C PRO A 20 16.10 -9.48 35.16
N SER A 21 16.15 -9.40 33.83
CA SER A 21 15.63 -8.25 33.08
C SER A 21 14.15 -7.96 33.40
N LEU A 22 13.34 -9.00 33.66
CA LEU A 22 11.91 -8.85 33.88
C LEU A 22 11.59 -8.57 35.36
N HIS A 23 12.51 -8.92 36.28
CA HIS A 23 12.23 -8.91 37.73
C HIS A 23 11.73 -7.54 38.22
N PRO A 24 12.41 -6.40 37.94
CA PRO A 24 11.89 -5.09 38.35
C PRO A 24 10.77 -4.59 37.42
N LEU A 25 10.73 -5.08 36.18
CA LEU A 25 9.87 -4.57 35.09
C LEU A 25 8.41 -4.65 35.49
N PHE A 26 7.97 -5.82 35.99
CA PHE A 26 6.56 -6.11 36.20
C PHE A 26 6.06 -5.60 37.56
N GLU A 27 6.93 -5.11 38.44
CA GLU A 27 6.52 -4.56 39.73
C GLU A 27 5.61 -3.35 39.51
N GLN A 28 5.85 -2.57 38.45
CA GLN A 28 4.98 -1.43 38.11
C GLN A 28 3.59 -1.92 37.68
N PHE A 29 3.51 -3.12 37.11
CA PHE A 29 2.31 -3.64 36.49
C PHE A 29 1.41 -4.18 37.59
N GLU A 30 2.00 -4.85 38.59
CA GLU A 30 1.32 -5.23 39.82
C GLU A 30 0.69 -3.98 40.44
N LYS A 31 1.49 -2.93 40.59
CA LYS A 31 1.08 -1.68 41.21
C LYS A 31 -0.11 -1.07 40.46
N PHE A 32 -0.05 -0.98 39.13
CA PHE A 32 -1.14 -0.41 38.35
C PHE A 32 -2.37 -1.31 38.36
N TYR A 33 -2.23 -2.64 38.29
CA TYR A 33 -3.37 -3.53 38.40
C TYR A 33 -4.08 -3.33 39.74
N GLU A 34 -3.31 -3.18 40.83
CA GLU A 34 -3.81 -2.94 42.19
C GLU A 34 -4.69 -1.70 42.30
N GLU A 35 -4.61 -0.76 41.34
CA GLU A 35 -5.33 0.51 41.38
C GLU A 35 -6.14 0.74 40.11
N LYS A 36 -6.44 -0.31 39.33
CA LYS A 36 -7.30 -0.25 38.14
C LYS A 36 -6.68 0.66 37.04
N LEU A 37 -5.35 0.81 37.03
CA LEU A 37 -4.62 1.74 36.16
C LEU A 37 -4.29 1.11 34.81
N TRP A 38 -5.29 0.47 34.20
CA TRP A 38 -5.24 -0.09 32.85
C TRP A 38 -4.58 0.87 31.85
N PHE A 39 -4.88 2.16 31.97
CA PHE A 39 -4.46 3.21 31.05
C PHE A 39 -2.95 3.54 31.14
N GLN A 40 -2.25 3.01 32.15
CA GLN A 40 -0.79 3.09 32.25
C GLN A 40 -0.19 1.69 32.10
N LEU A 41 -0.92 0.67 32.56
CA LEU A 41 -0.56 -0.73 32.39
C LEU A 41 -0.43 -1.09 30.90
N SER A 42 -1.16 -0.43 30.00
CA SER A 42 -1.05 -0.58 28.56
C SER A 42 0.34 -0.17 28.06
N GLU A 43 0.78 1.07 28.35
CA GLU A 43 2.09 1.55 27.92
C GLU A 43 3.22 0.83 28.67
N SER A 44 2.94 0.34 29.87
CA SER A 44 3.85 -0.56 30.59
C SER A 44 4.02 -1.84 29.77
N LEU A 45 2.92 -2.47 29.33
CA LEU A 45 2.95 -3.67 28.51
C LEU A 45 3.71 -3.46 27.20
N THR A 46 3.77 -2.26 26.64
CA THR A 46 4.65 -1.96 25.52
C THR A 46 6.12 -2.28 25.85
N LYS A 47 6.61 -1.96 27.05
CA LYS A 47 8.00 -2.24 27.43
C LYS A 47 8.23 -3.74 27.47
N PHE A 48 7.28 -4.49 28.03
CA PHE A 48 7.37 -5.95 28.16
C PHE A 48 7.28 -6.61 26.78
N PHE A 49 6.47 -6.07 25.88
CA PHE A 49 6.36 -6.45 24.48
C PHE A 49 7.68 -6.21 23.74
N ASP A 50 8.30 -5.05 23.95
CA ASP A 50 9.47 -4.61 23.20
C ASP A 50 10.74 -5.36 23.65
N ASP A 51 10.88 -5.61 24.95
CA ASP A 51 12.03 -6.33 25.52
C ASP A 51 12.02 -7.78 25.01
N ALA A 52 13.07 -8.15 24.26
CA ALA A 52 13.23 -9.48 23.70
C ALA A 52 13.25 -10.58 24.78
N LYS A 53 13.59 -10.26 26.04
CA LYS A 53 13.61 -11.25 27.11
C LYS A 53 12.19 -11.74 27.44
N SER A 54 11.13 -11.01 27.08
CA SER A 54 9.76 -11.31 27.48
C SER A 54 8.86 -11.72 26.30
N THR A 55 9.38 -11.87 25.08
CA THR A 55 8.59 -12.12 23.87
C THR A 55 7.57 -13.26 24.06
N PRO A 56 7.91 -14.56 24.21
CA PRO A 56 6.95 -15.62 24.52
C PRO A 56 6.58 -15.72 26.01
N LEU A 57 7.37 -15.09 26.91
CA LEU A 57 7.21 -15.15 28.36
C LEU A 57 5.79 -14.74 28.80
N ARG A 58 5.14 -13.90 27.99
CA ARG A 58 3.85 -13.27 28.29
C ARG A 58 2.66 -14.05 27.74
N LEU A 59 2.83 -15.23 27.13
CA LEU A 59 1.69 -15.98 26.56
C LEU A 59 0.61 -16.21 27.66
N ARG A 60 1.03 -16.59 28.87
CA ARG A 60 0.15 -16.77 30.02
C ARG A 60 -0.54 -15.46 30.41
N LEU A 61 0.18 -14.35 30.28
CA LEU A 61 -0.25 -13.02 30.70
C LEU A 61 -1.36 -12.56 29.77
N TYR A 62 -1.19 -12.71 28.46
CA TYR A 62 -2.26 -12.51 27.49
C TYR A 62 -3.48 -13.37 27.87
N ASP A 63 -3.23 -14.66 28.11
CA ASP A 63 -4.28 -15.66 28.26
C ASP A 63 -5.14 -15.51 29.52
N ASN A 64 -4.69 -14.78 30.56
CA ASN A 64 -5.37 -14.78 31.88
C ASN A 64 -5.38 -13.42 32.59
N PHE A 65 -4.67 -12.42 32.08
CA PHE A 65 -4.43 -11.17 32.82
C PHE A 65 -4.79 -9.98 31.93
N VAL A 66 -4.36 -9.93 30.66
CA VAL A 66 -4.81 -8.88 29.73
C VAL A 66 -6.33 -8.95 29.54
N SER A 67 -6.91 -10.16 29.63
CA SER A 67 -8.35 -10.39 29.59
C SER A 67 -9.12 -9.55 30.61
N LYS A 68 -8.53 -9.26 31.78
CA LYS A 68 -9.19 -8.50 32.85
C LYS A 68 -9.46 -7.04 32.45
N PHE A 69 -8.83 -6.54 31.39
CA PHE A 69 -9.00 -5.17 30.90
C PHE A 69 -9.24 -5.15 29.38
N TYR A 70 -9.75 -6.26 28.81
CA TYR A 70 -10.24 -6.26 27.44
C TYR A 70 -11.33 -5.19 27.32
N ASP A 71 -11.33 -4.46 26.19
CA ASP A 71 -12.19 -3.31 25.87
C ASP A 71 -12.01 -2.08 26.80
N LYS A 72 -11.50 -2.24 28.03
CA LYS A 72 -11.10 -1.11 28.86
C LYS A 72 -9.94 -0.36 28.18
N ILE A 73 -9.14 -1.07 27.37
CA ILE A 73 -8.13 -0.49 26.50
C ILE A 73 -8.33 -1.04 25.07
N ASN A 74 -7.69 -0.37 24.11
CA ASN A 74 -7.84 -0.62 22.68
C ASN A 74 -7.49 -2.06 22.31
N GLN A 75 -8.39 -2.73 21.59
CA GLN A 75 -8.26 -4.14 21.25
C GLN A 75 -7.00 -4.41 20.42
N LEU A 76 -6.68 -3.63 19.37
CA LEU A 76 -5.45 -3.92 18.62
C LEU A 76 -4.20 -3.70 19.49
N SER A 77 -4.28 -3.01 20.64
CA SER A 77 -3.18 -3.00 21.60
C SER A 77 -3.15 -4.31 22.38
N VAL A 78 -4.30 -4.84 22.82
CA VAL A 78 -4.34 -6.13 23.51
C VAL A 78 -3.82 -7.23 22.59
N VAL A 79 -4.19 -7.23 21.31
CA VAL A 79 -3.69 -8.21 20.37
C VAL A 79 -2.21 -7.95 20.07
N LYS A 80 -1.74 -6.69 19.99
CA LYS A 80 -0.33 -6.39 19.76
C LYS A 80 0.56 -7.07 20.80
N TYR A 81 0.13 -7.16 22.06
CA TYR A 81 0.94 -7.87 23.04
C TYR A 81 1.10 -9.35 22.70
N LEU A 82 0.07 -10.00 22.15
CA LEU A 82 0.14 -11.36 21.66
C LEU A 82 0.97 -11.45 20.37
N LEU A 83 0.93 -10.42 19.50
CA LEU A 83 1.72 -10.39 18.26
C LEU A 83 3.20 -10.58 18.55
N ALA A 84 3.76 -10.03 19.65
CA ALA A 84 5.16 -10.31 19.96
C ALA A 84 5.38 -11.79 20.22
N SER A 85 4.54 -12.41 21.04
CA SER A 85 4.69 -13.81 21.42
C SER A 85 4.61 -14.72 20.19
N LEU A 86 3.77 -14.36 19.22
CA LEU A 86 3.62 -15.09 17.98
C LEU A 86 4.86 -15.00 17.09
N LYS A 87 5.80 -14.09 17.34
CA LYS A 87 7.10 -14.14 16.66
C LYS A 87 7.84 -15.43 17.04
N ASP A 88 7.58 -15.99 18.24
CA ASP A 88 8.19 -17.26 18.65
C ASP A 88 7.40 -18.47 18.15
N SER A 89 6.13 -18.31 17.73
CA SER A 89 5.41 -19.36 17.04
C SER A 89 6.17 -19.66 15.74
N LYS A 90 6.67 -20.89 15.60
CA LYS A 90 7.47 -21.33 14.44
C LYS A 90 6.70 -21.35 13.11
N ASP A 91 5.44 -20.95 13.11
CA ASP A 91 4.53 -21.10 11.96
C ASP A 91 3.48 -20.00 12.02
N PHE A 92 3.29 -19.28 10.90
CA PHE A 92 2.29 -18.24 10.75
C PHE A 92 0.85 -18.79 10.82
N ASP A 93 0.66 -20.09 10.64
CA ASP A 93 -0.64 -20.75 10.79
C ASP A 93 -1.21 -20.52 12.18
N GLU A 94 -0.37 -20.59 13.21
CA GLU A 94 -0.82 -20.35 14.57
C GLU A 94 -1.21 -18.88 14.71
N SER A 95 -0.39 -17.96 14.18
CA SER A 95 -0.66 -16.53 14.25
C SER A 95 -2.00 -16.19 13.60
N LEU A 96 -2.32 -16.78 12.43
CA LEU A 96 -3.59 -16.57 11.77
C LEU A 96 -4.73 -17.02 12.66
N LYS A 97 -4.65 -18.24 13.22
CA LYS A 97 -5.70 -18.73 14.10
C LYS A 97 -5.83 -17.85 15.33
N TYR A 98 -4.72 -17.41 15.93
CA TYR A 98 -4.74 -16.54 17.09
C TYR A 98 -5.49 -15.25 16.81
N LEU A 99 -5.25 -14.56 15.69
CA LEU A 99 -5.87 -13.25 15.58
C LEU A 99 -7.26 -13.35 14.98
N ASP A 100 -7.57 -14.44 14.27
CA ASP A 100 -8.96 -14.67 13.89
C ASP A 100 -9.78 -15.06 15.12
N ASP A 101 -9.23 -15.89 16.03
CA ASP A 101 -9.99 -16.33 17.20
C ASP A 101 -10.16 -15.18 18.19
N LEU A 102 -9.11 -14.38 18.39
CA LEU A 102 -9.16 -13.24 19.30
C LEU A 102 -10.10 -12.16 18.75
N LYS A 103 -10.10 -11.92 17.42
CA LYS A 103 -11.09 -11.03 16.84
C LYS A 103 -12.50 -11.61 17.02
N ALA A 104 -12.69 -12.91 16.81
CA ALA A 104 -13.99 -13.55 16.95
C ALA A 104 -14.53 -13.40 18.38
N GLN A 105 -13.67 -13.49 19.41
CA GLN A 105 -14.10 -13.22 20.79
C GLN A 105 -14.63 -11.79 20.93
N PHE A 106 -13.94 -10.81 20.34
CA PHE A 106 -14.43 -9.45 20.37
C PHE A 106 -15.70 -9.27 19.54
N GLN A 107 -15.92 -10.06 18.48
CA GLN A 107 -17.19 -10.12 17.76
C GLN A 107 -18.33 -10.73 18.61
N GLU A 108 -18.06 -11.20 19.84
CA GLU A 108 -19.08 -11.60 20.82
C GLU A 108 -19.19 -10.56 21.96
N LEU A 109 -18.35 -9.53 21.95
CA LEU A 109 -18.35 -8.42 22.92
C LEU A 109 -18.74 -7.09 22.26
N ASP A 110 -18.74 -7.05 20.93
CA ASP A 110 -19.03 -5.89 20.08
C ASP A 110 -19.67 -6.41 18.79
N SER A 111 -20.51 -5.59 18.14
CA SER A 111 -21.31 -5.92 17.00
C SER A 111 -21.86 -4.55 16.60
N LYS A 112 -21.65 -4.20 15.34
CA LYS A 112 -22.08 -2.93 14.74
C LYS A 112 -23.57 -2.63 15.00
N LYS A 113 -24.43 -3.66 14.98
CA LYS A 113 -25.89 -3.57 15.20
C LYS A 113 -26.45 -2.26 14.64
N GLN A 114 -26.71 -1.28 15.51
CA GLN A 114 -27.04 0.10 15.17
C GLN A 114 -26.29 1.07 16.11
N ARG A 115 -25.20 0.60 16.74
CA ARG A 115 -24.45 1.35 17.75
C ARG A 115 -23.47 2.28 17.03
N ASN A 116 -23.94 3.47 16.65
CA ASN A 116 -23.12 4.49 15.97
C ASN A 116 -21.92 4.93 16.80
N ASN A 117 -21.94 4.71 18.12
CA ASN A 117 -20.84 4.86 19.05
C ASN A 117 -20.97 3.75 20.10
N GLY A 118 -19.88 3.46 20.81
CA GLY A 118 -19.85 2.44 21.88
C GLY A 118 -18.55 1.64 21.87
N SER A 119 -17.87 1.58 20.71
CA SER A 119 -16.63 0.86 20.49
C SER A 119 -15.73 1.74 19.61
N LYS A 120 -14.40 1.56 19.72
CA LYS A 120 -13.42 2.47 19.12
C LYS A 120 -13.67 2.63 17.63
N ASP A 121 -13.83 3.88 17.19
CA ASP A 121 -14.08 4.32 15.82
C ASP A 121 -14.87 3.30 14.99
N HIS A 122 -16.15 3.17 15.35
CA HIS A 122 -17.17 2.28 14.78
C HIS A 122 -16.91 0.77 14.85
N GLY A 123 -15.73 0.33 15.28
CA GLY A 123 -15.31 -1.06 15.26
C GLY A 123 -13.86 -1.22 14.79
N ASP A 124 -13.18 -0.13 14.43
CA ASP A 124 -11.79 -0.11 13.96
C ASP A 124 -10.84 -0.91 14.86
N GLY A 125 -11.10 -0.89 16.18
CA GLY A 125 -10.36 -1.65 17.19
C GLY A 125 -10.17 -3.13 16.84
N ILE A 126 -11.11 -3.74 16.11
CA ILE A 126 -10.93 -5.08 15.54
C ILE A 126 -10.95 -5.08 14.01
N LEU A 127 -11.59 -4.12 13.34
CA LEU A 127 -11.66 -4.14 11.88
C LEU A 127 -10.24 -4.08 11.27
N LEU A 128 -9.34 -3.32 11.89
CA LEU A 128 -7.95 -3.19 11.43
C LEU A 128 -7.14 -4.47 11.67
N ILE A 129 -7.53 -5.30 12.65
CA ILE A 129 -6.89 -6.60 12.87
C ILE A 129 -7.14 -7.47 11.65
N ASP A 130 -8.36 -7.43 11.07
CA ASP A 130 -8.76 -8.33 9.99
C ASP A 130 -7.88 -8.16 8.76
N SER A 131 -7.42 -6.94 8.45
CA SER A 131 -6.46 -6.71 7.38
C SER A 131 -5.13 -7.44 7.64
N GLU A 132 -4.70 -7.54 8.90
CA GLU A 132 -3.47 -8.23 9.25
C GLU A 132 -3.68 -9.74 9.30
N ILE A 133 -4.85 -10.23 9.73
CA ILE A 133 -5.14 -11.67 9.65
C ILE A 133 -5.17 -12.07 8.17
N ALA A 134 -5.76 -11.25 7.29
CA ALA A 134 -5.70 -11.49 5.85
C ALA A 134 -4.26 -11.49 5.35
N ARG A 135 -3.41 -10.55 5.78
CA ARG A 135 -2.00 -10.50 5.38
C ARG A 135 -1.26 -11.76 5.78
N THR A 136 -1.54 -12.28 6.97
CA THR A 136 -0.97 -13.52 7.47
C THR A 136 -1.50 -14.70 6.67
N TYR A 137 -2.81 -14.72 6.35
CA TYR A 137 -3.42 -15.77 5.55
C TYR A 137 -2.81 -15.81 4.15
N LEU A 138 -2.64 -14.66 3.49
CA LEU A 138 -2.04 -14.59 2.16
C LEU A 138 -0.60 -15.08 2.18
N LEU A 139 0.15 -14.82 3.27
CA LEU A 139 1.51 -15.32 3.43
C LEU A 139 1.52 -16.84 3.57
N LYS A 140 0.67 -17.39 4.46
CA LYS A 140 0.72 -18.80 4.83
C LYS A 140 0.12 -19.71 3.75
N ASN A 141 -1.04 -19.33 3.21
CA ASN A 141 -1.85 -20.18 2.34
C ASN A 141 -1.16 -20.44 1.00
N ASP A 142 -1.63 -21.46 0.28
CA ASP A 142 -1.28 -21.75 -1.11
C ASP A 142 -1.51 -20.51 -1.97
N LEU A 143 -0.62 -20.25 -2.94
CA LEU A 143 -0.62 -19.00 -3.69
C LEU A 143 -1.90 -18.77 -4.49
N VAL A 144 -2.46 -19.78 -5.18
CA VAL A 144 -3.65 -19.54 -6.00
C VAL A 144 -4.90 -19.46 -5.11
N LYS A 145 -4.95 -20.23 -4.02
CA LYS A 145 -6.02 -20.06 -3.02
C LYS A 145 -5.94 -18.68 -2.37
N ALA A 146 -4.74 -18.20 -2.06
CA ALA A 146 -4.52 -16.86 -1.54
C ALA A 146 -5.00 -15.82 -2.55
N ARG A 147 -4.66 -15.98 -3.84
CA ARG A 147 -5.09 -15.02 -4.87
C ARG A 147 -6.59 -15.02 -5.07
N ASP A 148 -7.28 -16.15 -4.90
CA ASP A 148 -8.73 -16.20 -4.96
C ASP A 148 -9.35 -15.44 -3.79
N LEU A 149 -8.80 -15.63 -2.57
CA LEU A 149 -9.24 -14.87 -1.40
C LEU A 149 -8.99 -13.39 -1.60
N LEU A 150 -7.81 -13.01 -2.10
CA LEU A 150 -7.46 -11.61 -2.35
C LEU A 150 -8.42 -10.98 -3.37
N ASP A 151 -8.80 -11.70 -4.41
CA ASP A 151 -9.74 -11.18 -5.41
C ASP A 151 -11.10 -10.90 -4.80
N ASP A 152 -11.60 -11.79 -3.93
CA ASP A 152 -12.86 -11.61 -3.23
C ASP A 152 -12.77 -10.47 -2.21
N LEU A 153 -11.63 -10.37 -1.51
CA LEU A 153 -11.37 -9.31 -0.55
C LEU A 153 -11.35 -7.96 -1.26
N GLU A 154 -10.69 -7.85 -2.42
CA GLU A 154 -10.66 -6.64 -3.23
C GLU A 154 -12.06 -6.33 -3.78
N LYS A 155 -12.86 -7.35 -4.14
CA LYS A 155 -14.23 -7.14 -4.60
C LYS A 155 -15.09 -6.52 -3.49
N THR A 156 -14.90 -7.01 -2.26
CA THR A 156 -15.59 -6.52 -1.07
C THR A 156 -14.94 -5.24 -0.54
N LEU A 157 -13.75 -4.90 -1.02
CA LEU A 157 -12.80 -3.87 -0.57
C LEU A 157 -12.31 -4.21 0.84
N ASP A 158 -13.21 -4.42 1.80
CA ASP A 158 -12.91 -4.99 3.12
C ASP A 158 -14.21 -5.37 3.81
N LYS A 159 -15.18 -4.44 3.86
CA LYS A 159 -16.49 -4.62 4.47
C LYS A 159 -17.44 -3.66 3.76
N LYS A 160 -18.65 -4.10 3.42
CA LYS A 160 -19.61 -3.24 2.72
C LYS A 160 -20.27 -2.25 3.67
N ASP A 161 -20.41 -2.61 4.95
CA ASP A 161 -21.12 -1.84 5.97
C ASP A 161 -20.53 -0.43 6.17
N SER A 162 -19.20 -0.32 6.30
CA SER A 162 -18.46 0.92 6.55
C SER A 162 -16.98 0.60 6.37
N ILE A 163 -16.20 1.55 5.83
CA ILE A 163 -14.78 1.39 5.57
C ILE A 163 -14.08 2.76 5.66
N PRO A 164 -13.62 3.17 6.85
CA PRO A 164 -12.75 4.34 7.00
C PRO A 164 -11.51 4.27 6.09
N LEU A 165 -10.87 5.41 5.86
CA LEU A 165 -9.68 5.45 5.00
C LEU A 165 -8.51 4.65 5.58
N ARG A 166 -8.39 4.48 6.90
CA ARG A 166 -7.30 3.69 7.48
C ARG A 166 -7.46 2.22 7.13
N ILE A 167 -8.66 1.65 7.25
CA ILE A 167 -8.85 0.24 6.86
C ILE A 167 -8.66 0.10 5.35
N THR A 168 -9.03 1.10 4.56
CA THR A 168 -8.80 1.08 3.11
C THR A 168 -7.28 1.03 2.81
N ASN A 169 -6.47 1.86 3.49
CA ASN A 169 -5.02 1.82 3.40
C ASN A 169 -4.45 0.47 3.85
N SER A 170 -4.98 -0.06 4.96
CA SER A 170 -4.50 -1.29 5.54
C SER A 170 -4.84 -2.48 4.63
N PHE A 171 -5.99 -2.43 3.94
CA PHE A 171 -6.34 -3.38 2.89
C PHE A 171 -5.30 -3.32 1.78
N TYR A 172 -5.01 -2.17 1.17
CA TYR A 172 -4.08 -2.20 0.04
C TYR A 172 -2.65 -2.49 0.47
N SER A 173 -2.31 -2.27 1.74
CA SER A 173 -1.04 -2.73 2.29
C SER A 173 -1.01 -4.27 2.28
N THR A 174 -2.14 -4.92 2.60
CA THR A 174 -2.32 -6.36 2.43
C THR A 174 -2.38 -6.76 0.95
N ASN A 175 -3.00 -5.98 0.06
CA ASN A 175 -3.03 -6.24 -1.39
C ASN A 175 -1.60 -6.30 -1.94
N SER A 176 -0.74 -5.40 -1.44
CA SER A 176 0.67 -5.33 -1.80
C SER A 176 1.47 -6.57 -1.36
N GLN A 177 0.91 -7.49 -0.55
CA GLN A 177 1.53 -8.79 -0.28
C GLN A 177 1.71 -9.59 -1.58
N TYR A 178 0.82 -9.39 -2.56
CA TYR A 178 0.90 -10.00 -3.89
C TYR A 178 1.94 -9.30 -4.78
N PHE A 179 2.57 -8.21 -4.32
CA PHE A 179 3.45 -7.34 -5.12
C PHE A 179 2.75 -6.94 -6.44
N LYS A 180 1.52 -6.43 -6.34
CA LYS A 180 0.60 -6.14 -7.45
C LYS A 180 1.26 -5.38 -8.61
N PHE A 181 2.22 -4.49 -8.33
CA PHE A 181 2.99 -3.76 -9.34
C PHE A 181 3.74 -4.67 -10.33
N LYS A 182 4.00 -5.94 -10.00
CA LYS A 182 4.68 -6.87 -10.91
C LYS A 182 3.86 -7.16 -12.17
N ASN A 183 2.53 -7.00 -12.12
CA ASN A 183 1.70 -7.06 -13.33
C ASN A 183 2.14 -5.91 -14.24
N ASP A 184 2.04 -4.69 -13.70
CA ASP A 184 2.57 -3.44 -14.20
C ASP A 184 2.25 -2.39 -13.13
N PHE A 185 3.00 -1.30 -13.05
CA PHE A 185 2.76 -0.26 -12.07
C PHE A 185 1.44 0.50 -12.32
N ASN A 186 0.80 0.41 -13.50
CA ASN A 186 -0.54 0.99 -13.67
C ASN A 186 -1.51 0.43 -12.63
N SER A 187 -1.38 -0.86 -12.31
CA SER A 187 -2.18 -1.51 -11.27
C SER A 187 -1.95 -0.86 -9.91
N PHE A 188 -0.71 -0.44 -9.62
CA PHE A 188 -0.40 0.24 -8.38
C PHE A 188 -0.96 1.67 -8.39
N TYR A 189 -0.81 2.38 -9.52
CA TYR A 189 -1.38 3.70 -9.75
C TYR A 189 -2.89 3.69 -9.49
N TYR A 190 -3.62 2.70 -10.03
CA TYR A 190 -5.06 2.64 -9.79
C TYR A 190 -5.40 2.24 -8.36
N THR A 191 -4.58 1.43 -7.70
CA THR A 191 -4.74 1.16 -6.26
C THR A 191 -4.54 2.46 -5.45
N SER A 192 -3.67 3.37 -5.88
CA SER A 192 -3.57 4.70 -5.28
C SER A 192 -4.78 5.58 -5.65
N LEU A 193 -5.34 5.49 -6.86
CA LEU A 193 -6.56 6.26 -7.21
C LEU A 193 -7.75 5.85 -6.35
N LEU A 194 -7.83 4.58 -5.94
CA LEU A 194 -8.81 4.10 -4.97
C LEU A 194 -8.68 4.93 -3.69
N TYR A 195 -7.45 5.11 -3.20
CA TYR A 195 -7.23 5.90 -2.01
C TYR A 195 -7.59 7.36 -2.25
N LEU A 196 -7.32 7.92 -3.44
CA LEU A 196 -7.69 9.31 -3.73
C LEU A 196 -9.21 9.48 -3.69
N SER A 197 -9.94 8.43 -4.10
CA SER A 197 -11.38 8.36 -4.06
C SER A 197 -11.94 8.23 -2.63
N THR A 198 -11.09 8.08 -1.62
CA THR A 198 -11.43 7.75 -0.24
C THR A 198 -10.88 8.82 0.72
N LEU A 199 -9.71 9.40 0.42
CA LEU A 199 -9.03 10.41 1.20
C LEU A 199 -9.85 11.71 1.22
N GLU A 200 -9.62 12.52 2.25
CA GLU A 200 -10.24 13.82 2.51
C GLU A 200 -9.12 14.75 3.00
N PRO A 201 -9.31 16.09 3.05
CA PRO A 201 -8.31 17.02 3.57
C PRO A 201 -8.10 16.93 5.10
N SER A 202 -8.82 16.03 5.78
CA SER A 202 -8.76 15.79 7.22
C SER A 202 -7.33 15.48 7.70
N THR A 203 -7.06 15.73 8.98
CA THR A 203 -5.76 15.53 9.62
C THR A 203 -5.38 14.05 9.82
N SER A 204 -6.11 13.12 9.20
CA SER A 204 -5.85 11.68 9.24
C SER A 204 -4.41 11.33 8.82
N ILE A 205 -3.85 12.11 7.89
CA ILE A 205 -2.46 12.11 7.48
C ILE A 205 -2.06 13.58 7.31
N THR A 206 -0.76 13.86 7.31
CA THR A 206 -0.20 15.20 7.19
C THR A 206 -0.13 15.64 5.72
N LEU A 207 0.28 16.89 5.47
CA LEU A 207 0.60 17.32 4.11
C LEU A 207 1.84 16.56 3.63
N ALA A 208 2.81 16.28 4.50
CA ALA A 208 4.02 15.54 4.13
C ALA A 208 3.67 14.13 3.64
N GLU A 209 2.73 13.44 4.29
CA GLU A 209 2.24 12.15 3.83
C GLU A 209 1.59 12.28 2.44
N ARG A 210 0.81 13.35 2.21
CA ARG A 210 0.25 13.61 0.88
C ARG A 210 1.35 13.86 -0.16
N GLN A 211 2.43 14.55 0.20
CA GLN A 211 3.55 14.72 -0.74
C GLN A 211 4.13 13.37 -1.13
N GLN A 212 4.31 12.45 -0.16
CA GLN A 212 4.83 11.12 -0.46
C GLN A 212 3.84 10.32 -1.31
N LEU A 213 2.52 10.47 -1.09
CA LEU A 213 1.51 9.83 -1.91
C LEU A 213 1.56 10.38 -3.34
N ALA A 214 1.63 11.70 -3.53
CA ALA A 214 1.75 12.32 -4.85
C ALA A 214 2.99 11.81 -5.57
N TYR A 215 4.13 11.74 -4.87
CA TYR A 215 5.38 11.21 -5.42
C TYR A 215 5.21 9.76 -5.85
N ASP A 216 4.73 8.88 -4.96
CA ASP A 216 4.63 7.44 -5.22
C ASP A 216 3.63 7.15 -6.35
N LEU A 217 2.53 7.90 -6.38
CA LEU A 217 1.54 7.87 -7.46
C LEU A 217 2.21 8.25 -8.77
N SER A 218 3.02 9.31 -8.79
CA SER A 218 3.68 9.78 -10.00
C SER A 218 4.76 8.80 -10.46
N ILE A 219 5.50 8.15 -9.56
CA ILE A 219 6.42 7.08 -9.92
C ILE A 219 5.62 5.92 -10.53
N SER A 220 4.49 5.55 -9.93
CA SER A 220 3.63 4.50 -10.48
C SER A 220 3.12 4.87 -11.88
N ALA A 221 2.85 6.16 -12.13
CA ALA A 221 2.46 6.64 -13.44
C ALA A 221 3.63 6.50 -14.43
N LEU A 222 4.79 7.06 -14.09
CA LEU A 222 5.97 7.09 -14.97
C LEU A 222 6.42 5.67 -15.33
N LEU A 223 6.39 4.75 -14.38
CA LEU A 223 6.82 3.37 -14.57
C LEU A 223 5.68 2.47 -15.07
N GLY A 224 4.47 3.00 -15.24
CA GLY A 224 3.32 2.25 -15.70
C GLY A 224 3.40 2.08 -17.20
N ASP A 225 3.66 0.85 -17.64
CA ASP A 225 3.70 0.47 -19.06
C ASP A 225 2.42 0.88 -19.76
N LYS A 226 1.27 0.79 -19.08
CA LYS A 226 -0.05 1.07 -19.67
C LYS A 226 -0.59 2.47 -19.37
N ILE A 227 0.08 3.28 -18.54
CA ILE A 227 -0.35 4.65 -18.28
C ILE A 227 -0.03 5.46 -19.54
N TYR A 228 -1.05 6.08 -20.13
CA TYR A 228 -0.93 6.93 -21.31
C TYR A 228 -1.91 8.11 -21.25
N ASN A 229 -2.42 8.44 -20.05
CA ASN A 229 -3.42 9.49 -19.87
C ASN A 229 -3.07 10.33 -18.63
N PHE A 230 -1.78 10.67 -18.53
CA PHE A 230 -1.18 11.46 -17.45
C PHE A 230 -1.87 12.82 -17.24
N GLY A 231 -2.66 13.31 -18.21
CA GLY A 231 -3.47 14.50 -18.06
C GLY A 231 -4.37 14.47 -16.82
N GLU A 232 -4.84 13.28 -16.40
CA GLU A 232 -5.58 13.14 -15.14
C GLU A 232 -4.67 13.54 -13.97
N LEU A 233 -3.49 12.92 -13.87
CA LEU A 233 -2.54 13.13 -12.81
C LEU A 233 -2.14 14.61 -12.70
N LEU A 234 -1.87 15.25 -13.84
CA LEU A 234 -1.46 16.66 -13.89
C LEU A 234 -2.51 17.62 -13.30
N HIS A 235 -3.76 17.17 -13.08
CA HIS A 235 -4.87 17.99 -12.62
C HIS A 235 -5.46 17.48 -11.29
N HIS A 236 -4.90 16.43 -10.68
CA HIS A 236 -5.30 16.00 -9.36
C HIS A 236 -5.00 17.11 -8.33
N PRO A 237 -5.85 17.31 -7.30
CA PRO A 237 -5.54 18.21 -6.19
C PRO A 237 -4.40 17.67 -5.32
N ILE A 238 -4.18 16.35 -5.29
CA ILE A 238 -3.13 15.73 -4.48
C ILE A 238 -1.75 16.29 -4.90
N MET A 239 -1.55 16.55 -6.19
CA MET A 239 -0.31 17.10 -6.72
C MET A 239 -0.07 18.55 -6.28
N GLU A 240 -1.10 19.27 -5.81
CA GLU A 240 -0.92 20.67 -5.40
C GLU A 240 0.04 20.75 -4.20
N THR A 241 0.14 19.65 -3.44
CA THR A 241 1.03 19.55 -2.30
C THR A 241 2.51 19.56 -2.69
N ILE A 242 2.87 19.33 -3.97
CA ILE A 242 4.27 19.14 -4.37
C ILE A 242 4.69 20.12 -5.47
N VAL A 243 3.77 20.54 -6.34
CA VAL A 243 4.10 21.56 -7.33
C VAL A 243 4.38 22.89 -6.63
N ASN A 244 3.57 23.21 -5.60
CA ASN A 244 3.61 24.51 -4.95
C ASN A 244 4.78 24.59 -3.96
N ASP A 245 5.11 23.46 -3.33
CA ASP A 245 6.25 23.32 -2.43
C ASP A 245 7.57 23.09 -3.20
N SER A 246 7.48 22.90 -4.51
CA SER A 246 8.58 22.69 -5.46
C SER A 246 9.39 21.38 -5.27
N ASN A 247 9.25 20.68 -4.15
CA ASN A 247 10.11 19.55 -3.77
C ASN A 247 10.12 18.42 -4.79
N TYR A 248 9.00 18.21 -5.51
CA TYR A 248 8.89 17.23 -6.59
C TYR A 248 8.32 17.88 -7.85
N ASP A 249 8.37 19.21 -7.97
CA ASP A 249 7.91 19.91 -9.17
C ASP A 249 8.72 19.52 -10.41
N TRP A 250 9.98 19.14 -10.23
CA TRP A 250 10.79 18.56 -11.29
C TRP A 250 10.15 17.29 -11.87
N LEU A 251 9.53 16.47 -11.01
CA LEU A 251 8.87 15.24 -11.42
C LEU A 251 7.61 15.61 -12.21
N PHE A 252 6.84 16.57 -11.70
CA PHE A 252 5.68 17.10 -12.41
C PHE A 252 6.06 17.62 -13.79
N GLN A 253 7.15 18.36 -13.91
CA GLN A 253 7.60 18.88 -15.20
C GLN A 253 8.03 17.75 -16.13
N LEU A 254 8.71 16.72 -15.61
CA LEU A 254 9.11 15.55 -16.40
C LEU A 254 7.86 14.87 -16.93
N LEU A 255 6.87 14.59 -16.08
CA LEU A 255 5.66 13.89 -16.47
C LEU A 255 4.79 14.76 -17.37
N ASN A 256 4.78 16.07 -17.18
CA ASN A 256 4.12 17.04 -18.06
C ASN A 256 4.73 16.97 -19.45
N ALA A 257 6.06 17.02 -19.56
CA ALA A 257 6.75 16.91 -20.84
C ALA A 257 6.40 15.60 -21.56
N LEU A 258 6.38 14.51 -20.80
CA LEU A 258 5.99 13.19 -21.26
C LEU A 258 4.58 13.19 -21.86
N THR A 259 3.65 13.89 -21.20
CA THR A 259 2.24 13.95 -21.59
C THR A 259 2.07 14.60 -22.97
N VAL A 260 3.02 15.45 -23.40
CA VAL A 260 2.91 16.23 -24.63
C VAL A 260 3.99 15.84 -25.64
N GLY A 261 4.82 14.85 -25.33
CA GLY A 261 5.89 14.37 -26.19
C GLY A 261 6.98 15.43 -26.40
N ASP A 262 7.17 16.35 -25.45
CA ASP A 262 8.20 17.39 -25.55
C ASP A 262 9.54 16.77 -25.14
N PHE A 263 10.10 15.97 -26.04
CA PHE A 263 11.36 15.27 -25.87
C PHE A 263 12.49 16.21 -25.47
N ASP A 264 12.48 17.44 -25.96
CA ASP A 264 13.55 18.40 -25.72
C ASP A 264 13.55 18.90 -24.27
N LYS A 265 12.39 19.26 -23.71
CA LYS A 265 12.32 19.74 -22.35
C LYS A 265 12.39 18.52 -21.40
N PHE A 266 11.84 17.36 -21.80
CA PHE A 266 12.02 16.10 -21.11
C PHE A 266 13.51 15.82 -20.95
N ASP A 267 14.30 15.94 -22.03
CA ASP A 267 15.74 15.70 -22.00
C ASP A 267 16.45 16.61 -20.98
N SER A 268 16.04 17.88 -20.86
CA SER A 268 16.59 18.79 -19.86
C SER A 268 16.31 18.35 -18.43
N LEU A 269 15.14 17.76 -18.13
CA LEU A 269 14.88 17.20 -16.81
C LEU A 269 15.71 15.92 -16.64
N ILE A 270 15.72 15.05 -17.65
CA ILE A 270 16.37 13.76 -17.63
C ILE A 270 17.86 13.91 -17.32
N LYS A 271 18.53 14.91 -17.92
CA LYS A 271 19.95 15.21 -17.69
C LYS A 271 20.31 15.52 -16.24
N VAL A 272 19.33 15.69 -15.35
CA VAL A 272 19.55 16.02 -13.95
C VAL A 272 18.86 14.97 -13.07
N GLN A 273 17.55 14.77 -13.25
CA GLN A 273 16.75 13.98 -12.33
C GLN A 273 17.00 12.48 -12.45
N ILE A 274 17.49 11.98 -13.59
CA ILE A 274 17.94 10.60 -13.65
C ILE A 274 19.15 10.44 -12.71
N SER A 275 20.16 11.30 -12.84
CA SER A 275 21.39 11.19 -12.08
C SER A 275 21.14 11.40 -10.58
N LYS A 276 20.25 12.33 -10.22
CA LYS A 276 19.97 12.66 -8.83
C LYS A 276 19.18 11.59 -8.08
N ILE A 277 18.44 10.70 -8.76
CA ILE A 277 17.49 9.80 -8.11
C ILE A 277 17.76 8.35 -8.55
N PRO A 278 18.08 7.42 -7.63
CA PRO A 278 18.54 6.08 -7.99
C PRO A 278 17.46 5.21 -8.65
N ILE A 279 16.18 5.36 -8.27
CA ILE A 279 15.09 4.66 -8.94
C ILE A 279 15.00 5.11 -10.39
N LEU A 280 15.10 6.42 -10.67
CA LEU A 280 15.04 6.91 -12.04
C LEU A 280 16.22 6.38 -12.86
N ALA A 281 17.42 6.32 -12.27
CA ALA A 281 18.60 5.78 -12.95
C ALA A 281 18.38 4.33 -13.41
N GLN A 282 17.61 3.54 -12.67
CA GLN A 282 17.29 2.16 -13.04
C GLN A 282 16.32 2.06 -14.22
N HIS A 283 15.58 3.13 -14.55
CA HIS A 283 14.53 3.15 -15.57
C HIS A 283 14.74 4.19 -16.68
N GLU A 284 15.93 4.78 -16.81
CA GLU A 284 16.23 5.84 -17.77
C GLU A 284 15.68 5.51 -19.17
N SER A 285 16.07 4.35 -19.72
CA SER A 285 15.69 3.95 -21.07
C SER A 285 14.19 3.64 -21.17
N PHE A 286 13.56 3.22 -20.07
CA PHE A 286 12.12 2.96 -20.04
C PHE A 286 11.37 4.26 -20.25
N LEU A 287 11.70 5.33 -19.51
CA LEU A 287 11.06 6.63 -19.68
C LEU A 287 11.31 7.16 -21.10
N ARG A 288 12.54 7.05 -21.60
CA ARG A 288 12.90 7.45 -22.96
C ARG A 288 12.06 6.73 -24.00
N GLN A 289 11.81 5.42 -23.87
CA GLN A 289 10.93 4.75 -24.81
C GLN A 289 9.49 5.16 -24.58
N LYS A 290 9.03 5.28 -23.33
CA LYS A 290 7.64 5.60 -23.02
C LYS A 290 7.20 6.91 -23.63
N ILE A 291 8.01 7.96 -23.54
CA ILE A 291 7.68 9.24 -24.17
C ILE A 291 7.52 9.06 -25.68
N CYS A 292 8.32 8.17 -26.30
CA CYS A 292 8.33 8.03 -27.76
C CYS A 292 7.12 7.22 -28.19
N LEU A 293 6.86 6.11 -27.49
CA LEU A 293 5.68 5.26 -27.66
C LEU A 293 4.45 6.16 -27.59
N MET A 294 4.28 6.88 -26.48
CA MET A 294 3.15 7.80 -26.30
C MET A 294 3.09 8.89 -27.35
N THR A 295 4.22 9.40 -27.85
CA THR A 295 4.20 10.51 -28.79
C THR A 295 3.46 10.08 -30.06
N LEU A 296 3.66 8.84 -30.52
CA LEU A 296 2.94 8.33 -31.67
C LEU A 296 1.44 8.34 -31.38
N ILE A 297 1.01 7.76 -30.24
CA ILE A 297 -0.40 7.58 -29.96
C ILE A 297 -1.08 8.94 -29.79
N GLU A 298 -0.39 9.87 -29.13
CA GLU A 298 -0.87 11.19 -28.80
C GLU A 298 -1.02 12.02 -30.07
N THR A 299 -0.05 11.94 -30.99
CA THR A 299 -0.12 12.58 -32.29
C THR A 299 -1.34 12.04 -33.07
N VAL A 300 -1.48 10.73 -33.14
CA VAL A 300 -2.59 10.08 -33.84
C VAL A 300 -3.92 10.54 -33.24
N PHE A 301 -4.05 10.51 -31.90
CA PHE A 301 -5.31 10.76 -31.22
C PHE A 301 -5.70 12.23 -31.33
N VAL A 302 -4.81 13.14 -30.94
CA VAL A 302 -5.13 14.56 -30.84
C VAL A 302 -5.27 15.17 -32.24
N LYS A 303 -4.36 14.85 -33.17
CA LYS A 303 -4.34 15.45 -34.49
C LYS A 303 -5.24 14.70 -35.48
N ASN A 304 -5.90 13.62 -35.06
CA ASN A 304 -6.70 12.70 -35.86
C ASN A 304 -6.00 12.32 -37.17
N ILE A 305 -5.00 11.45 -37.08
CA ILE A 305 -4.18 10.99 -38.21
C ILE A 305 -4.26 9.47 -38.24
N ARG A 306 -4.39 8.87 -39.43
CA ARG A 306 -4.54 7.42 -39.59
C ARG A 306 -3.47 6.82 -40.51
N MET A 307 -2.67 7.64 -41.20
CA MET A 307 -1.51 7.18 -41.96
C MET A 307 -0.40 8.19 -41.74
N LEU A 308 0.84 7.71 -41.58
CA LEU A 308 2.01 8.49 -41.18
C LEU A 308 3.20 8.00 -41.98
N SER A 309 4.28 8.78 -42.00
CA SER A 309 5.55 8.39 -42.60
C SER A 309 6.56 8.10 -41.50
N PHE A 310 7.58 7.30 -41.83
CA PHE A 310 8.74 7.11 -40.96
C PHE A 310 9.38 8.46 -40.67
N GLU A 311 9.35 9.38 -41.64
CA GLU A 311 9.99 10.68 -41.52
C GLU A 311 9.31 11.49 -40.42
N ASP A 312 7.99 11.61 -40.47
CA ASP A 312 7.28 12.47 -39.52
C ASP A 312 7.30 11.88 -38.11
N ILE A 313 7.17 10.55 -37.99
CA ILE A 313 7.35 9.90 -36.68
C ILE A 313 8.80 10.11 -36.22
N SER A 314 9.80 10.12 -37.10
CA SER A 314 11.18 10.36 -36.73
C SER A 314 11.33 11.77 -36.18
N LYS A 315 10.64 12.76 -36.75
CA LYS A 315 10.64 14.14 -36.23
C LYS A 315 10.04 14.14 -34.82
N ALA A 316 8.89 13.50 -34.65
CA ALA A 316 8.10 13.56 -33.43
C ALA A 316 8.81 12.85 -32.26
N THR A 317 9.29 11.64 -32.49
CA THR A 317 9.95 10.80 -31.48
C THR A 317 11.39 11.29 -31.24
N HIS A 318 11.97 11.95 -32.24
CA HIS A 318 13.38 12.32 -32.33
C HIS A 318 14.28 11.08 -32.30
N LEU A 319 13.77 9.94 -32.81
CA LEU A 319 14.53 8.73 -33.06
C LEU A 319 14.83 8.69 -34.56
N PRO A 320 15.99 8.15 -35.00
CA PRO A 320 16.33 8.11 -36.41
C PRO A 320 15.37 7.16 -37.15
N LYS A 321 15.18 7.39 -38.46
CA LYS A 321 14.32 6.55 -39.30
C LYS A 321 14.72 5.07 -39.24
N ASP A 322 16.00 4.80 -38.98
CA ASP A 322 16.54 3.44 -38.89
C ASP A 322 16.06 2.66 -37.66
N ASN A 323 15.50 3.34 -36.65
CA ASN A 323 15.06 2.73 -35.40
C ASN A 323 13.62 3.13 -35.05
N VAL A 324 13.06 4.13 -35.72
CA VAL A 324 11.71 4.60 -35.41
C VAL A 324 10.67 3.53 -35.69
N GLU A 325 10.90 2.67 -36.70
CA GLU A 325 9.98 1.59 -37.01
C GLU A 325 9.92 0.61 -35.84
N HIS A 326 11.08 0.31 -35.22
CA HIS A 326 11.17 -0.58 -34.07
C HIS A 326 10.35 -0.04 -32.90
N LEU A 327 10.35 1.28 -32.69
CA LEU A 327 9.59 1.93 -31.64
C LEU A 327 8.09 1.70 -31.87
N VAL A 328 7.58 1.91 -33.08
CA VAL A 328 6.15 1.73 -33.32
C VAL A 328 5.80 0.23 -33.41
N MET A 329 6.72 -0.65 -33.80
CA MET A 329 6.53 -2.09 -33.70
C MET A 329 6.36 -2.51 -32.24
N ARG A 330 7.15 -1.91 -31.33
CA ARG A 330 6.94 -2.09 -29.89
C ARG A 330 5.56 -1.59 -29.51
N ALA A 331 5.11 -0.43 -30.01
CA ALA A 331 3.78 0.08 -29.70
C ALA A 331 2.67 -0.90 -30.11
N ILE A 332 2.78 -1.53 -31.29
CA ILE A 332 1.86 -2.60 -31.69
C ILE A 332 1.95 -3.75 -30.68
N SER A 333 3.18 -4.15 -30.34
CA SER A 333 3.44 -5.31 -29.48
C SER A 333 2.91 -5.12 -28.05
N LEU A 334 2.98 -3.91 -27.49
CA LEU A 334 2.45 -3.58 -26.18
C LEU A 334 0.91 -3.54 -26.18
N GLY A 335 0.27 -3.62 -27.35
CA GLY A 335 -1.18 -3.51 -27.49
C GLY A 335 -1.65 -2.06 -27.32
N LEU A 336 -0.81 -1.06 -27.61
CA LEU A 336 -1.21 0.34 -27.45
C LEU A 336 -2.22 0.77 -28.49
N LEU A 337 -2.23 0.07 -29.64
CA LEU A 337 -2.94 0.51 -30.81
C LEU A 337 -3.21 -0.66 -31.73
N LYS A 338 -4.13 -0.43 -32.67
CA LYS A 338 -4.38 -1.32 -33.79
C LYS A 338 -3.76 -0.59 -34.97
N GLY A 339 -2.71 -1.17 -35.55
CA GLY A 339 -2.02 -0.59 -36.69
C GLY A 339 -1.04 -1.57 -37.32
N SER A 340 -0.41 -1.14 -38.41
CA SER A 340 0.46 -1.93 -39.26
C SER A 340 1.56 -1.02 -39.84
N ILE A 341 2.68 -1.62 -40.24
CA ILE A 341 3.86 -0.94 -40.72
C ILE A 341 4.01 -1.28 -42.20
N ASP A 342 4.46 -0.32 -43.00
CA ASP A 342 4.55 -0.39 -44.45
C ASP A 342 5.95 0.10 -44.84
N GLN A 343 6.95 -0.57 -44.26
CA GLN A 343 8.36 -0.21 -44.30
C GLN A 343 8.90 -0.03 -45.71
N VAL A 344 8.44 -0.82 -46.68
CA VAL A 344 8.88 -0.71 -48.07
C VAL A 344 8.52 0.66 -48.67
N ASN A 345 7.48 1.30 -48.14
CA ASN A 345 7.02 2.61 -48.59
C ASN A 345 7.46 3.71 -47.61
N GLU A 346 8.17 3.36 -46.52
CA GLU A 346 8.49 4.24 -45.40
C GLU A 346 7.22 4.83 -44.77
N LEU A 347 6.14 4.03 -44.66
CA LEU A 347 4.84 4.46 -44.17
C LEU A 347 4.38 3.60 -43.00
N VAL A 348 3.35 4.07 -42.29
CA VAL A 348 2.67 3.42 -41.18
C VAL A 348 1.18 3.71 -41.34
N THR A 349 0.32 2.79 -40.89
CA THR A 349 -1.10 2.99 -40.79
C THR A 349 -1.51 2.65 -39.35
N ILE A 350 -2.16 3.57 -38.66
CA ILE A 350 -2.71 3.38 -37.31
C ILE A 350 -4.22 3.62 -37.40
N SER A 351 -5.03 2.87 -36.65
CA SER A 351 -6.48 2.97 -36.74
C SER A 351 -7.20 3.10 -35.40
N TRP A 352 -6.61 2.71 -34.28
CA TRP A 352 -7.15 2.90 -32.93
C TRP A 352 -5.99 2.96 -31.97
N VAL A 353 -6.13 3.66 -30.84
CA VAL A 353 -5.13 3.85 -29.81
C VAL A 353 -5.82 3.85 -28.43
N GLN A 354 -5.06 3.51 -27.38
CA GLN A 354 -5.53 3.38 -26.00
C GLN A 354 -6.17 4.61 -25.30
N PRO A 355 -5.95 5.90 -25.65
CA PRO A 355 -6.50 7.04 -24.89
C PRO A 355 -8.02 6.96 -24.63
N ARG A 356 -8.45 7.66 -23.56
CA ARG A 356 -9.82 7.60 -23.02
C ARG A 356 -10.85 7.83 -24.11
N MET A 1 -6.91 -13.10 46.56
CA MET A 1 -6.89 -11.68 46.15
C MET A 1 -5.87 -11.46 45.04
N PHE A 2 -6.11 -10.51 44.14
CA PHE A 2 -5.23 -10.22 42.98
C PHE A 2 -3.80 -9.79 43.39
N ASN A 3 -3.61 -9.37 44.64
CA ASN A 3 -2.30 -9.09 45.23
C ASN A 3 -1.38 -10.31 45.26
N ASN A 4 -1.90 -11.52 45.02
CA ASN A 4 -1.10 -12.74 44.84
C ASN A 4 -1.62 -13.58 43.68
N HIS A 5 -2.92 -13.88 43.68
CA HIS A 5 -3.51 -14.75 42.67
C HIS A 5 -3.60 -13.98 41.34
N GLU A 6 -3.49 -14.72 40.23
CA GLU A 6 -3.59 -14.28 38.84
C GLU A 6 -2.73 -13.06 38.47
N ILE A 7 -3.06 -11.85 38.92
CA ILE A 7 -2.44 -10.64 38.43
C ILE A 7 -1.02 -10.48 38.95
N ASP A 8 -0.81 -10.52 40.28
CA ASP A 8 0.55 -10.41 40.84
C ASP A 8 1.40 -11.60 40.38
N THR A 9 0.76 -12.76 40.26
CA THR A 9 1.27 -13.98 39.66
C THR A 9 1.81 -13.73 38.24
N ILE A 10 1.02 -13.12 37.34
CA ILE A 10 1.42 -12.89 35.96
C ILE A 10 2.53 -11.84 35.95
N LEU A 11 2.39 -10.76 36.71
CA LEU A 11 3.40 -9.71 36.81
C LEU A 11 4.75 -10.33 37.17
N SER A 12 4.76 -11.10 38.25
CA SER A 12 5.99 -11.65 38.80
C SER A 12 6.56 -12.72 37.89
N THR A 13 5.73 -13.57 37.27
CA THR A 13 6.26 -14.56 36.32
C THR A 13 6.91 -13.84 35.14
N LEU A 14 6.21 -12.88 34.53
CA LEU A 14 6.78 -12.18 33.39
C LEU A 14 8.04 -11.44 33.81
N ARG A 15 8.09 -10.89 35.03
CA ARG A 15 9.28 -10.24 35.56
C ARG A 15 10.45 -11.21 35.78
N MET A 16 10.20 -12.52 36.01
CA MET A 16 11.27 -13.52 36.04
C MET A 16 11.71 -13.90 34.63
N GLU A 17 10.74 -14.06 33.72
CA GLU A 17 10.94 -14.40 32.32
C GLU A 17 11.67 -13.27 31.57
N ALA A 18 11.47 -12.03 32.03
CA ALA A 18 11.96 -10.79 31.47
C ALA A 18 13.46 -10.58 31.65
N ASP A 19 13.98 -9.69 30.82
CA ASP A 19 15.32 -9.12 30.90
C ASP A 19 15.22 -7.83 31.75
N PRO A 20 16.23 -7.46 32.55
CA PRO A 20 16.20 -6.24 33.36
C PRO A 20 15.75 -4.96 32.64
N SER A 21 15.99 -4.82 31.33
CA SER A 21 15.54 -3.66 30.57
C SER A 21 14.00 -3.48 30.58
N LEU A 22 13.24 -4.55 30.82
CA LEU A 22 11.78 -4.51 30.91
C LEU A 22 11.29 -4.14 32.31
N HIS A 23 12.14 -4.19 33.33
CA HIS A 23 11.72 -3.91 34.70
C HIS A 23 11.08 -2.52 34.83
N PRO A 24 11.61 -1.41 34.27
CA PRO A 24 10.95 -0.11 34.43
C PRO A 24 9.54 -0.07 33.83
N LEU A 25 9.24 -0.84 32.77
CA LEU A 25 7.88 -1.01 32.30
C LEU A 25 7.08 -1.77 33.35
N PHE A 26 7.50 -2.97 33.74
CA PHE A 26 6.64 -3.80 34.56
C PHE A 26 6.45 -3.29 36.00
N GLU A 27 7.40 -2.56 36.55
CA GLU A 27 7.25 -1.94 37.86
C GLU A 27 6.12 -0.90 37.87
N GLN A 28 5.93 -0.15 36.77
CA GLN A 28 4.83 0.82 36.69
C GLN A 28 3.55 0.12 36.23
N PHE A 29 3.64 -0.85 35.31
CA PHE A 29 2.51 -1.59 34.77
C PHE A 29 1.72 -2.27 35.90
N GLU A 30 2.43 -2.83 36.88
CA GLU A 30 1.87 -3.46 38.06
C GLU A 30 0.86 -2.54 38.76
N LYS A 31 1.30 -1.33 39.13
CA LYS A 31 0.46 -0.41 39.89
C LYS A 31 -0.52 0.34 39.00
N PHE A 32 -0.18 0.56 37.73
CA PHE A 32 -1.10 1.09 36.73
C PHE A 32 -2.34 0.20 36.64
N TYR A 33 -2.19 -1.14 36.60
CA TYR A 33 -3.34 -2.04 36.57
C TYR A 33 -4.20 -1.83 37.83
N GLU A 34 -3.57 -1.72 39.01
CA GLU A 34 -4.29 -1.53 40.28
C GLU A 34 -5.08 -0.21 40.26
N GLU A 35 -4.51 0.84 39.65
CA GLU A 35 -5.15 2.14 39.44
C GLU A 35 -6.15 2.14 38.27
N LYS A 36 -6.49 0.96 37.73
CA LYS A 36 -7.30 0.75 36.52
C LYS A 36 -6.90 1.69 35.38
N LEU A 37 -5.60 1.96 35.26
CA LEU A 37 -5.03 2.97 34.39
C LEU A 37 -4.80 2.46 32.97
N TRP A 38 -5.75 1.68 32.45
CA TRP A 38 -5.71 1.01 31.15
C TRP A 38 -5.20 1.93 30.03
N PHE A 39 -5.65 3.19 30.06
CA PHE A 39 -5.43 4.17 29.00
C PHE A 39 -3.98 4.64 28.90
N GLN A 40 -3.15 4.35 29.92
CA GLN A 40 -1.70 4.55 29.86
C GLN A 40 -0.96 3.22 29.91
N LEU A 41 -1.53 2.21 30.58
CA LEU A 41 -0.95 0.87 30.66
C LEU A 41 -0.79 0.27 29.27
N SER A 42 -1.77 0.45 28.39
CA SER A 42 -1.72 -0.01 27.01
C SER A 42 -0.53 0.60 26.27
N GLU A 43 -0.34 1.92 26.42
CA GLU A 43 0.77 2.65 25.80
C GLU A 43 2.08 2.14 26.39
N SER A 44 2.11 1.88 27.69
CA SER A 44 3.31 1.44 28.38
C SER A 44 3.73 0.07 27.84
N LEU A 45 2.78 -0.87 27.77
CA LEU A 45 2.99 -2.21 27.20
C LEU A 45 3.41 -2.13 25.74
N THR A 46 2.99 -1.10 25.01
CA THR A 46 3.41 -0.88 23.63
C THR A 46 4.89 -0.49 23.56
N LYS A 47 5.42 0.32 24.50
CA LYS A 47 6.80 0.85 24.42
C LYS A 47 7.83 -0.26 24.22
N PHE A 48 7.71 -1.37 24.95
CA PHE A 48 8.72 -2.43 24.88
C PHE A 48 8.40 -3.48 23.83
N PHE A 49 7.25 -3.38 23.15
CA PHE A 49 6.98 -4.18 21.96
C PHE A 49 7.76 -3.52 20.80
N ASP A 50 7.89 -2.19 20.79
CA ASP A 50 8.79 -1.51 19.86
C ASP A 50 10.25 -1.85 20.18
N ASP A 51 10.58 -2.04 21.47
CA ASP A 51 11.89 -2.58 21.90
C ASP A 51 12.04 -4.08 21.56
N ALA A 52 10.97 -4.73 21.09
CA ALA A 52 10.74 -6.17 20.88
C ALA A 52 10.98 -7.07 22.09
N LYS A 53 11.56 -6.54 23.17
CA LYS A 53 12.04 -7.29 24.32
C LYS A 53 10.92 -8.08 25.00
N SER A 54 9.69 -7.57 24.98
CA SER A 54 8.53 -8.23 25.60
C SER A 54 7.54 -8.77 24.57
N THR A 55 7.89 -8.78 23.29
CA THR A 55 7.06 -9.38 22.25
C THR A 55 6.82 -10.88 22.50
N PRO A 56 7.79 -11.70 22.94
CA PRO A 56 7.51 -13.07 23.37
C PRO A 56 6.61 -13.14 24.61
N LEU A 57 6.88 -12.29 25.62
CA LEU A 57 6.25 -12.39 26.94
C LEU A 57 4.74 -12.24 26.86
N ARG A 58 4.26 -11.31 26.03
CA ARG A 58 2.84 -10.95 25.97
C ARG A 58 1.93 -12.08 25.51
N LEU A 59 2.46 -13.24 25.07
CA LEU A 59 1.64 -14.42 24.82
C LEU A 59 0.90 -14.87 26.08
N ARG A 60 1.46 -14.68 27.28
CA ARG A 60 0.73 -14.94 28.53
C ARG A 60 -0.24 -13.80 28.80
N LEU A 61 0.23 -12.57 28.58
CA LEU A 61 -0.43 -11.32 28.97
C LEU A 61 -1.76 -11.16 28.21
N TYR A 62 -1.78 -11.32 26.89
CA TYR A 62 -3.01 -11.17 26.11
C TYR A 62 -4.06 -12.22 26.53
N ASP A 63 -3.60 -13.42 26.89
CA ASP A 63 -4.44 -14.60 27.12
C ASP A 63 -5.05 -14.64 28.53
N ASN A 64 -4.45 -13.99 29.52
CA ASN A 64 -4.84 -14.15 30.94
C ASN A 64 -5.00 -12.83 31.68
N PHE A 65 -4.64 -11.72 31.06
CA PHE A 65 -4.54 -10.43 31.74
C PHE A 65 -5.34 -9.40 30.95
N VAL A 66 -5.02 -9.14 29.68
CA VAL A 66 -5.82 -8.21 28.85
C VAL A 66 -7.23 -8.78 28.65
N SER A 67 -7.43 -10.10 28.73
CA SER A 67 -8.73 -10.74 28.67
C SER A 67 -9.69 -10.25 29.77
N LYS A 68 -9.20 -9.62 30.84
CA LYS A 68 -10.03 -9.05 31.90
C LYS A 68 -10.51 -7.62 31.57
N PHE A 69 -9.94 -6.96 30.56
CA PHE A 69 -10.21 -5.54 30.27
C PHE A 69 -10.16 -5.19 28.78
N TYR A 70 -10.21 -6.17 27.88
CA TYR A 70 -10.19 -5.94 26.43
C TYR A 70 -11.37 -5.13 25.89
N ASP A 71 -12.42 -4.89 26.69
CA ASP A 71 -13.51 -3.97 26.34
C ASP A 71 -13.20 -2.52 26.76
N LYS A 72 -12.29 -2.33 27.74
CA LYS A 72 -11.91 -1.01 28.26
C LYS A 72 -10.97 -0.28 27.29
N ILE A 73 -10.24 -1.01 26.45
CA ILE A 73 -9.28 -0.45 25.49
C ILE A 73 -9.57 -1.01 24.11
N ASN A 74 -8.98 -0.37 23.10
CA ASN A 74 -9.14 -0.72 21.69
C ASN A 74 -8.78 -2.20 21.46
N GLN A 75 -9.71 -2.99 20.93
CA GLN A 75 -9.50 -4.41 20.71
C GLN A 75 -8.36 -4.64 19.70
N LEU A 76 -8.18 -3.80 18.69
CA LEU A 76 -7.04 -3.96 17.78
C LEU A 76 -5.72 -3.76 18.52
N SER A 77 -5.65 -3.01 19.62
CA SER A 77 -4.45 -2.99 20.45
C SER A 77 -4.24 -4.37 21.08
N VAL A 78 -5.29 -4.96 21.68
CA VAL A 78 -5.16 -6.25 22.34
C VAL A 78 -4.79 -7.34 21.34
N VAL A 79 -5.36 -7.28 20.14
CA VAL A 79 -5.10 -8.23 19.07
C VAL A 79 -3.70 -7.96 18.50
N LYS A 80 -3.26 -6.71 18.34
CA LYS A 80 -1.89 -6.41 17.89
C LYS A 80 -0.84 -6.93 18.87
N TYR A 81 -1.13 -7.04 20.17
CA TYR A 81 -0.20 -7.67 21.10
C TYR A 81 0.05 -9.12 20.69
N LEU A 82 -0.99 -9.85 20.30
CA LEU A 82 -0.85 -11.21 19.76
C LEU A 82 -0.16 -11.19 18.40
N LEU A 83 -0.52 -10.25 17.49
CA LEU A 83 0.14 -10.16 16.19
C LEU A 83 1.65 -10.02 16.38
N ALA A 84 2.12 -9.24 17.36
CA ALA A 84 3.54 -9.03 17.57
C ALA A 84 4.26 -10.35 17.80
N SER A 85 3.79 -11.13 18.77
CA SER A 85 4.41 -12.41 19.12
C SER A 85 4.35 -13.38 17.94
N LEU A 86 3.27 -13.34 17.15
CA LEU A 86 3.12 -14.17 15.96
C LEU A 86 4.10 -13.77 14.87
N LYS A 87 4.37 -12.48 14.67
CA LYS A 87 5.37 -12.02 13.70
C LYS A 87 6.78 -12.40 14.17
N ASP A 88 7.05 -12.37 15.47
CA ASP A 88 8.35 -12.74 16.01
C ASP A 88 8.58 -14.26 15.98
N SER A 89 7.51 -15.04 16.12
CA SER A 89 7.56 -16.49 15.93
C SER A 89 8.03 -16.81 14.52
N LYS A 90 8.88 -17.83 14.37
CA LYS A 90 9.47 -18.22 13.09
C LYS A 90 8.52 -19.14 12.32
N ASP A 91 7.23 -18.82 12.35
CA ASP A 91 6.14 -19.63 11.81
C ASP A 91 4.98 -18.71 11.44
N PHE A 92 4.18 -19.11 10.44
CA PHE A 92 3.06 -18.31 9.92
C PHE A 92 1.83 -19.21 9.68
N ASP A 93 1.69 -20.30 10.44
CA ASP A 93 0.59 -21.26 10.31
C ASP A 93 -0.17 -21.41 11.62
N GLU A 94 0.55 -21.47 12.75
CA GLU A 94 -0.08 -21.38 14.08
C GLU A 94 -0.79 -20.04 14.20
N SER A 95 -0.18 -19.02 13.60
CA SER A 95 -0.69 -17.66 13.58
C SER A 95 -2.13 -17.63 13.16
N LEU A 96 -2.52 -18.42 12.17
CA LEU A 96 -3.89 -18.40 11.68
C LEU A 96 -4.84 -18.96 12.72
N LYS A 97 -4.41 -19.96 13.48
CA LYS A 97 -5.24 -20.62 14.47
C LYS A 97 -5.36 -19.72 15.69
N TYR A 98 -4.27 -19.12 16.17
CA TYR A 98 -4.33 -18.19 17.29
C TYR A 98 -5.14 -16.96 16.91
N LEU A 99 -4.91 -16.41 15.71
CA LEU A 99 -5.50 -15.14 15.32
C LEU A 99 -6.97 -15.35 15.03
N ASP A 100 -7.36 -16.49 14.45
CA ASP A 100 -8.78 -16.77 14.25
C ASP A 100 -9.47 -17.05 15.58
N ASP A 101 -8.80 -17.74 16.52
CA ASP A 101 -9.40 -18.04 17.83
C ASP A 101 -9.66 -16.75 18.61
N LEU A 102 -8.70 -15.81 18.60
CA LEU A 102 -8.89 -14.53 19.26
C LEU A 102 -10.00 -13.74 18.57
N LYS A 103 -10.04 -13.70 17.23
CA LYS A 103 -11.13 -13.00 16.54
C LYS A 103 -12.47 -13.63 16.88
N ALA A 104 -12.55 -14.96 17.01
CA ALA A 104 -13.77 -15.68 17.30
C ALA A 104 -14.33 -15.31 18.68
N GLN A 105 -13.48 -15.05 19.67
CA GLN A 105 -13.97 -14.54 20.95
C GLN A 105 -14.57 -13.14 20.78
N PHE A 106 -13.96 -12.29 19.96
CA PHE A 106 -14.56 -11.01 19.63
C PHE A 106 -15.85 -11.17 18.82
N GLN A 107 -16.05 -12.26 18.06
CA GLN A 107 -17.33 -12.53 17.41
C GLN A 107 -18.45 -12.77 18.44
N GLU A 108 -18.12 -13.22 19.66
CA GLU A 108 -19.12 -13.41 20.72
C GLU A 108 -19.39 -12.07 21.41
N LEU A 109 -18.34 -11.28 21.69
CA LEU A 109 -18.46 -10.02 22.41
C LEU A 109 -19.06 -8.91 21.55
N ASP A 110 -18.80 -8.92 20.24
CA ASP A 110 -19.12 -7.81 19.36
C ASP A 110 -20.62 -7.52 19.29
N SER A 111 -20.95 -6.23 19.45
CA SER A 111 -22.25 -5.62 19.22
C SER A 111 -22.02 -4.14 18.86
N LYS A 112 -20.78 -3.79 18.45
CA LYS A 112 -20.26 -2.44 18.27
C LYS A 112 -20.42 -1.58 19.52
N LYS A 113 -19.98 -0.32 19.46
CA LYS A 113 -19.89 0.58 20.61
C LYS A 113 -20.42 1.95 20.18
N GLN A 114 -20.96 2.72 21.13
CA GLN A 114 -21.57 4.03 20.92
C GLN A 114 -22.58 4.03 19.75
N ARG A 115 -23.39 2.98 19.63
CA ARG A 115 -24.34 2.81 18.51
C ARG A 115 -25.60 3.64 18.69
N ASN A 116 -25.46 4.97 18.58
CA ASN A 116 -26.61 5.87 18.47
C ASN A 116 -27.39 5.55 17.18
N ASN A 117 -26.68 5.11 16.14
CA ASN A 117 -27.20 4.59 14.87
C ASN A 117 -26.19 3.56 14.35
N GLY A 118 -26.52 2.83 13.28
CA GLY A 118 -25.60 1.90 12.62
C GLY A 118 -25.27 0.69 13.49
N SER A 119 -26.24 0.23 14.28
CA SER A 119 -26.11 -0.91 15.18
C SER A 119 -25.65 -2.17 14.43
N LYS A 120 -24.89 -3.03 15.13
CA LYS A 120 -24.32 -4.28 14.63
C LYS A 120 -23.79 -4.19 13.19
N ASP A 121 -22.97 -3.16 12.93
CA ASP A 121 -22.23 -3.01 11.67
C ASP A 121 -21.51 -4.32 11.31
N HIS A 122 -21.57 -4.68 10.03
CA HIS A 122 -20.89 -5.84 9.46
C HIS A 122 -19.63 -5.46 8.65
N GLY A 123 -19.45 -4.18 8.32
CA GLY A 123 -18.31 -3.69 7.57
C GLY A 123 -16.99 -4.06 8.23
N ASP A 124 -16.95 -4.07 9.57
CA ASP A 124 -15.83 -4.62 10.33
C ASP A 124 -16.35 -5.55 11.42
N GLY A 125 -17.02 -6.63 11.01
CA GLY A 125 -17.37 -7.73 11.91
C GLY A 125 -16.10 -8.56 12.07
N ILE A 126 -15.12 -8.02 12.83
CA ILE A 126 -13.74 -8.51 12.94
C ILE A 126 -13.14 -8.81 11.55
N LEU A 127 -13.54 -8.02 10.55
CA LEU A 127 -13.06 -8.17 9.17
C LEU A 127 -11.63 -7.65 9.06
N LEU A 128 -11.24 -6.68 9.90
CA LEU A 128 -9.85 -6.26 10.04
C LEU A 128 -9.00 -7.46 10.45
N ILE A 129 -9.38 -8.15 11.52
CA ILE A 129 -8.62 -9.32 11.99
C ILE A 129 -8.69 -10.42 10.93
N ASP A 130 -9.82 -10.60 10.26
CA ASP A 130 -9.92 -11.58 9.19
C ASP A 130 -9.00 -11.25 8.01
N SER A 131 -8.70 -9.97 7.79
CA SER A 131 -7.72 -9.52 6.81
C SER A 131 -6.28 -9.72 7.32
N GLU A 132 -6.04 -9.66 8.62
CA GLU A 132 -4.74 -10.06 9.20
C GLU A 132 -4.52 -11.56 8.99
N ILE A 133 -5.56 -12.37 9.19
CA ILE A 133 -5.55 -13.80 8.89
C ILE A 133 -5.29 -13.98 7.39
N ALA A 134 -5.99 -13.23 6.52
CA ALA A 134 -5.84 -13.33 5.07
C ALA A 134 -4.41 -13.00 4.64
N ARG A 135 -3.81 -11.92 5.15
CA ARG A 135 -2.42 -11.58 4.84
C ARG A 135 -1.50 -12.69 5.30
N THR A 136 -1.72 -13.25 6.49
CA THR A 136 -0.88 -14.31 7.01
C THR A 136 -1.02 -15.59 6.16
N TYR A 137 -2.21 -15.88 5.59
CA TYR A 137 -2.35 -16.95 4.61
C TYR A 137 -1.55 -16.58 3.35
N LEU A 138 -1.83 -15.42 2.75
CA LEU A 138 -1.27 -14.98 1.47
C LEU A 138 0.26 -14.84 1.50
N LEU A 139 0.86 -14.79 2.69
CA LEU A 139 2.31 -14.81 2.87
C LEU A 139 2.92 -16.18 2.49
N LYS A 140 2.19 -17.29 2.63
CA LYS A 140 2.77 -18.64 2.49
C LYS A 140 1.88 -19.68 1.79
N ASN A 141 0.60 -19.38 1.53
CA ASN A 141 -0.35 -20.32 0.92
C ASN A 141 0.06 -20.63 -0.53
N ASP A 142 -0.37 -21.78 -1.05
CA ASP A 142 -0.13 -22.19 -2.44
C ASP A 142 -0.80 -21.20 -3.40
N LEU A 143 -0.12 -20.85 -4.51
CA LEU A 143 -0.57 -19.78 -5.39
C LEU A 143 -2.01 -19.94 -5.92
N VAL A 144 -2.49 -21.16 -6.18
CA VAL A 144 -3.84 -21.30 -6.74
C VAL A 144 -4.91 -21.08 -5.66
N LYS A 145 -4.59 -21.40 -4.40
CA LYS A 145 -5.47 -21.12 -3.28
C LYS A 145 -5.36 -19.64 -2.89
N ALA A 146 -4.14 -19.09 -2.92
CA ALA A 146 -3.88 -17.70 -2.60
C ALA A 146 -4.62 -16.77 -3.56
N ARG A 147 -4.57 -17.01 -4.88
CA ARG A 147 -5.28 -16.14 -5.83
C ARG A 147 -6.79 -16.22 -5.62
N ASP A 148 -7.34 -17.39 -5.27
CA ASP A 148 -8.76 -17.53 -4.98
C ASP A 148 -9.15 -16.78 -3.72
N LEU A 149 -8.30 -16.83 -2.68
CA LEU A 149 -8.50 -16.09 -1.43
C LEU A 149 -8.50 -14.59 -1.71
N LEU A 150 -7.50 -14.12 -2.48
CA LEU A 150 -7.38 -12.71 -2.85
C LEU A 150 -8.64 -12.26 -3.59
N ASP A 151 -9.08 -13.03 -4.59
CA ASP A 151 -10.28 -12.73 -5.38
C ASP A 151 -11.53 -12.67 -4.49
N ASP A 152 -11.68 -13.61 -3.56
CA ASP A 152 -12.82 -13.64 -2.66
C ASP A 152 -12.83 -12.43 -1.72
N LEU A 153 -11.65 -12.02 -1.23
CA LEU A 153 -11.53 -10.84 -0.38
C LEU A 153 -11.78 -9.57 -1.18
N GLU A 154 -11.30 -9.50 -2.43
CA GLU A 154 -11.50 -8.37 -3.31
C GLU A 154 -12.99 -8.16 -3.61
N LYS A 155 -13.78 -9.24 -3.73
CA LYS A 155 -15.22 -9.15 -3.92
C LYS A 155 -15.93 -8.48 -2.73
N THR A 156 -15.29 -8.32 -1.57
CA THR A 156 -15.84 -7.58 -0.44
C THR A 156 -15.74 -6.05 -0.64
N LEU A 157 -14.91 -5.56 -1.58
CA LEU A 157 -14.79 -4.13 -1.87
C LEU A 157 -16.09 -3.59 -2.50
N ASP A 158 -16.76 -4.44 -3.28
CA ASP A 158 -18.06 -4.16 -3.89
C ASP A 158 -19.15 -3.95 -2.82
N LYS A 159 -20.20 -3.20 -3.17
CA LYS A 159 -21.26 -2.76 -2.27
C LYS A 159 -22.06 -3.89 -1.60
N LYS A 160 -21.82 -5.18 -1.91
CA LYS A 160 -22.38 -6.28 -1.13
C LYS A 160 -22.04 -6.16 0.37
N ASP A 161 -20.98 -5.43 0.71
CA ASP A 161 -20.59 -5.12 2.08
C ASP A 161 -20.29 -3.62 2.17
N SER A 162 -19.98 -3.11 3.36
CA SER A 162 -19.86 -1.69 3.68
C SER A 162 -18.56 -1.45 4.47
N ILE A 163 -17.48 -2.10 4.02
CA ILE A 163 -16.19 -2.11 4.70
C ILE A 163 -15.66 -0.68 4.97
N PRO A 164 -15.25 -0.33 6.21
CA PRO A 164 -14.69 0.97 6.54
C PRO A 164 -13.22 1.08 6.13
N LEU A 165 -12.70 2.30 6.14
CA LEU A 165 -11.36 2.67 5.66
C LEU A 165 -10.21 1.86 6.26
N ARG A 166 -10.32 1.36 7.49
CA ARG A 166 -9.21 0.67 8.15
C ARG A 166 -9.01 -0.70 7.51
N ILE A 167 -10.06 -1.52 7.45
CA ILE A 167 -9.95 -2.81 6.76
C ILE A 167 -9.69 -2.56 5.27
N THR A 168 -10.25 -1.52 4.67
CA THR A 168 -10.07 -1.28 3.24
C THR A 168 -8.60 -0.97 2.90
N ASN A 169 -7.90 -0.09 3.64
CA ASN A 169 -6.50 0.18 3.32
C ASN A 169 -5.61 -1.00 3.76
N SER A 170 -6.01 -1.76 4.78
CA SER A 170 -5.32 -2.98 5.16
C SER A 170 -5.43 -4.03 4.04
N PHE A 171 -6.60 -4.22 3.44
CA PHE A 171 -6.78 -5.12 2.32
C PHE A 171 -5.91 -4.67 1.15
N TYR A 172 -5.95 -3.38 0.78
CA TYR A 172 -5.19 -2.96 -0.39
C TYR A 172 -3.68 -2.93 -0.16
N SER A 173 -3.19 -2.90 1.09
CA SER A 173 -1.76 -3.12 1.33
C SER A 173 -1.45 -4.62 1.18
N THR A 174 -2.39 -5.51 1.49
CA THR A 174 -2.28 -6.93 1.18
C THR A 174 -2.33 -7.17 -0.35
N ASN A 175 -3.03 -6.33 -1.13
CA ASN A 175 -2.96 -6.39 -2.60
C ASN A 175 -1.52 -6.20 -3.08
N SER A 176 -0.73 -5.35 -2.41
CA SER A 176 0.69 -5.21 -2.70
C SER A 176 1.51 -6.43 -2.22
N GLN A 177 1.11 -7.10 -1.13
CA GLN A 177 1.81 -8.26 -0.61
C GLN A 177 1.67 -9.45 -1.56
N TYR A 178 0.50 -9.60 -2.18
CA TYR A 178 0.19 -10.66 -3.12
C TYR A 178 -0.23 -10.01 -4.44
N PHE A 179 0.75 -9.36 -5.08
CA PHE A 179 0.57 -8.65 -6.34
C PHE A 179 0.01 -9.58 -7.42
N LYS A 180 -0.78 -8.99 -8.33
CA LYS A 180 -1.40 -9.70 -9.45
C LYS A 180 -0.34 -10.13 -10.45
N PHE A 181 -0.60 -11.22 -11.18
CA PHE A 181 0.36 -11.82 -12.10
C PHE A 181 0.75 -10.92 -13.28
N LYS A 182 -0.06 -9.88 -13.58
CA LYS A 182 0.16 -8.95 -14.69
C LYS A 182 0.39 -7.52 -14.18
N ASN A 183 0.73 -7.37 -12.89
CA ASN A 183 0.98 -6.07 -12.27
C ASN A 183 2.14 -5.32 -12.94
N ASP A 184 2.15 -4.02 -12.70
CA ASP A 184 3.20 -3.05 -13.01
C ASP A 184 3.03 -1.95 -11.94
N PHE A 185 3.89 -0.94 -11.84
CA PHE A 185 3.73 0.10 -10.83
C PHE A 185 2.41 0.87 -10.96
N ASN A 186 1.71 0.80 -12.12
CA ASN A 186 0.34 1.31 -12.22
C ASN A 186 -0.57 0.69 -11.16
N SER A 187 -0.36 -0.58 -10.83
CA SER A 187 -1.10 -1.28 -9.78
C SER A 187 -0.89 -0.60 -8.42
N PHE A 188 0.33 -0.13 -8.14
CA PHE A 188 0.65 0.58 -6.91
C PHE A 188 0.07 2.01 -6.93
N TYR A 189 0.04 2.65 -8.11
CA TYR A 189 -0.61 3.93 -8.32
C TYR A 189 -2.11 3.81 -8.03
N TYR A 190 -2.80 2.80 -8.58
CA TYR A 190 -4.22 2.62 -8.34
C TYR A 190 -4.49 2.18 -6.89
N THR A 191 -3.59 1.40 -6.27
CA THR A 191 -3.65 1.13 -4.84
C THR A 191 -3.61 2.45 -4.05
N SER A 192 -2.70 3.35 -4.41
CA SER A 192 -2.57 4.65 -3.74
C SER A 192 -3.82 5.49 -3.95
N LEU A 193 -4.38 5.54 -5.17
CA LEU A 193 -5.62 6.26 -5.41
C LEU A 193 -6.78 5.66 -4.61
N LEU A 194 -6.86 4.34 -4.49
CA LEU A 194 -7.88 3.70 -3.66
C LEU A 194 -7.71 4.10 -2.20
N TYR A 195 -6.48 4.16 -1.67
CA TYR A 195 -6.28 4.66 -0.31
C TYR A 195 -6.81 6.10 -0.20
N LEU A 196 -6.50 6.96 -1.17
CA LEU A 196 -6.92 8.36 -1.12
C LEU A 196 -8.45 8.47 -1.27
N SER A 197 -9.07 7.52 -1.93
CA SER A 197 -10.52 7.41 -2.10
C SER A 197 -11.23 6.86 -0.85
N THR A 198 -10.50 6.33 0.13
CA THR A 198 -11.08 5.65 1.29
C THR A 198 -10.71 6.39 2.59
N LEU A 199 -9.50 6.97 2.66
CA LEU A 199 -9.00 7.74 3.79
C LEU A 199 -9.88 8.96 4.05
N GLU A 200 -9.79 9.46 5.29
CA GLU A 200 -10.48 10.63 5.82
C GLU A 200 -9.49 11.32 6.78
N PRO A 201 -9.74 12.58 7.20
CA PRO A 201 -8.94 13.31 8.21
C PRO A 201 -8.79 12.63 9.59
N SER A 202 -9.35 11.43 9.78
CA SER A 202 -9.17 10.57 10.95
C SER A 202 -7.69 10.28 11.24
N THR A 203 -7.44 9.63 12.38
CA THR A 203 -6.11 9.26 12.89
C THR A 203 -5.31 8.32 11.95
N SER A 204 -5.90 7.87 10.84
CA SER A 204 -5.31 6.98 9.87
C SER A 204 -4.04 7.58 9.23
N ILE A 205 -4.01 8.91 9.04
CA ILE A 205 -2.95 9.63 8.37
C ILE A 205 -2.71 10.97 9.07
N THR A 206 -1.69 11.69 8.60
CA THR A 206 -1.35 13.05 8.93
C THR A 206 -1.09 13.79 7.61
N LEU A 207 -0.82 15.10 7.64
CA LEU A 207 -0.36 15.79 6.44
C LEU A 207 0.98 15.22 5.97
N ALA A 208 1.86 14.76 6.88
CA ALA A 208 3.12 14.13 6.49
C ALA A 208 2.85 12.83 5.74
N GLU A 209 1.89 12.01 6.18
CA GLU A 209 1.51 10.80 5.46
C GLU A 209 0.90 11.16 4.10
N ARG A 210 0.08 12.22 4.01
CA ARG A 210 -0.43 12.70 2.73
C ARG A 210 0.71 13.10 1.79
N GLN A 211 1.73 13.82 2.28
CA GLN A 211 2.88 14.19 1.47
C GLN A 211 3.58 12.95 0.94
N GLN A 212 3.79 11.93 1.78
CA GLN A 212 4.44 10.70 1.34
C GLN A 212 3.54 9.91 0.38
N LEU A 213 2.22 9.92 0.55
CA LEU A 213 1.29 9.31 -0.40
C LEU A 213 1.38 10.02 -1.75
N ALA A 214 1.38 11.37 -1.79
CA ALA A 214 1.55 12.14 -3.02
C ALA A 214 2.88 11.79 -3.72
N TYR A 215 3.97 11.70 -2.96
CA TYR A 215 5.27 11.33 -3.49
C TYR A 215 5.24 9.92 -4.08
N ASP A 216 4.78 8.94 -3.30
CA ASP A 216 4.80 7.53 -3.70
C ASP A 216 3.86 7.27 -4.87
N LEU A 217 2.72 7.98 -4.93
CA LEU A 217 1.80 8.01 -6.06
C LEU A 217 2.54 8.49 -7.31
N SER A 218 3.35 9.55 -7.20
CA SER A 218 4.09 10.12 -8.31
C SER A 218 5.19 9.17 -8.80
N ILE A 219 5.92 8.51 -7.89
CA ILE A 219 6.87 7.46 -8.24
C ILE A 219 6.14 6.35 -8.99
N SER A 220 5.00 5.90 -8.45
CA SER A 220 4.21 4.83 -9.06
C SER A 220 3.68 5.21 -10.45
N ALA A 221 3.40 6.50 -10.69
CA ALA A 221 3.02 6.99 -12.01
C ALA A 221 4.23 6.93 -12.95
N LEU A 222 5.37 7.53 -12.59
CA LEU A 222 6.55 7.57 -13.45
C LEU A 222 6.99 6.17 -13.87
N LEU A 223 7.14 5.26 -12.89
CA LEU A 223 7.56 3.89 -13.11
C LEU A 223 6.42 3.03 -13.66
N GLY A 224 5.17 3.52 -13.65
CA GLY A 224 3.98 2.81 -14.06
C GLY A 224 3.94 2.75 -15.58
N ASP A 225 4.54 1.70 -16.15
CA ASP A 225 4.64 1.53 -17.60
C ASP A 225 3.27 1.50 -18.28
N LYS A 226 2.20 1.19 -17.55
CA LYS A 226 0.85 1.14 -18.09
C LYS A 226 0.05 2.44 -17.84
N ILE A 227 0.59 3.42 -17.11
CA ILE A 227 -0.09 4.69 -16.83
C ILE A 227 -0.18 5.55 -18.10
N TYR A 228 0.95 5.74 -18.79
CA TYR A 228 1.17 6.55 -19.99
C TYR A 228 0.52 7.95 -20.06
N ASN A 229 0.08 8.57 -18.95
CA ASN A 229 -0.35 9.98 -18.91
C ASN A 229 -0.35 10.44 -17.46
N PHE A 230 0.18 11.64 -17.18
CA PHE A 230 0.25 12.20 -15.83
C PHE A 230 -0.36 13.61 -15.76
N GLY A 231 -1.03 14.08 -16.83
CA GLY A 231 -1.64 15.40 -16.86
C GLY A 231 -2.65 15.58 -15.72
N GLU A 232 -3.43 14.55 -15.41
CA GLU A 232 -4.38 14.60 -14.30
C GLU A 232 -3.64 14.67 -12.96
N LEU A 233 -2.56 13.89 -12.80
CA LEU A 233 -1.77 13.88 -11.56
C LEU A 233 -1.23 15.27 -11.27
N LEU A 234 -0.73 15.98 -12.30
CA LEU A 234 -0.16 17.33 -12.17
C LEU A 234 -1.19 18.38 -11.70
N HIS A 235 -2.46 18.01 -11.55
CA HIS A 235 -3.54 18.87 -11.06
C HIS A 235 -4.32 18.23 -9.89
N HIS A 236 -3.94 17.03 -9.45
CA HIS A 236 -4.61 16.30 -8.40
C HIS A 236 -4.36 16.99 -7.04
N PRO A 237 -5.40 17.39 -6.27
CA PRO A 237 -5.24 18.14 -5.02
C PRO A 237 -4.28 17.54 -3.99
N ILE A 238 -4.09 16.22 -3.97
CA ILE A 238 -3.17 15.60 -3.01
C ILE A 238 -1.73 16.14 -3.23
N MET A 239 -1.38 16.48 -4.47
CA MET A 239 -0.08 17.03 -4.82
C MET A 239 0.14 18.41 -4.20
N GLU A 240 -0.92 19.13 -3.82
CA GLU A 240 -0.77 20.49 -3.31
C GLU A 240 0.01 20.48 -1.98
N THR A 241 0.06 19.33 -1.31
CA THR A 241 0.83 19.11 -0.09
C THR A 241 2.34 19.12 -0.34
N ILE A 242 2.82 18.91 -1.58
CA ILE A 242 4.25 18.70 -1.86
C ILE A 242 4.77 19.64 -2.93
N VAL A 243 3.95 20.09 -3.87
CA VAL A 243 4.43 21.02 -4.90
C VAL A 243 4.89 22.33 -4.26
N ASN A 244 4.20 22.77 -3.19
CA ASN A 244 4.52 23.98 -2.44
C ASN A 244 5.78 23.80 -1.57
N ASP A 245 6.06 22.57 -1.13
CA ASP A 245 7.28 22.23 -0.39
C ASP A 245 8.49 22.17 -1.33
N SER A 246 8.27 21.64 -2.54
CA SER A 246 9.19 21.65 -3.67
C SER A 246 10.47 20.81 -3.49
N ASN A 247 10.61 19.99 -2.43
CA ASN A 247 11.73 19.06 -2.32
C ASN A 247 11.77 18.06 -3.49
N TYR A 248 10.61 17.79 -4.08
CA TYR A 248 10.43 16.85 -5.19
C TYR A 248 10.28 17.59 -6.52
N ASP A 249 10.78 18.84 -6.62
CA ASP A 249 10.77 19.64 -7.85
C ASP A 249 11.32 18.90 -9.06
N TRP A 250 12.40 18.13 -8.84
CA TRP A 250 12.99 17.28 -9.87
C TRP A 250 11.97 16.28 -10.42
N LEU A 251 11.16 15.69 -9.53
CA LEU A 251 10.17 14.68 -9.89
C LEU A 251 9.09 15.34 -10.73
N PHE A 252 8.57 16.48 -10.28
CA PHE A 252 7.50 17.17 -11.01
C PHE A 252 7.99 17.61 -12.37
N GLN A 253 9.19 18.17 -12.48
CA GLN A 253 9.71 18.63 -13.76
C GLN A 253 9.96 17.45 -14.70
N LEU A 254 10.44 16.30 -14.19
CA LEU A 254 10.63 15.13 -15.04
C LEU A 254 9.27 14.64 -15.54
N LEU A 255 8.29 14.48 -14.65
CA LEU A 255 6.99 13.92 -14.99
C LEU A 255 6.18 14.88 -15.86
N ASN A 256 6.34 16.18 -15.68
CA ASN A 256 5.82 17.21 -16.57
C ASN A 256 6.44 17.08 -17.96
N ALA A 257 7.78 17.05 -18.06
CA ALA A 257 8.48 16.95 -19.34
C ALA A 257 8.04 15.71 -20.11
N LEU A 258 7.92 14.58 -19.41
CA LEU A 258 7.46 13.31 -19.94
C LEU A 258 6.02 13.43 -20.47
N THR A 259 5.14 14.12 -19.76
CA THR A 259 3.74 14.30 -20.16
C THR A 259 3.66 15.09 -21.47
N VAL A 260 4.44 16.18 -21.58
CA VAL A 260 4.31 17.12 -22.70
C VAL A 260 5.23 16.75 -23.87
N GLY A 261 6.08 15.73 -23.73
CA GLY A 261 7.02 15.31 -24.75
C GLY A 261 8.19 16.30 -24.90
N ASP A 262 8.56 17.01 -23.83
CA ASP A 262 9.71 17.91 -23.84
C ASP A 262 10.97 17.07 -23.63
N PHE A 263 11.43 16.43 -24.71
CA PHE A 263 12.62 15.61 -24.74
C PHE A 263 13.84 16.34 -24.22
N ASP A 264 13.95 17.65 -24.42
CA ASP A 264 15.14 18.38 -24.03
C ASP A 264 15.21 18.55 -22.51
N LYS A 265 14.11 18.94 -21.87
CA LYS A 265 14.04 19.00 -20.41
C LYS A 265 14.13 17.59 -19.83
N PHE A 266 13.44 16.62 -20.42
CA PHE A 266 13.48 15.24 -19.99
C PHE A 266 14.94 14.75 -20.01
N ASP A 267 15.64 14.91 -21.14
CA ASP A 267 17.03 14.49 -21.28
C ASP A 267 17.92 15.20 -20.27
N SER A 268 17.72 16.50 -20.06
CA SER A 268 18.52 17.28 -19.11
C SER A 268 18.38 16.76 -17.67
N LEU A 269 17.22 16.22 -17.29
CA LEU A 269 17.04 15.63 -15.97
C LEU A 269 17.55 14.19 -15.97
N ILE A 270 17.33 13.42 -17.02
CA ILE A 270 17.89 12.09 -17.23
C ILE A 270 19.44 12.13 -17.23
N LYS A 271 20.07 13.25 -17.57
CA LYS A 271 21.53 13.38 -17.45
C LYS A 271 22.02 13.37 -15.99
N VAL A 272 21.14 13.59 -14.99
CA VAL A 272 21.57 13.82 -13.61
C VAL A 272 20.69 13.11 -12.57
N GLN A 273 19.38 13.31 -12.60
CA GLN A 273 18.47 12.88 -11.54
C GLN A 273 18.42 11.36 -11.40
N ILE A 274 18.41 10.63 -12.51
CA ILE A 274 18.49 9.18 -12.44
C ILE A 274 19.81 8.73 -11.84
N SER A 275 20.93 9.33 -12.22
CA SER A 275 22.22 8.94 -11.66
C SER A 275 22.25 9.18 -10.14
N LYS A 276 21.55 10.21 -9.65
CA LYS A 276 21.39 10.49 -8.24
C LYS A 276 20.41 9.55 -7.54
N ILE A 277 19.45 8.94 -8.25
CA ILE A 277 18.35 8.20 -7.65
C ILE A 277 18.15 6.85 -8.39
N PRO A 278 18.57 5.73 -7.79
CA PRO A 278 18.62 4.43 -8.47
C PRO A 278 17.26 3.89 -8.88
N ILE A 279 16.19 4.15 -8.13
CA ILE A 279 14.86 3.61 -8.43
C ILE A 279 14.36 4.14 -9.77
N LEU A 280 14.52 5.44 -10.06
CA LEU A 280 14.09 5.96 -11.35
C LEU A 280 15.02 5.41 -12.44
N ALA A 281 16.33 5.33 -12.17
CA ALA A 281 17.32 4.91 -13.15
C ALA A 281 17.11 3.46 -13.60
N GLN A 282 16.66 2.59 -12.71
CA GLN A 282 16.30 1.21 -13.02
C GLN A 282 15.18 1.12 -14.08
N HIS A 283 14.45 2.20 -14.30
CA HIS A 283 13.32 2.28 -15.24
C HIS A 283 13.59 3.30 -16.36
N GLU A 284 14.82 3.80 -16.52
CA GLU A 284 15.18 4.78 -17.55
C GLU A 284 14.60 4.41 -18.91
N SER A 285 14.77 3.14 -19.34
CA SER A 285 14.30 2.67 -20.63
C SER A 285 12.77 2.68 -20.73
N PHE A 286 12.04 2.42 -19.63
CA PHE A 286 10.59 2.48 -19.63
C PHE A 286 10.15 3.93 -19.81
N LEU A 287 10.72 4.85 -19.03
CA LEU A 287 10.40 6.28 -19.11
C LEU A 287 10.71 6.81 -20.52
N ARG A 288 11.85 6.41 -21.10
CA ARG A 288 12.24 6.72 -22.48
C ARG A 288 11.19 6.21 -23.46
N GLN A 289 10.78 4.95 -23.38
CA GLN A 289 9.82 4.45 -24.35
C GLN A 289 8.47 5.12 -24.14
N LYS A 290 8.07 5.40 -22.90
CA LYS A 290 6.84 6.11 -22.60
C LYS A 290 6.83 7.49 -23.23
N ILE A 291 7.86 8.32 -23.06
CA ILE A 291 7.84 9.65 -23.68
C ILE A 291 7.73 9.54 -25.20
N CYS A 292 8.36 8.52 -25.81
CA CYS A 292 8.30 8.34 -27.26
C CYS A 292 6.89 7.96 -27.70
N LEU A 293 6.24 7.03 -27.00
CA LEU A 293 4.85 6.66 -27.29
C LEU A 293 3.96 7.88 -27.07
N MET A 294 4.06 8.52 -25.91
CA MET A 294 3.15 9.57 -25.47
C MET A 294 3.23 10.79 -26.39
N THR A 295 4.42 11.13 -26.89
CA THR A 295 4.57 12.24 -27.81
C THR A 295 3.81 11.92 -29.11
N LEU A 296 3.94 10.69 -29.61
CA LEU A 296 3.24 10.30 -30.82
C LEU A 296 1.73 10.25 -30.58
N ILE A 297 1.28 9.72 -29.44
CA ILE A 297 -0.13 9.64 -29.09
C ILE A 297 -0.72 11.06 -29.09
N GLU A 298 -0.03 12.02 -28.45
CA GLU A 298 -0.48 13.41 -28.44
C GLU A 298 -0.54 13.93 -29.88
N THR A 299 0.50 13.68 -30.68
CA THR A 299 0.57 14.14 -32.07
C THR A 299 -0.61 13.61 -32.88
N VAL A 300 -0.89 12.31 -32.81
CA VAL A 300 -2.01 11.69 -33.53
C VAL A 300 -3.31 12.34 -33.06
N PHE A 301 -3.48 12.55 -31.75
CA PHE A 301 -4.72 13.03 -31.18
C PHE A 301 -4.97 14.50 -31.54
N VAL A 302 -4.06 15.43 -31.17
CA VAL A 302 -4.32 16.86 -31.29
C VAL A 302 -4.34 17.29 -32.76
N LYS A 303 -3.45 16.74 -33.60
CA LYS A 303 -3.40 17.04 -35.03
C LYS A 303 -4.41 16.18 -35.81
N ASN A 304 -5.16 15.31 -35.13
CA ASN A 304 -6.14 14.36 -35.68
C ASN A 304 -5.64 13.64 -36.94
N ILE A 305 -4.42 13.09 -36.89
CA ILE A 305 -3.79 12.37 -37.98
C ILE A 305 -4.27 10.90 -37.93
N ARG A 306 -3.94 10.10 -38.95
CA ARG A 306 -4.12 8.66 -38.96
C ARG A 306 -2.96 7.97 -39.66
N MET A 307 -2.62 8.40 -40.87
CA MET A 307 -1.44 7.90 -41.55
C MET A 307 -0.24 8.74 -41.10
N LEU A 308 0.85 8.08 -40.73
CA LEU A 308 2.09 8.64 -40.21
C LEU A 308 3.24 8.07 -41.05
N SER A 309 4.43 8.68 -40.95
CA SER A 309 5.63 8.20 -41.61
C SER A 309 6.70 7.89 -40.56
N PHE A 310 7.64 7.01 -40.89
CA PHE A 310 8.73 6.71 -39.98
C PHE A 310 9.54 7.98 -39.73
N GLU A 311 9.73 8.84 -40.74
CA GLU A 311 10.42 10.11 -40.57
C GLU A 311 9.73 10.95 -39.49
N ASP A 312 8.41 11.14 -39.58
CA ASP A 312 7.70 12.00 -38.64
C ASP A 312 7.73 11.42 -37.22
N ILE A 313 7.59 10.10 -37.09
CA ILE A 313 7.71 9.43 -35.80
C ILE A 313 9.14 9.61 -35.27
N SER A 314 10.17 9.46 -36.11
CA SER A 314 11.55 9.73 -35.71
C SER A 314 11.72 11.18 -35.24
N LYS A 315 11.09 12.18 -35.87
CA LYS A 315 11.13 13.55 -35.34
C LYS A 315 10.51 13.60 -33.94
N ALA A 316 9.39 12.88 -33.75
CA ALA A 316 8.60 12.87 -32.54
C ALA A 316 9.20 12.00 -31.41
N THR A 317 10.34 11.33 -31.61
CA THR A 317 10.88 10.38 -30.65
C THR A 317 12.41 10.49 -30.52
N HIS A 318 13.07 11.04 -31.53
CA HIS A 318 14.52 11.08 -31.70
C HIS A 318 15.12 9.66 -31.74
N LEU A 319 14.34 8.69 -32.21
CA LEU A 319 14.77 7.32 -32.50
C LEU A 319 15.04 7.23 -34.00
N PRO A 320 15.95 6.37 -34.48
CA PRO A 320 16.22 6.23 -35.90
C PRO A 320 15.01 5.59 -36.59
N LYS A 321 14.86 5.82 -37.90
CA LYS A 321 13.68 5.36 -38.65
C LYS A 321 13.52 3.84 -38.53
N ASP A 322 14.63 3.10 -38.46
CA ASP A 322 14.61 1.64 -38.40
C ASP A 322 13.95 1.11 -37.12
N ASN A 323 14.00 1.89 -36.03
CA ASN A 323 13.50 1.49 -34.72
C ASN A 323 12.02 1.81 -34.55
N VAL A 324 11.43 2.61 -35.44
CA VAL A 324 10.07 3.13 -35.31
C VAL A 324 9.05 2.02 -35.07
N GLU A 325 9.14 0.91 -35.82
CA GLU A 325 8.19 -0.19 -35.67
C GLU A 325 8.25 -0.73 -34.24
N HIS A 326 9.46 -0.98 -33.73
CA HIS A 326 9.69 -1.51 -32.39
C HIS A 326 9.29 -0.50 -31.30
N LEU A 327 9.12 0.78 -31.62
CA LEU A 327 8.55 1.76 -30.72
C LEU A 327 7.03 1.61 -30.75
N VAL A 328 6.38 1.85 -31.89
CA VAL A 328 4.93 1.93 -31.94
C VAL A 328 4.25 0.60 -31.61
N MET A 329 4.92 -0.53 -31.88
CA MET A 329 4.36 -1.85 -31.62
C MET A 329 4.07 -2.06 -30.14
N ARG A 330 4.77 -1.37 -29.22
CA ARG A 330 4.44 -1.46 -27.80
C ARG A 330 3.04 -0.93 -27.55
N ALA A 331 2.68 0.21 -28.13
CA ALA A 331 1.35 0.77 -27.96
C ALA A 331 0.27 -0.18 -28.51
N ILE A 332 0.53 -0.78 -29.68
CA ILE A 332 -0.41 -1.72 -30.29
C ILE A 332 -0.54 -2.95 -29.38
N SER A 333 0.57 -3.41 -28.78
CA SER A 333 0.59 -4.56 -27.88
C SER A 333 -0.16 -4.27 -26.57
N LEU A 334 0.01 -3.07 -26.00
CA LEU A 334 -0.77 -2.63 -24.83
C LEU A 334 -2.24 -2.41 -25.19
N GLY A 335 -2.58 -2.30 -26.47
CA GLY A 335 -3.94 -2.06 -26.95
C GLY A 335 -4.34 -0.59 -26.81
N LEU A 336 -3.37 0.33 -26.81
CA LEU A 336 -3.66 1.77 -26.66
C LEU A 336 -4.33 2.33 -27.91
N LEU A 337 -4.11 1.71 -29.07
CA LEU A 337 -4.51 2.27 -30.34
C LEU A 337 -4.66 1.13 -31.33
N LYS A 338 -5.67 1.26 -32.18
CA LYS A 338 -5.90 0.35 -33.29
C LYS A 338 -5.02 0.90 -34.40
N GLY A 339 -4.06 0.14 -34.88
CA GLY A 339 -3.23 0.55 -36.01
C GLY A 339 -2.49 -0.63 -36.62
N SER A 340 -1.89 -0.37 -37.77
CA SER A 340 -1.13 -1.32 -38.58
C SER A 340 0.09 -0.60 -39.15
N ILE A 341 1.14 -1.35 -39.48
CA ILE A 341 2.40 -0.82 -39.98
C ILE A 341 2.46 -1.15 -41.47
N ASP A 342 3.07 -0.27 -42.26
CA ASP A 342 3.18 -0.39 -43.72
C ASP A 342 4.65 -0.20 -44.07
N GLN A 343 5.46 -1.11 -43.51
CA GLN A 343 6.91 -1.06 -43.47
C GLN A 343 7.54 -0.86 -44.86
N VAL A 344 6.94 -1.44 -45.91
CA VAL A 344 7.45 -1.34 -47.28
C VAL A 344 7.56 0.12 -47.76
N ASN A 345 6.72 1.02 -47.21
CA ASN A 345 6.69 2.41 -47.58
C ASN A 345 7.27 3.29 -46.45
N GLU A 346 7.74 2.67 -45.36
CA GLU A 346 8.14 3.34 -44.12
C GLU A 346 6.99 4.23 -43.60
N LEU A 347 5.77 3.67 -43.57
CA LEU A 347 4.55 4.35 -43.12
C LEU A 347 3.90 3.54 -42.00
N VAL A 348 2.98 4.19 -41.28
CA VAL A 348 2.16 3.61 -40.23
C VAL A 348 0.74 4.13 -40.48
N THR A 349 -0.28 3.34 -40.15
CA THR A 349 -1.68 3.70 -40.32
C THR A 349 -2.40 3.37 -39.03
N ILE A 350 -2.56 4.37 -38.16
CA ILE A 350 -3.42 4.28 -36.99
C ILE A 350 -4.86 4.44 -37.49
N SER A 351 -5.83 3.96 -36.72
CA SER A 351 -7.25 4.10 -37.00
C SER A 351 -8.03 4.68 -35.81
N TRP A 352 -7.61 4.41 -34.57
CA TRP A 352 -8.19 4.99 -33.36
C TRP A 352 -7.12 4.93 -32.26
N VAL A 353 -7.23 5.79 -31.24
CA VAL A 353 -6.28 5.87 -30.14
C VAL A 353 -7.04 6.23 -28.86
N GLN A 354 -6.56 5.69 -27.73
CA GLN A 354 -7.11 5.87 -26.39
C GLN A 354 -6.26 6.93 -25.67
N PRO A 355 -6.73 8.18 -25.49
CA PRO A 355 -6.02 9.14 -24.65
C PRO A 355 -6.09 8.71 -23.18
N ARG A 356 -7.27 8.29 -22.73
CA ARG A 356 -7.61 7.63 -21.47
C ARG A 356 -8.73 6.66 -21.80
N MET A 1 -6.61 -7.10 47.15
CA MET A 1 -6.31 -8.08 46.08
C MET A 1 -7.61 -8.57 45.43
N PHE A 2 -7.45 -9.20 44.26
CA PHE A 2 -8.53 -9.68 43.42
C PHE A 2 -9.35 -10.79 44.10
N ASN A 3 -10.52 -11.11 43.51
CA ASN A 3 -11.45 -12.13 44.00
C ASN A 3 -10.81 -13.52 44.11
N ASN A 4 -9.76 -13.79 43.34
CA ASN A 4 -8.99 -15.03 43.37
C ASN A 4 -7.51 -14.69 43.17
N HIS A 5 -6.63 -15.63 43.49
CA HIS A 5 -5.17 -15.51 43.50
C HIS A 5 -4.57 -15.12 42.14
N GLU A 6 -5.34 -15.23 41.06
CA GLU A 6 -4.92 -15.09 39.67
C GLU A 6 -4.03 -13.87 39.42
N ILE A 7 -4.39 -12.70 39.96
CA ILE A 7 -3.67 -11.48 39.63
C ILE A 7 -2.28 -11.51 40.28
N ASP A 8 -2.18 -11.89 41.56
CA ASP A 8 -0.92 -11.98 42.26
C ASP A 8 -0.05 -13.10 41.68
N THR A 9 -0.66 -14.25 41.37
CA THR A 9 0.06 -15.40 40.86
C THR A 9 0.59 -15.10 39.45
N ILE A 10 -0.15 -14.36 38.62
CA ILE A 10 0.30 -14.01 37.27
C ILE A 10 1.47 -13.03 37.37
N LEU A 11 1.40 -12.00 38.22
CA LEU A 11 2.55 -11.09 38.38
C LEU A 11 3.77 -11.86 38.83
N SER A 12 3.61 -12.76 39.81
CA SER A 12 4.70 -13.57 40.33
C SER A 12 5.27 -14.49 39.24
N THR A 13 4.41 -15.11 38.43
CA THR A 13 4.86 -16.03 37.40
C THR A 13 5.59 -15.27 36.29
N LEU A 14 5.07 -14.13 35.86
CA LEU A 14 5.76 -13.29 34.88
C LEU A 14 7.11 -12.86 35.44
N ARG A 15 7.20 -12.47 36.71
CA ARG A 15 8.46 -12.03 37.31
C ARG A 15 9.46 -13.18 37.53
N MET A 16 9.07 -14.46 37.47
CA MET A 16 10.04 -15.55 37.46
C MET A 16 10.44 -15.94 36.03
N GLU A 17 9.53 -15.81 35.06
CA GLU A 17 9.78 -16.20 33.68
C GLU A 17 10.54 -15.11 32.91
N ALA A 18 10.22 -13.85 33.15
CA ALA A 18 10.76 -12.70 32.42
C ALA A 18 12.20 -12.44 32.84
N ASP A 19 12.93 -11.78 31.94
CA ASP A 19 14.25 -11.25 32.26
C ASP A 19 14.09 -10.06 33.22
N PRO A 20 14.94 -9.92 34.27
CA PRO A 20 14.87 -8.83 35.23
C PRO A 20 14.77 -7.41 34.63
N SER A 21 15.32 -7.18 33.44
CA SER A 21 15.29 -5.88 32.77
C SER A 21 13.85 -5.38 32.51
N LEU A 22 12.86 -6.28 32.51
CA LEU A 22 11.46 -5.97 32.22
C LEU A 22 10.66 -5.71 33.49
N HIS A 23 11.16 -6.14 34.65
CA HIS A 23 10.42 -6.02 35.90
C HIS A 23 10.08 -4.57 36.28
N PRO A 24 10.90 -3.54 35.97
CA PRO A 24 10.50 -2.15 36.15
C PRO A 24 9.17 -1.79 35.47
N LEU A 25 8.84 -2.37 34.30
CA LEU A 25 7.55 -2.14 33.67
C LEU A 25 6.46 -2.80 34.51
N PHE A 26 6.70 -4.00 35.01
CA PHE A 26 5.73 -4.71 35.83
C PHE A 26 5.49 -4.06 37.19
N GLU A 27 6.42 -3.26 37.70
CA GLU A 27 6.17 -2.45 38.89
C GLU A 27 5.07 -1.42 38.60
N GLN A 28 5.09 -0.81 37.40
CA GLN A 28 4.07 0.16 37.02
C GLN A 28 2.75 -0.57 36.77
N PHE A 29 2.82 -1.66 36.01
CA PHE A 29 1.68 -2.47 35.60
C PHE A 29 0.87 -2.95 36.80
N GLU A 30 1.55 -3.50 37.83
CA GLU A 30 0.91 -3.97 39.04
C GLU A 30 0.12 -2.84 39.69
N LYS A 31 0.78 -1.72 39.95
CA LYS A 31 0.20 -0.58 40.63
C LYS A 31 -0.98 -0.04 39.82
N PHE A 32 -0.88 0.04 38.50
CA PHE A 32 -1.97 0.54 37.67
C PHE A 32 -3.15 -0.44 37.61
N TYR A 33 -2.92 -1.75 37.63
CA TYR A 33 -4.04 -2.70 37.73
C TYR A 33 -4.80 -2.45 39.03
N GLU A 34 -4.08 -2.35 40.16
CA GLU A 34 -4.71 -2.17 41.47
C GLU A 34 -5.49 -0.84 41.53
N GLU A 35 -5.00 0.20 40.84
CA GLU A 35 -5.64 1.51 40.75
C GLU A 35 -6.81 1.54 39.75
N LYS A 36 -7.18 0.39 39.14
CA LYS A 36 -8.23 0.30 38.12
C LYS A 36 -7.90 1.25 36.95
N LEU A 37 -6.62 1.36 36.61
CA LEU A 37 -6.06 2.31 35.65
C LEU A 37 -5.63 1.55 34.40
N TRP A 38 -6.54 0.74 33.86
CA TRP A 38 -6.31 -0.14 32.71
C TRP A 38 -5.58 0.54 31.55
N PHE A 39 -5.93 1.77 31.20
CA PHE A 39 -5.31 2.46 30.07
C PHE A 39 -3.87 2.88 30.40
N GLN A 40 -3.60 3.26 31.65
CA GLN A 40 -2.25 3.55 32.13
C GLN A 40 -1.41 2.26 32.19
N LEU A 41 -2.01 1.17 32.66
CA LEU A 41 -1.44 -0.17 32.59
C LEU A 41 -1.14 -0.56 31.14
N SER A 42 -1.96 -0.13 30.18
CA SER A 42 -1.73 -0.44 28.77
C SER A 42 -0.45 0.22 28.27
N GLU A 43 -0.10 1.42 28.74
CA GLU A 43 1.19 2.02 28.39
C GLU A 43 2.32 1.17 28.96
N SER A 44 2.14 0.66 30.19
CA SER A 44 3.15 -0.16 30.85
C SER A 44 3.38 -1.46 30.06
N LEU A 45 2.29 -2.13 29.63
CA LEU A 45 2.36 -3.33 28.83
C LEU A 45 2.89 -3.04 27.42
N THR A 46 2.59 -1.87 26.87
CA THR A 46 3.17 -1.41 25.60
C THR A 46 4.68 -1.20 25.75
N LYS A 47 5.18 -0.67 26.87
CA LYS A 47 6.62 -0.53 27.08
C LYS A 47 7.28 -1.90 27.21
N PHE A 48 6.64 -2.86 27.87
CA PHE A 48 7.13 -4.24 27.92
C PHE A 48 7.23 -4.80 26.49
N PHE A 49 6.20 -4.59 25.65
CA PHE A 49 6.22 -4.97 24.24
C PHE A 49 7.33 -4.26 23.47
N ASP A 50 7.53 -2.96 23.68
CA ASP A 50 8.52 -2.18 22.94
C ASP A 50 9.95 -2.63 23.27
N ASP A 51 10.21 -2.99 24.53
CA ASP A 51 11.51 -3.54 24.95
C ASP A 51 11.72 -4.96 24.40
N ALA A 52 10.62 -5.68 24.12
CA ALA A 52 10.51 -6.96 23.41
C ALA A 52 11.28 -8.16 23.99
N LYS A 53 12.12 -7.95 25.01
CA LYS A 53 13.05 -8.93 25.58
C LYS A 53 12.41 -10.29 25.88
N SER A 54 11.14 -10.33 26.29
CA SER A 54 10.45 -11.56 26.66
C SER A 54 9.03 -11.59 26.08
N THR A 55 8.84 -11.08 24.85
CA THR A 55 7.56 -11.07 24.16
C THR A 55 6.82 -12.43 24.15
N PRO A 56 7.45 -13.59 23.85
CA PRO A 56 6.77 -14.88 23.86
C PRO A 56 6.11 -15.23 25.20
N LEU A 57 6.81 -15.05 26.34
CA LEU A 57 6.28 -15.44 27.64
C LEU A 57 5.15 -14.54 28.13
N ARG A 58 4.82 -13.46 27.40
CA ARG A 58 3.62 -12.68 27.64
C ARG A 58 2.37 -13.55 27.48
N LEU A 59 2.45 -14.71 26.80
CA LEU A 59 1.30 -15.59 26.60
C LEU A 59 0.56 -15.90 27.91
N ARG A 60 1.25 -16.14 29.05
CA ARG A 60 0.56 -16.38 30.32
C ARG A 60 -0.20 -15.13 30.78
N LEU A 61 0.44 -13.96 30.65
CA LEU A 61 -0.13 -12.67 31.04
C LEU A 61 -1.39 -12.44 30.21
N TYR A 62 -1.27 -12.62 28.89
CA TYR A 62 -2.34 -12.31 27.97
C TYR A 62 -3.56 -13.20 28.18
N ASP A 63 -3.35 -14.50 28.45
CA ASP A 63 -4.40 -15.52 28.48
C ASP A 63 -5.55 -15.18 29.44
N ASN A 64 -5.27 -14.47 30.54
CA ASN A 64 -6.25 -14.27 31.60
C ASN A 64 -6.21 -12.89 32.25
N PHE A 65 -5.09 -12.16 32.18
CA PHE A 65 -4.96 -10.89 32.91
C PHE A 65 -5.61 -9.75 32.11
N VAL A 66 -5.18 -9.54 30.86
CA VAL A 66 -5.77 -8.50 30.00
C VAL A 66 -7.25 -8.81 29.76
N SER A 67 -7.62 -10.10 29.78
CA SER A 67 -8.97 -10.60 29.68
C SER A 67 -9.93 -10.01 30.71
N LYS A 68 -9.45 -9.59 31.90
CA LYS A 68 -10.31 -9.01 32.92
C LYS A 68 -10.88 -7.65 32.50
N PHE A 69 -10.33 -7.00 31.46
CA PHE A 69 -10.68 -5.64 31.07
C PHE A 69 -10.58 -5.47 29.54
N TYR A 70 -10.83 -6.53 28.76
CA TYR A 70 -10.66 -6.57 27.29
C TYR A 70 -11.08 -5.27 26.59
N ASP A 71 -12.35 -4.88 26.70
CA ASP A 71 -12.92 -3.78 25.90
C ASP A 71 -12.79 -2.41 26.59
N LYS A 72 -12.26 -2.37 27.83
CA LYS A 72 -12.03 -1.10 28.53
C LYS A 72 -10.85 -0.33 27.91
N ILE A 73 -10.03 -0.98 27.09
CA ILE A 73 -8.85 -0.41 26.48
C ILE A 73 -8.92 -0.59 24.96
N ASN A 74 -8.07 0.14 24.23
CA ASN A 74 -8.11 0.19 22.77
C ASN A 74 -8.00 -1.22 22.19
N GLN A 75 -8.97 -1.63 21.37
CA GLN A 75 -9.10 -3.02 20.91
C GLN A 75 -7.84 -3.51 20.19
N LEU A 76 -7.22 -2.66 19.36
CA LEU A 76 -5.99 -3.03 18.68
C LEU A 76 -4.86 -3.20 19.69
N SER A 77 -4.76 -2.40 20.75
CA SER A 77 -3.73 -2.58 21.77
C SER A 77 -3.86 -3.92 22.47
N VAL A 78 -5.06 -4.28 22.92
CA VAL A 78 -5.24 -5.56 23.60
C VAL A 78 -4.94 -6.71 22.64
N VAL A 79 -5.47 -6.72 21.43
CA VAL A 79 -5.22 -7.83 20.52
C VAL A 79 -3.73 -7.83 20.10
N LYS A 80 -3.08 -6.66 19.92
CA LYS A 80 -1.67 -6.55 19.56
C LYS A 80 -0.77 -7.28 20.54
N TYR A 81 -1.11 -7.33 21.84
CA TYR A 81 -0.25 -8.01 22.79
C TYR A 81 -0.12 -9.51 22.46
N LEU A 82 -1.16 -10.13 21.89
CA LEU A 82 -1.08 -11.52 21.43
C LEU A 82 -0.35 -11.58 20.10
N LEU A 83 -0.66 -10.66 19.17
CA LEU A 83 -0.01 -10.60 17.87
C LEU A 83 1.51 -10.56 18.04
N ALA A 84 2.03 -9.77 19.00
CA ALA A 84 3.46 -9.64 19.18
C ALA A 84 4.12 -10.97 19.49
N SER A 85 3.56 -11.75 20.42
CA SER A 85 4.09 -13.06 20.79
C SER A 85 4.07 -14.01 19.59
N LEU A 86 3.01 -13.98 18.79
CA LEU A 86 2.86 -14.83 17.62
C LEU A 86 3.85 -14.44 16.52
N LYS A 87 4.03 -13.13 16.30
CA LYS A 87 4.97 -12.62 15.30
C LYS A 87 6.40 -12.94 15.71
N ASP A 88 6.74 -12.88 17.00
CA ASP A 88 8.10 -13.22 17.44
C ASP A 88 8.33 -14.73 17.36
N SER A 89 7.28 -15.53 17.58
CA SER A 89 7.30 -16.98 17.39
C SER A 89 7.33 -17.38 15.90
N LYS A 90 7.24 -16.42 14.98
CA LYS A 90 7.15 -16.62 13.52
C LYS A 90 6.01 -17.59 13.14
N ASP A 91 4.93 -17.66 13.94
CA ASP A 91 3.87 -18.63 13.68
C ASP A 91 3.01 -18.17 12.49
N PHE A 92 2.23 -19.09 11.92
CA PHE A 92 1.44 -18.89 10.70
C PHE A 92 0.13 -19.73 10.71
N ASP A 93 -0.18 -20.45 11.80
CA ASP A 93 -1.33 -21.37 11.86
C ASP A 93 -1.96 -21.35 13.24
N GLU A 94 -1.16 -21.44 14.31
CA GLU A 94 -1.64 -21.21 15.66
C GLU A 94 -2.05 -19.74 15.76
N SER A 95 -1.28 -18.85 15.13
CA SER A 95 -1.59 -17.43 15.03
C SER A 95 -2.94 -17.21 14.35
N LEU A 96 -3.23 -17.92 13.25
CA LEU A 96 -4.51 -17.83 12.54
C LEU A 96 -5.64 -18.21 13.49
N LYS A 97 -5.55 -19.39 14.12
CA LYS A 97 -6.61 -19.83 15.04
C LYS A 97 -6.77 -18.86 16.20
N TYR A 98 -5.67 -18.34 16.74
CA TYR A 98 -5.70 -17.39 17.85
C TYR A 98 -6.34 -16.08 17.43
N LEU A 99 -5.97 -15.49 16.28
CA LEU A 99 -6.56 -14.22 15.86
C LEU A 99 -8.02 -14.45 15.50
N ASP A 100 -8.39 -15.59 14.92
CA ASP A 100 -9.77 -15.85 14.57
C ASP A 100 -10.64 -16.02 15.83
N ASP A 101 -10.15 -16.77 16.82
CA ASP A 101 -10.89 -16.99 18.06
C ASP A 101 -10.99 -15.68 18.85
N LEU A 102 -9.91 -14.90 18.91
CA LEU A 102 -9.88 -13.63 19.61
C LEU A 102 -10.76 -12.60 18.90
N LYS A 103 -10.78 -12.58 17.56
CA LYS A 103 -11.71 -11.75 16.82
C LYS A 103 -13.15 -12.15 17.18
N ALA A 104 -13.46 -13.44 17.26
CA ALA A 104 -14.80 -13.89 17.64
C ALA A 104 -15.14 -13.50 19.08
N GLN A 105 -14.20 -13.56 20.02
CA GLN A 105 -14.43 -13.02 21.36
C GLN A 105 -14.82 -11.55 21.26
N PHE A 106 -14.12 -10.75 20.44
CA PHE A 106 -14.41 -9.33 20.31
C PHE A 106 -15.73 -9.08 19.58
N GLN A 107 -16.19 -9.98 18.70
CA GLN A 107 -17.54 -9.92 18.13
C GLN A 107 -18.60 -10.15 19.23
N GLU A 108 -18.31 -11.00 20.22
CA GLU A 108 -19.24 -11.29 21.31
C GLU A 108 -19.23 -10.14 22.32
N LEU A 109 -18.06 -9.58 22.61
CA LEU A 109 -17.93 -8.37 23.43
C LEU A 109 -18.71 -7.25 22.78
N ASP A 110 -18.56 -7.07 21.46
CA ASP A 110 -19.33 -6.07 20.71
C ASP A 110 -20.82 -6.33 20.82
N SER A 111 -21.26 -7.58 20.65
CA SER A 111 -22.66 -7.95 20.77
C SER A 111 -23.23 -7.69 22.17
N LYS A 112 -22.39 -7.71 23.21
CA LYS A 112 -22.80 -7.38 24.58
C LYS A 112 -23.00 -5.87 24.77
N LYS A 113 -22.40 -5.01 23.95
CA LYS A 113 -22.62 -3.57 24.00
C LYS A 113 -24.05 -3.24 23.53
N GLN A 114 -24.42 -1.96 23.61
CA GLN A 114 -25.67 -1.46 23.05
C GLN A 114 -25.73 -1.78 21.55
N ARG A 115 -26.94 -1.86 20.98
CA ARG A 115 -27.17 -2.20 19.57
C ARG A 115 -27.93 -1.10 18.83
N ASN A 116 -28.20 0.04 19.48
CA ASN A 116 -28.72 1.24 18.80
C ASN A 116 -27.69 1.77 17.79
N ASN A 117 -26.40 1.52 18.05
CA ASN A 117 -25.26 1.78 17.19
C ASN A 117 -24.26 0.62 17.39
N GLY A 118 -23.22 0.52 16.56
CA GLY A 118 -22.21 -0.53 16.66
C GLY A 118 -22.66 -1.85 16.03
N SER A 119 -23.96 -2.12 16.03
CA SER A 119 -24.62 -3.23 15.36
C SER A 119 -24.36 -3.21 13.85
N LYS A 120 -24.41 -2.03 13.24
CA LYS A 120 -24.32 -1.81 11.79
C LYS A 120 -23.45 -0.59 11.46
N ASP A 121 -22.57 -0.18 12.39
CA ASP A 121 -21.66 0.94 12.17
C ASP A 121 -20.57 0.59 11.14
N HIS A 122 -19.78 1.60 10.73
CA HIS A 122 -18.62 1.42 9.88
C HIS A 122 -17.59 0.58 10.65
N GLY A 123 -17.40 -0.68 10.24
CA GLY A 123 -16.52 -1.64 10.91
C GLY A 123 -15.11 -1.08 11.09
N ASP A 124 -14.49 -1.42 12.22
CA ASP A 124 -13.15 -0.98 12.64
C ASP A 124 -12.67 -1.94 13.73
N GLY A 125 -11.40 -1.89 14.10
CA GLY A 125 -10.81 -2.70 15.16
C GLY A 125 -10.71 -4.16 14.71
N ILE A 126 -11.78 -4.93 14.90
CA ILE A 126 -11.85 -6.31 14.41
C ILE A 126 -11.78 -6.40 12.88
N LEU A 127 -12.04 -5.32 12.14
CA LEU A 127 -11.77 -5.28 10.70
C LEU A 127 -10.26 -5.29 10.39
N LEU A 128 -9.44 -4.68 11.24
CA LEU A 128 -7.97 -4.72 11.08
C LEU A 128 -7.42 -6.01 11.68
N ILE A 129 -8.05 -6.58 12.72
CA ILE A 129 -7.70 -7.92 13.21
C ILE A 129 -7.97 -8.93 12.08
N ASP A 130 -9.08 -8.78 11.34
CA ASP A 130 -9.38 -9.61 10.17
C ASP A 130 -8.33 -9.43 9.08
N SER A 131 -7.82 -8.22 8.90
CA SER A 131 -6.71 -7.97 8.00
C SER A 131 -5.45 -8.70 8.48
N GLU A 132 -5.19 -8.77 9.78
CA GLU A 132 -4.08 -9.56 10.32
C GLU A 132 -4.30 -11.07 10.15
N ILE A 133 -5.55 -11.55 10.17
CA ILE A 133 -5.84 -12.94 9.78
C ILE A 133 -5.46 -13.10 8.30
N ALA A 134 -5.79 -12.14 7.43
CA ALA A 134 -5.41 -12.20 6.02
C ALA A 134 -3.88 -12.22 5.85
N ARG A 135 -3.12 -11.36 6.55
CA ARG A 135 -1.66 -11.42 6.52
C ARG A 135 -1.19 -12.81 6.92
N THR A 136 -1.74 -13.36 7.99
CA THR A 136 -1.35 -14.67 8.50
C THR A 136 -1.69 -15.77 7.48
N TYR A 137 -2.78 -15.67 6.71
CA TYR A 137 -3.08 -16.62 5.63
C TYR A 137 -2.06 -16.55 4.50
N LEU A 138 -1.49 -15.38 4.18
CA LEU A 138 -0.50 -15.28 3.11
C LEU A 138 0.86 -15.77 3.61
N LEU A 139 1.23 -15.41 4.84
CA LEU A 139 2.54 -15.65 5.42
C LEU A 139 2.80 -17.15 5.55
N LYS A 140 3.99 -17.60 5.14
CA LYS A 140 4.50 -18.97 5.29
C LYS A 140 3.43 -20.02 4.91
N ASN A 141 2.76 -19.82 3.78
CA ASN A 141 1.68 -20.67 3.29
C ASN A 141 1.91 -20.93 1.79
N ASP A 142 1.23 -21.94 1.24
CA ASP A 142 1.26 -22.28 -0.18
C ASP A 142 0.89 -21.06 -1.03
N LEU A 143 1.65 -20.81 -2.10
CA LEU A 143 1.56 -19.59 -2.88
C LEU A 143 0.23 -19.43 -3.62
N VAL A 144 -0.38 -20.51 -4.10
CA VAL A 144 -1.65 -20.41 -4.82
C VAL A 144 -2.83 -20.41 -3.83
N LYS A 145 -2.70 -21.05 -2.66
CA LYS A 145 -3.70 -20.89 -1.60
C LYS A 145 -3.67 -19.44 -1.11
N ALA A 146 -2.48 -18.85 -0.97
CA ALA A 146 -2.33 -17.44 -0.62
C ALA A 146 -2.98 -16.57 -1.71
N ARG A 147 -2.73 -16.87 -3.00
CA ARG A 147 -3.38 -16.13 -4.09
C ARG A 147 -4.89 -16.24 -3.96
N ASP A 148 -5.45 -17.42 -3.73
CA ASP A 148 -6.90 -17.61 -3.68
C ASP A 148 -7.54 -16.76 -2.55
N LEU A 149 -6.89 -16.69 -1.39
CA LEU A 149 -7.37 -15.87 -0.28
C LEU A 149 -7.30 -14.39 -0.66
N LEU A 150 -6.16 -13.94 -1.19
CA LEU A 150 -5.98 -12.55 -1.62
C LEU A 150 -7.01 -12.19 -2.69
N ASP A 151 -7.25 -13.10 -3.64
CA ASP A 151 -8.14 -12.91 -4.76
C ASP A 151 -9.58 -12.70 -4.30
N ASP A 152 -10.03 -13.43 -3.29
CA ASP A 152 -11.39 -13.24 -2.76
C ASP A 152 -11.49 -11.91 -2.01
N LEU A 153 -10.47 -11.55 -1.23
CA LEU A 153 -10.49 -10.31 -0.48
C LEU A 153 -10.38 -9.11 -1.40
N GLU A 154 -9.71 -9.20 -2.56
CA GLU A 154 -9.71 -8.14 -3.56
C GLU A 154 -11.15 -7.82 -3.98
N LYS A 155 -11.96 -8.84 -4.29
CA LYS A 155 -13.32 -8.58 -4.79
C LYS A 155 -14.22 -8.10 -3.65
N THR A 156 -13.89 -8.47 -2.40
CA THR A 156 -14.54 -7.93 -1.23
C THR A 156 -14.23 -6.42 -1.12
N LEU A 157 -12.96 -6.01 -1.23
CA LEU A 157 -12.56 -4.61 -1.17
C LEU A 157 -13.13 -3.82 -2.34
N ASP A 158 -13.26 -4.43 -3.52
CA ASP A 158 -13.90 -3.81 -4.69
C ASP A 158 -15.37 -3.43 -4.43
N LYS A 159 -15.98 -3.96 -3.36
CA LYS A 159 -17.35 -3.71 -2.94
C LYS A 159 -17.40 -3.22 -1.48
N LYS A 160 -16.29 -2.67 -0.97
CA LYS A 160 -16.18 -2.25 0.43
C LYS A 160 -17.24 -1.24 0.83
N ASP A 161 -17.63 -1.30 2.10
CA ASP A 161 -18.47 -0.31 2.78
C ASP A 161 -17.68 1.00 2.95
N SER A 162 -18.30 2.06 3.48
CA SER A 162 -17.68 3.32 3.87
C SER A 162 -16.79 3.18 5.14
N ILE A 163 -16.07 2.06 5.27
CA ILE A 163 -15.14 1.77 6.36
C ILE A 163 -13.95 2.76 6.38
N PRO A 164 -13.21 2.86 7.49
CA PRO A 164 -12.07 3.76 7.62
C PRO A 164 -11.03 3.58 6.51
N LEU A 165 -10.46 4.71 6.07
CA LEU A 165 -9.48 4.77 4.98
C LEU A 165 -8.30 3.84 5.24
N ARG A 166 -7.87 3.73 6.51
CA ARG A 166 -6.69 2.98 6.89
C ARG A 166 -6.81 1.50 6.52
N ILE A 167 -8.02 0.92 6.58
CA ILE A 167 -8.18 -0.50 6.25
C ILE A 167 -7.99 -0.70 4.75
N THR A 168 -8.39 0.27 3.91
CA THR A 168 -8.19 0.17 2.47
C THR A 168 -6.69 0.23 2.18
N ASN A 169 -5.97 1.19 2.76
CA ASN A 169 -4.52 1.29 2.59
C ASN A 169 -3.82 0.04 3.10
N SER A 170 -4.26 -0.50 4.23
CA SER A 170 -3.69 -1.72 4.79
C SER A 170 -3.90 -2.90 3.84
N PHE A 171 -5.10 -3.07 3.26
CA PHE A 171 -5.33 -4.16 2.32
C PHE A 171 -4.43 -4.01 1.12
N TYR A 172 -4.36 -2.83 0.51
CA TYR A 172 -3.61 -2.68 -0.73
C TYR A 172 -2.10 -2.67 -0.49
N SER A 173 -1.65 -2.37 0.73
CA SER A 173 -0.26 -2.59 1.10
C SER A 173 0.01 -4.10 1.13
N THR A 174 -0.96 -4.91 1.58
CA THR A 174 -0.88 -6.37 1.56
C THR A 174 -0.88 -6.90 0.12
N ASN A 175 -1.71 -6.32 -0.77
CA ASN A 175 -1.72 -6.66 -2.19
C ASN A 175 -0.32 -6.48 -2.80
N SER A 176 0.36 -5.41 -2.40
CA SER A 176 1.73 -5.12 -2.83
C SER A 176 2.73 -6.09 -2.15
N GLN A 177 2.55 -6.38 -0.85
CA GLN A 177 3.42 -7.24 -0.05
C GLN A 177 3.50 -8.67 -0.61
N TYR A 178 2.47 -9.13 -1.32
CA TYR A 178 2.47 -10.44 -1.99
C TYR A 178 3.75 -10.59 -2.84
N PHE A 179 4.07 -9.57 -3.65
CA PHE A 179 5.32 -9.38 -4.36
C PHE A 179 5.21 -8.04 -5.10
N LYS A 180 6.15 -7.13 -4.86
CA LYS A 180 6.07 -5.73 -5.32
C LYS A 180 6.02 -5.59 -6.84
N PHE A 181 6.54 -6.56 -7.59
CA PHE A 181 6.74 -6.45 -9.05
C PHE A 181 6.07 -7.60 -9.80
N LYS A 182 5.00 -8.17 -9.22
CA LYS A 182 4.26 -9.29 -9.80
C LYS A 182 3.65 -8.99 -11.17
N ASN A 183 3.46 -7.71 -11.51
CA ASN A 183 3.07 -7.25 -12.85
C ASN A 183 3.73 -5.89 -13.09
N ASP A 184 3.61 -5.38 -14.32
CA ASP A 184 3.97 -4.02 -14.68
C ASP A 184 3.31 -2.99 -13.74
N PHE A 185 3.99 -1.85 -13.52
CA PHE A 185 3.59 -0.82 -12.58
C PHE A 185 2.22 -0.21 -12.85
N ASN A 186 1.57 -0.41 -14.00
CA ASN A 186 0.17 -0.01 -14.18
C ASN A 186 -0.75 -0.59 -13.10
N SER A 187 -0.44 -1.80 -12.64
CA SER A 187 -1.14 -2.40 -11.50
C SER A 187 -0.89 -1.61 -10.21
N PHE A 188 0.36 -1.23 -9.92
CA PHE A 188 0.71 -0.50 -8.71
C PHE A 188 0.10 0.90 -8.71
N TYR A 189 0.11 1.54 -9.89
CA TYR A 189 -0.53 2.81 -10.16
C TYR A 189 -2.02 2.71 -9.89
N TYR A 190 -2.72 1.73 -10.50
CA TYR A 190 -4.15 1.59 -10.31
C TYR A 190 -4.51 1.23 -8.86
N THR A 191 -3.70 0.41 -8.21
CA THR A 191 -3.84 0.10 -6.79
C THR A 191 -3.80 1.40 -5.97
N SER A 192 -2.89 2.33 -6.31
CA SER A 192 -2.80 3.61 -5.65
C SER A 192 -3.99 4.51 -6.02
N LEU A 193 -4.51 4.46 -7.25
CA LEU A 193 -5.70 5.21 -7.65
C LEU A 193 -6.95 4.74 -6.88
N LEU A 194 -7.05 3.45 -6.52
CA LEU A 194 -8.12 2.98 -5.64
C LEU A 194 -8.03 3.69 -4.30
N TYR A 195 -6.83 3.78 -3.72
CA TYR A 195 -6.67 4.53 -2.48
C TYR A 195 -6.94 6.03 -2.68
N LEU A 196 -6.63 6.62 -3.84
CA LEU A 196 -6.96 8.03 -4.10
C LEU A 196 -8.47 8.23 -4.10
N SER A 197 -9.19 7.26 -4.66
CA SER A 197 -10.65 7.23 -4.69
C SER A 197 -11.26 7.10 -3.29
N THR A 198 -10.47 6.67 -2.29
CA THR A 198 -10.86 6.52 -0.90
C THR A 198 -10.38 7.73 -0.07
N LEU A 199 -9.24 8.32 -0.42
CA LEU A 199 -8.57 9.38 0.32
C LEU A 199 -9.44 10.64 0.39
N GLU A 200 -9.26 11.41 1.47
CA GLU A 200 -9.89 12.69 1.73
C GLU A 200 -8.81 13.59 2.40
N PRO A 201 -9.03 14.91 2.55
CA PRO A 201 -8.14 15.80 3.29
C PRO A 201 -7.91 15.44 4.78
N SER A 202 -8.62 14.44 5.32
CA SER A 202 -8.60 14.01 6.70
C SER A 202 -7.19 13.70 7.21
N THR A 203 -6.98 13.82 8.52
CA THR A 203 -5.70 13.60 9.21
C THR A 203 -5.29 12.11 9.27
N SER A 204 -5.98 11.23 8.53
CA SER A 204 -5.69 9.80 8.42
C SER A 204 -4.22 9.54 8.05
N ILE A 205 -3.64 10.41 7.20
CA ILE A 205 -2.24 10.48 6.88
C ILE A 205 -1.84 11.96 6.88
N THR A 206 -0.55 12.23 7.03
CA THR A 206 0.04 13.56 7.02
C THR A 206 0.19 14.08 5.59
N LEU A 207 0.58 15.35 5.42
CA LEU A 207 0.96 15.88 4.11
C LEU A 207 2.26 15.21 3.63
N ALA A 208 3.18 14.87 4.55
CA ALA A 208 4.41 14.17 4.20
C ALA A 208 4.09 12.80 3.60
N GLU A 209 3.15 12.06 4.19
CA GLU A 209 2.70 10.78 3.64
C GLU A 209 2.00 11.00 2.29
N ARG A 210 1.25 12.08 2.10
CA ARG A 210 0.73 12.42 0.77
C ARG A 210 1.84 12.70 -0.23
N GLN A 211 2.96 13.35 0.16
CA GLN A 211 4.08 13.51 -0.76
C GLN A 211 4.62 12.15 -1.19
N GLN A 212 4.78 11.21 -0.25
CA GLN A 212 5.26 9.86 -0.56
C GLN A 212 4.28 9.15 -1.50
N LEU A 213 2.97 9.27 -1.26
CA LEU A 213 1.93 8.68 -2.10
C LEU A 213 1.96 9.26 -3.51
N ALA A 214 2.06 10.59 -3.64
CA ALA A 214 2.16 11.28 -4.93
C ALA A 214 3.42 10.83 -5.68
N TYR A 215 4.56 10.76 -4.99
CA TYR A 215 5.82 10.35 -5.58
C TYR A 215 5.75 8.89 -6.06
N ASP A 216 5.22 7.99 -5.24
CA ASP A 216 5.12 6.58 -5.58
C ASP A 216 4.18 6.35 -6.76
N LEU A 217 3.06 7.07 -6.81
CA LEU A 217 2.18 7.12 -7.97
C LEU A 217 2.94 7.61 -9.20
N SER A 218 3.74 8.65 -9.06
CA SER A 218 4.47 9.25 -10.16
C SER A 218 5.53 8.29 -10.72
N ILE A 219 6.26 7.57 -9.86
CA ILE A 219 7.20 6.55 -10.31
C ILE A 219 6.41 5.42 -10.99
N SER A 220 5.27 5.01 -10.42
CA SER A 220 4.45 3.96 -11.02
C SER A 220 3.92 4.39 -12.40
N ALA A 221 3.57 5.67 -12.58
CA ALA A 221 3.20 6.24 -13.86
C ALA A 221 4.38 6.16 -14.82
N LEU A 222 5.52 6.74 -14.43
CA LEU A 222 6.72 6.85 -15.25
C LEU A 222 7.21 5.49 -15.74
N LEU A 223 7.06 4.44 -14.92
CA LEU A 223 7.60 3.11 -15.19
C LEU A 223 6.52 2.12 -15.64
N GLY A 224 5.26 2.54 -15.77
CA GLY A 224 4.15 1.66 -16.12
C GLY A 224 4.03 1.61 -17.64
N ASP A 225 4.46 0.50 -18.24
CA ASP A 225 4.56 0.27 -19.69
C ASP A 225 3.20 0.20 -20.40
N LYS A 226 2.10 0.54 -19.70
CA LYS A 226 0.72 0.45 -20.19
C LYS A 226 -0.08 1.72 -19.86
N ILE A 227 0.50 2.72 -19.19
CA ILE A 227 -0.26 3.85 -18.64
C ILE A 227 -0.57 4.89 -19.72
N TYR A 228 0.47 5.56 -20.24
CA TYR A 228 0.45 6.58 -21.30
C TYR A 228 -0.57 7.73 -21.13
N ASN A 229 -1.12 7.97 -19.94
CA ASN A 229 -2.10 9.05 -19.74
C ASN A 229 -1.90 9.72 -18.38
N PHE A 230 -0.66 10.12 -18.08
CA PHE A 230 -0.27 10.70 -16.79
C PHE A 230 -1.06 11.95 -16.44
N GLY A 231 -1.70 12.61 -17.42
CA GLY A 231 -2.60 13.74 -17.20
C GLY A 231 -3.59 13.50 -16.07
N GLU A 232 -4.13 12.29 -15.94
CA GLU A 232 -5.09 11.95 -14.89
C GLU A 232 -4.46 12.10 -13.49
N LEU A 233 -3.19 11.70 -13.34
CA LEU A 233 -2.44 11.87 -12.10
C LEU A 233 -2.08 13.34 -11.92
N LEU A 234 -1.53 13.98 -12.97
CA LEU A 234 -0.99 15.33 -12.92
C LEU A 234 -2.04 16.34 -12.41
N HIS A 235 -3.31 16.14 -12.75
CA HIS A 235 -4.40 17.03 -12.36
C HIS A 235 -5.03 16.65 -11.00
N HIS A 236 -4.69 15.49 -10.42
CA HIS A 236 -5.37 15.00 -9.22
C HIS A 236 -5.02 15.87 -8.00
N PRO A 237 -5.98 16.21 -7.12
CA PRO A 237 -5.79 16.88 -5.81
C PRO A 237 -4.87 16.19 -4.77
N ILE A 238 -3.83 15.48 -5.19
CA ILE A 238 -2.82 14.85 -4.33
C ILE A 238 -1.42 15.32 -4.76
N MET A 239 -1.21 15.55 -6.07
CA MET A 239 0.02 16.13 -6.60
C MET A 239 0.26 17.55 -6.08
N GLU A 240 -0.76 18.22 -5.52
CA GLU A 240 -0.64 19.55 -4.96
C GLU A 240 0.39 19.59 -3.82
N THR A 241 0.69 18.43 -3.24
CA THR A 241 1.61 18.28 -2.13
C THR A 241 3.07 18.29 -2.58
N ILE A 242 3.37 18.14 -3.89
CA ILE A 242 4.74 17.98 -4.38
C ILE A 242 5.11 19.00 -5.46
N VAL A 243 4.13 19.57 -6.17
CA VAL A 243 4.42 20.61 -7.14
C VAL A 243 5.03 21.82 -6.43
N ASN A 244 5.99 22.48 -7.08
CA ASN A 244 6.84 23.57 -6.57
C ASN A 244 7.74 23.20 -5.38
N ASP A 245 7.58 22.03 -4.75
CA ASP A 245 8.51 21.53 -3.74
C ASP A 245 9.66 20.84 -4.46
N SER A 246 10.79 21.54 -4.60
CA SER A 246 11.94 21.12 -5.40
C SER A 246 12.46 19.70 -5.07
N ASN A 247 12.16 19.18 -3.88
CA ASN A 247 12.46 17.81 -3.49
C ASN A 247 11.80 16.77 -4.42
N TYR A 248 10.62 17.04 -5.00
CA TYR A 248 9.91 16.12 -5.90
C TYR A 248 9.32 16.80 -7.15
N ASP A 249 9.30 18.13 -7.23
CA ASP A 249 8.75 18.86 -8.38
C ASP A 249 9.44 18.50 -9.70
N TRP A 250 10.70 18.08 -9.64
CA TRP A 250 11.43 17.58 -10.81
C TRP A 250 10.69 16.42 -11.48
N LEU A 251 10.04 15.54 -10.71
CA LEU A 251 9.31 14.41 -11.28
C LEU A 251 8.01 14.88 -11.88
N PHE A 252 7.33 15.86 -11.28
CA PHE A 252 6.15 16.45 -11.91
C PHE A 252 6.54 17.04 -13.27
N GLN A 253 7.67 17.75 -13.34
CA GLN A 253 8.14 18.30 -14.60
C GLN A 253 8.55 17.20 -15.58
N LEU A 254 9.18 16.10 -15.14
CA LEU A 254 9.54 14.99 -16.01
C LEU A 254 8.29 14.30 -16.56
N LEU A 255 7.29 14.04 -15.71
CA LEU A 255 6.01 13.45 -16.10
C LEU A 255 5.31 14.38 -17.10
N ASN A 256 5.25 15.67 -16.78
CA ASN A 256 4.64 16.69 -17.63
C ASN A 256 5.35 16.73 -18.99
N ALA A 257 6.68 16.72 -19.01
CA ALA A 257 7.45 16.73 -20.24
C ALA A 257 7.14 15.51 -21.10
N LEU A 258 7.02 14.33 -20.48
CA LEU A 258 6.61 13.11 -21.18
C LEU A 258 5.18 13.25 -21.72
N THR A 259 4.31 13.94 -20.99
CA THR A 259 2.92 14.13 -21.37
C THR A 259 2.77 15.07 -22.58
N VAL A 260 3.77 15.90 -22.89
CA VAL A 260 3.66 16.91 -23.95
C VAL A 260 4.76 16.76 -25.03
N GLY A 261 5.71 15.84 -24.84
CA GLY A 261 6.85 15.66 -25.73
C GLY A 261 7.82 16.83 -25.65
N ASP A 262 8.03 17.41 -24.46
CA ASP A 262 9.03 18.45 -24.25
C ASP A 262 10.38 17.78 -24.07
N PHE A 263 10.98 17.36 -25.19
CA PHE A 263 12.28 16.68 -25.23
C PHE A 263 13.37 17.50 -24.53
N ASP A 264 13.29 18.82 -24.59
CA ASP A 264 14.31 19.68 -24.00
C ASP A 264 14.23 19.66 -22.47
N LYS A 265 13.03 19.78 -21.89
CA LYS A 265 12.85 19.61 -20.45
C LYS A 265 13.20 18.19 -20.04
N PHE A 266 12.72 17.19 -20.80
CA PHE A 266 13.04 15.79 -20.55
C PHE A 266 14.55 15.63 -20.46
N ASP A 267 15.30 16.05 -21.48
CA ASP A 267 16.75 15.92 -21.52
C ASP A 267 17.41 16.63 -20.34
N SER A 268 16.92 17.82 -19.97
CA SER A 268 17.43 18.58 -18.84
C SER A 268 17.23 17.86 -17.49
N LEU A 269 16.08 17.21 -17.27
CA LEU A 269 15.88 16.41 -16.06
C LEU A 269 16.70 15.13 -16.14
N ILE A 270 16.73 14.47 -17.29
CA ILE A 270 17.41 13.21 -17.52
C ILE A 270 18.91 13.35 -17.22
N LYS A 271 19.52 14.48 -17.60
CA LYS A 271 20.94 14.79 -17.33
C LYS A 271 21.29 14.86 -15.83
N VAL A 272 20.31 14.83 -14.93
CA VAL A 272 20.51 15.10 -13.51
C VAL A 272 19.86 14.00 -12.67
N GLN A 273 18.56 13.78 -12.84
CA GLN A 273 17.78 12.92 -11.96
C GLN A 273 18.08 11.43 -12.19
N ILE A 274 18.50 11.04 -13.41
CA ILE A 274 18.91 9.67 -13.65
C ILE A 274 20.11 9.35 -12.77
N SER A 275 21.17 10.17 -12.84
CA SER A 275 22.42 9.86 -12.18
C SER A 275 22.26 9.84 -10.66
N LYS A 276 21.40 10.71 -10.12
CA LYS A 276 21.21 10.83 -8.68
C LYS A 276 20.33 9.72 -8.08
N ILE A 277 19.60 8.92 -8.86
CA ILE A 277 18.59 8.01 -8.32
C ILE A 277 18.73 6.63 -9.00
N PRO A 278 18.99 5.55 -8.25
CA PRO A 278 19.31 4.24 -8.83
C PRO A 278 18.13 3.58 -9.55
N ILE A 279 16.89 3.79 -9.10
CA ILE A 279 15.72 3.30 -9.83
C ILE A 279 15.67 3.94 -11.22
N LEU A 280 15.90 5.25 -11.33
CA LEU A 280 15.88 5.90 -12.63
C LEU A 280 17.06 5.43 -13.49
N ALA A 281 18.24 5.25 -12.90
CA ALA A 281 19.41 4.73 -13.62
C ALA A 281 19.13 3.36 -14.26
N GLN A 282 18.32 2.51 -13.62
CA GLN A 282 17.92 1.22 -14.17
C GLN A 282 16.97 1.37 -15.37
N HIS A 283 16.21 2.46 -15.47
CA HIS A 283 15.14 2.64 -16.46
C HIS A 283 15.37 3.76 -17.48
N GLU A 284 16.55 4.39 -17.55
CA GLU A 284 16.83 5.47 -18.52
C GLU A 284 16.43 5.05 -19.94
N SER A 285 16.84 3.85 -20.37
CA SER A 285 16.58 3.31 -21.70
C SER A 285 15.12 2.91 -21.92
N PHE A 286 14.29 2.87 -20.87
CA PHE A 286 12.84 2.70 -20.94
C PHE A 286 12.17 4.08 -21.02
N LEU A 287 12.68 5.09 -20.30
CA LEU A 287 12.08 6.43 -20.26
C LEU A 287 12.14 7.07 -21.66
N ARG A 288 13.26 6.90 -22.38
CA ARG A 288 13.39 7.38 -23.75
C ARG A 288 12.29 6.80 -24.65
N GLN A 289 11.89 5.54 -24.44
CA GLN A 289 10.82 4.97 -25.21
C GLN A 289 9.49 5.60 -24.79
N LYS A 290 9.26 5.79 -23.48
CA LYS A 290 7.97 6.30 -23.02
C LYS A 290 7.69 7.68 -23.59
N ILE A 291 8.68 8.58 -23.64
CA ILE A 291 8.47 9.88 -24.25
C ILE A 291 8.10 9.71 -25.73
N CYS A 292 8.79 8.84 -26.48
CA CYS A 292 8.50 8.67 -27.90
C CYS A 292 7.08 8.16 -28.12
N LEU A 293 6.69 7.11 -27.37
CA LEU A 293 5.36 6.50 -27.48
C LEU A 293 4.31 7.54 -27.08
N MET A 294 4.42 8.11 -25.88
CA MET A 294 3.42 9.02 -25.34
C MET A 294 3.29 10.31 -26.16
N THR A 295 4.37 10.84 -26.74
CA THR A 295 4.31 12.05 -27.55
C THR A 295 3.42 11.78 -28.76
N LEU A 296 3.61 10.63 -29.43
CA LEU A 296 2.81 10.29 -30.56
C LEU A 296 1.36 10.09 -30.17
N ILE A 297 1.08 9.40 -29.05
CA ILE A 297 -0.28 9.14 -28.59
C ILE A 297 -1.00 10.49 -28.39
N GLU A 298 -0.35 11.46 -27.74
CA GLU A 298 -0.94 12.76 -27.51
C GLU A 298 -1.17 13.49 -28.84
N THR A 299 -0.17 13.46 -29.74
CA THR A 299 -0.26 14.06 -31.07
C THR A 299 -1.44 13.48 -31.85
N VAL A 300 -1.57 12.16 -31.86
CA VAL A 300 -2.59 11.46 -32.63
C VAL A 300 -3.98 11.82 -32.09
N PHE A 301 -4.15 11.90 -30.76
CA PHE A 301 -5.44 12.27 -30.20
C PHE A 301 -5.76 13.74 -30.48
N VAL A 302 -4.86 14.66 -30.09
CA VAL A 302 -5.12 16.10 -30.12
C VAL A 302 -5.37 16.56 -31.55
N LYS A 303 -4.53 16.12 -32.51
CA LYS A 303 -4.65 16.49 -33.91
C LYS A 303 -5.63 15.56 -34.66
N ASN A 304 -6.34 14.67 -33.94
CA ASN A 304 -7.30 13.66 -34.43
C ASN A 304 -6.84 12.99 -35.72
N ILE A 305 -5.64 12.43 -35.69
CA ILE A 305 -4.91 11.92 -36.84
C ILE A 305 -5.53 10.60 -37.29
N ARG A 306 -5.44 10.33 -38.60
CA ARG A 306 -5.77 9.04 -39.22
C ARG A 306 -4.64 8.54 -40.12
N MET A 307 -3.74 9.41 -40.59
CA MET A 307 -2.52 8.99 -41.27
C MET A 307 -1.42 10.00 -40.99
N LEU A 308 -0.17 9.54 -40.92
CA LEU A 308 1.00 10.35 -40.60
C LEU A 308 2.22 9.66 -41.21
N SER A 309 3.32 10.38 -41.44
CA SER A 309 4.49 9.83 -42.09
C SER A 309 5.51 9.37 -41.05
N PHE A 310 6.36 8.40 -41.43
CA PHE A 310 7.52 8.01 -40.65
C PHE A 310 8.38 9.23 -40.36
N GLU A 311 8.52 10.12 -41.34
CA GLU A 311 9.36 11.31 -41.23
C GLU A 311 8.87 12.21 -40.11
N ASP A 312 7.57 12.50 -40.06
CA ASP A 312 7.02 13.38 -39.03
C ASP A 312 7.15 12.75 -37.64
N ILE A 313 6.87 11.45 -37.54
CA ILE A 313 7.04 10.72 -36.28
C ILE A 313 8.53 10.74 -35.88
N SER A 314 9.47 10.61 -36.80
CA SER A 314 10.89 10.70 -36.49
C SER A 314 11.23 12.07 -35.92
N LYS A 315 10.64 13.15 -36.43
CA LYS A 315 10.78 14.48 -35.80
C LYS A 315 10.24 14.46 -34.36
N ALA A 316 9.08 13.82 -34.18
CA ALA A 316 8.36 13.77 -32.91
C ALA A 316 8.94 12.80 -31.88
N THR A 317 9.99 12.04 -32.23
CA THR A 317 10.57 10.99 -31.37
C THR A 317 12.09 11.10 -31.29
N HIS A 318 12.71 11.80 -32.25
CA HIS A 318 14.15 12.02 -32.34
C HIS A 318 14.92 10.69 -32.46
N LEU A 319 14.37 9.77 -33.26
CA LEU A 319 15.05 8.53 -33.68
C LEU A 319 14.81 8.34 -35.19
N PRO A 320 15.71 7.65 -35.91
CA PRO A 320 15.70 7.63 -37.37
C PRO A 320 14.49 6.90 -37.95
N LYS A 321 14.17 7.26 -39.20
CA LYS A 321 13.03 6.70 -39.94
C LYS A 321 13.16 5.19 -40.11
N ASP A 322 14.38 4.66 -40.05
CA ASP A 322 14.66 3.22 -40.15
C ASP A 322 14.18 2.43 -38.92
N ASN A 323 13.91 3.11 -37.80
CA ASN A 323 13.57 2.48 -36.52
C ASN A 323 12.21 2.97 -36.02
N VAL A 324 11.71 4.08 -36.54
CA VAL A 324 10.49 4.71 -36.03
C VAL A 324 9.27 3.79 -36.20
N GLU A 325 9.24 2.97 -37.25
CA GLU A 325 8.13 2.05 -37.46
C GLU A 325 8.07 1.05 -36.29
N HIS A 326 9.23 0.52 -35.85
CA HIS A 326 9.29 -0.44 -34.77
C HIS A 326 8.91 0.20 -33.44
N LEU A 327 9.21 1.49 -33.25
CA LEU A 327 8.79 2.24 -32.08
C LEU A 327 7.26 2.29 -32.05
N VAL A 328 6.59 2.66 -33.14
CA VAL A 328 5.13 2.76 -33.12
C VAL A 328 4.47 1.38 -33.12
N MET A 329 5.13 0.35 -33.69
CA MET A 329 4.64 -1.03 -33.64
C MET A 329 4.46 -1.49 -32.20
N ARG A 330 5.35 -1.08 -31.28
CA ARG A 330 5.15 -1.34 -29.86
C ARG A 330 3.83 -0.74 -29.40
N ALA A 331 3.53 0.51 -29.75
CA ALA A 331 2.31 1.16 -29.31
C ALA A 331 1.05 0.39 -29.76
N ILE A 332 1.05 -0.11 -31.01
CA ILE A 332 -0.05 -0.90 -31.54
C ILE A 332 -0.10 -2.26 -30.82
N SER A 333 1.06 -2.87 -30.56
CA SER A 333 1.14 -4.15 -29.85
C SER A 333 0.61 -4.04 -28.42
N LEU A 334 0.81 -2.89 -27.77
CA LEU A 334 0.26 -2.55 -26.46
C LEU A 334 -1.24 -2.25 -26.52
N GLY A 335 -1.88 -2.28 -27.70
CA GLY A 335 -3.31 -2.09 -27.87
C GLY A 335 -3.76 -0.64 -27.74
N LEU A 336 -2.81 0.30 -27.62
CA LEU A 336 -3.05 1.72 -27.41
C LEU A 336 -3.58 2.39 -28.68
N LEU A 337 -3.41 1.71 -29.81
CA LEU A 337 -3.74 2.09 -31.17
C LEU A 337 -4.41 0.86 -31.77
N LYS A 338 -5.40 1.04 -32.66
CA LYS A 338 -5.97 -0.09 -33.43
C LYS A 338 -5.57 -0.02 -34.91
N GLY A 339 -4.65 0.89 -35.26
CA GLY A 339 -4.22 1.15 -36.63
C GLY A 339 -3.26 0.09 -37.17
N SER A 340 -2.66 0.41 -38.31
CA SER A 340 -1.73 -0.43 -39.04
C SER A 340 -0.61 0.44 -39.64
N ILE A 341 0.49 -0.19 -40.04
CA ILE A 341 1.65 0.46 -40.63
C ILE A 341 1.58 0.25 -42.15
N ASP A 342 2.08 1.23 -42.91
CA ASP A 342 2.02 1.27 -44.37
C ASP A 342 3.41 1.63 -44.90
N GLN A 343 4.40 0.84 -44.45
CA GLN A 343 5.83 1.05 -44.65
C GLN A 343 6.22 1.27 -46.11
N VAL A 344 5.51 0.67 -47.07
CA VAL A 344 5.75 0.85 -48.50
C VAL A 344 5.69 2.32 -48.92
N ASN A 345 4.93 3.15 -48.18
CA ASN A 345 4.73 4.57 -48.47
C ASN A 345 5.41 5.44 -47.42
N GLU A 346 6.15 4.84 -46.47
CA GLU A 346 6.70 5.50 -45.27
C GLU A 346 5.56 6.14 -44.45
N LEU A 347 4.41 5.46 -44.32
CA LEU A 347 3.22 5.99 -43.66
C LEU A 347 2.75 5.06 -42.54
N VAL A 348 1.91 5.61 -41.67
CA VAL A 348 1.15 4.92 -40.64
C VAL A 348 -0.32 5.30 -40.88
N THR A 349 -1.25 4.39 -40.58
CA THR A 349 -2.68 4.57 -40.76
C THR A 349 -3.37 4.20 -39.43
N ILE A 350 -3.64 5.21 -38.61
CA ILE A 350 -4.32 5.07 -37.33
C ILE A 350 -5.83 5.02 -37.57
N SER A 351 -6.58 4.33 -36.71
CA SER A 351 -8.04 4.27 -36.74
C SER A 351 -8.68 4.62 -35.38
N TRP A 352 -7.93 4.51 -34.28
CA TRP A 352 -8.36 4.78 -32.91
C TRP A 352 -7.07 4.92 -32.09
N VAL A 353 -7.14 5.65 -30.98
CA VAL A 353 -6.06 5.78 -30.01
C VAL A 353 -6.68 5.86 -28.61
N GLN A 354 -5.89 5.53 -27.58
CA GLN A 354 -6.25 5.59 -26.18
C GLN A 354 -6.93 6.94 -25.83
N PRO A 355 -8.06 6.93 -25.09
CA PRO A 355 -8.67 8.12 -24.51
C PRO A 355 -7.69 8.94 -23.65
N ARG A 356 -8.08 10.17 -23.31
CA ARG A 356 -7.31 11.04 -22.43
C ARG A 356 -8.21 11.44 -21.27
N MET A 1 -9.32 -17.94 39.09
CA MET A 1 -10.16 -16.73 38.97
C MET A 1 -9.24 -15.55 38.58
N PHE A 2 -9.18 -14.48 39.38
CA PHE A 2 -8.37 -13.29 39.16
C PHE A 2 -7.79 -12.78 40.49
N ASN A 3 -7.66 -13.67 41.49
CA ASN A 3 -7.19 -13.30 42.82
C ASN A 3 -5.75 -12.77 42.75
N ASN A 4 -5.36 -11.89 43.67
CA ASN A 4 -4.04 -11.28 43.67
C ASN A 4 -2.90 -12.31 43.62
N HIS A 5 -3.02 -13.44 44.31
CA HIS A 5 -2.00 -14.48 44.29
C HIS A 5 -1.88 -15.12 42.89
N GLU A 6 -2.98 -15.21 42.13
CA GLU A 6 -2.99 -15.79 40.79
C GLU A 6 -2.31 -14.82 39.80
N ILE A 7 -2.55 -13.52 39.96
CA ILE A 7 -1.92 -12.52 39.11
C ILE A 7 -0.43 -12.40 39.49
N ASP A 8 -0.09 -12.42 40.77
CA ASP A 8 1.30 -12.44 41.22
C ASP A 8 2.03 -13.67 40.67
N THR A 9 1.34 -14.81 40.61
CA THR A 9 1.79 -16.01 39.93
C THR A 9 2.10 -15.73 38.46
N ILE A 10 1.19 -15.14 37.68
CA ILE A 10 1.42 -14.96 36.25
C ILE A 10 2.56 -13.96 36.03
N LEU A 11 2.60 -12.87 36.80
CA LEU A 11 3.65 -11.87 36.70
C LEU A 11 5.01 -12.50 37.01
N SER A 12 5.09 -13.32 38.06
CA SER A 12 6.33 -13.97 38.45
C SER A 12 6.74 -15.06 37.45
N THR A 13 5.79 -15.73 36.80
CA THR A 13 6.12 -16.71 35.77
C THR A 13 6.64 -16.00 34.52
N LEU A 14 5.96 -14.93 34.08
CA LEU A 14 6.45 -14.06 33.02
C LEU A 14 7.86 -13.59 33.37
N ARG A 15 8.08 -13.12 34.60
CA ARG A 15 9.35 -12.59 35.07
C ARG A 15 10.47 -13.63 35.16
N MET A 16 10.18 -14.92 35.36
CA MET A 16 11.24 -15.93 35.39
C MET A 16 11.68 -16.29 33.98
N GLU A 17 10.79 -16.12 33.00
CA GLU A 17 10.99 -16.42 31.60
C GLU A 17 11.56 -15.19 30.86
N ALA A 18 11.21 -13.98 31.32
CA ALA A 18 11.62 -12.69 30.79
C ALA A 18 13.11 -12.44 30.96
N ASP A 19 13.66 -11.67 30.03
CA ASP A 19 15.01 -11.12 30.11
C ASP A 19 15.02 -9.98 31.14
N PRO A 20 16.01 -9.90 32.04
CA PRO A 20 16.09 -8.85 33.07
C PRO A 20 15.92 -7.40 32.57
N SER A 21 16.31 -7.10 31.34
CA SER A 21 16.21 -5.76 30.78
C SER A 21 14.77 -5.25 30.71
N LEU A 22 13.79 -6.16 30.68
CA LEU A 22 12.36 -5.81 30.63
C LEU A 22 11.83 -5.44 32.02
N HIS A 23 12.50 -5.86 33.10
CA HIS A 23 11.96 -5.75 34.44
C HIS A 23 11.76 -4.29 34.91
N PRO A 24 12.71 -3.34 34.76
CA PRO A 24 12.59 -2.00 35.35
C PRO A 24 11.28 -1.28 35.04
N LEU A 25 10.75 -1.40 33.82
CA LEU A 25 9.46 -0.83 33.45
C LEU A 25 8.30 -1.70 33.93
N PHE A 26 8.44 -3.03 33.84
CA PHE A 26 7.36 -3.98 34.09
C PHE A 26 7.02 -4.11 35.58
N GLU A 27 7.98 -3.88 36.48
CA GLU A 27 7.74 -3.89 37.92
C GLU A 27 6.69 -2.84 38.33
N GLN A 28 6.56 -1.76 37.56
CA GLN A 28 5.54 -0.75 37.78
C GLN A 28 4.18 -1.31 37.32
N PHE A 29 4.16 -1.89 36.12
CA PHE A 29 2.93 -2.27 35.41
C PHE A 29 2.23 -3.44 36.12
N GLU A 30 3.01 -4.27 36.84
CA GLU A 30 2.48 -5.28 37.75
C GLU A 30 1.42 -4.70 38.70
N LYS A 31 1.64 -3.46 39.17
CA LYS A 31 0.81 -2.83 40.20
C LYS A 31 -0.38 -2.08 39.59
N PHE A 32 -0.36 -1.74 38.30
CA PHE A 32 -1.43 -0.97 37.68
C PHE A 32 -2.78 -1.67 37.83
N TYR A 33 -2.82 -3.00 37.74
CA TYR A 33 -4.10 -3.72 37.76
C TYR A 33 -4.89 -3.45 39.05
N GLU A 34 -4.20 -3.16 40.16
CA GLU A 34 -4.82 -2.93 41.47
C GLU A 34 -5.65 -1.63 41.49
N GLU A 35 -5.44 -0.70 40.56
CA GLU A 35 -6.18 0.55 40.45
C GLU A 35 -7.24 0.49 39.33
N LYS A 36 -7.43 -0.68 38.72
CA LYS A 36 -8.49 -1.00 37.76
C LYS A 36 -8.72 0.09 36.71
N LEU A 37 -7.69 0.28 35.88
CA LEU A 37 -7.58 1.32 34.86
C LEU A 37 -6.91 0.72 33.63
N TRP A 38 -7.52 -0.37 33.14
CA TRP A 38 -7.00 -1.27 32.13
C TRP A 38 -6.45 -0.57 30.87
N PHE A 39 -7.01 0.58 30.49
CA PHE A 39 -6.53 1.31 29.33
C PHE A 39 -5.09 1.79 29.57
N GLN A 40 -4.79 2.37 30.73
CA GLN A 40 -3.42 2.82 31.03
C GLN A 40 -2.49 1.63 31.17
N LEU A 41 -2.99 0.52 31.76
CA LEU A 41 -2.25 -0.73 31.80
C LEU A 41 -1.89 -1.20 30.39
N SER A 42 -2.73 -0.95 29.38
CA SER A 42 -2.43 -1.33 28.00
C SER A 42 -1.39 -0.41 27.37
N GLU A 43 -1.41 0.90 27.63
CA GLU A 43 -0.35 1.80 27.14
C GLU A 43 0.98 1.38 27.75
N SER A 44 0.95 1.03 29.03
CA SER A 44 2.09 0.56 29.77
C SER A 44 2.60 -0.77 29.20
N LEU A 45 1.74 -1.77 29.05
CA LEU A 45 2.07 -3.08 28.52
C LEU A 45 2.55 -2.98 27.06
N THR A 46 2.12 -1.96 26.31
CA THR A 46 2.66 -1.65 25.00
C THR A 46 4.16 -1.33 25.09
N LYS A 47 4.63 -0.59 26.10
CA LYS A 47 6.06 -0.28 26.22
C LYS A 47 6.86 -1.58 26.43
N PHE A 48 6.33 -2.50 27.25
CA PHE A 48 6.92 -3.82 27.43
C PHE A 48 6.93 -4.58 26.10
N PHE A 49 5.81 -4.60 25.38
CA PHE A 49 5.69 -5.23 24.06
C PHE A 49 6.78 -4.71 23.12
N ASP A 50 6.92 -3.39 23.00
CA ASP A 50 7.83 -2.73 22.08
C ASP A 50 9.30 -3.01 22.43
N ASP A 51 9.62 -3.21 23.71
CA ASP A 51 10.99 -3.46 24.16
C ASP A 51 11.52 -4.82 23.67
N ALA A 52 10.60 -5.74 23.31
CA ALA A 52 10.79 -7.01 22.62
C ALA A 52 12.08 -7.81 22.90
N LYS A 53 12.43 -8.04 24.19
CA LYS A 53 13.52 -8.98 24.54
C LYS A 53 13.04 -10.42 24.71
N SER A 54 11.73 -10.63 24.91
CA SER A 54 11.16 -11.91 25.30
C SER A 54 9.84 -12.12 24.55
N THR A 55 9.83 -11.83 23.25
CA THR A 55 8.65 -11.79 22.40
C THR A 55 7.75 -13.05 22.50
N PRO A 56 8.26 -14.29 22.63
CA PRO A 56 7.42 -15.48 22.81
C PRO A 56 6.50 -15.46 24.05
N LEU A 57 6.91 -14.88 25.20
CA LEU A 57 6.08 -14.99 26.41
C LEU A 57 4.80 -14.17 26.36
N ARG A 58 4.59 -13.35 25.33
CA ARG A 58 3.30 -12.66 25.14
C ARG A 58 2.19 -13.67 24.86
N LEU A 59 2.52 -14.90 24.45
CA LEU A 59 1.56 -16.00 24.37
C LEU A 59 0.95 -16.28 25.75
N ARG A 60 1.75 -16.23 26.82
CA ARG A 60 1.23 -16.44 28.18
C ARG A 60 0.33 -15.27 28.57
N LEU A 61 0.73 -14.03 28.25
CA LEU A 61 -0.02 -12.83 28.61
C LEU A 61 -1.42 -12.87 28.00
N TYR A 62 -1.53 -13.01 26.67
CA TYR A 62 -2.84 -12.84 26.03
C TYR A 62 -3.83 -13.89 26.53
N ASP A 63 -3.36 -15.14 26.69
CA ASP A 63 -4.21 -16.29 26.93
C ASP A 63 -4.97 -16.22 28.25
N ASN A 64 -4.38 -15.66 29.30
CA ASN A 64 -4.96 -15.75 30.65
C ASN A 64 -4.75 -14.49 31.51
N PHE A 65 -3.88 -13.55 31.14
CA PHE A 65 -3.83 -12.27 31.85
C PHE A 65 -4.71 -11.28 31.10
N VAL A 66 -4.39 -10.95 29.85
CA VAL A 66 -5.09 -9.91 29.11
C VAL A 66 -6.53 -10.32 28.83
N SER A 67 -6.82 -11.61 28.62
CA SER A 67 -8.20 -12.08 28.43
C SER A 67 -9.12 -11.83 29.65
N LYS A 68 -8.62 -11.33 30.79
CA LYS A 68 -9.48 -10.87 31.90
C LYS A 68 -10.04 -9.46 31.65
N PHE A 69 -9.43 -8.67 30.75
CA PHE A 69 -9.78 -7.26 30.53
C PHE A 69 -9.68 -6.85 29.05
N TYR A 70 -9.50 -7.79 28.12
CA TYR A 70 -9.36 -7.55 26.68
C TYR A 70 -10.50 -6.69 26.10
N ASP A 71 -11.72 -6.85 26.59
CA ASP A 71 -12.89 -6.07 26.19
C ASP A 71 -12.92 -4.66 26.78
N LYS A 72 -12.17 -4.41 27.85
CA LYS A 72 -12.08 -3.11 28.50
C LYS A 72 -11.05 -2.21 27.82
N ILE A 73 -10.29 -2.72 26.84
CA ILE A 73 -9.14 -2.03 26.27
C ILE A 73 -9.21 -1.98 24.75
N ASN A 74 -8.27 -1.22 24.18
CA ASN A 74 -8.08 -1.14 22.74
C ASN A 74 -7.81 -2.54 22.19
N GLN A 75 -8.65 -3.00 21.27
CA GLN A 75 -8.61 -4.39 20.80
C GLN A 75 -7.31 -4.67 20.05
N LEU A 76 -6.76 -3.68 19.33
CA LEU A 76 -5.46 -3.84 18.67
C LEU A 76 -4.34 -4.10 19.67
N SER A 77 -4.42 -3.61 20.91
CA SER A 77 -3.37 -3.86 21.88
C SER A 77 -3.29 -5.35 22.20
N VAL A 78 -4.41 -6.02 22.49
CA VAL A 78 -4.37 -7.44 22.83
C VAL A 78 -3.88 -8.26 21.63
N VAL A 79 -4.35 -8.00 20.41
CA VAL A 79 -3.84 -8.74 19.27
C VAL A 79 -2.37 -8.42 19.04
N LYS A 80 -1.89 -7.18 19.21
CA LYS A 80 -0.48 -6.85 19.02
C LYS A 80 0.43 -7.72 19.88
N TYR A 81 0.05 -8.03 21.12
CA TYR A 81 0.87 -8.86 21.99
C TYR A 81 1.04 -10.26 21.38
N LEU A 82 -0.05 -10.92 21.00
CA LEU A 82 -0.05 -12.23 20.35
C LEU A 82 0.66 -12.17 18.99
N LEU A 83 0.37 -11.13 18.19
CA LEU A 83 0.98 -10.91 16.88
C LEU A 83 2.50 -10.82 17.02
N ALA A 84 3.03 -10.26 18.12
CA ALA A 84 4.47 -10.16 18.32
C ALA A 84 5.11 -11.54 18.35
N SER A 85 4.54 -12.48 19.11
CA SER A 85 5.10 -13.82 19.21
C SER A 85 5.08 -14.54 17.86
N LEU A 86 4.05 -14.30 17.05
CA LEU A 86 3.92 -14.92 15.72
C LEU A 86 4.91 -14.28 14.75
N LYS A 87 5.09 -12.97 14.83
CA LYS A 87 6.08 -12.20 14.08
C LYS A 87 7.48 -12.71 14.40
N ASP A 88 7.81 -12.90 15.68
CA ASP A 88 9.11 -13.44 16.10
C ASP A 88 9.32 -14.87 15.62
N SER A 89 8.24 -15.64 15.50
CA SER A 89 8.26 -16.98 14.93
C SER A 89 8.40 -16.98 13.40
N LYS A 90 8.35 -15.82 12.73
CA LYS A 90 8.25 -15.66 11.28
C LYS A 90 7.15 -16.56 10.69
N ASP A 91 6.06 -16.77 11.45
CA ASP A 91 4.96 -17.62 11.04
C ASP A 91 4.11 -16.94 9.95
N PHE A 92 3.34 -17.73 9.19
CA PHE A 92 2.37 -17.27 8.20
C PHE A 92 1.10 -18.13 8.17
N ASP A 93 0.89 -19.05 9.13
CA ASP A 93 -0.23 -19.99 9.11
C ASP A 93 -0.83 -20.24 10.49
N GLU A 94 0.00 -20.35 11.54
CA GLU A 94 -0.52 -20.44 12.90
C GLU A 94 -1.27 -19.14 13.23
N SER A 95 -0.79 -18.01 12.70
CA SER A 95 -1.39 -16.69 12.83
C SER A 95 -2.85 -16.66 12.38
N LEU A 96 -3.22 -17.46 11.37
CA LEU A 96 -4.58 -17.52 10.91
C LEU A 96 -5.46 -18.09 12.02
N LYS A 97 -5.04 -19.22 12.58
CA LYS A 97 -5.79 -19.91 13.61
C LYS A 97 -5.80 -19.07 14.88
N TYR A 98 -4.65 -18.51 15.26
CA TYR A 98 -4.51 -17.63 16.39
C TYR A 98 -5.40 -16.41 16.28
N LEU A 99 -5.50 -15.75 15.12
CA LEU A 99 -6.18 -14.46 15.13
C LEU A 99 -7.66 -14.70 14.85
N ASP A 100 -8.04 -15.85 14.26
CA ASP A 100 -9.43 -16.24 14.18
C ASP A 100 -9.93 -16.58 15.58
N ASP A 101 -9.10 -17.25 16.42
CA ASP A 101 -9.49 -17.58 17.79
C ASP A 101 -9.60 -16.32 18.65
N LEU A 102 -8.64 -15.40 18.53
CA LEU A 102 -8.67 -14.13 19.27
C LEU A 102 -9.90 -13.32 18.83
N LYS A 103 -10.16 -13.24 17.52
CA LYS A 103 -11.35 -12.56 17.02
C LYS A 103 -12.62 -13.24 17.56
N ALA A 104 -12.67 -14.58 17.61
CA ALA A 104 -13.84 -15.28 18.09
C ALA A 104 -14.12 -14.98 19.55
N GLN A 105 -13.11 -14.92 20.44
CA GLN A 105 -13.40 -14.60 21.84
C GLN A 105 -13.97 -13.19 22.01
N PHE A 106 -13.63 -12.25 21.12
CA PHE A 106 -14.29 -10.95 21.07
C PHE A 106 -15.73 -11.09 20.55
N GLN A 107 -15.97 -11.85 19.48
CA GLN A 107 -17.31 -12.06 18.92
C GLN A 107 -18.25 -12.69 19.95
N GLU A 108 -17.74 -13.58 20.80
CA GLU A 108 -18.54 -14.32 21.78
C GLU A 108 -19.06 -13.36 22.84
N LEU A 109 -18.27 -12.34 23.21
CA LEU A 109 -18.78 -11.27 24.05
C LEU A 109 -19.74 -10.42 23.25
N ASP A 110 -19.34 -10.01 22.04
CA ASP A 110 -20.09 -9.00 21.28
C ASP A 110 -21.53 -9.41 21.03
N SER A 111 -21.70 -10.68 20.67
CA SER A 111 -22.98 -11.32 20.39
C SER A 111 -24.00 -11.19 21.52
N LYS A 112 -23.53 -11.09 22.78
CA LYS A 112 -24.40 -11.00 23.94
C LYS A 112 -25.26 -9.74 23.88
N LYS A 113 -24.78 -8.66 23.22
CA LYS A 113 -25.35 -7.31 23.17
C LYS A 113 -25.33 -6.64 24.55
N GLN A 114 -25.84 -7.32 25.59
CA GLN A 114 -25.68 -6.95 26.99
C GLN A 114 -24.28 -7.44 27.39
N ARG A 115 -23.24 -6.86 26.75
CA ARG A 115 -21.85 -7.32 26.83
C ARG A 115 -21.32 -7.28 28.25
N ASN A 116 -20.11 -7.85 28.44
CA ASN A 116 -19.53 -8.09 29.76
C ASN A 116 -19.50 -6.84 30.66
N ASN A 117 -19.45 -5.64 30.09
CA ASN A 117 -19.48 -4.39 30.84
C ASN A 117 -20.62 -3.46 30.40
N GLY A 118 -21.74 -4.02 29.94
CA GLY A 118 -22.81 -3.29 29.28
C GLY A 118 -22.27 -2.54 28.05
N SER A 119 -21.18 -3.08 27.49
CA SER A 119 -20.34 -2.49 26.49
C SER A 119 -21.10 -2.27 25.17
N LYS A 120 -20.74 -1.20 24.46
CA LYS A 120 -21.21 -0.95 23.10
C LYS A 120 -20.57 -1.98 22.15
N ASP A 121 -21.05 -2.00 20.90
CA ASP A 121 -20.47 -2.79 19.82
C ASP A 121 -18.97 -2.50 19.72
N HIS A 122 -18.16 -3.57 19.63
CA HIS A 122 -16.71 -3.49 19.46
C HIS A 122 -16.25 -4.38 18.28
N GLY A 123 -17.16 -4.63 17.33
CA GLY A 123 -16.86 -5.29 16.08
C GLY A 123 -15.83 -4.54 15.25
N ASP A 124 -15.75 -3.21 15.37
CA ASP A 124 -14.83 -2.39 14.59
C ASP A 124 -13.36 -2.80 14.79
N GLY A 125 -12.97 -3.12 16.03
CA GLY A 125 -11.62 -3.57 16.32
C GLY A 125 -11.32 -4.89 15.61
N ILE A 126 -12.25 -5.86 15.71
CA ILE A 126 -12.08 -7.12 15.01
C ILE A 126 -12.32 -7.02 13.50
N LEU A 127 -12.79 -5.88 12.98
CA LEU A 127 -12.84 -5.61 11.53
C LEU A 127 -11.41 -5.34 11.02
N LEU A 128 -10.59 -4.64 11.79
CA LEU A 128 -9.17 -4.52 11.49
C LEU A 128 -8.49 -5.89 11.63
N ILE A 129 -8.87 -6.69 12.62
CA ILE A 129 -8.31 -8.03 12.79
C ILE A 129 -8.73 -8.93 11.61
N ASP A 130 -9.96 -8.78 11.07
CA ASP A 130 -10.37 -9.45 9.85
C ASP A 130 -9.52 -9.03 8.66
N SER A 131 -9.12 -7.76 8.60
CA SER A 131 -8.18 -7.27 7.60
C SER A 131 -6.80 -7.94 7.78
N GLU A 132 -6.34 -8.16 9.02
CA GLU A 132 -5.10 -8.88 9.28
C GLU A 132 -5.24 -10.38 8.98
N ILE A 133 -6.44 -10.97 9.09
CA ILE A 133 -6.68 -12.33 8.66
C ILE A 133 -6.61 -12.40 7.13
N ALA A 134 -7.15 -11.42 6.40
CA ALA A 134 -6.97 -11.34 4.95
C ALA A 134 -5.50 -11.18 4.60
N ARG A 135 -4.76 -10.34 5.33
CA ARG A 135 -3.31 -10.20 5.20
C ARG A 135 -2.60 -11.54 5.36
N THR A 136 -3.02 -12.34 6.33
CA THR A 136 -2.44 -13.65 6.59
C THR A 136 -2.79 -14.61 5.44
N TYR A 137 -4.02 -14.59 4.90
CA TYR A 137 -4.41 -15.41 3.77
C TYR A 137 -3.62 -15.05 2.50
N LEU A 138 -3.25 -13.77 2.31
CA LEU A 138 -2.49 -13.33 1.15
C LEU A 138 -1.04 -13.80 1.28
N LEU A 139 -0.45 -13.66 2.48
CA LEU A 139 0.95 -13.99 2.76
C LEU A 139 1.22 -15.48 2.51
N LYS A 140 2.32 -15.79 1.81
CA LYS A 140 2.89 -17.14 1.64
C LYS A 140 1.81 -18.21 1.44
N ASN A 141 1.01 -18.03 0.40
CA ASN A 141 -0.11 -18.90 0.02
C ASN A 141 -0.09 -19.05 -1.50
N ASP A 142 -0.77 -20.08 -2.04
CA ASP A 142 -0.88 -20.32 -3.48
C ASP A 142 -1.49 -19.07 -4.12
N LEU A 143 -0.71 -18.40 -4.97
CA LEU A 143 -1.04 -17.08 -5.49
C LEU A 143 -2.43 -16.98 -6.10
N VAL A 144 -2.86 -17.96 -6.90
CA VAL A 144 -4.19 -17.87 -7.53
C VAL A 144 -5.32 -17.91 -6.48
N LYS A 145 -5.14 -18.66 -5.39
CA LYS A 145 -6.12 -18.70 -4.30
C LYS A 145 -6.07 -17.38 -3.54
N ALA A 146 -4.86 -16.90 -3.24
CA ALA A 146 -4.64 -15.67 -2.52
C ALA A 146 -5.24 -14.48 -3.27
N ARG A 147 -5.03 -14.42 -4.59
CA ARG A 147 -5.59 -13.41 -5.48
C ARG A 147 -7.12 -13.48 -5.43
N ASP A 148 -7.72 -14.67 -5.51
CA ASP A 148 -9.17 -14.81 -5.47
C ASP A 148 -9.74 -14.33 -4.12
N LEU A 149 -9.08 -14.65 -3.01
CA LEU A 149 -9.50 -14.20 -1.69
C LEU A 149 -9.40 -12.68 -1.57
N LEU A 150 -8.31 -12.09 -2.07
CA LEU A 150 -8.13 -10.64 -2.03
C LEU A 150 -9.15 -9.96 -2.95
N ASP A 151 -9.44 -10.55 -4.12
CA ASP A 151 -10.40 -10.03 -5.09
C ASP A 151 -11.82 -9.99 -4.50
N ASP A 152 -12.19 -10.96 -3.67
CA ASP A 152 -13.47 -10.92 -2.97
C ASP A 152 -13.53 -9.75 -1.96
N LEU A 153 -12.41 -9.49 -1.28
CA LEU A 153 -12.33 -8.35 -0.37
C LEU A 153 -12.34 -7.03 -1.15
N GLU A 154 -11.73 -6.98 -2.34
CA GLU A 154 -11.78 -5.83 -3.24
C GLU A 154 -13.22 -5.60 -3.74
N LYS A 155 -13.93 -6.67 -4.11
CA LYS A 155 -15.34 -6.59 -4.51
C LYS A 155 -16.18 -6.07 -3.36
N THR A 156 -15.85 -6.44 -2.11
CA THR A 156 -16.49 -5.88 -0.93
C THR A 156 -16.16 -4.38 -0.81
N LEU A 157 -14.90 -3.98 -1.04
CA LEU A 157 -14.45 -2.58 -1.01
C LEU A 157 -15.24 -1.73 -2.00
N ASP A 158 -15.53 -2.27 -3.19
CA ASP A 158 -16.30 -1.59 -4.24
C ASP A 158 -17.74 -1.26 -3.83
N LYS A 159 -18.25 -1.85 -2.73
CA LYS A 159 -19.59 -1.60 -2.18
C LYS A 159 -19.51 -1.36 -0.65
N LYS A 160 -18.36 -0.89 -0.16
CA LYS A 160 -18.08 -0.77 1.28
C LYS A 160 -19.17 0.06 1.97
N ASP A 161 -19.55 -0.37 3.17
CA ASP A 161 -20.40 0.39 4.09
C ASP A 161 -19.62 1.59 4.66
N SER A 162 -20.25 2.43 5.49
CA SER A 162 -19.65 3.59 6.15
C SER A 162 -18.53 3.24 7.18
N ILE A 163 -18.05 2.00 7.22
CA ILE A 163 -16.97 1.55 8.09
C ILE A 163 -15.67 2.37 7.84
N PRO A 164 -14.83 2.60 8.85
CA PRO A 164 -13.72 3.54 8.80
C PRO A 164 -12.73 3.41 7.63
N LEU A 165 -12.13 4.56 7.29
CA LEU A 165 -11.04 4.68 6.34
C LEU A 165 -9.85 3.78 6.71
N ARG A 166 -9.62 3.51 8.00
CA ARG A 166 -8.50 2.68 8.42
C ARG A 166 -8.66 1.23 7.97
N ILE A 167 -9.86 0.64 8.06
CA ILE A 167 -10.06 -0.72 7.52
C ILE A 167 -9.86 -0.67 6.01
N THR A 168 -10.33 0.43 5.39
CA THR A 168 -10.34 0.61 3.96
C THR A 168 -8.91 0.63 3.42
N ASN A 169 -8.00 1.40 4.02
CA ASN A 169 -6.60 1.39 3.60
C ASN A 169 -5.94 0.07 3.99
N SER A 170 -6.34 -0.57 5.09
CA SER A 170 -5.79 -1.86 5.50
C SER A 170 -6.08 -2.96 4.46
N PHE A 171 -7.21 -2.91 3.74
CA PHE A 171 -7.45 -3.82 2.63
C PHE A 171 -6.33 -3.70 1.60
N TYR A 172 -6.00 -2.48 1.16
CA TYR A 172 -4.99 -2.36 0.12
C TYR A 172 -3.58 -2.58 0.66
N SER A 173 -3.36 -2.48 1.97
CA SER A 173 -2.09 -2.91 2.55
C SER A 173 -1.92 -4.41 2.27
N THR A 174 -3.00 -5.21 2.30
CA THR A 174 -2.95 -6.60 1.85
C THR A 174 -2.72 -6.67 0.33
N ASN A 175 -3.42 -5.85 -0.47
CA ASN A 175 -3.24 -5.80 -1.93
C ASN A 175 -1.77 -5.56 -2.34
N SER A 176 -1.01 -4.85 -1.49
CA SER A 176 0.34 -4.39 -1.79
C SER A 176 1.42 -5.19 -1.06
N GLN A 177 1.05 -6.20 -0.26
CA GLN A 177 1.98 -6.88 0.64
C GLN A 177 3.00 -7.76 -0.09
N TYR A 178 2.60 -8.48 -1.15
CA TYR A 178 3.46 -9.53 -1.73
C TYR A 178 3.51 -9.48 -3.25
N PHE A 179 2.38 -9.67 -3.94
CA PHE A 179 2.33 -9.79 -5.39
C PHE A 179 0.92 -9.47 -5.89
N LYS A 180 0.80 -9.09 -7.17
CA LYS A 180 -0.46 -8.94 -7.89
C LYS A 180 -0.20 -9.25 -9.35
N PHE A 181 0.73 -8.53 -9.97
CA PHE A 181 1.26 -8.78 -11.31
C PHE A 181 2.80 -8.71 -11.20
N LYS A 182 3.50 -9.34 -12.14
CA LYS A 182 4.95 -9.20 -12.23
C LYS A 182 5.26 -7.76 -12.68
N ASN A 183 6.23 -7.13 -12.01
CA ASN A 183 6.81 -5.81 -12.32
C ASN A 183 5.80 -4.81 -12.90
N ASP A 184 4.84 -4.38 -12.08
CA ASP A 184 3.94 -3.28 -12.39
C ASP A 184 3.78 -2.38 -11.16
N PHE A 185 3.54 -1.09 -11.41
CA PHE A 185 3.23 -0.07 -10.42
C PHE A 185 1.99 0.74 -10.81
N ASN A 186 1.39 0.51 -11.99
CA ASN A 186 0.09 1.07 -12.35
C ASN A 186 -0.97 0.61 -11.35
N SER A 187 -0.85 -0.62 -10.86
CA SER A 187 -1.69 -1.15 -9.79
C SER A 187 -1.50 -0.36 -8.48
N PHE A 188 -0.28 0.06 -8.18
CA PHE A 188 0.01 0.84 -6.97
C PHE A 188 -0.51 2.27 -7.12
N TYR A 189 -0.38 2.85 -8.31
CA TYR A 189 -0.95 4.15 -8.64
C TYR A 189 -2.47 4.11 -8.45
N TYR A 190 -3.14 3.09 -9.00
CA TYR A 190 -4.56 2.88 -8.81
C TYR A 190 -4.89 2.74 -7.32
N THR A 191 -4.09 2.00 -6.56
CA THR A 191 -4.27 1.83 -5.12
C THR A 191 -4.24 3.18 -4.38
N SER A 192 -3.30 4.06 -4.69
CA SER A 192 -3.23 5.39 -4.06
C SER A 192 -4.36 6.30 -4.54
N LEU A 193 -4.82 6.22 -5.80
CA LEU A 193 -6.01 6.96 -6.23
C LEU A 193 -7.26 6.44 -5.51
N LEU A 194 -7.37 5.12 -5.30
CA LEU A 194 -8.42 4.47 -4.54
C LEU A 194 -8.48 5.12 -3.16
N TYR A 195 -7.34 5.30 -2.49
CA TYR A 195 -7.34 5.86 -1.15
C TYR A 195 -7.94 7.26 -1.11
N LEU A 196 -7.56 8.09 -2.10
CA LEU A 196 -8.02 9.47 -2.17
C LEU A 196 -9.51 9.51 -2.53
N SER A 197 -9.99 8.49 -3.25
CA SER A 197 -11.39 8.30 -3.58
C SER A 197 -12.21 7.88 -2.36
N THR A 198 -11.65 7.03 -1.48
CA THR A 198 -12.31 6.59 -0.26
C THR A 198 -12.33 7.70 0.81
N LEU A 199 -11.40 8.66 0.73
CA LEU A 199 -11.26 9.74 1.70
C LEU A 199 -12.47 10.67 1.67
N GLU A 200 -12.68 11.39 2.77
CA GLU A 200 -13.71 12.40 2.97
C GLU A 200 -13.11 13.50 3.86
N PRO A 201 -13.67 14.73 3.85
CA PRO A 201 -13.24 15.83 4.73
C PRO A 201 -13.11 15.44 6.21
N SER A 202 -13.87 14.45 6.64
CA SER A 202 -13.87 13.87 7.97
C SER A 202 -12.49 13.35 8.42
N THR A 203 -11.59 13.01 7.50
CA THR A 203 -10.36 12.30 7.83
C THR A 203 -9.14 12.77 6.99
N SER A 204 -9.25 13.90 6.29
CA SER A 204 -8.23 14.33 5.32
C SER A 204 -6.81 14.31 5.88
N ILE A 205 -5.92 13.71 5.08
CA ILE A 205 -4.47 13.74 5.25
C ILE A 205 -3.97 15.19 5.34
N THR A 206 -2.93 15.39 6.15
CA THR A 206 -2.23 16.66 6.31
C THR A 206 -1.43 16.98 5.04
N LEU A 207 -0.93 18.22 4.90
CA LEU A 207 -0.05 18.55 3.77
C LEU A 207 1.19 17.66 3.75
N ALA A 208 1.76 17.32 4.91
CA ALA A 208 2.93 16.45 4.97
C ALA A 208 2.60 15.06 4.40
N GLU A 209 1.47 14.48 4.79
CA GLU A 209 1.03 13.19 4.28
C GLU A 209 0.67 13.30 2.79
N ARG A 210 0.09 14.43 2.35
CA ARG A 210 -0.18 14.67 0.94
C ARG A 210 1.11 14.67 0.13
N GLN A 211 2.17 15.33 0.60
CA GLN A 211 3.41 15.34 -0.16
C GLN A 211 3.92 13.91 -0.39
N GLN A 212 3.86 13.06 0.63
CA GLN A 212 4.28 11.67 0.51
C GLN A 212 3.37 10.87 -0.42
N LEU A 213 2.04 10.98 -0.30
CA LEU A 213 1.11 10.25 -1.17
C LEU A 213 1.17 10.78 -2.61
N ALA A 214 1.43 12.07 -2.83
CA ALA A 214 1.63 12.65 -4.15
C ALA A 214 2.91 12.12 -4.79
N TYR A 215 4.01 12.07 -4.03
CA TYR A 215 5.27 11.51 -4.51
C TYR A 215 5.11 10.02 -4.82
N ASP A 216 4.42 9.27 -3.95
CA ASP A 216 4.13 7.85 -4.17
C ASP A 216 3.30 7.64 -5.44
N LEU A 217 2.27 8.46 -5.66
CA LEU A 217 1.50 8.44 -6.89
C LEU A 217 2.40 8.71 -8.09
N SER A 218 3.28 9.70 -7.98
CA SER A 218 4.16 10.09 -9.07
C SER A 218 5.11 8.96 -9.45
N ILE A 219 5.77 8.34 -8.47
CA ILE A 219 6.66 7.22 -8.72
C ILE A 219 5.86 6.05 -9.29
N SER A 220 4.70 5.73 -8.70
CA SER A 220 3.88 4.61 -9.16
C SER A 220 3.39 4.81 -10.59
N ALA A 221 3.02 6.06 -10.95
CA ALA A 221 2.61 6.40 -12.30
C ALA A 221 3.78 6.22 -13.26
N LEU A 222 4.93 6.83 -12.94
CA LEU A 222 6.10 6.87 -13.80
C LEU A 222 6.67 5.47 -14.05
N LEU A 223 6.59 4.59 -13.05
CA LEU A 223 7.02 3.20 -13.14
C LEU A 223 5.90 2.27 -13.65
N GLY A 224 4.68 2.77 -13.83
CA GLY A 224 3.53 1.95 -14.18
C GLY A 224 3.71 1.38 -15.58
N ASP A 225 3.45 0.09 -15.76
CA ASP A 225 3.69 -0.57 -17.05
C ASP A 225 2.72 -0.07 -18.13
N LYS A 226 1.54 0.42 -17.71
CA LYS A 226 0.44 0.78 -18.61
C LYS A 226 0.15 2.28 -18.63
N ILE A 227 0.75 3.07 -17.72
CA ILE A 227 0.45 4.49 -17.61
C ILE A 227 1.29 5.24 -18.64
N TYR A 228 0.77 6.39 -19.07
CA TYR A 228 1.50 7.37 -19.88
C TYR A 228 0.90 8.76 -19.67
N ASN A 229 -0.42 8.86 -19.47
CA ASN A 229 -1.11 10.13 -19.26
C ASN A 229 -0.90 10.66 -17.85
N PHE A 230 0.33 11.09 -17.51
CA PHE A 230 0.63 11.72 -16.22
C PHE A 230 -0.16 13.02 -16.01
N GLY A 231 -0.73 13.61 -17.07
CA GLY A 231 -1.64 14.74 -16.98
C GLY A 231 -2.80 14.49 -16.03
N GLU A 232 -3.30 13.24 -15.96
CA GLU A 232 -4.35 12.85 -15.02
C GLU A 232 -3.91 13.14 -13.58
N LEU A 233 -2.69 12.74 -13.24
CA LEU A 233 -2.11 12.95 -11.92
C LEU A 233 -1.85 14.44 -11.69
N LEU A 234 -1.19 15.10 -12.64
CA LEU A 234 -0.79 16.50 -12.51
C LEU A 234 -2.00 17.42 -12.29
N HIS A 235 -3.15 17.10 -12.88
CA HIS A 235 -4.39 17.85 -12.70
C HIS A 235 -4.94 17.73 -11.27
N HIS A 236 -4.69 16.61 -10.58
CA HIS A 236 -5.31 16.33 -9.28
C HIS A 236 -4.69 17.23 -8.20
N PRO A 237 -5.49 17.91 -7.36
CA PRO A 237 -4.99 18.94 -6.44
C PRO A 237 -4.07 18.40 -5.34
N ILE A 238 -4.04 17.09 -5.08
CA ILE A 238 -3.10 16.47 -4.16
C ILE A 238 -1.64 16.80 -4.59
N MET A 239 -1.38 16.88 -5.90
CA MET A 239 -0.06 17.23 -6.45
C MET A 239 0.34 18.67 -6.15
N GLU A 240 -0.61 19.58 -5.84
CA GLU A 240 -0.28 20.99 -5.66
C GLU A 240 0.67 21.16 -4.46
N THR A 241 0.73 20.16 -3.58
CA THR A 241 1.59 20.11 -2.42
C THR A 241 3.07 19.88 -2.79
N ILE A 242 3.40 19.40 -4.00
CA ILE A 242 4.77 19.03 -4.35
C ILE A 242 5.27 19.75 -5.61
N VAL A 243 4.40 20.13 -6.53
CA VAL A 243 4.80 20.85 -7.74
C VAL A 243 5.39 22.23 -7.42
N ASN A 244 5.22 22.72 -6.18
CA ASN A 244 5.58 24.05 -5.73
C ASN A 244 6.61 23.98 -4.60
N ASP A 245 7.32 22.85 -4.44
CA ASP A 245 8.26 22.59 -3.37
C ASP A 245 9.55 22.06 -3.98
N SER A 246 10.67 22.76 -3.75
CA SER A 246 11.98 22.47 -4.32
C SER A 246 12.45 21.03 -4.04
N ASN A 247 11.97 20.37 -2.97
CA ASN A 247 12.31 18.99 -2.65
C ASN A 247 11.81 18.02 -3.74
N TYR A 248 10.80 18.40 -4.51
CA TYR A 248 10.12 17.55 -5.49
C TYR A 248 10.03 18.23 -6.88
N ASP A 249 10.55 19.45 -7.04
CA ASP A 249 10.43 20.21 -8.29
C ASP A 249 11.06 19.47 -9.47
N TRP A 250 12.15 18.75 -9.23
CA TRP A 250 12.82 17.93 -10.24
C TRP A 250 11.87 16.85 -10.78
N LEU A 251 11.14 16.18 -9.88
CA LEU A 251 10.16 15.15 -10.20
C LEU A 251 9.02 15.78 -10.97
N PHE A 252 8.52 16.94 -10.51
CA PHE A 252 7.47 17.65 -11.20
C PHE A 252 7.87 17.99 -12.64
N GLN A 253 9.06 18.54 -12.84
CA GLN A 253 9.53 18.90 -14.17
C GLN A 253 9.72 17.66 -15.04
N LEU A 254 10.15 16.52 -14.49
CA LEU A 254 10.23 15.27 -15.24
C LEU A 254 8.84 14.85 -15.72
N LEU A 255 7.83 14.83 -14.83
CA LEU A 255 6.46 14.47 -15.21
C LEU A 255 5.92 15.46 -16.25
N ASN A 256 6.12 16.75 -16.03
CA ASN A 256 5.61 17.81 -16.88
C ASN A 256 6.20 17.67 -18.28
N ALA A 257 7.53 17.59 -18.40
CA ALA A 257 8.21 17.48 -19.68
C ALA A 257 7.75 16.23 -20.43
N LEU A 258 7.57 15.12 -19.73
CA LEU A 258 7.00 13.89 -20.30
C LEU A 258 5.58 14.14 -20.81
N THR A 259 4.75 14.83 -20.05
CA THR A 259 3.34 15.06 -20.37
C THR A 259 3.18 15.85 -21.67
N VAL A 260 4.13 16.75 -21.97
CA VAL A 260 4.06 17.62 -23.14
C VAL A 260 5.01 17.16 -24.26
N GLY A 261 5.77 16.08 -24.04
CA GLY A 261 6.72 15.55 -25.00
C GLY A 261 7.86 16.52 -25.31
N ASP A 262 8.26 17.36 -24.34
CA ASP A 262 9.35 18.31 -24.52
C ASP A 262 10.68 17.59 -24.27
N PHE A 263 11.18 16.95 -25.32
CA PHE A 263 12.45 16.21 -25.29
C PHE A 263 13.60 17.09 -24.82
N ASP A 264 13.57 18.40 -25.09
CA ASP A 264 14.70 19.26 -24.82
C ASP A 264 14.80 19.55 -23.31
N LYS A 265 13.68 19.90 -22.67
CA LYS A 265 13.64 20.04 -21.22
C LYS A 265 13.91 18.69 -20.57
N PHE A 266 13.25 17.63 -21.04
CA PHE A 266 13.41 16.29 -20.53
C PHE A 266 14.89 15.90 -20.55
N ASP A 267 15.60 16.10 -21.66
CA ASP A 267 17.02 15.80 -21.76
C ASP A 267 17.85 16.68 -20.81
N SER A 268 17.52 17.97 -20.72
CA SER A 268 18.24 18.93 -19.88
C SER A 268 18.24 18.54 -18.41
N LEU A 269 17.12 18.02 -17.91
CA LEU A 269 17.03 17.58 -16.52
C LEU A 269 17.55 16.17 -16.37
N ILE A 270 17.31 15.28 -17.33
CA ILE A 270 17.89 13.93 -17.36
C ILE A 270 19.43 13.97 -17.26
N LYS A 271 20.07 14.96 -17.89
CA LYS A 271 21.50 15.23 -17.81
C LYS A 271 22.05 15.41 -16.38
N VAL A 272 21.19 15.50 -15.37
CA VAL A 272 21.58 15.71 -13.98
C VAL A 272 20.78 14.73 -13.09
N GLN A 273 19.45 14.71 -13.22
CA GLN A 273 18.57 14.01 -12.31
C GLN A 273 18.71 12.50 -12.39
N ILE A 274 19.05 11.93 -13.54
CA ILE A 274 19.29 10.49 -13.62
C ILE A 274 20.46 10.14 -12.69
N SER A 275 21.55 10.91 -12.75
CA SER A 275 22.73 10.62 -11.95
C SER A 275 22.45 10.92 -10.46
N LYS A 276 21.73 12.01 -10.17
CA LYS A 276 21.46 12.43 -8.79
C LYS A 276 20.48 11.52 -8.07
N ILE A 277 19.58 10.83 -8.77
CA ILE A 277 18.47 10.11 -8.15
C ILE A 277 18.56 8.61 -8.54
N PRO A 278 18.75 7.70 -7.58
CA PRO A 278 19.06 6.30 -7.87
C PRO A 278 17.91 5.55 -8.53
N ILE A 279 16.64 5.85 -8.20
CA ILE A 279 15.49 5.22 -8.86
C ILE A 279 15.50 5.55 -10.36
N LEU A 280 15.80 6.80 -10.72
CA LEU A 280 15.76 7.21 -12.12
C LEU A 280 16.82 6.48 -12.93
N ALA A 281 18.03 6.32 -12.39
CA ALA A 281 19.10 5.57 -13.06
C ALA A 281 18.68 4.13 -13.37
N GLN A 282 17.83 3.53 -12.53
CA GLN A 282 17.37 2.16 -12.70
C GLN A 282 16.35 1.99 -13.85
N HIS A 283 15.75 3.08 -14.38
CA HIS A 283 14.76 2.97 -15.46
C HIS A 283 14.88 4.08 -16.52
N GLU A 284 16.08 4.65 -16.72
CA GLU A 284 16.33 5.64 -17.76
C GLU A 284 15.85 5.15 -19.13
N SER A 285 16.08 3.87 -19.45
CA SER A 285 15.68 3.27 -20.71
C SER A 285 14.16 3.10 -20.82
N PHE A 286 13.41 3.12 -19.71
CA PHE A 286 11.95 3.18 -19.76
C PHE A 286 11.53 4.61 -20.07
N LEU A 287 12.17 5.62 -19.46
CA LEU A 287 11.81 7.03 -19.66
C LEU A 287 11.99 7.44 -21.12
N ARG A 288 13.12 7.10 -21.74
CA ARG A 288 13.39 7.49 -23.15
C ARG A 288 12.36 6.89 -24.10
N GLN A 289 11.90 5.67 -23.81
CA GLN A 289 10.85 5.04 -24.55
C GLN A 289 9.52 5.71 -24.25
N LYS A 290 9.20 5.96 -22.98
CA LYS A 290 7.93 6.55 -22.58
C LYS A 290 7.66 7.86 -23.31
N ILE A 291 8.62 8.77 -23.39
CA ILE A 291 8.44 10.03 -24.09
C ILE A 291 8.12 9.80 -25.59
N CYS A 292 8.60 8.70 -26.17
CA CYS A 292 8.44 8.43 -27.60
C CYS A 292 7.14 7.66 -27.86
N LEU A 293 6.82 6.69 -27.00
CA LEU A 293 5.55 5.97 -26.96
C LEU A 293 4.42 7.01 -26.82
N MET A 294 4.59 8.01 -25.93
CA MET A 294 3.64 9.10 -25.75
C MET A 294 3.55 10.00 -26.98
N THR A 295 4.68 10.29 -27.63
CA THR A 295 4.68 11.11 -28.84
C THR A 295 3.84 10.43 -29.92
N LEU A 296 3.98 9.10 -30.09
CA LEU A 296 3.17 8.34 -31.02
C LEU A 296 1.69 8.46 -30.66
N ILE A 297 1.33 8.24 -29.39
CA ILE A 297 -0.05 8.30 -28.92
C ILE A 297 -0.62 9.69 -29.19
N GLU A 298 0.09 10.75 -28.83
CA GLU A 298 -0.36 12.12 -29.02
C GLU A 298 -0.60 12.38 -30.50
N THR A 299 0.32 11.96 -31.37
CA THR A 299 0.19 12.15 -32.80
C THR A 299 -1.05 11.44 -33.33
N VAL A 300 -1.24 10.17 -32.97
CA VAL A 300 -2.38 9.37 -33.41
C VAL A 300 -3.69 9.99 -32.92
N PHE A 301 -3.75 10.40 -31.65
CA PHE A 301 -4.98 10.87 -31.03
C PHE A 301 -5.34 12.28 -31.53
N VAL A 302 -4.42 13.25 -31.40
CA VAL A 302 -4.71 14.65 -31.69
C VAL A 302 -4.96 14.83 -33.18
N LYS A 303 -4.11 14.25 -34.04
CA LYS A 303 -4.23 14.40 -35.48
C LYS A 303 -5.22 13.41 -36.10
N ASN A 304 -5.86 12.54 -35.28
CA ASN A 304 -6.73 11.43 -35.68
C ASN A 304 -6.21 10.67 -36.89
N ILE A 305 -5.13 9.90 -36.68
CA ILE A 305 -4.43 9.17 -37.74
C ILE A 305 -4.65 7.67 -37.50
N ARG A 306 -4.84 6.91 -38.58
CA ARG A 306 -5.02 5.45 -38.53
C ARG A 306 -4.01 4.71 -39.43
N MET A 307 -3.30 5.42 -40.31
CA MET A 307 -2.17 4.88 -41.07
C MET A 307 -1.10 5.96 -41.13
N LEU A 308 0.15 5.63 -40.83
CA LEU A 308 1.26 6.58 -40.75
C LEU A 308 2.55 5.87 -41.15
N SER A 309 3.60 6.61 -41.50
CA SER A 309 4.86 6.03 -41.95
C SER A 309 5.87 5.97 -40.82
N PHE A 310 6.85 5.06 -40.94
CA PHE A 310 8.02 5.02 -40.06
C PHE A 310 8.72 6.38 -40.14
N GLU A 311 8.74 6.98 -41.34
CA GLU A 311 9.46 8.20 -41.61
C GLU A 311 8.84 9.38 -40.86
N ASP A 312 7.52 9.52 -40.86
CA ASP A 312 6.89 10.63 -40.14
C ASP A 312 7.05 10.48 -38.63
N ILE A 313 6.87 9.26 -38.12
CA ILE A 313 7.09 8.95 -36.71
C ILE A 313 8.57 9.19 -36.37
N SER A 314 9.51 8.97 -37.29
CA SER A 314 10.93 9.25 -37.08
C SER A 314 11.13 10.75 -36.85
N LYS A 315 10.39 11.62 -37.55
CA LYS A 315 10.47 13.06 -37.31
C LYS A 315 10.01 13.39 -35.89
N ALA A 316 8.88 12.80 -35.48
CA ALA A 316 8.23 13.12 -34.24
C ALA A 316 9.04 12.62 -33.02
N THR A 317 9.41 11.34 -33.04
CA THR A 317 10.08 10.66 -31.92
C THR A 317 11.57 10.98 -31.87
N HIS A 318 12.11 11.48 -33.00
CA HIS A 318 13.53 11.67 -33.29
C HIS A 318 14.37 10.38 -33.16
N LEU A 319 13.70 9.23 -33.19
CA LEU A 319 14.33 7.92 -33.30
C LEU A 319 14.56 7.64 -34.78
N PRO A 320 15.62 6.92 -35.18
CA PRO A 320 15.79 6.53 -36.57
C PRO A 320 14.69 5.56 -36.97
N LYS A 321 14.33 5.50 -38.26
CA LYS A 321 13.29 4.63 -38.79
C LYS A 321 13.48 3.17 -38.38
N ASP A 322 14.74 2.75 -38.21
CA ASP A 322 15.11 1.40 -37.78
C ASP A 322 14.61 1.07 -36.37
N ASN A 323 14.48 2.08 -35.50
CA ASN A 323 14.07 1.93 -34.11
C ASN A 323 12.62 2.38 -33.91
N VAL A 324 12.07 3.16 -34.85
CA VAL A 324 10.66 3.53 -34.84
C VAL A 324 9.78 2.28 -34.84
N GLU A 325 10.12 1.27 -35.66
CA GLU A 325 9.36 0.03 -35.69
C GLU A 325 9.37 -0.63 -34.30
N HIS A 326 10.53 -0.68 -33.64
CA HIS A 326 10.65 -1.23 -32.30
C HIS A 326 9.80 -0.42 -31.30
N LEU A 327 9.79 0.91 -31.42
CA LEU A 327 9.05 1.80 -30.54
C LEU A 327 7.56 1.52 -30.66
N VAL A 328 6.99 1.54 -31.87
CA VAL A 328 5.55 1.36 -32.02
C VAL A 328 5.15 -0.06 -31.62
N MET A 329 6.00 -1.07 -31.90
CA MET A 329 5.72 -2.45 -31.49
C MET A 329 5.72 -2.59 -29.98
N ARG A 330 6.61 -1.88 -29.28
CA ARG A 330 6.57 -1.84 -27.82
C ARG A 330 5.23 -1.27 -27.35
N ALA A 331 4.74 -0.20 -27.99
CA ALA A 331 3.46 0.39 -27.62
C ALA A 331 2.33 -0.64 -27.70
N ILE A 332 2.29 -1.41 -28.79
CA ILE A 332 1.30 -2.46 -29.01
C ILE A 332 1.49 -3.55 -27.95
N SER A 333 2.73 -3.96 -27.69
CA SER A 333 3.07 -5.02 -26.76
C SER A 333 2.69 -4.67 -25.32
N LEU A 334 2.85 -3.40 -24.92
CA LEU A 334 2.40 -2.91 -23.62
C LEU A 334 0.87 -2.91 -23.51
N GLY A 335 0.15 -2.94 -24.63
CA GLY A 335 -1.32 -2.88 -24.64
C GLY A 335 -1.83 -1.44 -24.69
N LEU A 336 -0.99 -0.48 -25.10
CA LEU A 336 -1.38 0.92 -25.17
C LEU A 336 -2.33 1.17 -26.32
N LEU A 337 -2.21 0.41 -27.41
CA LEU A 337 -2.90 0.70 -28.65
C LEU A 337 -2.94 -0.57 -29.49
N LYS A 338 -4.02 -0.76 -30.23
CA LYS A 338 -4.16 -1.86 -31.16
C LYS A 338 -3.63 -1.33 -32.49
N GLY A 339 -2.60 -1.97 -33.02
CA GLY A 339 -2.13 -1.69 -34.36
C GLY A 339 -1.40 -2.87 -34.96
N SER A 340 -1.02 -2.73 -36.23
CA SER A 340 -0.28 -3.71 -37.02
C SER A 340 0.72 -2.95 -37.88
N ILE A 341 1.95 -3.46 -37.98
CA ILE A 341 3.02 -2.88 -38.75
C ILE A 341 2.93 -3.43 -40.18
N ASP A 342 3.33 -2.63 -41.16
CA ASP A 342 3.36 -2.95 -42.58
C ASP A 342 4.72 -2.51 -43.13
N GLN A 343 5.78 -3.14 -42.61
CA GLN A 343 7.18 -2.81 -42.88
C GLN A 343 7.53 -2.83 -44.38
N VAL A 344 6.83 -3.62 -45.17
CA VAL A 344 6.96 -3.68 -46.63
C VAL A 344 6.88 -2.26 -47.23
N ASN A 345 5.99 -1.43 -46.68
CA ASN A 345 5.74 -0.08 -47.17
C ASN A 345 6.30 0.96 -46.18
N GLU A 346 7.02 0.51 -45.14
CA GLU A 346 7.46 1.30 -43.99
C GLU A 346 6.27 2.06 -43.36
N LEU A 347 5.14 1.37 -43.16
CA LEU A 347 3.92 1.95 -42.60
C LEU A 347 3.54 1.24 -41.30
N VAL A 348 2.66 1.87 -40.55
CA VAL A 348 2.03 1.36 -39.34
C VAL A 348 0.53 1.69 -39.48
N THR A 349 -0.33 0.78 -39.04
CA THR A 349 -1.78 0.92 -39.09
C THR A 349 -2.29 0.73 -37.66
N ILE A 350 -2.49 1.85 -36.95
CA ILE A 350 -3.07 1.88 -35.62
C ILE A 350 -4.59 2.00 -35.79
N SER A 351 -5.38 1.41 -34.89
CA SER A 351 -6.84 1.44 -34.97
C SER A 351 -7.54 1.81 -33.66
N TRP A 352 -6.90 1.67 -32.49
CA TRP A 352 -7.47 2.05 -31.20
C TRP A 352 -6.31 2.39 -30.27
N VAL A 353 -6.55 3.24 -29.26
CA VAL A 353 -5.55 3.63 -28.28
C VAL A 353 -6.25 3.81 -26.93
N GLN A 354 -5.58 3.40 -25.86
CA GLN A 354 -6.05 3.35 -24.48
C GLN A 354 -6.08 4.77 -23.90
N PRO A 355 -7.25 5.37 -23.60
CA PRO A 355 -7.29 6.62 -22.84
C PRO A 355 -7.12 6.32 -21.35
N ARG A 356 -6.84 7.36 -20.55
CA ARG A 356 -6.85 7.32 -19.09
C ARG A 356 -7.42 8.64 -18.62
N MET A 1 -12.07 -12.35 38.34
CA MET A 1 -10.91 -12.11 39.22
C MET A 1 -9.60 -12.49 38.52
N PHE A 2 -9.26 -13.78 38.48
CA PHE A 2 -8.16 -14.37 37.68
C PHE A 2 -8.46 -15.87 37.53
N ASN A 3 -7.67 -16.61 36.73
CA ASN A 3 -7.91 -18.05 36.53
C ASN A 3 -6.63 -18.88 36.36
N ASN A 4 -5.77 -18.54 35.40
CA ASN A 4 -4.64 -19.40 35.02
C ASN A 4 -3.50 -19.29 36.03
N HIS A 5 -3.34 -18.09 36.60
CA HIS A 5 -2.37 -17.66 37.62
C HIS A 5 -3.06 -16.55 38.42
N GLU A 6 -2.48 -16.12 39.54
CA GLU A 6 -2.94 -14.93 40.26
C GLU A 6 -1.91 -13.82 40.08
N ILE A 7 -2.32 -12.56 40.33
CA ILE A 7 -1.50 -11.42 39.97
C ILE A 7 -0.23 -11.29 40.81
N ASP A 8 -0.30 -11.58 42.11
CA ASP A 8 0.89 -11.57 42.97
C ASP A 8 1.93 -12.55 42.45
N THR A 9 1.47 -13.69 41.92
CA THR A 9 2.28 -14.70 41.27
C THR A 9 2.82 -14.18 39.93
N ILE A 10 1.96 -13.68 39.04
CA ILE A 10 2.36 -13.38 37.66
C ILE A 10 3.39 -12.26 37.66
N LEU A 11 3.17 -11.21 38.44
CA LEU A 11 4.01 -10.02 38.39
C LEU A 11 5.36 -10.30 39.00
N SER A 12 5.39 -11.04 40.12
CA SER A 12 6.64 -11.43 40.76
C SER A 12 7.44 -12.37 39.86
N THR A 13 6.77 -13.32 39.21
CA THR A 13 7.46 -14.28 38.34
C THR A 13 8.03 -13.56 37.10
N LEU A 14 7.26 -12.66 36.51
CA LEU A 14 7.74 -11.79 35.43
C LEU A 14 8.96 -11.01 35.92
N ARG A 15 8.89 -10.36 37.08
CA ARG A 15 9.99 -9.53 37.58
C ARG A 15 11.28 -10.32 37.85
N MET A 16 11.21 -11.63 38.14
CA MET A 16 12.42 -12.41 38.37
C MET A 16 13.05 -12.93 37.06
N GLU A 17 12.32 -12.85 35.94
CA GLU A 17 12.66 -13.46 34.68
C GLU A 17 12.93 -12.40 33.60
N ALA A 18 12.33 -11.21 33.77
CA ALA A 18 12.36 -10.10 32.83
C ALA A 18 13.77 -9.49 32.72
N ASP A 19 13.93 -8.71 31.66
CA ASP A 19 15.10 -7.84 31.44
C ASP A 19 15.00 -6.62 32.37
N PRO A 20 16.11 -6.15 32.98
CA PRO A 20 16.09 -5.02 33.91
C PRO A 20 15.35 -3.76 33.44
N SER A 21 15.39 -3.41 32.14
CA SER A 21 14.71 -2.22 31.65
C SER A 21 13.20 -2.28 31.84
N LEU A 22 12.63 -3.48 32.01
CA LEU A 22 11.19 -3.68 32.15
C LEU A 22 10.72 -3.52 33.59
N HIS A 23 11.63 -3.58 34.58
CA HIS A 23 11.23 -3.58 35.98
C HIS A 23 10.49 -2.29 36.38
N PRO A 24 10.95 -1.06 36.03
CA PRO A 24 10.18 0.15 36.30
C PRO A 24 8.82 0.14 35.60
N LEU A 25 8.76 -0.36 34.35
CA LEU A 25 7.56 -0.29 33.54
C LEU A 25 6.39 -1.08 34.13
N PHE A 26 6.68 -2.14 34.89
CA PHE A 26 5.62 -2.89 35.57
C PHE A 26 5.15 -2.23 36.87
N GLU A 27 5.90 -1.29 37.45
CA GLU A 27 5.48 -0.65 38.69
C GLU A 27 4.32 0.32 38.42
N GLN A 28 4.38 1.07 37.31
CA GLN A 28 3.25 1.92 36.92
C GLN A 28 2.03 1.07 36.54
N PHE A 29 2.26 -0.07 35.87
CA PHE A 29 1.22 -1.00 35.44
C PHE A 29 0.50 -1.57 36.67
N GLU A 30 1.24 -2.03 37.68
CA GLU A 30 0.68 -2.52 38.94
C GLU A 30 -0.25 -1.47 39.55
N LYS A 31 0.23 -0.24 39.68
CA LYS A 31 -0.51 0.84 40.29
C LYS A 31 -1.79 1.10 39.51
N PHE A 32 -1.69 1.33 38.20
CA PHE A 32 -2.85 1.54 37.36
C PHE A 32 -3.85 0.39 37.46
N TYR A 33 -3.41 -0.87 37.53
CA TYR A 33 -4.33 -2.00 37.69
C TYR A 33 -5.01 -1.97 39.08
N GLU A 34 -4.28 -1.63 40.14
CA GLU A 34 -4.86 -1.50 41.48
C GLU A 34 -5.95 -0.40 41.49
N GLU A 35 -5.75 0.66 40.71
CA GLU A 35 -6.69 1.76 40.51
C GLU A 35 -7.78 1.42 39.47
N LYS A 36 -7.82 0.18 38.96
CA LYS A 36 -8.62 -0.31 37.84
C LYS A 36 -8.64 0.67 36.65
N LEU A 37 -7.53 1.36 36.42
CA LEU A 37 -7.38 2.47 35.51
C LEU A 37 -7.12 2.00 34.07
N TRP A 38 -7.91 1.02 33.62
CA TRP A 38 -7.72 0.26 32.38
C TRP A 38 -7.31 1.13 31.20
N PHE A 39 -7.96 2.29 31.06
CA PHE A 39 -7.86 3.17 29.89
C PHE A 39 -6.49 3.84 29.74
N GLN A 40 -5.65 3.80 30.78
CA GLN A 40 -4.25 4.20 30.71
C GLN A 40 -3.31 3.12 31.26
N LEU A 41 -3.83 2.05 31.86
CA LEU A 41 -3.05 0.86 32.20
C LEU A 41 -2.39 0.32 30.92
N SER A 42 -3.10 0.45 29.80
CA SER A 42 -2.65 0.23 28.43
C SER A 42 -1.42 1.03 28.05
N GLU A 43 -1.12 2.20 28.66
CA GLU A 43 0.03 3.01 28.26
C GLU A 43 1.33 2.28 28.60
N SER A 44 1.33 1.53 29.70
CA SER A 44 2.44 0.66 30.07
C SER A 44 2.64 -0.39 28.97
N LEU A 45 1.56 -1.06 28.56
CA LEU A 45 1.60 -2.07 27.50
C LEU A 45 2.03 -1.46 26.17
N THR A 46 1.65 -0.21 25.90
CA THR A 46 2.05 0.50 24.69
C THR A 46 3.57 0.73 24.72
N LYS A 47 4.16 1.10 25.86
CA LYS A 47 5.61 1.19 25.98
C LYS A 47 6.25 -0.20 25.84
N PHE A 48 5.68 -1.24 26.43
CA PHE A 48 6.17 -2.62 26.26
C PHE A 48 6.15 -3.02 24.78
N PHE A 49 5.14 -2.59 24.01
CA PHE A 49 5.03 -2.87 22.58
C PHE A 49 6.06 -2.05 21.77
N ASP A 50 6.26 -0.78 22.12
CA ASP A 50 7.16 0.13 21.40
C ASP A 50 8.62 -0.25 21.62
N ASP A 51 8.99 -0.61 22.85
CA ASP A 51 10.33 -1.06 23.20
C ASP A 51 10.59 -2.47 22.60
N ALA A 52 11.86 -2.82 22.38
CA ALA A 52 12.24 -4.16 21.96
C ALA A 52 12.06 -5.17 23.11
N LYS A 53 12.26 -4.76 24.36
CA LYS A 53 12.03 -5.63 25.51
C LYS A 53 10.51 -5.79 25.70
N SER A 54 10.05 -7.03 25.72
CA SER A 54 8.71 -7.50 26.09
C SER A 54 8.70 -8.95 25.66
N THR A 55 8.78 -9.16 24.35
CA THR A 55 9.03 -10.46 23.71
C THR A 55 8.09 -11.59 24.18
N PRO A 56 8.35 -12.88 23.87
CA PRO A 56 7.58 -13.99 24.38
C PRO A 56 7.47 -14.05 25.91
N LEU A 57 8.43 -13.47 26.63
CA LEU A 57 8.37 -13.29 28.09
C LEU A 57 7.04 -12.60 28.46
N ARG A 58 6.70 -11.50 27.80
CA ARG A 58 5.46 -10.76 28.08
C ARG A 58 4.23 -11.44 27.47
N LEU A 59 4.35 -12.57 26.75
CA LEU A 59 3.16 -13.34 26.36
C LEU A 59 2.53 -13.97 27.61
N ARG A 60 3.34 -14.32 28.63
CA ARG A 60 2.84 -14.83 29.91
C ARG A 60 1.94 -13.80 30.57
N LEU A 61 2.34 -12.52 30.53
CA LEU A 61 1.56 -11.40 31.03
C LEU A 61 0.22 -11.35 30.28
N TYR A 62 0.29 -11.33 28.95
CA TYR A 62 -0.89 -11.16 28.11
C TYR A 62 -1.94 -12.25 28.37
N ASP A 63 -1.49 -13.50 28.53
CA ASP A 63 -2.34 -14.70 28.65
C ASP A 63 -3.41 -14.61 29.74
N ASN A 64 -3.05 -14.04 30.90
CA ASN A 64 -3.88 -14.09 32.11
C ASN A 64 -4.05 -12.71 32.76
N PHE A 65 -3.54 -11.64 32.16
CA PHE A 65 -3.65 -10.31 32.71
C PHE A 65 -4.49 -9.45 31.75
N VAL A 66 -3.98 -9.10 30.56
CA VAL A 66 -4.72 -8.27 29.58
C VAL A 66 -6.04 -8.94 29.18
N SER A 67 -6.09 -10.28 29.15
CA SER A 67 -7.29 -11.06 28.89
C SER A 67 -8.47 -10.70 29.81
N LYS A 68 -8.20 -10.14 30.99
CA LYS A 68 -9.22 -9.82 31.98
C LYS A 68 -9.81 -8.42 31.76
N PHE A 69 -9.36 -7.68 30.74
CA PHE A 69 -9.88 -6.37 30.37
C PHE A 69 -9.90 -6.16 28.84
N TYR A 70 -10.00 -7.23 28.05
CA TYR A 70 -10.25 -7.17 26.61
C TYR A 70 -11.49 -6.34 26.25
N ASP A 71 -12.46 -6.22 27.17
CA ASP A 71 -13.70 -5.47 26.97
C ASP A 71 -13.59 -4.02 27.47
N LYS A 72 -12.46 -3.59 28.05
CA LYS A 72 -12.31 -2.24 28.62
C LYS A 72 -11.52 -1.31 27.70
N ILE A 73 -10.73 -1.84 26.76
CA ILE A 73 -9.80 -1.06 25.95
C ILE A 73 -9.81 -1.60 24.51
N ASN A 74 -9.28 -0.80 23.59
CA ASN A 74 -9.28 -1.08 22.16
C ASN A 74 -8.63 -2.44 21.87
N GLN A 75 -9.31 -3.30 21.12
CA GLN A 75 -8.87 -4.67 20.93
C GLN A 75 -7.70 -4.76 19.93
N LEU A 76 -7.53 -3.82 19.00
CA LEU A 76 -6.31 -3.77 18.19
C LEU A 76 -5.13 -3.40 19.09
N SER A 77 -5.33 -2.64 20.18
CA SER A 77 -4.27 -2.47 21.18
C SER A 77 -3.95 -3.81 21.83
N VAL A 78 -4.95 -4.58 22.29
CA VAL A 78 -4.63 -5.85 22.93
C VAL A 78 -3.92 -6.78 21.95
N VAL A 79 -4.42 -6.94 20.71
CA VAL A 79 -3.75 -7.81 19.76
C VAL A 79 -2.39 -7.25 19.35
N LYS A 80 -2.13 -5.93 19.31
CA LYS A 80 -0.78 -5.43 19.03
C LYS A 80 0.21 -5.96 20.06
N TYR A 81 -0.16 -6.05 21.34
CA TYR A 81 0.75 -6.57 22.36
C TYR A 81 1.08 -8.03 22.06
N LEU A 82 0.06 -8.84 21.77
CA LEU A 82 0.25 -10.24 21.37
C LEU A 82 1.12 -10.33 20.13
N LEU A 83 0.83 -9.52 19.11
CA LEU A 83 1.52 -9.50 17.83
C LEU A 83 3.02 -9.31 18.03
N ALA A 84 3.48 -8.51 19.00
CA ALA A 84 4.91 -8.36 19.22
C ALA A 84 5.57 -9.65 19.72
N SER A 85 4.94 -10.33 20.67
CA SER A 85 5.47 -11.60 21.17
C SER A 85 5.37 -12.68 20.10
N LEU A 86 4.26 -12.69 19.37
CA LEU A 86 3.91 -13.71 18.41
C LEU A 86 4.72 -13.56 17.12
N LYS A 87 5.14 -12.34 16.73
CA LYS A 87 6.04 -12.18 15.59
C LYS A 87 7.47 -12.54 15.96
N ASP A 88 7.88 -12.39 17.24
CA ASP A 88 9.21 -12.84 17.64
C ASP A 88 9.26 -14.36 17.78
N SER A 89 8.14 -14.98 18.17
CA SER A 89 7.98 -16.43 18.17
C SER A 89 8.26 -16.98 16.76
N LYS A 90 9.03 -18.06 16.68
CA LYS A 90 9.58 -18.59 15.43
C LYS A 90 8.56 -19.52 14.75
N ASP A 91 7.32 -19.07 14.59
CA ASP A 91 6.24 -19.86 13.99
C ASP A 91 5.28 -18.94 13.21
N PHE A 92 4.31 -19.53 12.52
CA PHE A 92 3.32 -18.87 11.66
C PHE A 92 1.98 -19.63 11.71
N ASP A 93 2.01 -20.96 11.81
CA ASP A 93 0.81 -21.79 11.92
C ASP A 93 0.15 -21.57 13.27
N GLU A 94 0.95 -21.50 14.33
CA GLU A 94 0.45 -21.12 15.65
C GLU A 94 -0.08 -19.68 15.57
N SER A 95 0.64 -18.76 14.92
CA SER A 95 0.25 -17.37 14.83
C SER A 95 -1.12 -17.19 14.16
N LEU A 96 -1.40 -17.96 13.10
CA LEU A 96 -2.70 -18.01 12.45
C LEU A 96 -3.77 -18.46 13.44
N LYS A 97 -3.55 -19.58 14.14
CA LYS A 97 -4.50 -20.10 15.10
C LYS A 97 -4.74 -19.11 16.23
N TYR A 98 -3.70 -18.45 16.71
CA TYR A 98 -3.80 -17.39 17.71
C TYR A 98 -4.74 -16.30 17.25
N LEU A 99 -4.59 -15.75 16.04
CA LEU A 99 -5.37 -14.55 15.75
C LEU A 99 -6.76 -14.92 15.27
N ASP A 100 -6.98 -16.15 14.79
CA ASP A 100 -8.33 -16.64 14.54
C ASP A 100 -9.04 -16.86 15.88
N ASP A 101 -8.34 -17.40 16.89
CA ASP A 101 -8.94 -17.65 18.20
C ASP A 101 -9.25 -16.34 18.91
N LEU A 102 -8.30 -15.40 18.90
CA LEU A 102 -8.51 -14.09 19.51
C LEU A 102 -9.63 -13.36 18.78
N LYS A 103 -9.67 -13.40 17.43
CA LYS A 103 -10.75 -12.77 16.70
C LYS A 103 -12.10 -13.33 17.15
N ALA A 104 -12.21 -14.65 17.33
CA ALA A 104 -13.45 -15.26 17.81
C ALA A 104 -13.80 -14.83 19.23
N GLN A 105 -12.82 -14.65 20.13
CA GLN A 105 -13.10 -14.11 21.47
C GLN A 105 -13.73 -12.72 21.37
N PHE A 106 -13.25 -11.87 20.46
CA PHE A 106 -13.82 -10.55 20.27
C PHE A 106 -15.18 -10.60 19.55
N GLN A 107 -15.46 -11.63 18.75
CA GLN A 107 -16.82 -11.83 18.21
C GLN A 107 -17.80 -12.05 19.38
N GLU A 108 -17.41 -12.80 20.40
CA GLU A 108 -18.26 -13.06 21.57
C GLU A 108 -18.38 -11.80 22.44
N LEU A 109 -17.27 -11.10 22.70
CA LEU A 109 -17.25 -9.92 23.56
C LEU A 109 -17.85 -8.68 22.89
N ASP A 110 -17.86 -8.64 21.55
CA ASP A 110 -18.16 -7.49 20.69
C ASP A 110 -17.20 -6.35 20.98
N SER A 111 -16.14 -6.27 20.17
CA SER A 111 -15.08 -5.28 20.28
C SER A 111 -15.59 -3.84 20.14
N LYS A 112 -16.67 -3.63 19.40
CA LYS A 112 -17.15 -2.31 19.01
C LYS A 112 -18.11 -1.72 20.04
N LYS A 113 -18.03 -2.12 21.31
CA LYS A 113 -18.73 -1.49 22.43
C LYS A 113 -17.81 -1.47 23.65
N GLN A 114 -18.26 -0.78 24.71
CA GLN A 114 -17.61 -0.69 26.02
C GLN A 114 -16.21 -0.08 26.00
N ARG A 115 -15.78 0.53 24.89
CA ARG A 115 -14.56 1.34 24.79
C ARG A 115 -14.78 2.42 23.74
N ASN A 116 -14.00 3.50 23.82
CA ASN A 116 -14.07 4.63 22.89
C ASN A 116 -12.71 4.90 22.22
N ASN A 117 -11.61 4.41 22.80
CA ASN A 117 -10.27 4.58 22.24
C ASN A 117 -10.24 3.96 20.84
N GLY A 118 -9.91 4.76 19.83
CA GLY A 118 -9.83 4.34 18.44
C GLY A 118 -11.15 3.90 17.82
N SER A 119 -12.27 3.92 18.54
CA SER A 119 -13.58 3.58 17.98
C SER A 119 -13.98 4.52 16.83
N LYS A 120 -13.40 5.74 16.79
CA LYS A 120 -13.63 6.71 15.74
C LYS A 120 -12.82 6.44 14.47
N ASP A 121 -11.79 5.58 14.51
CA ASP A 121 -10.96 5.29 13.34
C ASP A 121 -11.79 4.59 12.26
N HIS A 122 -11.53 4.93 10.99
CA HIS A 122 -12.29 4.51 9.82
C HIS A 122 -11.90 3.08 9.37
N GLY A 123 -11.74 2.14 10.30
CA GLY A 123 -11.44 0.74 9.98
C GLY A 123 -11.14 -0.12 11.20
N ASP A 124 -10.83 0.49 12.34
CA ASP A 124 -10.71 -0.17 13.65
C ASP A 124 -11.82 -1.21 13.86
N GLY A 125 -11.41 -2.42 14.25
CA GLY A 125 -12.28 -3.54 14.52
C GLY A 125 -11.55 -4.83 14.14
N ILE A 126 -12.13 -5.97 14.46
CA ILE A 126 -11.58 -7.27 14.07
C ILE A 126 -11.63 -7.51 12.56
N LEU A 127 -12.33 -6.69 11.78
CA LEU A 127 -12.24 -6.73 10.33
C LEU A 127 -10.81 -6.40 9.86
N LEU A 128 -10.07 -5.58 10.63
CA LEU A 128 -8.66 -5.31 10.39
C LEU A 128 -7.84 -6.60 10.58
N ILE A 129 -8.13 -7.34 11.67
CA ILE A 129 -7.49 -8.63 11.93
C ILE A 129 -7.83 -9.60 10.80
N ASP A 130 -9.04 -9.54 10.24
CA ASP A 130 -9.44 -10.45 9.16
C ASP A 130 -8.53 -10.29 7.94
N SER A 131 -8.15 -9.05 7.59
CA SER A 131 -7.20 -8.78 6.54
C SER A 131 -5.83 -9.39 6.88
N GLU A 132 -5.37 -9.24 8.13
CA GLU A 132 -4.07 -9.77 8.53
C GLU A 132 -4.08 -11.31 8.52
N ILE A 133 -5.18 -11.93 8.93
CA ILE A 133 -5.33 -13.38 8.90
C ILE A 133 -5.38 -13.86 7.45
N ALA A 134 -6.06 -13.15 6.54
CA ALA A 134 -6.00 -13.46 5.12
C ALA A 134 -4.56 -13.38 4.62
N ARG A 135 -3.82 -12.32 4.98
CA ARG A 135 -2.41 -12.16 4.61
C ARG A 135 -1.56 -13.31 5.18
N THR A 136 -1.88 -13.79 6.37
CA THR A 136 -1.18 -14.92 7.00
C THR A 136 -1.48 -16.22 6.23
N TYR A 137 -2.72 -16.48 5.82
CA TYR A 137 -3.04 -17.64 4.98
C TYR A 137 -2.30 -17.54 3.65
N LEU A 138 -2.41 -16.39 2.97
CA LEU A 138 -1.84 -16.17 1.64
C LEU A 138 -0.31 -16.33 1.64
N LEU A 139 0.35 -16.04 2.77
CA LEU A 139 1.80 -16.23 2.91
C LEU A 139 2.21 -17.69 2.71
N LYS A 140 1.35 -18.65 3.05
CA LYS A 140 1.67 -20.08 3.12
C LYS A 140 0.49 -20.88 2.55
N ASN A 141 0.15 -20.61 1.29
CA ASN A 141 -0.88 -21.34 0.54
C ASN A 141 -0.39 -21.51 -0.91
N ASP A 142 -0.95 -22.49 -1.62
CA ASP A 142 -0.72 -22.72 -3.05
C ASP A 142 -1.11 -21.46 -3.83
N LEU A 143 -0.36 -21.13 -4.90
CA LEU A 143 -0.51 -19.83 -5.58
C LEU A 143 -1.88 -19.61 -6.23
N VAL A 144 -2.57 -20.65 -6.73
CA VAL A 144 -3.87 -20.46 -7.36
C VAL A 144 -4.97 -20.51 -6.29
N LYS A 145 -4.83 -21.33 -5.24
CA LYS A 145 -5.73 -21.26 -4.09
C LYS A 145 -5.62 -19.87 -3.43
N ALA A 146 -4.41 -19.33 -3.34
CA ALA A 146 -4.16 -17.99 -2.83
C ALA A 146 -4.83 -16.96 -3.73
N ARG A 147 -4.63 -17.04 -5.05
CA ARG A 147 -5.26 -16.12 -5.98
C ARG A 147 -6.78 -16.17 -5.85
N ASP A 148 -7.38 -17.36 -5.70
CA ASP A 148 -8.82 -17.50 -5.55
C ASP A 148 -9.32 -16.84 -4.27
N LEU A 149 -8.63 -17.03 -3.14
CA LEU A 149 -8.97 -16.38 -1.87
C LEU A 149 -8.86 -14.86 -2.01
N LEU A 150 -7.76 -14.38 -2.59
CA LEU A 150 -7.51 -12.96 -2.76
C LEU A 150 -8.57 -12.34 -3.69
N ASP A 151 -8.97 -13.05 -4.75
CA ASP A 151 -9.99 -12.61 -5.69
C ASP A 151 -11.38 -12.56 -5.04
N ASP A 152 -11.72 -13.51 -4.17
CA ASP A 152 -12.98 -13.49 -3.43
C ASP A 152 -13.03 -12.29 -2.48
N LEU A 153 -11.90 -11.97 -1.84
CA LEU A 153 -11.79 -10.79 -1.01
C LEU A 153 -11.83 -9.52 -1.87
N GLU A 154 -11.27 -9.53 -3.07
CA GLU A 154 -11.35 -8.40 -4.00
C GLU A 154 -12.80 -8.16 -4.44
N LYS A 155 -13.58 -9.22 -4.70
CA LYS A 155 -15.01 -9.12 -4.98
C LYS A 155 -15.74 -8.56 -3.76
N THR A 156 -15.38 -8.98 -2.56
CA THR A 156 -15.95 -8.43 -1.33
C THR A 156 -15.64 -6.91 -1.23
N LEU A 157 -14.45 -6.50 -1.68
CA LEU A 157 -14.02 -5.11 -1.73
C LEU A 157 -14.75 -4.30 -2.82
N ASP A 158 -15.57 -4.91 -3.68
CA ASP A 158 -16.32 -4.20 -4.73
C ASP A 158 -17.55 -3.51 -4.15
N LYS A 159 -17.34 -2.70 -3.11
CA LYS A 159 -18.36 -2.04 -2.27
C LYS A 159 -19.32 -3.00 -1.56
N LYS A 160 -19.26 -4.32 -1.77
CA LYS A 160 -20.17 -5.29 -1.16
C LYS A 160 -20.09 -5.24 0.37
N ASP A 161 -18.93 -4.89 0.92
CA ASP A 161 -18.70 -4.80 2.37
C ASP A 161 -18.38 -3.36 2.80
N SER A 162 -18.87 -2.38 2.04
CA SER A 162 -18.87 -0.95 2.36
C SER A 162 -17.48 -0.29 2.49
N ILE A 163 -16.41 -1.00 2.14
CA ILE A 163 -15.03 -0.53 2.05
C ILE A 163 -14.59 0.52 3.11
N PRO A 164 -14.57 0.17 4.41
CA PRO A 164 -13.95 1.01 5.43
C PRO A 164 -12.51 1.35 5.02
N LEU A 165 -12.08 2.58 5.30
CA LEU A 165 -10.81 3.12 4.79
C LEU A 165 -9.61 2.29 5.24
N ARG A 166 -9.48 2.02 6.54
CA ARG A 166 -8.27 1.33 7.02
C ARG A 166 -8.27 -0.14 6.63
N ILE A 167 -9.44 -0.78 6.51
CA ILE A 167 -9.48 -2.16 6.04
C ILE A 167 -9.23 -2.21 4.53
N THR A 168 -9.56 -1.16 3.77
CA THR A 168 -9.23 -1.10 2.34
C THR A 168 -7.71 -0.95 2.18
N ASN A 169 -7.06 -0.13 3.01
CA ASN A 169 -5.59 -0.09 3.06
C ASN A 169 -5.04 -1.48 3.40
N SER A 170 -5.67 -2.17 4.36
CA SER A 170 -5.21 -3.50 4.79
C SER A 170 -5.39 -4.54 3.67
N PHE A 171 -6.48 -4.47 2.88
CA PHE A 171 -6.65 -5.32 1.71
C PHE A 171 -5.51 -5.07 0.74
N TYR A 172 -5.20 -3.81 0.42
CA TYR A 172 -4.17 -3.54 -0.56
C TYR A 172 -2.77 -3.83 -0.03
N SER A 173 -2.57 -3.75 1.29
CA SER A 173 -1.35 -4.22 1.95
C SER A 173 -1.26 -5.76 1.96
N THR A 174 -2.33 -6.45 1.55
CA THR A 174 -2.38 -7.89 1.35
C THR A 174 -2.24 -8.21 -0.14
N ASN A 175 -2.86 -7.44 -1.04
CA ASN A 175 -2.63 -7.57 -2.48
C ASN A 175 -1.15 -7.36 -2.81
N SER A 176 -0.48 -6.44 -2.11
CA SER A 176 0.94 -6.18 -2.26
C SER A 176 1.81 -7.40 -1.95
N GLN A 177 1.33 -8.37 -1.16
CA GLN A 177 2.06 -9.61 -0.89
C GLN A 177 2.13 -10.48 -2.14
N TYR A 178 1.07 -10.49 -2.97
CA TYR A 178 0.98 -11.36 -4.14
C TYR A 178 2.04 -10.90 -5.16
N PHE A 179 3.04 -11.75 -5.41
CA PHE A 179 4.19 -11.53 -6.30
C PHE A 179 5.05 -10.30 -6.01
N LYS A 180 4.74 -9.47 -5.01
CA LYS A 180 5.51 -8.28 -4.61
C LYS A 180 5.94 -7.48 -5.85
N PHE A 181 7.21 -7.10 -5.96
CA PHE A 181 7.72 -6.28 -7.08
C PHE A 181 7.62 -6.99 -8.45
N LYS A 182 7.42 -8.31 -8.50
CA LYS A 182 7.20 -9.02 -9.76
C LYS A 182 5.75 -8.88 -10.25
N ASN A 183 4.83 -8.43 -9.39
CA ASN A 183 3.45 -8.12 -9.78
C ASN A 183 3.49 -6.92 -10.75
N ASP A 184 2.45 -6.77 -11.58
CA ASP A 184 2.32 -5.69 -12.55
C ASP A 184 2.22 -4.34 -11.84
N PHE A 185 2.97 -3.34 -12.30
CA PHE A 185 2.98 -2.02 -11.68
C PHE A 185 1.80 -1.16 -12.11
N ASN A 186 1.23 -1.37 -13.31
CA ASN A 186 -0.01 -0.71 -13.70
C ASN A 186 -1.14 -1.10 -12.73
N SER A 187 -1.16 -2.38 -12.36
CA SER A 187 -2.04 -2.91 -11.32
C SER A 187 -1.71 -2.28 -9.96
N PHE A 188 -0.44 -2.07 -9.62
CA PHE A 188 -0.06 -1.44 -8.37
C PHE A 188 -0.53 0.02 -8.30
N TYR A 189 -0.46 0.74 -9.42
CA TYR A 189 -1.01 2.09 -9.55
C TYR A 189 -2.52 2.06 -9.29
N TYR A 190 -3.26 1.14 -9.93
CA TYR A 190 -4.70 1.02 -9.73
C TYR A 190 -5.04 0.64 -8.29
N THR A 191 -4.24 -0.23 -7.67
CA THR A 191 -4.32 -0.59 -6.27
C THR A 191 -4.29 0.67 -5.41
N SER A 192 -3.30 1.55 -5.61
CA SER A 192 -3.25 2.80 -4.88
C SER A 192 -4.47 3.65 -5.21
N LEU A 193 -4.89 3.76 -6.48
CA LEU A 193 -6.04 4.57 -6.83
C LEU A 193 -7.32 4.12 -6.12
N LEU A 194 -7.58 2.82 -5.92
CA LEU A 194 -8.80 2.43 -5.22
C LEU A 194 -8.74 2.92 -3.78
N TYR A 195 -7.61 2.70 -3.09
CA TYR A 195 -7.48 3.20 -1.73
C TYR A 195 -7.55 4.72 -1.70
N LEU A 196 -7.00 5.44 -2.68
CA LEU A 196 -7.01 6.89 -2.68
C LEU A 196 -8.42 7.43 -2.98
N SER A 197 -9.22 6.69 -3.74
CA SER A 197 -10.63 6.99 -3.94
C SER A 197 -11.42 6.83 -2.64
N THR A 198 -10.98 5.94 -1.76
CA THR A 198 -11.58 5.62 -0.48
C THR A 198 -11.08 6.60 0.61
N LEU A 199 -9.83 7.07 0.50
CA LEU A 199 -9.16 8.01 1.38
C LEU A 199 -9.90 9.37 1.36
N GLU A 200 -9.83 10.09 2.47
CA GLU A 200 -10.46 11.39 2.70
C GLU A 200 -9.44 12.29 3.42
N PRO A 201 -9.66 13.62 3.52
CA PRO A 201 -8.81 14.54 4.30
C PRO A 201 -8.65 14.21 5.79
N SER A 202 -9.35 13.20 6.31
CA SER A 202 -9.37 12.79 7.71
C SER A 202 -7.96 12.48 8.24
N THR A 203 -7.80 12.55 9.56
CA THR A 203 -6.54 12.32 10.27
C THR A 203 -6.08 10.85 10.28
N SER A 204 -6.69 9.98 9.45
CA SER A 204 -6.38 8.57 9.32
C SER A 204 -4.89 8.33 9.05
N ILE A 205 -4.26 9.21 8.27
CA ILE A 205 -2.84 9.28 7.99
C ILE A 205 -2.43 10.76 7.99
N THR A 206 -1.14 11.01 8.11
CA THR A 206 -0.53 12.34 8.08
C THR A 206 -0.47 12.90 6.65
N LEU A 207 -0.07 14.17 6.50
CA LEU A 207 0.25 14.73 5.19
C LEU A 207 1.51 14.09 4.64
N ALA A 208 2.49 13.73 5.49
CA ALA A 208 3.71 13.07 5.04
C ALA A 208 3.39 11.72 4.39
N GLU A 209 2.46 10.96 4.95
CA GLU A 209 2.00 9.71 4.37
C GLU A 209 1.29 9.96 3.03
N ARG A 210 0.51 11.04 2.89
CA ARG A 210 -0.05 11.43 1.60
C ARG A 210 1.04 11.76 0.59
N GLN A 211 2.10 12.48 0.99
CA GLN A 211 3.21 12.77 0.09
C GLN A 211 3.85 11.47 -0.41
N GLN A 212 4.10 10.51 0.49
CA GLN A 212 4.65 9.22 0.13
C GLN A 212 3.71 8.45 -0.79
N LEU A 213 2.39 8.50 -0.57
CA LEU A 213 1.40 7.86 -1.44
C LEU A 213 1.42 8.49 -2.83
N ALA A 214 1.46 9.83 -2.94
CA ALA A 214 1.52 10.51 -4.23
C ALA A 214 2.81 10.14 -4.98
N TYR A 215 3.94 10.07 -4.27
CA TYR A 215 5.22 9.67 -4.84
C TYR A 215 5.14 8.23 -5.34
N ASP A 216 4.67 7.29 -4.51
CA ASP A 216 4.58 5.88 -4.85
C ASP A 216 3.63 5.64 -6.02
N LEU A 217 2.50 6.36 -6.05
CA LEU A 217 1.55 6.37 -7.16
C LEU A 217 2.25 6.84 -8.44
N SER A 218 3.00 7.94 -8.36
CA SER A 218 3.69 8.51 -9.51
C SER A 218 4.78 7.57 -10.04
N ILE A 219 5.54 6.90 -9.17
CA ILE A 219 6.49 5.87 -9.56
C ILE A 219 5.71 4.73 -10.25
N SER A 220 4.62 4.25 -9.65
CA SER A 220 3.82 3.18 -10.21
C SER A 220 3.24 3.55 -11.58
N ALA A 221 2.96 4.84 -11.84
CA ALA A 221 2.60 5.32 -13.16
C ALA A 221 3.80 5.23 -14.11
N LEU A 222 4.95 5.82 -13.73
CA LEU A 222 6.15 5.97 -14.57
C LEU A 222 6.60 4.65 -15.18
N LEU A 223 6.60 3.59 -14.38
CA LEU A 223 7.06 2.26 -14.76
C LEU A 223 5.90 1.26 -14.80
N GLY A 224 4.67 1.77 -14.86
CA GLY A 224 3.47 0.98 -15.08
C GLY A 224 3.41 0.39 -16.49
N ASP A 225 4.15 0.97 -17.44
CA ASP A 225 4.35 0.57 -18.83
C ASP A 225 3.10 0.63 -19.71
N LYS A 226 1.98 0.08 -19.24
CA LYS A 226 0.69 0.18 -19.90
C LYS A 226 0.13 1.60 -19.77
N ILE A 227 0.44 2.28 -18.66
CA ILE A 227 -0.05 3.61 -18.32
C ILE A 227 0.54 4.61 -19.32
N TYR A 228 -0.22 5.66 -19.65
CA TYR A 228 0.26 6.76 -20.50
C TYR A 228 -0.48 8.08 -20.24
N ASN A 229 -1.57 8.09 -19.47
CA ASN A 229 -2.43 9.27 -19.30
C ASN A 229 -1.91 10.17 -18.17
N PHE A 230 -0.60 10.47 -18.20
CA PHE A 230 0.08 11.23 -17.15
C PHE A 230 -0.48 12.65 -16.98
N GLY A 231 -1.13 13.20 -18.02
CA GLY A 231 -1.76 14.51 -17.93
C GLY A 231 -2.78 14.59 -16.80
N GLU A 232 -3.57 13.55 -16.58
CA GLU A 232 -4.55 13.53 -15.50
C GLU A 232 -3.88 13.20 -14.15
N LEU A 233 -2.86 12.34 -14.15
CA LEU A 233 -2.07 12.03 -12.94
C LEU A 233 -1.46 13.31 -12.37
N LEU A 234 -0.92 14.19 -13.24
CA LEU A 234 -0.38 15.50 -12.88
C LEU A 234 -1.40 16.46 -12.27
N HIS A 235 -2.69 16.12 -12.23
CA HIS A 235 -3.76 16.95 -11.70
C HIS A 235 -4.59 16.18 -10.66
N HIS A 236 -4.21 14.94 -10.33
CA HIS A 236 -4.82 14.18 -9.24
C HIS A 236 -4.54 14.95 -7.94
N PRO A 237 -5.55 15.34 -7.15
CA PRO A 237 -5.37 16.25 -6.01
C PRO A 237 -4.49 15.70 -4.90
N ILE A 238 -4.27 14.38 -4.83
CA ILE A 238 -3.34 13.81 -3.87
C ILE A 238 -1.94 14.41 -4.07
N MET A 239 -1.51 14.68 -5.32
CA MET A 239 -0.18 15.20 -5.57
C MET A 239 -0.06 16.69 -5.27
N GLU A 240 -1.13 17.39 -4.90
CA GLU A 240 -1.01 18.77 -4.46
C GLU A 240 -0.14 18.85 -3.19
N THR A 241 -0.04 17.74 -2.45
CA THR A 241 0.81 17.59 -1.29
C THR A 241 2.31 17.63 -1.63
N ILE A 242 2.72 17.43 -2.89
CA ILE A 242 4.13 17.27 -3.26
C ILE A 242 4.61 18.32 -4.25
N VAL A 243 3.73 18.86 -5.10
CA VAL A 243 4.14 19.89 -6.05
C VAL A 243 4.62 21.18 -5.34
N ASN A 244 4.16 21.39 -4.09
CA ASN A 244 4.53 22.53 -3.26
C ASN A 244 5.84 22.30 -2.50
N ASP A 245 6.48 21.12 -2.61
CA ASP A 245 7.60 20.71 -1.76
C ASP A 245 8.81 20.34 -2.61
N SER A 246 9.90 21.08 -2.46
CA SER A 246 11.15 20.89 -3.18
C SER A 246 11.73 19.47 -3.03
N ASN A 247 11.38 18.72 -1.97
CA ASN A 247 11.79 17.34 -1.79
C ASN A 247 11.23 16.42 -2.89
N TYR A 248 10.18 16.84 -3.60
CA TYR A 248 9.44 16.02 -4.57
C TYR A 248 9.18 16.77 -5.87
N ASP A 249 9.29 18.11 -5.91
CA ASP A 249 8.95 18.92 -7.09
C ASP A 249 9.78 18.53 -8.34
N TRP A 250 10.99 17.99 -8.14
CA TRP A 250 11.79 17.46 -9.23
C TRP A 250 11.04 16.35 -9.99
N LEU A 251 10.28 15.50 -9.29
CA LEU A 251 9.48 14.46 -9.92
C LEU A 251 8.34 15.09 -10.70
N PHE A 252 7.69 16.12 -10.16
CA PHE A 252 6.65 16.82 -10.90
C PHE A 252 7.20 17.40 -12.19
N GLN A 253 8.40 17.98 -12.16
CA GLN A 253 9.06 18.49 -13.35
C GLN A 253 9.40 17.37 -14.33
N LEU A 254 9.86 16.21 -13.86
CA LEU A 254 10.15 15.06 -14.72
C LEU A 254 8.85 14.57 -15.38
N LEU A 255 7.80 14.34 -14.58
CA LEU A 255 6.49 13.90 -15.04
C LEU A 255 5.96 14.86 -16.09
N ASN A 256 6.03 16.17 -15.81
CA ASN A 256 5.63 17.23 -16.71
C ASN A 256 6.40 17.14 -18.03
N ALA A 257 7.75 17.14 -17.97
CA ALA A 257 8.60 17.11 -19.15
C ALA A 257 8.27 15.92 -20.05
N LEU A 258 8.12 14.75 -19.44
CA LEU A 258 7.78 13.52 -20.11
C LEU A 258 6.41 13.66 -20.80
N THR A 259 5.42 14.22 -20.11
CA THR A 259 4.06 14.34 -20.62
C THR A 259 4.05 15.25 -21.86
N VAL A 260 4.80 16.35 -21.84
CA VAL A 260 4.77 17.35 -22.90
C VAL A 260 5.80 17.03 -24.01
N GLY A 261 6.57 15.94 -23.88
CA GLY A 261 7.55 15.55 -24.86
C GLY A 261 8.77 16.48 -24.89
N ASP A 262 9.08 17.15 -23.78
CA ASP A 262 10.27 17.97 -23.65
C ASP A 262 11.45 17.04 -23.35
N PHE A 263 11.97 16.41 -24.41
CA PHE A 263 13.09 15.48 -24.33
C PHE A 263 14.31 16.09 -23.64
N ASP A 264 14.54 17.39 -23.80
CA ASP A 264 15.74 18.01 -23.25
C ASP A 264 15.63 18.16 -21.73
N LYS A 265 14.50 18.63 -21.22
CA LYS A 265 14.27 18.69 -19.78
C LYS A 265 14.19 17.29 -19.20
N PHE A 266 13.49 16.37 -19.87
CA PHE A 266 13.42 14.97 -19.47
C PHE A 266 14.83 14.44 -19.33
N ASP A 267 15.65 14.50 -20.39
CA ASP A 267 17.00 13.94 -20.40
C ASP A 267 17.87 14.55 -19.30
N SER A 268 17.78 15.87 -19.10
CA SER A 268 18.56 16.57 -18.10
C SER A 268 18.24 16.10 -16.68
N LEU A 269 16.99 15.75 -16.37
CA LEU A 269 16.65 15.19 -15.07
C LEU A 269 16.98 13.71 -15.03
N ILE A 270 16.74 12.96 -16.11
CA ILE A 270 17.05 11.54 -16.24
C ILE A 270 18.55 11.32 -15.98
N LYS A 271 19.43 12.21 -16.45
CA LYS A 271 20.88 12.17 -16.20
C LYS A 271 21.26 12.12 -14.72
N VAL A 272 20.36 12.47 -13.80
CA VAL A 272 20.69 12.64 -12.39
C VAL A 272 19.73 11.80 -11.53
N GLN A 273 18.41 11.98 -11.70
CA GLN A 273 17.42 11.40 -10.81
C GLN A 273 17.34 9.88 -10.96
N ILE A 274 17.49 9.37 -12.20
CA ILE A 274 17.55 7.94 -12.42
C ILE A 274 18.86 7.38 -11.85
N SER A 275 19.99 8.07 -12.06
CA SER A 275 21.28 7.61 -11.56
C SER A 275 21.26 7.44 -10.03
N LYS A 276 20.48 8.27 -9.32
CA LYS A 276 20.31 8.19 -7.88
C LYS A 276 19.34 7.09 -7.41
N ILE A 277 18.56 6.44 -8.31
CA ILE A 277 17.48 5.54 -7.89
C ILE A 277 17.57 4.23 -8.69
N PRO A 278 17.87 3.08 -8.04
CA PRO A 278 18.15 1.81 -8.72
C PRO A 278 16.93 1.24 -9.45
N ILE A 279 15.71 1.39 -8.90
CA ILE A 279 14.50 0.92 -9.57
C ILE A 279 14.30 1.67 -10.89
N LEU A 280 14.46 2.99 -10.90
CA LEU A 280 14.27 3.75 -12.13
C LEU A 280 15.40 3.45 -13.12
N ALA A 281 16.62 3.17 -12.64
CA ALA A 281 17.73 2.80 -13.53
C ALA A 281 17.41 1.49 -14.27
N GLN A 282 16.73 0.54 -13.62
CA GLN A 282 16.26 -0.68 -14.26
C GLN A 282 15.17 -0.39 -15.30
N HIS A 283 14.25 0.54 -15.00
CA HIS A 283 13.07 0.82 -15.83
C HIS A 283 13.29 1.93 -16.88
N GLU A 284 14.47 2.53 -16.97
CA GLU A 284 14.76 3.70 -17.80
C GLU A 284 14.20 3.56 -19.23
N SER A 285 14.36 2.40 -19.85
CA SER A 285 13.94 2.15 -21.22
C SER A 285 12.42 2.32 -21.41
N PHE A 286 11.61 1.99 -20.39
CA PHE A 286 10.16 2.17 -20.47
C PHE A 286 9.82 3.66 -20.48
N LEU A 287 10.48 4.47 -19.63
CA LEU A 287 10.23 5.91 -19.56
C LEU A 287 10.64 6.57 -20.88
N ARG A 288 11.79 6.17 -21.44
CA ARG A 288 12.24 6.57 -22.78
C ARG A 288 11.18 6.21 -23.82
N GLN A 289 10.62 5.00 -23.80
CA GLN A 289 9.61 4.66 -24.78
C GLN A 289 8.34 5.49 -24.57
N LYS A 290 7.99 5.75 -23.31
CA LYS A 290 6.78 6.48 -22.97
C LYS A 290 6.78 7.90 -23.53
N ILE A 291 7.88 8.64 -23.34
CA ILE A 291 7.98 9.96 -23.92
C ILE A 291 7.89 9.89 -25.45
N CYS A 292 8.37 8.81 -26.07
CA CYS A 292 8.35 8.72 -27.53
C CYS A 292 6.91 8.51 -28.02
N LEU A 293 6.15 7.63 -27.33
CA LEU A 293 4.73 7.39 -27.61
C LEU A 293 4.00 8.73 -27.44
N MET A 294 4.10 9.34 -26.25
CA MET A 294 3.33 10.52 -25.89
C MET A 294 3.62 11.74 -26.76
N THR A 295 4.86 11.92 -27.20
CA THR A 295 5.19 13.08 -28.03
C THR A 295 4.42 12.99 -29.33
N LEU A 296 4.37 11.81 -29.96
CA LEU A 296 3.64 11.66 -31.20
C LEU A 296 2.14 11.79 -30.97
N ILE A 297 1.61 11.25 -29.88
CA ILE A 297 0.19 11.33 -29.56
C ILE A 297 -0.21 12.80 -29.42
N GLU A 298 0.57 13.61 -28.70
CA GLU A 298 0.32 15.02 -28.57
C GLU A 298 0.39 15.69 -29.95
N THR A 299 1.42 15.38 -30.74
CA THR A 299 1.61 15.94 -32.08
C THR A 299 0.38 15.67 -32.96
N VAL A 300 -0.10 14.42 -33.00
CA VAL A 300 -1.27 14.03 -33.76
C VAL A 300 -2.48 14.85 -33.28
N PHE A 301 -2.66 14.97 -31.96
CA PHE A 301 -3.83 15.62 -31.39
C PHE A 301 -3.81 17.12 -31.68
N VAL A 302 -2.78 17.87 -31.24
CA VAL A 302 -2.80 19.32 -31.28
C VAL A 302 -2.72 19.83 -32.72
N LYS A 303 -1.91 19.19 -33.58
CA LYS A 303 -1.77 19.57 -34.97
C LYS A 303 -2.86 18.93 -35.86
N ASN A 304 -3.76 18.13 -35.27
CA ASN A 304 -4.85 17.40 -35.94
C ASN A 304 -4.39 16.71 -37.23
N ILE A 305 -3.34 15.89 -37.14
CA ILE A 305 -2.75 15.18 -38.27
C ILE A 305 -3.45 13.82 -38.43
N ARG A 306 -3.15 13.12 -39.54
CA ARG A 306 -3.63 11.78 -39.85
C ARG A 306 -2.50 10.99 -40.48
N MET A 307 -1.97 11.46 -41.61
CA MET A 307 -0.80 10.86 -42.21
C MET A 307 0.44 11.39 -41.47
N LEU A 308 1.34 10.49 -41.12
CA LEU A 308 2.63 10.77 -40.49
C LEU A 308 3.71 10.13 -41.37
N SER A 309 4.98 10.46 -41.13
CA SER A 309 6.11 9.98 -41.91
C SER A 309 7.14 9.43 -40.94
N PHE A 310 7.84 8.35 -41.31
CA PHE A 310 8.85 7.72 -40.47
C PHE A 310 9.88 8.75 -40.02
N GLU A 311 10.32 9.60 -40.96
CA GLU A 311 11.32 10.62 -40.68
C GLU A 311 10.82 11.61 -39.64
N ASP A 312 9.56 12.04 -39.74
CA ASP A 312 8.99 13.00 -38.79
C ASP A 312 8.81 12.37 -37.41
N ILE A 313 8.39 11.11 -37.34
CA ILE A 313 8.35 10.38 -36.07
C ILE A 313 9.77 10.27 -35.51
N SER A 314 10.78 10.00 -36.34
CA SER A 314 12.16 9.92 -35.89
C SER A 314 12.61 11.26 -35.31
N LYS A 315 12.21 12.40 -35.89
CA LYS A 315 12.46 13.70 -35.25
C LYS A 315 11.76 13.79 -33.89
N ALA A 316 10.53 13.32 -33.81
CA ALA A 316 9.66 13.41 -32.64
C ALA A 316 10.01 12.40 -31.53
N THR A 317 11.00 11.52 -31.73
CA THR A 317 11.32 10.43 -30.79
C THR A 317 12.83 10.27 -30.58
N HIS A 318 13.63 10.73 -31.55
CA HIS A 318 15.06 10.50 -31.66
C HIS A 318 15.39 9.00 -31.77
N LEU A 319 14.45 8.21 -32.30
CA LEU A 319 14.67 6.82 -32.67
C LEU A 319 15.04 6.81 -34.15
N PRO A 320 15.97 5.94 -34.60
CA PRO A 320 16.39 5.93 -36.00
C PRO A 320 15.23 5.42 -36.87
N LYS A 321 15.17 5.89 -38.12
CA LYS A 321 14.08 5.55 -39.03
C LYS A 321 13.96 4.04 -39.25
N ASP A 322 15.04 3.29 -39.06
CA ASP A 322 15.08 1.84 -39.23
C ASP A 322 14.34 1.08 -38.12
N ASN A 323 14.04 1.75 -37.00
CA ASN A 323 13.43 1.13 -35.82
C ASN A 323 12.16 1.85 -35.39
N VAL A 324 11.95 3.08 -35.86
CA VAL A 324 10.88 3.96 -35.37
C VAL A 324 9.49 3.35 -35.49
N GLU A 325 9.25 2.45 -36.46
CA GLU A 325 7.96 1.79 -36.61
C GLU A 325 7.58 1.00 -35.36
N HIS A 326 8.55 0.42 -34.64
CA HIS A 326 8.26 -0.40 -33.47
C HIS A 326 7.64 0.43 -32.35
N LEU A 327 7.95 1.73 -32.28
CA LEU A 327 7.39 2.64 -31.30
C LEU A 327 5.90 2.79 -31.54
N VAL A 328 5.51 3.17 -32.76
CA VAL A 328 4.10 3.38 -33.06
C VAL A 328 3.35 2.04 -33.10
N MET A 329 4.01 0.93 -33.45
CA MET A 329 3.40 -0.39 -33.31
C MET A 329 3.07 -0.70 -31.86
N ARG A 330 3.92 -0.29 -30.90
CA ARG A 330 3.55 -0.38 -29.49
C ARG A 330 2.32 0.46 -29.21
N ALA A 331 2.19 1.66 -29.77
CA ALA A 331 1.02 2.50 -29.57
C ALA A 331 -0.26 1.81 -30.03
N ILE A 332 -0.22 1.15 -31.19
CA ILE A 332 -1.34 0.34 -31.68
C ILE A 332 -1.60 -0.80 -30.71
N SER A 333 -0.55 -1.48 -30.24
CA SER A 333 -0.64 -2.65 -29.38
C SER A 333 -1.24 -2.30 -28.00
N LEU A 334 -0.89 -1.12 -27.44
CA LEU A 334 -1.47 -0.59 -26.22
C LEU A 334 -2.94 -0.13 -26.44
N GLY A 335 -3.43 -0.12 -27.68
CA GLY A 335 -4.79 0.27 -28.01
C GLY A 335 -5.01 1.78 -27.91
N LEU A 336 -3.94 2.59 -27.96
CA LEU A 336 -4.04 4.04 -27.83
C LEU A 336 -4.69 4.66 -29.06
N LEU A 337 -4.65 3.95 -30.19
CA LEU A 337 -5.01 4.43 -31.51
C LEU A 337 -5.21 3.19 -32.40
N LYS A 338 -5.91 3.36 -33.51
CA LYS A 338 -6.35 2.28 -34.41
C LYS A 338 -5.75 2.45 -35.81
N GLY A 339 -4.67 3.23 -35.92
CA GLY A 339 -3.97 3.51 -37.17
C GLY A 339 -3.24 2.28 -37.73
N SER A 340 -2.56 2.49 -38.86
CA SER A 340 -1.83 1.47 -39.59
C SER A 340 -0.54 2.06 -40.14
N ILE A 341 0.48 1.21 -40.31
CA ILE A 341 1.79 1.58 -40.80
C ILE A 341 1.78 1.34 -42.33
N ASP A 342 2.50 2.18 -43.07
CA ASP A 342 2.66 2.11 -44.53
C ASP A 342 4.16 2.08 -44.81
N GLN A 343 4.77 1.02 -44.26
CA GLN A 343 6.19 0.77 -44.12
C GLN A 343 6.95 1.04 -45.41
N VAL A 344 6.49 0.49 -46.54
CA VAL A 344 7.18 0.56 -47.82
C VAL A 344 7.30 1.99 -48.33
N ASN A 345 6.45 2.91 -47.86
CA ASN A 345 6.41 4.29 -48.31
C ASN A 345 7.06 5.23 -47.28
N GLU A 346 7.60 4.70 -46.18
CA GLU A 346 8.07 5.47 -45.02
C GLU A 346 6.95 6.34 -44.44
N LEU A 347 5.70 5.85 -44.45
CA LEU A 347 4.51 6.59 -44.03
C LEU A 347 3.75 5.80 -42.97
N VAL A 348 2.83 6.49 -42.29
CA VAL A 348 1.92 5.94 -41.29
C VAL A 348 0.59 6.68 -41.50
N THR A 349 -0.53 6.05 -41.16
CA THR A 349 -1.83 6.70 -41.10
C THR A 349 -2.35 6.42 -39.69
N ILE A 350 -2.13 7.37 -38.77
CA ILE A 350 -2.66 7.27 -37.42
C ILE A 350 -4.16 7.56 -37.54
N SER A 351 -4.98 6.85 -36.76
CA SER A 351 -6.43 7.01 -36.76
C SER A 351 -6.93 6.74 -35.35
N TRP A 352 -7.92 7.52 -34.90
CA TRP A 352 -8.46 7.56 -33.54
C TRP A 352 -7.39 7.89 -32.47
N VAL A 353 -7.84 8.28 -31.28
CA VAL A 353 -6.97 8.41 -30.12
C VAL A 353 -7.80 8.13 -28.86
N GLN A 354 -7.23 7.35 -27.93
CA GLN A 354 -7.85 6.94 -26.68
C GLN A 354 -8.02 8.05 -25.62
N PRO A 355 -7.18 9.11 -25.49
CA PRO A 355 -7.25 10.10 -24.40
C PRO A 355 -8.65 10.59 -24.05
N ARG A 356 -8.93 10.67 -22.75
CA ARG A 356 -10.21 11.12 -22.21
C ARG A 356 -10.50 12.54 -22.66
N MET A 1 -13.24 -14.39 37.53
CA MET A 1 -12.00 -13.65 37.87
C MET A 1 -10.83 -14.64 38.04
N PHE A 2 -10.42 -14.97 39.27
CA PHE A 2 -9.22 -15.78 39.54
C PHE A 2 -9.29 -17.20 38.96
N ASN A 3 -10.52 -17.70 38.70
CA ASN A 3 -10.84 -19.04 38.21
C ASN A 3 -10.06 -20.12 38.95
N ASN A 4 -10.31 -20.19 40.26
CA ASN A 4 -9.72 -21.07 41.28
C ASN A 4 -8.21 -20.92 41.48
N HIS A 5 -7.42 -20.97 40.41
CA HIS A 5 -5.96 -20.85 40.46
C HIS A 5 -5.34 -20.35 39.16
N GLU A 6 -6.09 -20.15 38.07
CA GLU A 6 -5.49 -19.82 36.78
C GLU A 6 -4.68 -18.52 36.85
N ILE A 7 -5.22 -17.49 37.48
CA ILE A 7 -4.53 -16.21 37.54
C ILE A 7 -3.24 -16.35 38.33
N ASP A 8 -3.28 -17.03 39.49
CA ASP A 8 -2.12 -17.20 40.35
C ASP A 8 -1.06 -18.06 39.68
N THR A 9 -1.46 -19.16 39.03
CA THR A 9 -0.52 -20.08 38.39
C THR A 9 0.15 -19.39 37.20
N ILE A 10 -0.58 -18.57 36.43
CA ILE A 10 -0.05 -17.86 35.29
C ILE A 10 0.95 -16.81 35.78
N LEU A 11 0.58 -16.01 36.79
CA LEU A 11 1.46 -14.97 37.31
C LEU A 11 2.75 -15.60 37.84
N SER A 12 2.61 -16.70 38.59
CA SER A 12 3.74 -17.43 39.16
C SER A 12 4.63 -17.99 38.06
N THR A 13 4.07 -18.65 37.04
CA THR A 13 4.89 -19.23 35.98
C THR A 13 5.66 -18.15 35.24
N LEU A 14 5.00 -17.03 34.91
CA LEU A 14 5.62 -15.88 34.24
C LEU A 14 6.53 -15.07 35.19
N ARG A 15 6.88 -15.64 36.35
CA ARG A 15 7.87 -15.15 37.28
C ARG A 15 8.96 -16.22 37.48
N MET A 16 8.61 -17.51 37.48
CA MET A 16 9.59 -18.61 37.49
C MET A 16 10.39 -18.63 36.19
N GLU A 17 9.71 -18.42 35.07
CA GLU A 17 10.31 -18.37 33.73
C GLU A 17 11.14 -17.08 33.55
N ALA A 18 10.90 -16.07 34.39
CA ALA A 18 11.47 -14.74 34.32
C ALA A 18 12.84 -14.68 35.02
N ASP A 19 13.28 -13.46 35.31
CA ASP A 19 14.53 -13.10 35.98
C ASP A 19 14.20 -11.91 36.90
N PRO A 20 14.87 -11.71 38.05
CA PRO A 20 14.64 -10.57 38.93
C PRO A 20 14.56 -9.20 38.24
N SER A 21 15.27 -9.00 37.12
CA SER A 21 15.21 -7.78 36.31
C SER A 21 13.80 -7.49 35.76
N LEU A 22 12.93 -8.50 35.74
CA LEU A 22 11.60 -8.51 35.13
C LEU A 22 10.51 -8.66 36.20
N HIS A 23 10.88 -8.81 37.48
CA HIS A 23 9.94 -9.05 38.56
C HIS A 23 9.12 -7.80 38.93
N PRO A 24 9.69 -6.58 39.09
CA PRO A 24 8.92 -5.40 39.49
C PRO A 24 7.82 -5.04 38.51
N LEU A 25 8.04 -5.27 37.21
CA LEU A 25 7.10 -4.93 36.16
C LEU A 25 5.76 -5.64 36.34
N PHE A 26 5.79 -6.91 36.77
CA PHE A 26 4.58 -7.70 36.92
C PHE A 26 4.05 -7.71 38.35
N GLU A 27 4.78 -7.18 39.33
CA GLU A 27 4.23 -6.95 40.66
C GLU A 27 3.12 -5.89 40.54
N GLN A 28 3.37 -4.83 39.75
CA GLN A 28 2.38 -3.82 39.42
C GLN A 28 1.17 -4.46 38.73
N PHE A 29 1.45 -5.34 37.75
CA PHE A 29 0.43 -6.01 36.96
C PHE A 29 -0.45 -6.89 37.84
N GLU A 30 0.15 -7.71 38.73
CA GLU A 30 -0.57 -8.51 39.71
C GLU A 30 -1.49 -7.61 40.55
N LYS A 31 -0.92 -6.55 41.13
CA LYS A 31 -1.64 -5.68 42.06
C LYS A 31 -2.85 -5.07 41.35
N PHE A 32 -2.68 -4.57 40.13
CA PHE A 32 -3.78 -4.00 39.36
C PHE A 32 -4.83 -5.06 39.00
N TYR A 33 -4.44 -6.28 38.58
CA TYR A 33 -5.42 -7.31 38.29
C TYR A 33 -6.23 -7.65 39.55
N GLU A 34 -5.56 -7.76 40.71
CA GLU A 34 -6.19 -8.12 41.98
C GLU A 34 -7.30 -7.13 42.39
N GLU A 35 -7.28 -5.91 41.86
CA GLU A 35 -8.29 -4.87 42.12
C GLU A 35 -9.10 -4.56 40.85
N LYS A 36 -9.16 -5.50 39.89
CA LYS A 36 -9.82 -5.42 38.59
C LYS A 36 -9.53 -4.09 37.86
N LEU A 37 -8.33 -3.54 38.04
CA LEU A 37 -7.94 -2.22 37.62
C LEU A 37 -7.48 -2.21 36.16
N TRP A 38 -8.27 -2.82 35.29
CA TRP A 38 -8.05 -3.02 33.85
C TRP A 38 -7.40 -1.81 33.16
N PHE A 39 -7.88 -0.60 33.48
CA PHE A 39 -7.52 0.64 32.79
C PHE A 39 -6.10 1.10 33.11
N GLN A 40 -5.46 0.53 34.14
CA GLN A 40 -4.04 0.74 34.43
C GLN A 40 -3.25 -0.53 34.12
N LEU A 41 -3.88 -1.70 34.28
CA LEU A 41 -3.32 -3.00 33.96
C LEU A 41 -2.81 -3.05 32.52
N SER A 42 -3.55 -2.44 31.59
CA SER A 42 -3.14 -2.30 30.20
C SER A 42 -1.83 -1.53 30.04
N GLU A 43 -1.60 -0.51 30.88
CA GLU A 43 -0.42 0.34 30.82
C GLU A 43 0.78 -0.42 31.39
N SER A 44 0.56 -1.15 32.49
CA SER A 44 1.56 -2.05 33.04
C SER A 44 2.01 -3.08 32.00
N LEU A 45 1.07 -3.62 31.20
CA LEU A 45 1.42 -4.52 30.11
C LEU A 45 2.09 -3.76 28.95
N THR A 46 1.68 -2.53 28.65
CA THR A 46 2.31 -1.71 27.61
C THR A 46 3.81 -1.52 27.91
N LYS A 47 4.20 -1.34 29.18
CA LYS A 47 5.62 -1.24 29.54
C LYS A 47 6.40 -2.52 29.21
N PHE A 48 5.75 -3.67 29.00
CA PHE A 48 6.43 -4.89 28.57
C PHE A 48 7.01 -4.77 27.15
N PHE A 49 6.51 -3.85 26.32
CA PHE A 49 7.11 -3.56 25.02
C PHE A 49 8.48 -2.89 25.22
N ASP A 50 8.55 -1.93 26.14
CA ASP A 50 9.76 -1.14 26.39
C ASP A 50 10.83 -1.99 27.07
N ASP A 51 10.42 -2.86 28.00
CA ASP A 51 11.31 -3.84 28.61
C ASP A 51 11.84 -4.85 27.60
N ALA A 52 10.99 -5.24 26.63
CA ALA A 52 11.24 -6.13 25.50
C ALA A 52 11.58 -7.58 25.85
N LYS A 53 12.27 -7.90 26.95
CA LYS A 53 12.48 -9.30 27.35
C LYS A 53 11.15 -9.93 27.75
N SER A 54 10.30 -9.16 28.43
CA SER A 54 8.96 -9.56 28.81
C SER A 54 8.07 -9.90 27.61
N THR A 55 8.29 -9.28 26.44
CA THR A 55 7.43 -9.39 25.28
C THR A 55 7.19 -10.87 24.86
N PRO A 56 8.20 -11.68 24.50
CA PRO A 56 8.01 -13.09 24.21
C PRO A 56 7.74 -13.90 25.50
N LEU A 57 8.39 -13.55 26.61
CA LEU A 57 8.33 -14.28 27.87
C LEU A 57 6.89 -14.46 28.35
N ARG A 58 6.07 -13.40 28.23
CA ARG A 58 4.72 -13.37 28.76
C ARG A 58 3.66 -13.61 27.67
N LEU A 59 4.02 -14.17 26.51
CA LEU A 59 3.06 -14.49 25.44
C LEU A 59 1.88 -15.31 25.99
N ARG A 60 2.12 -16.27 26.88
CA ARG A 60 1.07 -17.09 27.51
C ARG A 60 0.00 -16.28 28.23
N LEU A 61 0.31 -15.06 28.67
CA LEU A 61 -0.63 -14.16 29.36
C LEU A 61 -1.81 -13.84 28.42
N TYR A 62 -1.55 -13.66 27.13
CA TYR A 62 -2.59 -13.32 26.15
C TYR A 62 -3.65 -14.43 26.04
N ASP A 63 -3.23 -15.70 26.12
CA ASP A 63 -4.07 -16.86 25.79
C ASP A 63 -5.33 -17.01 26.63
N ASN A 64 -5.30 -16.59 27.90
CA ASN A 64 -6.41 -16.80 28.82
C ASN A 64 -6.54 -15.66 29.82
N PHE A 65 -5.42 -15.15 30.35
CA PHE A 65 -5.45 -14.12 31.39
C PHE A 65 -6.00 -12.82 30.80
N VAL A 66 -5.48 -12.34 29.65
CA VAL A 66 -6.07 -11.16 28.98
C VAL A 66 -7.50 -11.46 28.52
N SER A 67 -7.82 -12.71 28.15
CA SER A 67 -9.16 -13.10 27.74
C SER A 67 -10.23 -12.88 28.83
N LYS A 68 -9.84 -12.72 30.11
CA LYS A 68 -10.80 -12.40 31.17
C LYS A 68 -11.21 -10.91 31.16
N PHE A 69 -10.51 -10.05 30.41
CA PHE A 69 -10.80 -8.62 30.37
C PHE A 69 -10.64 -7.96 29.00
N TYR A 70 -10.41 -8.71 27.93
CA TYR A 70 -10.34 -8.16 26.57
C TYR A 70 -11.64 -7.51 26.07
N ASP A 71 -12.72 -7.58 26.86
CA ASP A 71 -13.97 -6.88 26.62
C ASP A 71 -14.02 -5.54 27.38
N LYS A 72 -13.23 -5.33 28.45
CA LYS A 72 -13.21 -4.08 29.22
C LYS A 72 -12.25 -3.06 28.62
N ILE A 73 -11.23 -3.49 27.87
CA ILE A 73 -10.22 -2.61 27.28
C ILE A 73 -10.21 -2.78 25.76
N ASN A 74 -9.59 -1.81 25.07
CA ASN A 74 -9.55 -1.75 23.61
C ASN A 74 -8.88 -3.02 23.07
N GLN A 75 -9.52 -3.70 22.13
CA GLN A 75 -9.00 -4.94 21.55
C GLN A 75 -7.68 -4.68 20.82
N LEU A 76 -7.45 -3.49 20.27
CA LEU A 76 -6.15 -3.13 19.67
C LEU A 76 -5.04 -3.21 20.71
N SER A 77 -5.28 -2.92 21.99
CA SER A 77 -4.30 -3.16 23.04
C SER A 77 -4.03 -4.66 23.17
N VAL A 78 -5.07 -5.49 23.22
CA VAL A 78 -4.89 -6.92 23.44
C VAL A 78 -4.15 -7.56 22.28
N VAL A 79 -4.50 -7.21 21.04
CA VAL A 79 -3.79 -7.70 19.90
C VAL A 79 -2.37 -7.14 19.89
N LYS A 80 -2.12 -5.88 20.27
CA LYS A 80 -0.76 -5.34 20.27
C LYS A 80 0.17 -6.16 21.16
N TYR A 81 -0.28 -6.66 22.31
CA TYR A 81 0.56 -7.49 23.17
C TYR A 81 0.98 -8.75 22.43
N LEU A 82 0.02 -9.51 21.90
CA LEU A 82 0.25 -10.72 21.12
C LEU A 82 1.11 -10.44 19.88
N LEU A 83 0.80 -9.36 19.15
CA LEU A 83 1.55 -8.90 17.99
C LEU A 83 3.02 -8.74 18.37
N ALA A 84 3.33 -8.08 19.49
CA ALA A 84 4.72 -7.82 19.84
C ALA A 84 5.50 -9.12 20.01
N SER A 85 4.93 -10.13 20.68
CA SER A 85 5.63 -11.41 20.86
C SER A 85 5.84 -12.11 19.51
N LEU A 86 4.86 -12.02 18.60
CA LEU A 86 4.94 -12.68 17.30
C LEU A 86 5.95 -11.98 16.39
N LYS A 87 5.97 -10.65 16.38
CA LYS A 87 6.95 -9.89 15.60
C LYS A 87 8.34 -10.06 16.19
N ASP A 88 8.48 -10.15 17.52
CA ASP A 88 9.78 -10.40 18.15
C ASP A 88 10.29 -11.81 17.81
N SER A 89 9.38 -12.77 17.64
CA SER A 89 9.69 -14.11 17.15
C SER A 89 9.93 -14.15 15.63
N LYS A 90 9.68 -13.04 14.91
CA LYS A 90 9.66 -12.95 13.44
C LYS A 90 8.88 -14.13 12.84
N ASP A 91 7.76 -14.53 13.45
CA ASP A 91 6.86 -15.50 12.83
C ASP A 91 5.83 -14.73 11.98
N PHE A 92 5.17 -15.43 11.07
CA PHE A 92 4.19 -14.89 10.14
C PHE A 92 3.09 -15.93 9.91
N ASP A 93 3.45 -17.19 9.68
CA ASP A 93 2.48 -18.26 9.46
C ASP A 93 1.73 -18.57 10.77
N GLU A 94 2.46 -18.63 11.89
CA GLU A 94 1.85 -18.85 13.19
C GLU A 94 1.05 -17.59 13.59
N SER A 95 1.56 -16.42 13.26
CA SER A 95 0.90 -15.14 13.50
C SER A 95 -0.45 -15.06 12.79
N LEU A 96 -0.54 -15.56 11.55
CA LEU A 96 -1.80 -15.68 10.82
C LEU A 96 -2.80 -16.48 11.64
N LYS A 97 -2.44 -17.66 12.11
CA LYS A 97 -3.36 -18.50 12.88
C LYS A 97 -3.77 -17.79 14.16
N TYR A 98 -2.81 -17.22 14.88
CA TYR A 98 -3.09 -16.49 16.10
C TYR A 98 -4.06 -15.35 15.88
N LEU A 99 -3.92 -14.57 14.80
CA LEU A 99 -4.70 -13.37 14.72
C LEU A 99 -6.01 -13.66 14.02
N ASP A 100 -6.07 -14.69 13.18
CA ASP A 100 -7.35 -15.13 12.66
C ASP A 100 -8.18 -15.73 13.80
N ASP A 101 -7.55 -16.47 14.73
CA ASP A 101 -8.28 -17.06 15.85
C ASP A 101 -8.76 -15.96 16.80
N LEU A 102 -7.87 -15.04 17.19
CA LEU A 102 -8.24 -13.98 18.11
C LEU A 102 -9.28 -13.04 17.48
N LYS A 103 -9.21 -12.75 16.18
CA LYS A 103 -10.27 -11.97 15.54
C LYS A 103 -11.58 -12.74 15.61
N ALA A 104 -11.56 -14.04 15.27
CA ALA A 104 -12.77 -14.85 15.26
C ALA A 104 -13.40 -14.91 16.65
N GLN A 105 -12.61 -14.94 17.73
CA GLN A 105 -13.17 -14.90 19.09
C GLN A 105 -14.02 -13.65 19.30
N PHE A 106 -13.63 -12.48 18.79
CA PHE A 106 -14.46 -11.29 18.91
C PHE A 106 -15.70 -11.38 18.01
N GLN A 107 -15.59 -11.96 16.81
CA GLN A 107 -16.74 -12.20 15.96
C GLN A 107 -17.75 -13.15 16.62
N GLU A 108 -17.30 -14.06 17.48
CA GLU A 108 -18.16 -15.01 18.19
C GLU A 108 -18.71 -14.38 19.47
N LEU A 109 -17.92 -13.58 20.18
CA LEU A 109 -18.39 -12.82 21.34
C LEU A 109 -19.51 -11.88 20.94
N ASP A 110 -19.48 -11.34 19.72
CA ASP A 110 -20.55 -10.47 19.24
C ASP A 110 -21.94 -11.13 19.31
N SER A 111 -21.99 -12.44 19.10
CA SER A 111 -23.21 -13.23 19.09
C SER A 111 -23.85 -13.32 20.48
N LYS A 112 -23.10 -12.99 21.55
CA LYS A 112 -23.67 -12.90 22.90
C LYS A 112 -24.70 -11.78 22.99
N LYS A 113 -24.65 -10.78 22.09
CA LYS A 113 -25.49 -9.58 22.01
C LYS A 113 -25.37 -8.68 23.24
N GLN A 114 -25.67 -9.18 24.43
CA GLN A 114 -25.45 -8.54 25.71
C GLN A 114 -23.94 -8.59 26.09
N ARG A 115 -23.03 -8.55 25.12
CA ARG A 115 -21.59 -8.60 25.34
C ARG A 115 -21.16 -7.33 26.07
N ASN A 116 -20.78 -7.48 27.34
CA ASN A 116 -20.40 -6.39 28.25
C ASN A 116 -19.31 -5.53 27.61
N ASN A 117 -19.58 -4.22 27.47
CA ASN A 117 -18.73 -3.16 26.89
C ASN A 117 -18.30 -3.39 25.43
N GLY A 118 -18.10 -4.63 24.99
CA GLY A 118 -17.90 -5.02 23.60
C GLY A 118 -19.08 -4.66 22.70
N SER A 119 -20.22 -4.23 23.26
CA SER A 119 -21.33 -3.66 22.52
C SER A 119 -20.94 -2.35 21.79
N LYS A 120 -19.80 -1.73 22.15
CA LYS A 120 -19.21 -0.63 21.39
C LYS A 120 -18.74 -1.14 20.02
N ASP A 121 -18.25 -0.24 19.17
CA ASP A 121 -17.73 -0.58 17.84
C ASP A 121 -16.36 -1.26 17.91
N HIS A 122 -16.35 -2.50 18.43
CA HIS A 122 -15.18 -3.38 18.38
C HIS A 122 -14.89 -3.80 16.93
N GLY A 123 -15.89 -3.72 16.04
CA GLY A 123 -15.79 -4.10 14.64
C GLY A 123 -14.66 -3.35 13.95
N ASP A 124 -14.60 -2.03 14.11
CA ASP A 124 -13.51 -1.19 13.61
C ASP A 124 -12.14 -1.65 14.13
N GLY A 125 -12.09 -2.10 15.40
CA GLY A 125 -10.87 -2.61 15.99
C GLY A 125 -10.42 -3.89 15.28
N ILE A 126 -11.29 -4.90 15.18
CA ILE A 126 -10.94 -6.14 14.48
C ILE A 126 -10.76 -5.94 12.98
N LEU A 127 -11.30 -4.87 12.38
CA LEU A 127 -11.08 -4.57 10.96
C LEU A 127 -9.60 -4.36 10.68
N LEU A 128 -8.87 -3.69 11.59
CA LEU A 128 -7.43 -3.48 11.44
C LEU A 128 -6.68 -4.82 11.49
N ILE A 129 -7.15 -5.78 12.31
CA ILE A 129 -6.56 -7.11 12.33
C ILE A 129 -6.79 -7.76 10.97
N ASP A 130 -7.96 -7.59 10.35
CA ASP A 130 -8.28 -8.24 9.08
C ASP A 130 -7.30 -7.81 7.99
N SER A 131 -6.96 -6.52 7.94
CA SER A 131 -5.91 -5.99 7.08
C SER A 131 -4.56 -6.61 7.43
N GLU A 132 -4.19 -6.68 8.71
CA GLU A 132 -2.89 -7.21 9.14
C GLU A 132 -2.75 -8.71 8.81
N ILE A 133 -3.83 -9.49 8.93
CA ILE A 133 -3.89 -10.88 8.52
C ILE A 133 -3.58 -10.94 7.02
N ALA A 134 -4.30 -10.18 6.19
CA ALA A 134 -4.09 -10.22 4.75
C ALA A 134 -2.68 -9.76 4.37
N ARG A 135 -2.13 -8.76 5.08
CA ARG A 135 -0.77 -8.29 4.86
C ARG A 135 0.25 -9.36 5.23
N THR A 136 0.04 -10.07 6.32
CA THR A 136 0.91 -11.16 6.74
C THR A 136 0.81 -12.31 5.73
N TYR A 137 -0.39 -12.58 5.21
CA TYR A 137 -0.62 -13.61 4.21
C TYR A 137 0.16 -13.29 2.95
N LEU A 138 -0.04 -12.10 2.36
CA LEU A 138 0.61 -11.76 1.09
C LEU A 138 2.12 -11.56 1.23
N LEU A 139 2.64 -11.40 2.46
CA LEU A 139 4.08 -11.36 2.72
C LEU A 139 4.75 -12.73 2.52
N LYS A 140 4.01 -13.85 2.63
CA LYS A 140 4.63 -15.20 2.69
C LYS A 140 3.94 -16.25 1.81
N ASN A 141 2.64 -16.14 1.56
CA ASN A 141 1.88 -17.15 0.81
C ASN A 141 2.26 -17.13 -0.68
N ASP A 142 1.72 -18.06 -1.47
CA ASP A 142 1.87 -18.13 -2.92
C ASP A 142 1.42 -16.81 -3.57
N LEU A 143 2.16 -16.33 -4.57
CA LEU A 143 1.96 -15.00 -5.14
C LEU A 143 0.58 -14.85 -5.81
N VAL A 144 0.04 -15.90 -6.41
CA VAL A 144 -1.27 -15.84 -7.07
C VAL A 144 -2.35 -15.80 -5.97
N LYS A 145 -2.25 -16.69 -4.97
CA LYS A 145 -3.19 -16.68 -3.84
C LYS A 145 -3.12 -15.34 -3.10
N ALA A 146 -1.93 -14.75 -3.00
CA ALA A 146 -1.73 -13.45 -2.37
C ALA A 146 -2.51 -12.36 -3.10
N ARG A 147 -2.36 -12.23 -4.43
CA ARG A 147 -3.13 -11.20 -5.15
C ARG A 147 -4.61 -11.52 -5.16
N ASP A 148 -5.01 -12.79 -5.14
CA ASP A 148 -6.43 -13.16 -5.04
C ASP A 148 -7.01 -12.69 -3.70
N LEU A 149 -6.28 -12.85 -2.60
CA LEU A 149 -6.73 -12.34 -1.30
C LEU A 149 -6.75 -10.81 -1.30
N LEU A 150 -5.74 -10.17 -1.90
CA LEU A 150 -5.68 -8.71 -1.98
C LEU A 150 -6.86 -8.15 -2.78
N ASP A 151 -7.27 -8.83 -3.85
CA ASP A 151 -8.44 -8.45 -4.63
C ASP A 151 -9.72 -8.56 -3.81
N ASP A 152 -9.85 -9.58 -2.97
CA ASP A 152 -11.00 -9.69 -2.06
C ASP A 152 -10.95 -8.59 -1.00
N LEU A 153 -9.77 -8.29 -0.46
CA LEU A 153 -9.56 -7.26 0.55
C LEU A 153 -9.88 -5.87 -0.03
N GLU A 154 -9.61 -5.63 -1.31
CA GLU A 154 -9.96 -4.39 -1.99
C GLU A 154 -11.47 -4.13 -1.91
N LYS A 155 -12.31 -5.16 -1.88
CA LYS A 155 -13.76 -4.94 -1.80
C LYS A 155 -14.16 -4.28 -0.47
N THR A 156 -13.29 -4.27 0.55
CA THR A 156 -13.49 -3.48 1.76
C THR A 156 -13.57 -1.97 1.46
N LEU A 157 -12.87 -1.46 0.43
CA LEU A 157 -12.76 -0.01 0.16
C LEU A 157 -13.21 0.38 -1.25
N ASP A 158 -13.31 -0.57 -2.19
CA ASP A 158 -13.94 -0.34 -3.49
C ASP A 158 -15.43 -0.05 -3.29
N LYS A 159 -16.07 -0.79 -2.38
CA LYS A 159 -17.43 -0.48 -1.92
C LYS A 159 -17.31 0.73 -0.99
N LYS A 160 -18.09 1.79 -1.23
CA LYS A 160 -18.12 2.93 -0.33
C LYS A 160 -18.71 2.47 0.99
N ASP A 161 -18.03 2.80 2.09
CA ASP A 161 -18.50 2.57 3.47
C ASP A 161 -17.76 3.55 4.38
N SER A 162 -18.31 3.80 5.57
CA SER A 162 -17.86 4.81 6.53
C SER A 162 -16.54 4.45 7.26
N ILE A 163 -15.72 3.57 6.69
CA ILE A 163 -14.45 3.16 7.30
C ILE A 163 -13.53 4.38 7.52
N PRO A 164 -12.88 4.51 8.69
CA PRO A 164 -11.92 5.58 8.95
C PRO A 164 -10.77 5.65 7.94
N LEU A 165 -10.17 6.83 7.78
CA LEU A 165 -9.03 7.06 6.90
C LEU A 165 -7.84 6.18 7.28
N ARG A 166 -7.64 5.87 8.57
CA ARG A 166 -6.53 5.03 9.02
C ARG A 166 -6.63 3.61 8.48
N ILE A 167 -7.78 2.94 8.59
CA ILE A 167 -7.94 1.59 8.06
C ILE A 167 -7.88 1.63 6.52
N THR A 168 -8.42 2.69 5.91
CA THR A 168 -8.35 2.86 4.47
C THR A 168 -6.87 2.94 4.02
N ASN A 169 -6.02 3.68 4.75
CA ASN A 169 -4.57 3.72 4.47
C ASN A 169 -3.87 2.42 4.91
N SER A 170 -4.47 1.60 5.78
CA SER A 170 -3.94 0.29 6.12
C SER A 170 -4.14 -0.68 4.95
N PHE A 171 -5.30 -0.65 4.28
CA PHE A 171 -5.48 -1.38 3.02
C PHE A 171 -4.44 -0.87 2.02
N TYR A 172 -4.30 0.46 1.91
CA TYR A 172 -3.38 1.08 0.98
C TYR A 172 -1.95 0.58 1.20
N SER A 173 -1.51 0.49 2.45
CA SER A 173 -0.20 -0.04 2.81
C SER A 173 -0.09 -1.52 2.44
N THR A 174 -1.14 -2.31 2.69
CA THR A 174 -1.20 -3.72 2.35
C THR A 174 -1.09 -3.92 0.83
N ASN A 175 -1.77 -3.08 0.03
CA ASN A 175 -1.65 -3.06 -1.42
C ASN A 175 -0.24 -2.67 -1.84
N SER A 176 0.31 -1.62 -1.21
CA SER A 176 1.64 -1.10 -1.54
C SER A 176 2.73 -2.14 -1.31
N GLN A 177 2.55 -3.04 -0.34
CA GLN A 177 3.49 -4.13 -0.05
C GLN A 177 3.58 -5.13 -1.22
N TYR A 178 2.56 -5.21 -2.10
CA TYR A 178 2.62 -6.02 -3.31
C TYR A 178 3.39 -5.23 -4.38
N PHE A 179 4.71 -5.44 -4.44
CA PHE A 179 5.62 -4.95 -5.48
C PHE A 179 6.77 -5.97 -5.61
N LYS A 180 7.67 -5.80 -6.59
CA LYS A 180 8.80 -6.70 -6.77
C LYS A 180 10.08 -5.92 -7.07
N PHE A 181 10.22 -5.35 -8.27
CA PHE A 181 11.49 -4.77 -8.72
C PHE A 181 11.25 -3.73 -9.83
N LYS A 182 10.66 -4.15 -10.95
CA LYS A 182 10.33 -3.26 -12.09
C LYS A 182 8.90 -3.55 -12.57
N ASN A 183 8.01 -3.89 -11.63
CA ASN A 183 6.58 -4.03 -11.88
C ASN A 183 6.00 -2.70 -12.38
N ASP A 184 4.82 -2.77 -13.00
CA ASP A 184 4.03 -1.60 -13.35
C ASP A 184 3.56 -0.88 -12.08
N PHE A 185 3.31 0.43 -12.18
CA PHE A 185 2.78 1.28 -11.12
C PHE A 185 1.54 2.07 -11.57
N ASN A 186 0.97 1.82 -12.75
CA ASN A 186 -0.32 2.39 -13.13
C ASN A 186 -1.40 2.04 -12.09
N SER A 187 -1.39 0.83 -11.56
CA SER A 187 -2.27 0.41 -10.48
C SER A 187 -2.00 1.24 -9.21
N PHE A 188 -0.74 1.56 -8.94
CA PHE A 188 -0.32 2.35 -7.78
C PHE A 188 -0.80 3.80 -7.94
N TYR A 189 -0.73 4.36 -9.15
CA TYR A 189 -1.25 5.68 -9.49
C TYR A 189 -2.77 5.71 -9.26
N TYR A 190 -3.49 4.70 -9.74
CA TYR A 190 -4.93 4.63 -9.54
C TYR A 190 -5.27 4.49 -8.04
N THR A 191 -4.50 3.68 -7.30
CA THR A 191 -4.66 3.56 -5.86
C THR A 191 -4.37 4.91 -5.19
N SER A 192 -3.40 5.69 -5.66
CA SER A 192 -3.15 7.03 -5.14
C SER A 192 -4.39 7.90 -5.30
N LEU A 193 -5.02 7.88 -6.48
CA LEU A 193 -6.24 8.65 -6.75
C LEU A 193 -7.40 8.19 -5.85
N LEU A 194 -7.44 6.92 -5.46
CA LEU A 194 -8.43 6.39 -4.51
C LEU A 194 -8.29 7.13 -3.18
N TYR A 195 -7.09 7.16 -2.61
CA TYR A 195 -6.90 7.81 -1.32
C TYR A 195 -7.06 9.32 -1.42
N LEU A 196 -6.76 9.91 -2.58
CA LEU A 196 -6.98 11.33 -2.83
C LEU A 196 -8.48 11.63 -2.89
N SER A 197 -9.28 10.70 -3.43
CA SER A 197 -10.73 10.81 -3.43
C SER A 197 -11.30 10.66 -2.01
N THR A 198 -10.66 9.85 -1.17
CA THR A 198 -11.03 9.64 0.22
C THR A 198 -10.68 10.87 1.07
N LEU A 199 -9.56 11.53 0.78
CA LEU A 199 -9.01 12.62 1.58
C LEU A 199 -9.89 13.87 1.57
N GLU A 200 -9.59 14.76 2.52
CA GLU A 200 -10.22 16.05 2.76
C GLU A 200 -9.09 17.01 3.19
N PRO A 201 -9.32 18.34 3.24
CA PRO A 201 -8.32 19.29 3.75
C PRO A 201 -8.09 19.19 5.27
N SER A 202 -8.79 18.29 5.97
CA SER A 202 -8.70 18.04 7.40
C SER A 202 -7.26 17.71 7.85
N THR A 203 -6.98 17.91 9.13
CA THR A 203 -5.68 17.68 9.77
C THR A 203 -5.31 16.19 9.91
N SER A 204 -6.06 15.28 9.27
CA SER A 204 -5.84 13.84 9.26
C SER A 204 -4.41 13.48 8.83
N ILE A 205 -3.83 14.27 7.92
CA ILE A 205 -2.44 14.25 7.52
C ILE A 205 -1.98 15.71 7.38
N THR A 206 -0.66 15.92 7.34
CA THR A 206 -0.04 17.24 7.23
C THR A 206 0.04 17.68 5.76
N LEU A 207 0.50 18.91 5.51
CA LEU A 207 0.84 19.33 4.16
C LEU A 207 2.06 18.55 3.65
N ALA A 208 3.01 18.21 4.52
CA ALA A 208 4.18 17.42 4.15
C ALA A 208 3.76 16.03 3.65
N GLU A 209 2.80 15.38 4.32
CA GLU A 209 2.25 14.11 3.88
C GLU A 209 1.55 14.28 2.52
N ARG A 210 0.81 15.37 2.31
CA ARG A 210 0.19 15.65 1.00
C ARG A 210 1.25 15.81 -0.08
N GLN A 211 2.35 16.53 0.18
CA GLN A 211 3.44 16.67 -0.77
C GLN A 211 4.00 15.29 -1.14
N GLN A 212 4.25 14.43 -0.15
CA GLN A 212 4.75 13.09 -0.40
C GLN A 212 3.75 12.24 -1.19
N LEU A 213 2.44 12.37 -0.92
CA LEU A 213 1.42 11.62 -1.64
C LEU A 213 1.33 12.09 -3.10
N ALA A 214 1.42 13.41 -3.37
CA ALA A 214 1.53 13.94 -4.73
C ALA A 214 2.79 13.46 -5.43
N TYR A 215 3.93 13.41 -4.74
CA TYR A 215 5.18 12.90 -5.30
C TYR A 215 5.03 11.42 -5.67
N ASP A 216 4.46 10.61 -4.78
CA ASP A 216 4.27 9.18 -4.99
C ASP A 216 3.33 8.91 -6.17
N LEU A 217 2.24 9.69 -6.27
CA LEU A 217 1.33 9.69 -7.42
C LEU A 217 2.11 10.00 -8.71
N SER A 218 2.95 11.03 -8.68
CA SER A 218 3.70 11.49 -9.84
C SER A 218 4.72 10.44 -10.31
N ILE A 219 5.47 9.82 -9.38
CA ILE A 219 6.37 8.72 -9.69
C ILE A 219 5.56 7.57 -10.28
N SER A 220 4.41 7.24 -9.71
CA SER A 220 3.58 6.15 -10.21
C SER A 220 3.09 6.39 -11.64
N ALA A 221 2.85 7.65 -12.04
CA ALA A 221 2.50 7.98 -13.42
C ALA A 221 3.69 7.78 -14.36
N LEU A 222 4.89 8.23 -13.98
CA LEU A 222 6.10 7.98 -14.77
C LEU A 222 6.29 6.48 -14.97
N LEU A 223 6.17 5.72 -13.89
CA LEU A 223 6.34 4.27 -13.85
C LEU A 223 5.07 3.53 -14.32
N GLY A 224 4.13 4.22 -14.97
CA GLY A 224 2.85 3.70 -15.38
C GLY A 224 2.94 3.12 -16.78
N ASP A 225 3.11 1.81 -16.89
CA ASP A 225 3.19 1.07 -18.15
C ASP A 225 1.92 1.16 -18.99
N LYS A 226 0.81 1.61 -18.37
CA LYS A 226 -0.50 1.74 -19.01
C LYS A 226 -1.03 3.18 -18.99
N ILE A 227 -0.29 4.16 -18.46
CA ILE A 227 -0.72 5.56 -18.45
C ILE A 227 -0.31 6.19 -19.78
N TYR A 228 -1.32 6.53 -20.60
CA TYR A 228 -1.16 7.18 -21.90
C TYR A 228 -2.10 8.38 -22.05
N ASN A 229 -2.69 8.85 -20.94
CA ASN A 229 -3.52 10.07 -20.91
C ASN A 229 -3.12 11.01 -19.77
N PHE A 230 -2.27 10.56 -18.84
CA PHE A 230 -1.87 11.24 -17.61
C PHE A 230 -3.02 11.82 -16.77
N GLY A 231 -4.25 11.31 -16.94
CA GLY A 231 -5.45 11.54 -16.14
C GLY A 231 -5.56 12.88 -15.39
N GLU A 232 -5.34 14.00 -16.08
CA GLU A 232 -5.45 15.37 -15.53
C GLU A 232 -4.50 15.63 -14.35
N LEU A 233 -3.46 14.79 -14.17
CA LEU A 233 -2.48 14.84 -13.09
C LEU A 233 -1.92 16.24 -12.90
N LEU A 234 -1.44 16.84 -13.99
CA LEU A 234 -0.78 18.15 -14.01
C LEU A 234 -1.70 19.30 -13.58
N HIS A 235 -3.00 19.03 -13.40
CA HIS A 235 -4.04 19.99 -13.04
C HIS A 235 -4.83 19.51 -11.81
N HIS A 236 -4.47 18.36 -11.22
CA HIS A 236 -5.14 17.82 -10.06
C HIS A 236 -4.80 18.70 -8.84
N PRO A 237 -5.77 19.10 -8.00
CA PRO A 237 -5.58 20.06 -6.91
C PRO A 237 -4.87 19.44 -5.68
N ILE A 238 -3.73 18.78 -5.88
CA ILE A 238 -2.91 18.23 -4.81
C ILE A 238 -1.42 18.40 -5.15
N MET A 239 -0.99 18.19 -6.41
CA MET A 239 0.40 18.45 -6.76
C MET A 239 0.73 19.95 -6.76
N GLU A 240 -0.26 20.84 -6.53
CA GLU A 240 -0.03 22.26 -6.31
C GLU A 240 0.94 22.46 -5.13
N THR A 241 0.94 21.51 -4.19
CA THR A 241 1.76 21.53 -2.99
C THR A 241 3.25 21.34 -3.32
N ILE A 242 3.62 20.88 -4.53
CA ILE A 242 5.00 20.51 -4.87
C ILE A 242 5.51 21.22 -6.12
N VAL A 243 4.66 21.48 -7.12
CA VAL A 243 5.10 22.10 -8.37
C VAL A 243 5.66 23.51 -8.16
N ASN A 244 5.27 24.15 -7.05
CA ASN A 244 5.73 25.47 -6.63
C ASN A 244 7.21 25.48 -6.19
N ASP A 245 7.89 24.32 -6.10
CA ASP A 245 9.22 24.21 -5.51
C ASP A 245 10.16 23.41 -6.41
N SER A 246 11.39 23.90 -6.57
CA SER A 246 12.42 23.33 -7.44
C SER A 246 12.76 21.86 -7.10
N ASN A 247 12.50 21.40 -5.87
CA ASN A 247 12.72 20.00 -5.46
C ASN A 247 11.81 19.03 -6.20
N TYR A 248 10.75 19.52 -6.86
CA TYR A 248 9.77 18.68 -7.55
C TYR A 248 9.38 19.24 -8.92
N ASP A 249 9.64 20.52 -9.23
CA ASP A 249 9.30 21.10 -10.53
C ASP A 249 9.95 20.36 -11.70
N TRP A 250 11.13 19.78 -11.49
CA TRP A 250 11.78 18.94 -12.50
C TRP A 250 10.92 17.73 -12.86
N LEU A 251 10.21 17.15 -11.89
CA LEU A 251 9.37 15.98 -12.07
C LEU A 251 8.17 16.40 -12.89
N PHE A 252 7.58 17.57 -12.58
CA PHE A 252 6.49 18.13 -13.37
C PHE A 252 6.92 18.36 -14.81
N GLN A 253 8.12 18.88 -15.05
CA GLN A 253 8.62 19.06 -16.41
C GLN A 253 8.84 17.72 -17.11
N LEU A 254 9.36 16.71 -16.42
CA LEU A 254 9.55 15.38 -16.98
C LEU A 254 8.19 14.76 -17.36
N LEU A 255 7.21 14.85 -16.46
CA LEU A 255 5.82 14.41 -16.72
C LEU A 255 5.28 15.16 -17.93
N ASN A 256 5.38 16.48 -17.94
CA ASN A 256 4.84 17.35 -18.99
C ASN A 256 5.39 16.93 -20.35
N ALA A 257 6.71 16.74 -20.46
CA ALA A 257 7.34 16.29 -21.69
C ALA A 257 6.80 14.92 -22.14
N LEU A 258 6.69 13.98 -21.21
CA LEU A 258 6.13 12.65 -21.47
C LEU A 258 4.67 12.75 -21.94
N THR A 259 3.90 13.67 -21.36
CA THR A 259 2.48 13.86 -21.63
C THR A 259 2.25 14.33 -23.07
N VAL A 260 3.27 14.85 -23.75
CA VAL A 260 3.16 15.42 -25.10
C VAL A 260 4.13 14.75 -26.08
N GLY A 261 4.93 13.77 -25.62
CA GLY A 261 5.92 13.09 -26.44
C GLY A 261 7.07 14.00 -26.87
N ASP A 262 7.42 14.99 -26.05
CA ASP A 262 8.58 15.85 -26.32
C ASP A 262 9.84 15.13 -25.85
N PHE A 263 10.29 14.18 -26.67
CA PHE A 263 11.47 13.36 -26.41
C PHE A 263 12.73 14.19 -26.15
N ASP A 264 12.85 15.38 -26.73
CA ASP A 264 14.01 16.25 -26.55
C ASP A 264 14.03 16.88 -25.16
N LYS A 265 12.90 17.43 -24.71
CA LYS A 265 12.80 17.98 -23.36
C LYS A 265 12.87 16.87 -22.33
N PHE A 266 12.22 15.72 -22.59
CA PHE A 266 12.34 14.53 -21.76
C PHE A 266 13.82 14.17 -21.64
N ASP A 267 14.54 14.02 -22.76
CA ASP A 267 15.96 13.66 -22.76
C ASP A 267 16.79 14.65 -21.94
N SER A 268 16.47 15.95 -22.03
CA SER A 268 17.15 16.99 -21.27
C SER A 268 16.99 16.83 -19.75
N LEU A 269 15.81 16.42 -19.27
CA LEU A 269 15.61 16.11 -17.85
C LEU A 269 16.28 14.79 -17.50
N ILE A 270 16.13 13.78 -18.37
CA ILE A 270 16.64 12.43 -18.18
C ILE A 270 18.16 12.46 -17.98
N LYS A 271 18.86 13.30 -18.74
CA LYS A 271 20.31 13.49 -18.65
C LYS A 271 20.82 13.95 -17.27
N VAL A 272 19.93 14.33 -16.35
CA VAL A 272 20.34 14.88 -15.06
C VAL A 272 19.57 14.21 -13.92
N GLN A 273 18.24 14.31 -13.91
CA GLN A 273 17.47 13.92 -12.74
C GLN A 273 17.36 12.42 -12.56
N ILE A 274 17.57 11.61 -13.60
CA ILE A 274 17.66 10.18 -13.42
C ILE A 274 18.85 9.85 -12.50
N SER A 275 19.98 10.53 -12.65
CA SER A 275 21.12 10.30 -11.78
C SER A 275 20.80 10.68 -10.32
N LYS A 276 19.92 11.66 -10.10
CA LYS A 276 19.48 12.02 -8.75
C LYS A 276 18.54 10.99 -8.11
N ILE A 277 17.81 10.16 -8.88
CA ILE A 277 16.74 9.32 -8.35
C ILE A 277 17.01 7.83 -8.67
N PRO A 278 17.31 6.98 -7.67
CA PRO A 278 17.74 5.59 -7.91
C PRO A 278 16.65 4.72 -8.53
N ILE A 279 15.37 4.88 -8.15
CA ILE A 279 14.29 4.11 -8.74
C ILE A 279 14.16 4.44 -10.23
N LEU A 280 14.21 5.72 -10.60
CA LEU A 280 14.06 6.10 -12.00
C LEU A 280 15.28 5.65 -12.81
N ALA A 281 16.48 5.58 -12.20
CA ALA A 281 17.65 5.04 -12.86
C ALA A 281 17.46 3.57 -13.22
N GLN A 282 16.85 2.78 -12.33
CA GLN A 282 16.51 1.38 -12.62
C GLN A 282 15.52 1.28 -13.78
N HIS A 283 14.64 2.27 -13.96
CA HIS A 283 13.64 2.33 -15.02
C HIS A 283 14.04 3.18 -16.22
N GLU A 284 15.30 3.62 -16.37
CA GLU A 284 15.66 4.61 -17.39
C GLU A 284 15.23 4.16 -18.80
N SER A 285 15.56 2.92 -19.18
CA SER A 285 15.21 2.37 -20.49
C SER A 285 13.69 2.15 -20.62
N PHE A 286 13.02 1.80 -19.52
CA PHE A 286 11.57 1.65 -19.48
C PHE A 286 10.91 3.01 -19.76
N LEU A 287 11.38 4.10 -19.14
CA LEU A 287 10.82 5.43 -19.34
C LEU A 287 10.97 5.84 -20.80
N ARG A 288 12.16 5.62 -21.37
CA ARG A 288 12.43 5.83 -22.81
C ARG A 288 11.41 5.05 -23.64
N GLN A 289 11.17 3.78 -23.34
CA GLN A 289 10.22 3.00 -24.12
C GLN A 289 8.81 3.57 -23.98
N LYS A 290 8.41 3.95 -22.76
CA LYS A 290 7.09 4.51 -22.49
C LYS A 290 6.86 5.79 -23.27
N ILE A 291 7.82 6.71 -23.34
CA ILE A 291 7.65 7.92 -24.12
C ILE A 291 7.63 7.60 -25.62
N CYS A 292 8.38 6.59 -26.08
CA CYS A 292 8.38 6.24 -27.50
C CYS A 292 6.99 5.75 -27.90
N LEU A 293 6.37 4.94 -27.05
CA LEU A 293 4.99 4.51 -27.22
C LEU A 293 4.09 5.74 -27.21
N MET A 294 4.16 6.54 -26.15
CA MET A 294 3.27 7.68 -25.95
C MET A 294 3.35 8.71 -27.07
N THR A 295 4.54 8.95 -27.62
CA THR A 295 4.73 9.93 -28.68
C THR A 295 3.93 9.50 -29.91
N LEU A 296 4.01 8.23 -30.29
CA LEU A 296 3.31 7.72 -31.44
C LEU A 296 1.80 7.83 -31.20
N ILE A 297 1.35 7.42 -30.02
CA ILE A 297 -0.07 7.42 -29.65
C ILE A 297 -0.61 8.86 -29.71
N GLU A 298 0.10 9.81 -29.10
CA GLU A 298 -0.25 11.22 -29.09
C GLU A 298 -0.35 11.72 -30.53
N THR A 299 0.65 11.46 -31.35
CA THR A 299 0.69 11.87 -32.76
C THR A 299 -0.54 11.36 -33.49
N VAL A 300 -0.82 10.07 -33.43
CA VAL A 300 -1.92 9.50 -34.20
C VAL A 300 -3.26 10.05 -33.70
N PHE A 301 -3.41 10.23 -32.38
CA PHE A 301 -4.62 10.75 -31.78
C PHE A 301 -4.87 12.20 -32.20
N VAL A 302 -3.95 13.13 -31.91
CA VAL A 302 -4.21 14.55 -32.12
C VAL A 302 -4.24 14.91 -33.60
N LYS A 303 -3.41 14.25 -34.42
CA LYS A 303 -3.40 14.47 -35.87
C LYS A 303 -4.51 13.66 -36.58
N ASN A 304 -5.30 12.86 -35.84
CA ASN A 304 -6.34 11.97 -36.34
C ASN A 304 -5.90 11.17 -37.58
N ILE A 305 -4.69 10.61 -37.50
CA ILE A 305 -4.05 9.84 -38.58
C ILE A 305 -4.77 8.49 -38.72
N ARG A 306 -4.58 7.86 -39.88
CA ARG A 306 -5.01 6.47 -40.13
C ARG A 306 -3.89 5.60 -40.70
N MET A 307 -2.92 6.17 -41.42
CA MET A 307 -1.73 5.43 -41.87
C MET A 307 -0.51 6.33 -41.70
N LEU A 308 0.61 5.74 -41.33
CA LEU A 308 1.87 6.44 -41.03
C LEU A 308 3.02 5.54 -41.45
N SER A 309 4.23 6.08 -41.64
CA SER A 309 5.36 5.35 -42.15
C SER A 309 6.38 5.12 -41.04
N PHE A 310 7.15 4.03 -41.13
CA PHE A 310 8.27 3.78 -40.23
C PHE A 310 9.23 4.97 -40.26
N GLU A 311 9.39 5.63 -41.41
CA GLU A 311 10.28 6.77 -41.57
C GLU A 311 9.83 7.97 -40.75
N ASP A 312 8.55 8.09 -40.38
CA ASP A 312 8.09 9.16 -39.50
C ASP A 312 8.15 8.72 -38.04
N ILE A 313 7.71 7.50 -37.75
CA ILE A 313 7.80 6.92 -36.41
C ILE A 313 9.27 6.86 -35.95
N SER A 314 10.22 6.69 -36.87
CA SER A 314 11.65 6.69 -36.54
C SER A 314 12.04 8.05 -35.96
N LYS A 315 11.49 9.16 -36.46
CA LYS A 315 11.71 10.50 -35.91
C LYS A 315 11.08 10.58 -34.51
N ALA A 316 9.87 10.05 -34.37
CA ALA A 316 9.07 10.11 -33.16
C ALA A 316 9.63 9.27 -32.00
N THR A 317 10.60 8.40 -32.25
CA THR A 317 11.09 7.42 -31.28
C THR A 317 12.62 7.40 -31.19
N HIS A 318 13.30 7.90 -32.23
CA HIS A 318 14.74 7.80 -32.45
C HIS A 318 15.20 6.33 -32.46
N LEU A 319 14.34 5.43 -32.94
CA LEU A 319 14.65 4.04 -33.24
C LEU A 319 14.75 3.90 -34.76
N PRO A 320 15.64 3.05 -35.29
CA PRO A 320 15.78 2.91 -36.73
C PRO A 320 14.52 2.28 -37.33
N LYS A 321 14.24 2.58 -38.60
CA LYS A 321 13.09 2.01 -39.33
C LYS A 321 13.10 0.47 -39.25
N ASP A 322 14.30 -0.11 -39.17
CA ASP A 322 14.49 -1.56 -39.16
C ASP A 322 14.03 -2.23 -37.87
N ASN A 323 13.80 -1.47 -36.79
CA ASN A 323 13.44 -2.00 -35.48
C ASN A 323 12.18 -1.36 -34.90
N VAL A 324 11.73 -0.24 -35.46
CA VAL A 324 10.67 0.57 -34.86
C VAL A 324 9.33 -0.18 -34.75
N GLU A 325 9.09 -1.18 -35.61
CA GLU A 325 7.94 -2.09 -35.51
C GLU A 325 7.86 -2.70 -34.11
N HIS A 326 9.00 -3.15 -33.56
CA HIS A 326 9.02 -3.87 -32.29
C HIS A 326 8.66 -2.94 -31.12
N LEU A 327 8.76 -1.63 -31.29
CA LEU A 327 8.25 -0.67 -30.32
C LEU A 327 6.75 -0.57 -30.49
N VAL A 328 6.26 -0.20 -31.69
CA VAL A 328 4.85 0.11 -31.86
C VAL A 328 3.93 -1.10 -31.66
N MET A 329 4.42 -2.33 -31.89
CA MET A 329 3.60 -3.53 -31.71
C MET A 329 3.08 -3.64 -30.27
N ARG A 330 3.85 -3.17 -29.26
CA ARG A 330 3.44 -3.22 -27.86
C ARG A 330 2.11 -2.51 -27.66
N ALA A 331 1.87 -1.39 -28.34
CA ALA A 331 0.66 -0.61 -28.18
C ALA A 331 -0.58 -1.40 -28.59
N ILE A 332 -0.45 -2.21 -29.64
CA ILE A 332 -1.52 -3.09 -30.10
C ILE A 332 -1.73 -4.17 -29.04
N SER A 333 -0.65 -4.75 -28.52
CA SER A 333 -0.69 -5.81 -27.52
C SER A 333 -1.34 -5.34 -26.22
N LEU A 334 -1.08 -4.09 -25.80
CA LEU A 334 -1.70 -3.46 -24.64
C LEU A 334 -3.18 -3.12 -24.88
N GLY A 335 -3.68 -3.21 -26.12
CA GLY A 335 -5.07 -2.90 -26.45
C GLY A 335 -5.36 -1.39 -26.38
N LEU A 336 -4.34 -0.55 -26.55
CA LEU A 336 -4.49 0.91 -26.49
C LEU A 336 -5.22 1.44 -27.72
N LEU A 337 -5.18 0.68 -28.81
CA LEU A 337 -5.59 1.11 -30.13
C LEU A 337 -5.93 -0.12 -30.96
N LYS A 338 -6.79 0.07 -31.95
CA LYS A 338 -7.06 -0.91 -32.98
C LYS A 338 -6.19 -0.51 -34.14
N GLY A 339 -5.21 -1.34 -34.49
CA GLY A 339 -4.30 -1.10 -35.59
C GLY A 339 -3.51 -2.36 -35.91
N SER A 340 -2.70 -2.27 -36.96
CA SER A 340 -1.90 -3.34 -37.53
C SER A 340 -0.64 -2.73 -38.16
N ILE A 341 0.39 -3.55 -38.34
CA ILE A 341 1.63 -3.15 -38.97
C ILE A 341 1.59 -3.65 -40.42
N ASP A 342 2.21 -2.91 -41.33
CA ASP A 342 2.29 -3.19 -42.76
C ASP A 342 3.76 -3.06 -43.17
N GLN A 343 4.59 -3.86 -42.50
CA GLN A 343 6.04 -3.93 -42.66
C GLN A 343 6.47 -4.14 -44.12
N VAL A 344 5.64 -4.79 -44.94
CA VAL A 344 5.88 -4.95 -46.38
C VAL A 344 6.15 -3.60 -47.04
N ASN A 345 5.42 -2.56 -46.63
CA ASN A 345 5.54 -1.21 -47.19
C ASN A 345 6.27 -0.28 -46.21
N GLU A 346 6.74 -0.81 -45.07
CA GLU A 346 7.28 -0.06 -43.94
C GLU A 346 6.26 0.99 -43.45
N LEU A 347 5.00 0.57 -43.30
CA LEU A 347 3.88 1.43 -42.86
C LEU A 347 3.21 0.82 -41.63
N VAL A 348 2.33 1.59 -41.02
CA VAL A 348 1.41 1.20 -39.96
C VAL A 348 0.01 1.69 -40.37
N THR A 349 -1.02 0.99 -39.92
CA THR A 349 -2.41 1.41 -40.03
C THR A 349 -3.00 1.39 -38.62
N ILE A 350 -3.57 2.52 -38.18
CA ILE A 350 -4.36 2.63 -36.95
C ILE A 350 -5.77 3.07 -37.36
N SER A 351 -6.80 2.62 -36.64
CA SER A 351 -8.18 2.96 -36.94
C SER A 351 -8.97 3.49 -35.72
N TRP A 352 -8.50 3.26 -34.50
CA TRP A 352 -9.07 3.83 -33.28
C TRP A 352 -8.01 3.79 -32.19
N VAL A 353 -8.08 4.70 -31.22
CA VAL A 353 -7.18 4.83 -30.09
C VAL A 353 -8.06 5.14 -28.87
N GLN A 354 -7.71 4.62 -27.69
CA GLN A 354 -8.36 4.99 -26.43
C GLN A 354 -8.27 6.53 -26.26
N PRO A 355 -9.41 7.23 -26.07
CA PRO A 355 -9.42 8.67 -25.83
C PRO A 355 -8.62 9.10 -24.59
N ARG A 356 -8.32 10.40 -24.51
CA ARG A 356 -7.78 11.03 -23.31
C ARG A 356 -8.82 10.89 -22.21
N MET A 1 -2.81 -18.00 47.56
CA MET A 1 -3.83 -18.07 46.48
C MET A 1 -3.20 -17.84 45.10
N PHE A 2 -2.97 -16.58 44.72
CA PHE A 2 -2.55 -16.22 43.35
C PHE A 2 -1.13 -16.70 43.02
N ASN A 3 -0.24 -16.83 44.01
CA ASN A 3 1.08 -17.38 43.76
C ASN A 3 0.94 -18.80 43.20
N ASN A 4 1.68 -19.12 42.13
CA ASN A 4 1.66 -20.37 41.37
C ASN A 4 0.46 -20.49 40.41
N HIS A 5 -0.51 -19.56 40.40
CA HIS A 5 -1.77 -19.77 39.66
C HIS A 5 -2.31 -18.57 38.90
N GLU A 6 -2.12 -17.34 39.40
CA GLU A 6 -2.79 -16.14 38.88
C GLU A 6 -1.82 -14.95 38.94
N ILE A 7 -2.35 -13.73 39.10
CA ILE A 7 -1.66 -12.44 38.97
C ILE A 7 -0.27 -12.39 39.61
N ASP A 8 -0.11 -12.88 40.85
CA ASP A 8 1.19 -12.86 41.52
C ASP A 8 2.23 -13.67 40.75
N THR A 9 1.80 -14.82 40.22
CA THR A 9 2.63 -15.68 39.39
C THR A 9 2.98 -14.97 38.07
N ILE A 10 2.04 -14.22 37.48
CA ILE A 10 2.28 -13.52 36.22
C ILE A 10 3.34 -12.44 36.46
N LEU A 11 3.15 -11.59 37.47
CA LEU A 11 4.07 -10.51 37.78
C LEU A 11 5.46 -11.05 38.06
N SER A 12 5.54 -12.11 38.88
CA SER A 12 6.81 -12.72 39.24
C SER A 12 7.48 -13.32 38.01
N THR A 13 6.84 -14.25 37.31
CA THR A 13 7.46 -15.00 36.22
C THR A 13 7.94 -14.05 35.13
N LEU A 14 7.10 -13.07 34.75
CA LEU A 14 7.47 -12.06 33.77
C LEU A 14 8.72 -11.35 34.24
N ARG A 15 8.74 -10.76 35.44
CA ARG A 15 9.89 -9.99 35.92
C ARG A 15 11.17 -10.83 36.08
N MET A 16 11.11 -12.17 36.06
CA MET A 16 12.33 -12.98 35.99
C MET A 16 12.86 -13.09 34.57
N GLU A 17 11.99 -13.38 33.61
CA GLU A 17 12.36 -13.66 32.22
C GLU A 17 12.57 -12.37 31.41
N ALA A 18 11.88 -11.30 31.79
CA ALA A 18 11.78 -10.02 31.13
C ALA A 18 13.11 -9.25 31.15
N ASP A 19 13.20 -8.30 30.21
CA ASP A 19 14.26 -7.29 30.20
C ASP A 19 14.01 -6.31 31.36
N PRO A 20 15.04 -5.93 32.15
CA PRO A 20 14.89 -5.02 33.29
C PRO A 20 14.14 -3.72 33.00
N SER A 21 14.21 -3.19 31.77
CA SER A 21 13.55 -1.94 31.39
C SER A 21 12.02 -2.01 31.57
N LEU A 22 11.46 -3.22 31.52
CA LEU A 22 10.01 -3.45 31.58
C LEU A 22 9.51 -3.50 33.02
N HIS A 23 10.38 -3.82 33.99
CA HIS A 23 9.93 -4.12 35.35
C HIS A 23 9.22 -2.93 36.02
N PRO A 24 9.74 -1.68 35.98
CA PRO A 24 9.05 -0.54 36.59
C PRO A 24 7.66 -0.32 35.99
N LEU A 25 7.50 -0.48 34.68
CA LEU A 25 6.21 -0.32 34.02
C LEU A 25 5.22 -1.36 34.54
N PHE A 26 5.66 -2.62 34.69
CA PHE A 26 4.77 -3.66 35.20
C PHE A 26 4.45 -3.48 36.68
N GLU A 27 5.30 -2.81 37.46
CA GLU A 27 4.94 -2.42 38.81
C GLU A 27 3.79 -1.39 38.80
N GLN A 28 3.64 -0.58 37.75
CA GLN A 28 2.48 0.30 37.59
C GLN A 28 1.28 -0.51 37.11
N PHE A 29 1.49 -1.48 36.22
CA PHE A 29 0.44 -2.35 35.70
C PHE A 29 -0.21 -3.13 36.85
N GLU A 30 0.59 -3.68 37.78
CA GLU A 30 0.12 -4.28 39.03
C GLU A 30 -0.83 -3.32 39.77
N LYS A 31 -0.37 -2.10 40.00
CA LYS A 31 -1.12 -1.09 40.75
C LYS A 31 -2.47 -0.82 40.07
N PHE A 32 -2.47 -0.45 38.78
CA PHE A 32 -3.70 -0.10 38.10
C PHE A 32 -4.68 -1.27 38.03
N TYR A 33 -4.21 -2.52 38.02
CA TYR A 33 -5.10 -3.68 38.09
C TYR A 33 -5.70 -3.81 39.50
N GLU A 34 -4.90 -3.64 40.56
CA GLU A 34 -5.42 -3.69 41.93
C GLU A 34 -6.45 -2.58 42.17
N GLU A 35 -6.25 -1.40 41.56
CA GLU A 35 -7.18 -0.28 41.63
C GLU A 35 -8.33 -0.41 40.61
N LYS A 36 -8.34 -1.46 39.77
CA LYS A 36 -9.38 -1.77 38.77
C LYS A 36 -9.54 -0.68 37.70
N LEU A 37 -8.48 0.07 37.38
CA LEU A 37 -8.50 1.09 36.33
C LEU A 37 -8.13 0.43 35.00
N TRP A 38 -8.94 -0.52 34.51
CA TRP A 38 -8.76 -1.18 33.22
C TRP A 38 -8.36 -0.21 32.09
N PHE A 39 -8.94 0.99 32.09
CA PHE A 39 -8.84 1.96 31.00
C PHE A 39 -7.55 2.80 31.06
N GLN A 40 -6.76 2.67 32.13
CA GLN A 40 -5.41 3.24 32.24
C GLN A 40 -4.36 2.12 32.25
N LEU A 41 -4.73 0.99 32.85
CA LEU A 41 -4.01 -0.28 32.82
C LEU A 41 -3.66 -0.67 31.38
N SER A 42 -4.65 -0.64 30.49
CA SER A 42 -4.48 -0.98 29.08
C SER A 42 -3.55 0.00 28.35
N GLU A 43 -3.57 1.29 28.70
CA GLU A 43 -2.74 2.31 28.06
C GLU A 43 -1.29 2.09 28.46
N SER A 44 -1.10 1.89 29.76
CA SER A 44 0.18 1.59 30.37
C SER A 44 0.83 0.35 29.73
N LEU A 45 0.01 -0.61 29.30
CA LEU A 45 0.49 -1.80 28.60
C LEU A 45 0.74 -1.52 27.12
N THR A 46 -0.26 -0.98 26.41
CA THR A 46 -0.20 -0.90 24.95
C THR A 46 0.93 0.00 24.46
N LYS A 47 1.30 1.04 25.24
CA LYS A 47 2.38 1.95 24.88
C LYS A 47 3.73 1.25 24.79
N PHE A 48 3.89 0.07 25.41
CA PHE A 48 5.17 -0.63 25.49
C PHE A 48 5.10 -2.09 25.04
N PHE A 49 3.91 -2.67 24.86
CA PHE A 49 3.77 -4.00 24.25
C PHE A 49 4.32 -3.97 22.81
N ASP A 50 4.25 -2.83 22.15
CA ASP A 50 4.83 -2.62 20.82
C ASP A 50 6.36 -2.72 20.82
N ASP A 51 7.01 -2.47 21.97
CA ASP A 51 8.46 -2.47 22.08
C ASP A 51 8.97 -3.91 22.15
N ALA A 52 9.98 -4.23 21.35
CA ALA A 52 10.49 -5.57 21.11
C ALA A 52 11.12 -6.29 22.32
N LYS A 53 11.30 -5.61 23.47
CA LYS A 53 12.08 -6.12 24.61
C LYS A 53 11.87 -7.60 24.92
N SER A 54 10.60 -8.02 25.03
CA SER A 54 10.24 -9.33 25.55
C SER A 54 8.92 -9.85 24.97
N THR A 55 8.46 -9.35 23.82
CA THR A 55 7.13 -9.62 23.31
C THR A 55 6.68 -11.11 23.33
N PRO A 56 7.48 -12.10 22.94
CA PRO A 56 7.16 -13.52 23.12
C PRO A 56 6.88 -13.93 24.58
N LEU A 57 7.78 -13.65 25.53
CA LEU A 57 7.56 -14.05 26.94
C LEU A 57 6.43 -13.23 27.58
N ARG A 58 6.24 -11.99 27.11
CA ARG A 58 5.16 -11.11 27.54
C ARG A 58 3.79 -11.69 27.17
N LEU A 59 3.70 -12.67 26.27
CA LEU A 59 2.44 -13.28 25.86
C LEU A 59 1.67 -13.89 27.03
N ARG A 60 2.34 -14.28 28.12
CA ARG A 60 1.66 -14.75 29.36
C ARG A 60 0.70 -13.69 29.92
N LEU A 61 1.06 -12.41 29.75
CA LEU A 61 0.27 -11.28 30.24
C LEU A 61 -1.08 -11.30 29.53
N TYR A 62 -1.07 -11.38 28.19
CA TYR A 62 -2.27 -11.53 27.39
C TYR A 62 -3.05 -12.80 27.80
N ASP A 63 -2.34 -13.93 27.97
CA ASP A 63 -2.94 -15.26 28.13
C ASP A 63 -3.96 -15.38 29.26
N ASN A 64 -3.75 -14.70 30.40
CA ASN A 64 -4.61 -14.85 31.56
C ASN A 64 -4.81 -13.56 32.36
N PHE A 65 -3.93 -12.57 32.26
CA PHE A 65 -4.14 -11.31 32.98
C PHE A 65 -5.21 -10.50 32.24
N VAL A 66 -4.98 -10.20 30.95
CA VAL A 66 -5.90 -9.37 30.16
C VAL A 66 -7.27 -10.03 30.04
N SER A 67 -7.33 -11.36 30.02
CA SER A 67 -8.57 -12.14 29.96
C SER A 67 -9.59 -11.78 31.06
N LYS A 68 -9.16 -11.12 32.15
CA LYS A 68 -10.07 -10.72 33.24
C LYS A 68 -10.85 -9.44 32.89
N PHE A 69 -10.45 -8.68 31.85
CA PHE A 69 -11.07 -7.42 31.47
C PHE A 69 -11.08 -7.20 29.94
N TYR A 70 -10.75 -8.23 29.15
CA TYR A 70 -10.79 -8.21 27.69
C TYR A 70 -12.16 -7.84 27.08
N ASP A 71 -13.24 -8.00 27.84
CA ASP A 71 -14.60 -7.58 27.45
C ASP A 71 -14.81 -6.07 27.69
N LYS A 72 -14.02 -5.45 28.57
CA LYS A 72 -14.24 -4.09 29.06
C LYS A 72 -13.42 -3.09 28.26
N ILE A 73 -12.13 -3.36 28.07
CA ILE A 73 -11.25 -2.52 27.27
C ILE A 73 -11.56 -2.71 25.78
N ASN A 74 -10.93 -1.90 24.92
CA ASN A 74 -11.13 -2.02 23.48
C ASN A 74 -10.51 -3.31 22.94
N GLN A 75 -11.22 -3.98 22.03
CA GLN A 75 -10.86 -5.30 21.55
C GLN A 75 -9.58 -5.27 20.71
N LEU A 76 -9.37 -4.26 19.86
CA LEU A 76 -8.15 -4.18 19.07
C LEU A 76 -6.94 -4.04 20.00
N SER A 77 -7.05 -3.42 21.18
CA SER A 77 -5.96 -3.34 22.13
C SER A 77 -5.56 -4.73 22.62
N VAL A 78 -6.51 -5.56 23.05
CA VAL A 78 -6.19 -6.90 23.54
C VAL A 78 -5.65 -7.77 22.39
N VAL A 79 -6.22 -7.70 21.19
CA VAL A 79 -5.74 -8.52 20.08
C VAL A 79 -4.37 -8.01 19.60
N LYS A 80 -4.05 -6.70 19.68
CA LYS A 80 -2.73 -6.15 19.38
C LYS A 80 -1.63 -6.81 20.20
N TYR A 81 -1.92 -7.22 21.44
CA TYR A 81 -0.92 -7.87 22.28
C TYR A 81 -0.57 -9.23 21.69
N LEU A 82 -1.59 -10.06 21.43
CA LEU A 82 -1.43 -11.38 20.84
C LEU A 82 -0.75 -11.28 19.48
N LEU A 83 -1.19 -10.33 18.65
CA LEU A 83 -0.60 -10.04 17.36
C LEU A 83 0.88 -9.77 17.53
N ALA A 84 1.29 -8.88 18.43
CA ALA A 84 2.69 -8.49 18.53
C ALA A 84 3.58 -9.69 18.86
N SER A 85 3.16 -10.57 19.78
CA SER A 85 4.00 -11.71 20.11
C SER A 85 4.07 -12.67 18.92
N LEU A 86 2.97 -12.86 18.18
CA LEU A 86 2.94 -13.82 17.08
C LEU A 86 3.68 -13.30 15.86
N LYS A 87 3.59 -11.99 15.56
CA LYS A 87 4.35 -11.42 14.46
C LYS A 87 5.86 -11.50 14.76
N ASP A 88 6.27 -11.42 16.03
CA ASP A 88 7.68 -11.48 16.40
C ASP A 88 8.19 -12.92 16.53
N SER A 89 7.31 -13.87 16.88
CA SER A 89 7.66 -15.28 17.00
C SER A 89 8.15 -15.85 15.66
N LYS A 90 8.96 -16.90 15.74
CA LYS A 90 9.55 -17.62 14.60
C LYS A 90 8.53 -18.43 13.77
N ASP A 91 7.23 -18.23 13.96
CA ASP A 91 6.17 -19.05 13.39
C ASP A 91 5.00 -18.17 12.99
N PHE A 92 4.27 -18.58 11.94
CA PHE A 92 3.17 -17.82 11.35
C PHE A 92 1.99 -18.76 11.02
N ASP A 93 1.84 -19.87 11.75
CA ASP A 93 0.81 -20.87 11.51
C ASP A 93 -0.02 -21.11 12.76
N GLU A 94 0.60 -21.23 13.94
CA GLU A 94 -0.14 -21.23 15.21
C GLU A 94 -0.91 -19.92 15.33
N SER A 95 -0.33 -18.83 14.81
CA SER A 95 -0.91 -17.51 14.72
C SER A 95 -2.31 -17.53 14.13
N LEU A 96 -2.59 -18.43 13.21
CA LEU A 96 -3.88 -18.47 12.54
C LEU A 96 -4.93 -19.04 13.49
N LYS A 97 -4.61 -20.11 14.22
CA LYS A 97 -5.55 -20.63 15.22
C LYS A 97 -5.73 -19.60 16.33
N TYR A 98 -4.64 -18.96 16.78
CA TYR A 98 -4.71 -18.01 17.86
C TYR A 98 -5.56 -16.78 17.50
N LEU A 99 -5.33 -16.17 16.33
CA LEU A 99 -6.12 -15.02 15.90
C LEU A 99 -7.55 -15.46 15.67
N ASP A 100 -7.78 -16.64 15.08
CA ASP A 100 -9.14 -17.08 14.80
C ASP A 100 -9.92 -17.32 16.09
N ASP A 101 -9.27 -17.93 17.10
CA ASP A 101 -9.90 -18.21 18.38
C ASP A 101 -10.24 -16.92 19.11
N LEU A 102 -9.30 -15.96 19.14
CA LEU A 102 -9.56 -14.70 19.82
C LEU A 102 -10.59 -13.87 19.06
N LYS A 103 -10.60 -13.90 17.71
CA LYS A 103 -11.65 -13.27 16.93
C LYS A 103 -12.99 -13.89 17.32
N ALA A 104 -13.10 -15.22 17.39
CA ALA A 104 -14.35 -15.89 17.70
C ALA A 104 -14.82 -15.53 19.11
N GLN A 105 -13.91 -15.43 20.08
CA GLN A 105 -14.25 -14.96 21.43
C GLN A 105 -14.90 -13.57 21.38
N PHE A 106 -14.47 -12.69 20.49
CA PHE A 106 -15.11 -11.40 20.33
C PHE A 106 -16.37 -11.45 19.49
N GLN A 107 -16.57 -12.45 18.63
CA GLN A 107 -17.88 -12.65 17.99
C GLN A 107 -18.91 -13.04 19.07
N GLU A 108 -18.49 -13.83 20.06
CA GLU A 108 -19.35 -14.30 21.15
C GLU A 108 -19.64 -13.15 22.09
N LEU A 109 -18.60 -12.44 22.56
CA LEU A 109 -18.75 -11.32 23.48
C LEU A 109 -19.46 -10.14 22.80
N ASP A 110 -19.35 -9.99 21.48
CA ASP A 110 -20.14 -9.01 20.74
C ASP A 110 -21.61 -9.41 20.80
N SER A 111 -21.92 -10.65 20.39
CA SER A 111 -23.29 -11.16 20.36
C SER A 111 -23.95 -11.16 21.74
N LYS A 112 -23.16 -11.32 22.82
CA LYS A 112 -23.63 -11.23 24.20
C LYS A 112 -24.21 -9.85 24.53
N LYS A 113 -23.83 -8.78 23.80
CA LYS A 113 -24.17 -7.41 24.19
C LYS A 113 -24.95 -6.66 23.11
N GLN A 114 -24.64 -6.83 21.82
CA GLN A 114 -25.21 -6.04 20.73
C GLN A 114 -25.27 -6.89 19.47
N ARG A 115 -26.38 -6.86 18.72
CA ARG A 115 -26.50 -7.43 17.37
C ARG A 115 -27.53 -6.64 16.57
N ASN A 116 -28.78 -6.60 17.05
CA ASN A 116 -29.85 -5.86 16.38
C ASN A 116 -29.47 -4.38 16.29
N ASN A 117 -29.32 -3.87 15.06
CA ASN A 117 -28.77 -2.54 14.75
C ASN A 117 -27.54 -2.20 15.61
N GLY A 118 -26.66 -3.19 15.80
CA GLY A 118 -25.54 -3.10 16.74
C GLY A 118 -24.35 -3.99 16.38
N SER A 119 -24.49 -4.95 15.47
CA SER A 119 -23.37 -5.79 15.00
C SER A 119 -22.23 -4.94 14.42
N LYS A 120 -22.54 -3.77 13.86
CA LYS A 120 -21.58 -2.85 13.25
C LYS A 120 -20.83 -2.02 14.30
N ASP A 121 -21.20 -2.05 15.58
CA ASP A 121 -20.69 -1.12 16.60
C ASP A 121 -19.17 -1.20 16.75
N HIS A 122 -18.59 -2.40 16.68
CA HIS A 122 -17.15 -2.62 16.56
C HIS A 122 -16.85 -3.87 15.73
N GLY A 123 -17.75 -4.24 14.81
CA GLY A 123 -17.51 -5.33 13.85
C GLY A 123 -16.24 -5.08 13.04
N ASP A 124 -15.92 -3.81 12.77
CA ASP A 124 -14.68 -3.38 12.12
C ASP A 124 -13.42 -3.84 12.88
N GLY A 125 -13.50 -4.10 14.18
CA GLY A 125 -12.37 -4.57 14.97
C GLY A 125 -12.05 -6.01 14.56
N ILE A 126 -13.02 -6.91 14.67
CA ILE A 126 -12.84 -8.30 14.24
C ILE A 126 -12.72 -8.42 12.71
N LEU A 127 -13.17 -7.43 11.93
CA LEU A 127 -12.90 -7.35 10.50
C LEU A 127 -11.40 -7.16 10.27
N LEU A 128 -10.75 -6.27 11.02
CA LEU A 128 -9.31 -6.05 10.92
C LEU A 128 -8.58 -7.32 11.37
N ILE A 129 -9.05 -7.98 12.44
CA ILE A 129 -8.42 -9.21 12.94
C ILE A 129 -8.57 -10.33 11.89
N ASP A 130 -9.72 -10.44 11.22
CA ASP A 130 -9.92 -11.39 10.12
C ASP A 130 -8.96 -11.10 8.98
N SER A 131 -8.73 -9.83 8.70
CA SER A 131 -7.78 -9.38 7.71
C SER A 131 -6.34 -9.71 8.14
N GLU A 132 -6.03 -9.74 9.43
CA GLU A 132 -4.73 -10.19 9.93
C GLU A 132 -4.57 -11.71 9.80
N ILE A 133 -5.63 -12.51 9.96
CA ILE A 133 -5.57 -13.93 9.65
C ILE A 133 -5.23 -14.06 8.16
N ALA A 134 -5.95 -13.36 7.28
CA ALA A 134 -5.70 -13.42 5.84
C ALA A 134 -4.29 -12.96 5.49
N ARG A 135 -3.79 -11.86 6.08
CA ARG A 135 -2.45 -11.35 5.84
C ARG A 135 -1.40 -12.33 6.32
N THR A 136 -1.63 -13.01 7.45
CA THR A 136 -0.70 -14.02 7.93
C THR A 136 -0.74 -15.24 6.99
N TYR A 137 -1.91 -15.61 6.46
CA TYR A 137 -2.06 -16.68 5.47
C TYR A 137 -1.31 -16.34 4.18
N LEU A 138 -1.36 -15.06 3.74
CA LEU A 138 -0.69 -14.57 2.52
C LEU A 138 0.82 -14.84 2.56
N LEU A 139 1.42 -14.87 3.76
CA LEU A 139 2.85 -15.16 3.93
C LEU A 139 3.22 -16.63 3.60
N LYS A 140 2.25 -17.55 3.52
CA LYS A 140 2.53 -18.97 3.23
C LYS A 140 3.05 -19.14 1.80
N ASN A 141 3.74 -20.27 1.58
CA ASN A 141 4.38 -20.61 0.30
C ASN A 141 3.36 -21.02 -0.78
N ASP A 142 2.13 -21.40 -0.42
CA ASP A 142 1.07 -21.72 -1.39
C ASP A 142 0.55 -20.43 -2.02
N LEU A 143 1.29 -19.91 -2.99
CA LEU A 143 1.03 -18.61 -3.61
C LEU A 143 -0.33 -18.57 -4.30
N VAL A 144 -0.85 -19.71 -4.76
CA VAL A 144 -2.13 -19.77 -5.45
C VAL A 144 -3.26 -19.62 -4.43
N LYS A 145 -3.25 -20.40 -3.34
CA LYS A 145 -4.26 -20.26 -2.29
C LYS A 145 -4.15 -18.88 -1.65
N ALA A 146 -2.93 -18.39 -1.44
CA ALA A 146 -2.71 -17.05 -0.91
C ALA A 146 -3.34 -15.99 -1.81
N ARG A 147 -3.16 -16.08 -3.13
CA ARG A 147 -3.78 -15.15 -4.08
C ARG A 147 -5.30 -15.25 -4.00
N ASP A 148 -5.85 -16.46 -3.94
CA ASP A 148 -7.30 -16.66 -3.87
C ASP A 148 -7.89 -16.03 -2.60
N LEU A 149 -7.21 -16.17 -1.47
CA LEU A 149 -7.65 -15.56 -0.21
C LEU A 149 -7.54 -14.04 -0.29
N LEU A 150 -6.47 -13.51 -0.90
CA LEU A 150 -6.31 -12.07 -1.06
C LEU A 150 -7.39 -11.51 -2.00
N ASP A 151 -7.74 -12.24 -3.06
CA ASP A 151 -8.82 -11.87 -3.98
C ASP A 151 -10.18 -11.85 -3.27
N ASP A 152 -10.43 -12.78 -2.35
CA ASP A 152 -11.66 -12.76 -1.57
C ASP A 152 -11.66 -11.56 -0.60
N LEU A 153 -10.53 -11.29 0.05
CA LEU A 153 -10.38 -10.15 0.95
C LEU A 153 -10.57 -8.82 0.20
N GLU A 154 -10.18 -8.75 -1.08
CA GLU A 154 -10.39 -7.57 -1.93
C GLU A 154 -11.86 -7.19 -1.98
N LYS A 155 -12.79 -8.16 -1.91
CA LYS A 155 -14.22 -7.85 -2.00
C LYS A 155 -14.71 -7.06 -0.79
N THR A 156 -13.94 -6.99 0.30
CA THR A 156 -14.20 -6.09 1.42
C THR A 156 -14.02 -4.61 1.02
N LEU A 157 -13.25 -4.33 -0.05
CA LEU A 157 -12.82 -2.98 -0.45
C LEU A 157 -13.21 -2.65 -1.90
N ASP A 158 -13.71 -3.63 -2.66
CA ASP A 158 -14.20 -3.45 -4.03
C ASP A 158 -15.29 -2.37 -4.15
N LYS A 159 -16.00 -2.11 -3.03
CA LYS A 159 -16.92 -1.00 -2.86
C LYS A 159 -16.64 -0.45 -1.46
N LYS A 160 -16.78 0.87 -1.28
CA LYS A 160 -16.57 1.51 0.03
C LYS A 160 -17.56 0.96 1.05
N ASP A 161 -17.17 1.03 2.32
CA ASP A 161 -17.98 0.73 3.49
C ASP A 161 -17.41 1.57 4.65
N SER A 162 -18.13 1.68 5.77
CA SER A 162 -17.82 2.54 6.92
C SER A 162 -16.54 2.15 7.70
N ILE A 163 -15.70 1.25 7.17
CA ILE A 163 -14.44 0.86 7.77
C ILE A 163 -13.46 2.05 7.84
N PRO A 164 -12.48 2.05 8.77
CA PRO A 164 -11.40 3.02 8.76
C PRO A 164 -10.44 2.69 7.61
N LEU A 165 -9.74 3.69 7.07
CA LEU A 165 -8.79 3.48 5.96
C LEU A 165 -7.59 2.59 6.32
N ARG A 166 -7.44 2.18 7.59
CA ARG A 166 -6.41 1.24 8.01
C ARG A 166 -6.51 -0.06 7.23
N ILE A 167 -7.70 -0.62 7.03
CA ILE A 167 -7.82 -1.86 6.26
C ILE A 167 -7.40 -1.61 4.81
N THR A 168 -7.74 -0.46 4.22
CA THR A 168 -7.39 -0.15 2.85
C THR A 168 -5.86 -0.09 2.69
N ASN A 169 -5.15 0.63 3.57
CA ASN A 169 -3.70 0.66 3.53
C ASN A 169 -3.10 -0.72 3.81
N SER A 170 -3.65 -1.47 4.76
CA SER A 170 -3.17 -2.81 5.08
C SER A 170 -3.33 -3.75 3.88
N PHE A 171 -4.45 -3.66 3.15
CA PHE A 171 -4.71 -4.50 1.99
C PHE A 171 -3.67 -4.23 0.91
N TYR A 172 -3.40 -2.96 0.60
CA TYR A 172 -2.46 -2.65 -0.47
C TYR A 172 -1.01 -2.82 -0.03
N SER A 173 -0.73 -2.76 1.27
CA SER A 173 0.57 -3.17 1.80
C SER A 173 0.70 -4.69 1.60
N THR A 174 -0.39 -5.44 1.76
CA THR A 174 -0.42 -6.87 1.50
C THR A 174 -0.28 -7.17 -0.01
N ASN A 175 -0.84 -6.35 -0.92
CA ASN A 175 -0.56 -6.44 -2.36
C ASN A 175 0.94 -6.33 -2.61
N SER A 176 1.58 -5.36 -1.95
CA SER A 176 3.01 -5.12 -2.08
C SER A 176 3.84 -6.27 -1.46
N GLN A 177 3.34 -6.90 -0.39
CA GLN A 177 3.99 -7.99 0.33
C GLN A 177 3.92 -9.32 -0.44
N TYR A 178 3.01 -9.47 -1.42
CA TYR A 178 2.88 -10.71 -2.18
C TYR A 178 4.21 -11.04 -2.87
N PHE A 179 4.57 -12.33 -2.90
CA PHE A 179 5.89 -12.81 -3.31
C PHE A 179 6.26 -12.45 -4.76
N LYS A 180 5.28 -12.11 -5.62
CA LYS A 180 5.56 -11.52 -6.93
C LYS A 180 5.85 -10.04 -6.67
N PHE A 181 6.95 -9.74 -5.96
CA PHE A 181 7.27 -8.41 -5.44
C PHE A 181 7.32 -7.34 -6.53
N LYS A 182 7.71 -7.72 -7.76
CA LYS A 182 7.71 -6.80 -8.91
C LYS A 182 6.31 -6.25 -9.25
N ASN A 183 5.24 -6.90 -8.75
CA ASN A 183 3.83 -6.53 -8.89
C ASN A 183 3.55 -6.01 -10.31
N ASP A 184 2.89 -4.87 -10.46
CA ASP A 184 2.77 -4.16 -11.74
C ASP A 184 2.64 -2.69 -11.40
N PHE A 185 3.43 -1.83 -12.04
CA PHE A 185 3.41 -0.39 -11.78
C PHE A 185 2.07 0.24 -12.15
N ASN A 186 1.43 -0.20 -13.24
CA ASN A 186 0.13 0.35 -13.65
C ASN A 186 -0.93 0.05 -12.57
N SER A 187 -0.88 -1.17 -12.04
CA SER A 187 -1.66 -1.61 -10.89
C SER A 187 -1.30 -0.83 -9.63
N PHE A 188 -0.03 -0.48 -9.43
CA PHE A 188 0.41 0.28 -8.27
C PHE A 188 -0.11 1.72 -8.33
N TYR A 189 -0.11 2.32 -9.52
CA TYR A 189 -0.69 3.63 -9.77
C TYR A 189 -2.18 3.60 -9.42
N TYR A 190 -2.92 2.60 -9.91
CA TYR A 190 -4.33 2.42 -9.56
C TYR A 190 -4.50 2.24 -8.04
N THR A 191 -3.64 1.44 -7.41
CA THR A 191 -3.65 1.19 -5.97
C THR A 191 -3.52 2.50 -5.20
N SER A 192 -2.56 3.36 -5.54
CA SER A 192 -2.38 4.62 -4.84
C SER A 192 -3.51 5.59 -5.17
N LEU A 193 -4.09 5.58 -6.39
CA LEU A 193 -5.28 6.39 -6.68
C LEU A 193 -6.48 5.93 -5.84
N LEU A 194 -6.66 4.62 -5.63
CA LEU A 194 -7.72 4.09 -4.76
C LEU A 194 -7.52 4.61 -3.34
N TYR A 195 -6.30 4.54 -2.82
CA TYR A 195 -6.03 5.05 -1.48
C TYR A 195 -6.22 6.57 -1.41
N LEU A 196 -5.90 7.34 -2.46
CA LEU A 196 -6.17 8.77 -2.47
C LEU A 196 -7.67 9.05 -2.53
N SER A 197 -8.43 8.20 -3.22
CA SER A 197 -9.88 8.24 -3.25
C SER A 197 -10.49 7.89 -1.87
N THR A 198 -9.70 7.34 -0.94
CA THR A 198 -10.10 6.95 0.39
C THR A 198 -9.59 7.98 1.43
N LEU A 199 -8.54 8.73 1.10
CA LEU A 199 -7.97 9.81 1.92
C LEU A 199 -9.00 10.91 2.18
N GLU A 200 -8.71 11.73 3.19
CA GLU A 200 -9.47 12.93 3.57
C GLU A 200 -8.44 14.00 4.01
N PRO A 201 -8.80 15.29 4.12
CA PRO A 201 -7.91 16.32 4.65
C PRO A 201 -7.39 16.07 6.08
N SER A 202 -7.99 15.12 6.81
CA SER A 202 -7.76 14.86 8.22
C SER A 202 -6.29 14.59 8.57
N THR A 203 -5.88 14.95 9.78
CA THR A 203 -4.55 14.72 10.35
C THR A 203 -4.28 13.24 10.64
N SER A 204 -5.24 12.34 10.38
CA SER A 204 -5.12 10.90 10.44
C SER A 204 -3.96 10.38 9.56
N ILE A 205 -3.59 11.13 8.52
CA ILE A 205 -2.41 10.94 7.69
C ILE A 205 -1.68 12.29 7.70
N THR A 206 -0.39 12.27 7.43
CA THR A 206 0.48 13.44 7.57
C THR A 206 0.72 14.09 6.20
N LEU A 207 1.31 15.29 6.18
CA LEU A 207 1.76 15.89 4.92
C LEU A 207 2.91 15.06 4.36
N ALA A 208 3.79 14.51 5.21
CA ALA A 208 4.91 13.67 4.76
C ALA A 208 4.41 12.43 4.03
N GLU A 209 3.39 11.75 4.57
CA GLU A 209 2.80 10.59 3.90
C GLU A 209 2.16 11.00 2.57
N ARG A 210 1.48 12.15 2.52
CA ARG A 210 0.92 12.65 1.26
C ARG A 210 2.02 12.95 0.24
N GLN A 211 3.14 13.56 0.65
CA GLN A 211 4.27 13.78 -0.25
C GLN A 211 4.77 12.45 -0.82
N GLN A 212 4.94 11.44 0.02
CA GLN A 212 5.39 10.13 -0.42
C GLN A 212 4.35 9.46 -1.33
N LEU A 213 3.05 9.64 -1.11
CA LEU A 213 2.00 9.12 -1.99
C LEU A 213 2.02 9.83 -3.36
N ALA A 214 2.23 11.14 -3.38
CA ALA A 214 2.38 11.90 -4.63
C ALA A 214 3.59 11.39 -5.42
N TYR A 215 4.72 11.20 -4.74
CA TYR A 215 5.94 10.68 -5.35
C TYR A 215 5.74 9.25 -5.84
N ASP A 216 5.10 8.39 -5.04
CA ASP A 216 4.79 7.01 -5.43
C ASP A 216 3.92 6.95 -6.68
N LEU A 217 2.90 7.81 -6.77
CA LEU A 217 2.06 7.93 -7.96
C LEU A 217 2.88 8.39 -9.16
N SER A 218 3.80 9.32 -8.95
CA SER A 218 4.69 9.80 -9.98
C SER A 218 5.56 8.67 -10.52
N ILE A 219 6.19 7.89 -9.63
CA ILE A 219 7.06 6.78 -10.02
C ILE A 219 6.22 5.71 -10.72
N SER A 220 5.07 5.31 -10.17
CA SER A 220 4.26 4.26 -10.78
C SER A 220 3.71 4.68 -12.15
N ALA A 221 3.40 5.97 -12.35
CA ALA A 221 3.05 6.47 -13.67
C ALA A 221 4.26 6.43 -14.60
N LEU A 222 5.41 6.96 -14.16
CA LEU A 222 6.62 7.13 -14.97
C LEU A 222 7.15 5.77 -15.46
N LEU A 223 7.26 4.79 -14.55
CA LEU A 223 7.71 3.44 -14.83
C LEU A 223 6.57 2.54 -15.33
N GLY A 224 5.34 3.04 -15.45
CA GLY A 224 4.19 2.27 -15.87
C GLY A 224 4.36 1.87 -17.31
N ASP A 225 4.41 0.56 -17.56
CA ASP A 225 4.59 0.00 -18.90
C ASP A 225 3.52 0.51 -19.86
N LYS A 226 2.28 0.65 -19.38
CA LYS A 226 1.12 0.99 -20.21
C LYS A 226 0.55 2.38 -19.86
N ILE A 227 0.96 2.99 -18.75
CA ILE A 227 0.64 4.37 -18.47
C ILE A 227 1.29 5.22 -19.57
N TYR A 228 0.63 6.31 -19.97
CA TYR A 228 1.20 7.34 -20.82
C TYR A 228 0.51 8.66 -20.47
N ASN A 229 -0.83 8.63 -20.38
CA ASN A 229 -1.65 9.71 -19.87
C ASN A 229 -1.51 9.72 -18.36
N PHE A 230 -1.23 10.90 -17.78
CA PHE A 230 -1.20 11.10 -16.33
C PHE A 230 -2.61 11.06 -15.71
N GLY A 231 -3.65 11.20 -16.54
CA GLY A 231 -5.06 11.05 -16.22
C GLY A 231 -5.57 12.31 -15.54
N GLU A 232 -5.04 12.56 -14.35
CA GLU A 232 -5.34 13.68 -13.48
C GLU A 232 -4.15 14.07 -12.60
N LEU A 233 -3.13 13.20 -12.44
CA LEU A 233 -2.06 13.37 -11.46
C LEU A 233 -1.44 14.77 -11.45
N LEU A 234 -1.01 15.31 -12.61
CA LEU A 234 -0.34 16.61 -12.65
C LEU A 234 -1.24 17.75 -12.19
N HIS A 235 -2.58 17.62 -12.32
CA HIS A 235 -3.54 18.62 -11.92
C HIS A 235 -3.98 18.41 -10.46
N HIS A 236 -3.97 17.16 -9.98
CA HIS A 236 -4.48 16.78 -8.67
C HIS A 236 -3.69 17.50 -7.56
N PRO A 237 -4.35 18.15 -6.58
CA PRO A 237 -3.69 19.02 -5.60
C PRO A 237 -2.74 18.27 -4.66
N ILE A 238 -2.81 16.94 -4.60
CA ILE A 238 -1.88 16.13 -3.83
C ILE A 238 -0.42 16.42 -4.27
N MET A 239 -0.20 16.67 -5.58
CA MET A 239 1.11 16.99 -6.11
C MET A 239 1.64 18.33 -5.60
N GLU A 240 0.78 19.24 -5.14
CA GLU A 240 1.23 20.57 -4.71
C GLU A 240 2.12 20.46 -3.47
N THR A 241 2.05 19.32 -2.77
CA THR A 241 2.90 19.00 -1.64
C THR A 241 4.36 18.76 -2.05
N ILE A 242 4.67 18.49 -3.34
CA ILE A 242 6.02 18.08 -3.75
C ILE A 242 6.57 18.93 -4.89
N VAL A 243 5.74 19.39 -5.83
CA VAL A 243 6.22 20.18 -6.97
C VAL A 243 6.92 21.48 -6.52
N ASN A 244 6.56 21.96 -5.31
CA ASN A 244 7.01 23.23 -4.77
C ASN A 244 8.33 23.12 -4.00
N ASP A 245 8.95 21.93 -3.92
CA ASP A 245 10.09 21.67 -3.04
C ASP A 245 11.22 20.98 -3.81
N SER A 246 12.45 21.47 -3.62
CA SER A 246 13.65 21.01 -4.31
C SER A 246 13.91 19.51 -4.18
N ASN A 247 13.42 18.85 -3.12
CA ASN A 247 13.56 17.41 -2.93
C ASN A 247 12.84 16.61 -4.02
N TYR A 248 11.87 17.21 -4.72
CA TYR A 248 11.06 16.53 -5.73
C TYR A 248 10.91 17.37 -7.01
N ASP A 249 11.38 18.63 -7.05
CA ASP A 249 11.24 19.49 -8.23
C ASP A 249 11.87 18.89 -9.47
N TRP A 250 12.97 18.14 -9.31
CA TRP A 250 13.62 17.41 -10.40
C TRP A 250 12.66 16.40 -11.04
N LEU A 251 11.92 15.67 -10.20
CA LEU A 251 10.93 14.69 -10.62
C LEU A 251 9.78 15.40 -11.32
N PHE A 252 9.32 16.54 -10.77
CA PHE A 252 8.28 17.32 -11.38
C PHE A 252 8.68 17.76 -12.79
N GLN A 253 9.89 18.30 -12.94
CA GLN A 253 10.40 18.71 -14.23
C GLN A 253 10.52 17.52 -15.19
N LEU A 254 10.93 16.34 -14.69
CA LEU A 254 11.02 15.15 -15.52
C LEU A 254 9.63 14.74 -16.04
N LEU A 255 8.61 14.69 -15.17
CA LEU A 255 7.25 14.38 -15.58
C LEU A 255 6.77 15.40 -16.61
N ASN A 256 6.98 16.69 -16.32
CA ASN A 256 6.55 17.80 -17.16
C ASN A 256 7.16 17.66 -18.55
N ALA A 257 8.49 17.53 -18.65
CA ALA A 257 9.20 17.43 -19.92
C ALA A 257 8.68 16.27 -20.75
N LEU A 258 8.50 15.12 -20.11
CA LEU A 258 7.99 13.91 -20.75
C LEU A 258 6.57 14.16 -21.26
N THR A 259 5.72 14.80 -20.47
CA THR A 259 4.32 15.03 -20.79
C THR A 259 4.19 15.91 -22.03
N VAL A 260 5.09 16.89 -22.20
CA VAL A 260 5.04 17.83 -23.33
C VAL A 260 5.92 17.35 -24.50
N GLY A 261 6.61 16.21 -24.35
CA GLY A 261 7.48 15.63 -25.38
C GLY A 261 8.74 16.46 -25.60
N ASP A 262 9.19 17.24 -24.62
CA ASP A 262 10.42 18.01 -24.69
C ASP A 262 11.58 17.08 -24.41
N PHE A 263 11.99 16.34 -25.44
CA PHE A 263 13.07 15.37 -25.38
C PHE A 263 14.38 15.98 -24.90
N ASP A 264 14.65 17.25 -25.20
CA ASP A 264 15.88 17.92 -24.78
C ASP A 264 15.89 18.20 -23.28
N LYS A 265 14.79 18.72 -22.71
CA LYS A 265 14.68 18.89 -21.26
C LYS A 265 14.72 17.52 -20.59
N PHE A 266 13.95 16.56 -21.11
CA PHE A 266 13.91 15.20 -20.58
C PHE A 266 15.33 14.65 -20.56
N ASP A 267 16.06 14.68 -21.67
CA ASP A 267 17.43 14.16 -21.79
C ASP A 267 18.36 14.85 -20.79
N SER A 268 18.22 16.15 -20.58
CA SER A 268 19.02 16.91 -19.62
C SER A 268 18.84 16.38 -18.20
N LEU A 269 17.60 16.06 -17.79
CA LEU A 269 17.34 15.53 -16.46
C LEU A 269 17.75 14.07 -16.39
N ILE A 270 17.49 13.30 -17.44
CA ILE A 270 17.84 11.89 -17.55
C ILE A 270 19.36 11.71 -17.37
N LYS A 271 20.18 12.60 -17.94
CA LYS A 271 21.64 12.58 -17.83
C LYS A 271 22.16 12.71 -16.40
N VAL A 272 21.32 13.02 -15.41
CA VAL A 272 21.74 13.29 -14.03
C VAL A 272 20.90 12.47 -13.06
N GLN A 273 19.58 12.56 -13.15
CA GLN A 273 18.67 12.01 -12.14
C GLN A 273 18.55 10.49 -12.25
N ILE A 274 18.79 9.90 -13.42
CA ILE A 274 18.88 8.46 -13.52
C ILE A 274 20.04 7.97 -12.66
N SER A 275 21.22 8.57 -12.81
CA SER A 275 22.43 8.13 -12.12
C SER A 275 22.28 8.21 -10.60
N LYS A 276 21.52 9.19 -10.10
CA LYS A 276 21.29 9.37 -8.66
C LYS A 276 20.37 8.32 -8.06
N ILE A 277 19.53 7.62 -8.83
CA ILE A 277 18.48 6.77 -8.28
C ILE A 277 18.56 5.35 -8.90
N PRO A 278 18.80 4.30 -8.10
CA PRO A 278 19.06 2.95 -8.63
C PRO A 278 17.84 2.32 -9.33
N ILE A 279 16.62 2.58 -8.85
CA ILE A 279 15.41 2.11 -9.53
C ILE A 279 15.30 2.75 -10.91
N LEU A 280 15.57 4.06 -11.03
CA LEU A 280 15.46 4.72 -12.33
C LEU A 280 16.51 4.20 -13.30
N ALA A 281 17.72 3.90 -12.83
CA ALA A 281 18.76 3.31 -13.67
C ALA A 281 18.33 1.97 -14.27
N GLN A 282 17.52 1.18 -13.55
CA GLN A 282 16.98 -0.08 -14.04
C GLN A 282 15.90 0.12 -15.12
N HIS A 283 15.16 1.23 -15.08
CA HIS A 283 13.99 1.47 -15.93
C HIS A 283 14.21 2.49 -17.07
N GLU A 284 15.38 3.14 -17.14
CA GLU A 284 15.68 4.23 -18.08
C GLU A 284 15.22 3.95 -19.51
N SER A 285 15.44 2.73 -20.01
CA SER A 285 15.11 2.37 -21.38
C SER A 285 13.60 2.35 -21.65
N PHE A 286 12.75 2.19 -20.63
CA PHE A 286 11.32 2.32 -20.78
C PHE A 286 10.96 3.80 -20.91
N LEU A 287 11.53 4.68 -20.08
CA LEU A 287 11.22 6.11 -20.09
C LEU A 287 11.53 6.72 -21.46
N ARG A 288 12.70 6.38 -22.04
CA ARG A 288 13.11 6.95 -23.33
C ARG A 288 12.21 6.51 -24.48
N GLN A 289 11.63 5.31 -24.39
CA GLN A 289 10.59 4.91 -25.32
C GLN A 289 9.27 5.60 -24.99
N LYS A 290 8.92 5.73 -23.71
CA LYS A 290 7.64 6.29 -23.28
C LYS A 290 7.46 7.72 -23.73
N ILE A 291 8.50 8.56 -23.66
CA ILE A 291 8.39 9.91 -24.22
C ILE A 291 8.06 9.87 -25.72
N CYS A 292 8.56 8.88 -26.45
CA CYS A 292 8.40 8.82 -27.90
C CYS A 292 7.01 8.30 -28.24
N LEU A 293 6.59 7.23 -27.55
CA LEU A 293 5.23 6.67 -27.60
C LEU A 293 4.26 7.81 -27.31
N MET A 294 4.39 8.46 -26.15
CA MET A 294 3.44 9.45 -25.68
C MET A 294 3.35 10.65 -26.61
N THR A 295 4.47 11.12 -27.16
CA THR A 295 4.44 12.26 -28.07
C THR A 295 3.58 11.93 -29.29
N LEU A 296 3.76 10.74 -29.86
CA LEU A 296 3.00 10.31 -31.01
C LEU A 296 1.53 10.16 -30.63
N ILE A 297 1.23 9.47 -29.52
CA ILE A 297 -0.15 9.22 -29.09
C ILE A 297 -0.87 10.55 -28.86
N GLU A 298 -0.22 11.49 -28.17
CA GLU A 298 -0.78 12.80 -27.87
C GLU A 298 -1.05 13.56 -29.18
N THR A 299 -0.12 13.52 -30.14
CA THR A 299 -0.30 14.13 -31.44
C THR A 299 -1.54 13.54 -32.12
N VAL A 300 -1.67 12.22 -32.16
CA VAL A 300 -2.79 11.57 -32.82
C VAL A 300 -4.11 11.95 -32.13
N PHE A 301 -4.14 11.96 -30.80
CA PHE A 301 -5.34 12.28 -30.03
C PHE A 301 -5.75 13.74 -30.22
N VAL A 302 -4.84 14.69 -29.95
CA VAL A 302 -5.15 16.12 -29.98
C VAL A 302 -5.55 16.53 -31.39
N LYS A 303 -4.79 16.12 -32.42
CA LYS A 303 -5.04 16.50 -33.80
C LYS A 303 -6.12 15.63 -34.46
N ASN A 304 -6.72 14.68 -33.71
CA ASN A 304 -7.71 13.71 -34.17
C ASN A 304 -7.34 13.08 -35.52
N ILE A 305 -6.09 12.63 -35.64
CA ILE A 305 -5.50 12.08 -36.85
C ILE A 305 -6.04 10.68 -37.11
N ARG A 306 -5.92 10.23 -38.36
CA ARG A 306 -6.16 8.85 -38.77
C ARG A 306 -5.02 8.28 -39.63
N MET A 307 -4.15 9.10 -40.22
CA MET A 307 -3.07 8.64 -41.07
C MET A 307 -1.86 9.56 -40.93
N LEU A 308 -0.65 9.01 -40.92
CA LEU A 308 0.62 9.74 -40.78
C LEU A 308 1.70 9.01 -41.57
N SER A 309 2.74 9.72 -41.97
CA SER A 309 3.92 9.14 -42.61
C SER A 309 4.95 8.78 -41.54
N PHE A 310 5.85 7.84 -41.86
CA PHE A 310 7.00 7.58 -41.01
C PHE A 310 7.84 8.85 -40.86
N GLU A 311 7.90 9.69 -41.89
CA GLU A 311 8.70 10.90 -41.89
C GLU A 311 8.19 11.89 -40.84
N ASP A 312 6.88 12.14 -40.80
CA ASP A 312 6.33 13.10 -39.84
C ASP A 312 6.49 12.59 -38.42
N ILE A 313 6.25 11.29 -38.20
CA ILE A 313 6.47 10.66 -36.91
C ILE A 313 7.96 10.73 -36.55
N SER A 314 8.88 10.59 -37.51
CA SER A 314 10.32 10.72 -37.27
C SER A 314 10.63 12.11 -36.72
N LYS A 315 9.98 13.17 -37.24
CA LYS A 315 10.18 14.52 -36.72
C LYS A 315 9.69 14.60 -35.27
N ALA A 316 8.49 14.08 -35.02
CA ALA A 316 7.80 14.21 -33.75
C ALA A 316 8.52 13.44 -32.64
N THR A 317 8.90 12.20 -32.92
CA THR A 317 9.54 11.30 -31.96
C THR A 317 11.04 11.61 -31.82
N HIS A 318 11.63 12.23 -32.85
CA HIS A 318 13.05 12.42 -33.01
C HIS A 318 13.80 11.07 -33.08
N LEU A 319 13.13 10.03 -33.59
CA LEU A 319 13.70 8.72 -33.91
C LEU A 319 13.81 8.61 -35.43
N PRO A 320 14.77 7.87 -35.99
CA PRO A 320 14.88 7.69 -37.44
C PRO A 320 13.69 6.89 -37.96
N LYS A 321 13.30 7.11 -39.22
CA LYS A 321 12.23 6.38 -39.89
C LYS A 321 12.42 4.86 -39.78
N ASP A 322 13.68 4.40 -39.73
CA ASP A 322 14.05 3.00 -39.58
C ASP A 322 13.50 2.37 -38.29
N ASN A 323 13.23 3.17 -37.25
CA ASN A 323 12.82 2.71 -35.93
C ASN A 323 11.42 3.23 -35.55
N VAL A 324 10.86 4.15 -36.34
CA VAL A 324 9.52 4.69 -36.15
C VAL A 324 8.47 3.58 -36.12
N GLU A 325 8.57 2.59 -37.01
CA GLU A 325 7.64 1.46 -37.01
C GLU A 325 7.71 0.76 -35.65
N HIS A 326 8.93 0.45 -35.18
CA HIS A 326 9.10 -0.33 -33.97
C HIS A 326 8.55 0.43 -32.76
N LEU A 327 8.61 1.76 -32.77
CA LEU A 327 8.01 2.60 -31.75
C LEU A 327 6.48 2.44 -31.79
N VAL A 328 5.83 2.74 -32.92
CA VAL A 328 4.37 2.75 -32.94
C VAL A 328 3.79 1.35 -32.83
N MET A 329 4.48 0.32 -33.34
CA MET A 329 4.00 -1.06 -33.26
C MET A 329 3.99 -1.54 -31.81
N ARG A 330 4.89 -1.04 -30.95
CA ARG A 330 4.81 -1.30 -29.52
C ARG A 330 3.53 -0.71 -28.95
N ALA A 331 3.18 0.54 -29.31
CA ALA A 331 1.96 1.17 -28.84
C ALA A 331 0.73 0.33 -29.20
N ILE A 332 0.67 -0.16 -30.44
CA ILE A 332 -0.40 -1.02 -30.93
C ILE A 332 -0.40 -2.34 -30.15
N SER A 333 0.77 -2.94 -29.94
CA SER A 333 0.92 -4.23 -29.26
C SER A 333 0.49 -4.14 -27.79
N LEU A 334 0.76 -3.02 -27.12
CA LEU A 334 0.32 -2.75 -25.76
C LEU A 334 -1.21 -2.58 -25.68
N GLY A 335 -1.89 -2.36 -26.81
CA GLY A 335 -3.32 -2.11 -26.85
C GLY A 335 -3.64 -0.64 -26.54
N LEU A 336 -2.69 0.27 -26.71
CA LEU A 336 -2.92 1.70 -26.47
C LEU A 336 -3.80 2.30 -27.57
N LEU A 337 -3.75 1.74 -28.78
CA LEU A 337 -4.37 2.34 -29.94
C LEU A 337 -4.47 1.26 -31.02
N LYS A 338 -5.51 1.34 -31.83
CA LYS A 338 -5.79 0.37 -32.87
C LYS A 338 -5.30 0.97 -34.16
N GLY A 339 -4.35 0.32 -34.82
CA GLY A 339 -3.90 0.74 -36.14
C GLY A 339 -3.09 -0.33 -36.87
N SER A 340 -2.63 0.03 -38.06
CA SER A 340 -1.89 -0.82 -38.99
C SER A 340 -0.86 0.04 -39.73
N ILE A 341 0.29 -0.55 -40.04
CA ILE A 341 1.40 0.07 -40.75
C ILE A 341 1.34 -0.44 -42.20
N ASP A 342 1.82 0.37 -43.14
CA ASP A 342 2.05 0.00 -44.53
C ASP A 342 3.48 0.42 -44.83
N GLN A 343 4.40 -0.53 -44.61
CA GLN A 343 5.83 -0.28 -44.66
C GLN A 343 6.29 0.16 -46.06
N VAL A 344 5.64 -0.36 -47.12
CA VAL A 344 5.97 -0.03 -48.50
C VAL A 344 5.76 1.48 -48.73
N ASN A 345 4.64 2.01 -48.24
CA ASN A 345 4.30 3.43 -48.36
C ASN A 345 4.99 4.27 -47.27
N GLU A 346 5.72 3.64 -46.34
CA GLU A 346 6.26 4.25 -45.12
C GLU A 346 5.15 5.06 -44.42
N LEU A 347 4.02 4.40 -44.16
CA LEU A 347 2.77 5.00 -43.73
C LEU A 347 2.21 4.27 -42.51
N VAL A 348 1.42 4.97 -41.72
CA VAL A 348 0.72 4.47 -40.54
C VAL A 348 -0.73 4.92 -40.68
N THR A 349 -1.67 4.06 -40.28
CA THR A 349 -3.08 4.35 -40.20
C THR A 349 -3.57 3.92 -38.83
N ILE A 350 -4.01 4.87 -38.01
CA ILE A 350 -4.56 4.65 -36.67
C ILE A 350 -6.06 4.91 -36.73
N SER A 351 -6.87 4.22 -35.91
CA SER A 351 -8.32 4.35 -35.95
C SER A 351 -9.01 4.48 -34.59
N TRP A 352 -8.34 4.17 -33.47
CA TRP A 352 -8.85 4.45 -32.12
C TRP A 352 -7.66 4.51 -31.17
N VAL A 353 -7.85 5.09 -29.98
CA VAL A 353 -6.84 5.25 -28.94
C VAL A 353 -7.55 5.09 -27.59
N GLN A 354 -6.86 4.48 -26.62
CA GLN A 354 -7.38 4.02 -25.34
C GLN A 354 -6.50 4.57 -24.21
N PRO A 355 -6.84 5.73 -23.61
CA PRO A 355 -6.17 6.22 -22.41
C PRO A 355 -6.47 5.30 -21.21
N ARG A 356 -5.57 5.29 -20.23
CA ARG A 356 -5.80 4.64 -18.95
C ARG A 356 -6.93 5.37 -18.23
N MET A 1 -10.76 -9.81 46.61
CA MET A 1 -9.59 -8.92 46.81
C MET A 1 -8.34 -9.58 46.23
N PHE A 2 -7.38 -8.76 45.77
CA PHE A 2 -6.22 -9.18 44.98
C PHE A 2 -5.41 -10.32 45.61
N ASN A 3 -5.31 -10.37 46.94
CA ASN A 3 -4.58 -11.43 47.63
C ASN A 3 -5.25 -12.81 47.46
N ASN A 4 -6.59 -12.84 47.39
CA ASN A 4 -7.35 -14.07 47.18
C ASN A 4 -7.47 -14.41 45.69
N HIS A 5 -7.40 -13.40 44.81
CA HIS A 5 -7.33 -13.62 43.37
C HIS A 5 -6.05 -14.41 43.04
N GLU A 6 -5.97 -14.96 41.83
CA GLU A 6 -4.79 -15.65 41.31
C GLU A 6 -3.59 -14.69 41.13
N ILE A 7 -3.80 -13.38 41.31
CA ILE A 7 -2.81 -12.36 40.99
C ILE A 7 -1.53 -12.58 41.80
N ASP A 8 -1.67 -12.99 43.07
CA ASP A 8 -0.52 -13.33 43.92
C ASP A 8 0.30 -14.47 43.33
N THR A 9 -0.35 -15.43 42.67
CA THR A 9 0.29 -16.60 42.09
C THR A 9 0.98 -16.20 40.76
N ILE A 10 0.25 -15.55 39.86
CA ILE A 10 0.72 -15.31 38.51
C ILE A 10 1.84 -14.28 38.56
N LEU A 11 1.66 -13.17 39.28
CA LEU A 11 2.60 -12.06 39.28
C LEU A 11 3.93 -12.50 39.87
N SER A 12 3.89 -13.26 40.96
CA SER A 12 5.09 -13.85 41.55
C SER A 12 5.79 -14.74 40.53
N THR A 13 5.06 -15.61 39.82
CA THR A 13 5.66 -16.46 38.80
C THR A 13 6.30 -15.62 37.71
N LEU A 14 5.63 -14.59 37.20
CA LEU A 14 6.18 -13.74 36.17
C LEU A 14 7.45 -13.05 36.68
N ARG A 15 7.52 -12.61 37.94
CA ARG A 15 8.77 -12.07 38.50
C ARG A 15 9.88 -13.14 38.56
N MET A 16 9.56 -14.42 38.73
CA MET A 16 10.59 -15.47 38.74
C MET A 16 11.08 -15.77 37.32
N GLU A 17 10.17 -15.81 36.36
CA GLU A 17 10.49 -16.01 34.95
C GLU A 17 11.28 -14.83 34.40
N ALA A 18 10.89 -13.62 34.79
CA ALA A 18 11.43 -12.34 34.33
C ALA A 18 12.93 -12.24 34.57
N ASP A 19 13.61 -11.72 33.55
CA ASP A 19 14.99 -11.28 33.66
C ASP A 19 15.02 -10.01 34.53
N PRO A 20 15.97 -9.83 35.45
CA PRO A 20 16.00 -8.68 36.37
C PRO A 20 15.82 -7.30 35.74
N SER A 21 16.22 -7.11 34.47
CA SER A 21 16.08 -5.83 33.78
C SER A 21 14.61 -5.36 33.71
N LEU A 22 13.66 -6.31 33.72
CA LEU A 22 12.23 -6.03 33.59
C LEU A 22 11.62 -5.58 34.93
N HIS A 23 12.24 -5.94 36.07
CA HIS A 23 11.63 -5.77 37.39
C HIS A 23 11.26 -4.31 37.73
N PRO A 24 12.14 -3.29 37.58
CA PRO A 24 11.80 -1.93 37.99
C PRO A 24 10.56 -1.38 37.27
N LEU A 25 10.43 -1.72 35.98
CA LEU A 25 9.30 -1.32 35.14
C LEU A 25 8.02 -2.01 35.61
N PHE A 26 8.10 -3.27 36.01
CA PHE A 26 6.96 -4.12 36.28
C PHE A 26 6.29 -3.80 37.63
N GLU A 27 6.89 -2.95 38.46
CA GLU A 27 6.25 -2.43 39.66
C GLU A 27 5.06 -1.54 39.30
N GLN A 28 5.13 -0.80 38.17
CA GLN A 28 4.04 0.08 37.75
C GLN A 28 2.83 -0.74 37.32
N PHE A 29 3.05 -1.87 36.64
CA PHE A 29 1.98 -2.78 36.25
C PHE A 29 1.24 -3.29 37.50
N GLU A 30 1.99 -3.75 38.50
CA GLU A 30 1.44 -4.22 39.77
C GLU A 30 0.59 -3.11 40.41
N LYS A 31 1.19 -1.93 40.53
CA LYS A 31 0.58 -0.77 41.16
C LYS A 31 -0.74 -0.41 40.48
N PHE A 32 -0.73 -0.16 39.17
CA PHE A 32 -1.93 0.31 38.51
C PHE A 32 -3.03 -0.75 38.50
N TYR A 33 -2.74 -2.05 38.54
CA TYR A 33 -3.80 -3.05 38.75
C TYR A 33 -4.36 -2.94 40.18
N GLU A 34 -3.50 -2.79 41.19
CA GLU A 34 -3.94 -2.63 42.58
C GLU A 34 -4.82 -1.38 42.74
N GLU A 35 -4.48 -0.29 42.03
CA GLU A 35 -5.27 0.95 42.01
C GLU A 35 -6.46 0.88 41.06
N LYS A 36 -6.68 -0.25 40.36
CA LYS A 36 -7.74 -0.45 39.37
C LYS A 36 -7.74 0.63 38.27
N LEU A 37 -6.55 1.07 37.84
CA LEU A 37 -6.37 1.96 36.71
C LEU A 37 -5.99 1.11 35.50
N TRP A 38 -6.96 0.36 34.99
CA TRP A 38 -6.85 -0.41 33.74
C TRP A 38 -6.15 0.40 32.63
N PHE A 39 -6.45 1.70 32.56
CA PHE A 39 -5.98 2.60 31.50
C PHE A 39 -4.50 3.00 31.66
N GLN A 40 -3.84 2.70 32.79
CA GLN A 40 -2.41 2.93 33.01
C GLN A 40 -1.68 1.59 33.09
N LEU A 41 -2.37 0.59 33.62
CA LEU A 41 -1.98 -0.79 33.61
C LEU A 41 -1.71 -1.29 32.18
N SER A 42 -2.55 -0.89 31.22
CA SER A 42 -2.39 -1.24 29.83
C SER A 42 -1.07 -0.71 29.27
N GLU A 43 -0.74 0.55 29.55
CA GLU A 43 0.49 1.18 29.07
C GLU A 43 1.68 0.49 29.72
N SER A 44 1.56 0.20 31.02
CA SER A 44 2.58 -0.49 31.80
C SER A 44 2.88 -1.88 31.20
N LEU A 45 1.85 -2.65 30.85
CA LEU A 45 2.00 -3.93 30.20
C LEU A 45 2.60 -3.76 28.80
N THR A 46 2.21 -2.72 28.08
CA THR A 46 2.75 -2.44 26.75
C THR A 46 4.26 -2.24 26.85
N LYS A 47 4.74 -1.33 27.71
CA LYS A 47 6.18 -1.08 27.83
C LYS A 47 6.94 -2.31 28.35
N PHE A 48 6.30 -3.20 29.12
CA PHE A 48 6.92 -4.42 29.61
C PHE A 48 7.38 -5.35 28.48
N PHE A 49 6.79 -5.29 27.27
CA PHE A 49 7.27 -6.05 26.12
C PHE A 49 7.72 -5.16 24.95
N ASP A 50 7.59 -3.83 25.07
CA ASP A 50 8.21 -2.91 24.11
C ASP A 50 9.72 -3.17 24.17
N ASP A 51 10.22 -3.41 25.39
CA ASP A 51 11.56 -3.92 25.63
C ASP A 51 11.42 -5.43 25.34
N ALA A 52 12.04 -5.90 24.27
CA ALA A 52 11.86 -7.26 23.76
C ALA A 52 12.27 -8.36 24.74
N LYS A 53 12.92 -8.03 25.87
CA LYS A 53 13.39 -8.98 26.88
C LYS A 53 12.32 -9.99 27.30
N SER A 54 11.05 -9.58 27.40
CA SER A 54 9.97 -10.49 27.80
C SER A 54 9.40 -11.21 26.57
N THR A 55 8.80 -10.46 25.64
CA THR A 55 8.02 -10.93 24.50
C THR A 55 7.16 -12.18 24.86
N PRO A 56 7.46 -13.45 24.52
CA PRO A 56 6.57 -14.57 24.85
C PRO A 56 6.53 -14.91 26.35
N LEU A 57 7.47 -14.40 27.16
CA LEU A 57 7.53 -14.62 28.61
C LEU A 57 6.19 -14.30 29.28
N ARG A 58 5.45 -13.31 28.78
CA ARG A 58 4.18 -12.87 29.35
C ARG A 58 2.95 -13.38 28.59
N LEU A 59 3.09 -14.41 27.74
CA LEU A 59 1.93 -15.04 27.08
C LEU A 59 0.96 -15.58 28.14
N ARG A 60 1.46 -16.27 29.18
CA ARG A 60 0.61 -16.75 30.28
C ARG A 60 -0.05 -15.61 31.07
N LEU A 61 0.57 -14.42 31.11
CA LEU A 61 0.01 -13.28 31.83
C LEU A 61 -1.20 -12.75 31.06
N TYR A 62 -1.06 -12.59 29.74
CA TYR A 62 -2.16 -12.21 28.85
C TYR A 62 -3.34 -13.17 29.04
N ASP A 63 -3.06 -14.48 29.17
CA ASP A 63 -4.07 -15.54 29.14
C ASP A 63 -5.14 -15.41 30.22
N ASN A 64 -4.83 -14.77 31.35
CA ASN A 64 -5.71 -14.76 32.52
C ASN A 64 -5.71 -13.44 33.29
N PHE A 65 -4.62 -12.68 33.32
CA PHE A 65 -4.57 -11.40 34.01
C PHE A 65 -5.42 -10.38 33.23
N VAL A 66 -5.10 -10.19 31.95
CA VAL A 66 -5.76 -9.19 31.09
C VAL A 66 -7.24 -9.56 30.89
N SER A 67 -7.58 -10.84 30.95
CA SER A 67 -8.95 -11.33 30.88
C SER A 67 -9.88 -10.73 31.94
N LYS A 68 -9.35 -10.23 33.06
CA LYS A 68 -10.16 -9.58 34.11
C LYS A 68 -10.66 -8.20 33.69
N PHE A 69 -10.13 -7.62 32.61
CA PHE A 69 -10.48 -6.30 32.08
C PHE A 69 -10.45 -6.36 30.54
N TYR A 70 -10.80 -7.53 29.99
CA TYR A 70 -10.68 -7.94 28.59
C TYR A 70 -11.18 -6.92 27.57
N ASP A 71 -12.28 -6.23 27.87
CA ASP A 71 -12.93 -5.27 26.98
C ASP A 71 -13.12 -3.91 27.67
N LYS A 72 -12.51 -3.74 28.85
CA LYS A 72 -12.49 -2.47 29.59
C LYS A 72 -11.43 -1.51 29.03
N ILE A 73 -10.55 -2.00 28.16
CA ILE A 73 -9.49 -1.22 27.52
C ILE A 73 -9.58 -1.42 26.00
N ASN A 74 -8.81 -0.62 25.28
CA ASN A 74 -8.71 -0.66 23.82
C ASN A 74 -8.43 -2.09 23.35
N GLN A 75 -9.28 -2.64 22.48
CA GLN A 75 -9.16 -4.02 22.03
C GLN A 75 -7.81 -4.24 21.33
N LEU A 76 -7.34 -3.30 20.51
CA LEU A 76 -6.04 -3.46 19.85
C LEU A 76 -4.89 -3.53 20.86
N SER A 77 -5.01 -3.02 22.10
CA SER A 77 -3.99 -3.21 23.11
C SER A 77 -3.92 -4.68 23.52
N VAL A 78 -5.05 -5.27 23.93
CA VAL A 78 -5.08 -6.68 24.33
C VAL A 78 -4.67 -7.58 23.15
N VAL A 79 -5.04 -7.24 21.91
CA VAL A 79 -4.58 -7.98 20.75
C VAL A 79 -3.07 -7.77 20.54
N LYS A 80 -2.52 -6.55 20.69
CA LYS A 80 -1.09 -6.28 20.54
C LYS A 80 -0.26 -7.13 21.49
N TYR A 81 -0.78 -7.40 22.69
CA TYR A 81 -0.07 -8.24 23.65
C TYR A 81 0.09 -9.64 23.05
N LEU A 82 -1.02 -10.25 22.63
CA LEU A 82 -1.01 -11.58 22.06
C LEU A 82 -0.15 -11.61 20.79
N LEU A 83 -0.27 -10.58 19.95
CA LEU A 83 0.52 -10.42 18.72
C LEU A 83 2.01 -10.49 19.03
N ALA A 84 2.50 -9.78 20.06
CA ALA A 84 3.92 -9.77 20.37
C ALA A 84 4.40 -11.17 20.70
N SER A 85 3.68 -11.88 21.57
CA SER A 85 4.05 -13.23 21.96
C SER A 85 4.01 -14.20 20.77
N LEU A 86 3.02 -14.09 19.89
CA LEU A 86 2.94 -14.96 18.72
C LEU A 86 4.04 -14.62 17.69
N LYS A 87 4.77 -13.51 17.81
CA LYS A 87 5.96 -13.31 16.96
C LYS A 87 7.00 -14.38 17.25
N ASP A 88 7.08 -14.90 18.49
CA ASP A 88 8.01 -16.00 18.78
C ASP A 88 7.58 -17.31 18.13
N SER A 89 6.30 -17.47 17.83
CA SER A 89 5.78 -18.58 17.05
C SER A 89 6.10 -18.35 15.57
N LYS A 90 7.38 -18.47 15.19
CA LYS A 90 7.84 -18.42 13.79
C LYS A 90 7.12 -19.46 12.90
N ASP A 91 6.45 -20.45 13.51
CA ASP A 91 5.55 -21.38 12.84
C ASP A 91 4.44 -20.65 12.04
N PHE A 92 3.97 -19.51 12.58
CA PHE A 92 2.93 -18.61 12.06
C PHE A 92 1.53 -19.21 11.81
N ASP A 93 1.35 -20.53 11.69
CA ASP A 93 0.01 -21.12 11.56
C ASP A 93 -0.70 -21.08 12.92
N GLU A 94 0.05 -21.33 14.00
CA GLU A 94 -0.46 -21.12 15.35
C GLU A 94 -0.80 -19.64 15.53
N SER A 95 0.04 -18.72 15.05
CA SER A 95 -0.25 -17.29 15.13
C SER A 95 -1.55 -16.94 14.39
N LEU A 96 -1.80 -17.56 13.24
CA LEU A 96 -3.04 -17.40 12.52
C LEU A 96 -4.22 -17.85 13.38
N LYS A 97 -4.20 -19.07 13.91
CA LYS A 97 -5.33 -19.57 14.68
C LYS A 97 -5.55 -18.76 15.96
N TYR A 98 -4.48 -18.33 16.63
CA TYR A 98 -4.59 -17.50 17.82
C TYR A 98 -5.22 -16.15 17.51
N LEU A 99 -4.90 -15.53 16.37
CA LEU A 99 -5.35 -14.16 16.18
C LEU A 99 -6.71 -14.14 15.49
N ASP A 100 -7.05 -15.21 14.77
CA ASP A 100 -8.41 -15.40 14.27
C ASP A 100 -9.33 -15.67 15.46
N ASP A 101 -8.90 -16.45 16.46
CA ASP A 101 -9.69 -16.71 17.65
C ASP A 101 -9.86 -15.44 18.48
N LEU A 102 -8.79 -14.67 18.70
CA LEU A 102 -8.90 -13.43 19.46
C LEU A 102 -9.74 -12.39 18.70
N LYS A 103 -9.62 -12.31 17.36
CA LYS A 103 -10.53 -11.47 16.60
C LYS A 103 -11.96 -11.92 16.88
N ALA A 104 -12.28 -13.22 16.76
CA ALA A 104 -13.65 -13.70 16.95
C ALA A 104 -14.20 -13.27 18.32
N GLN A 105 -13.39 -13.35 19.37
CA GLN A 105 -13.79 -12.95 20.72
C GLN A 105 -14.05 -11.44 20.85
N PHE A 106 -13.56 -10.61 19.92
CA PHE A 106 -13.90 -9.19 19.83
C PHE A 106 -14.90 -8.91 18.71
N GLN A 107 -15.17 -9.86 17.83
CA GLN A 107 -16.23 -9.80 16.83
C GLN A 107 -17.58 -10.09 17.52
N GLU A 108 -17.62 -10.95 18.55
CA GLU A 108 -18.81 -11.09 19.37
C GLU A 108 -19.05 -9.86 20.27
N LEU A 109 -17.97 -9.14 20.60
CA LEU A 109 -17.98 -7.86 21.36
C LEU A 109 -17.75 -6.69 20.40
N ASP A 110 -18.38 -6.75 19.22
CA ASP A 110 -18.14 -5.85 18.07
C ASP A 110 -18.12 -4.37 18.50
N SER A 111 -17.15 -3.63 18.00
CA SER A 111 -16.91 -2.21 18.25
C SER A 111 -18.20 -1.37 18.08
N LYS A 112 -19.02 -1.69 17.09
CA LYS A 112 -20.25 -0.95 16.79
C LYS A 112 -21.25 -1.04 17.94
N LYS A 113 -21.26 -2.15 18.71
CA LYS A 113 -22.18 -2.34 19.82
C LYS A 113 -21.72 -1.61 21.09
N GLN A 114 -20.54 -0.97 21.08
CA GLN A 114 -19.93 -0.35 22.25
C GLN A 114 -19.49 1.10 21.97
N ARG A 115 -20.27 1.82 21.16
CA ARG A 115 -20.12 3.27 20.96
C ARG A 115 -21.51 3.89 20.86
N ASN A 116 -21.58 5.22 20.87
CA ASN A 116 -22.81 6.01 20.69
C ASN A 116 -22.61 7.16 19.70
N ASN A 117 -21.37 7.38 19.27
CA ASN A 117 -20.97 8.34 18.24
C ASN A 117 -19.79 7.71 17.48
N GLY A 118 -19.38 8.29 16.34
CA GLY A 118 -18.42 7.65 15.44
C GLY A 118 -19.06 6.45 14.74
N SER A 119 -20.39 6.47 14.56
CA SER A 119 -21.22 5.38 14.06
C SER A 119 -20.89 4.94 12.62
N LYS A 120 -19.99 5.65 11.93
CA LYS A 120 -19.44 5.20 10.65
C LYS A 120 -18.60 3.92 10.84
N ASP A 121 -18.18 3.62 12.07
CA ASP A 121 -17.55 2.36 12.46
C ASP A 121 -18.44 1.18 12.04
N HIS A 122 -17.84 0.12 11.50
CA HIS A 122 -18.50 -1.14 11.14
C HIS A 122 -17.60 -2.35 11.49
N GLY A 123 -16.60 -2.18 12.37
CA GLY A 123 -15.70 -3.25 12.80
C GLY A 123 -14.28 -2.75 13.03
N ASP A 124 -14.10 -1.46 13.36
CA ASP A 124 -12.78 -0.87 13.58
C ASP A 124 -12.05 -1.61 14.71
N GLY A 125 -10.73 -1.64 14.63
CA GLY A 125 -9.88 -2.45 15.48
C GLY A 125 -9.81 -3.85 14.90
N ILE A 126 -10.89 -4.62 14.97
CA ILE A 126 -10.88 -6.02 14.51
C ILE A 126 -10.64 -6.12 13.00
N LEU A 127 -11.08 -5.16 12.18
CA LEU A 127 -10.76 -5.15 10.75
C LEU A 127 -9.26 -5.02 10.49
N LEU A 128 -8.48 -4.44 11.42
CA LEU A 128 -7.03 -4.38 11.30
C LEU A 128 -6.43 -5.76 11.59
N ILE A 129 -6.92 -6.47 12.61
CA ILE A 129 -6.52 -7.84 12.91
C ILE A 129 -6.82 -8.70 11.67
N ASP A 130 -8.00 -8.52 11.07
CA ASP A 130 -8.46 -9.30 9.92
C ASP A 130 -7.52 -9.11 8.73
N SER A 131 -7.01 -7.89 8.53
CA SER A 131 -6.03 -7.59 7.51
C SER A 131 -4.76 -8.41 7.74
N GLU A 132 -4.25 -8.47 8.96
CA GLU A 132 -3.04 -9.22 9.25
C GLU A 132 -3.28 -10.73 9.14
N ILE A 133 -4.46 -11.21 9.53
CA ILE A 133 -4.85 -12.61 9.34
C ILE A 133 -4.88 -12.94 7.84
N ALA A 134 -5.42 -12.06 6.99
CA ALA A 134 -5.38 -12.26 5.54
C ALA A 134 -3.92 -12.34 5.04
N ARG A 135 -3.02 -11.45 5.51
CA ARG A 135 -1.60 -11.53 5.16
C ARG A 135 -1.00 -12.86 5.63
N THR A 136 -1.41 -13.36 6.78
CA THR A 136 -0.90 -14.59 7.35
C THR A 136 -1.40 -15.80 6.53
N TYR A 137 -2.65 -15.80 6.04
CA TYR A 137 -3.11 -16.81 5.08
C TYR A 137 -2.29 -16.73 3.81
N LEU A 138 -2.13 -15.54 3.23
CA LEU A 138 -1.44 -15.33 1.95
C LEU A 138 0.04 -15.69 2.01
N LEU A 139 0.64 -15.73 3.21
CA LEU A 139 2.02 -16.18 3.40
C LEU A 139 2.18 -17.67 3.07
N LYS A 140 1.13 -18.48 3.21
CA LYS A 140 1.21 -19.93 2.99
C LYS A 140 1.48 -20.25 1.52
N ASN A 141 2.12 -21.39 1.28
CA ASN A 141 2.33 -21.94 -0.06
C ASN A 141 1.00 -22.35 -0.71
N ASP A 142 -0.01 -22.70 0.09
CA ASP A 142 -1.38 -23.04 -0.33
C ASP A 142 -2.17 -21.76 -0.67
N LEU A 143 -1.57 -20.92 -1.51
CA LEU A 143 -1.98 -19.56 -1.84
C LEU A 143 -3.40 -19.49 -2.40
N VAL A 144 -3.88 -20.52 -3.10
CA VAL A 144 -5.18 -20.46 -3.78
C VAL A 144 -6.33 -20.25 -2.78
N LYS A 145 -6.28 -20.88 -1.60
CA LYS A 145 -7.34 -20.70 -0.59
C LYS A 145 -7.25 -19.29 0.01
N ALA A 146 -6.04 -18.79 0.22
CA ALA A 146 -5.83 -17.44 0.71
C ALA A 146 -6.33 -16.40 -0.31
N ARG A 147 -6.12 -16.64 -1.61
CA ARG A 147 -6.64 -15.78 -2.66
C ARG A 147 -8.17 -15.83 -2.72
N ASP A 148 -8.79 -16.98 -2.45
CA ASP A 148 -10.26 -17.06 -2.39
C ASP A 148 -10.81 -16.16 -1.27
N LEU A 149 -10.13 -16.10 -0.12
CA LEU A 149 -10.47 -15.15 0.94
C LEU A 149 -10.21 -13.71 0.49
N LEU A 150 -9.03 -13.45 -0.11
CA LEU A 150 -8.64 -12.12 -0.56
C LEU A 150 -9.64 -11.59 -1.58
N ASP A 151 -10.21 -12.44 -2.43
CA ASP A 151 -11.21 -12.05 -3.43
C ASP A 151 -12.46 -11.46 -2.80
N ASP A 152 -12.92 -12.00 -1.67
CA ASP A 152 -14.08 -11.45 -0.96
C ASP A 152 -13.75 -10.09 -0.34
N LEU A 153 -12.52 -9.95 0.19
CA LEU A 153 -12.05 -8.70 0.76
C LEU A 153 -11.86 -7.65 -0.35
N GLU A 154 -11.37 -8.06 -1.52
CA GLU A 154 -11.21 -7.21 -2.69
C GLU A 154 -12.56 -6.73 -3.19
N LYS A 155 -13.59 -7.60 -3.21
CA LYS A 155 -14.94 -7.19 -3.56
C LYS A 155 -15.48 -6.18 -2.54
N THR A 156 -15.21 -6.36 -1.25
CA THR A 156 -15.60 -5.40 -0.22
C THR A 156 -14.93 -4.04 -0.47
N LEU A 157 -13.64 -4.05 -0.87
CA LEU A 157 -12.88 -2.87 -1.26
C LEU A 157 -13.50 -2.20 -2.48
N ASP A 158 -13.81 -2.97 -3.53
CA ASP A 158 -14.36 -2.47 -4.79
C ASP A 158 -15.75 -1.86 -4.58
N LYS A 159 -16.56 -2.46 -3.71
CA LYS A 159 -17.86 -1.92 -3.29
C LYS A 159 -17.73 -0.63 -2.47
N LYS A 160 -16.51 -0.28 -2.02
CA LYS A 160 -16.25 0.82 -1.08
C LYS A 160 -17.25 0.75 0.07
N ASP A 161 -17.29 -0.40 0.75
CA ASP A 161 -18.14 -0.60 1.91
C ASP A 161 -17.83 0.43 3.00
N SER A 162 -18.72 0.58 3.98
CA SER A 162 -18.62 1.52 5.11
C SER A 162 -17.51 1.15 6.13
N ILE A 163 -16.53 0.34 5.73
CA ILE A 163 -15.37 -0.02 6.52
C ILE A 163 -14.47 1.21 6.79
N PRO A 164 -13.73 1.25 7.91
CA PRO A 164 -12.77 2.31 8.21
C PRO A 164 -11.69 2.48 7.12
N LEU A 165 -11.13 3.69 7.02
CA LEU A 165 -10.07 4.00 6.07
C LEU A 165 -8.79 3.20 6.35
N ARG A 166 -8.57 2.78 7.61
CA ARG A 166 -7.37 2.05 8.00
C ARG A 166 -7.30 0.68 7.34
N ILE A 167 -8.42 -0.08 7.33
CA ILE A 167 -8.40 -1.39 6.71
C ILE A 167 -8.22 -1.25 5.20
N THR A 168 -8.82 -0.23 4.55
CA THR A 168 -8.59 -0.05 3.13
C THR A 168 -7.11 0.24 2.86
N ASN A 169 -6.45 1.15 3.60
CA ASN A 169 -5.03 1.40 3.37
C ASN A 169 -4.18 0.16 3.67
N SER A 170 -4.60 -0.66 4.64
CA SER A 170 -3.93 -1.92 4.95
C SER A 170 -4.08 -2.94 3.83
N PHE A 171 -5.24 -2.97 3.15
CA PHE A 171 -5.50 -3.89 2.06
C PHE A 171 -4.48 -3.70 0.95
N TYR A 172 -4.06 -2.48 0.61
CA TYR A 172 -3.14 -2.30 -0.51
C TYR A 172 -1.76 -2.92 -0.22
N SER A 173 -1.39 -3.11 1.06
CA SER A 173 -0.20 -3.88 1.41
C SER A 173 -0.50 -5.40 1.33
N THR A 174 -1.66 -5.84 1.81
CA THR A 174 -2.11 -7.23 1.74
C THR A 174 -2.17 -7.73 0.28
N ASN A 175 -2.65 -6.87 -0.62
CA ASN A 175 -2.67 -7.02 -2.07
C ASN A 175 -1.29 -7.39 -2.64
N SER A 176 -0.21 -6.99 -1.97
CA SER A 176 1.16 -7.17 -2.44
C SER A 176 1.88 -8.31 -1.69
N GLN A 177 1.21 -8.99 -0.75
CA GLN A 177 1.81 -10.06 0.07
C GLN A 177 2.27 -11.23 -0.80
N TYR A 178 1.59 -11.50 -1.93
CA TYR A 178 2.01 -12.53 -2.89
C TYR A 178 3.07 -12.01 -3.87
N PHE A 179 3.73 -10.89 -3.54
CA PHE A 179 4.80 -10.26 -4.31
C PHE A 179 4.29 -9.68 -5.64
N LYS A 180 3.06 -9.13 -5.64
CA LYS A 180 2.44 -8.48 -6.81
C LYS A 180 3.38 -7.44 -7.45
N PHE A 181 4.20 -6.76 -6.64
CA PHE A 181 5.16 -5.76 -7.11
C PHE A 181 6.18 -6.29 -8.12
N LYS A 182 6.35 -7.62 -8.26
CA LYS A 182 7.20 -8.18 -9.32
C LYS A 182 6.57 -8.00 -10.70
N ASN A 183 5.24 -7.88 -10.80
CA ASN A 183 4.58 -7.55 -12.05
C ASN A 183 4.88 -6.09 -12.43
N ASP A 184 4.59 -5.70 -13.66
CA ASP A 184 4.80 -4.33 -14.14
C ASP A 184 4.05 -3.30 -13.26
N PHE A 185 4.63 -2.10 -13.15
CA PHE A 185 4.17 -1.02 -12.28
C PHE A 185 2.76 -0.52 -12.62
N ASN A 186 2.19 -0.81 -13.81
CA ASN A 186 0.80 -0.44 -14.10
C ASN A 186 -0.16 -1.02 -13.06
N SER A 187 0.15 -2.20 -12.53
CA SER A 187 -0.59 -2.81 -11.43
C SER A 187 -0.53 -1.97 -10.16
N PHE A 188 0.66 -1.45 -9.81
CA PHE A 188 0.83 -0.65 -8.61
C PHE A 188 0.16 0.71 -8.77
N TYR A 189 0.23 1.28 -9.97
CA TYR A 189 -0.48 2.50 -10.34
C TYR A 189 -1.97 2.30 -10.15
N TYR A 190 -2.55 1.22 -10.68
CA TYR A 190 -3.99 1.00 -10.56
C TYR A 190 -4.39 0.74 -9.11
N THR A 191 -3.59 -0.01 -8.35
CA THR A 191 -3.84 -0.23 -6.93
C THR A 191 -3.84 1.12 -6.18
N SER A 192 -2.96 2.05 -6.57
CA SER A 192 -2.92 3.39 -5.99
C SER A 192 -4.13 4.22 -6.44
N LEU A 193 -4.60 4.11 -7.69
CA LEU A 193 -5.81 4.78 -8.15
C LEU A 193 -7.03 4.32 -7.35
N LEU A 194 -7.12 3.02 -7.00
CA LEU A 194 -8.18 2.49 -6.15
C LEU A 194 -8.18 3.27 -4.83
N TYR A 195 -7.00 3.46 -4.23
CA TYR A 195 -6.90 4.20 -2.98
C TYR A 195 -7.36 5.66 -3.17
N LEU A 196 -7.12 6.28 -4.33
CA LEU A 196 -7.58 7.65 -4.58
C LEU A 196 -9.11 7.71 -4.58
N SER A 197 -9.77 6.72 -5.21
CA SER A 197 -11.22 6.60 -5.20
C SER A 197 -11.75 6.37 -3.78
N THR A 198 -10.96 5.77 -2.90
CA THR A 198 -11.31 5.49 -1.53
C THR A 198 -11.07 6.71 -0.63
N LEU A 199 -10.10 7.58 -0.97
CA LEU A 199 -9.79 8.82 -0.27
C LEU A 199 -10.98 9.80 -0.35
N GLU A 200 -10.92 10.86 0.47
CA GLU A 200 -11.92 11.91 0.57
C GLU A 200 -11.17 13.24 0.75
N PRO A 201 -11.79 14.40 0.43
CA PRO A 201 -11.18 15.71 0.63
C PRO A 201 -11.07 16.12 2.12
N SER A 202 -11.56 15.28 3.04
CA SER A 202 -11.50 15.46 4.48
C SER A 202 -10.08 15.70 4.99
N THR A 203 -9.96 16.32 6.16
CA THR A 203 -8.72 16.64 6.85
C THR A 203 -7.95 15.40 7.34
N SER A 204 -8.53 14.19 7.21
CA SER A 204 -7.88 12.91 7.48
C SER A 204 -6.58 12.78 6.66
N ILE A 205 -5.59 12.07 7.21
CA ILE A 205 -4.24 11.87 6.68
C ILE A 205 -3.50 13.22 6.55
N THR A 206 -2.17 13.17 6.52
CA THR A 206 -1.31 14.34 6.50
C THR A 206 -1.07 14.81 5.07
N LEU A 207 -0.40 15.96 4.91
CA LEU A 207 0.08 16.40 3.61
C LEU A 207 1.29 15.54 3.22
N ALA A 208 2.16 15.17 4.17
CA ALA A 208 3.36 14.40 3.89
C ALA A 208 3.03 13.02 3.32
N GLU A 209 2.02 12.34 3.88
CA GLU A 209 1.59 11.05 3.34
C GLU A 209 1.00 11.22 1.94
N ARG A 210 0.27 12.31 1.69
CA ARG A 210 -0.22 12.61 0.35
C ARG A 210 0.94 12.85 -0.62
N GLN A 211 2.00 13.55 -0.21
CA GLN A 211 3.17 13.74 -1.08
C GLN A 211 3.78 12.39 -1.47
N GLN A 212 3.98 11.50 -0.49
CA GLN A 212 4.53 10.18 -0.74
C GLN A 212 3.61 9.38 -1.67
N LEU A 213 2.29 9.41 -1.44
CA LEU A 213 1.33 8.68 -2.26
C LEU A 213 1.34 9.22 -3.70
N ALA A 214 1.30 10.54 -3.89
CA ALA A 214 1.34 11.17 -5.20
C ALA A 214 2.65 10.84 -5.93
N TYR A 215 3.78 10.87 -5.24
CA TYR A 215 5.07 10.55 -5.81
C TYR A 215 5.11 9.08 -6.26
N ASP A 216 4.70 8.15 -5.40
CA ASP A 216 4.75 6.73 -5.70
C ASP A 216 3.79 6.36 -6.85
N LEU A 217 2.61 6.96 -6.87
CA LEU A 217 1.65 6.88 -7.96
C LEU A 217 2.29 7.38 -9.26
N SER A 218 2.95 8.54 -9.22
CA SER A 218 3.58 9.15 -10.39
C SER A 218 4.74 8.30 -10.92
N ILE A 219 5.58 7.74 -10.04
CA ILE A 219 6.63 6.80 -10.43
C ILE A 219 5.97 5.58 -11.09
N SER A 220 4.89 5.06 -10.52
CA SER A 220 4.21 3.90 -11.10
C SER A 220 3.63 4.22 -12.48
N ALA A 221 3.12 5.43 -12.70
CA ALA A 221 2.65 5.89 -14.00
C ALA A 221 3.81 5.97 -15.00
N LEU A 222 4.93 6.58 -14.59
CA LEU A 222 6.12 6.77 -15.44
C LEU A 222 6.70 5.42 -15.87
N LEU A 223 6.70 4.42 -14.98
CA LEU A 223 7.39 3.17 -15.20
C LEU A 223 6.47 2.06 -15.72
N GLY A 224 5.14 2.25 -15.71
CA GLY A 224 4.19 1.31 -16.27
C GLY A 224 4.50 1.05 -17.74
N ASP A 225 4.44 -0.21 -18.15
CA ASP A 225 4.91 -0.72 -19.45
C ASP A 225 4.36 0.02 -20.67
N LYS A 226 3.14 0.58 -20.57
CA LYS A 226 2.46 1.20 -21.70
C LYS A 226 1.57 2.38 -21.31
N ILE A 227 1.61 2.85 -20.06
CA ILE A 227 0.84 4.01 -19.66
C ILE A 227 1.39 5.23 -20.41
N TYR A 228 0.52 6.05 -20.97
CA TYR A 228 0.88 7.33 -21.58
C TYR A 228 -0.18 8.40 -21.26
N ASN A 229 -1.46 8.03 -21.24
CA ASN A 229 -2.54 8.99 -21.04
C ASN A 229 -2.71 9.22 -19.55
N PHE A 230 -2.18 10.36 -19.08
CA PHE A 230 -2.32 10.82 -17.70
C PHE A 230 -3.80 10.95 -17.30
N GLY A 231 -4.69 11.30 -18.23
CA GLY A 231 -6.14 11.36 -18.12
C GLY A 231 -6.60 12.56 -17.30
N GLU A 232 -6.14 12.59 -16.05
CA GLU A 232 -6.39 13.63 -15.05
C GLU A 232 -5.27 13.67 -14.00
N LEU A 233 -4.31 12.74 -14.01
CA LEU A 233 -3.25 12.61 -13.00
C LEU A 233 -2.56 13.95 -12.70
N LEU A 234 -2.16 14.69 -13.74
CA LEU A 234 -1.46 15.97 -13.61
C LEU A 234 -2.32 17.08 -13.01
N HIS A 235 -3.60 16.81 -12.74
CA HIS A 235 -4.58 17.76 -12.24
C HIS A 235 -5.34 17.19 -11.02
N HIS A 236 -4.96 16.00 -10.53
CA HIS A 236 -5.54 15.43 -9.32
C HIS A 236 -5.27 16.37 -8.14
N PRO A 237 -6.19 16.49 -7.17
CA PRO A 237 -5.95 17.26 -5.95
C PRO A 237 -4.83 16.64 -5.11
N ILE A 238 -4.67 15.32 -5.14
CA ILE A 238 -3.68 14.60 -4.35
C ILE A 238 -2.25 15.12 -4.67
N MET A 239 -1.95 15.36 -5.96
CA MET A 239 -0.62 15.78 -6.36
C MET A 239 -0.40 17.29 -6.20
N GLU A 240 -1.40 18.08 -5.79
CA GLU A 240 -1.17 19.51 -5.51
C GLU A 240 -0.14 19.67 -4.39
N THR A 241 0.05 18.62 -3.58
CA THR A 241 1.03 18.53 -2.53
C THR A 241 2.47 18.48 -3.05
N ILE A 242 2.72 18.16 -4.34
CA ILE A 242 4.07 17.94 -4.87
C ILE A 242 4.43 18.91 -5.98
N VAL A 243 3.44 19.50 -6.68
CA VAL A 243 3.70 20.53 -7.68
C VAL A 243 4.18 21.85 -7.06
N ASN A 244 4.28 21.91 -5.72
CA ASN A 244 4.51 23.12 -4.95
C ASN A 244 5.61 22.92 -3.90
N ASP A 245 6.41 21.86 -4.02
CA ASP A 245 7.47 21.51 -3.07
C ASP A 245 8.67 21.01 -3.88
N SER A 246 9.78 21.76 -3.84
CA SER A 246 11.00 21.49 -4.59
C SER A 246 11.57 20.08 -4.36
N ASN A 247 11.24 19.42 -3.25
CA ASN A 247 11.67 18.04 -2.99
C ASN A 247 11.06 17.05 -3.99
N TYR A 248 9.94 17.41 -4.64
CA TYR A 248 9.18 16.51 -5.51
C TYR A 248 8.84 17.16 -6.86
N ASP A 249 8.81 18.49 -6.97
CA ASP A 249 8.33 19.19 -8.16
C ASP A 249 9.17 18.89 -9.40
N TRP A 250 10.43 18.51 -9.24
CA TRP A 250 11.27 18.06 -10.34
C TRP A 250 10.64 16.85 -11.07
N LEU A 251 9.94 15.98 -10.34
CA LEU A 251 9.29 14.80 -10.90
C LEU A 251 8.07 15.23 -11.69
N PHE A 252 7.34 16.24 -11.21
CA PHE A 252 6.24 16.84 -11.96
C PHE A 252 6.74 17.51 -13.23
N GLN A 253 7.89 18.18 -13.18
CA GLN A 253 8.49 18.77 -14.37
C GLN A 253 8.90 17.69 -15.37
N LEU A 254 9.44 16.54 -14.90
CA LEU A 254 9.74 15.42 -15.78
C LEU A 254 8.46 14.88 -16.41
N LEU A 255 7.41 14.64 -15.60
CA LEU A 255 6.09 14.22 -16.08
C LEU A 255 5.59 15.16 -17.17
N ASN A 256 5.63 16.46 -16.89
CA ASN A 256 5.15 17.51 -17.78
C ASN A 256 5.90 17.45 -19.10
N ALA A 257 7.24 17.52 -19.08
CA ALA A 257 8.07 17.53 -20.29
C ALA A 257 7.80 16.31 -21.17
N LEU A 258 7.74 15.14 -20.53
CA LEU A 258 7.47 13.87 -21.19
C LEU A 258 6.07 13.88 -21.80
N THR A 259 5.07 14.41 -21.09
CA THR A 259 3.69 14.41 -21.54
C THR A 259 3.56 15.28 -22.79
N VAL A 260 4.17 16.46 -22.80
CA VAL A 260 4.06 17.39 -23.93
C VAL A 260 5.02 17.03 -25.06
N GLY A 261 5.87 16.00 -24.88
CA GLY A 261 6.82 15.55 -25.89
C GLY A 261 7.97 16.56 -26.09
N ASP A 262 8.27 17.38 -25.08
CA ASP A 262 9.40 18.32 -25.14
C ASP A 262 10.67 17.53 -24.83
N PHE A 263 11.19 16.84 -25.85
CA PHE A 263 12.36 15.99 -25.76
C PHE A 263 13.58 16.72 -25.21
N ASP A 264 13.71 18.03 -25.46
CA ASP A 264 14.85 18.81 -25.00
C ASP A 264 14.78 19.07 -23.49
N LYS A 265 13.61 19.49 -22.98
CA LYS A 265 13.42 19.64 -21.54
C LYS A 265 13.51 18.29 -20.85
N PHE A 266 12.89 17.26 -21.43
CA PHE A 266 12.96 15.90 -20.93
C PHE A 266 14.43 15.51 -20.80
N ASP A 267 15.21 15.61 -21.89
CA ASP A 267 16.63 15.22 -21.91
C ASP A 267 17.43 16.00 -20.86
N SER A 268 17.15 17.29 -20.70
CA SER A 268 17.85 18.14 -19.74
C SER A 268 17.59 17.71 -18.29
N LEU A 269 16.38 17.24 -17.96
CA LEU A 269 16.11 16.71 -16.62
C LEU A 269 16.69 15.30 -16.50
N ILE A 270 16.54 14.47 -17.53
CA ILE A 270 17.02 13.10 -17.59
C ILE A 270 18.52 13.06 -17.30
N LYS A 271 19.30 13.99 -17.86
CA LYS A 271 20.74 14.12 -17.64
C LYS A 271 21.15 14.33 -16.17
N VAL A 272 20.21 14.56 -15.25
CA VAL A 272 20.48 14.81 -13.84
C VAL A 272 19.66 13.84 -12.98
N GLN A 273 18.34 13.78 -13.19
CA GLN A 273 17.42 13.07 -12.32
C GLN A 273 17.58 11.55 -12.43
N ILE A 274 17.97 11.04 -13.61
CA ILE A 274 18.26 9.62 -13.76
C ILE A 274 19.44 9.26 -12.85
N SER A 275 20.56 9.99 -12.99
CA SER A 275 21.82 9.63 -12.35
C SER A 275 21.70 9.59 -10.82
N LYS A 276 20.85 10.46 -10.24
CA LYS A 276 20.67 10.57 -8.80
C LYS A 276 19.87 9.40 -8.20
N ILE A 277 19.14 8.60 -8.98
CA ILE A 277 18.19 7.63 -8.42
C ILE A 277 18.32 6.29 -9.15
N PRO A 278 18.64 5.18 -8.46
CA PRO A 278 18.97 3.90 -9.10
C PRO A 278 17.78 3.24 -9.80
N ILE A 279 16.54 3.41 -9.30
CA ILE A 279 15.36 2.91 -10.00
C ILE A 279 15.23 3.63 -11.35
N LEU A 280 15.42 4.94 -11.40
CA LEU A 280 15.31 5.68 -12.65
C LEU A 280 16.41 5.23 -13.61
N ALA A 281 17.64 5.02 -13.11
CA ALA A 281 18.75 4.53 -13.93
C ALA A 281 18.44 3.19 -14.61
N GLN A 282 17.65 2.31 -13.98
CA GLN A 282 17.25 1.04 -14.55
C GLN A 282 16.27 1.19 -15.73
N HIS A 283 15.57 2.33 -15.86
CA HIS A 283 14.50 2.52 -16.84
C HIS A 283 14.73 3.68 -17.83
N GLU A 284 15.89 4.34 -17.81
CA GLU A 284 16.19 5.47 -18.72
C GLU A 284 15.86 5.13 -20.18
N SER A 285 16.25 3.94 -20.63
CA SER A 285 16.05 3.47 -21.99
C SER A 285 14.57 3.18 -22.31
N PHE A 286 13.76 2.87 -21.30
CA PHE A 286 12.32 2.80 -21.46
C PHE A 286 11.77 4.21 -21.65
N LEU A 287 12.06 5.15 -20.73
CA LEU A 287 11.51 6.50 -20.77
C LEU A 287 11.82 7.19 -22.10
N ARG A 288 13.06 7.07 -22.60
CA ARG A 288 13.47 7.75 -23.83
C ARG A 288 12.68 7.25 -25.04
N GLN A 289 12.30 5.97 -25.07
CA GLN A 289 11.39 5.49 -26.09
C GLN A 289 9.96 5.94 -25.78
N LYS A 290 9.51 5.88 -24.52
CA LYS A 290 8.13 6.15 -24.16
C LYS A 290 7.70 7.55 -24.58
N ILE A 291 8.56 8.56 -24.43
CA ILE A 291 8.27 9.90 -24.92
C ILE A 291 8.09 9.90 -26.45
N CYS A 292 8.97 9.20 -27.18
CA CYS A 292 8.92 9.17 -28.64
C CYS A 292 7.66 8.45 -29.12
N LEU A 293 7.33 7.31 -28.49
CA LEU A 293 6.12 6.52 -28.72
C LEU A 293 4.94 7.48 -28.53
N MET A 294 4.69 7.91 -27.29
CA MET A 294 3.57 8.74 -26.89
C MET A 294 3.38 9.97 -27.74
N THR A 295 4.44 10.64 -28.18
CA THR A 295 4.32 11.88 -28.93
C THR A 295 3.54 11.60 -30.21
N LEU A 296 3.87 10.52 -30.92
CA LEU A 296 3.19 10.14 -32.13
C LEU A 296 1.73 9.78 -31.85
N ILE A 297 1.48 8.93 -30.84
CA ILE A 297 0.15 8.37 -30.62
C ILE A 297 -0.81 9.45 -30.16
N GLU A 298 -0.31 10.38 -29.35
CA GLU A 298 -1.07 11.51 -28.87
C GLU A 298 -1.35 12.47 -30.03
N THR A 299 -0.40 12.66 -30.96
CA THR A 299 -0.60 13.52 -32.12
C THR A 299 -1.79 13.02 -32.95
N VAL A 300 -1.84 11.73 -33.30
CA VAL A 300 -2.96 11.22 -34.08
C VAL A 300 -4.27 11.31 -33.30
N PHE A 301 -4.25 10.94 -32.02
CA PHE A 301 -5.43 10.92 -31.16
C PHE A 301 -6.02 12.32 -31.00
N VAL A 302 -5.21 13.30 -30.56
CA VAL A 302 -5.68 14.64 -30.22
C VAL A 302 -6.01 15.42 -31.49
N LYS A 303 -5.10 15.45 -32.47
CA LYS A 303 -5.26 16.28 -33.66
C LYS A 303 -6.20 15.64 -34.69
N ASN A 304 -6.76 14.46 -34.40
CA ASN A 304 -7.58 13.65 -35.31
C ASN A 304 -6.91 13.48 -36.67
N ILE A 305 -5.71 12.90 -36.66
CA ILE A 305 -4.95 12.53 -37.84
C ILE A 305 -4.96 11.00 -37.87
N ARG A 306 -5.00 10.39 -39.05
CA ARG A 306 -5.08 8.92 -39.18
C ARG A 306 -4.04 8.37 -40.16
N MET A 307 -3.31 9.22 -40.88
CA MET A 307 -2.30 8.82 -41.84
C MET A 307 -1.19 9.86 -41.79
N LEU A 308 0.07 9.42 -41.80
CA LEU A 308 1.26 10.26 -41.60
C LEU A 308 2.41 9.69 -42.41
N SER A 309 3.45 10.50 -42.65
CA SER A 309 4.64 10.11 -43.38
C SER A 309 5.82 10.07 -42.42
N PHE A 310 6.82 9.23 -42.73
CA PHE A 310 8.00 9.05 -41.88
C PHE A 310 8.72 10.38 -41.70
N GLU A 311 8.76 11.21 -42.75
CA GLU A 311 9.43 12.49 -42.73
C GLU A 311 8.76 13.48 -41.78
N ASP A 312 7.45 13.36 -41.56
CA ASP A 312 6.73 14.22 -40.63
C ASP A 312 6.85 13.71 -39.20
N ILE A 313 6.71 12.38 -39.02
CA ILE A 313 6.95 11.72 -37.73
C ILE A 313 8.39 11.98 -37.26
N SER A 314 9.37 12.08 -38.17
CA SER A 314 10.76 12.38 -37.82
C SER A 314 10.84 13.73 -37.10
N LYS A 315 10.03 14.72 -37.47
CA LYS A 315 9.99 16.02 -36.79
C LYS A 315 9.52 15.84 -35.35
N ALA A 316 8.41 15.12 -35.18
CA ALA A 316 7.71 14.99 -33.92
C ALA A 316 8.52 14.16 -32.91
N THR A 317 9.02 13.02 -33.36
CA THR A 317 9.76 12.07 -32.53
C THR A 317 11.20 12.56 -32.29
N HIS A 318 11.71 13.38 -33.21
CA HIS A 318 13.10 13.79 -33.30
C HIS A 318 14.03 12.56 -33.48
N LEU A 319 13.51 11.51 -34.11
CA LEU A 319 14.26 10.32 -34.52
C LEU A 319 14.50 10.41 -36.03
N PRO A 320 15.60 9.84 -36.56
CA PRO A 320 15.83 9.80 -38.00
C PRO A 320 14.79 8.90 -38.66
N LYS A 321 14.43 9.21 -39.92
CA LYS A 321 13.50 8.41 -40.72
C LYS A 321 13.92 6.93 -40.77
N ASP A 322 15.22 6.68 -40.64
CA ASP A 322 15.84 5.34 -40.63
C ASP A 322 15.41 4.47 -39.43
N ASN A 323 14.79 5.07 -38.40
CA ASN A 323 14.34 4.37 -37.19
C ASN A 323 12.89 4.72 -36.80
N VAL A 324 12.29 5.70 -37.48
CA VAL A 324 10.94 6.18 -37.22
C VAL A 324 9.91 5.04 -37.34
N GLU A 325 10.07 4.12 -38.28
CA GLU A 325 9.12 3.03 -38.43
C GLU A 325 9.27 2.05 -37.26
N HIS A 326 10.50 1.74 -36.85
CA HIS A 326 10.73 0.82 -35.76
C HIS A 326 10.13 1.34 -34.44
N LEU A 327 10.08 2.65 -34.25
CA LEU A 327 9.42 3.28 -33.13
C LEU A 327 7.92 2.95 -33.15
N VAL A 328 7.21 3.22 -34.24
CA VAL A 328 5.77 2.93 -34.30
C VAL A 328 5.52 1.42 -34.29
N MET A 329 6.41 0.60 -34.87
CA MET A 329 6.30 -0.85 -34.81
C MET A 329 6.35 -1.33 -33.36
N ARG A 330 7.23 -0.74 -32.54
CA ARG A 330 7.23 -0.98 -31.10
C ARG A 330 5.90 -0.57 -30.50
N ALA A 331 5.33 0.58 -30.87
CA ALA A 331 4.05 1.01 -30.34
C ALA A 331 2.94 0.00 -30.64
N ILE A 332 2.88 -0.51 -31.87
CA ILE A 332 1.92 -1.53 -32.27
C ILE A 332 2.17 -2.79 -31.42
N SER A 333 3.43 -3.16 -31.22
CA SER A 333 3.82 -4.34 -30.44
C SER A 333 3.42 -4.19 -28.96
N LEU A 334 3.50 -2.99 -28.39
CA LEU A 334 3.02 -2.69 -27.03
C LEU A 334 1.50 -2.80 -26.94
N GLY A 335 0.78 -2.76 -28.08
CA GLY A 335 -0.67 -2.67 -28.10
C GLY A 335 -1.15 -1.25 -27.76
N LEU A 336 -0.27 -0.24 -27.89
CA LEU A 336 -0.64 1.16 -27.66
C LEU A 336 -1.70 1.63 -28.64
N LEU A 337 -1.71 1.08 -29.85
CA LEU A 337 -2.50 1.58 -30.95
C LEU A 337 -2.69 0.47 -31.99
N LYS A 338 -3.78 0.55 -32.74
CA LYS A 338 -4.00 -0.28 -33.91
C LYS A 338 -3.54 0.57 -35.07
N GLY A 339 -2.49 0.13 -35.76
CA GLY A 339 -1.94 0.82 -36.91
C GLY A 339 -1.18 -0.14 -37.81
N SER A 340 -0.72 0.39 -38.94
CA SER A 340 -0.06 -0.34 -40.01
C SER A 340 0.98 0.60 -40.64
N ILE A 341 2.02 0.01 -41.24
CA ILE A 341 3.15 0.70 -41.82
C ILE A 341 3.21 0.29 -43.30
N ASP A 342 3.64 1.22 -44.16
CA ASP A 342 3.86 1.00 -45.58
C ASP A 342 5.25 1.56 -45.87
N GLN A 343 6.25 0.77 -45.46
CA GLN A 343 7.65 1.16 -45.40
C GLN A 343 8.18 1.68 -46.74
N VAL A 344 7.85 1.03 -47.86
CA VAL A 344 8.33 1.44 -49.18
C VAL A 344 7.75 2.79 -49.59
N ASN A 345 6.58 3.17 -49.04
CA ASN A 345 5.94 4.44 -49.30
C ASN A 345 6.29 5.47 -48.23
N GLU A 346 7.13 5.12 -47.24
CA GLU A 346 7.48 5.95 -46.09
C GLU A 346 6.21 6.45 -45.37
N LEU A 347 5.22 5.56 -45.18
CA LEU A 347 3.87 5.92 -44.74
C LEU A 347 3.42 5.09 -43.53
N VAL A 348 2.50 5.65 -42.75
CA VAL A 348 1.89 5.06 -41.56
C VAL A 348 0.41 5.35 -41.61
N THR A 349 -0.38 4.41 -41.07
CA THR A 349 -1.80 4.59 -40.81
C THR A 349 -2.03 4.16 -39.36
N ILE A 350 -2.70 4.99 -38.56
CA ILE A 350 -3.16 4.67 -37.20
C ILE A 350 -4.68 4.82 -37.18
N SER A 351 -5.39 3.93 -36.47
CA SER A 351 -6.86 3.92 -36.46
C SER A 351 -7.50 3.76 -35.07
N TRP A 352 -6.73 3.46 -34.02
CA TRP A 352 -7.22 3.40 -32.64
C TRP A 352 -6.02 3.58 -31.72
N VAL A 353 -6.23 4.12 -30.53
CA VAL A 353 -5.20 4.33 -29.51
C VAL A 353 -5.81 3.95 -28.16
N GLN A 354 -4.99 3.34 -27.28
CA GLN A 354 -5.40 2.79 -26.00
C GLN A 354 -5.92 3.91 -25.06
N PRO A 355 -6.94 3.66 -24.22
CA PRO A 355 -7.46 4.64 -23.26
C PRO A 355 -6.47 5.12 -22.19
N ARG A 356 -5.39 4.38 -21.92
CA ARG A 356 -4.41 4.66 -20.88
C ARG A 356 -3.03 4.44 -21.42
N MET A 1 -9.06 -4.68 43.64
CA MET A 1 -9.10 -5.11 42.23
C MET A 1 -8.98 -6.64 42.13
N PHE A 2 -7.77 -7.18 42.32
CA PHE A 2 -7.49 -8.62 42.33
C PHE A 2 -6.64 -8.92 43.56
N ASN A 3 -6.88 -10.06 44.22
CA ASN A 3 -6.02 -10.58 45.27
C ASN A 3 -4.79 -11.19 44.61
N ASN A 4 -3.77 -10.37 44.35
CA ASN A 4 -2.59 -10.80 43.59
C ASN A 4 -1.90 -11.98 44.27
N HIS A 5 -1.86 -13.12 43.59
CA HIS A 5 -1.09 -14.30 43.92
C HIS A 5 -0.73 -15.00 42.60
N GLU A 6 -1.69 -15.12 41.67
CA GLU A 6 -1.44 -15.68 40.36
C GLU A 6 -0.40 -14.84 39.62
N ILE A 7 -0.58 -13.53 39.59
CA ILE A 7 0.26 -12.64 38.80
C ILE A 7 1.67 -12.56 39.38
N ASP A 8 1.84 -12.59 40.71
CA ASP A 8 3.16 -12.66 41.32
C ASP A 8 3.92 -13.90 40.83
N THR A 9 3.22 -15.04 40.78
CA THR A 9 3.73 -16.28 40.23
C THR A 9 4.06 -16.12 38.75
N ILE A 10 3.13 -15.60 37.94
CA ILE A 10 3.26 -15.61 36.50
C ILE A 10 4.35 -14.65 36.06
N LEU A 11 4.47 -13.47 36.68
CA LEU A 11 5.46 -12.49 36.27
C LEU A 11 6.86 -12.99 36.60
N SER A 12 7.02 -13.65 37.74
CA SER A 12 8.27 -14.30 38.12
C SER A 12 8.66 -15.38 37.10
N THR A 13 7.69 -16.08 36.51
CA THR A 13 7.98 -17.08 35.50
C THR A 13 8.26 -16.42 34.15
N LEU A 14 7.41 -15.49 33.72
CA LEU A 14 7.56 -14.83 32.42
C LEU A 14 8.86 -14.04 32.35
N ARG A 15 9.34 -13.45 33.46
CA ARG A 15 10.64 -12.78 33.44
C ARG A 15 11.80 -13.77 33.34
N MET A 16 11.72 -15.00 33.89
CA MET A 16 12.80 -15.97 33.67
C MET A 16 12.74 -16.49 32.23
N GLU A 17 11.56 -16.52 31.63
CA GLU A 17 11.36 -16.83 30.22
C GLU A 17 11.98 -15.74 29.33
N ALA A 18 11.83 -14.48 29.74
CA ALA A 18 12.27 -13.30 29.03
C ALA A 18 13.79 -13.22 28.93
N ASP A 19 14.24 -12.47 27.92
CA ASP A 19 15.64 -12.07 27.80
C ASP A 19 15.97 -11.08 28.92
N PRO A 20 17.14 -11.14 29.58
CA PRO A 20 17.53 -10.22 30.65
C PRO A 20 17.34 -8.73 30.32
N SER A 21 17.47 -8.33 29.06
CA SER A 21 17.32 -6.93 28.65
C SER A 21 15.90 -6.40 28.90
N LEU A 22 14.90 -7.26 29.03
CA LEU A 22 13.52 -6.90 29.32
C LEU A 22 13.28 -6.76 30.82
N HIS A 23 14.19 -7.22 31.69
CA HIS A 23 13.96 -7.20 33.14
C HIS A 23 13.66 -5.80 33.68
N PRO A 24 14.39 -4.71 33.34
CA PRO A 24 14.10 -3.37 33.84
C PRO A 24 12.66 -2.92 33.55
N LEU A 25 12.14 -3.26 32.36
CA LEU A 25 10.78 -2.97 31.96
C LEU A 25 9.79 -3.65 32.90
N PHE A 26 10.07 -4.90 33.29
CA PHE A 26 9.16 -5.67 34.12
C PHE A 26 9.13 -5.19 35.57
N GLU A 27 10.17 -4.51 36.06
CA GLU A 27 10.14 -3.93 37.40
C GLU A 27 9.04 -2.87 37.50
N GLN A 28 8.85 -2.07 36.44
CA GLN A 28 7.82 -1.02 36.41
C GLN A 28 6.50 -1.54 35.79
N PHE A 29 6.53 -2.65 35.05
CA PHE A 29 5.32 -3.35 34.61
C PHE A 29 4.58 -3.87 35.84
N GLU A 30 5.31 -4.47 36.80
CA GLU A 30 4.76 -4.85 38.09
C GLU A 30 4.09 -3.64 38.75
N LYS A 31 4.80 -2.52 38.83
CA LYS A 31 4.33 -1.31 39.50
C LYS A 31 2.99 -0.86 38.91
N PHE A 32 2.90 -0.79 37.58
CA PHE A 32 1.69 -0.30 36.92
C PHE A 32 0.52 -1.28 37.02
N TYR A 33 0.76 -2.57 37.26
CA TYR A 33 -0.30 -3.51 37.59
C TYR A 33 -0.72 -3.30 39.05
N GLU A 34 0.26 -3.28 39.97
CA GLU A 34 0.04 -3.29 41.42
C GLU A 34 -0.76 -2.07 41.88
N GLU A 35 -0.54 -0.91 41.27
CA GLU A 35 -1.22 0.34 41.64
C GLU A 35 -2.35 0.71 40.66
N LYS A 36 -2.76 -0.25 39.81
CA LYS A 36 -3.95 -0.16 38.96
C LYS A 36 -3.94 1.05 38.00
N LEU A 37 -3.00 1.07 37.07
CA LEU A 37 -2.84 2.05 36.03
C LEU A 37 -2.38 1.38 34.75
N TRP A 38 -3.25 0.47 34.30
CA TRP A 38 -3.22 -0.22 33.01
C TRP A 38 -2.80 0.70 31.85
N PHE A 39 -3.17 1.97 31.90
CA PHE A 39 -2.90 2.95 30.86
C PHE A 39 -1.41 3.28 30.71
N GLN A 40 -0.54 2.89 31.67
CA GLN A 40 0.92 2.98 31.56
C GLN A 40 1.51 1.59 31.28
N LEU A 41 0.81 0.56 31.76
CA LEU A 41 1.14 -0.83 31.62
C LEU A 41 1.14 -1.27 30.15
N SER A 42 0.20 -0.75 29.36
CA SER A 42 0.13 -0.96 27.92
C SER A 42 1.36 -0.35 27.23
N GLU A 43 1.72 0.87 27.61
CA GLU A 43 2.86 1.59 27.03
C GLU A 43 4.14 0.82 27.32
N SER A 44 4.24 0.22 28.51
CA SER A 44 5.39 -0.58 28.89
C SER A 44 5.59 -1.73 27.91
N LEU A 45 4.54 -2.55 27.67
CA LEU A 45 4.64 -3.64 26.71
C LEU A 45 4.95 -3.12 25.32
N THR A 46 4.36 -1.98 24.94
CA THR A 46 4.54 -1.37 23.63
C THR A 46 6.01 -0.99 23.39
N LYS A 47 6.67 -0.34 24.36
CA LYS A 47 8.02 0.21 24.22
C LYS A 47 9.05 -0.84 23.80
N PHE A 48 8.83 -2.12 24.16
CA PHE A 48 9.73 -3.21 23.82
C PHE A 48 9.09 -4.24 22.90
N PHE A 49 7.79 -4.13 22.57
CA PHE A 49 7.16 -4.99 21.58
C PHE A 49 7.85 -4.82 20.21
N ASP A 50 8.36 -3.61 19.94
CA ASP A 50 9.12 -3.29 18.73
C ASP A 50 10.48 -4.02 18.69
N ASP A 51 11.00 -4.49 19.82
CA ASP A 51 12.32 -5.10 19.91
C ASP A 51 12.21 -6.62 19.76
N ALA A 52 13.17 -7.23 19.06
CA ALA A 52 13.27 -8.68 18.91
C ALA A 52 13.42 -9.42 20.25
N LYS A 53 13.74 -8.73 21.36
CA LYS A 53 13.68 -9.29 22.71
C LYS A 53 12.33 -9.94 22.99
N SER A 54 11.25 -9.33 22.52
CA SER A 54 9.89 -9.67 22.87
C SER A 54 9.36 -10.79 21.96
N THR A 55 10.10 -11.90 21.90
CA THR A 55 9.76 -13.14 21.23
C THR A 55 8.54 -13.83 21.86
N PRO A 56 8.10 -15.03 21.39
CA PRO A 56 6.87 -15.69 21.78
C PRO A 56 6.45 -15.80 23.25
N LEU A 57 7.30 -15.48 24.23
CA LEU A 57 6.84 -15.35 25.61
C LEU A 57 5.74 -14.28 25.73
N ARG A 58 5.70 -13.29 24.81
CA ARG A 58 4.58 -12.35 24.71
C ARG A 58 3.25 -13.03 24.45
N LEU A 59 3.21 -14.21 23.81
CA LEU A 59 1.98 -14.96 23.54
C LEU A 59 1.33 -15.31 24.87
N ARG A 60 2.10 -15.96 25.75
CA ARG A 60 1.62 -16.33 27.07
C ARG A 60 1.31 -15.07 27.87
N LEU A 61 2.20 -14.07 27.86
CA LEU A 61 2.00 -12.84 28.63
C LEU A 61 0.67 -12.18 28.22
N TYR A 62 0.34 -12.12 26.92
CA TYR A 62 -0.98 -11.64 26.52
C TYR A 62 -2.07 -12.52 27.14
N ASP A 63 -2.01 -13.83 26.86
CA ASP A 63 -3.07 -14.78 27.19
C ASP A 63 -3.32 -14.94 28.69
N ASN A 64 -2.33 -14.65 29.53
CA ASN A 64 -2.34 -14.96 30.96
C ASN A 64 -2.11 -13.76 31.88
N PHE A 65 -1.84 -12.57 31.34
CA PHE A 65 -1.62 -11.36 32.15
C PHE A 65 -2.43 -10.23 31.52
N VAL A 66 -2.24 -9.89 30.24
CA VAL A 66 -2.99 -8.81 29.60
C VAL A 66 -4.49 -9.15 29.61
N SER A 67 -4.85 -10.43 29.52
CA SER A 67 -6.22 -10.91 29.62
C SER A 67 -6.96 -10.42 30.88
N LYS A 68 -6.25 -10.10 31.98
CA LYS A 68 -6.87 -9.57 33.20
C LYS A 68 -7.49 -8.17 32.97
N PHE A 69 -7.04 -7.41 31.97
CA PHE A 69 -7.42 -6.01 31.77
C PHE A 69 -7.46 -5.65 30.27
N TYR A 70 -7.58 -6.63 29.38
CA TYR A 70 -7.57 -6.43 27.93
C TYR A 70 -8.65 -5.45 27.45
N ASP A 71 -9.76 -5.33 28.19
CA ASP A 71 -10.86 -4.41 27.94
C ASP A 71 -10.59 -2.99 28.45
N LYS A 72 -9.60 -2.81 29.34
CA LYS A 72 -9.28 -1.51 29.94
C LYS A 72 -8.41 -0.64 29.02
N ILE A 73 -7.82 -1.22 27.98
CA ILE A 73 -6.80 -0.57 27.15
C ILE A 73 -7.12 -0.77 25.67
N ASN A 74 -6.38 -0.05 24.82
CA ASN A 74 -6.53 -0.08 23.37
C ASN A 74 -6.33 -1.50 22.85
N GLN A 75 -7.35 -2.05 22.19
CA GLN A 75 -7.35 -3.41 21.66
C GLN A 75 -6.19 -3.61 20.70
N LEU A 76 -5.88 -2.64 19.85
CA LEU A 76 -4.77 -2.78 18.89
C LEU A 76 -3.43 -2.94 19.63
N SER A 77 -3.26 -2.35 20.81
CA SER A 77 -2.10 -2.64 21.65
C SER A 77 -2.13 -4.10 22.09
N VAL A 78 -3.27 -4.62 22.56
CA VAL A 78 -3.33 -5.99 23.04
C VAL A 78 -3.03 -6.97 21.92
N VAL A 79 -3.63 -6.79 20.73
CA VAL A 79 -3.33 -7.67 19.62
C VAL A 79 -1.90 -7.48 19.15
N LYS A 80 -1.30 -6.29 19.17
CA LYS A 80 0.11 -6.11 18.78
C LYS A 80 1.03 -7.04 19.57
N TYR A 81 0.78 -7.23 20.87
CA TYR A 81 1.67 -8.08 21.67
C TYR A 81 1.59 -9.52 21.21
N LEU A 82 0.36 -10.00 20.98
CA LEU A 82 0.09 -11.35 20.50
C LEU A 82 0.62 -11.53 19.08
N LEU A 83 0.44 -10.52 18.23
CA LEU A 83 0.89 -10.46 16.85
C LEU A 83 2.40 -10.65 16.78
N ALA A 84 3.19 -10.02 17.66
CA ALA A 84 4.63 -10.20 17.60
C ALA A 84 5.04 -11.66 17.80
N SER A 85 4.30 -12.42 18.61
CA SER A 85 4.53 -13.85 18.76
C SER A 85 4.04 -14.61 17.53
N LEU A 86 2.85 -14.29 17.03
CA LEU A 86 2.23 -15.00 15.92
C LEU A 86 2.95 -14.75 14.59
N LYS A 87 3.65 -13.62 14.44
CA LYS A 87 4.49 -13.39 13.27
C LYS A 87 5.71 -14.32 13.29
N ASP A 88 6.25 -14.66 14.47
CA ASP A 88 7.39 -15.58 14.54
C ASP A 88 6.94 -17.04 14.56
N SER A 89 5.74 -17.31 15.04
CA SER A 89 5.13 -18.63 14.98
C SER A 89 5.01 -19.05 13.52
N LYS A 90 5.49 -20.25 13.18
CA LYS A 90 5.55 -20.75 11.81
C LYS A 90 4.20 -21.39 11.44
N ASP A 91 3.11 -20.64 11.59
CA ASP A 91 1.74 -21.15 11.51
C ASP A 91 0.83 -20.16 10.77
N PHE A 92 -0.33 -20.63 10.28
CA PHE A 92 -1.30 -19.88 9.48
C PHE A 92 -2.75 -20.29 9.79
N ASP A 93 -2.99 -21.00 10.89
CA ASP A 93 -4.30 -21.55 11.24
C ASP A 93 -4.57 -21.37 12.74
N GLU A 94 -3.60 -21.69 13.58
CA GLU A 94 -3.66 -21.38 15.00
C GLU A 94 -3.70 -19.86 15.17
N SER A 95 -2.90 -19.13 14.40
CA SER A 95 -2.88 -17.68 14.36
C SER A 95 -4.22 -17.11 13.93
N LEU A 96 -4.85 -17.72 12.91
CA LEU A 96 -6.17 -17.37 12.44
C LEU A 96 -7.18 -17.48 13.58
N LYS A 97 -7.24 -18.65 14.21
CA LYS A 97 -8.18 -18.90 15.31
C LYS A 97 -7.97 -17.91 16.43
N TYR A 98 -6.72 -17.64 16.81
CA TYR A 98 -6.43 -16.67 17.84
C TYR A 98 -6.99 -15.30 17.53
N LEU A 99 -6.92 -14.82 16.29
CA LEU A 99 -7.24 -13.42 16.07
C LEU A 99 -8.72 -13.27 15.77
N ASP A 100 -9.39 -14.31 15.26
CA ASP A 100 -10.83 -14.25 15.18
C ASP A 100 -11.44 -14.44 16.57
N ASP A 101 -10.86 -15.29 17.44
CA ASP A 101 -11.44 -15.54 18.76
C ASP A 101 -11.27 -14.31 19.64
N LEU A 102 -10.09 -13.69 19.62
CA LEU A 102 -9.82 -12.48 20.38
C LEU A 102 -10.65 -11.32 19.85
N LYS A 103 -10.72 -11.12 18.53
CA LYS A 103 -11.55 -10.03 18.00
C LYS A 103 -13.02 -10.29 18.32
N ALA A 104 -13.48 -11.55 18.31
CA ALA A 104 -14.87 -11.87 18.66
C ALA A 104 -15.19 -11.50 20.11
N GLN A 105 -14.26 -11.68 21.06
CA GLN A 105 -14.47 -11.23 22.43
C GLN A 105 -14.75 -9.74 22.46
N PHE A 106 -13.91 -8.95 21.77
CA PHE A 106 -14.12 -7.51 21.70
C PHE A 106 -15.42 -7.17 20.96
N GLN A 107 -15.78 -7.93 19.94
CA GLN A 107 -17.01 -7.77 19.16
C GLN A 107 -18.26 -8.03 20.00
N GLU A 108 -18.15 -8.74 21.13
CA GLU A 108 -19.23 -8.91 22.10
C GLU A 108 -19.24 -7.77 23.10
N LEU A 109 -18.05 -7.25 23.47
CA LEU A 109 -17.93 -6.13 24.39
C LEU A 109 -18.44 -4.83 23.76
N ASP A 110 -18.16 -4.60 22.47
CA ASP A 110 -18.51 -3.37 21.76
C ASP A 110 -18.51 -3.59 20.24
N SER A 111 -19.31 -2.81 19.52
CA SER A 111 -19.39 -2.76 18.08
C SER A 111 -19.68 -1.32 17.60
N LYS A 112 -19.55 -0.33 18.51
CA LYS A 112 -19.99 1.05 18.34
C LYS A 112 -21.50 1.08 18.11
N LYS A 113 -22.21 0.61 19.15
CA LYS A 113 -23.66 0.44 19.32
C LYS A 113 -24.57 1.06 18.26
N GLN A 114 -24.45 2.36 18.02
CA GLN A 114 -25.38 3.13 17.20
C GLN A 114 -25.36 2.72 15.71
N ARG A 115 -24.41 1.89 15.27
CA ARG A 115 -24.41 1.26 13.95
C ARG A 115 -25.70 0.45 13.70
N ASN A 116 -25.95 0.07 12.45
CA ASN A 116 -27.11 -0.73 12.05
C ASN A 116 -27.12 -2.06 12.80
N ASN A 117 -28.28 -2.47 13.34
CA ASN A 117 -28.42 -3.63 14.21
C ASN A 117 -27.96 -4.94 13.55
N GLY A 118 -28.19 -5.09 12.24
CA GLY A 118 -27.78 -6.27 11.51
C GLY A 118 -26.27 -6.31 11.20
N SER A 119 -25.60 -5.16 11.20
CA SER A 119 -24.20 -5.02 10.85
C SER A 119 -23.28 -5.40 12.01
N LYS A 120 -23.40 -6.62 12.53
CA LYS A 120 -22.55 -7.17 13.60
C LYS A 120 -21.06 -7.13 13.22
N ASP A 121 -20.74 -7.11 11.92
CA ASP A 121 -19.37 -6.96 11.43
C ASP A 121 -18.73 -5.63 11.85
N HIS A 122 -19.54 -4.58 12.04
CA HIS A 122 -19.06 -3.26 12.39
C HIS A 122 -18.32 -3.34 13.73
N GLY A 123 -17.08 -2.85 13.75
CA GLY A 123 -16.19 -3.00 14.88
C GLY A 123 -15.00 -2.06 14.77
N ASP A 124 -15.25 -0.76 14.65
CA ASP A 124 -14.19 0.24 14.75
C ASP A 124 -13.48 0.04 16.10
N GLY A 125 -12.22 -0.42 16.07
CA GLY A 125 -11.45 -0.86 17.23
C GLY A 125 -10.84 -2.25 17.01
N ILE A 126 -11.44 -3.07 16.14
CA ILE A 126 -11.01 -4.42 15.80
C ILE A 126 -11.04 -4.69 14.29
N LEU A 127 -11.69 -3.85 13.48
CA LEU A 127 -11.82 -4.08 12.03
C LEU A 127 -10.47 -4.32 11.36
N LEU A 128 -9.41 -3.64 11.80
CA LEU A 128 -8.07 -3.79 11.21
C LEU A 128 -7.52 -5.21 11.36
N ILE A 129 -7.96 -5.96 12.39
CA ILE A 129 -7.55 -7.35 12.60
C ILE A 129 -8.06 -8.21 11.43
N ASP A 130 -9.20 -7.86 10.81
CA ASP A 130 -9.75 -8.64 9.71
C ASP A 130 -8.80 -8.66 8.51
N SER A 131 -8.00 -7.60 8.32
CA SER A 131 -6.96 -7.54 7.31
C SER A 131 -5.89 -8.62 7.58
N GLU A 132 -5.47 -8.79 8.83
CA GLU A 132 -4.45 -9.77 9.19
C GLU A 132 -5.03 -11.18 9.14
N ILE A 133 -6.31 -11.36 9.47
CA ILE A 133 -7.02 -12.62 9.26
C ILE A 133 -7.03 -12.92 7.75
N ALA A 134 -7.30 -11.94 6.89
CA ALA A 134 -7.27 -12.13 5.44
C ALA A 134 -5.86 -12.50 4.96
N ARG A 135 -4.79 -11.85 5.44
CA ARG A 135 -3.42 -12.25 5.10
C ARG A 135 -3.11 -13.66 5.59
N THR A 136 -3.56 -14.02 6.79
CA THR A 136 -3.30 -15.33 7.35
C THR A 136 -4.03 -16.41 6.53
N TYR A 137 -5.28 -16.15 6.10
CA TYR A 137 -5.98 -17.01 5.14
C TYR A 137 -5.21 -17.08 3.81
N LEU A 138 -4.75 -15.94 3.27
CA LEU A 138 -4.02 -15.90 2.02
C LEU A 138 -2.74 -16.75 2.09
N LEU A 139 -2.09 -16.79 3.26
CA LEU A 139 -0.90 -17.59 3.52
C LEU A 139 -1.24 -19.08 3.70
N LYS A 140 -2.41 -19.42 4.27
CA LYS A 140 -2.84 -20.79 4.49
C LYS A 140 -2.82 -21.58 3.18
N ASN A 141 -2.21 -22.76 3.20
CA ASN A 141 -2.07 -23.62 2.01
C ASN A 141 -3.41 -24.12 1.50
N ASP A 142 -4.38 -24.37 2.39
CA ASP A 142 -5.72 -24.87 2.08
C ASP A 142 -6.61 -23.71 1.59
N LEU A 143 -6.17 -23.06 0.51
CA LEU A 143 -6.67 -21.81 -0.06
C LEU A 143 -8.15 -21.81 -0.46
N VAL A 144 -8.82 -22.96 -0.45
CA VAL A 144 -10.27 -23.03 -0.66
C VAL A 144 -11.05 -22.31 0.44
N LYS A 145 -10.53 -22.23 1.68
CA LYS A 145 -11.14 -21.36 2.69
C LYS A 145 -10.83 -19.91 2.38
N ALA A 146 -9.60 -19.61 1.97
CA ALA A 146 -9.15 -18.25 1.75
C ALA A 146 -9.98 -17.58 0.66
N ARG A 147 -10.25 -18.27 -0.46
CA ARG A 147 -11.04 -17.68 -1.54
C ARG A 147 -12.48 -17.39 -1.10
N ASP A 148 -13.05 -18.20 -0.20
CA ASP A 148 -14.40 -17.96 0.32
C ASP A 148 -14.44 -16.69 1.17
N LEU A 149 -13.43 -16.49 2.03
CA LEU A 149 -13.28 -15.26 2.80
C LEU A 149 -13.06 -14.08 1.85
N LEU A 150 -12.17 -14.23 0.87
CA LEU A 150 -11.80 -13.18 -0.07
C LEU A 150 -13.03 -12.72 -0.86
N ASP A 151 -13.94 -13.63 -1.22
CA ASP A 151 -15.16 -13.28 -1.95
C ASP A 151 -16.08 -12.38 -1.10
N ASP A 152 -16.16 -12.61 0.21
CA ASP A 152 -16.94 -11.74 1.10
C ASP A 152 -16.22 -10.42 1.34
N LEU A 153 -14.90 -10.47 1.46
CA LEU A 153 -14.06 -9.29 1.64
C LEU A 153 -14.14 -8.36 0.42
N GLU A 154 -14.27 -8.91 -0.78
CA GLU A 154 -14.41 -8.13 -2.02
C GLU A 154 -15.67 -7.25 -1.98
N LYS A 155 -16.74 -7.67 -1.29
CA LYS A 155 -17.97 -6.87 -1.17
C LYS A 155 -17.66 -5.50 -0.55
N THR A 156 -16.70 -5.45 0.39
CA THR A 156 -16.33 -4.23 1.09
C THR A 156 -15.80 -3.15 0.12
N LEU A 157 -15.29 -3.55 -1.06
CA LEU A 157 -14.75 -2.63 -2.06
C LEU A 157 -15.86 -2.07 -2.96
N ASP A 158 -17.13 -2.42 -2.72
CA ASP A 158 -18.28 -1.92 -3.45
C ASP A 158 -19.34 -1.38 -2.48
N LYS A 159 -19.86 -2.22 -1.58
CA LYS A 159 -20.74 -1.84 -0.48
C LYS A 159 -20.84 -3.00 0.51
N LYS A 160 -20.49 -2.77 1.76
CA LYS A 160 -20.73 -3.68 2.88
C LYS A 160 -20.75 -2.79 4.13
N ASP A 161 -21.94 -2.41 4.57
CA ASP A 161 -22.16 -1.40 5.61
C ASP A 161 -21.40 -0.09 5.27
N SER A 162 -21.01 0.70 6.26
CA SER A 162 -20.46 2.05 6.13
C SER A 162 -19.23 2.18 7.03
N ILE A 163 -18.43 1.11 7.10
CA ILE A 163 -17.21 1.02 7.92
C ILE A 163 -16.19 2.15 7.60
N PRO A 164 -15.27 2.48 8.53
CA PRO A 164 -14.20 3.43 8.29
C PRO A 164 -13.37 3.08 7.05
N LEU A 165 -12.87 4.09 6.33
CA LEU A 165 -12.09 3.89 5.10
C LEU A 165 -10.77 3.15 5.38
N ARG A 166 -10.27 3.16 6.61
CA ARG A 166 -8.96 2.57 6.93
C ARG A 166 -8.93 1.08 6.62
N ILE A 167 -9.96 0.30 7.00
CA ILE A 167 -10.01 -1.12 6.70
C ILE A 167 -10.10 -1.34 5.18
N THR A 168 -10.82 -0.48 4.46
CA THR A 168 -10.88 -0.54 3.00
C THR A 168 -9.48 -0.34 2.42
N ASN A 169 -8.70 0.60 2.98
CA ASN A 169 -7.29 0.79 2.66
C ASN A 169 -6.46 -0.46 2.96
N SER A 170 -6.71 -1.15 4.07
CA SER A 170 -5.94 -2.33 4.43
C SER A 170 -6.12 -3.46 3.41
N PHE A 171 -7.24 -3.51 2.68
CA PHE A 171 -7.41 -4.50 1.62
C PHE A 171 -6.30 -4.42 0.58
N TYR A 172 -5.80 -3.23 0.26
CA TYR A 172 -4.87 -3.08 -0.86
C TYR A 172 -3.53 -3.78 -0.56
N SER A 173 -3.16 -3.95 0.71
CA SER A 173 -2.01 -4.76 1.07
C SER A 173 -2.26 -6.24 0.79
N THR A 174 -3.49 -6.75 1.02
CA THR A 174 -3.85 -8.12 0.65
C THR A 174 -3.85 -8.26 -0.86
N ASN A 175 -4.41 -7.29 -1.61
CA ASN A 175 -4.40 -7.29 -3.08
C ASN A 175 -2.97 -7.39 -3.60
N SER A 176 -2.06 -6.63 -2.99
CA SER A 176 -0.65 -6.58 -3.35
C SER A 176 0.11 -7.88 -3.06
N GLN A 177 -0.49 -8.84 -2.34
CA GLN A 177 0.08 -10.16 -2.06
C GLN A 177 -0.70 -11.26 -2.81
N TYR A 178 -1.99 -11.01 -3.10
CA TYR A 178 -2.85 -11.89 -3.89
C TYR A 178 -2.44 -11.92 -5.37
N PHE A 179 -1.85 -10.83 -5.87
CA PHE A 179 -1.26 -10.79 -7.22
C PHE A 179 -0.22 -11.90 -7.39
N LYS A 180 0.06 -12.29 -8.65
CA LYS A 180 0.94 -13.43 -8.98
C LYS A 180 2.37 -13.25 -8.45
N PHE A 181 2.80 -12.01 -8.24
CA PHE A 181 4.10 -11.62 -7.74
C PHE A 181 3.88 -10.43 -6.79
N LYS A 182 4.95 -9.76 -6.35
CA LYS A 182 4.79 -8.48 -5.65
C LYS A 182 4.10 -7.51 -6.63
N ASN A 183 3.19 -6.69 -6.11
CA ASN A 183 2.32 -5.82 -6.93
C ASN A 183 3.17 -4.99 -7.88
N ASP A 184 2.95 -5.13 -9.20
CA ASP A 184 3.67 -4.34 -10.21
C ASP A 184 3.30 -2.87 -10.05
N PHE A 185 4.17 -1.94 -10.44
CA PHE A 185 3.90 -0.52 -10.31
C PHE A 185 2.67 -0.06 -11.08
N ASN A 186 2.43 -0.56 -12.30
CA ASN A 186 1.25 -0.16 -13.08
C ASN A 186 -0.02 -0.64 -12.36
N SER A 187 0.04 -1.86 -11.84
CA SER A 187 -1.01 -2.47 -11.04
C SER A 187 -1.22 -1.68 -9.74
N PHE A 188 -0.16 -1.20 -9.09
CA PHE A 188 -0.25 -0.40 -7.88
C PHE A 188 -0.86 0.97 -8.16
N TYR A 189 -0.57 1.57 -9.32
CA TYR A 189 -1.20 2.79 -9.78
C TYR A 189 -2.72 2.59 -9.88
N TYR A 190 -3.17 1.51 -10.52
CA TYR A 190 -4.60 1.22 -10.58
C TYR A 190 -5.18 0.90 -9.20
N THR A 191 -4.43 0.23 -8.33
CA THR A 191 -4.84 -0.01 -6.94
C THR A 191 -5.02 1.33 -6.21
N SER A 192 -4.17 2.32 -6.49
CA SER A 192 -4.25 3.65 -5.90
C SER A 192 -5.47 4.39 -6.46
N LEU A 193 -5.73 4.33 -7.77
CA LEU A 193 -6.92 4.92 -8.36
C LEU A 193 -8.20 4.31 -7.78
N LEU A 194 -8.19 3.01 -7.49
CA LEU A 194 -9.31 2.34 -6.84
C LEU A 194 -9.58 2.98 -5.48
N TYR A 195 -8.54 3.19 -4.66
CA TYR A 195 -8.71 3.85 -3.37
C TYR A 195 -9.23 5.28 -3.53
N LEU A 196 -8.71 6.02 -4.51
CA LEU A 196 -9.13 7.40 -4.73
C LEU A 196 -10.58 7.47 -5.20
N SER A 197 -11.03 6.47 -5.95
CA SER A 197 -12.41 6.31 -6.37
C SER A 197 -13.32 5.94 -5.18
N THR A 198 -12.77 5.25 -4.18
CA THR A 198 -13.47 4.83 -2.98
C THR A 198 -13.57 5.98 -1.97
N LEU A 199 -12.58 6.89 -1.94
CA LEU A 199 -12.63 8.13 -1.17
C LEU A 199 -13.74 9.04 -1.71
N GLU A 200 -14.11 10.05 -0.93
CA GLU A 200 -15.22 10.97 -1.21
C GLU A 200 -14.85 12.37 -0.70
N PRO A 201 -15.58 13.43 -1.12
CA PRO A 201 -15.48 14.78 -0.55
C PRO A 201 -15.60 14.82 0.99
N SER A 202 -16.13 13.76 1.61
CA SER A 202 -16.14 13.53 3.05
C SER A 202 -14.75 13.66 3.69
N THR A 203 -13.66 13.50 2.90
CA THR A 203 -12.31 13.80 3.33
C THR A 203 -11.93 12.97 4.57
N SER A 204 -12.02 11.64 4.40
CA SER A 204 -11.62 10.63 5.38
C SER A 204 -10.11 10.63 5.68
N ILE A 205 -9.32 11.38 4.93
CA ILE A 205 -7.88 11.54 5.04
C ILE A 205 -7.55 13.04 5.00
N THR A 206 -6.40 13.44 5.53
CA THR A 206 -5.96 14.83 5.52
C THR A 206 -5.55 15.26 4.11
N LEU A 207 -5.41 16.57 3.90
CA LEU A 207 -4.81 17.08 2.66
C LEU A 207 -3.36 16.59 2.54
N ALA A 208 -2.63 16.44 3.66
CA ALA A 208 -1.28 15.90 3.63
C ALA A 208 -1.27 14.46 3.08
N GLU A 209 -2.22 13.63 3.51
CA GLU A 209 -2.36 12.29 2.95
C GLU A 209 -2.73 12.35 1.47
N ARG A 210 -3.62 13.27 1.06
CA ARG A 210 -3.92 13.46 -0.36
C ARG A 210 -2.67 13.84 -1.15
N GLN A 211 -1.83 14.74 -0.65
CA GLN A 211 -0.58 15.12 -1.33
C GLN A 211 0.33 13.90 -1.50
N GLN A 212 0.51 13.12 -0.44
CA GLN A 212 1.33 11.91 -0.49
C GLN A 212 0.73 10.89 -1.47
N LEU A 213 -0.60 10.76 -1.54
CA LEU A 213 -1.25 9.88 -2.50
C LEU A 213 -1.02 10.39 -3.93
N ALA A 214 -1.13 11.69 -4.20
CA ALA A 214 -0.85 12.26 -5.52
C ALA A 214 0.58 11.95 -5.95
N TYR A 215 1.54 12.12 -5.03
CA TYR A 215 2.94 11.81 -5.29
C TYR A 215 3.13 10.31 -5.56
N ASP A 216 2.60 9.44 -4.69
CA ASP A 216 2.79 7.99 -4.81
C ASP A 216 2.10 7.43 -6.06
N LEU A 217 0.93 7.97 -6.41
CA LEU A 217 0.22 7.72 -7.65
C LEU A 217 1.09 8.11 -8.84
N SER A 218 1.76 9.26 -8.77
CA SER A 218 2.65 9.71 -9.82
C SER A 218 3.85 8.77 -9.97
N ILE A 219 4.47 8.36 -8.85
CA ILE A 219 5.62 7.46 -8.89
C ILE A 219 5.18 6.11 -9.47
N SER A 220 4.05 5.54 -9.04
CA SER A 220 3.58 4.27 -9.58
C SER A 220 3.20 4.38 -11.06
N ALA A 221 2.69 5.53 -11.53
CA ALA A 221 2.49 5.78 -12.95
C ALA A 221 3.84 5.82 -13.68
N LEU A 222 4.83 6.51 -13.12
CA LEU A 222 6.11 6.80 -13.76
C LEU A 222 6.92 5.52 -13.95
N LEU A 223 6.95 4.65 -12.93
CA LEU A 223 7.52 3.30 -13.04
C LEU A 223 6.57 2.31 -13.73
N GLY A 224 5.38 2.74 -14.15
CA GLY A 224 4.32 1.88 -14.63
C GLY A 224 4.70 1.25 -15.95
N ASP A 225 4.94 -0.07 -15.93
CA ASP A 225 5.52 -0.86 -17.02
C ASP A 225 4.87 -0.65 -18.39
N LYS A 226 3.58 -0.29 -18.43
CA LYS A 226 2.82 -0.06 -19.67
C LYS A 226 1.98 1.22 -19.62
N ILE A 227 2.12 2.05 -18.59
CA ILE A 227 1.39 3.32 -18.51
C ILE A 227 2.04 4.32 -19.48
N TYR A 228 1.23 5.19 -20.06
CA TYR A 228 1.69 6.34 -20.83
C TYR A 228 0.78 7.57 -20.63
N ASN A 229 -0.36 7.43 -19.96
CA ASN A 229 -1.38 8.48 -19.90
C ASN A 229 -1.11 9.49 -18.79
N PHE A 230 0.09 10.07 -18.81
CA PHE A 230 0.49 11.12 -17.88
C PHE A 230 -0.38 12.38 -18.03
N GLY A 231 -1.05 12.56 -19.18
CA GLY A 231 -2.02 13.63 -19.37
C GLY A 231 -3.19 13.47 -18.41
N GLU A 232 -3.80 12.28 -18.34
CA GLU A 232 -4.91 12.03 -17.42
C GLU A 232 -4.44 12.12 -15.97
N LEU A 233 -3.23 11.64 -15.65
CA LEU A 233 -2.66 11.78 -14.31
C LEU A 233 -2.65 13.26 -13.92
N LEU A 234 -2.06 14.12 -14.76
CA LEU A 234 -1.92 15.55 -14.46
C LEU A 234 -3.29 16.22 -14.39
N HIS A 235 -4.25 15.78 -15.20
CA HIS A 235 -5.61 16.31 -15.20
C HIS A 235 -6.37 15.95 -13.92
N HIS A 236 -6.06 14.81 -13.29
CA HIS A 236 -6.82 14.28 -12.16
C HIS A 236 -6.79 15.28 -10.98
N PRO A 237 -7.94 15.72 -10.44
CA PRO A 237 -8.02 16.71 -9.36
C PRO A 237 -7.16 16.44 -8.12
N ILE A 238 -6.79 15.18 -7.86
CA ILE A 238 -5.93 14.84 -6.72
C ILE A 238 -4.59 15.59 -6.83
N MET A 239 -4.09 15.82 -8.05
CA MET A 239 -2.84 16.54 -8.29
C MET A 239 -2.94 18.01 -7.91
N GLU A 240 -4.15 18.58 -7.82
CA GLU A 240 -4.31 20.00 -7.51
C GLU A 240 -3.81 20.29 -6.10
N THR A 241 -3.72 19.26 -5.24
CA THR A 241 -3.22 19.37 -3.88
C THR A 241 -1.71 19.61 -3.85
N ILE A 242 -0.95 19.34 -4.92
CA ILE A 242 0.52 19.40 -4.89
C ILE A 242 1.02 20.49 -5.83
N VAL A 243 0.41 20.66 -7.01
CA VAL A 243 0.89 21.64 -7.98
C VAL A 243 0.74 23.07 -7.45
N ASN A 244 -0.29 23.32 -6.60
CA ASN A 244 -0.55 24.62 -6.01
C ASN A 244 0.32 24.89 -4.77
N ASP A 245 1.06 23.87 -4.29
CA ASP A 245 1.78 23.94 -3.01
C ASP A 245 3.30 23.93 -3.21
N SER A 246 3.76 23.73 -4.45
CA SER A 246 5.13 23.89 -4.94
C SER A 246 6.18 22.93 -4.35
N ASN A 247 5.90 22.24 -3.24
CA ASN A 247 6.79 21.24 -2.63
C ASN A 247 7.17 20.12 -3.60
N TYR A 248 6.32 19.88 -4.61
CA TYR A 248 6.47 18.79 -5.58
C TYR A 248 6.62 19.38 -7.00
N ASP A 249 6.91 20.68 -7.15
CA ASP A 249 6.94 21.34 -8.46
C ASP A 249 7.96 20.70 -9.42
N TRP A 250 9.08 20.23 -8.88
CA TRP A 250 10.10 19.53 -9.62
C TRP A 250 9.54 18.24 -10.25
N LEU A 251 8.75 17.48 -9.48
CA LEU A 251 8.09 16.26 -9.95
C LEU A 251 7.04 16.62 -10.99
N PHE A 252 6.24 17.65 -10.73
CA PHE A 252 5.24 18.15 -11.66
C PHE A 252 5.86 18.50 -13.01
N GLN A 253 6.97 19.25 -13.00
CA GLN A 253 7.63 19.64 -14.24
C GLN A 253 8.21 18.42 -14.96
N LEU A 254 8.67 17.39 -14.23
CA LEU A 254 9.14 16.16 -14.87
C LEU A 254 7.97 15.48 -15.57
N LEU A 255 6.85 15.28 -14.90
CA LEU A 255 5.65 14.68 -15.49
C LEU A 255 5.19 15.49 -16.70
N ASN A 256 5.12 16.81 -16.56
CA ASN A 256 4.67 17.71 -17.61
C ASN A 256 5.57 17.59 -18.82
N ALA A 257 6.89 17.68 -18.63
CA ALA A 257 7.85 17.56 -19.73
C ALA A 257 7.70 16.24 -20.47
N LEU A 258 7.56 15.14 -19.71
CA LEU A 258 7.34 13.81 -20.27
C LEU A 258 6.04 13.76 -21.08
N THR A 259 4.99 14.43 -20.60
CA THR A 259 3.68 14.43 -21.24
C THR A 259 3.77 15.14 -22.60
N VAL A 260 4.42 16.31 -22.65
CA VAL A 260 4.40 17.18 -23.83
C VAL A 260 5.57 16.87 -24.79
N GLY A 261 6.53 16.06 -24.38
CA GLY A 261 7.71 15.74 -25.16
C GLY A 261 8.78 16.85 -25.10
N ASP A 262 8.81 17.62 -24.01
CA ASP A 262 9.82 18.66 -23.81
C ASP A 262 11.11 18.00 -23.31
N PHE A 263 11.83 17.40 -24.27
CA PHE A 263 13.10 16.71 -24.03
C PHE A 263 14.12 17.59 -23.30
N ASP A 264 14.10 18.90 -23.51
CA ASP A 264 15.05 19.83 -22.89
C ASP A 264 14.76 20.02 -21.40
N LYS A 265 13.51 20.27 -21.02
CA LYS A 265 13.13 20.31 -19.61
C LYS A 265 13.35 18.93 -18.97
N PHE A 266 12.92 17.88 -19.65
CA PHE A 266 13.06 16.51 -19.19
C PHE A 266 14.53 16.22 -18.89
N ASP A 267 15.44 16.53 -19.83
CA ASP A 267 16.88 16.32 -19.68
C ASP A 267 17.46 17.18 -18.56
N SER A 268 17.00 18.43 -18.41
CA SER A 268 17.42 19.29 -17.32
C SER A 268 17.10 18.66 -15.96
N LEU A 269 15.90 18.12 -15.81
CA LEU A 269 15.50 17.46 -14.57
C LEU A 269 16.18 16.10 -14.44
N ILE A 270 16.47 15.40 -15.54
CA ILE A 270 17.24 14.16 -15.51
C ILE A 270 18.65 14.40 -14.97
N LYS A 271 19.25 15.54 -15.29
CA LYS A 271 20.58 15.94 -14.80
C LYS A 271 20.58 16.31 -13.32
N VAL A 272 19.42 16.45 -12.66
CA VAL A 272 19.35 16.98 -11.29
C VAL A 272 18.44 16.11 -10.43
N GLN A 273 17.14 16.07 -10.68
CA GLN A 273 16.18 15.42 -9.80
C GLN A 273 16.36 13.91 -9.83
N ILE A 274 16.58 13.35 -11.02
CA ILE A 274 16.85 11.92 -11.14
C ILE A 274 18.19 11.59 -10.47
N SER A 275 19.24 12.41 -10.67
CA SER A 275 20.52 12.20 -10.00
C SER A 275 20.37 12.18 -8.48
N LYS A 276 19.50 13.02 -7.93
CA LYS A 276 19.29 13.16 -6.49
C LYS A 276 18.44 12.04 -5.88
N ILE A 277 17.72 11.23 -6.67
CA ILE A 277 16.73 10.30 -6.12
C ILE A 277 16.94 8.90 -6.75
N PRO A 278 17.27 7.87 -5.94
CA PRO A 278 17.68 6.56 -6.46
C PRO A 278 16.55 5.81 -7.16
N ILE A 279 15.30 5.89 -6.70
CA ILE A 279 14.18 5.24 -7.37
C ILE A 279 14.04 5.79 -8.80
N LEU A 280 14.20 7.10 -8.98
CA LEU A 280 14.09 7.71 -10.30
C LEU A 280 15.24 7.23 -11.18
N ALA A 281 16.47 7.23 -10.66
CA ALA A 281 17.64 6.83 -11.44
C ALA A 281 17.53 5.39 -11.93
N GLN A 282 16.97 4.49 -11.11
CA GLN A 282 16.85 3.07 -11.42
C GLN A 282 15.95 2.78 -12.63
N HIS A 283 15.17 3.75 -13.13
CA HIS A 283 14.35 3.56 -14.33
C HIS A 283 14.50 4.73 -15.31
N GLU A 284 15.60 5.50 -15.25
CA GLU A 284 15.88 6.59 -16.19
C GLU A 284 15.78 6.09 -17.64
N SER A 285 16.34 4.91 -17.93
CA SER A 285 16.37 4.33 -19.25
C SER A 285 14.99 3.87 -19.75
N PHE A 286 14.01 3.69 -18.85
CA PHE A 286 12.63 3.46 -19.23
C PHE A 286 12.00 4.80 -19.63
N LEU A 287 12.24 5.86 -18.85
CA LEU A 287 11.63 7.16 -19.09
C LEU A 287 12.12 7.80 -20.38
N ARG A 288 13.41 7.66 -20.72
CA ARG A 288 13.93 8.21 -21.98
C ARG A 288 13.25 7.58 -23.19
N GLN A 289 12.87 6.29 -23.10
CA GLN A 289 12.03 5.70 -24.12
C GLN A 289 10.60 6.21 -24.00
N LYS A 290 10.03 6.30 -22.79
CA LYS A 290 8.65 6.70 -22.60
C LYS A 290 8.35 8.07 -23.19
N ILE A 291 9.23 9.05 -23.03
CA ILE A 291 9.01 10.36 -23.64
C ILE A 291 8.99 10.25 -25.17
N CYS A 292 9.74 9.31 -25.76
CA CYS A 292 9.84 9.19 -27.21
C CYS A 292 8.60 8.46 -27.74
N LEU A 293 8.23 7.36 -27.08
CA LEU A 293 6.99 6.61 -27.31
C LEU A 293 5.83 7.61 -27.27
N MET A 294 5.69 8.34 -26.17
CA MET A 294 4.55 9.21 -25.95
C MET A 294 4.51 10.39 -26.91
N THR A 295 5.65 10.95 -27.31
CA THR A 295 5.66 12.04 -28.29
C THR A 295 5.09 11.54 -29.63
N LEU A 296 5.50 10.36 -30.08
CA LEU A 296 4.98 9.79 -31.31
C LEU A 296 3.49 9.53 -31.13
N ILE A 297 3.07 8.90 -30.03
CA ILE A 297 1.68 8.53 -29.80
C ILE A 297 0.81 9.78 -29.78
N GLU A 298 1.23 10.85 -29.10
CA GLU A 298 0.46 12.08 -29.03
C GLU A 298 0.34 12.70 -30.42
N THR A 299 1.38 12.62 -31.26
CA THR A 299 1.32 13.09 -32.64
C THR A 299 0.21 12.36 -33.40
N VAL A 300 0.22 11.03 -33.44
CA VAL A 300 -0.78 10.30 -34.21
C VAL A 300 -2.18 10.46 -33.63
N PHE A 301 -2.30 10.45 -32.30
CA PHE A 301 -3.57 10.59 -31.59
C PHE A 301 -4.20 11.97 -31.84
N VAL A 302 -3.47 13.05 -31.58
CA VAL A 302 -4.00 14.41 -31.66
C VAL A 302 -4.18 14.80 -33.13
N LYS A 303 -3.16 14.56 -33.98
CA LYS A 303 -3.19 15.00 -35.37
C LYS A 303 -3.99 14.04 -36.26
N ASN A 304 -4.54 12.96 -35.71
CA ASN A 304 -5.30 11.91 -36.40
C ASN A 304 -4.54 11.39 -37.63
N ILE A 305 -3.26 11.08 -37.44
CA ILE A 305 -2.39 10.52 -38.49
C ILE A 305 -2.37 9.00 -38.25
N ARG A 306 -2.42 8.20 -39.31
CA ARG A 306 -2.38 6.73 -39.21
C ARG A 306 -1.24 6.13 -40.06
N MET A 307 -0.48 6.92 -40.81
CA MET A 307 0.68 6.42 -41.54
C MET A 307 1.76 7.49 -41.47
N LEU A 308 3.02 7.08 -41.25
CA LEU A 308 4.17 7.97 -41.13
C LEU A 308 5.39 7.32 -41.76
N SER A 309 6.43 8.11 -41.97
CA SER A 309 7.74 7.64 -42.38
C SER A 309 8.64 7.50 -41.17
N PHE A 310 9.69 6.68 -41.28
CA PHE A 310 10.75 6.62 -40.28
C PHE A 310 11.32 8.02 -40.06
N GLU A 311 11.48 8.80 -41.13
CA GLU A 311 12.04 10.14 -41.06
C GLU A 311 11.23 11.04 -40.13
N ASP A 312 9.90 11.06 -40.27
CA ASP A 312 9.09 11.99 -39.48
C ASP A 312 8.93 11.51 -38.04
N ILE A 313 8.91 10.20 -37.81
CA ILE A 313 9.00 9.67 -36.44
C ILE A 313 10.35 10.08 -35.85
N SER A 314 11.45 10.04 -36.61
CA SER A 314 12.76 10.48 -36.13
C SER A 314 12.76 11.98 -35.83
N LYS A 315 12.05 12.80 -36.60
CA LYS A 315 11.89 14.23 -36.28
C LYS A 315 11.23 14.38 -34.91
N ALA A 316 10.15 13.64 -34.69
CA ALA A 316 9.32 13.76 -33.50
C ALA A 316 10.04 13.23 -32.25
N THR A 317 10.67 12.05 -32.36
CA THR A 317 11.33 11.36 -31.26
C THR A 317 12.72 11.96 -30.98
N HIS A 318 13.31 12.58 -32.00
CA HIS A 318 14.67 13.09 -32.03
C HIS A 318 15.69 11.96 -31.76
N LEU A 319 15.52 10.81 -32.44
CA LEU A 319 16.49 9.71 -32.46
C LEU A 319 16.63 9.23 -33.93
N PRO A 320 17.77 8.64 -34.33
CA PRO A 320 18.08 8.40 -35.74
C PRO A 320 17.18 7.37 -36.43
N LYS A 321 17.03 7.55 -37.75
CA LYS A 321 16.19 6.68 -38.58
C LYS A 321 16.66 5.23 -38.52
N ASP A 322 17.93 4.98 -38.19
CA ASP A 322 18.52 3.66 -38.12
C ASP A 322 17.97 2.81 -36.98
N ASN A 323 17.32 3.42 -35.98
CA ASN A 323 16.84 2.73 -34.79
C ASN A 323 15.37 3.04 -34.49
N VAL A 324 14.79 4.03 -35.18
CA VAL A 324 13.46 4.56 -34.84
C VAL A 324 12.36 3.50 -34.92
N GLU A 325 12.50 2.47 -35.76
CA GLU A 325 11.51 1.41 -35.82
C GLU A 325 11.42 0.65 -34.50
N HIS A 326 12.53 0.49 -33.77
CA HIS A 326 12.54 -0.23 -32.50
C HIS A 326 11.74 0.52 -31.43
N LEU A 327 11.69 1.86 -31.51
CA LEU A 327 10.91 2.68 -30.61
C LEU A 327 9.44 2.37 -30.80
N VAL A 328 8.93 2.43 -32.02
CA VAL A 328 7.51 2.15 -32.24
C VAL A 328 7.19 0.65 -32.08
N MET A 329 8.15 -0.25 -32.33
CA MET A 329 7.96 -1.67 -32.02
C MET A 329 7.75 -1.87 -30.51
N ARG A 330 8.57 -1.21 -29.67
CA ARG A 330 8.36 -1.22 -28.22
C ARG A 330 6.97 -0.73 -27.86
N ALA A 331 6.43 0.27 -28.57
CA ALA A 331 5.08 0.75 -28.33
C ALA A 331 4.03 -0.34 -28.52
N ILE A 332 4.18 -1.16 -29.57
CA ILE A 332 3.30 -2.30 -29.82
C ILE A 332 3.46 -3.31 -28.67
N SER A 333 4.70 -3.57 -28.25
CA SER A 333 4.99 -4.53 -27.18
C SER A 333 4.36 -4.09 -25.86
N LEU A 334 4.33 -2.79 -25.57
CA LEU A 334 3.70 -2.22 -24.37
C LEU A 334 2.17 -2.17 -24.50
N GLY A 335 1.58 -2.62 -25.61
CA GLY A 335 0.13 -2.65 -25.81
C GLY A 335 -0.47 -1.24 -25.86
N LEU A 336 0.31 -0.25 -26.31
CA LEU A 336 -0.14 1.13 -26.42
C LEU A 336 -0.92 1.35 -27.70
N LEU A 337 -0.72 0.48 -28.69
CA LEU A 337 -1.20 0.63 -30.06
C LEU A 337 -0.99 -0.70 -30.78
N LYS A 338 -1.69 -0.94 -31.89
CA LYS A 338 -1.71 -2.23 -32.60
C LYS A 338 -1.35 -2.03 -34.08
N GLY A 339 -0.49 -1.03 -34.36
CA GLY A 339 0.02 -0.75 -35.68
C GLY A 339 0.94 -1.86 -36.21
N SER A 340 1.48 -1.62 -37.41
CA SER A 340 2.39 -2.50 -38.11
C SER A 340 3.50 -1.63 -38.74
N ILE A 341 4.68 -2.20 -38.90
CA ILE A 341 5.87 -1.53 -39.38
C ILE A 341 6.11 -2.02 -40.82
N ASP A 342 6.59 -1.12 -41.68
CA ASP A 342 6.79 -1.37 -43.11
C ASP A 342 8.22 -0.92 -43.47
N GLN A 343 9.18 -1.54 -42.77
CA GLN A 343 10.61 -1.28 -42.90
C GLN A 343 11.12 -1.38 -44.34
N VAL A 344 10.47 -2.20 -45.19
CA VAL A 344 10.77 -2.31 -46.61
C VAL A 344 10.76 -0.91 -47.28
N ASN A 345 9.82 -0.06 -46.88
CA ASN A 345 9.64 1.27 -47.45
C ASN A 345 10.08 2.36 -46.45
N GLU A 346 10.61 1.96 -45.29
CA GLU A 346 10.89 2.84 -44.15
C GLU A 346 9.63 3.65 -43.75
N LEU A 347 8.48 2.96 -43.70
CA LEU A 347 7.19 3.53 -43.34
C LEU A 347 6.60 2.77 -42.14
N VAL A 348 5.56 3.32 -41.53
CA VAL A 348 4.83 2.75 -40.41
C VAL A 348 3.35 3.02 -40.65
N THR A 349 2.48 2.09 -40.25
CA THR A 349 1.03 2.20 -40.36
C THR A 349 0.45 1.92 -38.97
N ILE A 350 0.07 2.97 -38.26
CA ILE A 350 -0.47 2.89 -36.90
C ILE A 350 -1.96 2.55 -37.01
N SER A 351 -2.44 1.68 -36.10
CA SER A 351 -3.82 1.25 -36.03
C SER A 351 -4.16 1.02 -34.56
N TRP A 352 -5.26 1.62 -34.09
CA TRP A 352 -5.71 1.70 -32.69
C TRP A 352 -4.67 2.32 -31.75
N VAL A 353 -5.15 2.95 -30.68
CA VAL A 353 -4.32 3.47 -29.60
C VAL A 353 -5.08 3.21 -28.29
N GLN A 354 -4.33 2.82 -27.25
CA GLN A 354 -4.80 2.72 -25.88
C GLN A 354 -5.32 4.10 -25.46
N PRO A 355 -6.50 4.21 -24.80
CA PRO A 355 -7.11 5.48 -24.46
C PRO A 355 -6.17 6.49 -23.79
N ARG A 356 -6.39 7.78 -24.07
CA ARG A 356 -5.70 8.92 -23.50
C ARG A 356 -6.82 9.81 -22.98
N MET A 1 -9.06 -5.60 46.36
CA MET A 1 -8.08 -6.27 45.48
C MET A 1 -8.74 -7.39 44.67
N PHE A 2 -8.22 -7.64 43.47
CA PHE A 2 -8.56 -8.79 42.64
C PHE A 2 -7.95 -10.06 43.25
N ASN A 3 -8.04 -11.20 42.55
CA ASN A 3 -7.35 -12.44 42.97
C ASN A 3 -5.85 -12.33 42.72
N ASN A 4 -5.18 -11.51 43.54
CA ASN A 4 -3.79 -11.07 43.37
C ASN A 4 -2.81 -12.23 43.21
N HIS A 5 -3.10 -13.41 43.78
CA HIS A 5 -2.23 -14.58 43.69
C HIS A 5 -1.94 -14.99 42.24
N GLU A 6 -2.90 -14.86 41.32
CA GLU A 6 -2.67 -15.18 39.91
C GLU A 6 -1.71 -14.17 39.29
N ILE A 7 -1.86 -12.90 39.64
CA ILE A 7 -1.03 -11.84 39.09
C ILE A 7 0.38 -11.99 39.64
N ASP A 8 0.51 -12.30 40.94
CA ASP A 8 1.80 -12.54 41.58
C ASP A 8 2.52 -13.70 40.91
N THR A 9 1.85 -14.83 40.67
CA THR A 9 2.50 -16.00 40.09
C THR A 9 2.91 -15.71 38.63
N ILE A 10 2.04 -15.06 37.85
CA ILE A 10 2.32 -14.72 36.45
C ILE A 10 3.51 -13.78 36.40
N LEU A 11 3.44 -12.66 37.12
CA LEU A 11 4.41 -11.60 36.97
C LEU A 11 5.76 -11.98 37.56
N SER A 12 5.76 -12.75 38.66
CA SER A 12 6.99 -13.29 39.21
C SER A 12 7.65 -14.23 38.21
N THR A 13 6.90 -15.14 37.58
CA THR A 13 7.48 -15.99 36.55
C THR A 13 8.02 -15.12 35.41
N LEU A 14 7.24 -14.13 34.96
CA LEU A 14 7.63 -13.24 33.87
C LEU A 14 8.99 -12.63 34.16
N ARG A 15 9.20 -12.03 35.33
CA ARG A 15 10.49 -11.42 35.66
C ARG A 15 11.61 -12.44 35.93
N MET A 16 11.32 -13.72 36.17
CA MET A 16 12.37 -14.75 36.21
C MET A 16 12.81 -15.12 34.80
N GLU A 17 11.86 -15.26 33.89
CA GLU A 17 12.11 -15.67 32.52
C GLU A 17 12.71 -14.51 31.69
N ALA A 18 12.41 -13.27 32.08
CA ALA A 18 12.90 -12.01 31.52
C ALA A 18 14.42 -11.80 31.71
N ASP A 19 14.87 -10.60 31.31
CA ASP A 19 16.22 -10.07 31.50
C ASP A 19 16.07 -8.74 32.25
N PRO A 20 17.00 -8.33 33.13
CA PRO A 20 16.96 -7.08 33.88
C PRO A 20 16.61 -5.83 33.06
N SER A 21 16.94 -5.79 31.76
CA SER A 21 16.60 -4.68 30.87
C SER A 21 15.09 -4.46 30.75
N LEU A 22 14.28 -5.48 31.06
CA LEU A 22 12.83 -5.52 30.84
C LEU A 22 12.07 -5.47 32.17
N HIS A 23 12.74 -5.75 33.29
CA HIS A 23 12.12 -5.72 34.62
C HIS A 23 11.39 -4.40 34.91
N PRO A 24 11.92 -3.18 34.64
CA PRO A 24 11.19 -1.96 34.95
C PRO A 24 9.89 -1.81 34.16
N LEU A 25 9.69 -2.54 33.06
CA LEU A 25 8.42 -2.54 32.34
C LEU A 25 7.31 -3.24 33.12
N PHE A 26 7.63 -3.99 34.18
CA PHE A 26 6.65 -4.71 34.98
C PHE A 26 6.79 -4.47 36.48
N GLU A 27 7.97 -4.14 36.99
CA GLU A 27 8.13 -3.69 38.37
C GLU A 27 7.28 -2.44 38.64
N GLN A 28 7.12 -1.57 37.63
CA GLN A 28 6.29 -0.37 37.74
C GLN A 28 4.81 -0.64 37.42
N PHE A 29 4.46 -1.79 36.83
CA PHE A 29 3.12 -2.04 36.29
C PHE A 29 2.37 -3.12 37.06
N GLU A 30 3.06 -3.82 37.97
CA GLU A 30 2.46 -4.71 38.94
C GLU A 30 1.38 -3.95 39.72
N LYS A 31 1.74 -2.77 40.24
CA LYS A 31 0.82 -1.98 41.05
C LYS A 31 -0.31 -1.40 40.21
N PHE A 32 -0.03 -1.00 38.95
CA PHE A 32 -1.04 -0.38 38.11
C PHE A 32 -2.17 -1.35 37.75
N TYR A 33 -1.89 -2.65 37.68
CA TYR A 33 -2.98 -3.64 37.55
C TYR A 33 -3.89 -3.55 38.78
N GLU A 34 -3.31 -3.61 39.99
CA GLU A 34 -4.09 -3.74 41.22
C GLU A 34 -4.84 -2.43 41.53
N GLU A 35 -4.27 -1.28 41.14
CA GLU A 35 -4.90 0.03 41.19
C GLU A 35 -6.02 0.18 40.13
N LYS A 36 -6.21 -0.82 39.27
CA LYS A 36 -7.17 -0.83 38.17
C LYS A 36 -6.94 0.37 37.23
N LEU A 37 -5.71 0.49 36.72
CA LEU A 37 -5.28 1.53 35.80
C LEU A 37 -4.77 0.91 34.50
N TRP A 38 -5.44 -0.16 34.08
CA TRP A 38 -5.14 -0.83 32.82
C TRP A 38 -5.18 0.13 31.62
N PHE A 39 -6.02 1.16 31.69
CA PHE A 39 -6.22 2.17 30.66
C PHE A 39 -4.96 2.95 30.29
N GLN A 40 -3.93 2.96 31.16
CA GLN A 40 -2.65 3.61 30.92
C GLN A 40 -1.49 2.62 30.99
N LEU A 41 -1.64 1.54 31.77
CA LEU A 41 -0.72 0.42 31.77
C LEU A 41 -0.59 -0.15 30.36
N SER A 42 -1.67 -0.21 29.57
CA SER A 42 -1.69 -0.85 28.26
C SER A 42 -0.65 -0.23 27.31
N GLU A 43 -0.72 1.09 27.12
CA GLU A 43 0.23 1.82 26.29
C GLU A 43 1.63 1.77 26.92
N SER A 44 1.69 1.72 28.25
CA SER A 44 2.95 1.65 28.97
C SER A 44 3.66 0.30 28.80
N LEU A 45 2.95 -0.77 28.41
CA LEU A 45 3.60 -2.02 28.01
C LEU A 45 4.05 -1.82 26.56
N THR A 46 3.11 -1.37 25.73
CA THR A 46 3.27 -1.27 24.28
C THR A 46 4.52 -0.48 23.89
N LYS A 47 4.84 0.61 24.61
CA LYS A 47 6.00 1.47 24.31
C LYS A 47 7.34 0.74 24.26
N PHE A 48 7.48 -0.44 24.86
CA PHE A 48 8.71 -1.25 24.79
C PHE A 48 8.46 -2.62 24.17
N PHE A 49 7.23 -2.96 23.77
CA PHE A 49 6.97 -4.16 22.97
C PHE A 49 7.52 -3.97 21.55
N ASP A 50 7.89 -2.74 21.16
CA ASP A 50 8.63 -2.49 19.92
C ASP A 50 10.01 -3.16 19.93
N ASP A 51 10.62 -3.36 21.10
CA ASP A 51 11.94 -3.99 21.22
C ASP A 51 11.77 -5.51 21.06
N ALA A 52 12.60 -6.16 20.23
CA ALA A 52 12.56 -7.60 19.95
C ALA A 52 13.19 -8.47 21.06
N LYS A 53 13.72 -7.84 22.12
CA LYS A 53 14.37 -8.38 23.32
C LYS A 53 13.95 -9.74 23.89
N SER A 54 12.69 -10.14 23.77
CA SER A 54 12.06 -11.28 24.42
C SER A 54 10.64 -11.22 23.87
N THR A 55 10.21 -12.26 23.17
CA THR A 55 8.97 -12.20 22.41
C THR A 55 7.98 -13.33 22.74
N PRO A 56 8.29 -14.63 22.61
CA PRO A 56 7.43 -15.71 23.15
C PRO A 56 7.22 -15.57 24.68
N LEU A 57 8.13 -14.84 25.34
CA LEU A 57 8.06 -14.41 26.72
C LEU A 57 6.71 -13.74 27.06
N ARG A 58 6.17 -12.94 26.15
CA ARG A 58 5.03 -12.06 26.40
C ARG A 58 3.69 -12.78 26.55
N LEU A 59 3.42 -13.82 25.74
CA LEU A 59 2.06 -14.38 25.68
C LEU A 59 1.48 -14.92 26.99
N ARG A 60 2.27 -15.27 28.01
CA ARG A 60 1.69 -15.65 29.32
C ARG A 60 1.03 -14.48 30.03
N LEU A 61 1.51 -13.25 29.78
CA LEU A 61 0.92 -12.05 30.34
C LEU A 61 -0.44 -11.84 29.65
N TYR A 62 -0.47 -11.93 28.32
CA TYR A 62 -1.72 -11.89 27.56
C TYR A 62 -2.71 -12.96 28.06
N ASP A 63 -2.24 -14.20 28.25
CA ASP A 63 -3.06 -15.39 28.48
C ASP A 63 -4.09 -15.27 29.60
N ASN A 64 -3.77 -14.57 30.69
CA ASN A 64 -4.67 -14.50 31.84
C ASN A 64 -4.60 -13.18 32.61
N PHE A 65 -3.47 -12.46 32.60
CA PHE A 65 -3.41 -11.13 33.23
C PHE A 65 -4.27 -10.18 32.40
N VAL A 66 -4.02 -10.06 31.09
CA VAL A 66 -4.77 -9.13 30.22
C VAL A 66 -6.22 -9.59 30.05
N SER A 67 -6.50 -10.90 30.06
CA SER A 67 -7.85 -11.44 29.90
C SER A 67 -8.85 -10.85 30.90
N LYS A 68 -8.40 -10.53 32.12
CA LYS A 68 -9.25 -9.96 33.16
C LYS A 68 -9.76 -8.56 32.81
N PHE A 69 -9.24 -7.93 31.74
CA PHE A 69 -9.64 -6.61 31.27
C PHE A 69 -9.67 -6.57 29.72
N TYR A 70 -9.93 -7.71 29.05
CA TYR A 70 -9.92 -7.89 27.60
C TYR A 70 -10.44 -6.67 26.82
N ASP A 71 -11.65 -6.23 27.14
CA ASP A 71 -12.41 -5.23 26.39
C ASP A 71 -12.49 -3.88 27.11
N LYS A 72 -11.78 -3.73 28.23
CA LYS A 72 -11.74 -2.47 28.99
C LYS A 72 -10.70 -1.52 28.40
N ILE A 73 -9.88 -1.99 27.45
CA ILE A 73 -8.81 -1.22 26.81
C ILE A 73 -8.90 -1.41 25.29
N ASN A 74 -8.04 -0.67 24.58
CA ASN A 74 -7.94 -0.70 23.13
C ASN A 74 -7.71 -2.14 22.64
N GLN A 75 -8.59 -2.63 21.76
CA GLN A 75 -8.54 -3.97 21.21
C GLN A 75 -7.21 -4.23 20.52
N LEU A 76 -6.65 -3.25 19.80
CA LEU A 76 -5.37 -3.46 19.11
C LEU A 76 -4.24 -3.64 20.11
N SER A 77 -4.26 -2.99 21.29
CA SER A 77 -3.22 -3.20 22.28
C SER A 77 -3.22 -4.64 22.78
N VAL A 78 -4.40 -5.20 23.12
CA VAL A 78 -4.46 -6.57 23.60
C VAL A 78 -4.05 -7.55 22.51
N VAL A 79 -4.52 -7.40 21.26
CA VAL A 79 -4.09 -8.31 20.22
C VAL A 79 -2.60 -8.15 19.94
N LYS A 80 -2.03 -6.93 19.98
CA LYS A 80 -0.59 -6.71 19.73
C LYS A 80 0.29 -7.54 20.65
N TYR A 81 -0.15 -7.81 21.89
CA TYR A 81 0.68 -8.55 22.83
C TYR A 81 0.84 -10.00 22.36
N LEU A 82 -0.26 -10.68 22.02
CA LEU A 82 -0.21 -12.05 21.53
C LEU A 82 0.41 -12.07 20.13
N LEU A 83 0.07 -11.09 19.29
CA LEU A 83 0.62 -10.96 17.94
C LEU A 83 2.14 -10.90 17.99
N ALA A 84 2.76 -10.24 18.98
CA ALA A 84 4.22 -10.19 19.05
C ALA A 84 4.80 -11.60 19.21
N SER A 85 4.33 -12.37 20.19
CA SER A 85 4.80 -13.73 20.39
C SER A 85 4.61 -14.59 19.13
N LEU A 86 3.48 -14.42 18.44
CA LEU A 86 3.18 -15.11 17.18
C LEU A 86 4.09 -14.65 16.05
N LYS A 87 4.58 -13.40 16.07
CA LYS A 87 5.53 -12.86 15.11
C LYS A 87 6.82 -13.68 15.14
N ASP A 88 7.31 -14.03 16.34
CA ASP A 88 8.57 -14.75 16.49
C ASP A 88 8.38 -16.27 16.44
N SER A 89 7.17 -16.76 16.70
CA SER A 89 6.82 -18.16 16.52
C SER A 89 7.13 -18.60 15.07
N LYS A 90 7.71 -19.79 14.92
CA LYS A 90 8.22 -20.29 13.63
C LYS A 90 7.10 -20.90 12.77
N ASP A 91 5.85 -20.47 12.97
CA ASP A 91 4.65 -20.99 12.30
C ASP A 91 3.58 -19.90 12.33
N PHE A 92 2.67 -19.91 11.35
CA PHE A 92 1.64 -18.89 11.19
C PHE A 92 0.23 -19.49 11.09
N ASP A 93 0.09 -20.83 11.05
CA ASP A 93 -1.23 -21.46 11.16
C ASP A 93 -1.74 -21.36 12.59
N GLU A 94 -0.83 -21.47 13.57
CA GLU A 94 -1.14 -21.17 14.96
C GLU A 94 -1.63 -19.72 15.05
N SER A 95 -0.91 -18.77 14.44
CA SER A 95 -1.28 -17.36 14.48
C SER A 95 -2.68 -17.13 13.91
N LEU A 96 -3.02 -17.83 12.83
CA LEU A 96 -4.36 -17.80 12.26
C LEU A 96 -5.37 -18.26 13.30
N LYS A 97 -5.23 -19.47 13.85
CA LYS A 97 -6.23 -20.00 14.76
C LYS A 97 -6.33 -19.14 16.03
N TYR A 98 -5.21 -18.60 16.51
CA TYR A 98 -5.18 -17.72 17.66
C TYR A 98 -5.95 -16.45 17.39
N LEU A 99 -5.79 -15.79 16.23
CA LEU A 99 -6.38 -14.46 16.12
C LEU A 99 -7.78 -14.59 15.58
N ASP A 100 -8.14 -15.72 14.96
CA ASP A 100 -9.53 -16.00 14.63
C ASP A 100 -10.30 -16.33 15.91
N ASP A 101 -9.70 -17.06 16.86
CA ASP A 101 -10.38 -17.38 18.11
C ASP A 101 -10.54 -16.12 18.97
N LEU A 102 -9.47 -15.33 19.09
CA LEU A 102 -9.50 -14.09 19.87
C LEU A 102 -10.44 -13.07 19.21
N LYS A 103 -10.46 -12.97 17.87
CA LYS A 103 -11.45 -12.17 17.17
C LYS A 103 -12.85 -12.67 17.50
N ALA A 104 -13.11 -13.97 17.52
CA ALA A 104 -14.45 -14.48 17.82
C ALA A 104 -14.90 -14.12 19.24
N GLN A 105 -13.99 -14.05 20.22
CA GLN A 105 -14.33 -13.56 21.55
C GLN A 105 -14.68 -12.07 21.48
N PHE A 106 -13.89 -11.27 20.76
CA PHE A 106 -14.21 -9.86 20.58
C PHE A 106 -15.48 -9.65 19.75
N GLN A 107 -15.88 -10.59 18.89
CA GLN A 107 -17.18 -10.55 18.22
C GLN A 107 -18.34 -10.67 19.23
N GLU A 108 -18.09 -11.02 20.50
CA GLU A 108 -19.10 -10.94 21.54
C GLU A 108 -18.83 -9.68 22.39
N LEU A 109 -17.59 -9.50 22.86
CA LEU A 109 -17.24 -8.44 23.80
C LEU A 109 -17.35 -7.05 23.19
N ASP A 110 -17.13 -6.89 21.89
CA ASP A 110 -17.34 -5.62 21.19
C ASP A 110 -18.84 -5.42 20.96
N SER A 111 -19.50 -6.46 20.43
CA SER A 111 -20.90 -6.40 20.03
C SER A 111 -21.84 -6.06 21.18
N LYS A 112 -21.59 -6.56 22.39
CA LYS A 112 -22.47 -6.29 23.54
C LYS A 112 -22.66 -4.81 23.85
N LYS A 113 -21.81 -3.91 23.32
CA LYS A 113 -22.00 -2.46 23.47
C LYS A 113 -23.22 -1.95 22.72
N GLN A 114 -23.54 -2.47 21.53
CA GLN A 114 -24.55 -1.89 20.63
C GLN A 114 -25.36 -2.92 19.81
N ARG A 115 -25.08 -4.22 19.92
CA ARG A 115 -25.62 -5.26 19.05
C ARG A 115 -26.11 -6.44 19.90
N ASN A 116 -26.83 -7.36 19.25
CA ASN A 116 -27.22 -8.67 19.78
C ASN A 116 -26.88 -9.74 18.75
N ASN A 117 -25.80 -9.48 17.99
CA ASN A 117 -25.37 -10.21 16.81
C ASN A 117 -23.88 -9.92 16.67
N GLY A 118 -23.08 -10.96 16.49
CA GLY A 118 -21.61 -10.88 16.48
C GLY A 118 -21.04 -10.45 15.14
N SER A 119 -21.85 -9.77 14.32
CA SER A 119 -21.49 -9.26 13.02
C SER A 119 -20.29 -8.32 13.11
N LYS A 120 -19.44 -8.28 12.07
CA LYS A 120 -18.29 -7.36 12.03
C LYS A 120 -18.77 -5.90 12.07
N ASP A 121 -19.92 -5.62 11.43
CA ASP A 121 -20.69 -4.37 11.47
C ASP A 121 -19.77 -3.14 11.54
N HIS A 122 -19.53 -2.59 12.73
CA HIS A 122 -18.51 -1.58 12.98
C HIS A 122 -17.85 -1.99 14.29
N GLY A 123 -16.53 -2.13 14.24
CA GLY A 123 -15.70 -2.70 15.30
C GLY A 123 -14.27 -2.59 14.83
N ASP A 124 -13.74 -1.36 14.82
CA ASP A 124 -12.46 -0.98 14.21
C ASP A 124 -11.33 -1.96 14.50
N GLY A 125 -11.20 -2.40 15.76
CA GLY A 125 -10.16 -3.34 16.16
C GLY A 125 -10.29 -4.65 15.40
N ILE A 126 -11.44 -5.33 15.51
CA ILE A 126 -11.63 -6.62 14.85
C ILE A 126 -11.77 -6.52 13.34
N LEU A 127 -12.13 -5.37 12.77
CA LEU A 127 -12.06 -5.16 11.33
C LEU A 127 -10.59 -5.24 10.88
N LEU A 128 -9.68 -4.60 11.62
CA LEU A 128 -8.25 -4.67 11.33
C LEU A 128 -7.71 -6.08 11.61
N ILE A 129 -8.17 -6.76 12.67
CA ILE A 129 -7.74 -8.13 12.97
C ILE A 129 -8.20 -9.07 11.84
N ASP A 130 -9.41 -8.89 11.29
CA ASP A 130 -9.89 -9.69 10.15
C ASP A 130 -8.97 -9.53 8.95
N SER A 131 -8.48 -8.30 8.73
CA SER A 131 -7.55 -7.99 7.66
C SER A 131 -6.17 -8.60 7.95
N GLU A 132 -5.70 -8.59 9.22
CA GLU A 132 -4.47 -9.27 9.61
C GLU A 132 -4.60 -10.78 9.42
N ILE A 133 -5.76 -11.38 9.69
CA ILE A 133 -6.03 -12.78 9.42
C ILE A 133 -5.94 -13.05 7.91
N ALA A 134 -6.41 -12.13 7.05
CA ALA A 134 -6.21 -12.26 5.61
C ALA A 134 -4.73 -12.23 5.23
N ARG A 135 -3.93 -11.31 5.80
CA ARG A 135 -2.48 -11.34 5.60
C ARG A 135 -1.87 -12.63 6.14
N THR A 136 -2.37 -13.15 7.25
CA THR A 136 -1.85 -14.38 7.84
C THR A 136 -2.15 -15.57 6.93
N TYR A 137 -3.30 -15.62 6.23
CA TYR A 137 -3.54 -16.62 5.21
C TYR A 137 -2.56 -16.47 4.03
N LEU A 138 -2.28 -15.24 3.58
CA LEU A 138 -1.31 -15.00 2.50
C LEU A 138 0.09 -15.44 2.94
N LEU A 139 0.46 -15.22 4.21
CA LEU A 139 1.76 -15.57 4.79
C LEU A 139 1.89 -17.08 4.98
N LYS A 140 0.86 -17.75 5.51
CA LYS A 140 0.76 -19.21 5.55
C LYS A 140 0.85 -19.76 4.12
N ASN A 141 0.37 -18.97 3.16
CA ASN A 141 0.44 -19.18 1.73
C ASN A 141 -0.38 -20.39 1.27
N ASP A 142 -1.52 -20.62 1.94
CA ASP A 142 -2.53 -21.58 1.47
C ASP A 142 -3.03 -21.14 0.08
N LEU A 143 -3.09 -19.82 -0.12
CA LEU A 143 -3.41 -19.09 -1.34
C LEU A 143 -4.86 -19.23 -1.75
N VAL A 144 -5.41 -20.44 -1.84
CA VAL A 144 -6.76 -20.66 -2.35
C VAL A 144 -7.78 -20.00 -1.42
N LYS A 145 -7.74 -20.27 -0.11
CA LYS A 145 -8.64 -19.64 0.84
C LYS A 145 -8.31 -18.16 0.97
N ALA A 146 -7.04 -17.77 0.82
CA ALA A 146 -6.66 -16.36 0.86
C ALA A 146 -7.32 -15.61 -0.28
N ARG A 147 -7.34 -16.16 -1.50
CA ARG A 147 -7.96 -15.52 -2.65
C ARG A 147 -9.47 -15.44 -2.44
N ASP A 148 -10.09 -16.51 -1.92
CA ASP A 148 -11.53 -16.51 -1.64
C ASP A 148 -11.91 -15.44 -0.62
N LEU A 149 -11.13 -15.28 0.45
CA LEU A 149 -11.33 -14.26 1.46
C LEU A 149 -11.16 -12.89 0.82
N LEU A 150 -10.05 -12.68 0.10
CA LEU A 150 -9.75 -11.42 -0.58
C LEU A 150 -10.85 -11.06 -1.57
N ASP A 151 -11.48 -12.04 -2.23
CA ASP A 151 -12.55 -11.80 -3.19
C ASP A 151 -13.78 -11.23 -2.50
N ASP A 152 -14.19 -11.83 -1.36
CA ASP A 152 -15.33 -11.35 -0.60
C ASP A 152 -15.03 -9.97 0.01
N LEU A 153 -13.81 -9.78 0.49
CA LEU A 153 -13.34 -8.51 1.05
C LEU A 153 -13.35 -7.43 -0.03
N GLU A 154 -12.88 -7.73 -1.25
CA GLU A 154 -12.87 -6.80 -2.36
C GLU A 154 -14.29 -6.45 -2.78
N LYS A 155 -15.19 -7.42 -2.89
CA LYS A 155 -16.59 -7.15 -3.23
C LYS A 155 -17.26 -6.28 -2.17
N THR A 156 -16.91 -6.47 -0.91
CA THR A 156 -17.39 -5.61 0.17
C THR A 156 -16.81 -4.20 -0.02
N LEU A 157 -15.51 -4.07 -0.26
CA LEU A 157 -14.80 -2.79 -0.32
C LEU A 157 -15.23 -1.96 -1.53
N ASP A 158 -15.60 -2.62 -2.64
CA ASP A 158 -16.17 -2.00 -3.83
C ASP A 158 -17.50 -1.28 -3.56
N LYS A 159 -18.18 -1.62 -2.45
CA LYS A 159 -19.45 -1.03 -2.02
C LYS A 159 -19.37 -0.76 -0.50
N LYS A 160 -18.24 -0.19 -0.06
CA LYS A 160 -17.89 -0.05 1.35
C LYS A 160 -19.00 0.67 2.13
N ASP A 161 -19.29 0.18 3.33
CA ASP A 161 -20.15 0.87 4.31
C ASP A 161 -19.36 2.05 4.90
N SER A 162 -19.96 2.86 5.77
CA SER A 162 -19.35 4.03 6.42
C SER A 162 -18.20 3.70 7.40
N ILE A 163 -17.58 2.52 7.32
CA ILE A 163 -16.47 2.10 8.16
C ILE A 163 -15.21 2.97 7.90
N PRO A 164 -14.27 3.08 8.87
CA PRO A 164 -13.13 4.01 8.82
C PRO A 164 -12.22 3.92 7.59
N LEU A 165 -11.40 4.96 7.41
CA LEU A 165 -10.32 4.95 6.42
C LEU A 165 -9.29 3.85 6.74
N ARG A 166 -9.05 3.56 8.02
CA ARG A 166 -8.02 2.60 8.43
C ARG A 166 -8.27 1.22 7.83
N ILE A 167 -9.49 0.69 7.98
CA ILE A 167 -9.87 -0.60 7.39
C ILE A 167 -9.81 -0.53 5.86
N THR A 168 -10.15 0.62 5.26
CA THR A 168 -10.06 0.81 3.82
C THR A 168 -8.60 0.66 3.35
N ASN A 169 -7.67 1.34 4.03
CA ASN A 169 -6.24 1.19 3.78
C ASN A 169 -5.76 -0.23 4.11
N SER A 170 -6.40 -0.92 5.06
CA SER A 170 -6.02 -2.28 5.42
C SER A 170 -6.33 -3.23 4.27
N PHE A 171 -7.51 -3.14 3.63
CA PHE A 171 -7.76 -3.91 2.40
C PHE A 171 -6.67 -3.61 1.37
N TYR A 172 -6.28 -2.35 1.26
CA TYR A 172 -5.25 -1.94 0.32
C TYR A 172 -3.92 -2.64 0.61
N SER A 173 -3.53 -2.77 1.88
CA SER A 173 -2.37 -3.55 2.28
C SER A 173 -2.54 -5.02 1.89
N THR A 174 -3.71 -5.63 2.08
CA THR A 174 -3.95 -7.02 1.70
C THR A 174 -3.83 -7.19 0.19
N ASN A 175 -4.37 -6.28 -0.63
CA ASN A 175 -4.20 -6.32 -2.09
C ASN A 175 -2.72 -6.25 -2.44
N SER A 176 -2.00 -5.31 -1.83
CA SER A 176 -0.58 -5.10 -2.12
C SER A 176 0.24 -6.33 -1.72
N GLN A 177 -0.08 -6.97 -0.58
CA GLN A 177 0.58 -8.19 -0.14
C GLN A 177 0.26 -9.37 -1.07
N TYR A 178 -0.97 -9.46 -1.58
CA TYR A 178 -1.37 -10.50 -2.53
C TYR A 178 -0.61 -10.34 -3.85
N PHE A 179 -0.50 -9.11 -4.37
CA PHE A 179 0.32 -8.82 -5.54
C PHE A 179 1.80 -9.14 -5.25
N LYS A 180 2.27 -8.82 -4.02
CA LYS A 180 3.60 -9.03 -3.47
C LYS A 180 4.68 -8.17 -4.13
N PHE A 181 4.62 -7.97 -5.44
CA PHE A 181 5.49 -7.11 -6.23
C PHE A 181 4.63 -6.44 -7.29
N LYS A 182 5.14 -5.39 -7.94
CA LYS A 182 4.48 -4.77 -9.09
C LYS A 182 4.70 -5.63 -10.34
N ASN A 183 4.09 -6.82 -10.35
CA ASN A 183 4.13 -7.76 -11.48
C ASN A 183 3.65 -7.09 -12.78
N ASP A 184 2.70 -6.16 -12.66
CA ASP A 184 2.26 -5.26 -13.71
C ASP A 184 2.01 -3.92 -13.03
N PHE A 185 2.73 -2.88 -13.43
CA PHE A 185 2.63 -1.58 -12.76
C PHE A 185 1.31 -0.89 -13.10
N ASN A 186 0.75 -1.16 -14.28
CA ASN A 186 -0.53 -0.59 -14.71
C ASN A 186 -1.64 -0.99 -13.75
N SER A 187 -1.59 -2.22 -13.24
CA SER A 187 -2.46 -2.72 -12.21
C SER A 187 -2.30 -1.92 -10.91
N PHE A 188 -1.07 -1.60 -10.51
CA PHE A 188 -0.83 -0.84 -9.28
C PHE A 188 -1.33 0.59 -9.42
N TYR A 189 -1.08 1.20 -10.58
CA TYR A 189 -1.60 2.52 -10.93
C TYR A 189 -3.13 2.51 -10.87
N TYR A 190 -3.78 1.50 -11.45
CA TYR A 190 -5.23 1.41 -11.44
C TYR A 190 -5.77 1.18 -10.04
N THR A 191 -5.12 0.32 -9.23
CA THR A 191 -5.51 0.10 -7.84
C THR A 191 -5.41 1.44 -7.08
N SER A 192 -4.40 2.27 -7.37
CA SER A 192 -4.25 3.57 -6.72
C SER A 192 -5.44 4.48 -7.00
N LEU A 193 -6.16 4.33 -8.11
CA LEU A 193 -7.38 5.10 -8.37
C LEU A 193 -8.47 4.78 -7.35
N LEU A 194 -8.49 3.58 -6.75
CA LEU A 194 -9.37 3.27 -5.62
C LEU A 194 -8.99 4.13 -4.42
N TYR A 195 -7.69 4.26 -4.15
CA TYR A 195 -7.21 5.10 -3.06
C TYR A 195 -7.56 6.57 -3.33
N LEU A 196 -7.52 7.01 -4.59
CA LEU A 196 -7.91 8.38 -4.95
C LEU A 196 -9.40 8.59 -4.73
N SER A 197 -10.20 7.59 -5.08
CA SER A 197 -11.65 7.59 -4.87
C SER A 197 -11.98 7.62 -3.37
N THR A 198 -11.16 6.98 -2.54
CA THR A 198 -11.30 6.91 -1.10
C THR A 198 -10.88 8.24 -0.45
N LEU A 199 -9.83 8.89 -0.97
CA LEU A 199 -9.21 10.05 -0.32
C LEU A 199 -10.18 11.23 -0.21
N GLU A 200 -9.96 12.04 0.83
CA GLU A 200 -10.63 13.31 1.10
C GLU A 200 -9.70 14.13 2.02
N PRO A 201 -9.99 15.40 2.35
CA PRO A 201 -9.13 16.26 3.16
C PRO A 201 -8.79 15.80 4.59
N SER A 202 -9.35 14.70 5.10
CA SER A 202 -9.21 14.26 6.49
C SER A 202 -7.74 14.15 6.94
N THR A 203 -7.45 14.61 8.14
CA THR A 203 -6.13 14.58 8.76
C THR A 203 -5.70 13.17 9.22
N SER A 204 -6.53 12.14 8.95
CA SER A 204 -6.27 10.74 9.25
C SER A 204 -4.94 10.25 8.68
N ILE A 205 -4.48 10.86 7.58
CA ILE A 205 -3.16 10.71 7.00
C ILE A 205 -2.71 12.13 6.63
N THR A 206 -1.39 12.32 6.53
CA THR A 206 -0.77 13.62 6.41
C THR A 206 -0.68 14.09 4.96
N LEU A 207 -0.22 15.33 4.75
CA LEU A 207 0.12 15.80 3.41
C LEU A 207 1.31 14.99 2.89
N ALA A 208 2.25 14.58 3.75
CA ALA A 208 3.39 13.77 3.34
C ALA A 208 2.94 12.40 2.82
N GLU A 209 1.94 11.77 3.44
CA GLU A 209 1.39 10.52 2.94
C GLU A 209 0.75 10.74 1.56
N ARG A 210 0.07 11.87 1.35
CA ARG A 210 -0.46 12.21 0.03
C ARG A 210 0.68 12.43 -0.98
N GLN A 211 1.79 13.08 -0.60
CA GLN A 211 2.94 13.23 -1.49
C GLN A 211 3.46 11.85 -1.91
N GLN A 212 3.52 10.88 -0.99
CA GLN A 212 3.95 9.52 -1.31
C GLN A 212 2.95 8.85 -2.27
N LEU A 213 1.64 9.02 -2.08
CA LEU A 213 0.63 8.46 -2.97
C LEU A 213 0.73 9.07 -4.38
N ALA A 214 0.91 10.39 -4.47
CA ALA A 214 1.14 11.10 -5.73
C ALA A 214 2.37 10.53 -6.44
N TYR A 215 3.49 10.40 -5.70
CA TYR A 215 4.75 9.89 -6.23
C TYR A 215 4.58 8.44 -6.71
N ASP A 216 3.93 7.59 -5.93
CA ASP A 216 3.76 6.17 -6.24
C ASP A 216 2.91 5.96 -7.49
N LEU A 217 1.85 6.75 -7.66
CA LEU A 217 1.08 6.79 -8.91
C LEU A 217 1.98 7.16 -10.08
N SER A 218 2.79 8.19 -9.90
CA SER A 218 3.62 8.73 -10.96
C SER A 218 4.67 7.70 -11.39
N ILE A 219 5.34 7.04 -10.45
CA ILE A 219 6.30 5.97 -10.77
C ILE A 219 5.56 4.84 -11.48
N SER A 220 4.36 4.47 -11.03
CA SER A 220 3.57 3.41 -11.66
C SER A 220 3.08 3.79 -13.06
N ALA A 221 3.05 5.09 -13.41
CA ALA A 221 2.68 5.57 -14.74
C ALA A 221 3.92 5.72 -15.64
N LEU A 222 5.05 6.14 -15.09
CA LEU A 222 6.35 6.14 -15.78
C LEU A 222 6.66 4.72 -16.22
N LEU A 223 6.70 3.79 -15.26
CA LEU A 223 6.83 2.35 -15.47
C LEU A 223 5.51 1.73 -15.99
N GLY A 224 4.54 2.56 -16.35
CA GLY A 224 3.22 2.17 -16.83
C GLY A 224 3.35 1.55 -18.20
N ASP A 225 3.49 0.23 -18.24
CA ASP A 225 3.55 -0.59 -19.45
C ASP A 225 2.25 -0.52 -20.28
N LYS A 226 1.19 0.09 -19.73
CA LYS A 226 -0.07 0.39 -20.41
C LYS A 226 -0.53 1.83 -20.08
N ILE A 227 0.38 2.77 -19.77
CA ILE A 227 0.06 4.18 -19.55
C ILE A 227 0.99 5.02 -20.43
N TYR A 228 0.39 5.67 -21.42
CA TYR A 228 0.98 6.51 -22.46
C TYR A 228 0.07 7.74 -22.62
N ASN A 229 -0.50 8.19 -21.50
CA ASN A 229 -1.34 9.37 -21.34
C ASN A 229 -1.24 9.69 -19.85
N PHE A 230 -0.95 10.94 -19.50
CA PHE A 230 -0.81 11.37 -18.11
C PHE A 230 -1.69 12.59 -17.82
N GLY A 231 -2.56 13.00 -18.76
CA GLY A 231 -3.29 14.25 -18.69
C GLY A 231 -4.14 14.35 -17.44
N GLU A 232 -4.87 13.28 -17.10
CA GLU A 232 -5.70 13.24 -15.91
C GLU A 232 -4.82 13.34 -14.66
N LEU A 233 -3.75 12.54 -14.58
CA LEU A 233 -2.85 12.51 -13.43
C LEU A 233 -2.27 13.90 -13.19
N LEU A 234 -1.76 14.55 -14.24
CA LEU A 234 -1.08 15.84 -14.20
C LEU A 234 -1.98 16.97 -13.66
N HIS A 235 -3.29 16.76 -13.51
CA HIS A 235 -4.24 17.76 -13.05
C HIS A 235 -5.09 17.27 -11.87
N HIS A 236 -4.88 16.04 -11.39
CA HIS A 236 -5.65 15.51 -10.26
C HIS A 236 -5.23 16.25 -8.97
N PRO A 237 -6.16 16.72 -8.12
CA PRO A 237 -5.86 17.47 -6.90
C PRO A 237 -4.85 16.84 -5.95
N ILE A 238 -4.70 15.50 -5.95
CA ILE A 238 -3.71 14.82 -5.11
C ILE A 238 -2.29 15.35 -5.40
N MET A 239 -2.01 15.69 -6.67
CA MET A 239 -0.71 16.21 -7.09
C MET A 239 -0.45 17.62 -6.54
N GLU A 240 -1.46 18.34 -6.05
CA GLU A 240 -1.24 19.68 -5.51
C GLU A 240 -0.37 19.60 -4.24
N THR A 241 -0.28 18.42 -3.63
CA THR A 241 0.57 18.16 -2.48
C THR A 241 2.06 18.19 -2.84
N ILE A 242 2.45 18.09 -4.12
CA ILE A 242 3.86 18.05 -4.51
C ILE A 242 4.25 19.35 -5.22
N VAL A 243 3.35 20.01 -5.93
CA VAL A 243 3.72 21.22 -6.68
C VAL A 243 4.13 22.37 -5.75
N ASN A 244 3.60 22.38 -4.51
CA ASN A 244 3.88 23.41 -3.51
C ASN A 244 5.21 23.17 -2.79
N ASP A 245 5.92 22.06 -3.05
CA ASP A 245 7.07 21.63 -2.28
C ASP A 245 8.21 21.24 -3.21
N SER A 246 9.27 22.06 -3.23
CA SER A 246 10.45 21.87 -4.06
C SER A 246 11.10 20.49 -3.93
N ASN A 247 10.88 19.76 -2.82
CA ASN A 247 11.39 18.40 -2.65
C ASN A 247 10.73 17.39 -3.61
N TYR A 248 9.58 17.74 -4.20
CA TYR A 248 8.83 16.85 -5.10
C TYR A 248 8.33 17.57 -6.36
N ASP A 249 8.29 18.91 -6.41
CA ASP A 249 7.82 19.66 -7.57
C ASP A 249 8.63 19.34 -8.84
N TRP A 250 9.90 18.98 -8.70
CA TRP A 250 10.73 18.53 -9.81
C TRP A 250 10.10 17.32 -10.52
N LEU A 251 9.42 16.44 -9.79
CA LEU A 251 8.79 15.25 -10.35
C LEU A 251 7.56 15.67 -11.15
N PHE A 252 6.82 16.66 -10.67
CA PHE A 252 5.72 17.24 -11.44
C PHE A 252 6.24 17.88 -12.72
N GLN A 253 7.37 18.58 -12.67
CA GLN A 253 8.00 19.15 -13.87
C GLN A 253 8.47 18.03 -14.81
N LEU A 254 9.00 16.93 -14.28
CA LEU A 254 9.39 15.78 -15.09
C LEU A 254 8.17 15.20 -15.79
N LEU A 255 7.06 14.98 -15.06
CA LEU A 255 5.80 14.50 -15.61
C LEU A 255 5.31 15.44 -16.71
N ASN A 256 5.33 16.75 -16.45
CA ASN A 256 4.89 17.77 -17.39
C ASN A 256 5.68 17.64 -18.69
N ALA A 257 7.02 17.61 -18.61
CA ALA A 257 7.89 17.44 -19.78
C ALA A 257 7.58 16.13 -20.52
N LEU A 258 7.41 15.04 -19.77
CA LEU A 258 7.04 13.72 -20.31
C LEU A 258 5.70 13.79 -21.05
N THR A 259 4.74 14.55 -20.54
CA THR A 259 3.40 14.64 -21.10
C THR A 259 3.44 15.40 -22.42
N VAL A 260 4.14 16.54 -22.46
CA VAL A 260 4.14 17.41 -23.64
C VAL A 260 5.21 16.97 -24.66
N GLY A 261 6.07 16.01 -24.30
CA GLY A 261 7.12 15.50 -25.16
C GLY A 261 8.30 16.46 -25.26
N ASP A 262 8.52 17.31 -24.24
CA ASP A 262 9.64 18.26 -24.21
C ASP A 262 10.91 17.50 -23.82
N PHE A 263 11.49 16.81 -24.81
CA PHE A 263 12.72 16.06 -24.67
C PHE A 263 13.86 16.85 -24.05
N ASP A 264 13.93 18.17 -24.26
CA ASP A 264 15.02 18.99 -23.73
C ASP A 264 14.86 19.24 -22.24
N LYS A 265 13.66 19.60 -21.78
CA LYS A 265 13.39 19.72 -20.34
C LYS A 265 13.51 18.37 -19.66
N PHE A 266 12.97 17.31 -20.29
CA PHE A 266 13.09 15.95 -19.81
C PHE A 266 14.57 15.62 -19.63
N ASP A 267 15.39 15.74 -20.68
CA ASP A 267 16.82 15.45 -20.65
C ASP A 267 17.55 16.24 -19.56
N SER A 268 17.21 17.52 -19.40
CA SER A 268 17.83 18.39 -18.43
C SER A 268 17.58 17.92 -16.99
N LEU A 269 16.36 17.42 -16.67
CA LEU A 269 16.07 16.91 -15.35
C LEU A 269 16.67 15.51 -15.19
N ILE A 270 16.55 14.68 -16.21
CA ILE A 270 17.08 13.31 -16.25
C ILE A 270 18.58 13.33 -15.93
N LYS A 271 19.32 14.33 -16.39
CA LYS A 271 20.74 14.53 -16.12
C LYS A 271 21.13 14.55 -14.63
N VAL A 272 20.18 14.73 -13.72
CA VAL A 272 20.43 14.92 -12.30
C VAL A 272 19.51 14.02 -11.48
N GLN A 273 18.21 13.99 -11.80
CA GLN A 273 17.21 13.31 -11.00
C GLN A 273 17.33 11.79 -11.11
N ILE A 274 17.87 11.27 -12.21
CA ILE A 274 18.22 9.85 -12.30
C ILE A 274 19.26 9.53 -11.23
N SER A 275 20.33 10.30 -11.15
CA SER A 275 21.48 10.00 -10.30
C SER A 275 21.09 9.99 -8.81
N LYS A 276 20.10 10.81 -8.41
CA LYS A 276 19.68 10.94 -7.03
C LYS A 276 18.92 9.72 -6.50
N ILE A 277 18.34 8.85 -7.36
CA ILE A 277 17.41 7.82 -6.89
C ILE A 277 17.74 6.49 -7.60
N PRO A 278 18.01 5.39 -6.85
CA PRO A 278 18.51 4.15 -7.45
C PRO A 278 17.46 3.43 -8.31
N ILE A 279 16.16 3.52 -8.00
CA ILE A 279 15.14 2.98 -8.89
C ILE A 279 15.19 3.69 -10.25
N LEU A 280 15.31 5.02 -10.26
CA LEU A 280 15.37 5.77 -11.52
C LEU A 280 16.61 5.36 -12.32
N ALA A 281 17.77 5.22 -11.65
CA ALA A 281 19.00 4.77 -12.30
C ALA A 281 18.84 3.43 -13.00
N GLN A 282 17.96 2.54 -12.50
CA GLN A 282 17.73 1.23 -13.09
C GLN A 282 16.87 1.27 -14.36
N HIS A 283 16.16 2.36 -14.67
CA HIS A 283 15.26 2.40 -15.83
C HIS A 283 15.31 3.72 -16.62
N GLU A 284 16.40 4.49 -16.56
CA GLU A 284 16.62 5.67 -17.38
C GLU A 284 16.32 5.38 -18.86
N SER A 285 16.84 4.27 -19.39
CA SER A 285 16.68 3.90 -20.78
C SER A 285 15.25 3.46 -21.12
N PHE A 286 14.43 3.12 -20.12
CA PHE A 286 13.01 2.91 -20.34
C PHE A 286 12.32 4.27 -20.47
N LEU A 287 12.66 5.25 -19.63
CA LEU A 287 12.03 6.57 -19.65
C LEU A 287 12.26 7.27 -20.98
N ARG A 288 13.49 7.24 -21.52
CA ARG A 288 13.79 7.90 -22.80
C ARG A 288 12.99 7.30 -23.96
N GLN A 289 12.69 6.00 -23.90
CA GLN A 289 11.78 5.38 -24.85
C GLN A 289 10.34 5.77 -24.55
N LYS A 290 9.92 5.76 -23.28
CA LYS A 290 8.54 6.02 -22.89
C LYS A 290 8.05 7.38 -23.36
N ILE A 291 8.86 8.44 -23.20
CA ILE A 291 8.49 9.76 -23.69
C ILE A 291 8.28 9.73 -25.22
N CYS A 292 9.01 8.87 -25.94
CA CYS A 292 8.95 8.85 -27.40
C CYS A 292 7.70 8.10 -27.85
N LEU A 293 7.49 6.90 -27.27
CA LEU A 293 6.29 6.09 -27.48
C LEU A 293 5.08 6.96 -27.17
N MET A 294 5.05 7.59 -25.99
CA MET A 294 3.91 8.34 -25.51
C MET A 294 3.63 9.60 -26.32
N THR A 295 4.66 10.34 -26.75
CA THR A 295 4.42 11.58 -27.48
C THR A 295 3.71 11.26 -28.78
N LEU A 296 4.12 10.19 -29.47
CA LEU A 296 3.46 9.77 -30.67
C LEU A 296 2.04 9.31 -30.38
N ILE A 297 1.83 8.54 -29.31
CA ILE A 297 0.50 8.05 -28.94
C ILE A 297 -0.44 9.23 -28.71
N GLU A 298 -0.02 10.26 -27.96
CA GLU A 298 -0.84 11.44 -27.75
C GLU A 298 -1.09 12.14 -29.09
N THR A 299 -0.07 12.30 -29.93
CA THR A 299 -0.20 12.92 -31.24
C THR A 299 -1.29 12.21 -32.06
N VAL A 300 -1.19 10.90 -32.21
CA VAL A 300 -2.10 10.17 -33.08
C VAL A 300 -3.51 10.16 -32.49
N PHE A 301 -3.64 10.04 -31.16
CA PHE A 301 -4.94 10.01 -30.49
C PHE A 301 -5.64 11.37 -30.61
N VAL A 302 -4.95 12.46 -30.26
CA VAL A 302 -5.52 13.80 -30.24
C VAL A 302 -5.81 14.27 -31.67
N LYS A 303 -4.83 14.17 -32.58
CA LYS A 303 -4.97 14.63 -33.95
C LYS A 303 -5.78 13.64 -34.82
N ASN A 304 -6.22 12.51 -34.25
CA ASN A 304 -6.96 11.43 -34.90
C ASN A 304 -6.34 11.02 -36.24
N ILE A 305 -5.01 10.87 -36.25
CA ILE A 305 -4.21 10.54 -37.44
C ILE A 305 -4.47 9.08 -37.83
N ARG A 306 -4.23 8.77 -39.11
CA ARG A 306 -4.22 7.42 -39.66
C ARG A 306 -2.99 7.12 -40.51
N MET A 307 -2.32 8.15 -41.05
CA MET A 307 -1.14 8.01 -41.90
C MET A 307 -0.16 9.12 -41.48
N LEU A 308 1.11 8.76 -41.27
CA LEU A 308 2.14 9.68 -40.79
C LEU A 308 3.50 9.24 -41.35
N SER A 309 4.49 10.13 -41.39
CA SER A 309 5.80 9.85 -41.94
C SER A 309 6.80 9.63 -40.80
N PHE A 310 7.90 8.93 -41.10
CA PHE A 310 8.99 8.80 -40.14
C PHE A 310 9.57 10.18 -39.82
N GLU A 311 9.56 11.11 -40.78
CA GLU A 311 10.07 12.46 -40.58
C GLU A 311 9.32 13.14 -39.44
N ASP A 312 7.98 13.09 -39.46
CA ASP A 312 7.18 13.75 -38.43
C ASP A 312 7.34 13.06 -37.08
N ILE A 313 7.38 11.73 -37.06
CA ILE A 313 7.66 10.97 -35.84
C ILE A 313 9.06 11.33 -35.32
N SER A 314 10.05 11.59 -36.17
CA SER A 314 11.36 12.01 -35.74
C SER A 314 11.27 13.36 -35.01
N LYS A 315 10.45 14.29 -35.50
CA LYS A 315 10.18 15.54 -34.76
C LYS A 315 9.58 15.23 -33.38
N ALA A 316 8.66 14.26 -33.33
CA ALA A 316 7.91 13.88 -32.14
C ALA A 316 8.72 13.05 -31.12
N THR A 317 9.96 12.65 -31.44
CA THR A 317 10.72 11.71 -30.61
C THR A 317 12.18 12.17 -30.43
N HIS A 318 12.66 13.04 -31.33
CA HIS A 318 14.05 13.45 -31.47
C HIS A 318 14.99 12.26 -31.74
N LEU A 319 14.44 11.18 -32.30
CA LEU A 319 15.21 10.05 -32.83
C LEU A 319 15.53 10.34 -34.29
N PRO A 320 16.62 9.79 -34.86
CA PRO A 320 16.84 9.87 -36.29
C PRO A 320 15.78 9.01 -37.00
N LYS A 321 15.46 9.34 -38.25
CA LYS A 321 14.43 8.62 -39.01
C LYS A 321 14.79 7.13 -39.08
N ASP A 322 16.10 6.83 -39.12
CA ASP A 322 16.69 5.49 -39.21
C ASP A 322 16.41 4.60 -37.99
N ASN A 323 15.80 5.13 -36.93
CA ASN A 323 15.44 4.37 -35.72
C ASN A 323 13.97 4.55 -35.34
N VAL A 324 13.20 5.31 -36.13
CA VAL A 324 11.79 5.55 -35.84
C VAL A 324 10.99 4.24 -35.91
N GLU A 325 11.28 3.36 -36.88
CA GLU A 325 10.53 2.14 -37.04
C GLU A 325 10.69 1.28 -35.78
N HIS A 326 11.91 1.16 -35.26
CA HIS A 326 12.24 0.40 -34.08
C HIS A 326 11.45 0.89 -32.87
N LEU A 327 11.25 2.22 -32.75
CA LEU A 327 10.50 2.82 -31.68
C LEU A 327 9.02 2.41 -31.80
N VAL A 328 8.40 2.67 -32.94
CA VAL A 328 6.96 2.46 -33.07
C VAL A 328 6.60 0.96 -33.11
N MET A 329 7.53 0.10 -33.57
CA MET A 329 7.34 -1.34 -33.54
C MET A 329 7.13 -1.83 -32.11
N ARG A 330 7.80 -1.24 -31.12
CA ARG A 330 7.53 -1.59 -29.72
C ARG A 330 6.10 -1.24 -29.35
N ALA A 331 5.60 -0.07 -29.74
CA ALA A 331 4.23 0.34 -29.42
C ALA A 331 3.19 -0.66 -29.99
N ILE A 332 3.41 -1.13 -31.22
CA ILE A 332 2.58 -2.17 -31.83
C ILE A 332 2.71 -3.46 -31.01
N SER A 333 3.94 -3.85 -30.67
CA SER A 333 4.23 -5.12 -30.01
C SER A 333 3.61 -5.17 -28.60
N LEU A 334 3.55 -4.05 -27.90
CA LEU A 334 2.89 -3.93 -26.59
C LEU A 334 1.37 -3.99 -26.70
N GLY A 335 0.79 -4.02 -27.91
CA GLY A 335 -0.64 -4.14 -28.13
C GLY A 335 -1.40 -2.86 -27.81
N LEU A 336 -0.72 -1.72 -27.79
CA LEU A 336 -1.29 -0.42 -27.40
C LEU A 336 -2.17 0.15 -28.51
N LEU A 337 -2.01 -0.32 -29.74
CA LEU A 337 -2.60 0.28 -30.91
C LEU A 337 -2.64 -0.73 -32.04
N LYS A 338 -3.55 -0.54 -32.99
CA LYS A 338 -3.56 -1.28 -34.24
C LYS A 338 -2.77 -0.42 -35.20
N GLY A 339 -1.68 -0.94 -35.74
CA GLY A 339 -0.90 -0.23 -36.74
C GLY A 339 -0.03 -1.19 -37.56
N SER A 340 0.54 -0.64 -38.63
CA SER A 340 1.37 -1.33 -39.61
C SER A 340 2.38 -0.31 -40.13
N ILE A 341 3.58 -0.79 -40.50
CA ILE A 341 4.71 0.05 -40.85
C ILE A 341 5.04 -0.19 -42.32
N ASP A 342 5.42 0.88 -43.02
CA ASP A 342 5.74 0.89 -44.45
C ASP A 342 7.09 1.57 -44.60
N GLN A 343 8.09 0.97 -43.95
CA GLN A 343 9.48 1.46 -43.88
C GLN A 343 10.10 1.68 -45.26
N VAL A 344 9.66 0.95 -46.28
CA VAL A 344 10.06 1.15 -47.67
C VAL A 344 9.83 2.60 -48.09
N ASN A 345 8.71 3.19 -47.67
CA ASN A 345 8.33 4.56 -48.01
C ASN A 345 8.60 5.51 -46.83
N GLU A 346 9.14 5.00 -45.72
CA GLU A 346 9.31 5.69 -44.44
C GLU A 346 7.96 6.26 -43.94
N LEU A 347 6.92 5.42 -43.97
CA LEU A 347 5.55 5.79 -43.57
C LEU A 347 5.03 4.82 -42.51
N VAL A 348 3.97 5.24 -41.81
CA VAL A 348 3.28 4.48 -40.79
C VAL A 348 1.77 4.58 -41.05
N THR A 349 1.05 3.50 -40.78
CA THR A 349 -0.40 3.47 -40.77
C THR A 349 -0.82 3.07 -39.35
N ILE A 350 -1.71 3.84 -38.72
CA ILE A 350 -2.36 3.51 -37.45
C ILE A 350 -3.88 3.44 -37.73
N SER A 351 -4.63 2.67 -36.95
CA SER A 351 -6.09 2.59 -37.10
C SER A 351 -6.88 2.59 -35.79
N TRP A 352 -6.25 2.33 -34.63
CA TRP A 352 -6.87 2.43 -33.32
C TRP A 352 -5.74 2.59 -32.30
N VAL A 353 -6.01 3.26 -31.17
CA VAL A 353 -5.06 3.46 -30.08
C VAL A 353 -5.83 3.32 -28.76
N GLN A 354 -5.21 2.70 -27.76
CA GLN A 354 -5.74 2.54 -26.41
C GLN A 354 -6.09 3.92 -25.80
N PRO A 355 -7.19 4.04 -25.01
CA PRO A 355 -7.61 5.31 -24.42
C PRO A 355 -6.59 6.02 -23.53
N ARG A 356 -5.64 5.29 -22.95
CA ARG A 356 -4.54 5.84 -22.18
C ARG A 356 -3.28 5.08 -22.58
N MET A 1 -20.37 -18.51 40.58
CA MET A 1 -19.45 -17.60 41.30
C MET A 1 -18.00 -17.86 40.89
N PHE A 2 -17.17 -16.82 40.78
CA PHE A 2 -15.78 -16.94 40.33
C PHE A 2 -14.92 -17.78 41.28
N ASN A 3 -15.29 -17.84 42.57
CA ASN A 3 -14.65 -18.71 43.56
C ASN A 3 -14.77 -20.21 43.22
N ASN A 4 -15.68 -20.58 42.32
CA ASN A 4 -15.90 -21.95 41.85
C ASN A 4 -15.86 -21.96 40.31
N HIS A 5 -14.89 -21.22 39.75
CA HIS A 5 -14.61 -21.10 38.33
C HIS A 5 -13.09 -21.04 38.18
N GLU A 6 -12.56 -21.19 36.96
CA GLU A 6 -11.11 -21.24 36.73
C GLU A 6 -10.39 -19.97 37.23
N ILE A 7 -11.12 -18.86 37.33
CA ILE A 7 -10.59 -17.56 37.70
C ILE A 7 -9.86 -17.63 39.04
N ASP A 8 -10.39 -18.37 40.01
CA ASP A 8 -9.78 -18.43 41.34
C ASP A 8 -8.43 -19.14 41.29
N THR A 9 -8.37 -20.30 40.62
CA THR A 9 -7.15 -21.10 40.56
C THR A 9 -6.08 -20.38 39.75
N ILE A 10 -6.44 -19.87 38.56
CA ILE A 10 -5.50 -19.36 37.59
C ILE A 10 -4.85 -18.10 38.15
N LEU A 11 -5.65 -17.18 38.68
CA LEU A 11 -5.15 -15.89 39.10
C LEU A 11 -4.32 -16.03 40.37
N SER A 12 -4.82 -16.78 41.34
CA SER A 12 -4.12 -16.96 42.60
C SER A 12 -2.77 -17.63 42.37
N THR A 13 -2.73 -18.72 41.58
CA THR A 13 -1.48 -19.43 41.35
C THR A 13 -0.52 -18.58 40.52
N LEU A 14 -0.96 -18.02 39.40
CA LEU A 14 -0.04 -17.27 38.55
C LEU A 14 0.41 -15.99 39.26
N ARG A 15 -0.36 -15.43 40.19
CA ARG A 15 0.08 -14.31 41.04
C ARG A 15 1.21 -14.73 41.98
N MET A 16 1.23 -15.96 42.53
CA MET A 16 2.36 -16.42 43.34
C MET A 16 3.53 -16.86 42.46
N GLU A 17 3.28 -17.28 41.22
CA GLU A 17 4.30 -17.66 40.26
C GLU A 17 5.13 -16.46 39.78
N ALA A 18 4.52 -15.27 39.78
CA ALA A 18 5.09 -14.02 39.31
C ALA A 18 6.26 -13.53 40.17
N ASP A 19 6.91 -12.47 39.69
CA ASP A 19 7.91 -11.71 40.44
C ASP A 19 7.20 -10.97 41.59
N PRO A 20 7.80 -10.85 42.79
CA PRO A 20 7.22 -10.11 43.92
C PRO A 20 6.67 -8.71 43.60
N SER A 21 7.27 -7.99 42.64
CA SER A 21 6.82 -6.65 42.24
C SER A 21 5.38 -6.67 41.69
N LEU A 22 4.96 -7.79 41.10
CA LEU A 22 3.66 -7.96 40.45
C LEU A 22 2.63 -8.53 41.43
N HIS A 23 3.06 -9.13 42.55
CA HIS A 23 2.15 -9.70 43.53
C HIS A 23 1.05 -8.71 43.94
N PRO A 24 1.36 -7.44 44.35
CA PRO A 24 0.31 -6.51 44.75
C PRO A 24 -0.53 -6.04 43.56
N LEU A 25 0.05 -5.90 42.35
CA LEU A 25 -0.64 -5.41 41.17
C LEU A 25 -1.86 -6.26 40.86
N PHE A 26 -1.69 -7.59 40.87
CA PHE A 26 -2.73 -8.51 40.47
C PHE A 26 -3.83 -8.67 41.52
N GLU A 27 -3.75 -8.01 42.68
CA GLU A 27 -4.87 -7.94 43.62
C GLU A 27 -5.92 -6.96 43.08
N GLN A 28 -5.51 -5.88 42.41
CA GLN A 28 -6.46 -4.98 41.75
C GLN A 28 -7.07 -5.69 40.54
N PHE A 29 -6.27 -6.46 39.78
CA PHE A 29 -6.79 -7.21 38.64
C PHE A 29 -7.91 -8.17 39.09
N GLU A 30 -7.71 -8.87 40.22
CA GLU A 30 -8.75 -9.69 40.84
C GLU A 30 -9.99 -8.86 41.13
N LYS A 31 -9.83 -7.78 41.91
CA LYS A 31 -10.95 -6.97 42.40
C LYS A 31 -11.75 -6.43 41.23
N PHE A 32 -11.07 -5.89 40.22
CA PHE A 32 -11.73 -5.26 39.08
C PHE A 32 -12.45 -6.29 38.21
N TYR A 33 -11.90 -7.50 38.01
CA TYR A 33 -12.61 -8.55 37.29
C TYR A 33 -13.84 -9.02 38.09
N GLU A 34 -13.73 -9.12 39.42
CA GLU A 34 -14.81 -9.55 40.29
C GLU A 34 -16.03 -8.62 40.17
N GLU A 35 -15.82 -7.35 39.79
CA GLU A 35 -16.88 -6.36 39.58
C GLU A 35 -17.02 -6.00 38.08
N LYS A 36 -16.52 -6.87 37.19
CA LYS A 36 -16.57 -6.77 35.73
C LYS A 36 -16.22 -5.39 35.18
N LEU A 37 -15.24 -4.70 35.79
CA LEU A 37 -14.81 -3.35 35.46
C LEU A 37 -13.87 -3.35 34.25
N TRP A 38 -14.24 -4.09 33.20
CA TRP A 38 -13.42 -4.41 32.02
C TRP A 38 -12.55 -3.23 31.52
N PHE A 39 -13.12 -2.05 31.39
CA PHE A 39 -12.44 -0.88 30.82
C PHE A 39 -11.31 -0.34 31.71
N GLN A 40 -11.35 -0.65 33.01
CA GLN A 40 -10.35 -0.23 34.00
C GLN A 40 -9.47 -1.42 34.38
N LEU A 41 -10.02 -2.64 34.31
CA LEU A 41 -9.32 -3.90 34.40
C LEU A 41 -8.24 -3.96 33.33
N SER A 42 -8.52 -3.41 32.14
CA SER A 42 -7.58 -3.24 31.05
C SER A 42 -6.35 -2.44 31.47
N GLU A 43 -6.53 -1.34 32.20
CA GLU A 43 -5.44 -0.47 32.62
C GLU A 43 -4.64 -1.18 33.72
N SER A 44 -5.36 -1.84 34.62
CA SER A 44 -4.78 -2.66 35.68
C SER A 44 -3.90 -3.76 35.08
N LEU A 45 -4.34 -4.38 33.97
CA LEU A 45 -3.57 -5.37 33.24
C LEU A 45 -2.39 -4.73 32.51
N THR A 46 -2.56 -3.58 31.86
CA THR A 46 -1.52 -2.90 31.08
C THR A 46 -0.22 -2.72 31.88
N LYS A 47 -0.32 -2.49 33.20
CA LYS A 47 0.85 -2.35 34.06
C LYS A 47 1.79 -3.56 34.01
N PHE A 48 1.33 -4.76 33.64
CA PHE A 48 2.18 -5.95 33.57
C PHE A 48 3.27 -5.89 32.50
N PHE A 49 3.25 -4.89 31.61
CA PHE A 49 4.35 -4.62 30.68
C PHE A 49 4.92 -3.21 30.85
N ASP A 50 4.16 -2.25 31.41
CA ASP A 50 4.72 -0.96 31.80
C ASP A 50 5.75 -1.16 32.94
N ASP A 51 5.57 -2.22 33.73
CA ASP A 51 6.48 -2.71 34.75
C ASP A 51 6.77 -4.19 34.45
N ALA A 52 7.23 -4.44 33.21
CA ALA A 52 7.53 -5.76 32.66
C ALA A 52 8.40 -6.59 33.61
N LYS A 53 7.81 -7.63 34.22
CA LYS A 53 8.48 -8.50 35.19
C LYS A 53 8.34 -9.97 34.84
N SER A 54 7.13 -10.37 34.43
CA SER A 54 6.73 -11.77 34.25
C SER A 54 5.73 -11.88 33.10
N THR A 55 5.79 -10.95 32.14
CA THR A 55 4.83 -10.79 31.06
C THR A 55 4.56 -12.12 30.31
N PRO A 56 5.56 -12.99 30.00
CA PRO A 56 5.33 -14.31 29.43
C PRO A 56 4.49 -15.26 30.28
N LEU A 57 4.63 -15.33 31.61
CA LEU A 57 3.83 -16.30 32.39
C LEU A 57 2.35 -15.89 32.47
N ARG A 58 2.02 -14.61 32.21
CA ARG A 58 0.64 -14.19 32.05
C ARG A 58 0.01 -14.76 30.78
N LEU A 59 0.79 -15.26 29.81
CA LEU A 59 0.26 -15.85 28.60
C LEU A 59 -0.63 -17.07 28.90
N ARG A 60 -0.31 -17.83 29.95
CA ARG A 60 -1.15 -18.94 30.40
C ARG A 60 -2.46 -18.44 31.01
N LEU A 61 -2.44 -17.31 31.74
CA LEU A 61 -3.67 -16.68 32.24
C LEU A 61 -4.50 -16.21 31.05
N TYR A 62 -3.89 -15.48 30.13
CA TYR A 62 -4.51 -14.79 29.01
C TYR A 62 -5.46 -15.70 28.24
N ASP A 63 -4.97 -16.90 27.90
CA ASP A 63 -5.68 -17.89 27.09
C ASP A 63 -7.05 -18.28 27.65
N ASN A 64 -7.24 -18.16 28.97
CA ASN A 64 -8.40 -18.67 29.69
C ASN A 64 -8.91 -17.63 30.70
N PHE A 65 -8.68 -16.34 30.43
CA PHE A 65 -9.09 -15.26 31.32
C PHE A 65 -9.46 -14.05 30.46
N VAL A 66 -8.50 -13.41 29.78
CA VAL A 66 -8.79 -12.24 28.94
C VAL A 66 -9.69 -12.67 27.77
N SER A 67 -9.59 -13.94 27.34
CA SER A 67 -10.49 -14.57 26.39
C SER A 67 -11.97 -14.45 26.78
N LYS A 68 -12.29 -14.52 28.08
CA LYS A 68 -13.66 -14.41 28.58
C LYS A 68 -14.22 -12.99 28.39
N PHE A 69 -13.40 -12.01 28.00
CA PHE A 69 -13.83 -10.64 27.71
C PHE A 69 -13.25 -10.13 26.37
N TYR A 70 -12.96 -11.02 25.41
CA TYR A 70 -12.61 -10.66 24.04
C TYR A 70 -13.64 -9.70 23.40
N ASP A 71 -14.92 -9.82 23.81
CA ASP A 71 -16.03 -9.05 23.26
C ASP A 71 -16.31 -7.76 24.06
N LYS A 72 -15.71 -7.59 25.25
CA LYS A 72 -16.08 -6.51 26.18
C LYS A 72 -15.07 -5.36 26.24
N ILE A 73 -13.90 -5.50 25.60
CA ILE A 73 -12.90 -4.44 25.47
C ILE A 73 -12.41 -4.41 24.03
N ASN A 74 -11.78 -3.30 23.63
CA ASN A 74 -11.32 -3.11 22.26
C ASN A 74 -10.28 -4.18 21.92
N GLN A 75 -10.35 -4.70 20.70
CA GLN A 75 -9.53 -5.83 20.26
C GLN A 75 -8.03 -5.50 20.30
N LEU A 76 -7.62 -4.28 19.98
CA LEU A 76 -6.20 -3.89 20.05
C LEU A 76 -5.72 -3.86 21.51
N SER A 77 -6.58 -3.55 22.49
CA SER A 77 -6.22 -3.65 23.91
C SER A 77 -5.87 -5.08 24.26
N VAL A 78 -6.73 -6.05 23.92
CA VAL A 78 -6.46 -7.44 24.26
C VAL A 78 -5.24 -7.96 23.50
N VAL A 79 -5.06 -7.67 22.20
CA VAL A 79 -3.86 -8.14 21.54
C VAL A 79 -2.61 -7.41 22.04
N LYS A 80 -2.68 -6.17 22.56
CA LYS A 80 -1.50 -5.50 23.11
C LYS A 80 -0.88 -6.30 24.25
N TYR A 81 -1.70 -7.00 25.05
CA TYR A 81 -1.16 -7.80 26.15
C TYR A 81 -0.42 -9.01 25.59
N LEU A 82 -1.04 -9.71 24.63
CA LEU A 82 -0.43 -10.85 23.94
C LEU A 82 0.87 -10.43 23.24
N LEU A 83 0.85 -9.29 22.57
CA LEU A 83 2.02 -8.67 21.95
C LEU A 83 3.12 -8.49 22.98
N ALA A 84 2.82 -7.92 24.15
CA ALA A 84 3.83 -7.68 25.18
C ALA A 84 4.47 -8.99 25.64
N SER A 85 3.65 -10.02 25.91
CA SER A 85 4.17 -11.33 26.31
C SER A 85 5.06 -11.92 25.21
N LEU A 86 4.65 -11.82 23.94
CA LEU A 86 5.39 -12.40 22.83
C LEU A 86 6.67 -11.62 22.55
N LYS A 87 6.67 -10.30 22.72
CA LYS A 87 7.87 -9.47 22.58
C LYS A 87 8.87 -9.77 23.69
N ASP A 88 8.41 -10.05 24.91
CA ASP A 88 9.34 -10.37 25.99
C ASP A 88 9.84 -11.82 25.89
N SER A 89 9.02 -12.72 25.35
CA SER A 89 9.43 -14.08 25.00
C SER A 89 10.52 -14.04 23.91
N LYS A 90 11.33 -15.10 23.83
CA LYS A 90 12.44 -15.21 22.88
C LYS A 90 11.96 -15.83 21.57
N ASP A 91 10.88 -15.30 21.00
CA ASP A 91 10.29 -15.81 19.75
C ASP A 91 9.73 -14.65 18.92
N PHE A 92 9.33 -14.94 17.68
CA PHE A 92 8.73 -14.00 16.73
C PHE A 92 7.89 -14.76 15.68
N ASP A 93 8.32 -15.97 15.29
CA ASP A 93 7.62 -16.77 14.30
C ASP A 93 6.36 -17.40 14.89
N GLU A 94 6.43 -17.85 16.14
CA GLU A 94 5.26 -18.30 16.87
C GLU A 94 4.32 -17.11 17.09
N SER A 95 4.89 -15.94 17.41
CA SER A 95 4.16 -14.72 17.67
C SER A 95 3.31 -14.31 16.46
N LEU A 96 3.90 -14.39 15.26
CA LEU A 96 3.26 -14.16 13.99
C LEU A 96 2.07 -15.10 13.81
N LYS A 97 2.27 -16.40 14.03
CA LYS A 97 1.20 -17.39 13.89
C LYS A 97 0.08 -17.13 14.90
N TYR A 98 0.43 -16.83 16.16
CA TYR A 98 -0.56 -16.55 17.18
C TYR A 98 -1.36 -15.30 16.85
N LEU A 99 -0.73 -14.24 16.32
CA LEU A 99 -1.49 -13.03 16.04
C LEU A 99 -2.40 -13.24 14.83
N ASP A 100 -1.95 -13.98 13.81
CA ASP A 100 -2.81 -14.26 12.67
C ASP A 100 -4.02 -15.09 13.08
N ASP A 101 -3.83 -16.09 13.94
CA ASP A 101 -4.93 -16.92 14.43
C ASP A 101 -5.90 -16.09 15.27
N LEU A 102 -5.41 -15.25 16.18
CA LEU A 102 -6.29 -14.48 17.05
C LEU A 102 -6.99 -13.37 16.26
N LYS A 103 -6.32 -12.78 15.25
CA LYS A 103 -6.96 -11.85 14.32
C LYS A 103 -8.13 -12.55 13.67
N ALA A 104 -7.95 -13.77 13.16
CA ALA A 104 -9.01 -14.48 12.46
C ALA A 104 -10.17 -14.79 13.41
N GLN A 105 -9.90 -15.20 14.66
CA GLN A 105 -10.98 -15.41 15.64
C GLN A 105 -11.74 -14.10 15.87
N PHE A 106 -11.05 -12.97 16.01
CA PHE A 106 -11.69 -11.68 16.17
C PHE A 106 -12.46 -11.28 14.92
N GLN A 107 -11.98 -11.63 13.73
CA GLN A 107 -12.63 -11.37 12.45
C GLN A 107 -13.97 -12.11 12.36
N GLU A 108 -14.11 -13.27 13.02
CA GLU A 108 -15.34 -14.04 13.05
C GLU A 108 -16.28 -13.51 14.13
N LEU A 109 -15.75 -13.11 15.29
CA LEU A 109 -16.55 -12.50 16.36
C LEU A 109 -17.10 -11.13 15.93
N ASP A 110 -16.33 -10.39 15.13
CA ASP A 110 -16.64 -9.03 14.71
C ASP A 110 -17.96 -8.96 13.94
N SER A 111 -18.72 -7.88 14.17
CA SER A 111 -19.91 -7.52 13.40
C SER A 111 -19.87 -6.05 12.91
N LYS A 112 -18.78 -5.31 13.14
CA LYS A 112 -18.63 -3.94 12.64
C LYS A 112 -18.27 -3.94 11.16
N LYS A 113 -17.78 -5.06 10.62
CA LYS A 113 -17.52 -5.26 9.18
C LYS A 113 -18.65 -4.67 8.33
N GLN A 114 -18.27 -4.02 7.22
CA GLN A 114 -19.16 -3.53 6.17
C GLN A 114 -20.25 -2.54 6.63
N ARG A 115 -20.33 -2.16 7.92
CA ARG A 115 -21.25 -1.13 8.43
C ARG A 115 -20.64 0.25 8.20
N ASN A 116 -20.31 0.56 6.94
CA ASN A 116 -19.52 1.73 6.54
C ASN A 116 -19.99 3.04 7.17
N ASN A 117 -21.32 3.21 7.33
CA ASN A 117 -21.91 4.37 8.02
C ASN A 117 -23.01 3.90 8.99
N GLY A 118 -22.76 2.76 9.65
CA GLY A 118 -23.61 2.20 10.70
C GLY A 118 -22.82 1.85 11.95
N SER A 119 -21.50 2.06 11.95
CA SER A 119 -20.59 1.78 13.05
C SER A 119 -19.41 2.76 12.95
N LYS A 120 -18.76 3.02 14.09
CA LYS A 120 -17.50 3.77 14.19
C LYS A 120 -16.58 3.21 15.28
N ASP A 121 -16.95 2.08 15.89
CA ASP A 121 -16.17 1.45 16.95
C ASP A 121 -14.84 0.93 16.39
N HIS A 122 -13.75 1.09 17.16
CA HIS A 122 -12.40 0.80 16.69
C HIS A 122 -12.03 -0.70 16.78
N GLY A 123 -13.00 -1.60 16.93
CA GLY A 123 -12.75 -3.04 16.80
C GLY A 123 -12.24 -3.41 15.41
N ASP A 124 -12.46 -2.53 14.42
CA ASP A 124 -11.85 -2.59 13.09
C ASP A 124 -10.32 -2.59 13.15
N GLY A 125 -9.72 -2.31 14.31
CA GLY A 125 -8.30 -2.42 14.61
C GLY A 125 -7.66 -3.76 14.19
N ILE A 126 -8.42 -4.84 14.02
CA ILE A 126 -7.88 -6.06 13.41
C ILE A 126 -7.31 -5.82 12.01
N LEU A 127 -7.69 -4.75 11.31
CA LEU A 127 -7.06 -4.33 10.06
C LEU A 127 -5.63 -3.83 10.27
N LEU A 128 -5.32 -3.22 11.42
CA LEU A 128 -3.93 -2.87 11.73
C LEU A 128 -3.17 -4.17 12.01
N ILE A 129 -3.74 -5.10 12.78
CA ILE A 129 -3.11 -6.40 13.00
C ILE A 129 -2.84 -7.06 11.64
N ASP A 130 -3.81 -7.04 10.73
CA ASP A 130 -3.65 -7.63 9.40
C ASP A 130 -2.50 -6.99 8.62
N SER A 131 -2.41 -5.67 8.63
CA SER A 131 -1.36 -4.96 7.93
C SER A 131 0.01 -5.16 8.60
N GLU A 132 0.04 -5.24 9.92
CA GLU A 132 1.25 -5.50 10.69
C GLU A 132 1.75 -6.93 10.37
N ILE A 133 0.83 -7.89 10.30
CA ILE A 133 1.14 -9.28 10.01
C ILE A 133 1.54 -9.42 8.55
N ALA A 134 0.94 -8.67 7.62
CA ALA A 134 1.38 -8.60 6.23
C ALA A 134 2.83 -8.09 6.17
N ARG A 135 3.15 -7.02 6.91
CA ARG A 135 4.52 -6.51 6.98
C ARG A 135 5.45 -7.61 7.50
N THR A 136 5.04 -8.35 8.53
CA THR A 136 5.81 -9.43 9.11
C THR A 136 6.06 -10.53 8.06
N TYR A 137 5.06 -10.93 7.27
CA TYR A 137 5.27 -11.90 6.19
C TYR A 137 6.26 -11.36 5.14
N LEU A 138 6.25 -10.06 4.85
CA LEU A 138 7.20 -9.44 3.93
C LEU A 138 8.65 -9.44 4.46
N LEU A 139 8.92 -9.83 5.72
CA LEU A 139 10.28 -10.06 6.20
C LEU A 139 10.75 -11.49 5.91
N LYS A 140 9.86 -12.43 5.55
CA LYS A 140 10.27 -13.79 5.19
C LYS A 140 11.11 -13.72 3.90
N ASN A 141 12.09 -14.61 3.79
CA ASN A 141 12.96 -14.69 2.60
C ASN A 141 12.21 -15.17 1.36
N ASP A 142 11.06 -15.84 1.54
CA ASP A 142 10.21 -16.37 0.46
C ASP A 142 9.36 -15.26 -0.17
N LEU A 143 10.03 -14.16 -0.55
CA LEU A 143 9.43 -12.90 -0.98
C LEU A 143 8.46 -13.08 -2.14
N VAL A 144 8.69 -14.02 -3.06
CA VAL A 144 7.80 -14.23 -4.20
C VAL A 144 6.42 -14.74 -3.74
N LYS A 145 6.35 -15.52 -2.65
CA LYS A 145 5.07 -15.98 -2.10
C LYS A 145 4.52 -14.91 -1.14
N ALA A 146 5.38 -14.19 -0.42
CA ALA A 146 4.95 -13.05 0.39
C ALA A 146 4.26 -12.01 -0.51
N ARG A 147 4.76 -11.78 -1.72
CA ARG A 147 4.13 -10.95 -2.74
C ARG A 147 2.78 -11.51 -3.16
N ASP A 148 2.64 -12.82 -3.34
CA ASP A 148 1.35 -13.42 -3.71
C ASP A 148 0.31 -13.20 -2.60
N LEU A 149 0.72 -13.35 -1.33
CA LEU A 149 -0.14 -13.00 -0.20
C LEU A 149 -0.50 -11.52 -0.25
N LEU A 150 0.48 -10.63 -0.45
CA LEU A 150 0.27 -9.19 -0.50
C LEU A 150 -0.73 -8.83 -1.61
N ASP A 151 -0.61 -9.44 -2.79
CA ASP A 151 -1.50 -9.21 -3.92
C ASP A 151 -2.95 -9.63 -3.62
N ASP A 152 -3.15 -10.68 -2.82
CA ASP A 152 -4.48 -11.09 -2.37
C ASP A 152 -5.01 -10.15 -1.29
N LEU A 153 -4.16 -9.74 -0.35
CA LEU A 153 -4.51 -8.75 0.65
C LEU A 153 -4.85 -7.41 -0.01
N GLU A 154 -4.34 -7.11 -1.21
CA GLU A 154 -4.65 -5.88 -1.94
C GLU A 154 -6.15 -5.76 -2.20
N LYS A 155 -6.90 -6.87 -2.31
CA LYS A 155 -8.36 -6.78 -2.42
C LYS A 155 -9.00 -6.01 -1.26
N THR A 156 -8.37 -6.00 -0.07
CA THR A 156 -8.84 -5.24 1.07
C THR A 156 -8.84 -3.72 0.76
N LEU A 157 -7.84 -3.22 0.02
CA LEU A 157 -7.81 -1.81 -0.37
C LEU A 157 -8.67 -1.57 -1.61
N ASP A 158 -8.75 -2.53 -2.53
CA ASP A 158 -9.54 -2.42 -3.76
C ASP A 158 -11.04 -2.34 -3.45
N LYS A 159 -11.50 -3.02 -2.40
CA LYS A 159 -12.89 -2.99 -1.94
C LYS A 159 -13.32 -1.55 -1.70
N LYS A 160 -14.50 -1.18 -2.21
CA LYS A 160 -15.10 0.14 -2.00
C LYS A 160 -15.52 0.23 -0.53
N ASP A 161 -14.68 0.87 0.29
CA ASP A 161 -14.94 1.16 1.70
C ASP A 161 -14.06 2.35 2.09
N SER A 162 -14.40 3.03 3.18
CA SER A 162 -13.65 4.13 3.76
C SER A 162 -12.41 3.60 4.50
N ILE A 163 -11.51 2.95 3.76
CA ILE A 163 -10.29 2.32 4.26
C ILE A 163 -9.52 3.28 5.20
N PRO A 164 -9.25 2.89 6.47
CA PRO A 164 -8.50 3.73 7.40
C PRO A 164 -7.11 4.08 6.86
N LEU A 165 -6.66 5.32 7.09
CA LEU A 165 -5.35 5.77 6.62
C LEU A 165 -4.23 4.94 7.23
N ARG A 166 -4.28 4.63 8.52
CA ARG A 166 -3.16 3.94 9.19
C ARG A 166 -3.01 2.51 8.68
N ILE A 167 -4.12 1.79 8.50
CA ILE A 167 -4.06 0.43 7.94
C ILE A 167 -3.60 0.52 6.48
N THR A 168 -4.05 1.54 5.73
CA THR A 168 -3.67 1.70 4.34
C THR A 168 -2.17 1.98 4.23
N ASN A 169 -1.60 2.92 5.00
CA ASN A 169 -0.19 3.24 4.87
C ASN A 169 0.69 2.10 5.43
N SER A 170 0.18 1.27 6.34
CA SER A 170 0.88 0.07 6.78
C SER A 170 0.93 -0.96 5.64
N PHE A 171 -0.20 -1.21 4.96
CA PHE A 171 -0.23 -2.04 3.76
C PHE A 171 0.72 -1.46 2.71
N TYR A 172 0.70 -0.14 2.52
CA TYR A 172 1.52 0.54 1.54
C TYR A 172 3.01 0.31 1.80
N SER A 173 3.42 0.42 3.07
CA SER A 173 4.80 0.16 3.48
C SER A 173 5.19 -1.31 3.27
N THR A 174 4.21 -2.22 3.25
CA THR A 174 4.43 -3.62 2.92
C THR A 174 4.58 -3.75 1.39
N ASN A 175 3.71 -3.12 0.59
CA ASN A 175 3.78 -3.13 -0.86
C ASN A 175 5.15 -2.64 -1.35
N SER A 176 5.64 -1.52 -0.83
CA SER A 176 6.90 -0.93 -1.25
C SER A 176 8.12 -1.74 -0.83
N GLN A 177 7.97 -2.73 0.08
CA GLN A 177 9.08 -3.60 0.45
C GLN A 177 9.42 -4.61 -0.66
N TYR A 178 8.47 -4.91 -1.56
CA TYR A 178 8.74 -5.74 -2.74
C TYR A 178 9.26 -4.85 -3.89
N PHE A 179 9.97 -5.46 -4.85
CA PHE A 179 10.52 -4.79 -6.03
C PHE A 179 10.70 -5.83 -7.15
N LYS A 180 10.78 -5.37 -8.40
CA LYS A 180 11.10 -6.19 -9.57
C LYS A 180 11.94 -5.32 -10.51
N PHE A 181 13.00 -5.90 -11.07
CA PHE A 181 14.04 -5.18 -11.80
C PHE A 181 13.52 -4.41 -13.02
N LYS A 182 12.59 -4.99 -13.78
CA LYS A 182 11.91 -4.32 -14.89
C LYS A 182 10.47 -4.81 -14.90
N ASN A 183 9.51 -3.88 -14.95
CA ASN A 183 8.08 -4.20 -14.96
C ASN A 183 7.29 -2.94 -15.32
N ASP A 184 5.98 -3.08 -15.53
CA ASP A 184 5.06 -1.94 -15.64
C ASP A 184 4.81 -1.44 -14.21
N PHE A 185 4.53 -0.14 -14.05
CA PHE A 185 4.27 0.50 -12.76
C PHE A 185 2.94 1.27 -12.76
N ASN A 186 2.07 1.11 -13.76
CA ASN A 186 0.76 1.77 -13.78
C ASN A 186 -0.04 1.49 -12.50
N SER A 187 0.02 0.25 -11.99
CA SER A 187 -0.60 -0.13 -10.73
C SER A 187 0.04 0.63 -9.56
N PHE A 188 1.36 0.82 -9.56
CA PHE A 188 2.07 1.51 -8.50
C PHE A 188 1.75 3.00 -8.51
N TYR A 189 1.55 3.60 -9.68
CA TYR A 189 1.09 4.98 -9.83
C TYR A 189 -0.29 5.12 -9.20
N TYR A 190 -1.22 4.23 -9.52
CA TYR A 190 -2.55 4.27 -8.94
C TYR A 190 -2.47 4.06 -7.42
N THR A 191 -1.61 3.16 -6.94
CA THR A 191 -1.39 2.95 -5.52
C THR A 191 -0.83 4.25 -4.89
N SER A 192 0.04 4.99 -5.56
CA SER A 192 0.52 6.28 -5.06
C SER A 192 -0.64 7.27 -4.89
N LEU A 193 -1.55 7.34 -5.86
CA LEU A 193 -2.75 8.17 -5.74
C LEU A 193 -3.69 7.67 -4.63
N LEU A 194 -3.72 6.36 -4.37
CA LEU A 194 -4.51 5.74 -3.31
C LEU A 194 -4.09 6.34 -1.96
N TYR A 195 -2.79 6.38 -1.68
CA TYR A 195 -2.28 6.93 -0.43
C TYR A 195 -2.72 8.40 -0.29
N LEU A 196 -2.58 9.17 -1.37
CA LEU A 196 -2.89 10.59 -1.36
C LEU A 196 -4.39 10.80 -1.15
N SER A 197 -5.21 9.87 -1.63
CA SER A 197 -6.65 9.85 -1.43
C SER A 197 -7.00 9.57 0.04
N THR A 198 -6.28 8.65 0.70
CA THR A 198 -6.50 8.35 2.10
C THR A 198 -5.99 9.45 3.04
N LEU A 199 -5.00 10.24 2.62
CA LEU A 199 -4.31 11.16 3.52
C LEU A 199 -5.29 12.20 4.05
N GLU A 200 -5.25 12.36 5.37
CA GLU A 200 -6.07 13.22 6.19
C GLU A 200 -5.20 13.66 7.39
N PRO A 201 -5.54 14.75 8.10
CA PRO A 201 -4.79 15.20 9.27
C PRO A 201 -4.76 14.18 10.42
N SER A 202 -5.55 13.12 10.33
CA SER A 202 -5.53 11.94 11.18
C SER A 202 -4.11 11.37 11.35
N THR A 203 -3.31 11.37 10.28
CA THR A 203 -1.95 10.83 10.28
C THR A 203 -1.15 11.61 9.22
N SER A 204 -0.96 12.90 9.44
CA SER A 204 -0.26 13.78 8.50
C SER A 204 1.18 13.32 8.20
N ILE A 205 1.77 13.98 7.21
CA ILE A 205 3.06 13.70 6.63
C ILE A 205 3.82 15.03 6.51
N THR A 206 5.15 14.97 6.45
CA THR A 206 6.00 16.13 6.28
C THR A 206 5.99 16.57 4.81
N LEU A 207 6.62 17.72 4.50
CA LEU A 207 6.86 18.07 3.10
C LEU A 207 7.84 17.08 2.48
N ALA A 208 8.82 16.58 3.25
CA ALA A 208 9.77 15.59 2.75
C ALA A 208 9.06 14.29 2.34
N GLU A 209 8.07 13.83 3.12
CA GLU A 209 7.29 12.65 2.75
C GLU A 209 6.48 12.92 1.48
N ARG A 210 5.91 14.12 1.31
CA ARG A 210 5.25 14.49 0.07
C ARG A 210 6.24 14.45 -1.10
N GLN A 211 7.45 14.98 -0.93
CA GLN A 211 8.46 14.94 -1.98
C GLN A 211 8.76 13.50 -2.38
N GLN A 212 8.96 12.60 -1.39
CA GLN A 212 9.19 11.19 -1.67
C GLN A 212 8.06 10.58 -2.49
N LEU A 213 6.80 10.84 -2.10
CA LEU A 213 5.65 10.35 -2.86
C LEU A 213 5.64 10.97 -4.26
N ALA A 214 5.96 12.26 -4.44
CA ALA A 214 5.97 12.93 -5.74
C ALA A 214 7.00 12.29 -6.69
N TYR A 215 8.23 12.01 -6.25
CA TYR A 215 9.23 11.37 -7.12
C TYR A 215 8.75 9.97 -7.49
N ASP A 216 8.35 9.19 -6.48
CA ASP A 216 7.95 7.79 -6.68
C ASP A 216 6.73 7.69 -7.60
N LEU A 217 5.76 8.59 -7.46
CA LEU A 217 4.61 8.75 -8.35
C LEU A 217 5.08 9.07 -9.77
N SER A 218 6.08 9.95 -9.93
CA SER A 218 6.61 10.32 -11.23
C SER A 218 7.29 9.15 -11.93
N ILE A 219 8.12 8.38 -11.22
CA ILE A 219 8.73 7.18 -11.76
C ILE A 219 7.60 6.21 -12.15
N SER A 220 6.60 6.03 -11.30
CA SER A 220 5.51 5.09 -11.57
C SER A 220 4.68 5.51 -12.78
N ALA A 221 4.49 6.81 -13.03
CA ALA A 221 3.83 7.31 -14.24
C ALA A 221 4.71 7.04 -15.45
N LEU A 222 5.98 7.45 -15.41
CA LEU A 222 6.90 7.36 -16.53
C LEU A 222 7.14 5.91 -16.95
N LEU A 223 7.06 4.97 -15.99
CA LEU A 223 7.19 3.53 -16.20
C LEU A 223 5.81 2.84 -16.23
N GLY A 224 4.73 3.62 -16.34
CA GLY A 224 3.36 3.15 -16.42
C GLY A 224 3.03 2.96 -17.90
N ASP A 225 3.07 1.72 -18.35
CA ASP A 225 3.00 1.30 -19.74
C ASP A 225 1.76 1.76 -20.51
N LYS A 226 0.68 2.14 -19.81
CA LYS A 226 -0.56 2.61 -20.44
C LYS A 226 -1.07 3.95 -19.89
N ILE A 227 -0.33 4.62 -18.99
CA ILE A 227 -0.80 5.89 -18.44
C ILE A 227 -0.87 6.94 -19.55
N TYR A 228 0.27 7.15 -20.23
CA TYR A 228 0.56 8.14 -21.28
C TYR A 228 0.30 9.62 -20.95
N ASN A 229 -0.75 9.94 -20.20
CA ASN A 229 -1.28 11.28 -19.96
C ASN A 229 -0.48 12.09 -18.94
N PHE A 230 0.85 11.98 -18.96
CA PHE A 230 1.77 12.55 -17.99
C PHE A 230 1.62 14.07 -17.81
N GLY A 231 1.04 14.78 -18.80
CA GLY A 231 0.73 16.19 -18.67
C GLY A 231 -0.20 16.51 -17.49
N GLU A 232 -1.06 15.58 -17.08
CA GLU A 232 -1.91 15.77 -15.91
C GLU A 232 -1.06 15.73 -14.64
N LEU A 233 -0.16 14.75 -14.53
CA LEU A 233 0.79 14.67 -13.41
C LEU A 233 1.64 15.93 -13.37
N LEU A 234 2.10 16.41 -14.52
CA LEU A 234 2.94 17.58 -14.68
C LEU A 234 2.28 18.88 -14.17
N HIS A 235 1.02 18.84 -13.75
CA HIS A 235 0.28 19.95 -13.16
C HIS A 235 -0.38 19.58 -11.81
N HIS A 236 -0.20 18.34 -11.33
CA HIS A 236 -0.81 17.83 -10.10
C HIS A 236 -0.15 18.51 -8.89
N PRO A 237 -0.90 19.14 -7.96
CA PRO A 237 -0.34 19.90 -6.82
C PRO A 237 0.71 19.19 -5.97
N ILE A 238 0.71 17.85 -5.87
CA ILE A 238 1.71 17.13 -5.08
C ILE A 238 3.12 17.41 -5.64
N MET A 239 3.23 17.60 -6.96
CA MET A 239 4.49 17.94 -7.64
C MET A 239 5.02 19.30 -7.21
N GLU A 240 4.20 20.20 -6.66
CA GLU A 240 4.66 21.55 -6.31
C GLU A 240 5.76 21.47 -5.23
N THR A 241 5.78 20.37 -4.48
CA THR A 241 6.77 20.09 -3.45
C THR A 241 8.16 19.83 -4.04
N ILE A 242 8.30 19.51 -5.34
CA ILE A 242 9.58 19.10 -5.93
C ILE A 242 9.95 19.93 -7.17
N VAL A 243 8.98 20.48 -7.91
CA VAL A 243 9.29 21.26 -9.11
C VAL A 243 10.11 22.52 -8.78
N ASN A 244 10.01 22.99 -7.52
CA ASN A 244 10.80 24.10 -6.99
C ASN A 244 12.28 23.76 -6.79
N ASP A 245 12.70 22.50 -6.91
CA ASP A 245 14.06 22.06 -6.61
C ASP A 245 14.78 21.69 -7.91
N SER A 246 15.75 22.53 -8.28
CA SER A 246 16.57 22.39 -9.47
C SER A 246 17.29 21.03 -9.55
N ASN A 247 17.52 20.34 -8.43
CA ASN A 247 18.15 19.02 -8.40
C ASN A 247 17.36 17.97 -9.21
N TYR A 248 16.07 18.22 -9.49
CA TYR A 248 15.19 17.32 -10.21
C TYR A 248 14.65 17.96 -11.49
N ASP A 249 15.16 19.14 -11.89
CA ASP A 249 14.68 19.89 -13.06
C ASP A 249 14.73 19.06 -14.34
N TRP A 250 15.75 18.21 -14.48
CA TRP A 250 15.90 17.29 -15.60
C TRP A 250 14.69 16.33 -15.70
N LEU A 251 14.14 15.90 -14.57
CA LEU A 251 13.00 14.98 -14.54
C LEU A 251 11.80 15.70 -15.13
N PHE A 252 11.58 16.93 -14.68
CA PHE A 252 10.43 17.73 -15.12
C PHE A 252 10.57 18.10 -16.59
N GLN A 253 11.78 18.40 -17.06
CA GLN A 253 12.01 18.65 -18.48
C GLN A 253 11.83 17.38 -19.31
N LEU A 254 12.21 16.20 -18.81
CA LEU A 254 11.98 14.94 -19.52
C LEU A 254 10.48 14.68 -19.63
N LEU A 255 9.74 14.83 -18.53
CA LEU A 255 8.27 14.70 -18.52
C LEU A 255 7.65 15.70 -19.49
N ASN A 256 8.10 16.96 -19.47
CA ASN A 256 7.62 18.01 -20.34
C ASN A 256 7.84 17.64 -21.81
N ALA A 257 9.06 17.25 -22.17
CA ALA A 257 9.40 16.88 -23.54
C ALA A 257 8.49 15.75 -24.04
N LEU A 258 8.29 14.73 -23.21
CA LEU A 258 7.40 13.62 -23.51
C LEU A 258 5.96 14.11 -23.66
N THR A 259 5.51 15.03 -22.79
CA THR A 259 4.14 15.55 -22.78
C THR A 259 3.85 16.31 -24.08
N VAL A 260 4.85 16.94 -24.70
CA VAL A 260 4.67 17.73 -25.92
C VAL A 260 5.12 16.95 -27.17
N GLY A 261 5.61 15.71 -27.00
CA GLY A 261 6.10 14.87 -28.08
C GLY A 261 7.37 15.43 -28.74
N ASP A 262 8.17 16.22 -28.00
CA ASP A 262 9.44 16.76 -28.49
C ASP A 262 10.50 15.66 -28.38
N PHE A 263 10.48 14.76 -29.37
CA PHE A 263 11.41 13.65 -29.51
C PHE A 263 12.86 14.08 -29.45
N ASP A 264 13.19 15.27 -29.94
CA ASP A 264 14.57 15.75 -30.02
C ASP A 264 15.08 16.13 -28.63
N LYS A 265 14.31 16.90 -27.86
CA LYS A 265 14.71 17.26 -26.51
C LYS A 265 14.56 16.09 -25.56
N PHE A 266 13.57 15.21 -25.78
CA PHE A 266 13.47 13.94 -25.07
C PHE A 266 14.78 13.19 -25.30
N ASP A 267 15.19 12.99 -26.56
CA ASP A 267 16.44 12.29 -26.89
C ASP A 267 17.66 12.95 -26.26
N SER A 268 17.71 14.29 -26.25
CA SER A 268 18.82 15.05 -25.68
C SER A 268 18.99 14.77 -24.18
N LEU A 269 17.89 14.56 -23.44
CA LEU A 269 17.97 14.24 -22.02
C LEU A 269 18.18 12.74 -21.83
N ILE A 270 17.54 11.90 -22.65
CA ILE A 270 17.69 10.45 -22.64
C ILE A 270 19.16 10.07 -22.84
N LYS A 271 19.91 10.81 -23.66
CA LYS A 271 21.34 10.66 -23.88
C LYS A 271 22.19 10.76 -22.62
N VAL A 272 21.65 11.24 -21.50
CA VAL A 272 22.41 11.52 -20.28
C VAL A 272 21.70 10.93 -19.06
N GLN A 273 20.41 11.21 -18.87
CA GLN A 273 19.69 10.88 -17.65
C GLN A 273 19.42 9.38 -17.53
N ILE A 274 19.32 8.66 -18.66
CA ILE A 274 19.25 7.20 -18.64
C ILE A 274 20.52 6.65 -18.00
N SER A 275 21.69 7.09 -18.46
CA SER A 275 22.98 6.55 -18.05
C SER A 275 23.23 6.72 -16.55
N LYS A 276 22.68 7.78 -15.94
CA LYS A 276 22.88 8.08 -14.53
C LYS A 276 22.13 7.15 -13.59
N ILE A 277 21.09 6.43 -14.03
CA ILE A 277 20.20 5.69 -13.13
C ILE A 277 19.90 4.30 -13.70
N PRO A 278 20.22 3.19 -13.00
CA PRO A 278 20.13 1.84 -13.56
C PRO A 278 18.69 1.38 -13.82
N ILE A 279 17.71 1.83 -13.05
CA ILE A 279 16.30 1.54 -13.36
C ILE A 279 15.94 2.17 -14.72
N LEU A 280 16.33 3.42 -14.97
CA LEU A 280 16.02 4.07 -16.24
C LEU A 280 16.73 3.34 -17.38
N ALA A 281 17.98 2.93 -17.18
CA ALA A 281 18.74 2.16 -18.17
C ALA A 281 18.00 0.89 -18.60
N GLN A 282 17.30 0.23 -17.67
CA GLN A 282 16.54 -0.97 -17.97
C GLN A 282 15.26 -0.64 -18.76
N HIS A 283 14.57 0.45 -18.43
CA HIS A 283 13.26 0.78 -19.01
C HIS A 283 13.32 1.69 -20.24
N GLU A 284 14.50 2.14 -20.69
CA GLU A 284 14.65 3.12 -21.78
C GLU A 284 13.83 2.74 -23.03
N SER A 285 13.74 1.45 -23.35
CA SER A 285 13.00 0.95 -24.50
C SER A 285 11.48 1.17 -24.37
N PHE A 286 10.94 1.18 -23.15
CA PHE A 286 9.55 1.55 -22.93
C PHE A 286 9.39 3.04 -23.26
N LEU A 287 10.21 3.92 -22.67
CA LEU A 287 10.06 5.36 -22.81
C LEU A 287 10.12 5.78 -24.28
N ARG A 288 11.09 5.25 -25.03
CA ARG A 288 11.33 5.66 -26.42
C ARG A 288 10.18 5.27 -27.34
N GLN A 289 9.46 4.18 -27.04
CA GLN A 289 8.23 3.87 -27.72
C GLN A 289 7.08 4.72 -27.18
N LYS A 290 7.03 4.95 -25.87
CA LYS A 290 5.90 5.63 -25.22
C LYS A 290 5.70 7.01 -25.77
N ILE A 291 6.77 7.77 -26.01
CA ILE A 291 6.67 9.07 -26.63
C ILE A 291 6.02 8.98 -28.02
N CYS A 292 6.30 7.93 -28.79
CA CYS A 292 5.79 7.81 -30.16
C CYS A 292 4.32 7.41 -30.11
N LEU A 293 3.98 6.41 -29.28
CA LEU A 293 2.61 5.97 -29.02
C LEU A 293 1.80 7.21 -28.59
N MET A 294 2.21 7.84 -27.49
CA MET A 294 1.48 8.90 -26.83
C MET A 294 1.21 10.10 -27.74
N THR A 295 2.18 10.49 -28.57
CA THR A 295 2.00 11.65 -29.42
C THR A 295 0.80 11.42 -30.34
N LEU A 296 0.72 10.23 -30.96
CA LEU A 296 -0.38 9.89 -31.84
C LEU A 296 -1.68 9.81 -31.03
N ILE A 297 -1.67 9.13 -29.89
CA ILE A 297 -2.86 8.87 -29.07
C ILE A 297 -3.47 10.21 -28.63
N GLU A 298 -2.67 11.12 -28.07
CA GLU A 298 -3.19 12.39 -27.59
C GLU A 298 -3.72 13.23 -28.75
N THR A 299 -3.04 13.22 -29.91
CA THR A 299 -3.50 13.89 -31.12
C THR A 299 -4.90 13.40 -31.49
N VAL A 300 -5.15 12.08 -31.52
CA VAL A 300 -6.43 11.52 -31.93
C VAL A 300 -7.51 11.73 -30.84
N PHE A 301 -7.14 11.88 -29.56
CA PHE A 301 -8.11 12.19 -28.53
C PHE A 301 -8.49 13.68 -28.57
N VAL A 302 -7.49 14.57 -28.53
CA VAL A 302 -7.71 16.01 -28.38
C VAL A 302 -8.30 16.57 -29.67
N LYS A 303 -7.72 16.24 -30.83
CA LYS A 303 -8.20 16.70 -32.12
C LYS A 303 -9.25 15.71 -32.59
N ASN A 304 -10.34 16.19 -33.20
CA ASN A 304 -11.40 15.33 -33.72
C ASN A 304 -10.92 14.57 -34.96
N ILE A 305 -10.26 13.44 -34.78
CA ILE A 305 -9.68 12.63 -35.85
C ILE A 305 -10.36 11.26 -35.84
N ARG A 306 -10.64 10.73 -37.04
CA ARG A 306 -11.11 9.36 -37.25
C ARG A 306 -10.18 8.59 -38.20
N MET A 307 -9.41 9.26 -39.04
CA MET A 307 -8.43 8.63 -39.93
C MET A 307 -7.20 9.52 -40.02
N LEU A 308 -6.04 8.91 -40.25
CA LEU A 308 -4.74 9.56 -40.43
C LEU A 308 -3.93 8.73 -41.42
N SER A 309 -2.83 9.27 -41.92
CA SER A 309 -1.93 8.58 -42.83
C SER A 309 -0.65 8.19 -42.11
N PHE A 310 0.01 7.13 -42.58
CA PHE A 310 1.32 6.75 -42.07
C PHE A 310 2.30 7.90 -42.26
N GLU A 311 2.16 8.67 -43.34
CA GLU A 311 3.05 9.76 -43.68
C GLU A 311 2.95 10.88 -42.64
N ASP A 312 1.74 11.26 -42.23
CA ASP A 312 1.56 12.31 -41.24
C ASP A 312 2.00 11.83 -39.86
N ILE A 313 1.66 10.60 -39.50
CA ILE A 313 2.11 9.99 -38.24
C ILE A 313 3.65 9.87 -38.25
N SER A 314 4.31 9.68 -39.39
CA SER A 314 5.76 9.69 -39.51
C SER A 314 6.32 11.03 -39.01
N LYS A 315 5.67 12.15 -39.36
CA LYS A 315 6.10 13.48 -38.89
C LYS A 315 6.01 13.55 -37.37
N ALA A 316 4.88 13.07 -36.82
CA ALA A 316 4.56 13.19 -35.41
C ALA A 316 5.48 12.31 -34.54
N THR A 317 5.68 11.07 -34.96
CA THR A 317 6.44 10.06 -34.22
C THR A 317 7.94 10.20 -34.45
N HIS A 318 8.31 10.80 -35.58
CA HIS A 318 9.67 10.87 -36.12
C HIS A 318 10.24 9.46 -36.39
N LEU A 319 9.36 8.50 -36.68
CA LEU A 319 9.70 7.17 -37.17
C LEU A 319 9.57 7.16 -38.70
N PRO A 320 10.24 6.25 -39.43
CA PRO A 320 9.99 6.06 -40.84
C PRO A 320 8.63 5.37 -41.04
N LYS A 321 7.98 5.60 -42.19
CA LYS A 321 6.62 5.13 -42.45
C LYS A 321 6.49 3.61 -42.29
N ASP A 322 7.58 2.87 -42.54
CA ASP A 322 7.64 1.42 -42.40
C ASP A 322 7.46 0.95 -40.96
N ASN A 323 7.86 1.77 -39.98
CA ASN A 323 7.78 1.44 -38.55
C ASN A 323 6.52 2.06 -37.95
N VAL A 324 6.00 3.13 -38.54
CA VAL A 324 4.81 3.82 -38.06
C VAL A 324 3.63 2.86 -37.90
N GLU A 325 3.40 1.98 -38.87
CA GLU A 325 2.25 1.09 -38.80
C GLU A 325 2.40 0.16 -37.58
N HIS A 326 3.60 -0.38 -37.36
CA HIS A 326 3.85 -1.29 -36.25
C HIS A 326 3.77 -0.57 -34.90
N LEU A 327 4.13 0.72 -34.85
CA LEU A 327 4.00 1.55 -33.67
C LEU A 327 2.51 1.66 -33.30
N VAL A 328 1.64 2.04 -34.25
CA VAL A 328 0.22 2.16 -33.92
C VAL A 328 -0.43 0.78 -33.72
N MET A 329 0.05 -0.27 -34.39
CA MET A 329 -0.42 -1.64 -34.13
C MET A 329 -0.13 -2.03 -32.68
N ARG A 330 1.03 -1.66 -32.15
CA ARG A 330 1.33 -1.88 -30.73
C ARG A 330 0.34 -1.11 -29.87
N ALA A 331 0.01 0.14 -30.19
CA ALA A 331 -0.99 0.89 -29.44
C ALA A 331 -2.35 0.15 -29.44
N ILE A 332 -2.79 -0.36 -30.59
CA ILE A 332 -4.03 -1.11 -30.71
C ILE A 332 -3.94 -2.40 -29.88
N SER A 333 -2.77 -3.06 -29.87
CA SER A 333 -2.54 -4.29 -29.14
C SER A 333 -2.58 -4.06 -27.62
N LEU A 334 -1.98 -2.96 -27.15
CA LEU A 334 -2.06 -2.53 -25.75
C LEU A 334 -3.49 -2.12 -25.38
N GLY A 335 -4.29 -1.70 -26.36
CA GLY A 335 -5.71 -1.39 -26.17
C GLY A 335 -5.93 0.03 -25.68
N LEU A 336 -5.01 0.97 -25.94
CA LEU A 336 -5.24 2.38 -25.61
C LEU A 336 -6.27 3.01 -26.56
N LEU A 337 -6.68 2.31 -27.61
CA LEU A 337 -7.61 2.77 -28.62
C LEU A 337 -8.28 1.56 -29.24
N LYS A 338 -9.33 1.81 -30.01
CA LYS A 338 -9.99 0.84 -30.85
C LYS A 338 -9.85 1.40 -32.25
N GLY A 339 -9.02 0.76 -33.06
CA GLY A 339 -8.75 1.16 -34.42
C GLY A 339 -8.32 -0.03 -35.28
N SER A 340 -8.06 0.25 -36.55
CA SER A 340 -7.72 -0.70 -37.60
C SER A 340 -6.78 -0.01 -38.58
N ILE A 341 -6.02 -0.80 -39.35
CA ILE A 341 -4.95 -0.35 -40.21
C ILE A 341 -5.31 -0.70 -41.66
N ASP A 342 -4.94 0.18 -42.58
CA ASP A 342 -5.30 0.15 -43.99
C ASP A 342 -4.00 0.38 -44.78
N GLN A 343 -3.05 -0.53 -44.53
CA GLN A 343 -1.66 -0.43 -44.98
C GLN A 343 -1.51 -0.31 -46.50
N VAL A 344 -2.40 -0.93 -47.29
CA VAL A 344 -2.37 -0.83 -48.73
C VAL A 344 -2.56 0.62 -49.20
N ASN A 345 -3.25 1.44 -48.38
CA ASN A 345 -3.48 2.86 -48.65
C ASN A 345 -2.54 3.74 -47.81
N GLU A 346 -1.72 3.13 -46.94
CA GLU A 346 -0.91 3.79 -45.92
C GLU A 346 -1.77 4.65 -44.97
N LEU A 347 -2.92 4.13 -44.53
CA LEU A 347 -3.87 4.85 -43.67
C LEU A 347 -4.19 4.06 -42.41
N VAL A 348 -4.80 4.75 -41.44
CA VAL A 348 -5.31 4.23 -40.18
C VAL A 348 -6.76 4.71 -40.03
N THR A 349 -7.57 3.94 -39.31
CA THR A 349 -8.90 4.34 -38.87
C THR A 349 -8.95 4.09 -37.36
N ILE A 350 -9.36 5.07 -36.58
CA ILE A 350 -9.60 4.98 -35.15
C ILE A 350 -11.10 5.28 -34.90
N SER A 351 -11.69 4.67 -33.86
CA SER A 351 -13.08 4.88 -33.49
C SER A 351 -13.30 5.13 -31.98
N TRP A 352 -12.31 4.88 -31.13
CA TRP A 352 -12.31 5.27 -29.72
C TRP A 352 -10.85 5.34 -29.28
N VAL A 353 -10.53 6.17 -28.29
CA VAL A 353 -9.20 6.29 -27.73
C VAL A 353 -9.31 6.69 -26.25
N GLN A 354 -8.40 6.18 -25.43
CA GLN A 354 -8.29 6.43 -24.00
C GLN A 354 -8.12 7.95 -23.77
N PRO A 355 -8.96 8.60 -22.96
CA PRO A 355 -8.85 10.02 -22.65
C PRO A 355 -7.50 10.42 -22.04
N ARG A 356 -7.10 11.66 -22.31
CA ARG A 356 -5.97 12.33 -21.66
C ARG A 356 -6.55 12.92 -20.37
N MET A 1 -6.89 -12.34 47.32
CA MET A 1 -5.69 -11.47 47.51
C MET A 1 -4.72 -11.67 46.35
N PHE A 2 -4.03 -10.60 45.93
CA PHE A 2 -3.13 -10.60 44.78
C PHE A 2 -1.97 -11.59 44.94
N ASN A 3 -1.51 -11.80 46.19
CA ASN A 3 -0.46 -12.78 46.52
C ASN A 3 -0.91 -14.22 46.30
N ASN A 4 -2.19 -14.53 46.59
CA ASN A 4 -2.75 -15.86 46.39
C ASN A 4 -3.05 -16.10 44.91
N HIS A 5 -3.49 -15.06 44.20
CA HIS A 5 -3.66 -15.07 42.76
C HIS A 5 -2.33 -15.35 42.04
N GLU A 6 -2.42 -15.72 40.76
CA GLU A 6 -1.29 -15.87 39.87
C GLU A 6 -0.55 -14.55 39.65
N ILE A 7 -1.23 -13.42 39.85
CA ILE A 7 -0.72 -12.11 39.46
C ILE A 7 0.63 -11.81 40.14
N ASP A 8 0.81 -12.14 41.42
CA ASP A 8 2.11 -11.95 42.09
C ASP A 8 3.19 -12.83 41.48
N THR A 9 2.81 -14.04 41.07
CA THR A 9 3.67 -14.98 40.35
C THR A 9 4.08 -14.38 39.00
N ILE A 10 3.16 -13.77 38.25
CA ILE A 10 3.44 -13.18 36.94
C ILE A 10 4.40 -12.01 37.15
N LEU A 11 4.08 -11.11 38.08
CA LEU A 11 4.85 -9.90 38.36
C LEU A 11 6.24 -10.18 38.94
N SER A 12 6.62 -11.44 39.15
CA SER A 12 7.94 -11.84 39.60
C SER A 12 8.58 -12.74 38.55
N THR A 13 7.95 -13.85 38.17
CA THR A 13 8.52 -14.81 37.23
C THR A 13 8.79 -14.16 35.88
N LEU A 14 7.84 -13.37 35.37
CA LEU A 14 7.99 -12.72 34.07
C LEU A 14 9.23 -11.84 34.07
N ARG A 15 9.54 -11.16 35.19
CA ARG A 15 10.76 -10.38 35.34
C ARG A 15 12.01 -11.26 35.44
N MET A 16 11.93 -12.43 36.07
CA MET A 16 13.10 -13.32 36.16
C MET A 16 13.50 -13.85 34.79
N GLU A 17 12.53 -14.06 33.89
CA GLU A 17 12.81 -14.50 32.53
C GLU A 17 13.14 -13.33 31.58
N ALA A 18 12.66 -12.13 31.93
CA ALA A 18 12.93 -10.87 31.26
C ALA A 18 14.40 -10.43 31.31
N ASP A 19 14.69 -9.44 30.47
CA ASP A 19 15.94 -8.67 30.47
C ASP A 19 15.92 -7.71 31.67
N PRO A 20 17.03 -7.52 32.40
CA PRO A 20 17.10 -6.64 33.56
C PRO A 20 16.53 -5.22 33.37
N SER A 21 16.61 -4.66 32.16
CA SER A 21 16.15 -3.30 31.87
C SER A 21 14.64 -3.14 32.13
N LEU A 22 13.88 -4.23 32.08
CA LEU A 22 12.43 -4.23 32.23
C LEU A 22 11.99 -4.25 33.70
N HIS A 23 12.90 -4.49 34.66
CA HIS A 23 12.56 -4.72 36.05
C HIS A 23 11.75 -3.56 36.68
N PRO A 24 12.17 -2.28 36.63
CA PRO A 24 11.47 -1.22 37.35
C PRO A 24 10.13 -0.85 36.71
N LEU A 25 9.97 -1.07 35.40
CA LEU A 25 8.77 -0.73 34.66
C LEU A 25 7.54 -1.46 35.23
N PHE A 26 7.70 -2.74 35.57
CA PHE A 26 6.59 -3.57 36.03
C PHE A 26 6.09 -3.18 37.43
N GLU A 27 6.84 -2.38 38.21
CA GLU A 27 6.33 -1.90 39.50
C GLU A 27 5.07 -1.05 39.29
N GLN A 28 5.01 -0.27 38.20
CA GLN A 28 3.83 0.54 37.91
C GLN A 28 2.64 -0.36 37.57
N PHE A 29 2.90 -1.52 36.94
CA PHE A 29 1.86 -2.41 36.43
C PHE A 29 1.25 -3.15 37.62
N GLU A 30 2.09 -3.62 38.55
CA GLU A 30 1.66 -4.16 39.84
C GLU A 30 0.75 -3.14 40.51
N LYS A 31 1.25 -1.92 40.71
CA LYS A 31 0.56 -0.87 41.44
C LYS A 31 -0.81 -0.59 40.81
N PHE A 32 -0.88 -0.43 39.49
CA PHE A 32 -2.14 -0.06 38.85
C PHE A 32 -3.12 -1.23 38.77
N TYR A 33 -2.66 -2.48 38.65
CA TYR A 33 -3.55 -3.63 38.76
C TYR A 33 -4.09 -3.72 40.20
N GLU A 34 -3.24 -3.53 41.21
CA GLU A 34 -3.62 -3.57 42.61
C GLU A 34 -4.70 -2.51 42.92
N GLU A 35 -4.56 -1.30 42.38
CA GLU A 35 -5.54 -0.23 42.53
C GLU A 35 -6.77 -0.41 41.62
N LYS A 36 -6.82 -1.46 40.79
CA LYS A 36 -7.87 -1.72 39.81
C LYS A 36 -8.06 -0.52 38.88
N LEU A 37 -6.97 -0.10 38.23
CA LEU A 37 -6.92 1.03 37.31
C LEU A 37 -6.49 0.53 35.93
N TRP A 38 -7.29 -0.36 35.34
CA TRP A 38 -7.07 -0.97 34.02
C TRP A 38 -6.55 0.01 32.96
N PHE A 39 -7.09 1.22 32.89
CA PHE A 39 -6.71 2.20 31.88
C PHE A 39 -5.28 2.70 32.10
N GLN A 40 -4.94 2.99 33.36
CA GLN A 40 -3.60 3.41 33.76
C GLN A 40 -2.59 2.28 33.59
N LEU A 41 -2.99 1.08 33.96
CA LEU A 41 -2.25 -0.14 33.75
C LEU A 41 -1.96 -0.32 32.26
N SER A 42 -2.93 -0.03 31.39
CA SER A 42 -2.74 -0.14 29.94
C SER A 42 -1.78 0.92 29.43
N GLU A 43 -1.82 2.14 29.97
CA GLU A 43 -0.85 3.18 29.66
C GLU A 43 0.57 2.70 30.05
N SER A 44 0.71 2.01 31.18
CA SER A 44 1.99 1.52 31.66
C SER A 44 2.47 0.37 30.75
N LEU A 45 1.61 -0.63 30.54
CA LEU A 45 1.77 -1.76 29.63
C LEU A 45 2.08 -1.33 28.18
N THR A 46 1.64 -0.16 27.74
CA THR A 46 2.01 0.42 26.44
C THR A 46 3.49 0.79 26.40
N LYS A 47 4.09 1.26 27.50
CA LYS A 47 5.52 1.62 27.50
C LYS A 47 6.37 0.39 27.20
N PHE A 48 5.98 -0.79 27.68
CA PHE A 48 6.66 -2.05 27.32
C PHE A 48 6.58 -2.28 25.81
N PHE A 49 5.40 -2.09 25.21
CA PHE A 49 5.17 -2.35 23.78
C PHE A 49 6.03 -1.41 22.93
N ASP A 50 6.20 -0.16 23.35
CA ASP A 50 7.08 0.80 22.68
C ASP A 50 8.56 0.43 22.89
N ASP A 51 8.94 0.03 24.10
CA ASP A 51 10.33 -0.25 24.48
C ASP A 51 10.86 -1.56 23.89
N ALA A 52 9.97 -2.54 23.66
CA ALA A 52 10.20 -3.78 22.92
C ALA A 52 11.48 -4.56 23.33
N LYS A 53 11.88 -4.50 24.62
CA LYS A 53 13.11 -5.16 25.09
C LYS A 53 13.06 -6.67 24.92
N SER A 54 11.90 -7.26 25.15
CA SER A 54 11.70 -8.71 25.25
C SER A 54 10.27 -9.04 24.81
N THR A 55 9.84 -8.54 23.65
CA THR A 55 8.46 -8.57 23.18
C THR A 55 7.69 -9.88 23.46
N PRO A 56 8.20 -11.10 23.17
CA PRO A 56 7.54 -12.37 23.52
C PRO A 56 7.05 -12.53 24.97
N LEU A 57 7.60 -11.83 25.97
CA LEU A 57 7.04 -11.85 27.34
C LEU A 57 5.58 -11.40 27.32
N ARG A 58 5.25 -10.45 26.44
CA ARG A 58 3.91 -9.94 26.28
C ARG A 58 2.93 -11.03 25.88
N LEU A 59 3.38 -12.16 25.32
CA LEU A 59 2.52 -13.29 24.99
C LEU A 59 1.96 -13.90 26.28
N ARG A 60 2.80 -14.12 27.29
CA ARG A 60 2.34 -14.61 28.60
C ARG A 60 1.45 -13.56 29.26
N LEU A 61 1.86 -12.29 29.19
CA LEU A 61 1.13 -11.18 29.81
C LEU A 61 -0.29 -11.13 29.22
N TYR A 62 -0.43 -11.18 27.90
CA TYR A 62 -1.72 -11.25 27.21
C TYR A 62 -2.54 -12.44 27.73
N ASP A 63 -1.98 -13.64 27.66
CA ASP A 63 -2.72 -14.88 27.90
C ASP A 63 -3.14 -15.09 29.35
N ASN A 64 -2.33 -14.60 30.29
CA ASN A 64 -2.44 -14.95 31.70
C ASN A 64 -2.77 -13.77 32.62
N PHE A 65 -2.70 -12.52 32.14
CA PHE A 65 -2.90 -11.31 32.96
C PHE A 65 -3.93 -10.39 32.29
N VAL A 66 -3.77 -10.03 31.01
CA VAL A 66 -4.76 -9.19 30.31
C VAL A 66 -6.10 -9.92 30.21
N SER A 67 -6.12 -11.25 30.29
CA SER A 67 -7.32 -12.06 30.35
C SER A 67 -8.30 -11.63 31.46
N LYS A 68 -7.81 -11.03 32.54
CA LYS A 68 -8.65 -10.58 33.65
C LYS A 68 -9.43 -9.30 33.30
N PHE A 69 -9.07 -8.58 32.24
CA PHE A 69 -9.65 -7.29 31.89
C PHE A 69 -9.77 -7.09 30.37
N TYR A 70 -9.84 -8.18 29.60
CA TYR A 70 -9.89 -8.19 28.12
C TYR A 70 -10.83 -7.14 27.55
N ASP A 71 -12.04 -7.02 28.11
CA ASP A 71 -13.11 -6.20 27.56
C ASP A 71 -13.33 -4.91 28.36
N LYS A 72 -12.54 -4.70 29.42
CA LYS A 72 -12.53 -3.44 30.20
C LYS A 72 -11.78 -2.35 29.44
N ILE A 73 -10.98 -2.71 28.45
CA ILE A 73 -10.12 -1.80 27.68
C ILE A 73 -10.32 -2.08 26.20
N ASN A 74 -9.67 -1.27 25.35
CA ASN A 74 -9.75 -1.41 23.91
C ASN A 74 -9.27 -2.80 23.48
N GLN A 75 -10.14 -3.57 22.85
CA GLN A 75 -9.88 -4.96 22.49
C GLN A 75 -8.78 -5.01 21.43
N LEU A 76 -8.71 -4.07 20.47
CA LEU A 76 -7.60 -4.02 19.53
C LEU A 76 -6.28 -3.75 20.27
N SER A 77 -6.25 -3.15 21.47
CA SER A 77 -5.02 -3.11 22.25
C SER A 77 -4.68 -4.52 22.72
N VAL A 78 -5.64 -5.24 23.32
CA VAL A 78 -5.36 -6.59 23.84
C VAL A 78 -4.94 -7.53 22.70
N VAL A 79 -5.51 -7.36 21.51
CA VAL A 79 -5.16 -8.13 20.33
C VAL A 79 -3.79 -7.64 19.82
N LYS A 80 -3.51 -6.33 19.73
CA LYS A 80 -2.20 -5.83 19.30
C LYS A 80 -1.06 -6.33 20.18
N TYR A 81 -1.29 -6.57 21.46
CA TYR A 81 -0.28 -7.14 22.34
C TYR A 81 0.13 -8.54 21.85
N LEU A 82 -0.86 -9.35 21.47
CA LEU A 82 -0.66 -10.67 20.89
C LEU A 82 -0.01 -10.54 19.51
N LEU A 83 -0.44 -9.58 18.68
CA LEU A 83 0.20 -9.31 17.38
C LEU A 83 1.68 -9.04 17.60
N ALA A 84 2.08 -8.13 18.51
CA ALA A 84 3.48 -7.75 18.64
C ALA A 84 4.34 -8.95 18.99
N SER A 85 3.86 -9.81 19.88
CA SER A 85 4.61 -11.00 20.26
C SER A 85 4.81 -11.94 19.06
N LEU A 86 3.78 -12.13 18.24
CA LEU A 86 3.85 -13.06 17.10
C LEU A 86 4.67 -12.44 15.96
N LYS A 87 4.55 -11.13 15.74
CA LYS A 87 5.33 -10.42 14.74
C LYS A 87 6.79 -10.36 15.16
N ASP A 88 7.11 -10.28 16.46
CA ASP A 88 8.51 -10.36 16.89
C ASP A 88 9.05 -11.75 16.60
N SER A 89 8.24 -12.78 16.89
CA SER A 89 8.57 -14.18 16.68
C SER A 89 8.64 -14.59 15.19
N LYS A 90 8.15 -13.74 14.26
CA LYS A 90 8.00 -14.05 12.83
C LYS A 90 7.17 -15.31 12.60
N ASP A 91 6.27 -15.67 13.53
CA ASP A 91 5.42 -16.85 13.35
C ASP A 91 4.32 -16.52 12.34
N PHE A 92 3.77 -17.56 11.69
CA PHE A 92 2.82 -17.45 10.59
C PHE A 92 1.79 -18.58 10.61
N ASP A 93 1.84 -19.50 11.59
CA ASP A 93 0.98 -20.67 11.65
C ASP A 93 0.32 -20.75 13.02
N GLU A 94 1.07 -20.50 14.10
CA GLU A 94 0.47 -20.31 15.41
C GLU A 94 -0.30 -18.99 15.37
N SER A 95 0.23 -17.97 14.68
CA SER A 95 -0.40 -16.66 14.55
C SER A 95 -1.82 -16.75 13.98
N LEU A 96 -2.05 -17.65 13.02
CA LEU A 96 -3.35 -17.88 12.43
C LEU A 96 -4.32 -18.38 13.50
N LYS A 97 -3.92 -19.40 14.26
CA LYS A 97 -4.78 -19.97 15.29
C LYS A 97 -5.00 -18.95 16.40
N TYR A 98 -3.96 -18.22 16.78
CA TYR A 98 -4.03 -17.18 17.79
C TYR A 98 -5.01 -16.09 17.41
N LEU A 99 -4.97 -15.56 16.18
CA LEU A 99 -5.77 -14.38 15.91
C LEU A 99 -7.17 -14.81 15.52
N ASP A 100 -7.37 -16.05 15.05
CA ASP A 100 -8.71 -16.58 14.87
C ASP A 100 -9.35 -16.87 16.23
N ASP A 101 -8.60 -17.41 17.20
CA ASP A 101 -9.17 -17.73 18.50
C ASP A 101 -9.53 -16.45 19.25
N LEU A 102 -8.62 -15.48 19.28
CA LEU A 102 -8.87 -14.23 19.98
C LEU A 102 -9.96 -13.43 19.26
N LYS A 103 -10.01 -13.43 17.91
CA LYS A 103 -11.14 -12.79 17.23
C LYS A 103 -12.42 -13.50 17.65
N ALA A 104 -12.47 -14.84 17.63
CA ALA A 104 -13.69 -15.58 17.91
C ALA A 104 -14.22 -15.27 19.31
N GLN A 105 -13.35 -15.12 20.32
CA GLN A 105 -13.79 -14.71 21.65
C GLN A 105 -14.50 -13.36 21.59
N PHE A 106 -13.91 -12.36 20.93
CA PHE A 106 -14.56 -11.06 20.80
C PHE A 106 -15.77 -11.10 19.87
N GLN A 107 -15.83 -12.04 18.93
CA GLN A 107 -16.97 -12.22 18.04
C GLN A 107 -18.18 -12.76 18.82
N GLU A 108 -17.98 -13.66 19.78
CA GLU A 108 -19.09 -14.21 20.55
C GLU A 108 -19.53 -13.23 21.63
N LEU A 109 -18.57 -12.51 22.23
CA LEU A 109 -18.87 -11.39 23.12
C LEU A 109 -19.69 -10.35 22.35
N ASP A 110 -19.26 -9.97 21.14
CA ASP A 110 -19.95 -8.98 20.33
C ASP A 110 -21.35 -9.44 19.90
N SER A 111 -21.53 -10.75 19.71
CA SER A 111 -22.81 -11.37 19.44
C SER A 111 -23.72 -11.44 20.67
N LYS A 112 -23.30 -10.92 21.84
CA LYS A 112 -24.07 -11.01 23.09
C LYS A 112 -24.22 -9.65 23.75
N LYS A 113 -23.14 -8.90 23.95
CA LYS A 113 -23.18 -7.62 24.64
C LYS A 113 -24.07 -6.66 23.85
N GLN A 114 -25.21 -6.27 24.43
CA GLN A 114 -26.25 -5.48 23.77
C GLN A 114 -26.55 -5.99 22.35
N ARG A 115 -26.64 -7.32 22.18
CA ARG A 115 -26.84 -7.99 20.89
C ARG A 115 -27.64 -9.28 21.08
N ASN A 116 -27.91 -9.98 19.97
CA ASN A 116 -28.46 -11.33 19.96
C ASN A 116 -27.88 -12.13 18.78
N ASN A 117 -27.79 -11.49 17.61
CA ASN A 117 -27.27 -12.02 16.36
C ASN A 117 -26.97 -10.85 15.41
N GLY A 118 -26.37 -11.14 14.26
CA GLY A 118 -25.98 -10.12 13.29
C GLY A 118 -24.58 -9.60 13.61
N SER A 119 -24.27 -8.40 13.10
CA SER A 119 -23.03 -7.65 13.37
C SER A 119 -21.76 -8.28 12.79
N LYS A 120 -21.87 -9.39 12.05
CA LYS A 120 -20.75 -9.96 11.28
C LYS A 120 -20.28 -8.91 10.28
N ASP A 121 -18.97 -8.91 9.98
CA ASP A 121 -18.23 -7.90 9.21
C ASP A 121 -18.24 -6.49 9.84
N HIS A 122 -19.41 -5.96 10.21
CA HIS A 122 -19.59 -4.58 10.66
C HIS A 122 -18.93 -4.31 12.03
N GLY A 123 -18.54 -5.36 12.77
CA GLY A 123 -17.82 -5.28 14.03
C GLY A 123 -16.39 -4.79 13.84
N ASP A 124 -16.22 -3.49 13.62
CA ASP A 124 -14.92 -2.83 13.40
C ASP A 124 -13.84 -3.24 14.41
N GLY A 125 -14.23 -3.44 15.68
CA GLY A 125 -13.34 -3.86 16.76
C GLY A 125 -12.71 -5.24 16.58
N ILE A 126 -13.19 -6.04 15.61
CA ILE A 126 -12.60 -7.32 15.22
C ILE A 126 -12.34 -7.41 13.71
N LEU A 127 -12.94 -6.53 12.90
CA LEU A 127 -12.70 -6.43 11.45
C LEU A 127 -11.20 -6.33 11.17
N LEU A 128 -10.48 -5.48 11.91
CA LEU A 128 -9.05 -5.28 11.73
C LEU A 128 -8.19 -6.48 12.16
N ILE A 129 -8.75 -7.45 12.89
CA ILE A 129 -8.06 -8.71 13.17
C ILE A 129 -8.28 -9.64 11.97
N ASP A 130 -9.47 -9.61 11.37
CA ASP A 130 -9.84 -10.51 10.29
C ASP A 130 -8.95 -10.28 9.06
N SER A 131 -8.60 -9.02 8.78
CA SER A 131 -7.66 -8.69 7.73
C SER A 131 -6.23 -9.17 8.05
N GLU A 132 -5.82 -9.16 9.32
CA GLU A 132 -4.54 -9.71 9.73
C GLU A 132 -4.50 -11.23 9.53
N ILE A 133 -5.62 -11.92 9.82
CA ILE A 133 -5.76 -13.34 9.52
C ILE A 133 -5.67 -13.58 8.02
N ALA A 134 -6.40 -12.81 7.21
CA ALA A 134 -6.35 -12.95 5.75
C ALA A 134 -4.93 -12.75 5.23
N ARG A 135 -4.23 -11.72 5.72
CA ARG A 135 -2.85 -11.44 5.36
C ARG A 135 -1.91 -12.56 5.80
N THR A 136 -2.08 -13.12 7.00
CA THR A 136 -1.26 -14.23 7.46
C THR A 136 -1.49 -15.45 6.55
N TYR A 137 -2.74 -15.75 6.21
CA TYR A 137 -3.09 -16.88 5.36
C TYR A 137 -2.52 -16.67 3.95
N LEU A 138 -2.65 -15.45 3.41
CA LEU A 138 -2.13 -15.07 2.11
C LEU A 138 -0.61 -15.24 2.08
N LEU A 139 0.08 -14.79 3.13
CA LEU A 139 1.54 -14.78 3.21
C LEU A 139 2.12 -16.20 3.12
N LYS A 140 1.59 -17.15 3.89
CA LYS A 140 2.10 -18.53 3.94
C LYS A 140 0.94 -19.51 4.14
N ASN A 141 0.44 -20.05 3.03
CA ASN A 141 -0.51 -21.16 2.95
C ASN A 141 -0.41 -21.73 1.53
N ASP A 142 -1.17 -22.78 1.19
CA ASP A 142 -1.33 -23.25 -0.19
C ASP A 142 -1.76 -22.09 -1.08
N LEU A 143 -1.10 -21.93 -2.24
CA LEU A 143 -1.26 -20.75 -3.09
C LEU A 143 -2.67 -20.61 -3.66
N VAL A 144 -3.34 -21.71 -4.00
CA VAL A 144 -4.67 -21.64 -4.59
C VAL A 144 -5.67 -21.22 -3.50
N LYS A 145 -5.55 -21.80 -2.30
CA LYS A 145 -6.38 -21.38 -1.17
C LYS A 145 -6.06 -19.95 -0.76
N ALA A 146 -4.79 -19.52 -0.82
CA ALA A 146 -4.39 -18.15 -0.53
C ALA A 146 -5.04 -17.19 -1.54
N ARG A 147 -5.02 -17.52 -2.83
CA ARG A 147 -5.70 -16.75 -3.88
C ARG A 147 -7.20 -16.65 -3.56
N ASP A 148 -7.83 -17.76 -3.21
CA ASP A 148 -9.27 -17.77 -2.89
C ASP A 148 -9.58 -16.86 -1.70
N LEU A 149 -8.74 -16.87 -0.66
CA LEU A 149 -8.90 -16.01 0.51
C LEU A 149 -8.74 -14.54 0.10
N LEU A 150 -7.72 -14.22 -0.70
CA LEU A 150 -7.46 -12.86 -1.18
C LEU A 150 -8.65 -12.37 -2.00
N ASP A 151 -9.20 -13.22 -2.89
CA ASP A 151 -10.37 -12.91 -3.70
C ASP A 151 -11.61 -12.68 -2.83
N ASP A 152 -11.79 -13.46 -1.76
CA ASP A 152 -12.88 -13.25 -0.81
C ASP A 152 -12.72 -11.91 -0.09
N LEU A 153 -11.48 -11.50 0.21
CA LEU A 153 -11.19 -10.18 0.76
C LEU A 153 -11.47 -9.08 -0.27
N GLU A 154 -11.27 -9.34 -1.57
CA GLU A 154 -11.64 -8.39 -2.61
C GLU A 154 -13.17 -8.26 -2.71
N LYS A 155 -13.92 -9.37 -2.57
CA LYS A 155 -15.39 -9.27 -2.45
C LYS A 155 -15.77 -8.49 -1.19
N THR A 156 -14.99 -8.61 -0.12
CA THR A 156 -15.22 -7.85 1.10
C THR A 156 -14.94 -6.35 0.86
N LEU A 157 -13.92 -5.98 0.08
CA LEU A 157 -13.70 -4.60 -0.35
C LEU A 157 -14.92 -4.09 -1.13
N ASP A 158 -15.47 -4.92 -2.01
CA ASP A 158 -16.59 -4.59 -2.90
C ASP A 158 -17.95 -4.48 -2.18
N LYS A 159 -18.01 -4.73 -0.85
CA LYS A 159 -19.26 -4.65 -0.10
C LYS A 159 -19.89 -3.25 -0.18
N LYS A 160 -21.22 -3.18 0.00
CA LYS A 160 -21.94 -1.90 0.02
C LYS A 160 -21.69 -1.09 1.28
N ASP A 161 -21.37 -1.74 2.40
CA ASP A 161 -21.04 -1.08 3.67
C ASP A 161 -19.79 -0.20 3.50
N SER A 162 -19.78 0.96 4.16
CA SER A 162 -18.72 1.97 4.10
C SER A 162 -17.42 1.46 4.75
N ILE A 163 -16.67 0.63 4.03
CA ILE A 163 -15.42 0.04 4.47
C ILE A 163 -14.43 1.14 4.95
N PRO A 164 -13.85 1.02 6.16
CA PRO A 164 -12.85 1.97 6.65
C PRO A 164 -11.64 2.10 5.72
N LEU A 165 -11.04 3.29 5.69
CA LEU A 165 -9.86 3.58 4.88
C LEU A 165 -8.68 2.71 5.33
N ARG A 166 -8.52 2.49 6.65
CA ARG A 166 -7.39 1.73 7.19
C ARG A 166 -7.40 0.29 6.67
N ILE A 167 -8.54 -0.40 6.74
CA ILE A 167 -8.60 -1.77 6.24
C ILE A 167 -8.50 -1.77 4.71
N THR A 168 -9.00 -0.74 4.02
CA THR A 168 -8.83 -0.63 2.56
C THR A 168 -7.34 -0.56 2.20
N ASN A 169 -6.55 0.29 2.88
CA ASN A 169 -5.11 0.38 2.64
C ASN A 169 -4.40 -0.90 3.05
N SER A 170 -4.83 -1.55 4.15
CA SER A 170 -4.29 -2.84 4.56
C SER A 170 -4.59 -3.92 3.51
N PHE A 171 -5.78 -3.91 2.90
CA PHE A 171 -6.16 -4.87 1.88
C PHE A 171 -5.24 -4.72 0.68
N TYR A 172 -5.07 -3.53 0.10
CA TYR A 172 -4.23 -3.44 -1.09
C TYR A 172 -2.75 -3.61 -0.75
N SER A 173 -2.31 -3.36 0.49
CA SER A 173 -0.97 -3.74 0.91
C SER A 173 -0.83 -5.27 0.85
N THR A 174 -1.86 -6.01 1.24
CA THR A 174 -1.92 -7.46 1.11
C THR A 174 -2.04 -7.87 -0.37
N ASN A 175 -2.76 -7.12 -1.21
CA ASN A 175 -2.78 -7.34 -2.66
C ASN A 175 -1.40 -7.16 -3.28
N SER A 176 -0.58 -6.27 -2.71
CA SER A 176 0.80 -6.04 -3.14
C SER A 176 1.74 -7.15 -2.64
N GLN A 177 1.40 -7.84 -1.55
CA GLN A 177 2.10 -9.05 -1.12
C GLN A 177 1.77 -10.20 -2.08
N TYR A 178 0.52 -10.29 -2.54
CA TYR A 178 0.09 -11.19 -3.60
C TYR A 178 0.70 -10.75 -4.97
N PHE A 179 0.43 -11.53 -6.03
CA PHE A 179 1.06 -11.41 -7.35
C PHE A 179 2.60 -11.46 -7.25
N LYS A 180 3.28 -11.04 -8.31
CA LYS A 180 4.74 -11.07 -8.47
C LYS A 180 5.10 -9.88 -9.37
N PHE A 181 6.37 -9.44 -9.35
CA PHE A 181 6.87 -8.41 -10.25
C PHE A 181 6.56 -8.78 -11.70
N LYS A 182 6.16 -7.77 -12.50
CA LYS A 182 5.65 -7.96 -13.86
C LYS A 182 6.07 -6.83 -14.82
N ASN A 183 7.06 -6.01 -14.43
CA ASN A 183 7.62 -4.91 -15.24
C ASN A 183 6.55 -3.98 -15.84
N ASP A 184 5.42 -3.82 -15.13
CA ASP A 184 4.35 -2.89 -15.46
C ASP A 184 3.56 -2.64 -14.17
N PHE A 185 3.28 -1.38 -13.87
CA PHE A 185 2.64 -0.95 -12.64
C PHE A 185 1.31 -0.25 -12.91
N ASN A 186 0.76 -0.33 -14.13
CA ASN A 186 -0.57 0.22 -14.42
C ASN A 186 -1.64 -0.38 -13.48
N SER A 187 -1.50 -1.65 -13.11
CA SER A 187 -2.35 -2.31 -12.14
C SER A 187 -2.22 -1.67 -10.76
N PHE A 188 -0.99 -1.35 -10.34
CA PHE A 188 -0.70 -0.74 -9.06
C PHE A 188 -1.29 0.67 -9.02
N TYR A 189 -1.12 1.42 -10.10
CA TYR A 189 -1.69 2.75 -10.30
C TYR A 189 -3.21 2.70 -10.12
N TYR A 190 -3.89 1.76 -10.81
CA TYR A 190 -5.33 1.64 -10.69
C TYR A 190 -5.75 1.24 -9.27
N THR A 191 -4.96 0.40 -8.60
CA THR A 191 -5.21 0.03 -7.21
C THR A 191 -5.15 1.30 -6.33
N SER A 192 -4.16 2.18 -6.52
CA SER A 192 -4.11 3.45 -5.80
C SER A 192 -5.30 4.36 -6.16
N LEU A 193 -5.79 4.36 -7.41
CA LEU A 193 -7.00 5.10 -7.78
C LEU A 193 -8.22 4.59 -7.01
N LEU A 194 -8.29 3.30 -6.66
CA LEU A 194 -9.34 2.77 -5.79
C LEU A 194 -9.29 3.49 -4.44
N TYR A 195 -8.10 3.73 -3.90
CA TYR A 195 -7.97 4.43 -2.63
C TYR A 195 -8.31 5.92 -2.80
N LEU A 196 -8.02 6.52 -3.95
CA LEU A 196 -8.42 7.92 -4.19
C LEU A 196 -9.95 8.02 -4.24
N SER A 197 -10.60 6.98 -4.78
CA SER A 197 -12.04 6.87 -4.83
C SER A 197 -12.63 6.66 -3.42
N THR A 198 -11.90 6.00 -2.53
CA THR A 198 -12.27 5.77 -1.15
C THR A 198 -12.07 7.06 -0.31
N LEU A 199 -11.02 7.84 -0.60
CA LEU A 199 -10.67 9.08 0.09
C LEU A 199 -11.72 10.17 -0.16
N GLU A 200 -11.68 11.20 0.68
CA GLU A 200 -12.65 12.29 0.73
C GLU A 200 -11.93 13.58 1.14
N PRO A 201 -12.55 14.77 0.97
CA PRO A 201 -12.04 16.02 1.52
C PRO A 201 -11.93 16.01 3.06
N SER A 202 -12.47 14.98 3.72
CA SER A 202 -12.29 14.69 5.14
C SER A 202 -10.81 14.71 5.55
N THR A 203 -9.88 14.38 4.64
CA THR A 203 -8.44 14.49 4.86
C THR A 203 -8.03 13.76 6.15
N SER A 204 -8.46 12.50 6.24
CA SER A 204 -8.12 11.60 7.35
C SER A 204 -6.60 11.38 7.42
N ILE A 205 -5.97 11.19 6.26
CA ILE A 205 -4.52 11.18 6.11
C ILE A 205 -4.00 12.62 6.09
N THR A 206 -2.77 12.81 6.57
CA THR A 206 -2.08 14.09 6.55
C THR A 206 -1.75 14.51 5.11
N LEU A 207 -1.38 15.78 4.92
CA LEU A 207 -0.82 16.24 3.64
C LEU A 207 0.48 15.50 3.33
N ALA A 208 1.31 15.18 4.33
CA ALA A 208 2.54 14.42 4.13
C ALA A 208 2.24 13.02 3.57
N GLU A 209 1.22 12.35 4.11
CA GLU A 209 0.77 11.07 3.60
C GLU A 209 0.21 11.23 2.18
N ARG A 210 -0.52 12.31 1.87
CA ARG A 210 -0.93 12.59 0.49
C ARG A 210 0.26 12.81 -0.43
N GLN A 211 1.33 13.47 0.01
CA GLN A 211 2.53 13.63 -0.82
C GLN A 211 3.13 12.27 -1.15
N GLN A 212 3.27 11.39 -0.15
CA GLN A 212 3.74 10.02 -0.36
C GLN A 212 2.83 9.27 -1.32
N LEU A 213 1.51 9.38 -1.16
CA LEU A 213 0.53 8.70 -2.00
C LEU A 213 0.58 9.21 -3.44
N ALA A 214 0.70 10.53 -3.65
CA ALA A 214 0.86 11.14 -4.96
C ALA A 214 2.15 10.64 -5.62
N TYR A 215 3.25 10.58 -4.88
CA TYR A 215 4.52 10.12 -5.40
C TYR A 215 4.44 8.64 -5.80
N ASP A 216 3.87 7.79 -4.95
CA ASP A 216 3.73 6.36 -5.22
C ASP A 216 2.82 6.09 -6.42
N LEU A 217 1.71 6.83 -6.51
CA LEU A 217 0.81 6.83 -7.66
C LEU A 217 1.57 7.23 -8.92
N SER A 218 2.40 8.27 -8.84
CA SER A 218 3.14 8.79 -9.97
C SER A 218 4.26 7.84 -10.42
N ILE A 219 4.95 7.16 -9.51
CA ILE A 219 5.88 6.09 -9.87
C ILE A 219 5.08 4.97 -10.58
N SER A 220 3.92 4.59 -10.03
CA SER A 220 3.10 3.55 -10.64
C SER A 220 2.63 3.94 -12.05
N ALA A 221 2.33 5.23 -12.28
CA ALA A 221 1.98 5.75 -13.58
C ALA A 221 3.19 5.71 -14.52
N LEU A 222 4.35 6.21 -14.06
CA LEU A 222 5.58 6.28 -14.83
C LEU A 222 5.98 4.89 -15.31
N LEU A 223 5.85 3.89 -14.45
CA LEU A 223 6.21 2.50 -14.72
C LEU A 223 5.00 1.71 -15.24
N GLY A 224 3.92 2.38 -15.64
CA GLY A 224 2.71 1.77 -16.14
C GLY A 224 2.79 1.72 -17.65
N ASP A 225 3.01 0.53 -18.20
CA ASP A 225 3.17 0.29 -19.64
C ASP A 225 1.95 0.76 -20.43
N LYS A 226 0.75 0.68 -19.83
CA LYS A 226 -0.49 1.01 -20.52
C LYS A 226 -0.95 2.44 -20.25
N ILE A 227 -0.23 3.26 -19.47
CA ILE A 227 -0.68 4.61 -19.15
C ILE A 227 -0.13 5.58 -20.21
N TYR A 228 -1.04 6.36 -20.81
CA TYR A 228 -0.76 7.32 -21.88
C TYR A 228 -1.59 8.61 -21.70
N ASN A 229 -2.10 8.86 -20.48
CA ASN A 229 -2.99 9.98 -20.17
C ASN A 229 -2.54 10.69 -18.89
N PHE A 230 -1.23 10.87 -18.76
CA PHE A 230 -0.59 11.57 -17.64
C PHE A 230 -1.10 13.02 -17.51
N GLY A 231 -1.61 13.61 -18.59
CA GLY A 231 -2.11 14.99 -18.57
C GLY A 231 -3.19 15.20 -17.52
N GLU A 232 -4.15 14.26 -17.39
CA GLU A 232 -5.19 14.37 -16.38
C GLU A 232 -4.62 14.10 -14.98
N LEU A 233 -3.73 13.11 -14.85
CA LEU A 233 -3.09 12.77 -13.58
C LEU A 233 -2.37 14.00 -13.00
N LEU A 234 -1.61 14.70 -13.82
CA LEU A 234 -0.82 15.88 -13.43
C LEU A 234 -1.68 17.02 -12.90
N HIS A 235 -3.00 17.00 -13.11
CA HIS A 235 -3.93 18.03 -12.67
C HIS A 235 -4.97 17.46 -11.69
N HIS A 236 -4.91 16.18 -11.36
CA HIS A 236 -5.74 15.59 -10.33
C HIS A 236 -5.31 16.18 -8.97
N PRO A 237 -6.23 16.62 -8.10
CA PRO A 237 -5.92 17.36 -6.88
C PRO A 237 -4.84 16.72 -5.99
N ILE A 238 -4.75 15.38 -5.94
CA ILE A 238 -3.79 14.70 -5.07
C ILE A 238 -2.34 15.16 -5.40
N MET A 239 -2.03 15.41 -6.67
CA MET A 239 -0.69 15.84 -7.08
C MET A 239 -0.36 17.25 -6.61
N GLU A 240 -1.31 18.15 -6.35
CA GLU A 240 -0.91 19.53 -6.04
C GLU A 240 -0.15 19.60 -4.71
N THR A 241 -0.28 18.56 -3.90
CA THR A 241 0.36 18.48 -2.61
C THR A 241 1.89 18.47 -2.76
N ILE A 242 2.44 17.90 -3.85
CA ILE A 242 3.88 17.87 -4.09
C ILE A 242 4.35 19.02 -4.97
N VAL A 243 3.47 19.58 -5.80
CA VAL A 243 3.81 20.58 -6.80
C VAL A 243 4.44 21.79 -6.10
N ASN A 244 5.61 22.22 -6.60
CA ASN A 244 6.46 23.30 -6.11
C ASN A 244 7.00 23.14 -4.68
N ASP A 245 6.66 22.05 -3.97
CA ASP A 245 7.04 21.88 -2.56
C ASP A 245 8.43 21.21 -2.41
N SER A 246 9.08 20.87 -3.52
CA SER A 246 10.30 20.06 -3.57
C SER A 246 10.04 18.66 -2.98
N ASN A 247 11.10 17.89 -2.72
CA ASN A 247 11.14 16.51 -2.23
C ASN A 247 10.62 15.49 -3.26
N TYR A 248 9.58 15.83 -4.03
CA TYR A 248 8.98 14.96 -5.06
C TYR A 248 8.66 15.74 -6.33
N ASP A 249 8.77 17.09 -6.32
CA ASP A 249 8.42 17.94 -7.46
C ASP A 249 9.27 17.63 -8.70
N TRP A 250 10.49 17.11 -8.50
CA TRP A 250 11.34 16.63 -9.60
C TRP A 250 10.64 15.51 -10.39
N LEU A 251 9.86 14.66 -9.71
CA LEU A 251 9.16 13.55 -10.35
C LEU A 251 7.94 14.07 -11.11
N PHE A 252 7.25 15.08 -10.55
CA PHE A 252 6.22 15.82 -11.28
C PHE A 252 6.79 16.43 -12.55
N GLN A 253 7.97 17.05 -12.47
CA GLN A 253 8.61 17.64 -13.65
C GLN A 253 9.03 16.57 -14.66
N LEU A 254 9.52 15.41 -14.21
CA LEU A 254 9.83 14.29 -15.07
C LEU A 254 8.56 13.84 -15.81
N LEU A 255 7.45 13.63 -15.09
CA LEU A 255 6.18 13.26 -15.70
C LEU A 255 5.73 14.32 -16.70
N ASN A 256 5.82 15.59 -16.34
CA ASN A 256 5.45 16.70 -17.21
C ASN A 256 6.25 16.64 -18.51
N ALA A 257 7.59 16.52 -18.43
CA ALA A 257 8.46 16.42 -19.60
C ALA A 257 8.06 15.25 -20.50
N LEU A 258 7.82 14.09 -19.89
CA LEU A 258 7.42 12.87 -20.57
C LEU A 258 6.09 13.08 -21.29
N THR A 259 5.13 13.76 -20.64
CA THR A 259 3.79 13.96 -21.16
C THR A 259 3.84 14.77 -22.45
N VAL A 260 4.73 15.75 -22.52
CA VAL A 260 4.83 16.67 -23.66
C VAL A 260 5.88 16.17 -24.68
N GLY A 261 6.55 15.04 -24.41
CA GLY A 261 7.58 14.47 -25.27
C GLY A 261 8.84 15.33 -25.32
N ASP A 262 9.13 16.12 -24.28
CA ASP A 262 10.35 16.91 -24.18
C ASP A 262 11.49 15.98 -23.74
N PHE A 263 12.02 15.26 -24.72
CA PHE A 263 13.10 14.29 -24.54
C PHE A 263 14.32 14.90 -23.86
N ASP A 264 14.61 16.18 -24.10
CA ASP A 264 15.78 16.85 -23.54
C ASP A 264 15.58 17.13 -22.05
N LYS A 265 14.41 17.63 -21.64
CA LYS A 265 14.09 17.80 -20.22
C LYS A 265 14.02 16.44 -19.53
N PHE A 266 13.36 15.46 -20.15
CA PHE A 266 13.30 14.09 -19.66
C PHE A 266 14.72 13.60 -19.42
N ASP A 267 15.60 13.66 -20.43
CA ASP A 267 16.99 13.19 -20.35
C ASP A 267 17.74 13.90 -19.22
N SER A 268 17.54 15.21 -19.05
CA SER A 268 18.21 15.98 -18.01
C SER A 268 17.80 15.54 -16.60
N LEU A 269 16.55 15.14 -16.37
CA LEU A 269 16.12 14.58 -15.09
C LEU A 269 16.63 13.15 -14.97
N ILE A 270 16.51 12.35 -16.02
CA ILE A 270 16.89 10.95 -16.09
C ILE A 270 18.37 10.78 -15.72
N LYS A 271 19.23 11.69 -16.18
CA LYS A 271 20.67 11.73 -15.89
C LYS A 271 21.02 11.74 -14.40
N VAL A 272 20.05 12.00 -13.51
CA VAL A 272 20.29 12.16 -12.08
C VAL A 272 19.32 11.26 -11.30
N GLN A 273 18.02 11.36 -11.60
CA GLN A 273 16.99 10.72 -10.78
C GLN A 273 16.89 9.22 -11.00
N ILE A 274 17.33 8.70 -12.16
CA ILE A 274 17.44 7.26 -12.33
C ILE A 274 18.51 6.74 -11.35
N SER A 275 19.70 7.33 -11.35
CA SER A 275 20.85 6.81 -10.64
C SER A 275 20.59 6.72 -9.12
N LYS A 276 19.78 7.63 -8.59
CA LYS A 276 19.43 7.66 -7.17
C LYS A 276 18.49 6.53 -6.74
N ILE A 277 17.79 5.85 -7.65
CA ILE A 277 16.71 4.93 -7.28
C ILE A 277 16.80 3.62 -8.10
N PRO A 278 16.96 2.45 -7.45
CA PRO A 278 17.24 1.21 -8.14
C PRO A 278 16.08 0.73 -9.02
N ILE A 279 14.83 0.88 -8.59
CA ILE A 279 13.66 0.52 -9.41
C ILE A 279 13.66 1.34 -10.70
N LEU A 280 13.97 2.63 -10.64
CA LEU A 280 13.99 3.44 -11.85
C LEU A 280 15.13 2.99 -12.76
N ALA A 281 16.29 2.62 -12.19
CA ALA A 281 17.38 2.06 -12.96
C ALA A 281 16.99 0.75 -13.67
N GLN A 282 16.10 -0.05 -13.07
CA GLN A 282 15.58 -1.25 -13.72
C GLN A 282 14.77 -0.90 -14.98
N HIS A 283 14.04 0.22 -14.96
CA HIS A 283 13.09 0.61 -16.01
C HIS A 283 13.63 1.65 -17.01
N GLU A 284 14.85 2.16 -16.84
CA GLU A 284 15.39 3.26 -17.64
C GLU A 284 15.22 3.01 -19.16
N SER A 285 15.60 1.83 -19.63
CA SER A 285 15.56 1.47 -21.05
C SER A 285 14.12 1.46 -21.59
N PHE A 286 13.16 1.06 -20.75
CA PHE A 286 11.73 1.08 -21.07
C PHE A 286 11.25 2.53 -21.14
N LEU A 287 11.64 3.38 -20.18
CA LEU A 287 11.17 4.77 -20.13
C LEU A 287 11.59 5.54 -21.37
N ARG A 288 12.82 5.31 -21.88
CA ARG A 288 13.31 5.94 -23.10
C ARG A 288 12.39 5.67 -24.30
N GLN A 289 11.69 4.53 -24.30
CA GLN A 289 10.79 4.16 -25.36
C GLN A 289 9.38 4.61 -25.04
N LYS A 290 8.94 4.54 -23.78
CA LYS A 290 7.60 4.98 -23.38
C LYS A 290 7.39 6.45 -23.73
N ILE A 291 8.38 7.30 -23.48
CA ILE A 291 8.32 8.69 -23.92
C ILE A 291 8.14 8.79 -25.43
N CYS A 292 8.78 7.91 -26.21
CA CYS A 292 8.78 8.05 -27.67
C CYS A 292 7.44 7.59 -28.22
N LEU A 293 6.94 6.45 -27.73
CA LEU A 293 5.62 5.91 -28.04
C LEU A 293 4.57 6.98 -27.74
N MET A 294 4.66 7.62 -26.55
CA MET A 294 3.73 8.65 -26.15
C MET A 294 3.89 9.94 -26.95
N THR A 295 5.09 10.28 -27.42
CA THR A 295 5.32 11.53 -28.13
C THR A 295 4.49 11.54 -29.42
N LEU A 296 4.45 10.43 -30.14
CA LEU A 296 3.60 10.31 -31.31
C LEU A 296 2.14 10.53 -30.91
N ILE A 297 1.68 9.83 -29.87
CA ILE A 297 0.29 9.82 -29.46
C ILE A 297 -0.14 11.22 -29.06
N GLU A 298 0.65 11.91 -28.23
CA GLU A 298 0.40 13.27 -27.80
C GLU A 298 0.24 14.15 -29.04
N THR A 299 1.23 14.13 -29.93
CA THR A 299 1.24 14.97 -31.13
C THR A 299 0.02 14.70 -32.00
N VAL A 300 -0.21 13.44 -32.38
CA VAL A 300 -1.23 13.09 -33.35
C VAL A 300 -2.62 13.38 -32.74
N PHE A 301 -2.81 13.14 -31.44
CA PHE A 301 -4.09 13.38 -30.79
C PHE A 301 -4.36 14.89 -30.65
N VAL A 302 -3.49 15.66 -29.99
CA VAL A 302 -3.81 17.05 -29.67
C VAL A 302 -3.81 17.93 -30.92
N LYS A 303 -2.90 17.66 -31.88
CA LYS A 303 -2.86 18.38 -33.15
C LYS A 303 -3.87 17.79 -34.16
N ASN A 304 -4.61 16.74 -33.77
CA ASN A 304 -5.60 16.00 -34.55
C ASN A 304 -5.16 15.74 -36.00
N ILE A 305 -3.94 15.20 -36.15
CA ILE A 305 -3.36 14.87 -37.45
C ILE A 305 -3.77 13.43 -37.81
N ARG A 306 -3.50 13.00 -39.05
CA ARG A 306 -3.63 11.60 -39.48
C ARG A 306 -2.46 11.15 -40.36
N MET A 307 -1.53 12.02 -40.73
CA MET A 307 -0.34 11.64 -41.48
C MET A 307 0.85 12.40 -40.90
N LEU A 308 2.01 11.76 -40.88
CA LEU A 308 3.29 12.37 -40.54
C LEU A 308 4.37 11.69 -41.36
N SER A 309 5.51 12.36 -41.49
CA SER A 309 6.68 11.78 -42.13
C SER A 309 7.52 11.03 -41.09
N PHE A 310 8.33 10.09 -41.57
CA PHE A 310 9.36 9.44 -40.76
C PHE A 310 10.26 10.51 -40.15
N GLU A 311 10.55 11.56 -40.92
CA GLU A 311 11.47 12.61 -40.53
C GLU A 311 10.92 13.40 -39.35
N ASP A 312 9.66 13.82 -39.39
CA ASP A 312 9.09 14.62 -38.30
C ASP A 312 9.00 13.80 -37.01
N ILE A 313 8.54 12.55 -37.10
CA ILE A 313 8.52 11.64 -35.96
C ILE A 313 9.97 11.42 -35.47
N SER A 314 10.96 11.32 -36.36
CA SER A 314 12.36 11.16 -35.97
C SER A 314 12.82 12.37 -35.17
N LYS A 315 12.41 13.60 -35.55
CA LYS A 315 12.75 14.79 -34.77
C LYS A 315 12.13 14.71 -33.38
N ALA A 316 10.85 14.34 -33.33
CA ALA A 316 10.06 14.37 -32.10
C ALA A 316 10.55 13.32 -31.10
N THR A 317 10.77 12.11 -31.57
CA THR A 317 11.22 10.97 -30.75
C THR A 317 12.72 11.09 -30.43
N HIS A 318 13.46 11.79 -31.30
CA HIS A 318 14.91 11.86 -31.32
C HIS A 318 15.53 10.46 -31.55
N LEU A 319 14.82 9.60 -32.29
CA LEU A 319 15.31 8.32 -32.78
C LEU A 319 15.54 8.48 -34.28
N PRO A 320 16.55 7.82 -34.89
CA PRO A 320 16.87 8.04 -36.30
C PRO A 320 15.77 7.49 -37.20
N LYS A 321 15.66 8.03 -38.43
CA LYS A 321 14.70 7.59 -39.44
C LYS A 321 14.84 6.10 -39.76
N ASP A 322 16.03 5.52 -39.56
CA ASP A 322 16.29 4.10 -39.77
C ASP A 322 15.66 3.21 -38.69
N ASN A 323 15.20 3.78 -37.57
CA ASN A 323 14.68 3.06 -36.42
C ASN A 323 13.24 3.48 -36.10
N VAL A 324 12.81 4.65 -36.56
CA VAL A 324 11.54 5.25 -36.14
C VAL A 324 10.34 4.37 -36.50
N GLU A 325 10.41 3.60 -37.59
CA GLU A 325 9.36 2.65 -37.96
C GLU A 325 9.16 1.62 -36.85
N HIS A 326 10.24 1.11 -36.27
CA HIS A 326 10.14 0.06 -35.26
C HIS A 326 9.46 0.60 -33.99
N LEU A 327 9.68 1.88 -33.67
CA LEU A 327 9.03 2.55 -32.56
C LEU A 327 7.53 2.63 -32.84
N VAL A 328 7.13 3.20 -33.98
CA VAL A 328 5.71 3.44 -34.22
C VAL A 328 4.95 2.14 -34.46
N MET A 329 5.59 1.12 -35.04
CA MET A 329 4.93 -0.17 -35.21
C MET A 329 4.65 -0.81 -33.85
N ARG A 330 5.50 -0.60 -32.84
CA ARG A 330 5.22 -1.05 -31.49
C ARG A 330 3.99 -0.33 -30.93
N ALA A 331 3.88 0.99 -31.14
CA ALA A 331 2.71 1.73 -30.68
C ALA A 331 1.43 1.16 -31.29
N ILE A 332 1.44 0.88 -32.60
CA ILE A 332 0.31 0.26 -33.30
C ILE A 332 0.04 -1.14 -32.72
N SER A 333 1.09 -1.92 -32.45
CA SER A 333 0.98 -3.29 -31.95
C SER A 333 0.40 -3.32 -30.52
N LEU A 334 0.70 -2.31 -29.69
CA LEU A 334 0.10 -2.14 -28.37
C LEU A 334 -1.39 -1.74 -28.47
N GLY A 335 -1.92 -1.50 -29.68
CA GLY A 335 -3.34 -1.20 -29.91
C GLY A 335 -3.71 0.23 -29.54
N LEU A 336 -2.72 1.10 -29.33
CA LEU A 336 -2.92 2.47 -28.83
C LEU A 336 -3.55 3.34 -29.90
N LEU A 337 -3.38 2.96 -31.17
CA LEU A 337 -3.84 3.68 -32.33
C LEU A 337 -4.13 2.66 -33.42
N LYS A 338 -4.92 3.09 -34.40
CA LYS A 338 -5.15 2.36 -35.64
C LYS A 338 -4.31 3.12 -36.64
N GLY A 339 -3.33 2.47 -37.25
CA GLY A 339 -2.52 3.10 -38.27
C GLY A 339 -1.78 2.08 -39.13
N SER A 340 -1.15 2.58 -40.19
CA SER A 340 -0.39 1.83 -41.19
C SER A 340 0.82 2.67 -41.59
N ILE A 341 1.85 2.01 -42.14
CA ILE A 341 3.14 2.61 -42.45
C ILE A 341 3.32 2.56 -43.97
N ASP A 342 3.89 3.61 -44.54
CA ASP A 342 4.12 3.77 -45.97
C ASP A 342 5.57 4.25 -46.18
N GLN A 343 6.49 3.40 -45.72
CA GLN A 343 7.94 3.61 -45.78
C GLN A 343 8.46 4.00 -47.17
N VAL A 344 7.80 3.53 -48.23
CA VAL A 344 8.12 3.88 -49.62
C VAL A 344 8.16 5.40 -49.80
N ASN A 345 7.24 6.11 -49.14
CA ASN A 345 7.09 7.56 -49.25
C ASN A 345 7.61 8.25 -47.98
N GLU A 346 8.33 7.53 -47.12
CA GLU A 346 8.79 7.98 -45.80
C GLU A 346 7.61 8.54 -44.98
N LEU A 347 6.44 7.88 -45.06
CA LEU A 347 5.18 8.40 -44.54
C LEU A 347 4.55 7.39 -43.57
N VAL A 348 3.73 7.89 -42.65
CA VAL A 348 2.96 7.11 -41.70
C VAL A 348 1.52 7.64 -41.77
N THR A 349 0.53 6.76 -41.70
CA THR A 349 -0.86 7.07 -41.93
C THR A 349 -1.66 6.47 -40.76
N ILE A 350 -1.92 7.29 -39.76
CA ILE A 350 -2.82 6.96 -38.64
C ILE A 350 -4.26 7.09 -39.14
N SER A 351 -5.21 6.46 -38.44
CA SER A 351 -6.64 6.57 -38.68
C SER A 351 -7.40 6.94 -37.40
N TRP A 352 -6.96 6.51 -36.21
CA TRP A 352 -7.55 6.89 -34.93
C TRP A 352 -6.52 6.63 -33.83
N VAL A 353 -6.67 7.26 -32.66
CA VAL A 353 -5.81 7.09 -31.49
C VAL A 353 -6.72 7.04 -30.26
N GLN A 354 -6.42 6.16 -29.29
CA GLN A 354 -7.15 6.12 -28.03
C GLN A 354 -6.98 7.46 -27.29
N PRO A 355 -8.02 7.97 -26.61
CA PRO A 355 -7.94 9.19 -25.80
C PRO A 355 -7.20 8.98 -24.46
N ARG A 356 -7.11 7.74 -24.00
CA ARG A 356 -6.63 7.34 -22.70
C ARG A 356 -5.41 6.44 -22.93
N MET A 1 -12.27 -15.54 45.40
CA MET A 1 -12.08 -14.12 45.05
C MET A 1 -10.70 -13.94 44.39
N PHE A 2 -10.59 -13.02 43.43
CA PHE A 2 -9.37 -12.78 42.64
C PHE A 2 -8.13 -12.57 43.52
N ASN A 3 -8.31 -11.93 44.68
CA ASN A 3 -7.28 -11.64 45.68
C ASN A 3 -6.56 -12.90 46.21
N ASN A 4 -7.16 -14.09 46.06
CA ASN A 4 -6.59 -15.36 46.51
C ASN A 4 -6.91 -16.45 45.47
N HIS A 5 -6.72 -16.14 44.19
CA HIS A 5 -7.02 -17.00 43.06
C HIS A 5 -5.98 -16.73 41.95
N GLU A 6 -6.25 -17.19 40.72
CA GLU A 6 -5.39 -17.07 39.55
C GLU A 6 -4.81 -15.67 39.40
N ILE A 7 -5.60 -14.62 39.60
CA ILE A 7 -5.09 -13.28 39.34
C ILE A 7 -3.99 -12.93 40.34
N ASP A 8 -4.18 -13.20 41.64
CA ASP A 8 -3.17 -12.93 42.65
C ASP A 8 -1.92 -13.76 42.43
N THR A 9 -2.07 -15.04 42.09
CA THR A 9 -0.94 -15.93 41.89
C THR A 9 -0.15 -15.49 40.64
N ILE A 10 -0.84 -15.07 39.57
CA ILE A 10 -0.23 -14.57 38.35
C ILE A 10 0.52 -13.28 38.70
N LEU A 11 -0.16 -12.27 39.26
CA LEU A 11 0.48 -10.97 39.43
C LEU A 11 1.65 -11.03 40.41
N SER A 12 1.65 -11.98 41.34
CA SER A 12 2.81 -12.26 42.16
C SER A 12 3.91 -12.85 41.27
N THR A 13 3.69 -14.02 40.67
CA THR A 13 4.72 -14.77 39.96
C THR A 13 5.33 -13.94 38.83
N LEU A 14 4.49 -13.30 38.01
CA LEU A 14 4.92 -12.48 36.89
C LEU A 14 5.89 -11.40 37.35
N ARG A 15 5.65 -10.75 38.50
CA ARG A 15 6.55 -9.71 38.99
C ARG A 15 7.70 -10.24 39.84
N MET A 16 7.69 -11.52 40.24
CA MET A 16 8.87 -12.14 40.85
C MET A 16 9.92 -12.43 39.78
N GLU A 17 9.48 -12.96 38.64
CA GLU A 17 10.37 -13.41 37.56
C GLU A 17 10.79 -12.27 36.62
N ALA A 18 10.01 -11.19 36.66
CA ALA A 18 10.27 -9.90 36.04
C ALA A 18 11.65 -9.31 36.36
N ASP A 19 12.02 -8.38 35.49
CA ASP A 19 13.17 -7.49 35.67
C ASP A 19 12.79 -6.40 36.70
N PRO A 20 13.68 -5.99 37.61
CA PRO A 20 13.40 -4.96 38.61
C PRO A 20 12.67 -3.71 38.11
N SER A 21 13.01 -3.19 36.92
CA SER A 21 12.40 -1.97 36.40
C SER A 21 10.92 -2.17 36.03
N LEU A 22 10.48 -3.41 35.81
CA LEU A 22 9.09 -3.76 35.53
C LEU A 22 8.25 -3.84 36.82
N HIS A 23 8.88 -3.95 38.00
CA HIS A 23 8.14 -4.20 39.25
C HIS A 23 7.16 -3.06 39.58
N PRO A 24 7.54 -1.76 39.56
CA PRO A 24 6.61 -0.68 39.92
C PRO A 24 5.36 -0.64 39.05
N LEU A 25 5.47 -1.02 37.77
CA LEU A 25 4.35 -1.11 36.87
C LEU A 25 3.38 -2.17 37.36
N PHE A 26 3.86 -3.40 37.62
CA PHE A 26 2.98 -4.48 38.05
C PHE A 26 2.44 -4.29 39.47
N GLU A 27 3.14 -3.56 40.34
CA GLU A 27 2.63 -3.21 41.67
C GLU A 27 1.32 -2.40 41.54
N GLN A 28 1.27 -1.44 40.62
CA GLN A 28 0.08 -0.63 40.38
C GLN A 28 -0.99 -1.43 39.62
N PHE A 29 -0.55 -2.25 38.67
CA PHE A 29 -1.38 -3.10 37.83
C PHE A 29 -2.25 -4.04 38.67
N GLU A 30 -1.65 -4.70 39.67
CA GLU A 30 -2.34 -5.58 40.60
C GLU A 30 -3.54 -4.87 41.23
N LYS A 31 -3.30 -3.68 41.76
CA LYS A 31 -4.32 -2.87 42.40
C LYS A 31 -5.40 -2.51 41.37
N PHE A 32 -5.02 -1.99 40.21
CA PHE A 32 -5.98 -1.61 39.18
C PHE A 32 -6.87 -2.77 38.74
N TYR A 33 -6.37 -4.02 38.69
CA TYR A 33 -7.26 -5.15 38.41
C TYR A 33 -8.32 -5.25 39.51
N GLU A 34 -7.88 -5.24 40.77
CA GLU A 34 -8.76 -5.43 41.93
C GLU A 34 -9.78 -4.29 42.04
N GLU A 35 -9.41 -3.08 41.60
CA GLU A 35 -10.28 -1.91 41.53
C GLU A 35 -11.22 -1.94 40.31
N LYS A 36 -11.20 -2.99 39.49
CA LYS A 36 -12.03 -3.13 38.28
C LYS A 36 -11.70 -2.02 37.25
N LEU A 37 -10.42 -1.68 37.13
CA LEU A 37 -9.92 -0.52 36.37
C LEU A 37 -9.24 -0.95 35.07
N TRP A 38 -9.86 -1.92 34.38
CA TRP A 38 -9.36 -2.50 33.13
C TRP A 38 -8.93 -1.43 32.12
N PHE A 39 -9.69 -0.34 32.04
CA PHE A 39 -9.56 0.70 31.02
C PHE A 39 -8.30 1.55 31.20
N GLN A 40 -7.62 1.44 32.35
CA GLN A 40 -6.33 2.06 32.58
C GLN A 40 -5.25 1.00 32.84
N LEU A 41 -5.61 -0.18 33.37
CA LEU A 41 -4.70 -1.32 33.44
C LEU A 41 -4.21 -1.70 32.05
N SER A 42 -5.05 -1.60 31.01
CA SER A 42 -4.65 -1.86 29.63
C SER A 42 -3.58 -0.87 29.14
N GLU A 43 -3.54 0.36 29.67
CA GLU A 43 -2.48 1.32 29.34
C GLU A 43 -1.21 0.90 30.07
N SER A 44 -1.33 0.44 31.31
CA SER A 44 -0.20 -0.13 32.03
C SER A 44 0.36 -1.35 31.29
N LEU A 45 -0.51 -2.20 30.74
CA LEU A 45 -0.11 -3.34 29.93
C LEU A 45 0.46 -2.90 28.58
N THR A 46 0.09 -1.72 28.09
CA THR A 46 0.73 -1.10 26.93
C THR A 46 2.14 -0.62 27.31
N LYS A 47 2.35 -0.02 28.49
CA LYS A 47 3.69 0.37 28.95
C LYS A 47 4.59 -0.86 29.11
N PHE A 48 4.02 -1.99 29.56
CA PHE A 48 4.69 -3.28 29.56
C PHE A 48 5.08 -3.64 28.13
N PHE A 49 4.12 -3.68 27.19
CA PHE A 49 4.34 -4.01 25.79
C PHE A 49 5.42 -3.14 25.12
N ASP A 50 5.53 -1.88 25.52
CA ASP A 50 6.42 -0.89 24.94
C ASP A 50 7.91 -1.13 25.29
N ASP A 51 8.23 -2.04 26.22
CA ASP A 51 9.59 -2.21 26.74
C ASP A 51 10.00 -3.68 26.75
N ALA A 52 11.29 -3.96 26.54
CA ALA A 52 11.82 -5.31 26.30
C ALA A 52 11.96 -6.14 27.58
N LYS A 53 11.85 -5.54 28.77
CA LYS A 53 11.79 -6.29 30.04
C LYS A 53 10.66 -7.30 30.01
N SER A 54 9.58 -6.95 29.31
CA SER A 54 8.33 -7.66 29.26
C SER A 54 8.33 -8.86 28.30
N THR A 55 9.36 -9.00 27.45
CA THR A 55 9.42 -10.04 26.43
C THR A 55 9.23 -11.42 27.10
N PRO A 56 8.40 -12.30 26.53
CA PRO A 56 7.99 -13.61 27.01
C PRO A 56 8.36 -14.02 28.44
N LEU A 57 7.79 -13.30 29.41
CA LEU A 57 7.84 -13.66 30.82
C LEU A 57 7.08 -14.99 30.93
N ARG A 58 5.81 -14.98 30.53
CA ARG A 58 4.99 -16.18 30.30
C ARG A 58 3.75 -15.78 29.52
N LEU A 59 3.43 -16.54 28.46
CA LEU A 59 2.33 -16.25 27.54
C LEU A 59 0.96 -16.34 28.22
N ARG A 60 0.92 -16.87 29.45
CA ARG A 60 -0.23 -16.87 30.37
C ARG A 60 -0.89 -15.51 30.47
N LEU A 61 -0.13 -14.43 30.29
CA LEU A 61 -0.63 -13.06 30.24
C LEU A 61 -1.80 -12.96 29.27
N TYR A 62 -1.57 -13.30 28.00
CA TYR A 62 -2.60 -13.27 26.98
C TYR A 62 -3.53 -14.47 27.16
N ASP A 63 -2.95 -15.67 27.33
CA ASP A 63 -3.67 -16.94 27.28
C ASP A 63 -4.78 -17.05 28.31
N ASN A 64 -4.62 -16.41 29.48
CA ASN A 64 -5.53 -16.60 30.59
C ASN A 64 -5.83 -15.30 31.33
N PHE A 65 -4.84 -14.44 31.62
CA PHE A 65 -5.08 -13.24 32.41
C PHE A 65 -5.94 -12.22 31.63
N VAL A 66 -5.47 -11.74 30.47
CA VAL A 66 -6.26 -10.77 29.67
C VAL A 66 -7.54 -11.46 29.18
N SER A 67 -7.49 -12.76 28.91
CA SER A 67 -8.66 -13.53 28.51
C SER A 67 -9.79 -13.53 29.55
N LYS A 68 -9.58 -13.12 30.82
CA LYS A 68 -10.70 -12.94 31.75
C LYS A 68 -11.56 -11.71 31.41
N PHE A 69 -11.01 -10.70 30.72
CA PHE A 69 -11.67 -9.40 30.53
C PHE A 69 -11.41 -8.77 29.14
N TYR A 70 -10.93 -9.55 28.17
CA TYR A 70 -10.63 -9.09 26.81
C TYR A 70 -11.80 -8.33 26.17
N ASP A 71 -13.04 -8.73 26.46
CA ASP A 71 -14.28 -8.08 26.03
C ASP A 71 -14.35 -6.60 26.42
N LYS A 72 -13.71 -6.20 27.53
CA LYS A 72 -13.86 -4.88 28.13
C LYS A 72 -12.99 -3.81 27.46
N ILE A 73 -12.12 -4.18 26.52
CA ILE A 73 -11.15 -3.27 25.91
C ILE A 73 -11.09 -3.48 24.39
N ASN A 74 -10.45 -2.55 23.69
CA ASN A 74 -10.33 -2.61 22.24
C ASN A 74 -9.51 -3.83 21.83
N GLN A 75 -9.87 -4.47 20.72
CA GLN A 75 -9.24 -5.72 20.31
C GLN A 75 -7.75 -5.51 19.99
N LEU A 76 -7.39 -4.36 19.42
CA LEU A 76 -6.01 -4.03 19.09
C LEU A 76 -5.14 -3.98 20.34
N SER A 77 -5.69 -3.65 21.51
CA SER A 77 -4.93 -3.67 22.75
C SER A 77 -4.50 -5.10 23.08
N VAL A 78 -5.43 -6.06 23.11
CA VAL A 78 -5.08 -7.43 23.47
C VAL A 78 -4.17 -8.05 22.40
N VAL A 79 -4.41 -7.84 21.09
CA VAL A 79 -3.49 -8.38 20.11
C VAL A 79 -2.11 -7.71 20.23
N LYS A 80 -1.97 -6.43 20.60
CA LYS A 80 -0.63 -5.83 20.71
C LYS A 80 0.24 -6.61 21.70
N TYR A 81 -0.30 -7.03 22.85
CA TYR A 81 0.49 -7.74 23.85
C TYR A 81 0.93 -9.10 23.30
N LEU A 82 0.01 -9.82 22.65
CA LEU A 82 0.28 -11.08 21.98
C LEU A 82 1.32 -10.91 20.88
N LEU A 83 1.20 -9.85 20.06
CA LEU A 83 2.10 -9.51 18.96
C LEU A 83 3.52 -9.34 19.50
N ALA A 84 3.74 -8.55 20.56
CA ALA A 84 5.10 -8.35 21.07
C ALA A 84 5.73 -9.66 21.55
N SER A 85 4.92 -10.60 22.05
CA SER A 85 5.46 -11.87 22.51
C SER A 85 5.77 -12.77 21.31
N LEU A 86 4.88 -12.85 20.32
CA LEU A 86 5.07 -13.63 19.10
C LEU A 86 6.24 -13.12 18.26
N LYS A 87 6.54 -11.81 18.31
CA LYS A 87 7.74 -11.26 17.66
C LYS A 87 9.02 -11.88 18.20
N ASP A 88 9.04 -12.39 19.44
CA ASP A 88 10.23 -13.03 20.02
C ASP A 88 10.16 -14.55 19.96
N SER A 89 8.98 -15.15 19.74
CA SER A 89 8.86 -16.58 19.46
C SER A 89 9.74 -16.95 18.25
N LYS A 90 10.37 -18.13 18.31
CA LYS A 90 11.33 -18.59 17.30
C LYS A 90 10.61 -19.26 16.13
N ASP A 91 9.34 -18.94 15.92
CA ASP A 91 8.46 -19.41 14.87
C ASP A 91 7.39 -18.32 14.69
N PHE A 92 6.83 -18.18 13.48
CA PHE A 92 5.78 -17.20 13.20
C PHE A 92 4.63 -17.81 12.37
N ASP A 93 4.54 -19.14 12.28
CA ASP A 93 3.39 -19.84 11.72
C ASP A 93 2.32 -19.98 12.79
N GLU A 94 2.73 -20.29 14.03
CA GLU A 94 1.83 -20.33 15.18
C GLU A 94 1.12 -18.98 15.34
N SER A 95 1.76 -17.87 14.95
CA SER A 95 1.16 -16.55 15.00
C SER A 95 -0.18 -16.48 14.30
N LEU A 96 -0.34 -17.16 13.15
CA LEU A 96 -1.62 -17.10 12.44
C LEU A 96 -2.70 -17.81 13.25
N LYS A 97 -2.37 -18.92 13.91
CA LYS A 97 -3.32 -19.67 14.71
C LYS A 97 -3.68 -18.87 15.95
N TYR A 98 -2.69 -18.26 16.61
CA TYR A 98 -2.92 -17.43 17.78
C TYR A 98 -3.78 -16.22 17.45
N LEU A 99 -3.54 -15.54 16.32
CA LEU A 99 -4.30 -14.34 15.99
C LEU A 99 -5.69 -14.74 15.52
N ASP A 100 -5.84 -15.86 14.81
CA ASP A 100 -7.15 -16.37 14.43
C ASP A 100 -7.97 -16.75 15.65
N ASP A 101 -7.37 -17.38 16.66
CA ASP A 101 -8.07 -17.77 17.88
C ASP A 101 -8.49 -16.55 18.69
N LEU A 102 -7.60 -15.56 18.82
CA LEU A 102 -7.94 -14.33 19.53
C LEU A 102 -9.01 -13.54 18.77
N LYS A 103 -8.94 -13.48 17.44
CA LYS A 103 -10.03 -12.92 16.64
C LYS A 103 -11.32 -13.69 16.92
N ALA A 104 -11.28 -15.02 16.88
CA ALA A 104 -12.46 -15.86 17.04
C ALA A 104 -13.12 -15.59 18.39
N GLN A 105 -12.35 -15.35 19.46
CA GLN A 105 -12.92 -15.03 20.77
C GLN A 105 -13.74 -13.74 20.77
N PHE A 106 -13.43 -12.76 19.91
CA PHE A 106 -14.30 -11.60 19.70
C PHE A 106 -15.42 -11.93 18.72
N GLN A 107 -15.13 -12.68 17.65
CA GLN A 107 -16.09 -13.04 16.63
C GLN A 107 -17.22 -13.92 17.20
N GLU A 108 -16.97 -14.68 18.27
CA GLU A 108 -18.00 -15.44 18.98
C GLU A 108 -19.02 -14.49 19.60
N LEU A 109 -18.59 -13.31 20.06
CA LEU A 109 -19.45 -12.29 20.66
C LEU A 109 -20.19 -11.48 19.58
N ASP A 110 -19.71 -11.51 18.33
CA ASP A 110 -20.20 -10.65 17.25
C ASP A 110 -21.68 -10.89 16.96
N SER A 111 -22.52 -9.86 17.14
CA SER A 111 -23.96 -9.96 16.95
C SER A 111 -24.36 -9.94 15.47
N LYS A 112 -23.44 -9.66 14.54
CA LYS A 112 -23.76 -9.66 13.11
C LYS A 112 -23.96 -11.08 12.57
N LYS A 113 -23.45 -12.11 13.27
CA LYS A 113 -23.69 -13.50 12.90
C LYS A 113 -25.19 -13.79 12.89
N GLN A 114 -25.65 -14.57 11.90
CA GLN A 114 -27.00 -15.13 11.82
C GLN A 114 -28.14 -14.11 11.98
N ARG A 115 -27.91 -12.83 11.66
CA ARG A 115 -29.00 -11.85 11.58
C ARG A 115 -29.95 -12.21 10.43
N ASN A 116 -31.16 -11.63 10.43
CA ASN A 116 -32.10 -11.78 9.31
C ASN A 116 -31.59 -11.07 8.05
N ASN A 117 -30.84 -9.97 8.21
CA ASN A 117 -30.31 -9.16 7.12
C ASN A 117 -29.00 -8.51 7.60
N GLY A 118 -28.08 -8.20 6.68
CA GLY A 118 -26.76 -7.67 7.01
C GLY A 118 -25.87 -8.72 7.67
N SER A 119 -26.22 -9.99 7.51
CA SER A 119 -25.60 -11.15 8.15
C SER A 119 -24.18 -11.43 7.65
N LYS A 120 -23.78 -10.81 6.53
CA LYS A 120 -22.41 -10.86 6.01
C LYS A 120 -21.46 -10.21 7.02
N ASP A 121 -20.15 -10.46 6.87
CA ASP A 121 -19.14 -9.84 7.72
C ASP A 121 -19.23 -8.32 7.60
N HIS A 122 -19.42 -7.66 8.74
CA HIS A 122 -19.33 -6.23 8.89
C HIS A 122 -18.70 -6.03 10.26
N GLY A 123 -17.55 -5.38 10.34
CA GLY A 123 -16.87 -5.21 11.62
C GLY A 123 -15.65 -4.30 11.54
N ASP A 124 -15.01 -4.07 12.69
CA ASP A 124 -13.84 -3.24 12.87
C ASP A 124 -13.03 -3.81 14.04
N GLY A 125 -11.73 -3.51 14.11
CA GLY A 125 -10.80 -4.08 15.07
C GLY A 125 -10.45 -5.51 14.65
N ILE A 126 -11.40 -6.45 14.75
CA ILE A 126 -11.20 -7.79 14.21
C ILE A 126 -11.04 -7.80 12.68
N LEU A 127 -11.50 -6.76 11.97
CA LEU A 127 -11.18 -6.58 10.55
C LEU A 127 -9.67 -6.43 10.35
N LEU A 128 -9.05 -5.57 11.17
CA LEU A 128 -7.61 -5.35 11.09
C LEU A 128 -6.90 -6.64 11.45
N ILE A 129 -7.31 -7.30 12.53
CA ILE A 129 -6.70 -8.55 12.97
C ILE A 129 -6.82 -9.60 11.86
N ASP A 130 -7.97 -9.72 11.18
CA ASP A 130 -8.13 -10.66 10.07
C ASP A 130 -7.13 -10.37 8.94
N SER A 131 -6.90 -9.08 8.68
CA SER A 131 -5.92 -8.63 7.72
C SER A 131 -4.50 -9.06 8.11
N GLU A 132 -4.18 -9.17 9.41
CA GLU A 132 -2.87 -9.65 9.84
C GLU A 132 -2.68 -11.12 9.48
N ILE A 133 -3.70 -11.97 9.68
CA ILE A 133 -3.63 -13.36 9.25
C ILE A 133 -3.50 -13.37 7.72
N ALA A 134 -4.36 -12.65 6.99
CA ALA A 134 -4.36 -12.68 5.54
C ALA A 134 -3.00 -12.25 4.96
N ARG A 135 -2.40 -11.18 5.51
CA ARG A 135 -1.09 -10.71 5.08
C ARG A 135 -0.03 -11.76 5.36
N THR A 136 -0.02 -12.33 6.57
CA THR A 136 1.00 -13.32 6.91
C THR A 136 0.80 -14.57 6.04
N TYR A 137 -0.44 -14.97 5.76
CA TYR A 137 -0.76 -16.12 4.94
C TYR A 137 -0.26 -15.91 3.52
N LEU A 138 -0.49 -14.73 2.92
CA LEU A 138 0.00 -14.39 1.58
C LEU A 138 1.52 -14.56 1.52
N LEU A 139 2.23 -14.08 2.54
CA LEU A 139 3.68 -14.15 2.64
C LEU A 139 4.21 -15.58 2.91
N LYS A 140 3.37 -16.55 3.26
CA LYS A 140 3.81 -17.86 3.75
C LYS A 140 3.06 -19.04 3.10
N ASN A 141 2.32 -18.82 2.01
CA ASN A 141 1.48 -19.84 1.38
C ASN A 141 1.49 -19.68 -0.14
N ASP A 142 1.06 -20.72 -0.85
CA ASP A 142 0.79 -20.69 -2.29
C ASP A 142 -0.16 -19.53 -2.63
N LEU A 143 0.14 -18.83 -3.73
CA LEU A 143 -0.52 -17.57 -4.09
C LEU A 143 -1.99 -17.77 -4.47
N VAL A 144 -2.32 -18.76 -5.29
CA VAL A 144 -3.70 -18.93 -5.77
C VAL A 144 -4.59 -19.46 -4.66
N LYS A 145 -4.06 -20.20 -3.68
CA LYS A 145 -4.81 -20.54 -2.48
C LYS A 145 -4.91 -19.34 -1.56
N ALA A 146 -3.86 -18.53 -1.42
CA ALA A 146 -3.90 -17.30 -0.63
C ALA A 146 -4.89 -16.28 -1.18
N ARG A 147 -5.22 -16.33 -2.48
CA ARG A 147 -6.32 -15.53 -3.04
C ARG A 147 -7.61 -15.76 -2.26
N ASP A 148 -7.89 -16.93 -1.68
CA ASP A 148 -9.12 -17.11 -0.92
C ASP A 148 -9.19 -16.19 0.30
N LEU A 149 -8.06 -15.97 0.99
CA LEU A 149 -7.98 -15.06 2.12
C LEU A 149 -8.12 -13.63 1.62
N LEU A 150 -7.41 -13.29 0.54
CA LEU A 150 -7.44 -11.95 -0.03
C LEU A 150 -8.85 -11.61 -0.51
N ASP A 151 -9.56 -12.57 -1.10
CA ASP A 151 -10.90 -12.40 -1.64
C ASP A 151 -11.91 -12.11 -0.54
N ASP A 152 -11.76 -12.75 0.62
CA ASP A 152 -12.65 -12.49 1.76
C ASP A 152 -12.42 -11.10 2.34
N LEU A 153 -11.18 -10.64 2.37
CA LEU A 153 -10.86 -9.27 2.78
C LEU A 153 -11.28 -8.25 1.72
N GLU A 154 -11.25 -8.63 0.44
CA GLU A 154 -11.69 -7.80 -0.67
C GLU A 154 -13.17 -7.46 -0.56
N LYS A 155 -13.99 -8.25 0.17
CA LYS A 155 -15.37 -7.85 0.46
C LYS A 155 -15.42 -6.46 1.11
N THR A 156 -14.43 -6.08 1.90
CA THR A 156 -14.37 -4.79 2.58
C THR A 156 -14.15 -3.62 1.58
N LEU A 157 -13.69 -3.92 0.36
CA LEU A 157 -13.45 -2.93 -0.69
C LEU A 157 -14.61 -3.00 -1.70
N ASP A 158 -15.10 -4.20 -2.01
CA ASP A 158 -16.18 -4.45 -2.95
C ASP A 158 -17.54 -3.96 -2.45
N LYS A 159 -17.74 -3.92 -1.12
CA LYS A 159 -18.98 -3.49 -0.48
C LYS A 159 -18.63 -2.63 0.73
N LYS A 160 -19.46 -1.64 1.06
CA LYS A 160 -19.21 -0.75 2.18
C LYS A 160 -19.17 -1.55 3.49
N ASP A 161 -18.26 -1.14 4.37
CA ASP A 161 -18.08 -1.64 5.74
C ASP A 161 -17.21 -0.60 6.46
N SER A 162 -17.07 -0.68 7.78
CA SER A 162 -16.11 0.13 8.51
C SER A 162 -14.71 -0.20 7.97
N ILE A 163 -13.87 0.82 7.72
CA ILE A 163 -12.57 0.62 7.08
C ILE A 163 -11.61 1.77 7.48
N PRO A 164 -10.88 1.66 8.60
CA PRO A 164 -9.82 2.61 8.92
C PRO A 164 -8.69 2.48 7.88
N LEU A 165 -7.95 3.56 7.64
CA LEU A 165 -7.01 3.62 6.51
C LEU A 165 -5.89 2.57 6.57
N ARG A 166 -5.53 2.07 7.77
CA ARG A 166 -4.46 1.09 7.87
C ARG A 166 -4.85 -0.21 7.16
N ILE A 167 -6.11 -0.68 7.25
CA ILE A 167 -6.50 -1.88 6.53
C ILE A 167 -6.52 -1.59 5.02
N THR A 168 -6.88 -0.39 4.57
CA THR A 168 -6.86 -0.05 3.15
C THR A 168 -5.44 -0.16 2.59
N ASN A 169 -4.45 0.48 3.23
CA ASN A 169 -3.06 0.36 2.80
C ASN A 169 -2.53 -1.07 3.02
N SER A 170 -3.01 -1.82 4.01
CA SER A 170 -2.64 -3.23 4.16
C SER A 170 -3.14 -4.04 2.96
N PHE A 171 -4.40 -3.87 2.56
CA PHE A 171 -4.96 -4.58 1.42
C PHE A 171 -4.16 -4.25 0.18
N TYR A 172 -3.89 -2.97 -0.06
CA TYR A 172 -3.24 -2.57 -1.29
C TYR A 172 -1.74 -2.87 -1.31
N SER A 173 -1.06 -2.95 -0.17
CA SER A 173 0.31 -3.45 -0.15
C SER A 173 0.31 -4.98 -0.33
N THR A 174 -0.77 -5.68 0.06
CA THR A 174 -0.93 -7.10 -0.27
C THR A 174 -1.18 -7.25 -1.77
N ASN A 175 -2.03 -6.41 -2.38
CA ASN A 175 -2.27 -6.36 -3.83
C ASN A 175 -0.96 -6.12 -4.58
N SER A 176 -0.13 -5.19 -4.08
CA SER A 176 1.17 -4.87 -4.65
C SER A 176 2.14 -6.05 -4.65
N GLN A 177 1.91 -7.07 -3.81
CA GLN A 177 2.71 -8.29 -3.74
C GLN A 177 2.00 -9.47 -4.43
N TYR A 178 0.70 -9.35 -4.71
CA TYR A 178 -0.05 -10.28 -5.54
C TYR A 178 0.40 -10.16 -7.01
N PHE A 179 0.87 -8.97 -7.42
CA PHE A 179 1.46 -8.73 -8.73
C PHE A 179 2.64 -9.69 -8.99
N LYS A 180 2.88 -10.00 -10.27
CA LYS A 180 4.09 -10.72 -10.70
C LYS A 180 5.32 -9.86 -10.43
N PHE A 181 6.50 -10.47 -10.35
CA PHE A 181 7.76 -9.77 -10.17
C PHE A 181 7.94 -8.73 -11.30
N LYS A 182 8.12 -7.47 -10.91
CA LYS A 182 8.17 -6.29 -11.79
C LYS A 182 7.15 -6.38 -12.94
N ASN A 183 5.87 -6.64 -12.61
CA ASN A 183 4.78 -6.53 -13.57
C ASN A 183 4.67 -5.09 -14.10
N ASP A 184 3.81 -4.88 -15.11
CA ASP A 184 3.42 -3.57 -15.61
C ASP A 184 3.09 -2.60 -14.46
N PHE A 185 3.89 -1.54 -14.33
CA PHE A 185 3.75 -0.57 -13.26
C PHE A 185 2.42 0.18 -13.28
N ASN A 186 1.64 0.16 -14.37
CA ASN A 186 0.30 0.75 -14.37
C ASN A 186 -0.61 0.10 -13.31
N SER A 187 -0.37 -1.16 -12.92
CA SER A 187 -1.05 -1.76 -11.79
C SER A 187 -0.71 -1.04 -10.47
N PHE A 188 0.57 -0.71 -10.26
CA PHE A 188 1.01 0.00 -9.08
C PHE A 188 0.48 1.44 -9.09
N TYR A 189 0.48 2.07 -10.26
CA TYR A 189 -0.11 3.38 -10.48
C TYR A 189 -1.57 3.37 -10.03
N TYR A 190 -2.36 2.39 -10.46
CA TYR A 190 -3.77 2.31 -10.08
C TYR A 190 -3.94 2.14 -8.56
N THR A 191 -3.08 1.35 -7.91
CA THR A 191 -3.09 1.26 -6.46
C THR A 191 -2.86 2.66 -5.84
N SER A 192 -1.84 3.37 -6.28
CA SER A 192 -1.52 4.67 -5.73
C SER A 192 -2.57 5.74 -6.11
N LEU A 193 -3.35 5.54 -7.19
CA LEU A 193 -4.50 6.40 -7.49
C LEU A 193 -5.58 6.18 -6.45
N LEU A 194 -5.87 4.93 -6.05
CA LEU A 194 -6.85 4.66 -4.99
C LEU A 194 -6.46 5.37 -3.70
N TYR A 195 -5.17 5.39 -3.35
CA TYR A 195 -4.71 6.09 -2.16
C TYR A 195 -5.03 7.58 -2.16
N LEU A 196 -5.24 8.18 -3.34
CA LEU A 196 -5.59 9.59 -3.43
C LEU A 196 -7.02 9.83 -2.94
N SER A 197 -7.88 8.81 -2.99
CA SER A 197 -9.24 8.91 -2.47
C SER A 197 -9.24 8.94 -0.93
N THR A 198 -8.29 8.24 -0.31
CA THR A 198 -8.18 8.13 1.14
C THR A 198 -7.38 9.29 1.73
N LEU A 199 -6.38 9.81 1.00
CA LEU A 199 -5.56 10.92 1.47
C LEU A 199 -6.41 12.19 1.61
N GLU A 200 -6.14 12.95 2.68
CA GLU A 200 -6.87 14.15 3.08
C GLU A 200 -5.88 15.08 3.80
N PRO A 201 -6.24 16.36 4.04
CA PRO A 201 -5.49 17.28 4.91
C PRO A 201 -5.22 16.73 6.32
N SER A 202 -5.93 15.67 6.73
CA SER A 202 -5.74 14.93 7.97
C SER A 202 -4.29 14.51 8.23
N THR A 203 -3.46 14.37 7.19
CA THR A 203 -2.03 14.07 7.31
C THR A 203 -1.85 12.74 8.09
N SER A 204 -2.62 11.73 7.67
CA SER A 204 -2.51 10.34 8.12
C SER A 204 -1.09 9.77 7.84
N ILE A 205 -0.39 10.34 6.86
CA ILE A 205 1.00 10.14 6.56
C ILE A 205 1.65 11.53 6.51
N THR A 206 2.97 11.59 6.70
CA THR A 206 3.72 12.83 6.72
C THR A 206 3.77 13.45 5.32
N LEU A 207 4.19 14.73 5.21
CA LEU A 207 4.48 15.33 3.90
C LEU A 207 5.58 14.56 3.18
N ALA A 208 6.58 14.03 3.89
CA ALA A 208 7.62 13.21 3.27
C ALA A 208 7.01 11.95 2.63
N GLU A 209 6.07 11.29 3.31
CA GLU A 209 5.38 10.14 2.76
C GLU A 209 4.44 10.55 1.62
N ARG A 210 3.83 11.74 1.65
CA ARG A 210 3.09 12.26 0.49
C ARG A 210 4.05 12.43 -0.69
N GLN A 211 5.23 13.00 -0.50
CA GLN A 211 6.21 13.14 -1.57
C GLN A 211 6.60 11.77 -2.13
N GLN A 212 6.73 10.74 -1.27
CA GLN A 212 6.99 9.38 -1.72
C GLN A 212 5.80 8.81 -2.52
N LEU A 213 4.55 9.07 -2.14
CA LEU A 213 3.38 8.65 -2.93
C LEU A 213 3.37 9.36 -4.29
N ALA A 214 3.70 10.67 -4.33
CA ALA A 214 3.80 11.44 -5.57
C ALA A 214 4.89 10.86 -6.47
N TYR A 215 6.07 10.59 -5.91
CA TYR A 215 7.20 9.99 -6.60
C TYR A 215 6.82 8.61 -7.14
N ASP A 216 6.16 7.77 -6.34
CA ASP A 216 5.74 6.43 -6.75
C ASP A 216 4.76 6.48 -7.92
N LEU A 217 3.77 7.37 -7.88
CA LEU A 217 2.86 7.60 -9.00
C LEU A 217 3.66 8.02 -10.23
N SER A 218 4.60 8.93 -10.08
CA SER A 218 5.38 9.47 -11.18
C SER A 218 6.23 8.38 -11.84
N ILE A 219 6.95 7.58 -11.05
CA ILE A 219 7.75 6.47 -11.56
C ILE A 219 6.83 5.46 -12.24
N SER A 220 5.69 5.13 -11.62
CA SER A 220 4.76 4.16 -12.19
C SER A 220 4.12 4.67 -13.48
N ALA A 221 3.95 5.98 -13.64
CA ALA A 221 3.45 6.60 -14.85
C ALA A 221 4.50 6.51 -15.97
N LEU A 222 5.76 6.85 -15.68
CA LEU A 222 6.86 6.75 -16.63
C LEU A 222 7.01 5.30 -17.11
N LEU A 223 7.14 4.37 -16.17
CA LEU A 223 7.48 2.97 -16.44
C LEU A 223 6.26 2.12 -16.80
N GLY A 224 5.04 2.67 -16.67
CA GLY A 224 3.81 1.97 -17.01
C GLY A 224 3.85 1.56 -18.48
N ASP A 225 3.61 0.27 -18.75
CA ASP A 225 3.40 -0.26 -20.10
C ASP A 225 2.06 0.19 -20.66
N LYS A 226 1.19 0.74 -19.79
CA LYS A 226 -0.20 1.08 -20.06
C LYS A 226 -0.53 2.54 -19.74
N ILE A 227 0.44 3.45 -19.51
CA ILE A 227 0.15 4.87 -19.26
C ILE A 227 0.85 5.72 -20.33
N TYR A 228 0.09 6.60 -20.99
CA TYR A 228 0.50 7.42 -22.12
C TYR A 228 -0.18 8.81 -22.05
N ASN A 229 -0.44 9.30 -20.84
CA ASN A 229 -0.96 10.63 -20.56
C ASN A 229 -0.59 10.99 -19.12
N PHE A 230 -0.09 12.20 -18.87
CA PHE A 230 0.22 12.70 -17.53
C PHE A 230 -0.46 14.05 -17.25
N GLY A 231 -1.34 14.54 -18.12
CA GLY A 231 -1.92 15.88 -17.99
C GLY A 231 -2.65 16.05 -16.65
N GLU A 232 -3.51 15.08 -16.30
CA GLU A 232 -4.23 15.06 -15.04
C GLU A 232 -3.26 14.88 -13.86
N LEU A 233 -2.28 13.99 -14.00
CA LEU A 233 -1.26 13.73 -12.97
C LEU A 233 -0.53 15.02 -12.61
N LEU A 234 -0.10 15.80 -13.61
CA LEU A 234 0.57 17.09 -13.43
C LEU A 234 -0.34 18.15 -12.77
N HIS A 235 -1.61 17.84 -12.51
CA HIS A 235 -2.59 18.74 -11.90
C HIS A 235 -3.19 18.13 -10.62
N HIS A 236 -2.74 16.94 -10.20
CA HIS A 236 -3.17 16.35 -8.93
C HIS A 236 -2.76 17.25 -7.75
N PRO A 237 -3.54 17.31 -6.66
CA PRO A 237 -3.13 17.98 -5.44
C PRO A 237 -1.94 17.25 -4.78
N ILE A 238 -1.85 15.92 -4.86
CA ILE A 238 -0.75 15.18 -4.22
C ILE A 238 0.61 15.69 -4.72
N MET A 239 0.69 16.07 -6.00
CA MET A 239 1.90 16.54 -6.65
C MET A 239 2.30 17.95 -6.20
N GLU A 240 1.46 18.72 -5.48
CA GLU A 240 1.91 20.02 -5.00
C GLU A 240 3.04 19.87 -3.98
N THR A 241 3.20 18.67 -3.42
CA THR A 241 4.20 18.41 -2.40
C THR A 241 5.61 18.32 -3.01
N ILE A 242 5.77 18.16 -4.34
CA ILE A 242 7.07 17.88 -4.96
C ILE A 242 7.53 19.00 -5.89
N VAL A 243 6.62 19.84 -6.37
CA VAL A 243 6.98 20.95 -7.24
C VAL A 243 7.88 21.90 -6.45
N ASN A 244 8.94 22.40 -7.11
CA ASN A 244 10.02 23.21 -6.57
C ASN A 244 10.78 22.57 -5.39
N ASP A 245 10.52 21.32 -5.01
CA ASP A 245 11.36 20.60 -4.05
C ASP A 245 12.53 20.01 -4.82
N SER A 246 13.76 20.44 -4.52
CA SER A 246 14.96 20.07 -5.26
C SER A 246 15.18 18.55 -5.38
N ASN A 247 14.64 17.75 -4.46
CA ASN A 247 14.80 16.30 -4.48
C ASN A 247 13.86 15.61 -5.47
N TYR A 248 12.82 16.29 -5.96
CA TYR A 248 11.75 15.66 -6.74
C TYR A 248 11.29 16.46 -7.96
N ASP A 249 11.48 17.78 -7.99
CA ASP A 249 10.94 18.66 -9.03
C ASP A 249 11.46 18.32 -10.44
N TRP A 250 12.67 17.77 -10.51
CA TRP A 250 13.25 17.27 -11.75
C TRP A 250 12.34 16.23 -12.42
N LEU A 251 11.61 15.43 -11.63
CA LEU A 251 10.73 14.39 -12.15
C LEU A 251 9.48 15.05 -12.69
N PHE A 252 8.95 16.07 -12.02
CA PHE A 252 7.83 16.85 -12.52
C PHE A 252 8.20 17.47 -13.87
N GLN A 253 9.42 17.99 -14.01
CA GLN A 253 9.94 18.49 -15.28
C GLN A 253 10.06 17.37 -16.32
N LEU A 254 10.48 16.16 -15.94
CA LEU A 254 10.57 15.03 -16.88
C LEU A 254 9.19 14.60 -17.37
N LEU A 255 8.20 14.53 -16.47
CA LEU A 255 6.80 14.24 -16.82
C LEU A 255 6.28 15.33 -17.75
N ASN A 256 6.54 16.60 -17.43
CA ASN A 256 6.16 17.75 -18.26
C ASN A 256 6.79 17.62 -19.66
N ALA A 257 8.09 17.31 -19.76
CA ALA A 257 8.78 17.14 -21.02
C ALA A 257 8.13 16.06 -21.88
N LEU A 258 7.74 14.94 -21.28
CA LEU A 258 7.03 13.87 -21.97
C LEU A 258 5.63 14.29 -22.39
N THR A 259 4.97 15.16 -21.62
CA THR A 259 3.63 15.63 -21.92
C THR A 259 3.66 16.49 -23.17
N VAL A 260 4.64 17.40 -23.27
CA VAL A 260 4.77 18.28 -24.43
C VAL A 260 5.53 17.59 -25.59
N GLY A 261 6.10 16.40 -25.33
CA GLY A 261 6.85 15.61 -26.31
C GLY A 261 8.14 16.30 -26.74
N ASP A 262 8.76 17.09 -25.85
CA ASP A 262 9.94 17.87 -26.20
C ASP A 262 11.18 17.03 -25.87
N PHE A 263 11.66 16.33 -26.89
CA PHE A 263 12.83 15.46 -26.84
C PHE A 263 14.07 16.13 -26.27
N ASP A 264 14.20 17.45 -26.44
CA ASP A 264 15.37 18.20 -25.97
C ASP A 264 15.27 18.52 -24.48
N LYS A 265 14.07 18.85 -23.95
CA LYS A 265 13.86 18.96 -22.51
C LYS A 265 14.08 17.59 -21.88
N PHE A 266 13.49 16.55 -22.47
CA PHE A 266 13.64 15.18 -22.03
C PHE A 266 15.13 14.86 -21.96
N ASP A 267 15.87 15.02 -23.05
CA ASP A 267 17.30 14.75 -23.11
C ASP A 267 18.08 15.50 -22.03
N SER A 268 17.74 16.77 -21.79
CA SER A 268 18.43 17.60 -20.81
C SER A 268 18.29 17.05 -19.39
N LEU A 269 17.10 16.54 -19.02
CA LEU A 269 16.89 15.91 -17.70
C LEU A 269 17.57 14.54 -17.68
N ILE A 270 17.40 13.76 -18.75
CA ILE A 270 17.91 12.41 -18.90
C ILE A 270 19.44 12.40 -18.74
N LYS A 271 20.14 13.45 -19.22
CA LYS A 271 21.58 13.64 -19.09
C LYS A 271 22.12 13.53 -17.66
N VAL A 272 21.26 13.65 -16.63
CA VAL A 272 21.68 13.75 -15.24
C VAL A 272 20.87 12.79 -14.37
N GLN A 273 19.54 12.80 -14.53
CA GLN A 273 18.66 12.10 -13.61
C GLN A 273 18.67 10.59 -13.82
N ILE A 274 18.99 10.11 -15.03
CA ILE A 274 19.23 8.69 -15.23
C ILE A 274 20.43 8.28 -14.38
N SER A 275 21.55 8.99 -14.52
CA SER A 275 22.82 8.60 -13.92
C SER A 275 22.72 8.55 -12.38
N LYS A 276 21.90 9.43 -11.79
CA LYS A 276 21.70 9.51 -10.35
C LYS A 276 20.87 8.36 -9.77
N ILE A 277 20.14 7.58 -10.58
CA ILE A 277 19.15 6.64 -10.03
C ILE A 277 19.25 5.28 -10.78
N PRO A 278 19.53 4.16 -10.08
CA PRO A 278 19.81 2.89 -10.73
C PRO A 278 18.59 2.26 -11.40
N ILE A 279 17.37 2.45 -10.88
CA ILE A 279 16.16 2.00 -11.57
C ILE A 279 16.03 2.71 -12.92
N LEU A 280 16.27 4.03 -12.96
CA LEU A 280 16.17 4.77 -14.21
C LEU A 280 17.28 4.35 -15.17
N ALA A 281 18.50 4.09 -14.68
CA ALA A 281 19.58 3.61 -15.52
C ALA A 281 19.22 2.28 -16.21
N GLN A 282 18.47 1.41 -15.53
CA GLN A 282 17.99 0.16 -16.13
C GLN A 282 16.94 0.41 -17.22
N HIS A 283 16.03 1.37 -17.00
CA HIS A 283 14.86 1.60 -17.86
C HIS A 283 15.05 2.71 -18.89
N GLU A 284 16.20 3.39 -18.95
CA GLU A 284 16.47 4.49 -19.89
C GLU A 284 16.06 4.11 -21.32
N SER A 285 16.42 2.90 -21.76
CA SER A 285 16.16 2.40 -23.10
C SER A 285 14.66 2.17 -23.39
N PHE A 286 13.80 2.21 -22.36
CA PHE A 286 12.35 2.22 -22.50
C PHE A 286 11.84 3.66 -22.47
N LEU A 287 12.30 4.51 -21.54
CA LEU A 287 11.90 5.91 -21.45
C LEU A 287 12.06 6.63 -22.80
N ARG A 288 13.18 6.39 -23.49
CA ARG A 288 13.50 7.01 -24.79
C ARG A 288 12.48 6.76 -25.89
N GLN A 289 11.67 5.70 -25.77
CA GLN A 289 10.61 5.39 -26.71
C GLN A 289 9.22 5.54 -26.10
N LYS A 290 9.07 5.45 -24.78
CA LYS A 290 7.81 5.80 -24.10
C LYS A 290 7.41 7.22 -24.43
N ILE A 291 8.35 8.17 -24.43
CA ILE A 291 8.10 9.54 -24.89
C ILE A 291 7.51 9.55 -26.30
N CYS A 292 7.96 8.66 -27.18
CA CYS A 292 7.59 8.70 -28.60
C CYS A 292 6.21 8.10 -28.79
N LEU A 293 5.98 6.92 -28.18
CA LEU A 293 4.68 6.25 -28.15
C LEU A 293 3.66 7.28 -27.63
N MET A 294 3.93 7.86 -26.46
CA MET A 294 3.00 8.75 -25.77
C MET A 294 2.73 10.02 -26.55
N THR A 295 3.74 10.65 -27.16
CA THR A 295 3.53 11.89 -27.89
C THR A 295 2.59 11.62 -29.07
N LEU A 296 2.81 10.52 -29.79
CA LEU A 296 1.99 10.15 -30.91
C LEU A 296 0.57 9.85 -30.44
N ILE A 297 0.41 9.10 -29.35
CA ILE A 297 -0.89 8.77 -28.77
C ILE A 297 -1.64 10.06 -28.44
N GLU A 298 -1.01 10.99 -27.72
CA GLU A 298 -1.67 12.22 -27.32
C GLU A 298 -2.08 12.99 -28.57
N THR A 299 -1.19 13.13 -29.55
CA THR A 299 -1.47 13.80 -30.81
C THR A 299 -2.72 13.21 -31.47
N VAL A 300 -2.76 11.90 -31.69
CA VAL A 300 -3.87 11.31 -32.42
C VAL A 300 -5.17 11.43 -31.60
N PHE A 301 -5.09 11.30 -30.27
CA PHE A 301 -6.25 11.41 -29.40
C PHE A 301 -6.81 12.83 -29.39
N VAL A 302 -6.03 13.84 -29.00
CA VAL A 302 -6.55 15.18 -28.78
C VAL A 302 -6.92 15.85 -30.12
N LYS A 303 -6.17 15.59 -31.18
CA LYS A 303 -6.46 16.12 -32.51
C LYS A 303 -7.53 15.27 -33.23
N ASN A 304 -8.02 14.19 -32.60
CA ASN A 304 -8.98 13.23 -33.13
C ASN A 304 -8.67 12.80 -34.57
N ILE A 305 -7.40 12.51 -34.83
CA ILE A 305 -6.88 12.12 -36.14
C ILE A 305 -7.34 10.70 -36.47
N ARG A 306 -7.35 10.35 -37.76
CA ARG A 306 -7.55 8.99 -38.25
C ARG A 306 -6.47 8.53 -39.22
N MET A 307 -5.73 9.44 -39.87
CA MET A 307 -4.57 9.08 -40.68
C MET A 307 -3.53 10.18 -40.60
N LEU A 308 -2.25 9.81 -40.65
CA LEU A 308 -1.11 10.70 -40.41
C LEU A 308 0.08 10.19 -41.22
N SER A 309 1.09 11.03 -41.48
CA SER A 309 2.23 10.67 -42.30
C SER A 309 3.44 10.35 -41.42
N PHE A 310 4.37 9.54 -41.93
CA PHE A 310 5.62 9.24 -41.25
C PHE A 310 6.36 10.55 -40.95
N GLU A 311 6.32 11.52 -41.87
CA GLU A 311 6.99 12.81 -41.70
C GLU A 311 6.49 13.51 -40.43
N ASP A 312 5.19 13.51 -40.19
CA ASP A 312 4.63 14.21 -39.04
C ASP A 312 4.94 13.48 -37.74
N ILE A 313 4.87 12.14 -37.74
CA ILE A 313 5.28 11.33 -36.60
C ILE A 313 6.78 11.53 -36.33
N SER A 314 7.61 11.75 -37.35
CA SER A 314 9.03 12.02 -37.16
C SER A 314 9.23 13.32 -36.39
N LYS A 315 8.40 14.35 -36.62
CA LYS A 315 8.40 15.55 -35.76
C LYS A 315 8.09 15.16 -34.31
N ALA A 316 7.09 14.30 -34.12
CA ALA A 316 6.54 13.91 -32.83
C ALA A 316 7.45 12.97 -32.02
N THR A 317 8.53 12.45 -32.61
CA THR A 317 9.35 11.39 -32.01
C THR A 317 10.85 11.68 -32.13
N HIS A 318 11.22 12.54 -33.08
CA HIS A 318 12.59 12.80 -33.51
C HIS A 318 13.30 11.52 -34.01
N LEU A 319 12.52 10.56 -34.50
CA LEU A 319 13.03 9.38 -35.21
C LEU A 319 13.08 9.73 -36.70
N PRO A 320 14.03 9.19 -37.47
CA PRO A 320 14.09 9.44 -38.90
C PRO A 320 12.89 8.79 -39.59
N LYS A 321 12.47 9.35 -40.73
CA LYS A 321 11.29 8.87 -41.44
C LYS A 321 11.43 7.38 -41.82
N ASP A 322 12.67 6.89 -41.96
CA ASP A 322 13.00 5.53 -42.36
C ASP A 322 12.91 4.51 -41.21
N ASN A 323 12.67 4.96 -39.97
CA ASN A 323 12.54 4.08 -38.80
C ASN A 323 11.36 4.46 -37.90
N VAL A 324 10.72 5.60 -38.13
CA VAL A 324 9.64 6.08 -37.27
C VAL A 324 8.44 5.13 -37.25
N GLU A 325 8.18 4.40 -38.35
CA GLU A 325 7.07 3.47 -38.39
C GLU A 325 7.30 2.31 -37.42
N HIS A 326 8.56 1.95 -37.16
CA HIS A 326 8.90 0.88 -36.23
C HIS A 326 8.40 1.17 -34.82
N LEU A 327 8.34 2.44 -34.43
CA LEU A 327 7.89 2.88 -33.12
C LEU A 327 6.38 2.69 -33.02
N VAL A 328 5.61 3.15 -34.01
CA VAL A 328 4.16 2.96 -33.98
C VAL A 328 3.79 1.49 -34.21
N MET A 329 4.63 0.70 -34.90
CA MET A 329 4.46 -0.75 -34.98
C MET A 329 4.56 -1.36 -33.59
N ARG A 330 5.49 -0.89 -32.76
CA ARG A 330 5.50 -1.27 -31.35
C ARG A 330 4.25 -0.78 -30.63
N ALA A 331 3.74 0.41 -30.91
CA ALA A 331 2.49 0.86 -30.32
C ALA A 331 1.32 -0.10 -30.63
N ILE A 332 1.24 -0.61 -31.86
CA ILE A 332 0.28 -1.62 -32.26
C ILE A 332 0.56 -2.92 -31.47
N SER A 333 1.83 -3.31 -31.37
CA SER A 333 2.25 -4.54 -30.69
C SER A 333 1.84 -4.52 -29.21
N LEU A 334 1.98 -3.37 -28.55
CA LEU A 334 1.63 -3.15 -27.14
C LEU A 334 0.10 -3.05 -26.94
N GLY A 335 -0.71 -3.18 -28.01
CA GLY A 335 -2.17 -3.24 -27.91
C GLY A 335 -2.80 -1.89 -27.55
N LEU A 336 -2.10 -0.79 -27.79
CA LEU A 336 -2.49 0.54 -27.33
C LEU A 336 -3.52 1.19 -28.24
N LEU A 337 -3.67 0.69 -29.47
CA LEU A 337 -4.44 1.33 -30.51
C LEU A 337 -4.81 0.31 -31.57
N LYS A 338 -5.96 0.52 -32.20
CA LYS A 338 -6.38 -0.22 -33.37
C LYS A 338 -5.88 0.63 -34.54
N GLY A 339 -4.91 0.14 -35.29
CA GLY A 339 -4.34 0.87 -36.40
C GLY A 339 -3.49 -0.02 -37.29
N SER A 340 -3.04 0.54 -38.40
CA SER A 340 -2.32 -0.13 -39.48
C SER A 340 -1.36 0.88 -40.12
N ILE A 341 -0.37 0.36 -40.85
CA ILE A 341 0.69 1.11 -41.48
C ILE A 341 0.58 0.90 -42.99
N ASP A 342 0.89 1.92 -43.78
CA ASP A 342 0.98 1.86 -45.24
C ASP A 342 2.37 2.37 -45.60
N GLN A 343 3.34 1.46 -45.48
CA GLN A 343 4.75 1.75 -45.66
C GLN A 343 5.08 2.19 -47.09
N VAL A 344 4.25 1.84 -48.08
CA VAL A 344 4.42 2.27 -49.45
C VAL A 344 4.15 3.77 -49.55
N ASN A 345 3.04 4.23 -48.95
CA ASN A 345 2.63 5.64 -49.00
C ASN A 345 3.30 6.46 -47.90
N GLU A 346 4.00 5.81 -46.96
CA GLU A 346 4.58 6.40 -45.76
C GLU A 346 3.50 7.05 -44.89
N LEU A 347 2.40 6.33 -44.67
CA LEU A 347 1.23 6.78 -43.91
C LEU A 347 0.89 5.76 -42.83
N VAL A 348 0.08 6.20 -41.87
CA VAL A 348 -0.50 5.40 -40.80
C VAL A 348 -2.00 5.68 -40.82
N THR A 349 -2.78 4.69 -40.39
CA THR A 349 -4.20 4.83 -40.12
C THR A 349 -4.43 4.32 -38.69
N ILE A 350 -5.04 5.13 -37.84
CA ILE A 350 -5.51 4.74 -36.51
C ILE A 350 -7.05 4.86 -36.52
N SER A 351 -7.73 3.96 -35.82
CA SER A 351 -9.19 3.95 -35.70
C SER A 351 -9.67 3.96 -34.24
N TRP A 352 -8.81 3.61 -33.28
CA TRP A 352 -9.05 3.77 -31.85
C TRP A 352 -7.68 3.85 -31.20
N VAL A 353 -7.57 4.57 -30.08
CA VAL A 353 -6.35 4.69 -29.30
C VAL A 353 -6.74 4.81 -27.83
N GLN A 354 -5.94 4.22 -26.94
CA GLN A 354 -6.12 4.25 -25.50
C GLN A 354 -6.16 5.71 -25.02
N PRO A 355 -7.14 6.13 -24.22
CA PRO A 355 -7.36 7.55 -23.91
C PRO A 355 -6.33 8.13 -22.93
N ARG A 356 -5.73 7.31 -22.06
CA ARG A 356 -4.79 7.75 -21.04
C ARG A 356 -3.80 6.64 -20.80
N MET A 1 -11.36 -11.60 44.93
CA MET A 1 -11.09 -10.21 44.49
C MET A 1 -9.76 -10.13 43.73
N PHE A 2 -9.61 -9.15 42.83
CA PHE A 2 -8.47 -9.04 41.91
C PHE A 2 -7.11 -9.14 42.62
N ASN A 3 -6.98 -8.51 43.78
CA ASN A 3 -5.76 -8.49 44.60
C ASN A 3 -5.23 -9.90 44.95
N ASN A 4 -6.08 -10.92 44.98
CA ASN A 4 -5.72 -12.29 45.35
C ASN A 4 -6.14 -13.30 44.27
N HIS A 5 -6.55 -12.82 43.09
CA HIS A 5 -6.78 -13.67 41.93
C HIS A 5 -5.44 -14.15 41.35
N GLU A 6 -5.48 -14.97 40.30
CA GLU A 6 -4.32 -15.56 39.62
C GLU A 6 -3.27 -14.51 39.23
N ILE A 7 -3.73 -13.28 38.97
CA ILE A 7 -2.90 -12.20 38.47
C ILE A 7 -1.71 -11.95 39.41
N ASP A 8 -1.95 -12.03 40.72
CA ASP A 8 -0.95 -11.80 41.76
C ASP A 8 0.23 -12.77 41.67
N THR A 9 0.10 -13.88 40.95
CA THR A 9 1.20 -14.78 40.66
C THR A 9 1.78 -14.46 39.27
N ILE A 10 0.94 -14.33 38.24
CA ILE A 10 1.41 -14.24 36.86
C ILE A 10 2.16 -12.93 36.64
N LEU A 11 1.60 -11.80 37.08
CA LEU A 11 2.17 -10.49 36.83
C LEU A 11 3.44 -10.34 37.65
N SER A 12 3.38 -10.67 38.93
CA SER A 12 4.52 -10.59 39.83
C SER A 12 5.73 -11.34 39.26
N THR A 13 5.49 -12.49 38.63
CA THR A 13 6.56 -13.23 37.98
C THR A 13 7.02 -12.51 36.71
N LEU A 14 6.10 -12.21 35.77
CA LEU A 14 6.51 -11.62 34.50
C LEU A 14 7.20 -10.26 34.68
N ARG A 15 6.84 -9.48 35.72
CA ARG A 15 7.52 -8.22 35.99
C ARG A 15 8.82 -8.42 36.77
N MET A 16 9.01 -9.47 37.57
CA MET A 16 10.32 -9.68 38.21
C MET A 16 11.34 -10.09 37.13
N GLU A 17 10.86 -10.78 36.09
CA GLU A 17 11.61 -11.18 34.93
C GLU A 17 12.07 -9.98 34.07
N ALA A 18 11.44 -8.81 34.24
CA ALA A 18 11.61 -7.66 33.38
C ALA A 18 12.87 -6.86 33.73
N ASP A 19 13.40 -6.20 32.71
CA ASP A 19 14.47 -5.21 32.84
C ASP A 19 13.97 -4.00 33.64
N PRO A 20 14.80 -3.35 34.49
CA PRO A 20 14.40 -2.20 35.29
C PRO A 20 13.71 -1.06 34.54
N SER A 21 13.91 -0.90 33.23
CA SER A 21 13.22 0.12 32.43
C SER A 21 11.70 -0.07 32.47
N LEU A 22 11.24 -1.32 32.59
CA LEU A 22 9.84 -1.71 32.44
C LEU A 22 9.12 -1.69 33.77
N HIS A 23 9.83 -1.89 34.88
CA HIS A 23 9.20 -2.11 36.17
C HIS A 23 8.34 -0.92 36.65
N PRO A 24 8.77 0.36 36.51
CA PRO A 24 7.92 1.50 36.85
C PRO A 24 6.58 1.52 36.10
N LEU A 25 6.57 1.12 34.82
CA LEU A 25 5.33 0.98 34.07
C LEU A 25 4.48 -0.15 34.65
N PHE A 26 5.11 -1.27 35.02
CA PHE A 26 4.35 -2.39 35.55
C PHE A 26 3.76 -2.14 36.93
N GLU A 27 4.29 -1.21 37.73
CA GLU A 27 3.63 -0.79 38.96
C GLU A 27 2.27 -0.13 38.65
N GLN A 28 2.19 0.65 37.56
CA GLN A 28 0.97 1.32 37.15
C GLN A 28 -0.02 0.30 36.55
N PHE A 29 0.49 -0.61 35.71
CA PHE A 29 -0.29 -1.71 35.15
C PHE A 29 -0.90 -2.58 36.26
N GLU A 30 -0.10 -2.92 37.27
CA GLU A 30 -0.52 -3.68 38.44
C GLU A 30 -1.70 -2.98 39.12
N LYS A 31 -1.54 -1.70 39.40
CA LYS A 31 -2.56 -0.91 40.06
C LYS A 31 -3.84 -0.90 39.22
N PHE A 32 -3.76 -0.50 37.95
CA PHE A 32 -4.96 -0.36 37.14
C PHE A 32 -5.76 -1.64 36.93
N TYR A 33 -5.15 -2.84 36.86
CA TYR A 33 -5.98 -4.06 36.80
C TYR A 33 -6.70 -4.26 38.14
N GLU A 34 -6.03 -4.02 39.26
CA GLU A 34 -6.58 -4.24 40.60
C GLU A 34 -7.72 -3.24 40.85
N GLU A 35 -7.55 -2.01 40.40
CA GLU A 35 -8.55 -0.93 40.44
C GLU A 35 -9.66 -1.14 39.39
N LYS A 36 -9.53 -2.15 38.51
CA LYS A 36 -10.48 -2.47 37.44
C LYS A 36 -10.65 -1.31 36.45
N LEU A 37 -9.57 -0.57 36.16
CA LEU A 37 -9.57 0.51 35.17
C LEU A 37 -8.93 -0.04 33.89
N TRP A 38 -9.69 -0.89 33.19
CA TRP A 38 -9.27 -1.53 31.94
C TRP A 38 -8.74 -0.51 30.91
N PHE A 39 -9.27 0.71 30.92
CA PHE A 39 -8.88 1.73 29.96
C PHE A 39 -7.45 2.21 30.22
N GLN A 40 -7.10 2.59 31.46
CA GLN A 40 -5.74 3.04 31.78
C GLN A 40 -4.75 1.87 31.73
N LEU A 41 -5.22 0.68 32.05
CA LEU A 41 -4.49 -0.57 31.87
C LEU A 41 -4.13 -0.77 30.39
N SER A 42 -5.02 -0.42 29.46
CA SER A 42 -4.75 -0.47 28.02
C SER A 42 -3.71 0.57 27.60
N GLU A 43 -3.72 1.77 28.19
CA GLU A 43 -2.68 2.77 27.92
C GLU A 43 -1.33 2.23 28.40
N SER A 44 -1.33 1.58 29.56
CA SER A 44 -0.13 0.98 30.12
C SER A 44 0.46 -0.06 29.16
N LEU A 45 -0.39 -0.89 28.53
CA LEU A 45 0.08 -1.84 27.52
C LEU A 45 0.46 -1.15 26.20
N THR A 46 -0.15 -0.02 25.86
CA THR A 46 0.26 0.77 24.72
C THR A 46 1.68 1.30 24.95
N LYS A 47 1.96 1.84 26.14
CA LYS A 47 3.29 2.29 26.53
C LYS A 47 4.27 1.12 26.53
N PHE A 48 3.85 -0.09 26.91
CA PHE A 48 4.71 -1.26 26.91
C PHE A 48 5.24 -1.56 25.50
N PHE A 49 4.37 -1.63 24.47
CA PHE A 49 4.89 -1.90 23.12
C PHE A 49 5.59 -0.67 22.52
N ASP A 50 5.32 0.55 22.99
CA ASP A 50 6.05 1.73 22.54
C ASP A 50 7.49 1.71 23.08
N ASP A 51 7.66 1.31 24.33
CA ASP A 51 8.96 1.16 24.99
C ASP A 51 9.75 -0.03 24.42
N ALA A 52 9.06 -1.16 24.20
CA ALA A 52 9.55 -2.37 23.55
C ALA A 52 10.80 -3.03 24.16
N LYS A 53 11.19 -2.71 25.41
CA LYS A 53 12.40 -3.30 26.01
C LYS A 53 12.35 -4.83 26.02
N SER A 54 11.20 -5.44 26.34
CA SER A 54 11.08 -6.90 26.48
C SER A 54 9.66 -7.36 26.10
N THR A 55 9.12 -6.90 24.97
CA THR A 55 7.76 -7.17 24.53
C THR A 55 7.33 -8.65 24.68
N PRO A 56 8.13 -9.65 24.25
CA PRO A 56 7.81 -11.07 24.40
C PRO A 56 7.55 -11.58 25.83
N LEU A 57 7.87 -10.82 26.89
CA LEU A 57 7.44 -11.15 28.26
C LEU A 57 5.94 -11.40 28.30
N ARG A 58 5.16 -10.65 27.51
CA ARG A 58 3.72 -10.67 27.59
C ARG A 58 3.13 -12.02 27.20
N LEU A 59 3.80 -12.85 26.39
CA LEU A 59 3.19 -14.04 25.80
C LEU A 59 2.52 -14.97 26.83
N ARG A 60 3.19 -15.30 27.95
CA ARG A 60 2.61 -16.19 28.96
C ARG A 60 1.43 -15.52 29.67
N LEU A 61 1.62 -14.26 30.08
CA LEU A 61 0.61 -13.49 30.80
C LEU A 61 -0.63 -13.32 29.93
N TYR A 62 -0.44 -12.96 28.67
CA TYR A 62 -1.47 -12.56 27.73
C TYR A 62 -2.55 -13.63 27.56
N ASP A 63 -2.12 -14.90 27.51
CA ASP A 63 -2.98 -16.06 27.26
C ASP A 63 -4.14 -16.18 28.26
N ASN A 64 -4.02 -15.54 29.43
CA ASN A 64 -4.95 -15.69 30.53
C ASN A 64 -5.37 -14.32 31.11
N PHE A 65 -4.44 -13.39 31.27
CA PHE A 65 -4.68 -12.09 31.90
C PHE A 65 -5.65 -11.26 31.04
N VAL A 66 -5.27 -10.95 29.80
CA VAL A 66 -6.02 -9.98 28.97
C VAL A 66 -7.38 -10.58 28.58
N SER A 67 -7.47 -11.91 28.50
CA SER A 67 -8.69 -12.66 28.26
C SER A 67 -9.80 -12.32 29.27
N LYS A 68 -9.45 -12.02 30.52
CA LYS A 68 -10.43 -11.74 31.58
C LYS A 68 -11.18 -10.43 31.33
N PHE A 69 -10.73 -9.59 30.39
CA PHE A 69 -11.40 -8.35 30.03
C PHE A 69 -11.50 -8.21 28.50
N TYR A 70 -11.66 -9.34 27.78
CA TYR A 70 -12.00 -9.32 26.36
C TYR A 70 -13.26 -8.45 26.17
N ASP A 71 -13.29 -7.68 25.09
CA ASP A 71 -14.39 -6.79 24.66
C ASP A 71 -14.70 -5.62 25.61
N LYS A 72 -14.28 -5.67 26.88
CA LYS A 72 -14.31 -4.52 27.79
C LYS A 72 -13.42 -3.40 27.26
N ILE A 73 -12.46 -3.75 26.41
CA ILE A 73 -11.57 -2.86 25.68
C ILE A 73 -11.65 -3.21 24.21
N ASN A 74 -11.18 -2.30 23.36
CA ASN A 74 -11.22 -2.45 21.92
C ASN A 74 -10.56 -3.75 21.49
N GLN A 75 -11.23 -4.54 20.65
CA GLN A 75 -10.76 -5.85 20.21
C GLN A 75 -9.40 -5.74 19.52
N LEU A 76 -9.17 -4.68 18.74
CA LEU A 76 -7.89 -4.50 18.05
C LEU A 76 -6.78 -4.13 19.02
N SER A 77 -7.08 -3.53 20.18
CA SER A 77 -6.08 -3.28 21.21
C SER A 77 -5.60 -4.58 21.81
N VAL A 78 -6.51 -5.49 22.20
CA VAL A 78 -6.09 -6.77 22.76
C VAL A 78 -5.24 -7.54 21.74
N VAL A 79 -5.63 -7.63 20.46
CA VAL A 79 -4.74 -8.31 19.53
C VAL A 79 -3.45 -7.52 19.31
N LYS A 80 -3.43 -6.19 19.32
CA LYS A 80 -2.19 -5.42 19.12
C LYS A 80 -1.13 -5.79 20.15
N TYR A 81 -1.51 -6.11 21.38
CA TYR A 81 -0.55 -6.47 22.41
C TYR A 81 0.13 -7.81 22.09
N LEU A 82 -0.66 -8.79 21.63
CA LEU A 82 -0.10 -10.05 21.14
C LEU A 82 0.74 -9.78 19.91
N LEU A 83 0.22 -9.02 18.95
CA LEU A 83 0.86 -8.76 17.67
C LEU A 83 2.24 -8.13 17.87
N ALA A 84 2.38 -7.20 18.83
CA ALA A 84 3.68 -6.60 19.13
C ALA A 84 4.65 -7.64 19.69
N SER A 85 4.20 -8.44 20.63
CA SER A 85 5.04 -9.46 21.25
C SER A 85 5.45 -10.53 20.22
N LEU A 86 4.50 -10.89 19.36
CA LEU A 86 4.61 -11.90 18.33
C LEU A 86 5.55 -11.43 17.21
N LYS A 87 5.51 -10.15 16.81
CA LYS A 87 6.42 -9.65 15.79
C LYS A 87 7.81 -9.39 16.35
N ASP A 88 7.95 -9.11 17.65
CA ASP A 88 9.29 -8.98 18.24
C ASP A 88 9.93 -10.36 18.43
N SER A 89 9.12 -11.39 18.68
CA SER A 89 9.57 -12.77 18.67
C SER A 89 10.07 -13.14 17.26
N LYS A 90 11.05 -14.04 17.18
CA LYS A 90 11.79 -14.33 15.95
C LYS A 90 11.12 -15.45 15.16
N ASP A 91 9.80 -15.38 14.99
CA ASP A 91 9.02 -16.29 14.15
C ASP A 91 7.83 -15.52 13.58
N PHE A 92 7.38 -15.88 12.36
CA PHE A 92 6.36 -15.15 11.61
C PHE A 92 5.35 -16.10 10.95
N ASP A 93 5.23 -17.35 11.43
CA ASP A 93 4.29 -18.35 10.90
C ASP A 93 3.46 -18.96 12.03
N GLU A 94 4.00 -19.09 13.25
CA GLU A 94 3.20 -19.43 14.43
C GLU A 94 2.10 -18.38 14.61
N SER A 95 2.37 -17.14 14.18
CA SER A 95 1.42 -16.05 14.05
C SER A 95 0.09 -16.45 13.45
N LEU A 96 0.08 -17.39 12.49
CA LEU A 96 -1.14 -17.85 11.86
C LEU A 96 -2.01 -18.57 12.89
N LYS A 97 -1.48 -19.61 13.52
CA LYS A 97 -2.22 -20.35 14.54
C LYS A 97 -2.56 -19.43 15.71
N TYR A 98 -1.67 -18.52 16.06
CA TYR A 98 -1.88 -17.60 17.17
C TYR A 98 -3.05 -16.68 16.89
N LEU A 99 -3.16 -16.06 15.71
CA LEU A 99 -4.22 -15.07 15.52
C LEU A 99 -5.48 -15.78 15.07
N ASP A 100 -5.39 -17.00 14.53
CA ASP A 100 -6.57 -17.83 14.30
C ASP A 100 -7.19 -18.24 15.62
N ASP A 101 -6.37 -18.58 16.64
CA ASP A 101 -6.89 -18.94 17.95
C ASP A 101 -7.52 -17.73 18.65
N LEU A 102 -6.87 -16.55 18.55
CA LEU A 102 -7.39 -15.33 19.15
C LEU A 102 -8.68 -14.90 18.44
N LYS A 103 -8.74 -15.01 17.11
CA LYS A 103 -9.96 -14.78 16.35
C LYS A 103 -11.04 -15.75 16.85
N ALA A 104 -10.72 -17.04 17.00
CA ALA A 104 -11.71 -18.02 17.42
C ALA A 104 -12.29 -17.67 18.78
N GLN A 105 -11.50 -17.19 19.74
CA GLN A 105 -12.03 -16.74 21.03
C GLN A 105 -13.07 -15.64 20.85
N PHE A 106 -12.88 -14.71 19.92
CA PHE A 106 -13.88 -13.69 19.64
C PHE A 106 -15.07 -14.23 18.84
N GLN A 107 -14.88 -15.24 17.99
CA GLN A 107 -16.00 -15.95 17.36
C GLN A 107 -16.84 -16.69 18.41
N GLU A 108 -16.21 -17.21 19.46
CA GLU A 108 -16.90 -17.90 20.56
C GLU A 108 -17.67 -16.89 21.42
N LEU A 109 -17.12 -15.69 21.62
CA LEU A 109 -17.84 -14.58 22.28
C LEU A 109 -19.04 -14.17 21.44
N ASP A 110 -18.88 -14.06 20.13
CA ASP A 110 -19.89 -13.87 19.08
C ASP A 110 -20.59 -12.50 19.15
N SER A 111 -20.61 -11.77 18.03
CA SER A 111 -21.40 -10.56 17.88
C SER A 111 -22.86 -10.77 18.31
N LYS A 112 -23.45 -11.93 18.00
CA LYS A 112 -24.85 -12.23 18.35
C LYS A 112 -25.09 -12.21 19.87
N LYS A 113 -24.07 -12.46 20.69
CA LYS A 113 -24.23 -12.64 22.14
C LYS A 113 -23.58 -11.51 22.92
N GLN A 114 -22.65 -10.73 22.33
CA GLN A 114 -21.83 -9.76 23.05
C GLN A 114 -21.78 -8.38 22.41
N ARG A 115 -22.33 -8.15 21.21
CA ARG A 115 -22.39 -6.80 20.63
C ARG A 115 -23.60 -6.04 21.17
N ASN A 116 -23.65 -5.88 22.50
CA ASN A 116 -24.75 -5.19 23.19
C ASN A 116 -24.92 -3.75 22.68
N ASN A 117 -23.82 -3.10 22.27
CA ASN A 117 -23.81 -1.81 21.60
C ASN A 117 -22.60 -1.77 20.65
N GLY A 118 -22.53 -0.78 19.76
CA GLY A 118 -21.56 -0.74 18.68
C GLY A 118 -21.94 -1.73 17.58
N SER A 119 -23.24 -1.83 17.30
CA SER A 119 -23.88 -2.82 16.45
C SER A 119 -23.12 -3.09 15.13
N LYS A 120 -22.55 -4.30 15.05
CA LYS A 120 -21.86 -4.90 13.92
C LYS A 120 -22.11 -6.41 14.04
N ASP A 121 -21.86 -7.19 13.00
CA ASP A 121 -22.16 -8.62 12.98
C ASP A 121 -21.12 -9.36 12.15
N HIS A 122 -20.09 -9.89 12.83
CA HIS A 122 -18.94 -10.58 12.25
C HIS A 122 -18.38 -9.82 11.01
N GLY A 123 -18.27 -8.50 11.12
CA GLY A 123 -17.85 -7.60 10.04
C GLY A 123 -17.05 -6.43 10.60
N ASP A 124 -16.41 -6.62 11.75
CA ASP A 124 -15.54 -5.66 12.43
C ASP A 124 -14.65 -6.50 13.37
N GLY A 125 -13.68 -5.89 14.05
CA GLY A 125 -12.78 -6.53 15.00
C GLY A 125 -12.06 -7.74 14.39
N ILE A 126 -12.63 -8.93 14.57
CA ILE A 126 -12.20 -10.15 13.89
C ILE A 126 -12.14 -10.02 12.36
N LEU A 127 -12.80 -9.03 11.74
CA LEU A 127 -12.59 -8.73 10.32
C LEU A 127 -11.13 -8.35 10.04
N LEU A 128 -10.53 -7.49 10.87
CA LEU A 128 -9.13 -7.11 10.71
C LEU A 128 -8.24 -8.31 10.99
N ILE A 129 -8.56 -9.09 12.04
CA ILE A 129 -7.76 -10.26 12.41
C ILE A 129 -7.79 -11.27 11.24
N ASP A 130 -8.96 -11.49 10.62
CA ASP A 130 -9.09 -12.38 9.47
C ASP A 130 -8.28 -11.86 8.29
N SER A 131 -8.26 -10.55 8.07
CA SER A 131 -7.48 -9.91 7.03
C SER A 131 -5.97 -10.02 7.30
N GLU A 132 -5.54 -9.97 8.56
CA GLU A 132 -4.14 -10.15 8.94
C GLU A 132 -3.72 -11.61 8.71
N ILE A 133 -4.59 -12.57 9.00
CA ILE A 133 -4.37 -13.99 8.70
C ILE A 133 -4.29 -14.17 7.18
N ALA A 134 -5.20 -13.56 6.41
CA ALA A 134 -5.16 -13.62 4.94
C ALA A 134 -3.85 -13.00 4.41
N ARG A 135 -3.40 -11.88 4.95
CA ARG A 135 -2.11 -11.28 4.63
C ARG A 135 -0.98 -12.25 4.93
N THR A 136 -1.01 -12.92 6.08
CA THR A 136 0.04 -13.85 6.47
C THR A 136 0.09 -15.04 5.49
N TYR A 137 -1.06 -15.55 5.01
CA TYR A 137 -1.08 -16.53 3.93
C TYR A 137 -0.50 -15.92 2.64
N LEU A 138 -0.97 -14.74 2.23
CA LEU A 138 -0.58 -14.07 0.99
C LEU A 138 0.93 -13.87 0.91
N LEU A 139 1.58 -13.55 2.05
CA LEU A 139 3.01 -13.31 2.15
C LEU A 139 3.87 -14.53 1.79
N LYS A 140 3.34 -15.75 1.90
CA LYS A 140 4.12 -16.97 1.63
C LYS A 140 4.51 -17.07 0.14
N ASN A 141 5.41 -17.99 -0.19
CA ASN A 141 5.71 -18.36 -1.58
C ASN A 141 4.44 -18.98 -2.19
N ASP A 142 3.80 -18.28 -3.12
CA ASP A 142 2.55 -18.70 -3.74
C ASP A 142 2.33 -17.90 -5.03
N LEU A 143 1.50 -18.42 -5.95
CA LEU A 143 1.01 -17.71 -7.12
C LEU A 143 -0.32 -18.33 -7.53
N VAL A 144 -1.16 -17.58 -8.25
CA VAL A 144 -2.51 -17.92 -8.69
C VAL A 144 -3.48 -17.98 -7.50
N LYS A 145 -3.26 -18.84 -6.50
CA LYS A 145 -4.10 -18.85 -5.30
C LYS A 145 -3.94 -17.53 -4.54
N ALA A 146 -2.75 -16.93 -4.53
CA ALA A 146 -2.53 -15.59 -4.00
C ALA A 146 -3.42 -14.55 -4.69
N ARG A 147 -3.52 -14.60 -6.01
CA ARG A 147 -4.34 -13.66 -6.76
C ARG A 147 -5.81 -13.88 -6.45
N ASP A 148 -6.26 -15.15 -6.37
CA ASP A 148 -7.63 -15.48 -6.02
C ASP A 148 -7.97 -15.01 -4.60
N LEU A 149 -7.05 -15.16 -3.65
CA LEU A 149 -7.24 -14.72 -2.27
C LEU A 149 -7.39 -13.20 -2.23
N LEU A 150 -6.53 -12.47 -2.94
CA LEU A 150 -6.61 -11.02 -3.02
C LEU A 150 -7.91 -10.58 -3.69
N ASP A 151 -8.33 -11.25 -4.77
CA ASP A 151 -9.56 -10.91 -5.48
C ASP A 151 -10.78 -11.12 -4.58
N ASP A 152 -10.78 -12.14 -3.73
CA ASP A 152 -11.86 -12.37 -2.78
C ASP A 152 -11.83 -11.34 -1.65
N LEU A 153 -10.65 -11.00 -1.13
CA LEU A 153 -10.49 -9.99 -0.10
C LEU A 153 -10.86 -8.60 -0.63
N GLU A 154 -10.67 -8.32 -1.92
CA GLU A 154 -11.06 -7.07 -2.54
C GLU A 154 -12.57 -6.85 -2.46
N LYS A 155 -13.40 -7.91 -2.38
CA LYS A 155 -14.85 -7.77 -2.20
C LYS A 155 -15.17 -6.94 -0.95
N THR A 156 -14.33 -7.03 0.09
CA THR A 156 -14.51 -6.28 1.33
C THR A 156 -14.51 -4.76 1.10
N LEU A 157 -13.91 -4.26 0.02
CA LEU A 157 -13.78 -2.82 -0.24
C LEU A 157 -15.10 -2.22 -0.76
N ASP A 158 -16.08 -3.05 -1.13
CA ASP A 158 -17.44 -2.59 -1.43
C ASP A 158 -18.09 -2.03 -0.16
N LYS A 159 -19.11 -1.17 -0.30
CA LYS A 159 -19.82 -0.53 0.82
C LYS A 159 -20.79 -1.52 1.51
N LYS A 160 -20.37 -2.78 1.69
CA LYS A 160 -21.15 -3.81 2.37
C LYS A 160 -21.40 -3.41 3.83
N ASP A 161 -20.41 -2.77 4.47
CA ASP A 161 -20.48 -2.29 5.84
C ASP A 161 -19.52 -1.11 5.97
N SER A 162 -19.74 -0.25 6.98
CA SER A 162 -18.84 0.81 7.40
C SER A 162 -17.61 0.20 8.11
N ILE A 163 -16.81 -0.57 7.37
CA ILE A 163 -15.62 -1.24 7.89
C ILE A 163 -14.59 -0.21 8.42
N PRO A 164 -13.76 -0.57 9.41
CA PRO A 164 -12.68 0.30 9.89
C PRO A 164 -11.73 0.73 8.79
N LEU A 165 -11.15 1.93 8.92
CA LEU A 165 -10.11 2.40 8.01
C LEU A 165 -8.84 1.55 8.14
N ARG A 166 -8.62 0.86 9.27
CA ARG A 166 -7.46 -0.02 9.42
C ARG A 166 -7.53 -1.18 8.45
N ILE A 167 -8.61 -1.96 8.43
CA ILE A 167 -8.75 -3.06 7.47
C ILE A 167 -8.70 -2.51 6.04
N THR A 168 -9.34 -1.37 5.81
CA THR A 168 -9.38 -0.75 4.51
C THR A 168 -7.98 -0.43 3.99
N ASN A 169 -7.14 0.29 4.75
CA ASN A 169 -5.80 0.61 4.25
C ASN A 169 -4.86 -0.59 4.34
N SER A 170 -5.14 -1.55 5.23
CA SER A 170 -4.43 -2.81 5.28
C SER A 170 -4.61 -3.61 3.98
N PHE A 171 -5.77 -3.54 3.31
CA PHE A 171 -5.93 -4.24 2.05
C PHE A 171 -4.93 -3.72 1.02
N TYR A 172 -4.71 -2.40 0.95
CA TYR A 172 -3.85 -1.81 -0.07
C TYR A 172 -2.42 -2.33 0.06
N SER A 173 -1.88 -2.40 1.27
CA SER A 173 -0.56 -2.96 1.52
C SER A 173 -0.52 -4.45 1.14
N THR A 174 -1.58 -5.20 1.45
CA THR A 174 -1.64 -6.63 1.15
C THR A 174 -1.74 -6.86 -0.37
N ASN A 175 -2.49 -6.02 -1.10
CA ASN A 175 -2.55 -6.10 -2.56
C ASN A 175 -1.20 -5.72 -3.17
N SER A 176 -0.54 -4.69 -2.62
CA SER A 176 0.80 -4.29 -3.03
C SER A 176 1.81 -5.42 -2.81
N GLN A 177 1.64 -6.25 -1.78
CA GLN A 177 2.53 -7.37 -1.50
C GLN A 177 2.50 -8.42 -2.63
N TYR A 178 1.50 -8.42 -3.52
CA TYR A 178 1.48 -9.29 -4.71
C TYR A 178 2.71 -9.09 -5.59
N PHE A 179 3.32 -7.90 -5.56
CA PHE A 179 4.55 -7.59 -6.30
C PHE A 179 5.76 -8.42 -5.85
N LYS A 180 5.60 -9.33 -4.88
CA LYS A 180 6.60 -10.35 -4.53
C LYS A 180 6.89 -11.21 -5.77
N PHE A 181 5.92 -11.34 -6.68
CA PHE A 181 6.07 -11.92 -8.01
C PHE A 181 5.84 -10.81 -9.04
N LYS A 182 6.31 -11.01 -10.28
CA LYS A 182 6.23 -10.00 -11.34
C LYS A 182 4.77 -9.60 -11.58
N ASN A 183 4.50 -8.30 -11.60
CA ASN A 183 3.24 -7.69 -12.02
C ASN A 183 3.55 -6.28 -12.54
N ASP A 184 2.69 -5.71 -13.37
CA ASP A 184 2.87 -4.35 -13.88
C ASP A 184 2.39 -3.31 -12.86
N PHE A 185 3.11 -2.21 -12.73
CA PHE A 185 2.86 -1.20 -11.71
C PHE A 185 1.58 -0.38 -11.92
N ASN A 186 0.86 -0.49 -13.05
CA ASN A 186 -0.45 0.16 -13.16
C ASN A 186 -1.39 -0.29 -12.03
N SER A 187 -1.30 -1.57 -11.63
CA SER A 187 -2.04 -2.09 -10.49
C SER A 187 -1.68 -1.34 -9.20
N PHE A 188 -0.39 -1.07 -9.00
CA PHE A 188 0.11 -0.38 -7.82
C PHE A 188 -0.43 1.05 -7.79
N TYR A 189 -0.40 1.71 -8.95
CA TYR A 189 -0.93 3.06 -9.15
C TYR A 189 -2.42 3.10 -8.80
N TYR A 190 -3.23 2.19 -9.35
CA TYR A 190 -4.66 2.20 -9.07
C TYR A 190 -4.94 1.83 -7.61
N THR A 191 -4.13 0.98 -6.97
CA THR A 191 -4.25 0.68 -5.55
C THR A 191 -4.03 1.97 -4.74
N SER A 192 -3.00 2.75 -5.02
CA SER A 192 -2.73 3.98 -4.28
C SER A 192 -3.77 5.05 -4.59
N LEU A 193 -4.30 5.14 -5.82
CA LEU A 193 -5.42 6.04 -6.11
C LEU A 193 -6.68 5.64 -5.34
N LEU A 194 -6.94 4.35 -5.18
CA LEU A 194 -8.07 3.87 -4.38
C LEU A 194 -7.90 4.39 -2.95
N TYR A 195 -6.69 4.29 -2.40
CA TYR A 195 -6.44 4.77 -1.05
C TYR A 195 -6.67 6.28 -0.95
N LEU A 196 -6.27 7.06 -1.97
CA LEU A 196 -6.52 8.51 -1.97
C LEU A 196 -8.01 8.79 -2.04
N SER A 197 -8.79 7.88 -2.64
CA SER A 197 -10.23 7.98 -2.75
C SER A 197 -10.93 7.67 -1.42
N THR A 198 -10.37 6.78 -0.58
CA THR A 198 -10.87 6.55 0.77
C THR A 198 -10.43 7.65 1.75
N LEU A 199 -9.27 8.28 1.51
CA LEU A 199 -8.80 9.43 2.27
C LEU A 199 -9.69 10.64 1.99
N GLU A 200 -9.55 11.67 2.83
CA GLU A 200 -10.42 12.84 2.90
C GLU A 200 -9.56 14.05 3.28
N PRO A 201 -10.07 15.30 3.14
CA PRO A 201 -9.41 16.50 3.67
C PRO A 201 -9.18 16.45 5.19
N SER A 202 -9.73 15.46 5.88
CA SER A 202 -9.45 15.12 7.28
C SER A 202 -7.96 14.82 7.52
N THR A 203 -7.19 14.52 6.46
CA THR A 203 -5.76 14.22 6.50
C THR A 203 -5.42 13.20 7.59
N SER A 204 -5.98 12.00 7.47
CA SER A 204 -5.84 10.88 8.40
C SER A 204 -4.40 10.32 8.49
N ILE A 205 -3.44 10.89 7.76
CA ILE A 205 -2.06 10.48 7.64
C ILE A 205 -1.17 11.72 7.77
N THR A 206 0.11 11.50 8.13
CA THR A 206 1.09 12.57 8.28
C THR A 206 1.48 13.13 6.91
N LEU A 207 2.14 14.29 6.89
CA LEU A 207 2.76 14.81 5.66
C LEU A 207 3.83 13.83 5.15
N ALA A 208 4.55 13.14 6.04
CA ALA A 208 5.54 12.14 5.62
C ALA A 208 4.87 11.00 4.85
N GLU A 209 3.74 10.49 5.35
CA GLU A 209 2.97 9.47 4.65
C GLU A 209 2.44 10.02 3.32
N ARG A 210 1.96 11.27 3.27
CA ARG A 210 1.56 11.89 2.01
C ARG A 210 2.72 11.95 1.02
N GLN A 211 3.91 12.36 1.45
CA GLN A 211 5.08 12.41 0.57
C GLN A 211 5.36 11.03 0.00
N GLN A 212 5.34 9.98 0.83
CA GLN A 212 5.57 8.63 0.39
C GLN A 212 4.48 8.17 -0.60
N LEU A 213 3.21 8.50 -0.38
CA LEU A 213 2.14 8.16 -1.32
C LEU A 213 2.31 8.91 -2.64
N ALA A 214 2.69 10.19 -2.61
CA ALA A 214 2.95 10.98 -3.82
C ALA A 214 4.09 10.36 -4.64
N TYR A 215 5.20 10.02 -3.97
CA TYR A 215 6.35 9.38 -4.59
C TYR A 215 5.97 8.01 -5.15
N ASP A 216 5.22 7.20 -4.38
CA ASP A 216 4.78 5.88 -4.79
C ASP A 216 3.89 5.94 -6.02
N LEU A 217 2.94 6.88 -6.07
CA LEU A 217 2.12 7.11 -7.25
C LEU A 217 2.98 7.52 -8.42
N SER A 218 3.97 8.38 -8.21
CA SER A 218 4.85 8.86 -9.26
C SER A 218 5.66 7.71 -9.87
N ILE A 219 6.26 6.85 -9.03
CA ILE A 219 7.00 5.68 -9.48
C ILE A 219 6.03 4.72 -10.18
N SER A 220 4.84 4.47 -9.61
CA SER A 220 3.91 3.52 -10.21
C SER A 220 3.41 4.00 -11.58
N ALA A 221 3.16 5.30 -11.73
CA ALA A 221 2.80 5.89 -13.01
C ALA A 221 3.95 5.72 -14.01
N LEU A 222 5.19 6.02 -13.59
CA LEU A 222 6.36 5.94 -14.44
C LEU A 222 6.59 4.52 -14.95
N LEU A 223 6.52 3.52 -14.05
CA LEU A 223 6.80 2.13 -14.35
C LEU A 223 5.64 1.45 -15.08
N GLY A 224 4.40 1.87 -14.84
CA GLY A 224 3.21 1.16 -15.30
C GLY A 224 3.09 1.18 -16.82
N ASP A 225 3.19 0.02 -17.45
CA ASP A 225 3.15 -0.17 -18.90
C ASP A 225 1.83 0.23 -19.54
N LYS A 226 0.76 0.37 -18.75
CA LYS A 226 -0.55 0.83 -19.25
C LYS A 226 -0.81 2.32 -19.00
N ILE A 227 0.08 3.02 -18.29
CA ILE A 227 -0.05 4.45 -18.03
C ILE A 227 0.54 5.18 -19.24
N TYR A 228 -0.17 6.17 -19.81
CA TYR A 228 0.27 6.94 -20.97
C TYR A 228 0.11 8.45 -20.77
N ASN A 229 -0.13 8.90 -19.54
CA ASN A 229 -0.15 10.31 -19.16
C ASN A 229 0.06 10.39 -17.65
N PHE A 230 0.81 11.38 -17.17
CA PHE A 230 1.00 11.63 -15.73
C PHE A 230 0.45 13.01 -15.35
N GLY A 231 -0.05 13.80 -16.31
CA GLY A 231 -0.52 15.17 -16.11
C GLY A 231 -1.56 15.29 -15.01
N GLU A 232 -2.46 14.32 -14.87
CA GLU A 232 -3.47 14.35 -13.82
C GLU A 232 -2.82 14.24 -12.45
N LEU A 233 -1.88 13.30 -12.27
CA LEU A 233 -1.12 13.14 -11.02
C LEU A 233 -0.34 14.42 -10.74
N LEU A 234 0.34 14.97 -11.76
CA LEU A 234 1.20 16.16 -11.65
C LEU A 234 0.45 17.41 -11.15
N HIS A 235 -0.89 17.40 -11.10
CA HIS A 235 -1.71 18.50 -10.61
C HIS A 235 -2.64 18.07 -9.46
N HIS A 236 -2.58 16.80 -9.04
CA HIS A 236 -3.39 16.29 -7.94
C HIS A 236 -2.90 16.91 -6.62
N PRO A 237 -3.79 17.25 -5.67
CA PRO A 237 -3.45 17.82 -4.36
C PRO A 237 -2.85 16.75 -3.42
N ILE A 238 -1.72 16.18 -3.83
CA ILE A 238 -0.90 15.26 -3.05
C ILE A 238 0.57 15.50 -3.41
N MET A 239 0.86 15.83 -4.68
CA MET A 239 2.19 16.19 -5.16
C MET A 239 2.70 17.47 -4.49
N GLU A 240 1.83 18.29 -3.90
CA GLU A 240 2.21 19.54 -3.25
C GLU A 240 3.23 19.29 -2.13
N THR A 241 3.20 18.09 -1.56
CA THR A 241 4.03 17.68 -0.46
C THR A 241 5.47 17.39 -0.89
N ILE A 242 5.73 17.20 -2.20
CA ILE A 242 7.03 16.71 -2.69
C ILE A 242 7.65 17.66 -3.71
N VAL A 243 6.86 18.44 -4.46
CA VAL A 243 7.41 19.43 -5.37
C VAL A 243 8.19 20.52 -4.60
N ASN A 244 7.89 20.69 -3.31
CA ASN A 244 8.55 21.64 -2.42
C ASN A 244 9.88 21.08 -1.86
N ASP A 245 10.32 19.88 -2.26
CA ASP A 245 11.44 19.20 -1.63
C ASP A 245 12.34 18.54 -2.69
N SER A 246 13.58 19.01 -2.79
CA SER A 246 14.60 18.52 -3.71
C SER A 246 14.86 17.01 -3.57
N ASN A 247 14.51 16.38 -2.44
CA ASN A 247 14.58 14.93 -2.27
C ASN A 247 13.71 14.18 -3.29
N TYR A 248 12.69 14.83 -3.85
CA TYR A 248 11.69 14.20 -4.71
C TYR A 248 11.45 15.00 -6.00
N ASP A 249 11.70 16.31 -6.02
CA ASP A 249 11.35 17.19 -7.14
C ASP A 249 12.00 16.80 -8.47
N TRP A 250 13.13 16.09 -8.42
CA TRP A 250 13.76 15.52 -9.61
C TRP A 250 12.80 14.61 -10.37
N LEU A 251 11.97 13.84 -9.65
CA LEU A 251 10.99 12.94 -10.27
C LEU A 251 9.85 13.76 -10.84
N PHE A 252 9.42 14.83 -10.17
CA PHE A 252 8.39 15.71 -10.73
C PHE A 252 8.86 16.28 -12.06
N GLN A 253 10.10 16.75 -12.14
CA GLN A 253 10.65 17.28 -13.39
C GLN A 253 10.79 16.18 -14.45
N LEU A 254 11.21 14.97 -14.08
CA LEU A 254 11.30 13.85 -15.01
C LEU A 254 9.92 13.49 -15.55
N LEU A 255 8.93 13.33 -14.66
CA LEU A 255 7.56 13.01 -15.03
C LEU A 255 6.99 14.10 -15.94
N ASN A 256 7.23 15.37 -15.61
CA ASN A 256 6.78 16.52 -16.37
C ASN A 256 7.33 16.44 -17.80
N ALA A 257 8.65 16.33 -17.97
CA ALA A 257 9.29 16.28 -19.29
C ALA A 257 8.75 15.11 -20.13
N LEU A 258 8.61 13.94 -19.51
CA LEU A 258 8.10 12.75 -20.15
C LEU A 258 6.63 12.93 -20.54
N THR A 259 5.83 13.61 -19.72
CA THR A 259 4.41 13.83 -19.99
C THR A 259 4.24 14.71 -21.22
N VAL A 260 5.01 15.80 -21.34
CA VAL A 260 4.88 16.74 -22.43
C VAL A 260 5.63 16.26 -23.69
N GLY A 261 6.39 15.16 -23.59
CA GLY A 261 7.15 14.60 -24.70
C GLY A 261 8.36 15.46 -25.06
N ASP A 262 8.91 16.23 -24.10
CA ASP A 262 10.12 17.01 -24.32
C ASP A 262 11.31 16.06 -24.19
N PHE A 263 11.60 15.36 -25.29
CA PHE A 263 12.64 14.35 -25.37
C PHE A 263 14.02 14.89 -24.96
N ASP A 264 14.30 16.17 -25.22
CA ASP A 264 15.58 16.79 -24.89
C ASP A 264 15.71 17.02 -23.38
N LYS A 265 14.68 17.56 -22.73
CA LYS A 265 14.67 17.70 -21.27
C LYS A 265 14.67 16.33 -20.61
N PHE A 266 13.87 15.40 -21.12
CA PHE A 266 13.84 14.02 -20.64
C PHE A 266 15.25 13.45 -20.71
N ASP A 267 15.91 13.49 -21.87
CA ASP A 267 17.24 12.94 -22.06
C ASP A 267 18.26 13.59 -21.11
N SER A 268 18.17 14.91 -20.93
CA SER A 268 19.07 15.65 -20.06
C SER A 268 18.93 15.23 -18.59
N LEU A 269 17.72 14.88 -18.12
CA LEU A 269 17.55 14.34 -16.78
C LEU A 269 17.98 12.89 -16.76
N ILE A 270 17.62 12.10 -17.77
CA ILE A 270 17.94 10.69 -17.91
C ILE A 270 19.46 10.48 -17.84
N LYS A 271 20.27 11.39 -18.40
CA LYS A 271 21.74 11.38 -18.30
C LYS A 271 22.27 11.38 -16.86
N VAL A 272 21.43 11.62 -15.85
CA VAL A 272 21.82 11.75 -14.46
C VAL A 272 20.93 10.84 -13.60
N GLN A 273 19.61 10.97 -13.71
CA GLN A 273 18.68 10.30 -12.81
C GLN A 273 18.69 8.78 -12.98
N ILE A 274 18.95 8.27 -14.19
CA ILE A 274 19.10 6.83 -14.37
C ILE A 274 20.25 6.35 -13.48
N SER A 275 21.40 7.01 -13.54
CA SER A 275 22.59 6.58 -12.81
C SER A 275 22.37 6.74 -11.30
N LYS A 276 21.68 7.81 -10.87
CA LYS A 276 21.44 8.10 -9.46
C LYS A 276 20.42 7.18 -8.82
N ILE A 277 19.50 6.56 -9.57
CA ILE A 277 18.36 5.85 -9.00
C ILE A 277 18.34 4.40 -9.52
N PRO A 278 18.44 3.37 -8.66
CA PRO A 278 18.64 1.99 -9.08
C PRO A 278 17.43 1.40 -9.81
N ILE A 279 16.20 1.75 -9.44
CA ILE A 279 15.01 1.29 -10.17
C ILE A 279 15.05 1.81 -11.61
N LEU A 280 15.44 3.07 -11.82
CA LEU A 280 15.49 3.64 -13.16
C LEU A 280 16.54 2.93 -14.01
N ALA A 281 17.72 2.64 -13.43
CA ALA A 281 18.78 1.92 -14.14
C ALA A 281 18.30 0.56 -14.66
N GLN A 282 17.36 -0.08 -13.98
CA GLN A 282 16.83 -1.39 -14.35
C GLN A 282 15.90 -1.35 -15.58
N HIS A 283 15.40 -0.17 -16.01
CA HIS A 283 14.43 -0.09 -17.13
C HIS A 283 14.61 1.16 -18.01
N GLU A 284 15.83 1.68 -18.16
CA GLU A 284 16.13 2.85 -19.01
C GLU A 284 15.50 2.69 -20.42
N SER A 285 15.68 1.52 -21.04
CA SER A 285 15.23 1.29 -22.41
C SER A 285 13.71 1.16 -22.54
N PHE A 286 12.98 0.96 -21.44
CA PHE A 286 11.52 1.04 -21.45
C PHE A 286 11.14 2.52 -21.57
N LEU A 287 11.77 3.40 -20.77
CA LEU A 287 11.38 4.81 -20.68
C LEU A 287 11.54 5.50 -22.02
N ARG A 288 12.65 5.26 -22.72
CA ARG A 288 12.91 5.90 -24.02
C ARG A 288 11.85 5.54 -25.05
N GLN A 289 11.31 4.32 -25.00
CA GLN A 289 10.18 3.95 -25.84
C GLN A 289 8.88 4.56 -25.33
N LYS A 290 8.66 4.54 -24.01
CA LYS A 290 7.40 4.99 -23.41
C LYS A 290 7.12 6.45 -23.74
N ILE A 291 8.12 7.32 -23.63
CA ILE A 291 7.97 8.71 -24.03
C ILE A 291 7.58 8.83 -25.51
N CYS A 292 8.10 7.97 -26.38
CA CYS A 292 7.83 8.09 -27.82
C CYS A 292 6.40 7.67 -28.13
N LEU A 293 5.95 6.56 -27.54
CA LEU A 293 4.55 6.11 -27.63
C LEU A 293 3.64 7.23 -27.13
N MET A 294 3.93 7.76 -25.93
CA MET A 294 3.12 8.80 -25.27
C MET A 294 3.05 10.08 -26.10
N THR A 295 4.17 10.50 -26.68
CA THR A 295 4.23 11.71 -27.47
C THR A 295 3.35 11.56 -28.71
N LEU A 296 3.36 10.39 -29.35
CA LEU A 296 2.56 10.14 -30.53
C LEU A 296 1.08 10.22 -30.16
N ILE A 297 0.68 9.59 -29.05
CA ILE A 297 -0.70 9.67 -28.55
C ILE A 297 -1.08 11.13 -28.31
N GLU A 298 -0.23 11.90 -27.63
CA GLU A 298 -0.50 13.31 -27.36
C GLU A 298 -0.70 14.06 -28.67
N THR A 299 0.14 13.80 -29.68
CA THR A 299 0.08 14.46 -30.97
C THR A 299 -1.29 14.22 -31.63
N VAL A 300 -1.72 12.97 -31.71
CA VAL A 300 -3.02 12.64 -32.31
C VAL A 300 -4.13 13.32 -31.50
N PHE A 301 -4.02 13.31 -30.16
CA PHE A 301 -5.03 13.83 -29.26
C PHE A 301 -5.18 15.35 -29.39
N VAL A 302 -4.13 16.13 -29.11
CA VAL A 302 -4.26 17.59 -29.02
C VAL A 302 -4.51 18.21 -30.40
N LYS A 303 -3.85 17.69 -31.44
CA LYS A 303 -4.05 18.16 -32.80
C LYS A 303 -5.31 17.55 -33.44
N ASN A 304 -6.02 16.66 -32.72
CA ASN A 304 -7.23 15.95 -33.13
C ASN A 304 -7.16 15.44 -34.58
N ILE A 305 -6.11 14.68 -34.90
CA ILE A 305 -5.84 14.18 -36.24
C ILE A 305 -6.46 12.79 -36.39
N ARG A 306 -6.45 12.24 -37.61
CA ARG A 306 -6.79 10.84 -37.92
C ARG A 306 -5.71 10.19 -38.79
N MET A 307 -4.60 10.87 -39.02
CA MET A 307 -3.45 10.35 -39.76
C MET A 307 -2.19 10.98 -39.19
N LEU A 308 -1.03 10.42 -39.53
CA LEU A 308 0.30 10.95 -39.22
C LEU A 308 1.26 10.53 -40.32
N SER A 309 2.46 11.10 -40.37
CA SER A 309 3.50 10.72 -41.30
C SER A 309 4.71 10.21 -40.50
N PHE A 310 5.52 9.35 -41.11
CA PHE A 310 6.73 8.87 -40.46
C PHE A 310 7.67 10.04 -40.19
N GLU A 311 7.67 11.05 -41.06
CA GLU A 311 8.48 12.24 -40.90
C GLU A 311 8.08 12.97 -39.62
N ASP A 312 6.79 13.26 -39.43
CA ASP A 312 6.35 14.05 -38.29
C ASP A 312 6.48 13.26 -36.99
N ILE A 313 6.23 11.94 -37.03
CA ILE A 313 6.52 11.08 -35.88
C ILE A 313 8.04 11.12 -35.61
N SER A 314 8.90 11.15 -36.63
CA SER A 314 10.34 11.23 -36.43
C SER A 314 10.71 12.54 -35.71
N LYS A 315 10.05 13.65 -36.06
CA LYS A 315 10.26 14.93 -35.37
C LYS A 315 9.87 14.80 -33.89
N ALA A 316 8.71 14.21 -33.65
CA ALA A 316 8.09 14.14 -32.32
C ALA A 316 8.86 13.20 -31.39
N THR A 317 9.20 12.01 -31.87
CA THR A 317 9.82 10.94 -31.08
C THR A 317 11.34 11.10 -31.02
N HIS A 318 11.92 11.80 -32.00
CA HIS A 318 13.35 11.89 -32.24
C HIS A 318 13.96 10.51 -32.53
N LEU A 319 13.16 9.60 -33.09
CA LEU A 319 13.59 8.32 -33.63
C LEU A 319 13.70 8.49 -35.15
N PRO A 320 14.63 7.82 -35.85
CA PRO A 320 14.73 7.93 -37.30
C PRO A 320 13.51 7.29 -37.96
N LYS A 321 13.12 7.77 -39.15
CA LYS A 321 12.00 7.21 -39.92
C LYS A 321 12.12 5.70 -40.11
N ASP A 322 13.35 5.19 -40.14
CA ASP A 322 13.65 3.76 -40.29
C ASP A 322 13.15 2.90 -39.12
N ASN A 323 12.99 3.50 -37.93
CA ASN A 323 12.59 2.81 -36.70
C ASN A 323 11.22 3.30 -36.21
N VAL A 324 10.74 4.43 -36.72
CA VAL A 324 9.46 5.03 -36.38
C VAL A 324 8.30 4.05 -36.55
N GLU A 325 8.30 3.26 -37.63
CA GLU A 325 7.19 2.34 -37.87
C GLU A 325 7.11 1.30 -36.75
N HIS A 326 8.26 0.85 -36.21
CA HIS A 326 8.30 -0.13 -35.14
C HIS A 326 7.77 0.46 -33.83
N LEU A 327 7.91 1.77 -33.62
CA LEU A 327 7.37 2.45 -32.46
C LEU A 327 5.85 2.45 -32.55
N VAL A 328 5.29 2.98 -33.63
CA VAL A 328 3.83 3.12 -33.73
C VAL A 328 3.16 1.75 -33.86
N MET A 329 3.78 0.78 -34.53
CA MET A 329 3.21 -0.56 -34.64
C MET A 329 3.17 -1.23 -33.28
N ARG A 330 4.13 -0.94 -32.38
CA ARG A 330 4.04 -1.40 -31.01
C ARG A 330 2.90 -0.71 -30.26
N ALA A 331 2.64 0.57 -30.52
CA ALA A 331 1.45 1.22 -29.96
C ALA A 331 0.17 0.48 -30.35
N ILE A 332 0.07 0.04 -31.61
CA ILE A 332 -1.07 -0.78 -32.05
C ILE A 332 -1.03 -2.15 -31.34
N SER A 333 0.15 -2.75 -31.19
CA SER A 333 0.34 -4.06 -30.57
C SER A 333 -0.15 -4.05 -29.10
N LEU A 334 0.17 -2.98 -28.35
CA LEU A 334 -0.25 -2.81 -26.96
C LEU A 334 -1.74 -2.43 -26.86
N GLY A 335 -2.42 -2.18 -27.99
CA GLY A 335 -3.82 -1.80 -28.01
C GLY A 335 -4.04 -0.36 -27.52
N LEU A 336 -3.02 0.51 -27.62
CA LEU A 336 -3.13 1.90 -27.17
C LEU A 336 -4.04 2.70 -28.08
N LEU A 337 -4.17 2.28 -29.34
CA LEU A 337 -4.82 3.07 -30.37
C LEU A 337 -5.31 2.14 -31.46
N LYS A 338 -6.48 2.46 -31.99
CA LYS A 338 -7.03 1.75 -33.14
C LYS A 338 -6.46 2.46 -34.34
N GLY A 339 -5.64 1.77 -35.12
CA GLY A 339 -5.01 2.36 -36.29
C GLY A 339 -4.32 1.30 -37.13
N SER A 340 -3.68 1.76 -38.21
CA SER A 340 -2.95 0.95 -39.18
C SER A 340 -1.78 1.78 -39.68
N ILE A 341 -0.69 1.11 -40.05
CA ILE A 341 0.49 1.75 -40.60
C ILE A 341 0.36 1.61 -42.11
N ASP A 342 0.24 2.75 -42.81
CA ASP A 342 0.21 2.84 -44.26
C ASP A 342 1.66 2.90 -44.75
N GLN A 343 2.39 1.82 -44.43
CA GLN A 343 3.82 1.67 -44.57
C GLN A 343 4.34 2.05 -45.95
N VAL A 344 3.65 1.64 -47.02
CA VAL A 344 4.08 1.90 -48.39
C VAL A 344 4.13 3.40 -48.70
N ASN A 345 3.34 4.21 -47.98
CA ASN A 345 3.27 5.65 -48.16
C ASN A 345 4.09 6.39 -47.09
N GLU A 346 4.69 5.65 -46.14
CA GLU A 346 5.32 6.18 -44.93
C GLU A 346 4.34 7.06 -44.13
N LEU A 347 3.09 6.59 -44.01
CA LEU A 347 2.00 7.27 -43.30
C LEU A 347 1.38 6.32 -42.28
N VAL A 348 0.50 6.85 -41.43
CA VAL A 348 -0.26 6.13 -40.43
C VAL A 348 -1.70 6.63 -40.51
N THR A 349 -2.66 5.78 -40.16
CA THR A 349 -4.06 6.16 -39.97
C THR A 349 -4.42 5.72 -38.54
N ILE A 350 -4.96 6.65 -37.74
CA ILE A 350 -5.45 6.41 -36.38
C ILE A 350 -6.95 6.77 -36.35
N SER A 351 -7.75 6.04 -35.58
CA SER A 351 -9.17 6.32 -35.40
C SER A 351 -9.63 6.35 -33.93
N TRP A 352 -8.81 5.90 -32.97
CA TRP A 352 -9.05 6.04 -31.55
C TRP A 352 -7.70 5.97 -30.84
N VAL A 353 -7.59 6.57 -29.65
CA VAL A 353 -6.40 6.54 -28.80
C VAL A 353 -6.87 6.45 -27.35
N GLN A 354 -6.09 5.75 -26.52
CA GLN A 354 -6.27 5.69 -25.08
C GLN A 354 -6.31 7.12 -24.52
N PRO A 355 -7.28 7.47 -23.64
CA PRO A 355 -7.37 8.80 -23.04
C PRO A 355 -6.06 9.26 -22.42
N ARG A 356 -5.75 10.55 -22.61
CA ARG A 356 -4.66 11.23 -21.91
C ARG A 356 -5.28 11.77 -20.62
N MET A 1 3.07 -21.26 37.71
CA MET A 1 1.82 -20.90 36.98
C MET A 1 1.00 -19.91 37.80
N PHE A 2 0.26 -19.01 37.14
CA PHE A 2 -0.60 -18.03 37.81
C PHE A 2 -1.74 -18.69 38.62
N ASN A 3 -2.12 -19.93 38.30
CA ASN A 3 -3.09 -20.68 39.08
C ASN A 3 -2.66 -20.71 40.55
N ASN A 4 -3.54 -20.32 41.47
CA ASN A 4 -3.31 -20.20 42.91
C ASN A 4 -2.13 -19.27 43.29
N HIS A 5 -1.72 -18.36 42.40
CA HIS A 5 -0.65 -17.38 42.64
C HIS A 5 -1.01 -15.97 42.12
N GLU A 6 -2.04 -15.88 41.26
CA GLU A 6 -2.53 -14.67 40.61
C GLU A 6 -1.44 -13.95 39.78
N ILE A 7 -1.81 -12.79 39.24
CA ILE A 7 -1.00 -11.99 38.32
C ILE A 7 0.32 -11.54 38.96
N ASP A 8 0.43 -11.48 40.29
CA ASP A 8 1.69 -11.13 40.96
C ASP A 8 2.84 -12.03 40.49
N THR A 9 2.56 -13.32 40.28
CA THR A 9 3.52 -14.26 39.73
C THR A 9 3.88 -13.91 38.28
N ILE A 10 2.91 -13.51 37.46
CA ILE A 10 3.17 -13.11 36.08
C ILE A 10 4.06 -11.87 36.11
N LEU A 11 3.68 -10.83 36.86
CA LEU A 11 4.39 -9.56 36.86
C LEU A 11 5.85 -9.77 37.26
N SER A 12 6.08 -10.55 38.31
CA SER A 12 7.41 -10.87 38.80
C SER A 12 8.22 -11.62 37.74
N THR A 13 7.61 -12.60 37.07
CA THR A 13 8.33 -13.41 36.10
C THR A 13 8.63 -12.60 34.83
N LEU A 14 7.63 -11.91 34.29
CA LEU A 14 7.80 -11.04 33.13
C LEU A 14 8.88 -10.01 33.41
N ARG A 15 8.89 -9.40 34.60
CA ARG A 15 9.91 -8.39 34.91
C ARG A 15 11.29 -9.00 35.14
N MET A 16 11.42 -10.24 35.63
CA MET A 16 12.76 -10.83 35.83
C MET A 16 13.38 -11.20 34.48
N GLU A 17 12.53 -11.56 33.50
CA GLU A 17 12.86 -11.90 32.15
C GLU A 17 13.14 -10.62 31.33
N ALA A 18 12.46 -9.51 31.66
CA ALA A 18 12.55 -8.22 30.97
C ALA A 18 13.93 -7.58 31.08
N ASP A 19 14.15 -6.63 30.17
CA ASP A 19 15.31 -5.73 30.13
C ASP A 19 15.14 -4.60 31.15
N PRO A 20 16.16 -4.27 31.98
CA PRO A 20 16.08 -3.22 33.00
C PRO A 20 15.52 -1.88 32.53
N SER A 21 15.74 -1.50 31.26
CA SER A 21 15.30 -0.22 30.70
C SER A 21 13.78 -0.06 30.78
N LEU A 22 13.05 -1.17 30.82
CA LEU A 22 11.59 -1.23 30.78
C LEU A 22 10.99 -1.12 32.17
N HIS A 23 11.75 -1.44 33.22
CA HIS A 23 11.20 -1.58 34.55
C HIS A 23 10.49 -0.30 35.03
N PRO A 24 11.01 0.93 34.81
CA PRO A 24 10.30 2.16 35.15
C PRO A 24 8.89 2.22 34.59
N LEU A 25 8.67 1.88 33.32
CA LEU A 25 7.35 1.86 32.70
C LEU A 25 6.48 0.78 33.33
N PHE A 26 7.02 -0.43 33.51
CA PHE A 26 6.23 -1.56 33.95
C PHE A 26 5.85 -1.46 35.43
N GLU A 27 6.36 -0.49 36.19
CA GLU A 27 5.83 -0.21 37.53
C GLU A 27 4.42 0.40 37.40
N GLN A 28 4.18 1.28 36.41
CA GLN A 28 2.84 1.82 36.18
C GLN A 28 1.91 0.72 35.68
N PHE A 29 2.40 -0.18 34.82
CA PHE A 29 1.63 -1.31 34.32
C PHE A 29 1.14 -2.16 35.50
N GLU A 30 2.02 -2.49 36.44
CA GLU A 30 1.66 -3.22 37.65
C GLU A 30 0.63 -2.44 38.46
N LYS A 31 0.88 -1.15 38.70
CA LYS A 31 0.00 -0.31 39.51
C LYS A 31 -1.41 -0.32 38.93
N PHE A 32 -1.55 -0.09 37.62
CA PHE A 32 -2.86 -0.02 36.98
C PHE A 32 -3.55 -1.38 36.92
N TYR A 33 -2.82 -2.50 36.86
CA TYR A 33 -3.44 -3.82 37.02
C TYR A 33 -4.03 -3.91 38.44
N GLU A 34 -3.28 -3.51 39.47
CA GLU A 34 -3.71 -3.65 40.86
C GLU A 34 -4.95 -2.79 41.12
N GLU A 35 -5.00 -1.60 40.53
CA GLU A 35 -6.14 -0.67 40.61
C GLU A 35 -7.25 -1.02 39.59
N LYS A 36 -7.10 -2.12 38.85
CA LYS A 36 -8.00 -2.69 37.83
C LYS A 36 -8.53 -1.73 36.76
N LEU A 37 -7.94 -0.56 36.55
CA LEU A 37 -8.26 0.30 35.40
C LEU A 37 -7.45 -0.19 34.20
N TRP A 38 -7.87 -1.34 33.67
CA TRP A 38 -7.34 -2.03 32.49
C TRP A 38 -7.11 -1.08 31.29
N PHE A 39 -7.81 0.04 31.21
CA PHE A 39 -7.57 1.06 30.22
C PHE A 39 -6.15 1.65 30.35
N GLN A 40 -5.75 2.14 31.53
CA GLN A 40 -4.44 2.80 31.70
C GLN A 40 -3.31 1.77 31.66
N LEU A 41 -3.60 0.55 32.09
CA LEU A 41 -2.75 -0.60 31.92
C LEU A 41 -2.43 -0.80 30.43
N SER A 42 -3.44 -0.70 29.57
CA SER A 42 -3.29 -0.84 28.13
C SER A 42 -2.49 0.32 27.52
N GLU A 43 -2.57 1.54 28.07
CA GLU A 43 -1.71 2.65 27.63
C GLU A 43 -0.26 2.30 27.96
N SER A 44 -0.04 1.78 29.17
CA SER A 44 1.30 1.39 29.60
C SER A 44 1.85 0.28 28.68
N LEU A 45 0.99 -0.67 28.29
CA LEU A 45 1.35 -1.74 27.36
C LEU A 45 1.55 -1.18 25.93
N THR A 46 0.82 -0.13 25.54
CA THR A 46 1.02 0.55 24.26
C THR A 46 2.36 1.30 24.26
N LYS A 47 2.81 1.86 25.39
CA LYS A 47 4.14 2.46 25.47
C LYS A 47 5.23 1.40 25.27
N PHE A 48 4.99 0.14 25.63
CA PHE A 48 5.90 -0.93 25.23
C PHE A 48 5.88 -1.09 23.71
N PHE A 49 4.68 -1.15 23.08
CA PHE A 49 4.55 -1.41 21.65
C PHE A 49 5.21 -0.31 20.81
N ASP A 50 5.31 0.91 21.34
CA ASP A 50 6.05 2.03 20.74
C ASP A 50 7.58 1.83 20.74
N ASP A 51 8.07 0.75 21.35
CA ASP A 51 9.48 0.37 21.49
C ASP A 51 9.65 -1.10 21.05
N ALA A 52 10.82 -1.71 21.28
CA ALA A 52 11.17 -3.06 20.84
C ALA A 52 11.98 -3.85 21.86
N LYS A 53 12.34 -3.28 23.02
CA LYS A 53 13.23 -3.93 24.01
C LYS A 53 12.76 -5.32 24.44
N SER A 54 11.46 -5.59 24.39
CA SER A 54 10.81 -6.77 24.95
C SER A 54 9.88 -7.45 23.95
N THR A 55 10.12 -7.25 22.65
CA THR A 55 9.29 -7.76 21.55
C THR A 55 8.70 -9.16 21.80
N PRO A 56 9.48 -10.22 22.12
CA PRO A 56 8.94 -11.57 22.29
C PRO A 56 8.21 -11.84 23.63
N LEU A 57 8.28 -10.95 24.64
CA LEU A 57 7.66 -11.21 25.95
C LEU A 57 6.16 -11.43 25.83
N ARG A 58 5.52 -10.81 24.83
CA ARG A 58 4.07 -10.75 24.74
C ARG A 58 3.43 -12.07 24.33
N LEU A 59 4.19 -13.11 23.98
CA LEU A 59 3.64 -14.44 23.78
C LEU A 59 3.01 -14.98 25.07
N ARG A 60 3.60 -14.72 26.25
CA ARG A 60 2.93 -15.04 27.52
C ARG A 60 1.81 -14.04 27.78
N LEU A 61 2.13 -12.75 27.60
CA LEU A 61 1.29 -11.64 28.00
C LEU A 61 -0.09 -11.73 27.32
N TYR A 62 -0.15 -11.96 26.00
CA TYR A 62 -1.44 -12.04 25.32
C TYR A 62 -2.21 -13.28 25.78
N ASP A 63 -1.54 -14.42 25.88
CA ASP A 63 -2.17 -15.73 26.09
C ASP A 63 -2.71 -15.91 27.50
N ASN A 64 -2.02 -15.38 28.52
CA ASN A 64 -2.33 -15.69 29.92
C ASN A 64 -2.33 -14.46 30.83
N PHE A 65 -2.41 -13.23 30.29
CA PHE A 65 -2.62 -12.02 31.09
C PHE A 65 -3.72 -11.18 30.43
N VAL A 66 -3.59 -10.79 29.16
CA VAL A 66 -4.62 -9.99 28.46
C VAL A 66 -5.92 -10.79 28.35
N SER A 67 -5.85 -12.12 28.25
CA SER A 67 -7.01 -13.00 28.26
C SER A 67 -7.92 -12.84 29.49
N LYS A 68 -7.43 -12.23 30.58
CA LYS A 68 -8.22 -11.98 31.78
C LYS A 68 -9.04 -10.70 31.68
N PHE A 69 -8.82 -9.84 30.68
CA PHE A 69 -9.51 -8.55 30.54
C PHE A 69 -9.70 -8.12 29.07
N TYR A 70 -9.54 -9.00 28.08
CA TYR A 70 -9.84 -8.69 26.68
C TYR A 70 -11.34 -8.43 26.40
N ASP A 71 -12.19 -8.52 27.42
CA ASP A 71 -13.59 -8.11 27.40
C ASP A 71 -13.75 -6.66 27.91
N LYS A 72 -12.65 -5.95 28.15
CA LYS A 72 -12.63 -4.56 28.62
C LYS A 72 -12.03 -3.62 27.57
N ILE A 73 -11.31 -4.11 26.56
CA ILE A 73 -10.53 -3.29 25.63
C ILE A 73 -10.66 -3.81 24.21
N ASN A 74 -10.51 -2.89 23.24
CA ASN A 74 -10.71 -3.18 21.82
C ASN A 74 -9.72 -4.24 21.34
N GLN A 75 -10.18 -5.17 20.50
CA GLN A 75 -9.38 -6.31 20.05
C GLN A 75 -8.11 -5.90 19.32
N LEU A 76 -8.09 -4.78 18.57
CA LEU A 76 -6.90 -4.38 17.82
C LEU A 76 -5.76 -4.07 18.78
N SER A 77 -6.04 -3.58 19.99
CA SER A 77 -5.03 -3.45 21.02
C SER A 77 -4.49 -4.84 21.38
N VAL A 78 -5.36 -5.83 21.60
CA VAL A 78 -4.93 -7.16 22.03
C VAL A 78 -4.07 -7.83 20.95
N VAL A 79 -4.49 -7.77 19.68
CA VAL A 79 -3.68 -8.35 18.62
C VAL A 79 -2.38 -7.55 18.46
N LYS A 80 -2.35 -6.22 18.63
CA LYS A 80 -1.11 -5.45 18.52
C LYS A 80 -0.02 -6.00 19.45
N TYR A 81 -0.40 -6.49 20.64
CA TYR A 81 0.59 -7.00 21.58
C TYR A 81 1.24 -8.28 21.03
N LEU A 82 0.44 -9.27 20.64
CA LEU A 82 0.93 -10.48 19.96
C LEU A 82 1.68 -10.13 18.66
N LEU A 83 1.20 -9.16 17.91
CA LEU A 83 1.79 -8.71 16.65
C LEU A 83 3.20 -8.15 16.85
N ALA A 84 3.58 -7.69 18.06
CA ALA A 84 4.97 -7.36 18.33
C ALA A 84 5.80 -8.63 18.32
N SER A 85 5.46 -9.61 19.16
CA SER A 85 6.23 -10.84 19.26
C SER A 85 6.32 -11.58 17.93
N LEU A 86 5.28 -11.48 17.10
CA LEU A 86 5.30 -12.04 15.75
C LEU A 86 6.40 -11.43 14.89
N LYS A 87 6.86 -10.19 15.10
CA LYS A 87 8.00 -9.67 14.34
C LYS A 87 9.23 -10.57 14.49
N ASP A 88 9.38 -11.25 15.63
CA ASP A 88 10.52 -12.12 15.92
C ASP A 88 10.23 -13.60 15.62
N SER A 89 9.00 -13.97 15.27
CA SER A 89 8.59 -15.38 15.19
C SER A 89 7.65 -15.74 14.02
N LYS A 90 7.23 -14.76 13.21
CA LYS A 90 6.17 -14.92 12.20
C LYS A 90 6.35 -16.11 11.27
N ASP A 91 7.55 -16.27 10.69
CA ASP A 91 7.85 -17.21 9.59
C ASP A 91 6.82 -17.17 8.45
N PHE A 92 6.01 -16.10 8.38
CA PHE A 92 4.82 -15.91 7.55
C PHE A 92 3.89 -17.12 7.56
N ASP A 93 3.89 -17.90 8.64
CA ASP A 93 3.20 -19.19 8.75
C ASP A 93 2.88 -19.52 10.21
N GLU A 94 3.72 -19.11 11.16
CA GLU A 94 3.39 -19.18 12.57
C GLU A 94 2.43 -18.03 12.92
N SER A 95 2.62 -16.87 12.30
CA SER A 95 1.74 -15.72 12.43
C SER A 95 0.29 -16.08 12.07
N LEU A 96 0.10 -16.93 11.07
CA LEU A 96 -1.19 -17.45 10.65
C LEU A 96 -1.88 -18.14 11.81
N LYS A 97 -1.22 -19.11 12.44
CA LYS A 97 -1.82 -19.86 13.55
C LYS A 97 -2.07 -18.92 14.71
N TYR A 98 -1.14 -18.01 14.98
CA TYR A 98 -1.26 -17.06 16.07
C TYR A 98 -2.45 -16.12 15.88
N LEU A 99 -2.72 -15.60 14.68
CA LEU A 99 -3.83 -14.65 14.56
C LEU A 99 -5.14 -15.41 14.40
N ASP A 100 -5.12 -16.64 13.86
CA ASP A 100 -6.30 -17.50 13.86
C ASP A 100 -6.70 -17.88 15.29
N ASP A 101 -5.73 -18.16 16.16
CA ASP A 101 -5.96 -18.47 17.57
C ASP A 101 -6.61 -17.29 18.28
N LEU A 102 -6.03 -16.10 18.13
CA LEU A 102 -6.56 -14.93 18.83
C LEU A 102 -7.90 -14.48 18.22
N LYS A 103 -8.10 -14.64 16.91
CA LYS A 103 -9.40 -14.45 16.28
C LYS A 103 -10.44 -15.40 16.88
N ALA A 104 -10.09 -16.68 17.09
CA ALA A 104 -11.03 -17.68 17.57
C ALA A 104 -11.62 -17.30 18.94
N GLN A 105 -10.86 -16.62 19.80
CA GLN A 105 -11.38 -16.15 21.08
C GLN A 105 -12.56 -15.21 20.86
N PHE A 106 -12.52 -14.35 19.84
CA PHE A 106 -13.60 -13.42 19.58
C PHE A 106 -14.72 -14.02 18.74
N GLN A 107 -14.48 -15.21 18.14
CA GLN A 107 -15.56 -15.97 17.53
C GLN A 107 -16.44 -16.56 18.63
N GLU A 108 -15.87 -16.97 19.78
CA GLU A 108 -16.68 -17.49 20.89
C GLU A 108 -17.19 -16.37 21.81
N LEU A 109 -16.44 -15.28 21.96
CA LEU A 109 -16.87 -14.07 22.66
C LEU A 109 -17.72 -13.20 21.71
N ASP A 110 -18.84 -13.76 21.24
CA ASP A 110 -19.85 -13.01 20.50
C ASP A 110 -20.48 -11.94 21.41
N SER A 111 -21.02 -10.87 20.85
CA SER A 111 -21.60 -9.75 21.60
C SER A 111 -22.74 -10.22 22.51
N LYS A 112 -23.53 -11.19 22.06
CA LYS A 112 -24.63 -11.76 22.84
C LYS A 112 -24.11 -12.60 24.01
N LYS A 113 -22.90 -13.17 23.90
CA LYS A 113 -22.30 -13.94 24.99
C LYS A 113 -21.86 -12.96 26.08
N GLN A 114 -21.12 -11.92 25.71
CA GLN A 114 -20.77 -10.80 26.59
C GLN A 114 -20.28 -9.64 25.71
N ARG A 115 -20.60 -8.40 26.08
CA ARG A 115 -20.12 -7.21 25.37
C ARG A 115 -18.64 -6.99 25.68
N ASN A 116 -17.92 -6.35 24.75
CA ASN A 116 -16.58 -5.82 24.89
C ASN A 116 -16.64 -4.38 24.40
N ASN A 117 -15.87 -3.49 25.02
CA ASN A 117 -15.92 -2.06 24.77
C ASN A 117 -15.66 -1.78 23.29
N GLY A 118 -16.67 -1.21 22.63
CA GLY A 118 -16.73 -0.96 21.20
C GLY A 118 -18.08 -1.38 20.65
N SER A 119 -18.61 -2.51 21.13
CA SER A 119 -19.85 -3.17 20.71
C SER A 119 -19.84 -3.65 19.25
N LYS A 120 -19.42 -2.83 18.30
CA LYS A 120 -19.15 -3.29 16.93
C LYS A 120 -17.85 -4.09 16.87
N ASP A 121 -17.01 -3.95 17.89
CA ASP A 121 -15.73 -4.65 18.07
C ASP A 121 -15.84 -6.15 17.80
N HIS A 122 -16.93 -6.80 18.20
CA HIS A 122 -17.16 -8.23 18.01
C HIS A 122 -17.17 -8.68 16.53
N GLY A 123 -17.30 -7.74 15.58
CA GLY A 123 -17.12 -7.99 14.16
C GLY A 123 -15.93 -7.19 13.64
N ASP A 124 -15.88 -5.89 13.92
CA ASP A 124 -14.87 -4.96 13.40
C ASP A 124 -13.44 -5.38 13.75
N GLY A 125 -13.22 -5.94 14.95
CA GLY A 125 -11.91 -6.40 15.36
C GLY A 125 -11.47 -7.57 14.49
N ILE A 126 -12.21 -8.68 14.53
CA ILE A 126 -11.88 -9.86 13.74
C ILE A 126 -11.97 -9.63 12.22
N LEU A 127 -12.68 -8.61 11.75
CA LEU A 127 -12.69 -8.23 10.34
C LEU A 127 -11.31 -7.74 9.91
N LEU A 128 -10.64 -6.92 10.72
CA LEU A 128 -9.27 -6.50 10.45
C LEU A 128 -8.35 -7.70 10.58
N ILE A 129 -8.48 -8.49 11.65
CA ILE A 129 -7.61 -9.64 11.89
C ILE A 129 -7.73 -10.62 10.72
N ASP A 130 -8.93 -10.85 10.19
CA ASP A 130 -9.14 -11.74 9.05
C ASP A 130 -8.50 -11.19 7.78
N SER A 131 -8.45 -9.86 7.63
CA SER A 131 -7.74 -9.21 6.53
C SER A 131 -6.22 -9.37 6.70
N GLU A 132 -5.70 -9.27 7.93
CA GLU A 132 -4.28 -9.50 8.19
C GLU A 132 -3.92 -10.96 7.86
N ILE A 133 -4.81 -11.89 8.21
CA ILE A 133 -4.69 -13.29 7.85
C ILE A 133 -4.79 -13.47 6.34
N ALA A 134 -5.66 -12.73 5.63
CA ALA A 134 -5.74 -12.76 4.18
C ALA A 134 -4.41 -12.37 3.53
N ARG A 135 -3.73 -11.34 4.06
CA ARG A 135 -2.39 -10.97 3.59
C ARG A 135 -1.41 -12.11 3.84
N THR A 136 -1.48 -12.77 5.00
CA THR A 136 -0.61 -13.90 5.32
C THR A 136 -0.89 -15.08 4.36
N TYR A 137 -2.15 -15.31 3.98
CA TYR A 137 -2.53 -16.29 2.98
C TYR A 137 -1.89 -15.96 1.63
N LEU A 138 -2.05 -14.71 1.15
CA LEU A 138 -1.50 -14.27 -0.13
C LEU A 138 0.04 -14.33 -0.11
N LEU A 139 0.67 -14.16 1.05
CA LEU A 139 2.11 -14.17 1.18
C LEU A 139 2.66 -15.60 1.17
N LYS A 140 2.04 -16.56 1.88
CA LYS A 140 2.65 -17.88 2.05
C LYS A 140 1.70 -19.03 2.43
N ASN A 141 0.71 -18.82 3.32
CA ASN A 141 -0.04 -19.96 3.89
C ASN A 141 -0.64 -20.92 2.88
N ASP A 142 -1.39 -20.42 1.89
CA ASP A 142 -1.88 -21.23 0.76
C ASP A 142 -2.24 -20.26 -0.35
N LEU A 143 -1.37 -20.17 -1.36
CA LEU A 143 -1.46 -19.14 -2.38
C LEU A 143 -2.69 -19.29 -3.28
N VAL A 144 -3.34 -20.45 -3.32
CA VAL A 144 -4.48 -20.69 -4.20
C VAL A 144 -5.75 -20.36 -3.42
N LYS A 145 -5.90 -20.89 -2.19
CA LYS A 145 -6.99 -20.52 -1.31
C LYS A 145 -6.96 -19.02 -1.04
N ALA A 146 -5.79 -18.38 -1.03
CA ALA A 146 -5.68 -16.95 -0.82
C ALA A 146 -6.51 -16.14 -1.81
N ARG A 147 -6.56 -16.52 -3.11
CA ARG A 147 -7.32 -15.74 -4.08
C ARG A 147 -8.83 -15.90 -3.83
N ASP A 148 -9.28 -17.11 -3.52
CA ASP A 148 -10.68 -17.37 -3.18
C ASP A 148 -11.09 -16.63 -1.90
N LEU A 149 -10.21 -16.63 -0.89
CA LEU A 149 -10.42 -15.95 0.37
C LEU A 149 -10.51 -14.44 0.14
N LEU A 150 -9.62 -13.87 -0.69
CA LEU A 150 -9.67 -12.45 -1.02
C LEU A 150 -10.97 -12.10 -1.74
N ASP A 151 -11.43 -12.94 -2.68
CA ASP A 151 -12.68 -12.71 -3.39
C ASP A 151 -13.89 -12.67 -2.45
N ASP A 152 -13.85 -13.41 -1.34
CA ASP A 152 -14.88 -13.36 -0.30
C ASP A 152 -14.73 -12.15 0.60
N LEU A 153 -13.49 -11.76 0.93
CA LEU A 153 -13.18 -10.54 1.67
C LEU A 153 -13.55 -9.30 0.87
N GLU A 154 -13.59 -9.37 -0.46
CA GLU A 154 -14.03 -8.27 -1.30
C GLU A 154 -15.45 -7.83 -0.97
N LYS A 155 -16.30 -8.71 -0.42
CA LYS A 155 -17.62 -8.27 0.07
C LYS A 155 -17.55 -7.23 1.19
N THR A 156 -16.39 -7.02 1.82
CA THR A 156 -16.18 -5.93 2.78
C THR A 156 -16.17 -4.55 2.12
N LEU A 157 -15.83 -4.45 0.82
CA LEU A 157 -15.72 -3.16 0.15
C LEU A 157 -17.10 -2.48 0.15
N ASP A 158 -17.13 -1.21 0.56
CA ASP A 158 -18.32 -0.38 0.72
C ASP A 158 -19.42 -1.00 1.61
N LYS A 159 -19.05 -1.91 2.53
CA LYS A 159 -20.01 -2.48 3.50
C LYS A 159 -20.49 -1.37 4.44
N LYS A 160 -21.81 -1.29 4.66
CA LYS A 160 -22.42 -0.23 5.49
C LYS A 160 -22.15 -0.41 6.99
N ASP A 161 -21.58 -1.54 7.42
CA ASP A 161 -21.44 -1.90 8.83
C ASP A 161 -20.73 -0.83 9.66
N SER A 162 -19.60 -0.33 9.16
CA SER A 162 -18.76 0.64 9.87
C SER A 162 -17.73 1.24 8.92
N ILE A 163 -17.01 0.37 8.19
CA ILE A 163 -15.96 0.66 7.23
C ILE A 163 -15.06 1.87 7.61
N PRO A 164 -14.35 1.81 8.76
CA PRO A 164 -13.35 2.82 9.10
C PRO A 164 -12.19 2.83 8.08
N LEU A 165 -11.35 3.87 8.17
CA LEU A 165 -10.22 4.08 7.27
C LEU A 165 -9.30 2.86 7.28
N ARG A 166 -8.97 2.34 8.47
CA ARG A 166 -8.02 1.25 8.61
C ARG A 166 -8.43 -0.01 7.86
N ILE A 167 -9.70 -0.43 7.91
CA ILE A 167 -10.11 -1.62 7.15
C ILE A 167 -10.09 -1.31 5.66
N THR A 168 -10.41 -0.10 5.24
CA THR A 168 -10.44 0.25 3.82
C THR A 168 -9.01 0.23 3.26
N ASN A 169 -8.05 0.85 3.97
CA ASN A 169 -6.65 0.83 3.55
C ASN A 169 -6.08 -0.58 3.63
N SER A 170 -6.42 -1.35 4.67
CA SER A 170 -5.93 -2.73 4.80
C SER A 170 -6.49 -3.62 3.68
N PHE A 171 -7.76 -3.46 3.29
CA PHE A 171 -8.33 -4.26 2.22
C PHE A 171 -7.57 -3.98 0.92
N TYR A 172 -7.29 -2.71 0.60
CA TYR A 172 -6.54 -2.42 -0.63
C TYR A 172 -5.04 -2.71 -0.49
N SER A 173 -4.48 -2.77 0.73
CA SER A 173 -3.13 -3.28 0.93
C SER A 173 -3.12 -4.79 0.61
N THR A 174 -4.22 -5.49 0.90
CA THR A 174 -4.41 -6.88 0.51
C THR A 174 -4.60 -6.97 -1.02
N ASN A 175 -5.35 -6.05 -1.65
CA ASN A 175 -5.44 -5.98 -3.12
C ASN A 175 -4.06 -5.77 -3.75
N SER A 176 -3.19 -5.00 -3.11
CA SER A 176 -1.82 -4.76 -3.55
C SER A 176 -0.96 -6.05 -3.52
N GLN A 177 -1.48 -7.15 -3.00
CA GLN A 177 -0.84 -8.46 -2.93
C GLN A 177 -1.71 -9.56 -3.59
N TYR A 178 -2.86 -9.21 -4.17
CA TYR A 178 -3.87 -10.17 -4.64
C TYR A 178 -3.47 -10.83 -5.96
N PHE A 179 -3.16 -10.03 -6.98
CA PHE A 179 -2.81 -10.53 -8.31
C PHE A 179 -1.53 -11.36 -8.22
N LYS A 180 -0.49 -10.78 -7.62
CA LYS A 180 0.80 -11.36 -7.31
C LYS A 180 1.27 -10.69 -6.01
N PHE A 181 2.41 -11.12 -5.46
CA PHE A 181 2.98 -10.58 -4.22
C PHE A 181 3.09 -9.04 -4.23
N LYS A 182 3.20 -8.44 -5.42
CA LYS A 182 3.09 -7.01 -5.65
C LYS A 182 2.22 -6.89 -6.90
N ASN A 183 1.04 -6.27 -6.78
CA ASN A 183 0.11 -6.11 -7.88
C ASN A 183 0.74 -5.23 -8.98
N ASP A 184 0.19 -5.28 -10.20
CA ASP A 184 0.63 -4.50 -11.34
C ASP A 184 0.61 -3.00 -11.04
N PHE A 185 1.46 -2.22 -11.69
CA PHE A 185 1.61 -0.80 -11.40
C PHE A 185 0.37 0.03 -11.77
N ASN A 186 -0.35 -0.31 -12.85
CA ASN A 186 -1.59 0.42 -13.19
C ASN A 186 -2.68 0.10 -12.16
N SER A 187 -2.69 -1.15 -11.67
CA SER A 187 -3.53 -1.56 -10.55
C SER A 187 -3.14 -0.82 -9.27
N PHE A 188 -1.84 -0.58 -9.05
CA PHE A 188 -1.35 0.17 -7.90
C PHE A 188 -1.75 1.64 -7.99
N TYR A 189 -1.71 2.22 -9.21
CA TYR A 189 -2.17 3.57 -9.49
C TYR A 189 -3.67 3.68 -9.17
N TYR A 190 -4.49 2.73 -9.65
CA TYR A 190 -5.92 2.72 -9.36
C TYR A 190 -6.16 2.55 -7.85
N THR A 191 -5.41 1.67 -7.19
CA THR A 191 -5.46 1.50 -5.75
C THR A 191 -5.15 2.83 -5.04
N SER A 192 -4.15 3.57 -5.53
CA SER A 192 -3.80 4.88 -4.98
C SER A 192 -4.94 5.88 -5.15
N LEU A 193 -5.65 5.88 -6.29
CA LEU A 193 -6.82 6.74 -6.49
C LEU A 193 -7.94 6.35 -5.51
N LEU A 194 -8.14 5.06 -5.23
CA LEU A 194 -9.08 4.63 -4.20
C LEU A 194 -8.63 5.14 -2.83
N TYR A 195 -7.33 5.11 -2.50
CA TYR A 195 -6.86 5.68 -1.24
C TYR A 195 -7.18 7.16 -1.17
N LEU A 196 -7.03 7.92 -2.27
CA LEU A 196 -7.36 9.35 -2.27
C LEU A 196 -8.85 9.53 -1.98
N SER A 197 -9.68 8.69 -2.60
CA SER A 197 -11.12 8.69 -2.46
C SER A 197 -11.55 8.33 -1.03
N THR A 198 -10.80 7.44 -0.37
CA THR A 198 -11.02 6.96 0.97
C THR A 198 -10.60 8.01 2.01
N LEU A 199 -9.49 8.72 1.76
CA LEU A 199 -8.85 9.59 2.74
C LEU A 199 -9.79 10.69 3.21
N GLU A 200 -9.74 10.96 4.52
CA GLU A 200 -10.40 12.12 5.13
C GLU A 200 -9.67 13.38 4.66
N PRO A 201 -10.22 14.60 4.86
CA PRO A 201 -9.55 15.88 4.61
C PRO A 201 -8.28 16.16 5.47
N SER A 202 -7.59 15.13 5.97
CA SER A 202 -6.50 15.23 6.95
C SER A 202 -6.93 15.99 8.22
N THR A 203 -8.22 15.89 8.56
CA THR A 203 -8.80 16.33 9.82
C THR A 203 -8.39 15.38 10.96
N SER A 204 -8.18 14.09 10.63
CA SER A 204 -7.91 13.02 11.60
C SER A 204 -6.73 12.14 11.18
N ILE A 205 -6.04 12.50 10.10
CA ILE A 205 -4.83 11.86 9.58
C ILE A 205 -3.84 13.00 9.34
N THR A 206 -2.54 12.70 9.35
CA THR A 206 -1.48 13.66 9.09
C THR A 206 -1.45 14.04 7.61
N LEU A 207 -1.06 15.28 7.30
CA LEU A 207 -0.88 15.74 5.91
C LEU A 207 0.25 14.96 5.21
N ALA A 208 1.21 14.41 5.97
CA ALA A 208 2.27 13.57 5.43
C ALA A 208 1.73 12.37 4.65
N GLU A 209 0.58 11.82 5.04
CA GLU A 209 -0.03 10.71 4.31
C GLU A 209 -0.49 11.19 2.92
N ARG A 210 -0.99 12.43 2.80
CA ARG A 210 -1.33 12.99 1.49
C ARG A 210 -0.09 13.06 0.62
N GLN A 211 1.02 13.56 1.17
CA GLN A 211 2.25 13.73 0.43
C GLN A 211 2.76 12.38 -0.08
N GLN A 212 2.79 11.36 0.78
CA GLN A 212 3.23 10.03 0.41
C GLN A 212 2.28 9.41 -0.62
N LEU A 213 0.95 9.62 -0.50
CA LEU A 213 0.00 9.12 -1.48
C LEU A 213 0.19 9.79 -2.84
N ALA A 214 0.35 11.12 -2.88
CA ALA A 214 0.64 11.87 -4.12
C ALA A 214 1.90 11.30 -4.79
N TYR A 215 2.96 11.06 -4.01
CA TYR A 215 4.21 10.53 -4.53
C TYR A 215 4.04 9.09 -5.03
N ASP A 216 3.42 8.20 -4.26
CA ASP A 216 3.31 6.79 -4.62
C ASP A 216 2.39 6.59 -5.83
N LEU A 217 1.32 7.39 -5.91
CA LEU A 217 0.45 7.51 -7.07
C LEU A 217 1.29 7.89 -8.30
N SER A 218 2.15 8.90 -8.15
CA SER A 218 2.98 9.39 -9.23
C SER A 218 3.98 8.34 -9.70
N ILE A 219 4.66 7.64 -8.80
CA ILE A 219 5.58 6.57 -9.17
C ILE A 219 4.79 5.48 -9.92
N SER A 220 3.61 5.10 -9.42
CA SER A 220 2.76 4.11 -10.07
C SER A 220 2.34 4.56 -11.49
N ALA A 221 2.13 5.87 -11.69
CA ALA A 221 1.84 6.44 -13.00
C ALA A 221 3.07 6.45 -13.91
N LEU A 222 4.25 6.78 -13.37
CA LEU A 222 5.47 7.03 -14.13
C LEU A 222 5.89 5.79 -14.93
N LEU A 223 5.91 4.64 -14.26
CA LEU A 223 6.08 3.32 -14.90
C LEU A 223 4.71 2.65 -15.07
N GLY A 224 3.67 3.46 -15.30
CA GLY A 224 2.30 3.04 -15.47
C GLY A 224 2.08 2.55 -16.88
N ASP A 225 2.04 1.23 -17.05
CA ASP A 225 1.86 0.54 -18.34
C ASP A 225 0.57 0.95 -19.08
N LYS A 226 -0.42 1.52 -18.37
CA LYS A 226 -1.70 1.94 -18.93
C LYS A 226 -2.03 3.40 -18.63
N ILE A 227 -1.15 4.18 -18.01
CA ILE A 227 -1.42 5.59 -17.75
C ILE A 227 -0.87 6.37 -18.95
N TYR A 228 -1.73 7.20 -19.56
CA TYR A 228 -1.44 7.96 -20.78
C TYR A 228 -2.09 9.35 -20.75
N ASN A 229 -2.51 9.84 -19.58
CA ASN A 229 -3.25 11.10 -19.40
C ASN A 229 -2.71 11.84 -18.16
N PHE A 230 -1.39 11.93 -18.08
CA PHE A 230 -0.67 12.60 -16.99
C PHE A 230 -1.02 14.08 -16.87
N GLY A 231 -1.55 14.71 -17.92
CA GLY A 231 -1.94 16.12 -17.90
C GLY A 231 -2.90 16.43 -16.76
N GLU A 232 -3.84 15.53 -16.45
CA GLU A 232 -4.75 15.72 -15.33
C GLU A 232 -4.06 15.47 -14.00
N LEU A 233 -3.18 14.46 -13.91
CA LEU A 233 -2.40 14.19 -12.69
C LEU A 233 -1.59 15.43 -12.30
N LEU A 234 -0.93 16.08 -13.26
CA LEU A 234 -0.12 17.27 -13.07
C LEU A 234 -0.90 18.46 -12.47
N HIS A 235 -2.23 18.40 -12.44
CA HIS A 235 -3.09 19.48 -11.96
C HIS A 235 -4.06 18.98 -10.88
N HIS A 236 -4.00 17.70 -10.50
CA HIS A 236 -4.84 17.15 -9.45
C HIS A 236 -4.41 17.78 -8.11
N PRO A 237 -5.33 18.30 -7.28
CA PRO A 237 -4.99 19.11 -6.11
C PRO A 237 -4.19 18.34 -5.05
N ILE A 238 -4.25 17.00 -5.03
CA ILE A 238 -3.45 16.19 -4.11
C ILE A 238 -1.95 16.47 -4.32
N MET A 239 -1.53 16.73 -5.56
CA MET A 239 -0.13 17.04 -5.88
C MET A 239 0.32 18.37 -5.27
N GLU A 240 -0.61 19.28 -4.94
CA GLU A 240 -0.23 20.59 -4.41
C GLU A 240 0.49 20.43 -3.06
N THR A 241 0.26 19.30 -2.38
CA THR A 241 0.91 18.95 -1.13
C THR A 241 2.43 18.71 -1.30
N ILE A 242 2.93 18.45 -2.52
CA ILE A 242 4.32 18.03 -2.72
C ILE A 242 5.06 18.90 -3.73
N VAL A 243 4.40 19.43 -4.76
CA VAL A 243 5.06 20.23 -5.79
C VAL A 243 5.70 21.51 -5.21
N ASN A 244 5.21 21.95 -4.05
CA ASN A 244 5.70 23.11 -3.32
C ASN A 244 7.09 22.89 -2.68
N ASP A 245 7.65 21.67 -2.73
CA ASP A 245 8.86 21.33 -1.97
C ASP A 245 9.88 20.62 -2.85
N SER A 246 11.15 21.03 -2.74
CA SER A 246 12.27 20.51 -3.52
C SER A 246 12.44 18.98 -3.41
N ASN A 247 11.97 18.36 -2.31
CA ASN A 247 12.00 16.90 -2.13
C ASN A 247 11.19 16.16 -3.20
N TYR A 248 10.25 16.84 -3.87
CA TYR A 248 9.37 16.24 -4.86
C TYR A 248 9.28 17.08 -6.15
N ASP A 249 9.85 18.30 -6.18
CA ASP A 249 9.81 19.13 -7.39
C ASP A 249 10.49 18.45 -8.58
N TRP A 250 11.54 17.66 -8.33
CA TRP A 250 12.20 16.86 -9.36
C TRP A 250 11.23 15.84 -9.95
N LEU A 251 10.39 15.22 -9.12
CA LEU A 251 9.41 14.22 -9.55
C LEU A 251 8.36 14.92 -10.42
N PHE A 252 7.93 16.12 -10.02
CA PHE A 252 7.00 16.90 -10.82
C PHE A 252 7.59 17.24 -12.19
N GLN A 253 8.86 17.67 -12.23
CA GLN A 253 9.56 17.95 -13.47
C GLN A 253 9.69 16.69 -14.32
N LEU A 254 9.98 15.53 -13.73
CA LEU A 254 10.12 14.28 -14.46
C LEU A 254 8.76 13.87 -15.05
N LEU A 255 7.67 13.97 -14.29
CA LEU A 255 6.31 13.72 -14.81
C LEU A 255 6.02 14.65 -15.97
N ASN A 256 6.30 15.95 -15.80
CA ASN A 256 6.08 16.96 -16.82
C ASN A 256 6.82 16.59 -18.11
N ALA A 257 8.13 16.30 -18.01
CA ALA A 257 8.95 15.92 -19.15
C ALA A 257 8.40 14.66 -19.84
N LEU A 258 8.03 13.65 -19.04
CA LEU A 258 7.44 12.41 -19.51
C LEU A 258 6.14 12.66 -20.27
N THR A 259 5.33 13.62 -19.82
CA THR A 259 4.03 13.93 -20.39
C THR A 259 4.21 14.54 -21.78
N VAL A 260 5.12 15.51 -21.90
CA VAL A 260 5.28 16.28 -23.13
C VAL A 260 6.24 15.58 -24.11
N GLY A 261 6.94 14.53 -23.68
CA GLY A 261 7.91 13.81 -24.49
C GLY A 261 9.23 14.55 -24.59
N ASP A 262 9.58 15.38 -23.60
CA ASP A 262 10.85 16.11 -23.56
C ASP A 262 11.93 15.14 -23.08
N PHE A 263 12.40 14.31 -24.02
CA PHE A 263 13.45 13.33 -23.81
C PHE A 263 14.70 13.92 -23.16
N ASP A 264 15.04 15.18 -23.41
CA ASP A 264 16.25 15.79 -22.88
C ASP A 264 16.10 16.11 -21.40
N LYS A 265 14.98 16.71 -20.99
CA LYS A 265 14.69 16.93 -19.57
C LYS A 265 14.53 15.59 -18.86
N PHE A 266 13.78 14.66 -19.46
CA PHE A 266 13.58 13.32 -18.95
C PHE A 266 14.95 12.69 -18.67
N ASP A 267 15.83 12.63 -19.66
CA ASP A 267 17.14 11.99 -19.57
C ASP A 267 18.05 12.70 -18.56
N SER A 268 18.04 14.03 -18.52
CA SER A 268 18.90 14.79 -17.63
C SER A 268 18.54 14.57 -16.16
N LEU A 269 17.26 14.48 -15.82
CA LEU A 269 16.87 14.11 -14.46
C LEU A 269 17.19 12.63 -14.23
N ILE A 270 16.88 11.76 -15.19
CA ILE A 270 17.05 10.32 -15.09
C ILE A 270 18.51 9.96 -14.76
N LYS A 271 19.48 10.65 -15.37
CA LYS A 271 20.91 10.47 -15.13
C LYS A 271 21.35 10.68 -13.68
N VAL A 272 20.46 11.16 -12.80
CA VAL A 272 20.72 11.34 -11.38
C VAL A 272 19.66 10.58 -10.58
N GLN A 273 18.37 10.81 -10.88
CA GLN A 273 17.27 10.33 -10.06
C GLN A 273 17.04 8.83 -10.18
N ILE A 274 17.39 8.21 -11.32
CA ILE A 274 17.30 6.76 -11.43
C ILE A 274 18.35 6.11 -10.54
N SER A 275 19.58 6.61 -10.53
CA SER A 275 20.65 6.03 -9.74
C SER A 275 20.31 6.04 -8.23
N LYS A 276 19.55 7.05 -7.77
CA LYS A 276 19.12 7.17 -6.39
C LYS A 276 17.98 6.21 -6.01
N ILE A 277 17.25 5.60 -6.96
CA ILE A 277 16.02 4.87 -6.64
C ILE A 277 15.99 3.51 -7.37
N PRO A 278 15.94 2.38 -6.64
CA PRO A 278 16.08 1.04 -7.23
C PRO A 278 14.90 0.63 -8.10
N ILE A 279 13.67 1.06 -7.80
CA ILE A 279 12.51 0.77 -8.66
C ILE A 279 12.73 1.43 -10.03
N LEU A 280 13.18 2.68 -10.07
CA LEU A 280 13.41 3.35 -11.34
C LEU A 280 14.56 2.70 -12.08
N ALA A 281 15.61 2.26 -11.38
CA ALA A 281 16.75 1.60 -12.00
C ALA A 281 16.34 0.29 -12.68
N GLN A 282 15.45 -0.48 -12.06
CA GLN A 282 14.91 -1.70 -12.67
C GLN A 282 14.13 -1.40 -13.95
N HIS A 283 13.47 -0.24 -14.02
CA HIS A 283 12.63 0.17 -15.14
C HIS A 283 13.33 1.14 -16.12
N GLU A 284 14.64 1.36 -16.05
CA GLU A 284 15.31 2.39 -16.83
C GLU A 284 14.96 2.32 -18.33
N SER A 285 15.16 1.15 -18.96
CA SER A 285 14.88 0.95 -20.37
C SER A 285 13.37 0.94 -20.65
N PHE A 286 12.56 0.45 -19.70
CA PHE A 286 11.11 0.46 -19.83
C PHE A 286 10.61 1.90 -19.90
N LEU A 287 11.10 2.80 -19.04
CA LEU A 287 10.72 4.20 -19.04
C LEU A 287 11.11 4.87 -20.36
N ARG A 288 12.32 4.58 -20.87
CA ARG A 288 12.76 5.06 -22.18
C ARG A 288 11.80 4.62 -23.28
N GLN A 289 11.29 3.39 -23.27
CA GLN A 289 10.30 3.01 -24.25
C GLN A 289 8.95 3.69 -23.99
N LYS A 290 8.53 3.74 -22.72
CA LYS A 290 7.24 4.26 -22.31
C LYS A 290 7.05 5.71 -22.72
N ILE A 291 8.04 6.58 -22.49
CA ILE A 291 7.97 7.96 -22.95
C ILE A 291 7.79 8.00 -24.47
N CYS A 292 8.43 7.09 -25.21
CA CYS A 292 8.46 7.15 -26.67
C CYS A 292 7.10 6.72 -27.23
N LEU A 293 6.52 5.66 -26.67
CA LEU A 293 5.18 5.19 -27.01
C LEU A 293 4.21 6.36 -26.88
N MET A 294 4.15 7.00 -25.71
CA MET A 294 3.24 8.13 -25.48
C MET A 294 3.61 9.35 -26.33
N THR A 295 4.88 9.59 -26.63
CA THR A 295 5.29 10.77 -27.39
C THR A 295 4.61 10.73 -28.75
N LEU A 296 4.53 9.56 -29.38
CA LEU A 296 3.84 9.40 -30.64
C LEU A 296 2.38 9.81 -30.46
N ILE A 297 1.67 9.21 -29.50
CA ILE A 297 0.22 9.37 -29.39
C ILE A 297 -0.11 10.83 -29.07
N GLU A 298 0.69 11.44 -28.20
CA GLU A 298 0.51 12.79 -27.70
C GLU A 298 0.73 13.77 -28.85
N THR A 299 1.82 13.62 -29.62
CA THR A 299 2.08 14.45 -30.79
C THR A 299 0.93 14.33 -31.79
N VAL A 300 0.50 13.10 -32.10
CA VAL A 300 -0.53 12.88 -33.10
C VAL A 300 -1.85 13.48 -32.64
N PHE A 301 -2.23 13.30 -31.38
CA PHE A 301 -3.50 13.82 -30.85
C PHE A 301 -3.47 15.34 -30.77
N VAL A 302 -2.49 15.92 -30.07
CA VAL A 302 -2.43 17.36 -29.80
C VAL A 302 -2.29 18.14 -31.11
N LYS A 303 -1.44 17.66 -32.04
CA LYS A 303 -1.18 18.35 -33.30
C LYS A 303 -2.16 17.90 -34.41
N ASN A 304 -3.19 17.11 -34.06
CA ASN A 304 -4.22 16.55 -34.95
C ASN A 304 -3.64 16.03 -36.28
N ILE A 305 -2.64 15.15 -36.17
CA ILE A 305 -1.93 14.59 -37.31
C ILE A 305 -2.74 13.39 -37.83
N ARG A 306 -2.62 13.12 -39.14
CA ARG A 306 -3.16 11.90 -39.77
C ARG A 306 -2.06 11.05 -40.42
N MET A 307 -0.95 11.65 -40.86
CA MET A 307 0.21 10.91 -41.34
C MET A 307 1.48 11.61 -40.85
N LEU A 308 2.51 10.83 -40.53
CA LEU A 308 3.78 11.31 -39.98
C LEU A 308 4.90 10.40 -40.49
N SER A 309 6.14 10.91 -40.58
CA SER A 309 7.25 10.16 -41.14
C SER A 309 8.03 9.46 -40.03
N PHE A 310 8.70 8.36 -40.38
CA PHE A 310 9.67 7.72 -39.50
C PHE A 310 10.74 8.72 -39.12
N GLU A 311 11.08 9.64 -40.03
CA GLU A 311 12.10 10.65 -39.81
C GLU A 311 11.71 11.57 -38.67
N ASP A 312 10.47 12.09 -38.67
CA ASP A 312 10.03 12.98 -37.60
C ASP A 312 9.91 12.25 -36.27
N ILE A 313 9.34 11.04 -36.30
CA ILE A 313 9.25 10.19 -35.11
C ILE A 313 10.66 9.86 -34.60
N SER A 314 11.68 9.72 -35.48
CA SER A 314 13.05 9.46 -35.08
C SER A 314 13.59 10.66 -34.30
N LYS A 315 13.24 11.90 -34.68
CA LYS A 315 13.63 13.10 -33.94
C LYS A 315 13.01 13.04 -32.54
N ALA A 316 11.73 12.68 -32.45
CA ALA A 316 10.96 12.73 -31.22
C ALA A 316 11.41 11.65 -30.22
N THR A 317 11.62 10.43 -30.70
CA THR A 317 11.91 9.26 -29.88
C THR A 317 13.41 9.11 -29.61
N HIS A 318 14.25 9.71 -30.48
CA HIS A 318 15.69 9.51 -30.53
C HIS A 318 16.07 8.04 -30.80
N LEU A 319 15.17 7.29 -31.46
CA LEU A 319 15.42 5.96 -31.99
C LEU A 319 15.72 6.14 -33.49
N PRO A 320 16.63 5.36 -34.09
CA PRO A 320 16.97 5.53 -35.49
C PRO A 320 15.79 5.12 -36.37
N LYS A 321 15.67 5.71 -37.57
CA LYS A 321 14.62 5.38 -38.53
C LYS A 321 14.54 3.88 -38.82
N ASP A 322 15.68 3.19 -38.72
CA ASP A 322 15.78 1.76 -38.99
C ASP A 322 15.12 0.87 -37.93
N ASN A 323 14.81 1.42 -36.76
CA ASN A 323 14.21 0.68 -35.64
C ASN A 323 12.92 1.32 -35.16
N VAL A 324 12.68 2.60 -35.47
CA VAL A 324 11.57 3.36 -34.88
C VAL A 324 10.21 2.77 -35.27
N GLU A 325 10.12 2.05 -36.39
CA GLU A 325 8.88 1.38 -36.80
C GLU A 325 8.42 0.39 -35.71
N HIS A 326 9.35 -0.30 -35.03
CA HIS A 326 8.99 -1.28 -34.02
C HIS A 326 8.37 -0.61 -32.80
N LEU A 327 8.81 0.60 -32.45
CA LEU A 327 8.26 1.36 -31.34
C LEU A 327 6.79 1.69 -31.64
N VAL A 328 6.50 2.20 -32.84
CA VAL A 328 5.13 2.56 -33.16
C VAL A 328 4.27 1.33 -33.44
N MET A 329 4.84 0.22 -33.94
CA MET A 329 4.10 -1.05 -34.02
C MET A 329 3.72 -1.53 -32.61
N ARG A 330 4.61 -1.38 -31.63
CA ARG A 330 4.26 -1.65 -30.22
C ARG A 330 3.11 -0.75 -29.79
N ALA A 331 3.14 0.54 -30.11
CA ALA A 331 2.05 1.46 -29.76
C ALA A 331 0.71 0.97 -30.33
N ILE A 332 0.69 0.55 -31.60
CA ILE A 332 -0.52 -0.03 -32.23
C ILE A 332 -0.90 -1.32 -31.51
N SER A 333 0.07 -2.16 -31.15
CA SER A 333 -0.17 -3.45 -30.50
C SER A 333 -0.77 -3.28 -29.10
N LEU A 334 -0.36 -2.24 -28.37
CA LEU A 334 -0.95 -1.85 -27.09
C LEU A 334 -2.35 -1.23 -27.27
N GLY A 335 -2.80 -1.02 -28.52
CA GLY A 335 -4.13 -0.51 -28.84
C GLY A 335 -4.27 0.99 -28.58
N LEU A 336 -3.16 1.72 -28.41
CA LEU A 336 -3.18 3.13 -28.01
C LEU A 336 -3.73 4.01 -29.12
N LEU A 337 -3.80 3.50 -30.35
CA LEU A 337 -4.20 4.23 -31.53
C LEU A 337 -4.69 3.22 -32.55
N LYS A 338 -5.40 3.70 -33.56
CA LYS A 338 -5.76 2.91 -34.73
C LYS A 338 -4.91 3.52 -35.83
N GLY A 339 -3.98 2.74 -36.37
CA GLY A 339 -3.10 3.20 -37.42
C GLY A 339 -2.48 2.03 -38.20
N SER A 340 -1.66 2.39 -39.17
CA SER A 340 -0.99 1.49 -40.10
C SER A 340 0.38 2.08 -40.42
N ILE A 341 1.34 1.23 -40.80
CA ILE A 341 2.73 1.59 -40.97
C ILE A 341 3.06 1.39 -42.45
N ASP A 342 3.20 2.51 -43.17
CA ASP A 342 3.60 2.58 -44.57
C ASP A 342 5.12 2.55 -44.64
N GLN A 343 5.70 1.45 -44.13
CA GLN A 343 7.12 1.18 -44.09
C GLN A 343 7.79 1.26 -45.47
N VAL A 344 7.04 1.00 -46.56
CA VAL A 344 7.54 1.17 -47.92
C VAL A 344 8.03 2.61 -48.15
N ASN A 345 7.38 3.59 -47.52
CA ASN A 345 7.58 5.01 -47.79
C ASN A 345 8.09 5.74 -46.55
N GLU A 346 8.54 5.01 -45.52
CA GLU A 346 8.97 5.54 -44.22
C GLU A 346 7.90 6.43 -43.58
N LEU A 347 6.63 6.01 -43.65
CA LEU A 347 5.47 6.80 -43.22
C LEU A 347 4.58 5.99 -42.28
N VAL A 348 3.71 6.67 -41.56
CA VAL A 348 2.68 6.12 -40.69
C VAL A 348 1.37 6.82 -41.07
N THR A 349 0.25 6.13 -40.87
CA THR A 349 -1.09 6.69 -40.94
C THR A 349 -1.76 6.37 -39.60
N ILE A 350 -2.36 7.36 -38.96
CA ILE A 350 -3.16 7.24 -37.74
C ILE A 350 -4.57 7.78 -38.03
N SER A 351 -5.58 7.22 -37.38
CA SER A 351 -6.97 7.65 -37.51
C SER A 351 -7.75 7.76 -36.19
N TRP A 352 -7.21 7.30 -35.05
CA TRP A 352 -7.83 7.43 -33.73
C TRP A 352 -6.75 7.24 -32.67
N VAL A 353 -6.94 7.79 -31.47
CA VAL A 353 -6.05 7.64 -30.32
C VAL A 353 -6.92 7.37 -29.08
N GLN A 354 -6.43 6.48 -28.21
CA GLN A 354 -7.11 5.99 -27.01
C GLN A 354 -7.15 7.09 -25.93
N PRO A 355 -8.33 7.53 -25.45
CA PRO A 355 -8.45 8.51 -24.37
C PRO A 355 -8.39 7.86 -22.98
N ARG A 356 -8.60 8.65 -21.94
CA ARG A 356 -8.79 8.24 -20.55
C ARG A 356 -9.93 9.08 -20.00
#